data_8B6V
#
_entry.id   8B6V
#
_cell.length_a   1.00
_cell.length_b   1.00
_cell.length_c   1.00
_cell.angle_alpha   90.00
_cell.angle_beta   90.00
_cell.angle_gamma   90.00
#
_symmetry.space_group_name_H-M   'P 1'
#
loop_
_entity.id
_entity.type
_entity.pdbx_description
1 polymer Mpf2Ba1
2 non-polymer 'MAGNESIUM ION'
#
_entity_poly.entity_id   1
_entity_poly.type   'polypeptide(L)'
_entity_poly.pdbx_seq_one_letter_code
;TVLPGVEAIGLGYNPFISYASVNSGAVQLFDWATAKKREVPFKAGYFVPEIVDVQQNDSATYTNVSGNTISEYQRSLATS
VAIEGRYNFFSGSLSTDFDSNSLRNAENEFTRIQQSINLWSLRLPSVKSLRELMLPHMRQQLDELNVNDPKAISRYFDRV
GSHFLTGIVMGGRAILASSTNKLRVKRDYSVSVVAKASYEGLTGQLSAEAKAKYGESISSFTQYSNTHQEVRGGDGAKAH
GVFSGKKEDFQAWVDSVSASPDFVDFVPTIPMQEIWTLCSSEAQAEAMRKHYDDVWAPAQSEKYRVKANYIDQLVVITGG
SSTIEPPVGYSKIEYDLNAGAGGDFIYLCYHEQTWQADRPKDAVTDIRIIFNKEPTPPGYTKLPQDLNKGAGGDDVFLCY
KTEAYNTDTAINKVTVIGGNNADINAPYGYLKVPGDLNRGAGGNFIYACTFVGK
;
_entity_poly.pdbx_strand_id   A,C,D,E,F,G,H,I,J,K,L,M,N,O,P,Q,R,S,T,U,V,W
#
loop_
_chem_comp.id
_chem_comp.type
_chem_comp.name
_chem_comp.formula
MG non-polymer 'MAGNESIUM ION' 'Mg 2'
#
# COMPACT_ATOMS: atom_id res chain seq x y z
N THR A 1 -2.95 64.26 -26.04
CA THR A 1 -3.82 63.62 -27.07
C THR A 1 -4.90 64.60 -27.52
N VAL A 2 -4.93 64.88 -28.81
CA VAL A 2 -5.88 65.82 -29.39
C VAL A 2 -7.17 65.09 -29.72
N LEU A 3 -8.29 65.78 -29.54
CA LEU A 3 -9.59 65.21 -29.85
C LEU A 3 -9.71 65.02 -31.37
N PRO A 4 -10.20 63.87 -31.82
CA PRO A 4 -10.45 63.69 -33.26
C PRO A 4 -11.38 64.77 -33.79
N GLY A 5 -10.96 65.40 -34.89
CA GLY A 5 -11.73 66.46 -35.53
C GLY A 5 -11.07 67.82 -35.43
N VAL A 6 -10.14 68.00 -34.50
CA VAL A 6 -9.38 69.24 -34.44
C VAL A 6 -8.58 69.45 -35.71
N GLU A 7 -8.19 68.37 -36.39
CA GLU A 7 -7.54 68.50 -37.69
C GLU A 7 -8.50 68.99 -38.77
N ALA A 8 -9.81 68.85 -38.57
CA ALA A 8 -10.79 69.09 -39.63
C ALA A 8 -11.56 70.39 -39.46
N ILE A 9 -11.72 70.89 -38.23
CA ILE A 9 -12.25 72.23 -38.05
C ILE A 9 -11.25 73.23 -38.64
N GLY A 10 -11.77 74.38 -39.07
CA GLY A 10 -10.96 75.41 -39.68
C GLY A 10 -10.41 75.08 -41.04
N LEU A 11 -10.62 73.86 -41.53
CA LEU A 11 -10.20 73.47 -42.88
C LEU A 11 -10.86 74.35 -43.93
N GLY A 12 -10.06 74.90 -44.83
CA GLY A 12 -10.60 75.71 -45.92
C GLY A 12 -11.38 74.84 -46.89
N TYR A 13 -12.59 75.29 -47.23
CA TYR A 13 -13.61 74.41 -47.79
C TYR A 13 -14.18 75.03 -49.06
N ASN A 14 -14.49 74.18 -50.05
CA ASN A 14 -15.22 74.61 -51.24
C ASN A 14 -16.64 74.05 -51.20
N PRO A 15 -17.65 74.87 -50.95
CA PRO A 15 -19.04 74.36 -50.88
C PRO A 15 -19.49 73.51 -52.06
N PHE A 16 -19.15 73.94 -53.27
CA PHE A 16 -19.59 73.26 -54.49
C PHE A 16 -19.02 71.86 -54.65
N ILE A 17 -17.77 71.61 -54.24
CA ILE A 17 -17.19 70.30 -54.51
C ILE A 17 -17.99 69.18 -53.87
N SER A 18 -18.35 69.32 -52.59
CA SER A 18 -19.10 68.23 -51.97
C SER A 18 -19.79 68.69 -50.70
N TYR A 19 -20.63 67.80 -50.17
CA TYR A 19 -21.34 68.02 -48.92
C TYR A 19 -20.67 67.23 -47.79
N ALA A 20 -20.30 67.92 -46.72
CA ALA A 20 -19.96 67.27 -45.45
C ALA A 20 -18.85 66.23 -45.64
N SER A 21 -17.93 66.50 -46.55
CA SER A 21 -16.78 65.66 -46.79
C SER A 21 -15.52 66.51 -46.74
N VAL A 22 -14.44 65.94 -46.18
CA VAL A 22 -13.18 66.64 -46.09
C VAL A 22 -12.46 66.74 -47.42
N ASN A 23 -12.80 65.87 -48.38
CA ASN A 23 -12.25 65.97 -49.72
C ASN A 23 -12.60 67.28 -50.39
N SER A 24 -13.64 67.97 -49.90
CA SER A 24 -14.02 69.27 -50.43
C SER A 24 -13.20 70.44 -49.88
N GLY A 25 -12.29 70.20 -48.94
CA GLY A 25 -11.45 71.28 -48.41
C GLY A 25 -9.98 71.06 -48.74
N ALA A 26 -9.29 72.17 -49.03
CA ALA A 26 -7.88 72.20 -49.38
C ALA A 26 -7.02 72.78 -48.27
N VAL A 27 -6.45 71.92 -47.42
CA VAL A 27 -5.45 72.27 -46.39
C VAL A 27 -6.02 73.09 -45.25
N GLN A 28 -5.38 73.00 -44.09
CA GLN A 28 -5.84 73.61 -42.85
C GLN A 28 -5.22 75.01 -42.71
N LEU A 29 -6.07 76.02 -42.58
CA LEU A 29 -5.61 77.40 -42.40
C LEU A 29 -5.07 77.73 -41.01
N PHE A 30 -5.52 77.06 -39.96
CA PHE A 30 -5.14 77.43 -38.60
C PHE A 30 -4.15 76.47 -37.97
N ASP A 31 -3.23 77.03 -37.18
CA ASP A 31 -2.17 76.28 -36.52
C ASP A 31 -2.66 75.95 -35.12
N TRP A 32 -2.89 74.68 -34.83
CA TRP A 32 -3.36 74.27 -33.51
C TRP A 32 -2.37 73.42 -32.73
N ALA A 33 -1.16 73.19 -33.25
CA ALA A 33 -0.16 72.53 -32.43
C ALA A 33 0.43 73.50 -31.42
N THR A 34 0.73 74.72 -31.87
CA THR A 34 1.28 75.75 -31.00
C THR A 34 0.25 76.27 -30.02
N ALA A 35 -1.00 76.39 -30.44
CA ALA A 35 -2.01 77.05 -29.63
C ALA A 35 -2.22 76.37 -28.28
N LYS A 36 -2.59 77.18 -27.30
CA LYS A 36 -2.93 76.71 -25.96
C LYS A 36 -4.09 75.72 -26.01
N LYS A 37 -3.93 74.60 -25.32
CA LYS A 37 -4.93 73.54 -25.29
C LYS A 37 -5.89 73.68 -24.11
N ARG A 38 -7.05 73.04 -24.26
CA ARG A 38 -8.03 72.84 -23.20
C ARG A 38 -8.43 71.38 -23.19
N GLU A 39 -8.61 70.81 -22.00
CA GLU A 39 -9.12 69.46 -21.90
C GLU A 39 -10.61 69.42 -22.17
N VAL A 40 -11.05 68.37 -22.86
CA VAL A 40 -12.46 68.21 -23.22
C VAL A 40 -13.25 67.77 -22.00
N PRO A 41 -14.28 68.52 -21.59
CA PRO A 41 -14.94 68.20 -20.32
C PRO A 41 -15.48 66.78 -20.26
N PHE A 42 -16.13 66.32 -21.34
CA PHE A 42 -16.76 65.00 -21.36
C PHE A 42 -15.81 63.88 -21.77
N LYS A 43 -14.59 64.18 -22.24
CA LYS A 43 -13.61 63.17 -22.66
C LYS A 43 -12.25 63.54 -22.06
N ALA A 44 -12.15 63.40 -20.74
CA ALA A 44 -10.88 63.58 -20.06
C ALA A 44 -9.81 62.67 -20.66
N GLY A 45 -8.62 63.25 -20.86
CA GLY A 45 -7.57 62.63 -21.64
C GLY A 45 -7.51 63.05 -23.10
N TYR A 46 -8.46 63.85 -23.58
CA TYR A 46 -8.39 64.45 -24.90
C TYR A 46 -8.42 65.96 -24.76
N PHE A 47 -7.70 66.65 -25.64
CA PHE A 47 -7.54 68.09 -25.55
C PHE A 47 -7.89 68.76 -26.87
N VAL A 48 -8.28 70.01 -26.78
CA VAL A 48 -8.57 70.84 -27.95
C VAL A 48 -7.94 72.21 -27.74
N PRO A 49 -7.67 72.94 -28.82
CA PRO A 49 -7.30 74.35 -28.67
C PRO A 49 -8.41 75.11 -27.97
N GLU A 50 -8.03 76.03 -27.09
CA GLU A 50 -9.01 76.67 -26.21
C GLU A 50 -10.02 77.49 -27.00
N ILE A 51 -9.70 77.86 -28.24
CA ILE A 51 -10.61 78.70 -29.01
C ILE A 51 -11.87 77.93 -29.38
N VAL A 52 -11.75 76.64 -29.68
CA VAL A 52 -12.89 75.88 -30.18
C VAL A 52 -13.79 75.48 -29.02
N ASP A 53 -15.10 75.49 -29.31
CA ASP A 53 -16.13 75.00 -28.39
C ASP A 53 -16.60 73.65 -28.89
N VAL A 54 -16.42 72.62 -28.07
CA VAL A 54 -16.83 71.26 -28.41
C VAL A 54 -18.02 70.88 -27.55
N GLN A 55 -19.12 70.53 -28.21
CA GLN A 55 -20.33 70.04 -27.55
C GLN A 55 -20.49 68.56 -27.89
N GLN A 56 -20.73 67.74 -26.87
CA GLN A 56 -21.25 66.40 -27.15
C GLN A 56 -22.67 66.52 -27.66
N ASN A 57 -22.99 65.71 -28.67
CA ASN A 57 -24.35 65.69 -29.22
C ASN A 57 -24.68 64.30 -29.75
N ASP A 58 -24.39 63.27 -28.96
CA ASP A 58 -24.58 61.90 -29.40
C ASP A 58 -26.03 61.63 -29.78
N SER A 59 -26.29 61.50 -31.08
CA SER A 59 -27.64 61.46 -31.61
C SER A 59 -27.60 60.98 -33.05
N ALA A 60 -28.06 59.75 -33.26
CA ALA A 60 -28.38 59.24 -34.59
C ALA A 60 -29.49 60.05 -35.21
N THR A 61 -29.27 60.53 -36.44
CA THR A 61 -30.04 61.62 -37.01
C THR A 61 -30.18 61.39 -38.51
N TYR A 62 -31.22 61.98 -39.10
CA TYR A 62 -31.52 61.85 -40.51
C TYR A 62 -31.38 63.19 -41.21
N THR A 63 -30.76 63.18 -42.39
CA THR A 63 -30.87 64.27 -43.35
C THR A 63 -31.33 63.66 -44.67
N ASN A 64 -32.48 64.10 -45.17
CA ASN A 64 -33.04 63.57 -46.40
C ASN A 64 -33.29 64.69 -47.40
N VAL A 65 -32.90 64.46 -48.65
CA VAL A 65 -33.02 65.43 -49.73
C VAL A 65 -33.73 64.73 -50.88
N SER A 66 -34.67 65.42 -51.51
CA SER A 66 -35.45 64.81 -52.57
C SER A 66 -35.89 65.87 -53.56
N GLY A 67 -36.22 65.43 -54.77
CA GLY A 67 -36.76 66.30 -55.79
C GLY A 67 -37.33 65.55 -56.99
N ASN A 68 -38.44 66.04 -57.53
CA ASN A 68 -39.03 65.38 -58.69
C ASN A 68 -38.15 65.53 -59.91
N THR A 69 -37.19 66.44 -59.86
CA THR A 69 -36.26 66.69 -60.96
C THR A 69 -34.94 67.18 -60.39
N ILE A 70 -33.89 67.02 -61.17
CA ILE A 70 -32.54 67.31 -60.66
C ILE A 70 -32.43 68.77 -60.24
N SER A 71 -32.99 69.68 -61.03
CA SER A 71 -32.90 71.10 -60.69
C SER A 71 -33.65 71.39 -59.38
N GLU A 72 -34.64 70.56 -59.06
CA GLU A 72 -35.27 70.63 -57.75
C GLU A 72 -34.40 69.99 -56.68
N TYR A 73 -33.87 68.80 -56.95
CA TYR A 73 -32.97 68.15 -56.01
C TYR A 73 -31.75 69.00 -55.71
N GLN A 74 -31.19 69.65 -56.74
CA GLN A 74 -30.06 70.54 -56.53
C GLN A 74 -30.41 71.70 -55.61
N ARG A 75 -31.66 72.17 -55.60
CA ARG A 75 -32.04 73.25 -54.70
C ARG A 75 -32.39 72.75 -53.31
N SER A 76 -33.08 71.62 -53.20
CA SER A 76 -33.31 71.04 -51.88
C SER A 76 -32.01 70.57 -51.23
N LEU A 77 -31.01 70.18 -52.03
CA LEU A 77 -29.68 69.93 -51.51
C LEU A 77 -29.02 71.22 -51.04
N ALA A 78 -28.98 72.24 -51.91
CA ALA A 78 -28.32 73.50 -51.58
C ALA A 78 -28.90 74.13 -50.32
N THR A 79 -30.22 74.07 -50.16
CA THR A 79 -30.89 74.64 -49.00
C THR A 79 -30.84 73.75 -47.77
N SER A 80 -30.20 72.59 -47.85
CA SER A 80 -30.06 71.73 -46.68
C SER A 80 -29.05 72.28 -45.66
N VAL A 81 -28.37 73.38 -46.00
CA VAL A 81 -27.39 74.00 -45.12
C VAL A 81 -27.64 75.50 -45.13
N ALA A 82 -27.47 76.14 -43.98
CA ALA A 82 -27.64 77.58 -43.87
C ALA A 82 -26.46 78.27 -44.55
N ILE A 83 -26.67 78.66 -45.82
CA ILE A 83 -25.60 79.25 -46.62
C ILE A 83 -26.24 80.23 -47.57
N GLU A 84 -25.50 81.27 -47.94
CA GLU A 84 -26.06 82.40 -48.66
C GLU A 84 -26.09 82.15 -50.17
N GLY A 85 -27.18 82.60 -50.79
CA GLY A 85 -27.32 82.60 -52.23
C GLY A 85 -27.93 81.33 -52.80
N ARG A 86 -28.33 81.45 -54.07
CA ARG A 86 -29.05 80.42 -54.81
C ARG A 86 -28.11 79.45 -55.53
N TYR A 87 -26.81 79.52 -55.27
CA TYR A 87 -25.87 78.71 -56.00
C TYR A 87 -26.06 77.22 -55.74
N ASN A 88 -25.64 76.41 -56.71
CA ASN A 88 -25.73 74.95 -56.65
C ASN A 88 -24.67 74.36 -55.71
N PHE A 89 -24.73 74.76 -54.45
CA PHE A 89 -23.77 74.25 -53.48
C PHE A 89 -23.87 72.73 -53.35
N PHE A 90 -22.75 72.11 -52.99
CA PHE A 90 -22.67 70.66 -52.83
C PHE A 90 -22.94 69.87 -54.10
N SER A 91 -23.14 70.56 -55.23
CA SER A 91 -23.68 69.89 -56.40
C SER A 91 -22.66 68.97 -57.07
N GLY A 92 -21.37 69.12 -56.74
CA GLY A 92 -20.38 68.15 -57.17
C GLY A 92 -20.61 66.73 -56.69
N SER A 93 -21.36 66.56 -55.61
CA SER A 93 -21.71 65.21 -55.15
C SER A 93 -22.55 64.45 -56.16
N LEU A 94 -23.25 65.15 -57.04
CA LEU A 94 -24.04 64.49 -58.08
C LEU A 94 -23.20 63.51 -58.89
N SER A 95 -22.00 63.94 -59.30
CA SER A 95 -21.14 63.11 -60.13
C SER A 95 -20.81 61.75 -59.50
N THR A 96 -21.01 61.60 -58.19
CA THR A 96 -20.71 60.34 -57.52
C THR A 96 -21.91 59.70 -56.82
N ASP A 97 -22.97 60.46 -56.55
CA ASP A 97 -24.19 59.86 -56.01
C ASP A 97 -24.98 59.12 -57.09
N PHE A 98 -25.02 59.65 -58.31
CA PHE A 98 -25.94 59.16 -59.33
C PHE A 98 -25.18 58.85 -60.60
N ASP A 99 -25.70 57.88 -61.36
CA ASP A 99 -25.17 57.57 -62.67
C ASP A 99 -25.43 58.71 -63.64
N SER A 100 -24.41 59.04 -64.44
CA SER A 100 -24.43 60.28 -65.21
C SER A 100 -25.59 60.29 -66.19
N ASN A 101 -25.86 59.16 -66.85
CA ASN A 101 -27.04 59.07 -67.71
C ASN A 101 -28.31 59.34 -66.91
N SER A 102 -28.35 58.91 -65.65
CA SER A 102 -29.57 59.00 -64.87
C SER A 102 -29.83 60.42 -64.38
N LEU A 103 -28.77 61.22 -64.24
CA LEU A 103 -28.97 62.67 -64.09
C LEU A 103 -29.55 63.29 -65.34
N ARG A 104 -29.07 62.86 -66.52
CA ARG A 104 -29.56 63.38 -67.78
C ARG A 104 -30.95 62.85 -68.13
N ASN A 105 -31.32 61.68 -67.61
CA ASN A 105 -32.63 61.09 -67.90
C ASN A 105 -33.73 61.84 -67.17
N ALA A 106 -34.57 62.56 -67.93
CA ALA A 106 -35.68 63.32 -67.37
C ALA A 106 -36.81 62.47 -66.78
N GLU A 107 -36.82 61.15 -66.98
CA GLU A 107 -37.79 60.31 -66.29
C GLU A 107 -37.43 60.01 -64.84
N ASN A 108 -36.29 60.47 -64.34
CA ASN A 108 -35.87 60.13 -63.00
C ASN A 108 -36.25 61.23 -62.01
N GLU A 109 -36.55 60.80 -60.79
CA GLU A 109 -36.59 61.64 -59.60
C GLU A 109 -35.67 61.07 -58.53
N PHE A 110 -35.13 61.96 -57.70
CA PHE A 110 -33.90 61.70 -56.95
C PHE A 110 -34.16 61.86 -55.46
N THR A 111 -33.60 60.93 -54.68
CA THR A 111 -33.69 60.97 -53.23
C THR A 111 -32.33 60.57 -52.64
N ARG A 112 -31.88 61.30 -51.63
CA ARG A 112 -30.70 60.96 -50.85
C ARG A 112 -31.06 60.85 -49.37
N ILE A 113 -30.88 59.66 -48.81
CA ILE A 113 -31.23 59.36 -47.42
C ILE A 113 -29.93 59.18 -46.65
N GLN A 114 -29.63 60.09 -45.73
CA GLN A 114 -28.42 60.05 -44.92
C GLN A 114 -28.80 59.90 -43.44
N GLN A 115 -28.36 58.80 -42.83
CA GLN A 115 -28.38 58.65 -41.37
C GLN A 115 -27.03 59.03 -40.78
N SER A 116 -26.93 60.25 -40.25
CA SER A 116 -25.75 60.66 -39.49
C SER A 116 -25.72 60.01 -38.11
N ILE A 117 -24.60 59.38 -37.77
CA ILE A 117 -24.38 58.88 -36.41
C ILE A 117 -23.50 59.87 -35.64
N ASN A 118 -24.09 60.93 -35.12
CA ASN A 118 -23.33 61.98 -34.44
C ASN A 118 -22.71 61.48 -33.14
N LEU A 119 -21.52 61.99 -32.84
CA LEU A 119 -20.90 61.79 -31.53
C LEU A 119 -20.65 63.11 -30.81
N TRP A 120 -19.90 64.03 -31.43
CA TRP A 120 -19.62 65.34 -30.86
C TRP A 120 -19.51 66.33 -31.99
N SER A 121 -19.53 67.62 -31.66
CA SER A 121 -19.41 68.64 -32.67
C SER A 121 -18.50 69.77 -32.18
N LEU A 122 -17.61 70.20 -33.04
CA LEU A 122 -16.63 71.24 -32.75
C LEU A 122 -17.07 72.54 -33.40
N ARG A 123 -17.01 73.63 -32.64
CA ARG A 123 -17.46 74.94 -33.09
C ARG A 123 -16.32 75.93 -32.94
N LEU A 124 -16.27 76.90 -33.86
CA LEU A 124 -15.19 77.88 -33.90
C LEU A 124 -15.78 79.28 -34.04
N PRO A 125 -15.56 80.17 -33.09
CA PRO A 125 -16.23 81.47 -33.11
C PRO A 125 -15.60 82.44 -34.09
N SER A 126 -16.43 83.35 -34.59
CA SER A 126 -16.05 84.36 -35.56
C SER A 126 -15.27 85.53 -34.95
N VAL A 127 -14.53 85.27 -33.87
CA VAL A 127 -13.83 86.37 -33.19
C VAL A 127 -12.66 86.85 -34.03
N LYS A 128 -12.32 88.13 -33.86
CA LYS A 128 -11.26 88.79 -34.61
C LYS A 128 -9.88 88.18 -34.38
N SER A 129 -9.67 87.50 -33.24
CA SER A 129 -8.37 86.88 -32.98
C SER A 129 -8.10 85.63 -33.82
N LEU A 130 -9.06 85.18 -34.64
CA LEU A 130 -8.79 84.04 -35.51
C LEU A 130 -7.55 84.28 -36.38
N ARG A 131 -7.42 85.49 -36.93
CA ARG A 131 -6.27 85.85 -37.73
C ARG A 131 -4.95 85.52 -37.02
N GLU A 132 -4.91 85.67 -35.71
CA GLU A 132 -3.67 85.39 -34.98
C GLU A 132 -3.32 83.90 -34.97
N LEU A 133 -4.31 83.03 -35.09
CA LEU A 133 -4.08 81.59 -35.13
C LEU A 133 -3.78 81.02 -36.51
N MET A 134 -3.93 81.78 -37.60
CA MET A 134 -3.58 81.25 -38.90
C MET A 134 -2.11 80.85 -38.94
N LEU A 135 -1.82 79.80 -39.70
CA LEU A 135 -0.44 79.46 -40.02
C LEU A 135 0.24 80.63 -40.75
N PRO A 136 1.50 80.92 -40.45
CA PRO A 136 2.12 82.14 -41.02
C PRO A 136 2.13 82.19 -42.54
N HIS A 137 2.42 81.06 -43.21
CA HIS A 137 2.42 81.07 -44.66
C HIS A 137 1.02 81.24 -45.24
N MET A 138 0.01 80.68 -44.58
CA MET A 138 -1.37 80.90 -45.01
C MET A 138 -1.77 82.36 -44.85
N ARG A 139 -1.46 82.95 -43.70
CA ARG A 139 -1.70 84.38 -43.50
C ARG A 139 -0.91 85.22 -44.50
N GLN A 140 0.36 84.90 -44.70
CA GLN A 140 1.17 85.64 -45.66
C GLN A 140 0.59 85.56 -47.06
N GLN A 141 0.14 84.37 -47.48
CA GLN A 141 -0.44 84.21 -48.80
C GLN A 141 -1.72 85.03 -48.96
N LEU A 142 -2.59 84.99 -47.94
CA LEU A 142 -3.81 85.80 -47.97
C LEU A 142 -3.50 87.29 -47.94
N ASP A 143 -2.48 87.69 -47.18
CA ASP A 143 -2.15 89.11 -47.07
C ASP A 143 -1.55 89.66 -48.36
N GLU A 144 -0.82 88.84 -49.11
CA GLU A 144 -0.21 89.28 -50.36
C GLU A 144 -1.08 89.02 -51.59
N LEU A 145 -2.29 88.50 -51.41
CA LEU A 145 -3.17 88.23 -52.54
C LEU A 145 -3.44 89.51 -53.33
N ASN A 146 -3.08 89.50 -54.61
CA ASN A 146 -3.26 90.65 -55.50
C ASN A 146 -4.71 90.71 -55.96
N VAL A 147 -5.56 91.29 -55.11
CA VAL A 147 -6.99 91.41 -55.41
C VAL A 147 -7.28 92.36 -56.57
N ASN A 148 -6.26 93.04 -57.09
CA ASN A 148 -6.40 93.79 -58.33
C ASN A 148 -6.49 92.90 -59.57
N ASP A 149 -6.18 91.61 -59.46
CA ASP A 149 -6.37 90.68 -60.57
C ASP A 149 -7.46 89.68 -60.24
N PRO A 150 -8.58 89.68 -60.97
CA PRO A 150 -9.61 88.67 -60.72
C PRO A 150 -9.11 87.24 -60.81
N LYS A 151 -8.16 86.97 -61.71
CA LYS A 151 -7.66 85.61 -61.85
C LYS A 151 -6.92 85.15 -60.60
N ALA A 152 -6.23 86.06 -59.92
CA ALA A 152 -5.58 85.71 -58.67
C ALA A 152 -6.59 85.34 -57.59
N ILE A 153 -7.65 86.15 -57.44
CA ILE A 153 -8.69 85.82 -56.47
C ILE A 153 -9.36 84.50 -56.85
N SER A 154 -9.71 84.34 -58.13
CA SER A 154 -10.34 83.12 -58.60
C SER A 154 -9.46 81.91 -58.33
N ARG A 155 -8.16 82.02 -58.62
CA ARG A 155 -7.23 80.95 -58.29
C ARG A 155 -7.14 80.73 -56.79
N TYR A 156 -7.18 81.81 -55.98
CA TYR A 156 -7.17 81.63 -54.54
C TYR A 156 -8.39 80.86 -54.05
N PHE A 157 -9.58 81.27 -54.48
CA PHE A 157 -10.78 80.52 -54.11
C PHE A 157 -10.73 79.08 -54.60
N ASP A 158 -10.24 78.87 -55.83
CA ASP A 158 -10.05 77.51 -56.34
C ASP A 158 -9.02 76.74 -55.53
N ARG A 159 -7.85 77.34 -55.30
CA ARG A 159 -6.75 76.61 -54.70
C ARG A 159 -6.90 76.46 -53.19
N VAL A 160 -7.48 77.46 -52.52
CA VAL A 160 -7.55 77.46 -51.06
C VAL A 160 -8.97 77.23 -50.55
N GLY A 161 -9.98 77.37 -51.39
CA GLY A 161 -11.36 77.37 -50.95
C GLY A 161 -11.88 78.78 -50.70
N SER A 162 -13.20 78.91 -50.81
CA SER A 162 -13.87 80.18 -50.57
C SER A 162 -14.30 80.37 -49.12
N HIS A 163 -14.45 79.29 -48.37
CA HIS A 163 -14.92 79.32 -46.99
C HIS A 163 -13.96 78.51 -46.14
N PHE A 164 -14.16 78.55 -44.83
CA PHE A 164 -13.49 77.61 -43.93
C PHE A 164 -14.50 77.09 -42.92
N LEU A 165 -14.28 75.86 -42.48
CA LEU A 165 -15.20 75.17 -41.59
C LEU A 165 -15.20 75.80 -40.20
N THR A 166 -16.40 76.15 -39.71
CA THR A 166 -16.58 76.61 -38.35
C THR A 166 -17.51 75.73 -37.54
N GLY A 167 -18.26 74.83 -38.17
CA GLY A 167 -19.09 73.88 -37.46
C GLY A 167 -18.86 72.48 -37.99
N ILE A 168 -18.49 71.56 -37.10
CA ILE A 168 -18.17 70.20 -37.47
C ILE A 168 -18.94 69.25 -36.57
N VAL A 169 -19.55 68.22 -37.16
CA VAL A 169 -20.07 67.10 -36.39
C VAL A 169 -19.19 65.90 -36.72
N MET A 170 -18.66 65.24 -35.69
CA MET A 170 -17.82 64.07 -35.91
C MET A 170 -18.60 62.81 -35.57
N GLY A 171 -18.65 61.86 -36.50
CA GLY A 171 -19.28 60.59 -36.23
C GLY A 171 -19.15 59.63 -37.40
N GLY A 172 -20.30 59.07 -37.79
CA GLY A 172 -20.38 58.22 -38.95
C GLY A 172 -21.57 58.65 -39.79
N ARG A 173 -21.61 58.16 -41.02
CA ARG A 173 -22.85 58.23 -41.77
C ARG A 173 -22.95 57.06 -42.74
N ALA A 174 -24.16 56.56 -42.92
CA ALA A 174 -24.51 55.69 -44.03
C ALA A 174 -25.48 56.43 -44.94
N ILE A 175 -25.26 56.37 -46.24
CA ILE A 175 -26.07 57.07 -47.21
C ILE A 175 -26.60 56.06 -48.22
N LEU A 176 -27.87 56.20 -48.58
CA LEU A 176 -28.43 55.60 -49.79
C LEU A 176 -28.90 56.71 -50.70
N ALA A 177 -28.36 56.76 -51.91
CA ALA A 177 -28.82 57.67 -52.95
C ALA A 177 -29.47 56.85 -54.06
N SER A 178 -30.60 57.35 -54.57
CA SER A 178 -31.38 56.61 -55.54
C SER A 178 -32.00 57.56 -56.55
N SER A 179 -32.05 57.13 -57.80
CA SER A 179 -32.81 57.79 -58.85
C SER A 179 -33.84 56.81 -59.38
N THR A 180 -35.10 57.27 -59.48
CA THR A 180 -36.25 56.40 -59.63
C THR A 180 -37.08 56.86 -60.81
N ASN A 181 -37.53 55.92 -61.63
CA ASN A 181 -38.35 56.26 -62.79
C ASN A 181 -39.72 56.73 -62.31
N LYS A 182 -39.91 58.05 -62.30
CA LYS A 182 -41.10 58.66 -61.73
C LYS A 182 -42.35 58.39 -62.55
N LEU A 183 -42.22 57.88 -63.77
CA LEU A 183 -43.37 57.50 -64.58
C LEU A 183 -43.94 56.13 -64.23
N ARG A 184 -43.18 55.28 -63.55
CA ARG A 184 -43.54 53.88 -63.43
C ARG A 184 -43.55 53.33 -62.01
N VAL A 185 -42.84 53.95 -61.06
CA VAL A 185 -42.95 53.56 -59.66
C VAL A 185 -44.35 53.85 -59.13
N LYS A 186 -44.81 52.99 -58.22
CA LYS A 186 -46.10 53.20 -57.55
C LYS A 186 -46.15 54.55 -56.84
N ARG A 187 -47.29 55.22 -56.97
CA ARG A 187 -47.53 56.53 -56.39
C ARG A 187 -48.33 56.47 -55.09
N ASP A 188 -48.46 55.29 -54.48
CA ASP A 188 -49.19 55.19 -53.21
C ASP A 188 -48.56 56.07 -52.14
N TYR A 189 -47.24 56.22 -52.13
CA TYR A 189 -46.55 57.06 -51.17
C TYR A 189 -45.54 57.93 -51.90
N SER A 190 -45.15 59.02 -51.26
CA SER A 190 -44.05 59.82 -51.77
C SER A 190 -42.76 59.01 -51.77
N VAL A 191 -41.91 59.29 -52.75
CA VAL A 191 -40.73 58.45 -52.96
C VAL A 191 -39.74 58.60 -51.81
N SER A 192 -39.71 59.77 -51.16
CA SER A 192 -38.92 59.91 -49.94
C SER A 192 -39.39 58.98 -48.83
N VAL A 193 -40.68 58.67 -48.78
CA VAL A 193 -41.18 57.75 -47.76
C VAL A 193 -40.70 56.32 -48.04
N VAL A 194 -40.87 55.86 -49.28
CA VAL A 194 -40.41 54.52 -49.64
C VAL A 194 -38.90 54.46 -49.82
N ALA A 195 -38.26 55.57 -50.15
CA ALA A 195 -36.80 55.64 -50.06
C ALA A 195 -36.32 55.42 -48.62
N LYS A 196 -36.84 56.18 -47.68
CA LYS A 196 -36.47 56.01 -46.28
C LYS A 196 -36.85 54.62 -45.78
N ALA A 197 -38.05 54.15 -46.11
CA ALA A 197 -38.49 52.83 -45.68
C ALA A 197 -37.62 51.71 -46.24
N SER A 198 -37.18 51.85 -47.49
CA SER A 198 -36.28 50.85 -48.07
C SER A 198 -34.88 50.97 -47.51
N TYR A 199 -34.40 52.18 -47.25
CA TYR A 199 -33.16 52.35 -46.48
C TYR A 199 -33.24 51.66 -45.13
N GLU A 200 -34.33 51.89 -44.39
CA GLU A 200 -34.54 51.17 -43.14
C GLU A 200 -34.61 49.67 -43.35
N GLY A 201 -35.21 49.23 -44.45
CA GLY A 201 -35.23 47.82 -44.76
C GLY A 201 -33.84 47.25 -44.99
N LEU A 202 -33.03 47.95 -45.79
CA LEU A 202 -31.67 47.47 -46.05
C LEU A 202 -30.82 47.44 -44.79
N THR A 203 -31.02 48.40 -43.89
CA THR A 203 -30.29 48.42 -42.62
C THR A 203 -30.97 47.60 -41.53
N GLY A 204 -32.16 47.07 -41.77
CA GLY A 204 -32.88 46.30 -40.77
C GLY A 204 -33.63 47.12 -39.75
N GLN A 205 -33.64 48.45 -39.88
CA GLN A 205 -34.34 49.32 -38.95
C GLN A 205 -35.85 49.32 -39.15
N LEU A 206 -36.33 48.80 -40.28
CA LEU A 206 -37.76 48.78 -40.56
C LEU A 206 -38.46 47.75 -39.68
N SER A 207 -39.51 48.18 -38.98
CA SER A 207 -40.23 47.29 -38.09
C SER A 207 -41.14 46.31 -38.85
N ALA A 208 -41.58 45.30 -38.11
CA ALA A 208 -42.50 44.28 -38.61
C ALA A 208 -43.76 44.86 -39.25
N GLU A 209 -44.41 45.82 -38.57
CA GLU A 209 -45.58 46.46 -39.18
C GLU A 209 -45.22 47.39 -40.33
N ALA A 210 -44.10 48.10 -40.22
CA ALA A 210 -43.71 48.97 -41.33
C ALA A 210 -43.25 48.14 -42.53
N LYS A 211 -42.54 47.04 -42.25
CA LYS A 211 -42.13 46.09 -43.27
C LYS A 211 -43.30 45.54 -44.08
N ALA A 212 -44.39 45.16 -43.43
CA ALA A 212 -45.62 44.86 -44.15
C ALA A 212 -46.17 46.06 -44.92
N LYS A 213 -46.32 47.21 -44.26
CA LYS A 213 -46.97 48.34 -44.93
C LYS A 213 -46.16 48.85 -46.12
N TYR A 214 -44.89 49.14 -45.91
CA TYR A 214 -43.98 49.55 -46.98
C TYR A 214 -43.54 48.40 -47.88
N GLY A 215 -43.50 47.17 -47.37
CA GLY A 215 -42.85 46.07 -48.07
C GLY A 215 -43.29 45.87 -49.51
N GLU A 216 -44.59 45.98 -49.78
CA GLU A 216 -45.02 45.93 -51.18
C GLU A 216 -44.66 47.20 -51.96
N SER A 217 -44.63 48.36 -51.30
CA SER A 217 -44.26 49.59 -52.00
C SER A 217 -42.76 49.67 -52.30
N ILE A 218 -41.91 49.13 -51.42
CA ILE A 218 -40.47 49.23 -51.59
C ILE A 218 -39.94 48.34 -52.72
N SER A 219 -40.59 47.20 -52.99
CA SER A 219 -40.18 46.40 -54.14
C SER A 219 -40.36 47.15 -55.46
N SER A 220 -41.48 47.84 -55.64
CA SER A 220 -41.64 48.68 -56.83
C SER A 220 -40.56 49.76 -56.89
N PHE A 221 -40.32 50.44 -55.77
CA PHE A 221 -39.22 51.39 -55.69
C PHE A 221 -37.88 50.74 -55.98
N THR A 222 -37.66 49.53 -55.45
CA THR A 222 -36.35 48.88 -55.61
C THR A 222 -36.05 48.56 -57.07
N GLN A 223 -36.99 47.92 -57.78
CA GLN A 223 -36.73 47.52 -59.15
C GLN A 223 -36.64 48.70 -60.11
N TYR A 224 -37.39 49.76 -59.88
CA TYR A 224 -37.41 50.92 -60.75
C TYR A 224 -36.41 52.00 -60.35
N SER A 225 -35.42 51.70 -59.52
CA SER A 225 -34.48 52.72 -59.11
C SER A 225 -33.08 52.13 -58.95
N ASN A 226 -32.08 52.99 -59.12
CA ASN A 226 -30.66 52.64 -59.01
C ASN A 226 -30.12 53.19 -57.69
N THR A 227 -30.15 52.35 -56.65
CA THR A 227 -29.72 52.78 -55.32
C THR A 227 -28.21 52.67 -55.21
N HIS A 228 -27.53 53.82 -55.25
CA HIS A 228 -26.15 53.90 -54.78
C HIS A 228 -26.10 53.86 -53.25
N GLN A 229 -25.12 53.14 -52.72
CA GLN A 229 -24.92 52.99 -51.28
C GLN A 229 -23.48 53.34 -50.93
N GLU A 230 -23.32 54.11 -49.85
CA GLU A 230 -22.00 54.38 -49.32
C GLU A 230 -22.10 54.56 -47.81
N VAL A 231 -20.95 54.45 -47.14
CA VAL A 231 -20.86 54.53 -45.69
C VAL A 231 -19.52 55.15 -45.33
N ARG A 232 -19.50 55.88 -44.22
CA ARG A 232 -18.36 56.70 -43.85
C ARG A 232 -18.21 56.73 -42.34
N GLY A 233 -16.97 56.86 -41.87
CA GLY A 233 -16.67 56.64 -40.48
C GLY A 233 -16.83 55.20 -40.01
N GLY A 234 -16.31 54.91 -38.83
CA GLY A 234 -16.31 53.57 -38.30
C GLY A 234 -15.27 52.67 -38.94
N ASP A 235 -15.28 51.42 -38.50
CA ASP A 235 -14.33 50.43 -39.00
C ASP A 235 -14.69 50.03 -40.42
N GLY A 236 -13.80 50.31 -41.37
CA GLY A 236 -14.03 49.94 -42.75
C GLY A 236 -14.18 48.45 -42.98
N ALA A 237 -13.65 47.62 -42.06
CA ALA A 237 -13.91 46.19 -42.13
C ALA A 237 -15.31 45.80 -41.69
N LYS A 238 -16.04 46.71 -41.03
CA LYS A 238 -17.43 46.47 -40.67
C LYS A 238 -18.38 47.39 -41.42
N ALA A 239 -17.86 48.34 -42.19
CA ALA A 239 -18.71 49.32 -42.86
C ALA A 239 -19.62 48.65 -43.88
N HIS A 240 -19.11 47.67 -44.60
CA HIS A 240 -19.90 46.99 -45.63
C HIS A 240 -21.04 46.16 -45.05
N GLY A 241 -20.97 45.81 -43.76
CA GLY A 241 -22.05 45.11 -43.10
C GLY A 241 -23.29 45.94 -42.82
N VAL A 242 -23.22 47.27 -42.91
CA VAL A 242 -24.36 48.08 -42.50
C VAL A 242 -25.57 47.85 -43.39
N PHE A 243 -25.35 47.58 -44.68
CA PHE A 243 -26.45 47.27 -45.60
C PHE A 243 -26.67 45.78 -45.74
N SER A 244 -26.20 44.99 -44.77
CA SER A 244 -26.32 43.54 -44.78
C SER A 244 -27.73 43.06 -44.46
N GLY A 245 -28.68 43.97 -44.25
CA GLY A 245 -30.04 43.60 -43.92
C GLY A 245 -30.23 43.10 -42.50
N LYS A 246 -29.21 43.16 -41.66
CA LYS A 246 -29.22 42.55 -40.34
C LYS A 246 -28.81 43.59 -39.31
N LYS A 247 -29.65 43.77 -38.29
CA LYS A 247 -29.41 44.80 -37.28
C LYS A 247 -28.09 44.60 -36.56
N GLU A 248 -27.73 43.34 -36.27
CA GLU A 248 -26.48 43.07 -35.56
C GLU A 248 -25.27 43.56 -36.34
N ASP A 249 -25.31 43.48 -37.67
CA ASP A 249 -24.22 44.02 -38.48
C ASP A 249 -24.19 45.54 -38.49
N PHE A 250 -25.37 46.16 -38.62
CA PHE A 250 -25.45 47.62 -38.54
C PHE A 250 -24.99 48.15 -37.19
N GLN A 251 -25.49 47.56 -36.10
CA GLN A 251 -25.06 47.98 -34.77
C GLN A 251 -23.58 47.74 -34.54
N ALA A 252 -23.04 46.64 -35.05
CA ALA A 252 -21.60 46.40 -34.97
C ALA A 252 -20.77 47.49 -35.64
N TRP A 253 -21.28 48.08 -36.73
CA TRP A 253 -20.63 49.26 -37.30
C TRP A 253 -20.78 50.49 -36.41
N VAL A 254 -21.99 50.75 -35.93
CA VAL A 254 -22.21 51.89 -35.04
C VAL A 254 -21.30 51.80 -33.82
N ASP A 255 -21.14 50.61 -33.25
CA ASP A 255 -20.23 50.42 -32.13
C ASP A 255 -18.77 50.70 -32.49
N SER A 256 -18.43 50.76 -33.78
CA SER A 256 -17.08 51.14 -34.19
C SER A 256 -16.95 52.61 -34.58
N VAL A 257 -18.04 53.29 -34.92
CA VAL A 257 -17.97 54.71 -35.22
C VAL A 257 -17.45 55.50 -34.02
N SER A 258 -17.82 55.08 -32.81
CA SER A 258 -17.36 55.76 -31.60
C SER A 258 -15.84 55.74 -31.46
N ALA A 259 -15.18 54.70 -31.95
CA ALA A 259 -13.71 54.66 -31.89
C ALA A 259 -13.06 55.53 -32.96
N SER A 260 -13.62 55.58 -34.16
CA SER A 260 -12.94 56.17 -35.33
C SER A 260 -13.92 57.04 -36.12
N PRO A 261 -14.35 58.16 -35.54
CA PRO A 261 -15.31 59.02 -36.24
C PRO A 261 -14.67 59.84 -37.34
N ASP A 262 -15.52 60.30 -38.26
CA ASP A 262 -15.12 61.20 -39.34
C ASP A 262 -16.04 62.41 -39.38
N PHE A 263 -15.60 63.44 -40.10
CA PHE A 263 -16.45 64.55 -40.48
C PHE A 263 -17.60 64.14 -41.39
N VAL A 264 -18.82 64.19 -40.88
CA VAL A 264 -19.98 63.59 -41.52
C VAL A 264 -21.08 64.62 -41.77
N ASP A 265 -21.12 65.69 -40.96
CA ASP A 265 -22.21 66.65 -41.09
C ASP A 265 -21.77 68.01 -40.55
N PHE A 266 -22.53 69.04 -40.92
CA PHE A 266 -22.35 70.38 -40.40
C PHE A 266 -23.22 70.63 -39.17
N VAL A 267 -22.77 71.55 -38.33
CA VAL A 267 -23.61 72.18 -37.31
C VAL A 267 -24.52 73.21 -37.96
N PRO A 268 -25.84 73.07 -37.86
CA PRO A 268 -26.73 73.87 -38.72
C PRO A 268 -26.58 75.37 -38.56
N THR A 269 -26.17 75.84 -37.38
CA THR A 269 -26.17 77.28 -37.10
C THR A 269 -24.98 78.01 -37.71
N ILE A 270 -23.83 77.37 -37.79
CA ILE A 270 -22.58 78.06 -38.08
C ILE A 270 -21.67 77.16 -38.92
N PRO A 271 -22.15 76.62 -40.04
CA PRO A 271 -21.39 75.55 -40.71
C PRO A 271 -20.03 75.98 -41.21
N MET A 272 -19.95 77.14 -41.88
CA MET A 272 -18.67 77.63 -42.37
C MET A 272 -18.71 79.15 -42.51
N GLN A 273 -17.52 79.75 -42.51
CA GLN A 273 -17.35 81.20 -42.57
C GLN A 273 -16.61 81.58 -43.84
N GLU A 274 -16.96 82.73 -44.41
CA GLU A 274 -16.28 83.20 -45.61
C GLU A 274 -14.82 83.54 -45.36
N ILE A 275 -13.99 83.27 -46.37
CA ILE A 275 -12.54 83.37 -46.24
C ILE A 275 -12.08 84.80 -46.02
N TRP A 276 -12.75 85.78 -46.64
CA TRP A 276 -12.45 87.20 -46.41
C TRP A 276 -12.84 87.71 -45.03
N THR A 277 -13.43 86.87 -44.18
CA THR A 277 -13.48 87.20 -42.76
C THR A 277 -12.09 87.33 -42.15
N LEU A 278 -11.10 86.61 -42.70
CA LEU A 278 -9.76 86.59 -42.15
C LEU A 278 -8.82 87.64 -42.72
N CYS A 279 -9.14 88.30 -43.82
CA CYS A 279 -8.22 89.28 -44.37
C CYS A 279 -8.27 90.57 -43.55
N SER A 280 -7.10 91.20 -43.40
CA SER A 280 -6.94 92.32 -42.47
C SER A 280 -7.54 93.62 -43.00
N SER A 281 -7.65 93.80 -44.32
CA SER A 281 -8.13 95.05 -44.87
C SER A 281 -9.56 94.91 -45.38
N GLU A 282 -10.42 95.83 -44.96
CA GLU A 282 -11.80 95.85 -45.45
C GLU A 282 -11.86 96.10 -46.95
N ALA A 283 -10.91 96.87 -47.48
CA ALA A 283 -10.82 97.07 -48.92
C ALA A 283 -10.44 95.78 -49.64
N GLN A 284 -9.62 94.94 -49.01
CA GLN A 284 -9.37 93.61 -49.56
C GLN A 284 -10.61 92.74 -49.47
N ALA A 285 -11.30 92.77 -48.33
CA ALA A 285 -12.52 91.99 -48.16
C ALA A 285 -13.57 92.37 -49.19
N GLU A 286 -13.73 93.67 -49.44
CA GLU A 286 -14.67 94.14 -50.45
C GLU A 286 -14.33 93.57 -51.83
N ALA A 287 -13.06 93.62 -52.23
CA ALA A 287 -12.68 93.06 -53.51
C ALA A 287 -12.90 91.55 -53.57
N MET A 288 -12.53 90.82 -52.52
CA MET A 288 -12.74 89.38 -52.51
C MET A 288 -14.22 89.02 -52.51
N ARG A 289 -15.00 89.63 -51.61
CA ARG A 289 -16.44 89.37 -51.58
C ARG A 289 -17.10 89.74 -52.90
N LYS A 290 -16.74 90.91 -53.46
CA LYS A 290 -17.28 91.30 -54.76
C LYS A 290 -16.94 90.30 -55.84
N HIS A 291 -15.69 89.83 -55.88
CA HIS A 291 -15.34 88.80 -56.86
C HIS A 291 -16.08 87.50 -56.59
N TYR A 292 -16.22 87.09 -55.33
CA TYR A 292 -16.82 85.80 -55.01
C TYR A 292 -18.21 85.67 -55.62
N ASP A 293 -19.05 86.69 -55.46
CA ASP A 293 -20.45 86.61 -55.85
C ASP A 293 -20.74 87.23 -57.21
N ASP A 294 -19.87 88.12 -57.69
CA ASP A 294 -20.02 88.64 -59.04
C ASP A 294 -19.50 87.69 -60.11
N VAL A 295 -18.50 86.86 -59.78
CA VAL A 295 -17.81 86.08 -60.80
C VAL A 295 -17.74 84.61 -60.40
N TRP A 296 -17.06 84.32 -59.30
CA TRP A 296 -16.63 82.95 -59.04
C TRP A 296 -17.80 82.04 -58.68
N ALA A 297 -18.62 82.43 -57.71
CA ALA A 297 -19.78 81.62 -57.35
C ALA A 297 -20.79 81.46 -58.46
N PRO A 298 -21.11 82.50 -59.26
CA PRO A 298 -21.90 82.26 -60.49
C PRO A 298 -21.30 81.22 -61.42
N ALA A 299 -20.04 81.39 -61.82
CA ALA A 299 -19.41 80.43 -62.71
C ALA A 299 -19.38 79.02 -62.13
N GLN A 300 -19.03 78.89 -60.86
CA GLN A 300 -19.04 77.57 -60.22
C GLN A 300 -20.45 76.96 -60.20
N SER A 301 -21.46 77.76 -59.88
CA SER A 301 -22.82 77.23 -59.88
C SER A 301 -23.24 76.80 -61.29
N GLU A 302 -22.91 77.59 -62.30
CA GLU A 302 -23.28 77.25 -63.68
C GLU A 302 -22.55 76.00 -64.15
N LYS A 303 -21.28 75.85 -63.79
CA LYS A 303 -20.51 74.68 -64.18
C LYS A 303 -20.99 73.39 -63.51
N TYR A 304 -22.01 73.46 -62.66
CA TYR A 304 -22.61 72.28 -62.05
C TYR A 304 -24.07 72.12 -62.46
N ARG A 305 -24.52 72.89 -63.46
CA ARG A 305 -25.87 72.77 -63.98
C ARG A 305 -25.91 71.65 -65.00
N VAL A 306 -26.92 70.79 -64.89
CA VAL A 306 -26.98 69.54 -65.66
C VAL A 306 -28.07 69.66 -66.72
N LYS A 307 -27.69 69.41 -67.97
CA LYS A 307 -28.64 69.31 -69.06
C LYS A 307 -29.41 67.99 -68.99
N ALA A 308 -30.59 67.97 -69.59
CA ALA A 308 -31.25 66.71 -69.86
C ALA A 308 -30.90 66.20 -71.26
N ASN A 309 -31.02 64.89 -71.43
CA ASN A 309 -30.97 64.30 -72.76
C ASN A 309 -32.13 64.81 -73.61
N TYR A 310 -31.94 64.81 -74.92
CA TYR A 310 -32.94 65.30 -75.86
C TYR A 310 -33.04 64.40 -77.07
N ILE A 311 -34.22 64.43 -77.71
CA ILE A 311 -34.45 63.67 -78.93
C ILE A 311 -33.79 64.39 -80.10
N ASP A 312 -32.99 63.67 -80.88
CA ASP A 312 -32.39 64.20 -82.09
C ASP A 312 -32.84 63.51 -83.37
N GLN A 313 -33.43 62.32 -83.31
CA GLN A 313 -33.85 61.63 -84.52
C GLN A 313 -35.03 60.70 -84.19
N LEU A 314 -35.99 60.65 -85.12
CA LEU A 314 -37.13 59.76 -85.03
C LEU A 314 -37.20 58.85 -86.26
N VAL A 315 -37.68 57.63 -86.05
CA VAL A 315 -37.95 56.70 -87.14
C VAL A 315 -39.18 55.88 -86.81
N VAL A 316 -39.81 55.33 -87.84
CA VAL A 316 -40.97 54.45 -87.69
C VAL A 316 -40.61 53.09 -88.27
N ILE A 317 -41.05 52.02 -87.59
CA ILE A 317 -40.80 50.66 -88.02
C ILE A 317 -42.13 49.92 -88.12
N THR A 318 -42.25 49.08 -89.14
CA THR A 318 -43.49 48.40 -89.48
C THR A 318 -43.24 46.92 -89.69
N GLY A 319 -44.20 46.10 -89.31
CA GLY A 319 -44.08 44.67 -89.53
C GLY A 319 -45.28 43.92 -88.99
N GLY A 320 -45.18 42.60 -89.10
CA GLY A 320 -46.27 41.67 -88.89
C GLY A 320 -46.47 41.14 -87.49
N SER A 321 -45.74 41.62 -86.49
CA SER A 321 -45.90 41.09 -85.14
C SER A 321 -45.58 42.17 -84.11
N SER A 322 -46.07 41.94 -82.90
CA SER A 322 -45.89 42.89 -81.81
C SER A 322 -44.42 43.11 -81.49
N THR A 323 -43.57 42.13 -81.78
CA THR A 323 -42.21 42.08 -81.26
C THR A 323 -41.17 42.59 -82.25
N ILE A 324 -41.62 43.20 -83.35
CA ILE A 324 -40.69 43.86 -84.25
C ILE A 324 -39.93 44.93 -83.48
N GLU A 325 -38.72 45.26 -83.96
CA GLU A 325 -37.70 45.86 -83.12
C GLU A 325 -36.90 46.87 -83.93
N PRO A 326 -36.56 48.02 -83.32
CA PRO A 326 -35.97 49.12 -84.09
C PRO A 326 -34.56 48.81 -84.54
N PRO A 327 -34.00 49.64 -85.42
CA PRO A 327 -32.54 49.63 -85.61
C PRO A 327 -31.82 49.91 -84.31
N VAL A 328 -30.64 49.30 -84.17
CA VAL A 328 -30.00 49.16 -82.86
C VAL A 328 -29.79 50.52 -82.19
N GLY A 329 -29.57 51.57 -82.98
CA GLY A 329 -29.37 52.89 -82.40
C GLY A 329 -30.58 53.50 -81.73
N TYR A 330 -31.78 53.01 -82.04
CA TYR A 330 -33.02 53.61 -81.57
C TYR A 330 -33.65 52.75 -80.48
N SER A 331 -34.59 53.36 -79.76
CA SER A 331 -35.44 52.67 -78.80
C SER A 331 -36.91 52.93 -79.15
N LYS A 332 -37.77 51.99 -78.76
CA LYS A 332 -39.12 51.90 -79.30
C LYS A 332 -40.14 52.44 -78.29
N ILE A 333 -41.07 53.25 -78.80
CA ILE A 333 -42.30 53.56 -78.08
C ILE A 333 -43.27 52.41 -78.29
N GLU A 334 -43.57 51.70 -77.21
CA GLU A 334 -44.26 50.40 -77.25
C GLU A 334 -45.75 50.50 -77.61
N TYR A 335 -46.32 51.60 -78.07
CA TYR A 335 -47.74 51.68 -78.39
C TYR A 335 -47.92 51.63 -79.91
N ASP A 336 -48.71 50.66 -80.38
CA ASP A 336 -48.85 50.43 -81.81
C ASP A 336 -49.68 51.54 -82.43
N LEU A 337 -49.12 52.21 -83.44
CA LEU A 337 -49.82 53.25 -84.19
C LEU A 337 -50.94 52.71 -85.09
N ASN A 338 -51.23 51.40 -85.04
CA ASN A 338 -52.47 50.86 -85.58
C ASN A 338 -53.22 50.04 -84.54
N ALA A 339 -53.01 50.32 -83.27
CA ALA A 339 -53.68 49.57 -82.20
C ALA A 339 -55.19 49.56 -82.42
N GLY A 340 -55.74 48.36 -82.58
CA GLY A 340 -57.14 48.18 -82.88
C GLY A 340 -57.54 48.45 -84.32
N ALA A 341 -56.63 48.98 -85.14
CA ALA A 341 -56.92 49.29 -86.53
C ALA A 341 -56.53 48.16 -87.47
N GLY A 342 -55.99 47.06 -86.95
CA GLY A 342 -55.53 45.98 -87.79
C GLY A 342 -54.37 46.39 -88.68
N GLY A 343 -54.17 45.61 -89.73
CA GLY A 343 -53.08 45.84 -90.66
C GLY A 343 -51.72 45.44 -90.10
N ASP A 344 -50.71 46.20 -90.50
CA ASP A 344 -49.37 46.07 -89.92
C ASP A 344 -49.33 46.67 -88.52
N PHE A 345 -48.51 46.06 -87.66
CA PHE A 345 -48.03 46.74 -86.48
C PHE A 345 -47.09 47.88 -86.87
N ILE A 346 -47.27 49.03 -86.25
CA ILE A 346 -46.43 50.21 -86.51
C ILE A 346 -46.00 50.79 -85.18
N TYR A 347 -44.70 51.10 -85.06
CA TYR A 347 -44.15 51.71 -83.85
C TYR A 347 -43.28 52.90 -84.21
N LEU A 348 -43.34 53.92 -83.36
CA LEU A 348 -42.49 55.11 -83.46
C LEU A 348 -41.26 54.92 -82.58
N CYS A 349 -40.09 55.23 -83.12
CA CYS A 349 -38.83 55.02 -82.43
C CYS A 349 -38.01 56.29 -82.47
N TYR A 350 -37.14 56.46 -81.46
CA TYR A 350 -36.41 57.71 -81.28
C TYR A 350 -34.97 57.42 -80.87
N HIS A 351 -34.11 58.40 -81.12
CA HIS A 351 -32.77 58.47 -80.54
C HIS A 351 -32.71 59.66 -79.59
N GLU A 352 -32.20 59.43 -78.38
CA GLU A 352 -31.96 60.51 -77.42
C GLU A 352 -30.46 60.77 -77.32
N GLN A 353 -30.09 62.03 -77.53
CA GLN A 353 -28.70 62.44 -77.67
C GLN A 353 -28.19 63.02 -76.36
N THR A 354 -27.00 62.60 -75.94
CA THR A 354 -26.32 63.25 -74.83
C THR A 354 -25.78 64.60 -75.28
N TRP A 355 -26.08 65.64 -74.50
CA TRP A 355 -25.56 66.96 -74.80
C TRP A 355 -24.05 67.04 -74.60
N GLN A 356 -23.38 67.76 -75.51
CA GLN A 356 -21.94 67.96 -75.48
C GLN A 356 -21.64 69.43 -75.67
N ALA A 357 -20.72 69.96 -74.87
CA ALA A 357 -20.48 71.39 -74.87
C ALA A 357 -19.87 71.87 -76.18
N ASP A 358 -18.97 71.08 -76.78
CA ASP A 358 -18.25 71.51 -77.96
C ASP A 358 -18.90 71.08 -79.28
N ARG A 359 -19.88 70.18 -79.23
CA ARG A 359 -20.54 69.74 -80.46
C ARG A 359 -21.97 69.29 -80.18
N PRO A 360 -22.83 70.18 -79.70
CA PRO A 360 -24.26 69.85 -79.64
C PRO A 360 -24.82 69.61 -81.04
N LYS A 361 -25.62 68.55 -81.16
CA LYS A 361 -26.34 68.30 -82.39
C LYS A 361 -27.56 69.22 -82.49
N ASP A 362 -28.33 69.05 -83.55
CA ASP A 362 -29.73 69.45 -83.52
C ASP A 362 -30.52 68.57 -82.56
N ALA A 363 -31.48 69.18 -81.87
CA ALA A 363 -32.63 68.47 -81.32
C ALA A 363 -33.79 68.50 -82.31
N VAL A 364 -34.71 67.54 -82.13
CA VAL A 364 -36.07 67.72 -82.64
C VAL A 364 -36.74 68.83 -81.83
N THR A 365 -37.40 69.75 -82.52
CA THR A 365 -38.08 70.85 -81.86
C THR A 365 -39.54 71.01 -82.22
N ASP A 366 -40.03 70.39 -83.30
CA ASP A 366 -41.46 70.37 -83.57
C ASP A 366 -41.82 69.11 -84.32
N ILE A 367 -43.07 68.69 -84.19
CA ILE A 367 -43.59 67.52 -84.89
C ILE A 367 -44.97 67.87 -85.43
N ARG A 368 -45.27 67.38 -86.63
CA ARG A 368 -46.56 67.60 -87.27
C ARG A 368 -46.98 66.33 -87.99
N ILE A 369 -48.28 66.19 -88.21
CA ILE A 369 -48.85 65.15 -89.05
C ILE A 369 -49.55 65.80 -90.24
N ILE A 370 -49.22 65.34 -91.45
CA ILE A 370 -49.58 66.02 -92.68
C ILE A 370 -50.60 65.26 -93.50
N PHE A 371 -50.86 63.99 -93.19
CA PHE A 371 -51.88 63.17 -93.85
C PHE A 371 -51.64 63.10 -95.37
N ASN A 372 -52.75 62.94 -96.11
CA ASN A 372 -52.76 62.28 -97.41
C ASN A 372 -51.78 62.88 -98.42
N LYS A 373 -51.97 64.15 -98.79
CA LYS A 373 -51.26 64.74 -99.91
C LYS A 373 -50.67 66.12 -99.61
N GLU A 374 -50.90 66.68 -98.44
CA GLU A 374 -50.41 68.01 -98.16
C GLU A 374 -48.88 68.02 -98.26
N PRO A 375 -48.29 69.05 -98.86
CA PRO A 375 -46.83 69.10 -98.93
C PRO A 375 -46.18 69.21 -97.55
N THR A 376 -44.96 68.71 -97.47
CA THR A 376 -44.22 68.78 -96.22
C THR A 376 -43.98 70.23 -95.84
N PRO A 377 -44.28 70.65 -94.61
CA PRO A 377 -44.13 72.04 -94.22
C PRO A 377 -42.69 72.50 -94.34
N PRO A 378 -42.47 73.80 -94.51
CA PRO A 378 -41.12 74.31 -94.86
C PRO A 378 -40.06 73.93 -93.85
N GLY A 379 -39.06 73.17 -94.32
CA GLY A 379 -37.95 72.73 -93.50
C GLY A 379 -38.19 71.54 -92.61
N TYR A 380 -39.38 70.95 -92.63
CA TYR A 380 -39.61 69.70 -91.91
C TYR A 380 -39.09 68.52 -92.72
N THR A 381 -38.61 67.51 -92.00
CA THR A 381 -38.42 66.18 -92.56
C THR A 381 -39.72 65.39 -92.49
N LYS A 382 -39.81 64.36 -93.34
CA LYS A 382 -40.96 63.47 -93.37
C LYS A 382 -40.48 62.02 -93.32
N LEU A 383 -41.15 61.23 -92.49
CA LEU A 383 -40.93 59.78 -92.49
C LEU A 383 -41.73 59.12 -93.61
N PRO A 384 -41.12 58.22 -94.38
CA PRO A 384 -41.80 57.69 -95.57
C PRO A 384 -42.88 56.65 -95.27
N GLN A 385 -42.86 56.02 -94.10
CA GLN A 385 -43.85 55.01 -93.77
C GLN A 385 -45.23 55.64 -93.58
N ASP A 386 -46.23 55.03 -94.21
CA ASP A 386 -47.63 55.33 -93.91
C ASP A 386 -48.01 54.77 -92.55
N LEU A 387 -48.46 55.64 -91.65
CA LEU A 387 -48.85 55.24 -90.31
C LEU A 387 -50.25 54.64 -90.24
N ASN A 388 -50.84 54.33 -91.40
CA ASN A 388 -51.97 53.38 -91.48
C ASN A 388 -51.67 52.22 -92.42
N LYS A 389 -50.39 51.96 -92.70
CA LYS A 389 -50.03 50.85 -93.56
C LYS A 389 -50.72 49.57 -93.13
N GLY A 390 -51.43 48.96 -94.08
CA GLY A 390 -52.26 47.79 -93.82
C GLY A 390 -53.57 48.08 -93.12
N ALA A 391 -53.71 49.23 -92.47
CA ALA A 391 -54.94 49.54 -91.73
C ALA A 391 -56.01 50.16 -92.61
N GLY A 392 -55.67 50.53 -93.84
CA GLY A 392 -56.59 51.26 -94.70
C GLY A 392 -56.66 52.73 -94.33
N GLY A 393 -57.87 53.27 -94.30
CA GLY A 393 -58.05 54.67 -93.95
C GLY A 393 -57.35 55.61 -94.92
N ASP A 394 -57.07 56.81 -94.42
CA ASP A 394 -56.27 57.77 -95.14
C ASP A 394 -54.78 57.51 -94.91
N ASP A 395 -53.96 57.97 -95.85
CA ASP A 395 -52.52 57.85 -95.71
C ASP A 395 -52.01 58.87 -94.69
N VAL A 396 -51.32 58.38 -93.66
CA VAL A 396 -50.86 59.18 -92.53
C VAL A 396 -49.34 59.22 -92.55
N PHE A 397 -48.78 60.43 -92.49
CA PHE A 397 -47.33 60.61 -92.41
C PHE A 397 -47.01 61.61 -91.32
N LEU A 398 -45.96 61.31 -90.55
CA LEU A 398 -45.47 62.17 -89.48
C LEU A 398 -44.24 62.95 -89.93
N CYS A 399 -44.23 64.25 -89.66
CA CYS A 399 -43.13 65.14 -90.01
C CYS A 399 -42.59 65.80 -88.75
N TYR A 400 -41.30 66.12 -88.75
CA TYR A 400 -40.69 66.78 -87.61
C TYR A 400 -39.60 67.73 -88.07
N LYS A 401 -39.40 68.79 -87.30
CA LYS A 401 -38.41 69.83 -87.54
C LYS A 401 -37.28 69.70 -86.54
N THR A 402 -36.05 69.88 -87.01
CA THR A 402 -34.87 69.85 -86.17
C THR A 402 -34.15 71.18 -86.22
N GLU A 403 -33.58 71.58 -85.08
CA GLU A 403 -32.93 72.88 -84.92
C GLU A 403 -31.80 72.71 -83.92
N ALA A 404 -30.82 73.62 -84.01
CA ALA A 404 -29.68 73.58 -83.11
C ALA A 404 -30.14 73.62 -81.66
N TYR A 405 -29.43 72.89 -80.81
CA TYR A 405 -29.89 72.63 -79.46
C TYR A 405 -30.13 73.92 -78.68
N ASN A 406 -31.26 73.96 -77.97
CA ASN A 406 -31.50 74.98 -76.95
C ASN A 406 -32.35 74.34 -75.87
N THR A 407 -31.96 74.54 -74.60
CA THR A 407 -32.71 73.96 -73.50
C THR A 407 -34.16 74.43 -73.49
N ASP A 408 -34.45 75.61 -74.04
CA ASP A 408 -35.81 76.13 -74.07
C ASP A 408 -36.73 75.34 -75.00
N THR A 409 -36.17 74.55 -75.93
CA THR A 409 -36.97 74.00 -77.00
C THR A 409 -36.58 72.58 -77.43
N ALA A 410 -35.40 72.09 -77.09
CA ALA A 410 -35.05 70.70 -77.38
C ALA A 410 -36.02 69.76 -76.68
N ILE A 411 -36.75 68.98 -77.48
CA ILE A 411 -37.72 68.03 -76.95
C ILE A 411 -36.97 66.92 -76.21
N ASN A 412 -37.32 66.71 -74.95
CA ASN A 412 -36.65 65.69 -74.15
C ASN A 412 -37.30 64.31 -74.28
N LYS A 413 -38.63 64.24 -74.36
CA LYS A 413 -39.30 62.96 -74.49
C LYS A 413 -40.50 63.08 -75.42
N VAL A 414 -40.88 61.94 -76.00
CA VAL A 414 -42.11 61.80 -76.76
C VAL A 414 -42.78 60.50 -76.33
N THR A 415 -44.10 60.47 -76.48
CA THR A 415 -44.86 59.24 -76.30
C THR A 415 -46.09 59.27 -77.18
N VAL A 416 -46.66 58.09 -77.42
CA VAL A 416 -47.90 57.93 -78.17
C VAL A 416 -48.99 57.39 -77.25
N ILE A 417 -50.13 58.06 -77.26
CA ILE A 417 -51.26 57.76 -76.37
C ILE A 417 -52.49 57.54 -77.24
N GLY A 418 -53.35 56.62 -76.82
CA GLY A 418 -54.53 56.31 -77.61
C GLY A 418 -55.63 55.69 -76.79
N GLY A 419 -56.84 55.80 -77.31
CA GLY A 419 -58.01 55.31 -76.61
C GLY A 419 -59.25 55.52 -77.46
N ASN A 420 -60.41 55.25 -76.85
CA ASN A 420 -61.66 55.36 -77.59
C ASN A 420 -62.12 56.81 -77.75
N ASN A 421 -61.79 57.68 -76.80
CA ASN A 421 -62.20 59.08 -76.89
C ASN A 421 -61.28 59.84 -77.82
N ALA A 422 -61.87 60.77 -78.60
CA ALA A 422 -61.05 61.70 -79.35
C ALA A 422 -60.36 62.72 -78.46
N ASP A 423 -61.07 63.25 -77.47
CA ASP A 423 -60.52 64.16 -76.47
C ASP A 423 -59.78 63.40 -75.38
N ILE A 424 -58.65 62.76 -75.71
CA ILE A 424 -57.90 62.02 -74.71
C ILE A 424 -56.82 62.91 -74.10
N ASN A 425 -56.46 62.63 -72.85
CA ASN A 425 -55.54 63.46 -72.10
C ASN A 425 -54.11 62.93 -72.22
N ALA A 426 -53.19 63.84 -72.55
CA ALA A 426 -51.77 63.54 -72.48
C ALA A 426 -51.29 63.51 -71.04
N PRO A 427 -50.16 62.84 -70.79
CA PRO A 427 -49.53 62.93 -69.46
C PRO A 427 -49.19 64.37 -69.10
N TYR A 428 -49.11 64.61 -67.79
CA TYR A 428 -48.90 65.97 -67.30
C TYR A 428 -47.63 66.57 -67.88
N GLY A 429 -47.75 67.80 -68.40
CA GLY A 429 -46.63 68.50 -69.00
C GLY A 429 -46.33 68.12 -70.43
N TYR A 430 -46.88 67.02 -70.94
CA TYR A 430 -46.77 66.72 -72.35
C TYR A 430 -47.76 67.55 -73.16
N LEU A 431 -47.37 67.86 -74.39
CA LEU A 431 -48.26 68.45 -75.39
C LEU A 431 -48.46 67.43 -76.51
N LYS A 432 -49.73 67.13 -76.82
CA LYS A 432 -50.04 66.24 -77.92
C LYS A 432 -50.21 67.02 -79.21
N VAL A 433 -49.77 66.43 -80.32
CA VAL A 433 -49.95 67.01 -81.64
C VAL A 433 -51.39 66.83 -82.12
N PRO A 434 -51.91 67.75 -82.92
CA PRO A 434 -53.22 67.54 -83.54
C PRO A 434 -53.17 66.47 -84.62
N GLY A 435 -54.33 65.85 -84.86
CA GLY A 435 -54.46 64.83 -85.87
C GLY A 435 -54.32 63.41 -85.35
N ASP A 436 -55.11 62.50 -85.90
CA ASP A 436 -55.20 61.12 -85.42
C ASP A 436 -54.37 60.21 -86.31
N LEU A 437 -53.47 59.45 -85.70
CA LEU A 437 -52.65 58.48 -86.43
C LEU A 437 -53.44 57.26 -86.89
N ASN A 438 -54.75 57.22 -86.63
CA ASN A 438 -55.65 56.28 -87.28
C ASN A 438 -56.80 56.98 -88.02
N ARG A 439 -56.61 58.25 -88.40
CA ARG A 439 -57.65 58.97 -89.11
C ARG A 439 -58.19 58.14 -90.28
N GLY A 440 -59.50 57.96 -90.30
CA GLY A 440 -60.16 57.18 -91.31
C GLY A 440 -60.06 55.68 -91.13
N ALA A 441 -59.13 55.19 -90.31
CA ALA A 441 -59.06 53.78 -90.00
C ALA A 441 -59.99 53.47 -88.83
N GLY A 442 -60.16 52.19 -88.55
CA GLY A 442 -60.84 51.78 -87.33
C GLY A 442 -60.00 51.96 -86.08
N GLY A 443 -60.41 51.30 -85.00
CA GLY A 443 -59.66 51.26 -83.76
C GLY A 443 -59.63 52.56 -82.98
N ASN A 444 -58.60 52.67 -82.15
CA ASN A 444 -58.43 53.79 -81.24
C ASN A 444 -58.07 55.07 -81.99
N PHE A 445 -58.40 56.21 -81.38
CA PHE A 445 -57.67 57.44 -81.65
C PHE A 445 -56.27 57.36 -81.06
N ILE A 446 -55.29 57.88 -81.80
CA ILE A 446 -53.89 57.82 -81.40
C ILE A 446 -53.21 59.15 -81.70
N TYR A 447 -52.46 59.67 -80.73
CA TYR A 447 -51.83 60.98 -80.83
C TYR A 447 -50.39 60.89 -80.31
N ALA A 448 -49.50 61.68 -80.92
CA ALA A 448 -48.14 61.82 -80.43
C ALA A 448 -48.03 62.96 -79.42
N CYS A 449 -47.51 62.63 -78.23
CA CYS A 449 -47.27 63.59 -77.16
C CYS A 449 -45.79 63.94 -77.05
N THR A 450 -45.50 65.21 -76.81
CA THR A 450 -44.14 65.72 -76.76
C THR A 450 -43.93 66.40 -75.42
N PHE A 451 -42.72 66.27 -74.87
CA PHE A 451 -42.36 66.85 -73.58
C PHE A 451 -41.05 67.60 -73.68
N VAL A 452 -41.03 68.81 -73.15
CA VAL A 452 -39.82 69.64 -73.08
C VAL A 452 -39.59 70.01 -71.62
N GLY A 453 -38.39 69.75 -71.13
CA GLY A 453 -38.04 70.04 -69.76
C GLY A 453 -37.79 71.51 -69.47
N LYS A 454 -37.29 72.24 -70.46
CA LYS A 454 -36.83 73.60 -70.27
C LYS A 454 -35.72 73.63 -69.21
N THR B 1 9.32 57.71 -37.42
CA THR B 1 8.57 56.94 -38.46
C THR B 1 7.72 57.90 -39.27
N VAL B 2 7.94 57.92 -40.58
CA VAL B 2 7.21 58.81 -41.48
C VAL B 2 5.92 58.14 -41.91
N LEU B 3 4.87 58.95 -42.07
CA LEU B 3 3.59 58.45 -42.52
C LEU B 3 3.70 57.95 -43.96
N PRO B 4 3.15 56.79 -44.29
CA PRO B 4 3.13 56.34 -45.69
C PRO B 4 2.45 57.38 -46.58
N GLY B 5 3.11 57.73 -47.67
CA GLY B 5 2.60 58.70 -48.62
C GLY B 5 3.38 59.99 -48.66
N VAL B 6 4.16 60.28 -47.62
CA VAL B 6 5.06 61.43 -47.64
C VAL B 6 6.08 61.32 -48.76
N GLU B 7 6.44 60.09 -49.14
CA GLU B 7 7.31 59.89 -50.29
C GLU B 7 6.61 60.24 -51.62
N ALA B 8 5.28 60.26 -51.63
CA ALA B 8 4.52 60.37 -52.88
C ALA B 8 3.90 61.74 -53.10
N ILE B 9 3.60 62.48 -52.04
CA ILE B 9 3.22 63.87 -52.21
C ILE B 9 4.41 64.65 -52.77
N GLY B 10 4.11 65.72 -53.50
CA GLY B 10 5.14 66.53 -54.12
C GLY B 10 5.87 65.89 -55.27
N LEU B 11 5.59 64.62 -55.56
CA LEU B 11 6.17 63.94 -56.71
C LEU B 11 5.81 64.64 -58.01
N GLY B 12 6.82 64.92 -58.83
CA GLY B 12 6.57 65.54 -60.12
C GLY B 12 5.85 64.57 -61.04
N TYR B 13 4.78 65.03 -61.69
CA TYR B 13 3.77 64.16 -62.26
C TYR B 13 3.50 64.55 -63.71
N ASN B 14 3.27 63.56 -64.56
CA ASN B 14 2.80 63.80 -65.92
C ASN B 14 1.34 63.39 -66.05
N PRO B 15 0.41 64.33 -66.15
CA PRO B 15 -1.02 63.96 -66.25
C PRO B 15 -1.37 62.94 -67.32
N PHE B 16 -0.79 63.09 -68.51
CA PHE B 16 -1.09 62.21 -69.64
C PHE B 16 -0.67 60.76 -69.44
N ILE B 17 0.44 60.49 -68.75
CA ILE B 17 0.90 59.10 -68.67
C ILE B 17 -0.13 58.21 -67.99
N SER B 18 -0.69 58.64 -66.86
CA SER B 18 -1.65 57.77 -66.20
C SER B 18 -2.47 58.53 -65.18
N TYR B 19 -3.49 57.84 -64.67
CA TYR B 19 -4.37 58.37 -63.63
C TYR B 19 -4.01 57.77 -62.28
N ALA B 20 -3.73 58.62 -61.30
CA ALA B 20 -3.70 58.20 -59.89
C ALA B 20 -2.71 57.06 -59.67
N SER B 21 -1.62 57.07 -60.44
CA SER B 21 -0.55 56.10 -60.30
C SER B 21 0.78 56.83 -60.17
N VAL B 22 1.66 56.30 -59.32
CA VAL B 22 2.97 56.88 -59.12
C VAL B 22 3.91 56.64 -60.29
N ASN B 23 3.63 55.63 -61.11
CA ASN B 23 4.40 55.42 -62.32
C ASN B 23 4.33 56.59 -63.28
N SER B 24 3.32 57.46 -63.13
CA SER B 24 3.19 58.65 -63.95
C SER B 24 4.03 59.82 -63.48
N GLY B 25 4.75 59.71 -62.36
CA GLY B 25 5.61 60.79 -61.89
C GLY B 25 7.08 60.38 -61.88
N ALA B 26 7.93 61.35 -62.24
CA ALA B 26 9.37 61.18 -62.31
C ALA B 26 10.10 61.91 -61.19
N VAL B 27 10.42 61.18 -60.10
CA VAL B 27 11.27 61.63 -58.99
C VAL B 27 10.61 62.72 -58.15
N GLN B 28 11.04 62.82 -56.88
CA GLN B 28 10.45 63.71 -55.89
C GLN B 28 11.21 65.03 -55.90
N LEU B 29 10.48 66.13 -56.11
CA LEU B 29 11.07 67.45 -56.11
C LEU B 29 11.40 68.02 -54.73
N PHE B 30 10.70 67.61 -53.66
CA PHE B 30 10.89 68.22 -52.36
C PHE B 30 11.64 67.32 -51.38
N ASP B 31 12.48 67.95 -50.55
CA ASP B 31 13.31 67.24 -49.58
C ASP B 31 12.56 67.26 -48.26
N TRP B 32 12.12 66.09 -47.79
CA TRP B 32 11.40 66.00 -46.52
C TRP B 32 12.14 65.25 -45.44
N ALA B 33 13.38 64.81 -45.67
CA ALA B 33 14.14 64.24 -44.57
C ALA B 33 14.66 65.35 -43.67
N THR B 34 15.18 66.41 -44.27
CA THR B 34 15.71 67.55 -43.51
C THR B 34 14.59 68.35 -42.84
N ALA B 35 13.45 68.48 -43.51
CA ALA B 35 12.40 69.38 -43.03
C ALA B 35 11.90 69.00 -41.65
N LYS B 36 11.47 70.03 -40.92
CA LYS B 36 10.85 69.86 -39.61
C LYS B 36 9.60 69.00 -39.69
N LYS B 37 9.51 68.02 -38.78
CA LYS B 37 8.39 67.08 -38.75
C LYS B 37 7.28 67.54 -37.82
N ARG B 38 6.09 66.98 -38.07
CA ARG B 38 4.93 67.09 -37.19
C ARG B 38 4.36 65.70 -36.99
N GLU B 39 3.91 65.41 -35.78
CA GLU B 39 3.24 64.15 -35.53
C GLU B 39 1.82 64.18 -36.08
N VAL B 40 1.38 63.06 -36.62
CA VAL B 40 0.04 62.95 -37.21
C VAL B 40 -0.99 62.84 -36.10
N PRO B 41 -1.97 63.75 -36.03
CA PRO B 41 -2.88 63.74 -34.86
C PRO B 41 -3.60 62.41 -34.66
N PHE B 42 -4.10 61.80 -35.73
CA PHE B 42 -4.87 60.57 -35.63
C PHE B 42 -4.02 59.30 -35.64
N LYS B 43 -2.70 59.41 -35.92
CA LYS B 43 -1.80 58.25 -35.96
C LYS B 43 -0.52 58.61 -35.19
N ALA B 44 -0.66 58.73 -33.87
CA ALA B 44 0.49 58.93 -33.01
C ALA B 44 1.53 57.84 -33.22
N GLY B 45 2.79 58.26 -33.29
CA GLY B 45 3.87 57.40 -33.74
C GLY B 45 4.23 57.51 -35.21
N TYR B 46 3.48 58.28 -35.99
CA TYR B 46 3.84 58.60 -37.37
C TYR B 46 3.97 60.11 -37.52
N PHE B 47 4.92 60.53 -38.36
CA PHE B 47 5.23 61.94 -38.50
C PHE B 47 5.19 62.35 -39.96
N VAL B 48 4.94 63.63 -40.18
CA VAL B 48 4.95 64.24 -41.52
C VAL B 48 5.71 65.55 -41.45
N PRO B 49 6.23 66.01 -42.58
CA PRO B 49 6.75 67.39 -42.60
C PRO B 49 5.63 68.38 -42.28
N GLU B 50 5.97 69.41 -41.53
CA GLU B 50 4.94 70.29 -40.98
C GLU B 50 4.18 71.04 -42.08
N ILE B 51 4.75 71.12 -43.29
CA ILE B 51 4.10 71.86 -44.36
C ILE B 51 2.82 71.15 -44.81
N VAL B 52 2.85 69.81 -44.84
CA VAL B 52 1.71 69.08 -45.40
C VAL B 52 0.59 69.00 -44.38
N ASP B 53 -0.64 69.06 -44.90
CA ASP B 53 -1.86 68.86 -44.12
C ASP B 53 -2.40 67.48 -44.44
N VAL B 54 -2.49 66.62 -43.42
CA VAL B 54 -3.00 65.27 -43.59
C VAL B 54 -4.35 65.18 -42.91
N GLN B 55 -5.36 64.79 -43.69
CA GLN B 55 -6.71 64.55 -43.19
C GLN B 55 -7.00 63.06 -43.27
N GLN B 56 -7.50 62.48 -42.19
CA GLN B 56 -8.13 61.17 -42.31
C GLN B 56 -9.42 61.30 -43.10
N ASN B 57 -9.67 60.34 -43.98
CA ASN B 57 -10.90 60.32 -44.76
C ASN B 57 -11.30 58.89 -45.08
N ASP B 58 -11.27 58.01 -44.08
CA ASP B 58 -11.56 56.61 -44.28
C ASP B 58 -12.95 56.40 -44.89
N SER B 59 -13.00 56.03 -46.16
CA SER B 59 -14.24 56.01 -46.92
C SER B 59 -14.01 55.24 -48.21
N ALA B 60 -14.59 54.04 -48.28
CA ALA B 60 -14.73 53.30 -49.52
C ALA B 60 -15.61 54.06 -50.48
N THR B 61 -15.13 54.26 -51.71
CA THR B 61 -15.66 55.27 -52.62
C THR B 61 -15.58 54.76 -54.05
N TYR B 62 -16.42 55.32 -54.91
CA TYR B 62 -16.49 54.93 -56.31
C TYR B 62 -16.08 56.09 -57.20
N THR B 63 -15.27 55.79 -58.22
CA THR B 63 -15.09 56.66 -59.37
C THR B 63 -15.39 55.84 -60.62
N ASN B 64 -16.39 56.27 -61.39
CA ASN B 64 -16.78 55.55 -62.60
C ASN B 64 -16.72 56.47 -63.81
N VAL B 65 -16.17 55.96 -64.90
CA VAL B 65 -15.98 56.70 -66.15
C VAL B 65 -16.57 55.85 -67.26
N SER B 66 -17.30 56.48 -68.17
CA SER B 66 -17.96 55.73 -69.23
C SER B 66 -18.10 56.61 -70.46
N GLY B 67 -18.27 55.96 -71.61
CA GLY B 67 -18.53 56.65 -72.85
C GLY B 67 -18.97 55.73 -73.97
N ASN B 68 -19.91 56.19 -74.80
CA ASN B 68 -20.38 55.38 -75.91
C ASN B 68 -19.28 55.19 -76.96
N THR B 69 -18.24 56.01 -76.89
CA THR B 69 -17.12 55.95 -77.82
C THR B 69 -15.87 56.43 -77.11
N ILE B 70 -14.72 56.03 -77.64
CA ILE B 70 -13.45 56.29 -76.95
C ILE B 70 -13.25 57.80 -76.78
N SER B 71 -13.54 58.57 -77.82
CA SER B 71 -13.35 60.02 -77.73
C SER B 71 -14.26 60.62 -76.67
N GLU B 72 -15.39 59.96 -76.39
CA GLU B 72 -16.22 60.36 -75.25
C GLU B 72 -15.62 59.88 -73.94
N TYR B 73 -15.19 58.61 -73.88
CA TYR B 73 -14.55 58.08 -72.69
C TYR B 73 -13.30 58.87 -72.33
N GLN B 74 -12.51 59.25 -73.33
CA GLN B 74 -11.33 60.06 -73.07
C GLN B 74 -11.68 61.41 -72.47
N ARG B 75 -12.85 61.96 -72.78
CA ARG B 75 -13.23 63.24 -72.19
C ARG B 75 -13.88 63.07 -70.81
N SER B 76 -14.70 62.04 -70.62
CA SER B 76 -15.22 61.76 -69.29
C SER B 76 -14.12 61.33 -68.33
N LEU B 77 -13.06 60.69 -68.85
CA LEU B 77 -11.87 60.44 -68.05
C LEU B 77 -11.14 61.75 -67.71
N ALA B 78 -10.84 62.55 -68.73
CA ALA B 78 -10.09 63.79 -68.52
C ALA B 78 -10.79 64.71 -67.53
N THR B 79 -12.12 64.80 -67.61
CA THR B 79 -12.90 65.65 -66.71
C THR B 79 -13.16 65.01 -65.36
N SER B 80 -12.66 63.81 -65.10
CA SER B 80 -12.83 63.20 -63.78
C SER B 80 -11.95 63.86 -62.73
N VAL B 81 -11.09 64.80 -63.11
CA VAL B 81 -10.20 65.51 -62.19
C VAL B 81 -10.27 66.98 -62.52
N ALA B 82 -10.21 67.82 -61.49
CA ALA B 82 -10.22 69.27 -61.69
C ALA B 82 -8.87 69.69 -62.26
N ILE B 83 -8.81 69.84 -63.58
CA ILE B 83 -7.56 70.16 -64.27
C ILE B 83 -7.91 70.99 -65.49
N GLU B 84 -6.99 71.86 -65.88
CA GLU B 84 -7.28 72.87 -66.90
C GLU B 84 -7.10 72.33 -68.31
N GLY B 85 -7.99 72.73 -69.20
CA GLY B 85 -7.89 72.45 -70.61
C GLY B 85 -8.55 71.15 -71.05
N ARG B 86 -8.72 71.04 -72.37
CA ARG B 86 -9.42 69.96 -73.03
C ARG B 86 -8.50 68.79 -73.38
N TYR B 87 -7.27 68.79 -72.89
CA TYR B 87 -6.31 67.76 -73.28
C TYR B 87 -6.74 66.39 -72.78
N ASN B 88 -6.26 65.37 -73.49
CA ASN B 88 -6.53 63.96 -73.18
C ASN B 88 -5.72 63.48 -71.98
N PHE B 89 -5.94 64.13 -70.84
CA PHE B 89 -5.23 63.74 -69.63
C PHE B 89 -5.53 62.30 -69.25
N PHE B 90 -4.57 61.67 -68.57
CA PHE B 90 -4.69 60.28 -68.14
C PHE B 90 -4.85 59.27 -69.28
N SER B 91 -4.77 59.74 -70.53
CA SER B 91 -5.18 58.88 -71.64
C SER B 91 -4.19 57.77 -71.92
N GLY B 92 -2.97 57.86 -71.40
CA GLY B 92 -2.04 56.75 -71.45
C GLY B 92 -2.52 55.48 -70.77
N SER B 93 -3.45 55.60 -69.83
CA SER B 93 -4.03 54.41 -69.22
C SER B 93 -4.78 53.53 -70.20
N LEU B 94 -5.24 54.10 -71.32
CA LEU B 94 -5.92 53.32 -72.34
C LEU B 94 -5.08 52.13 -72.79
N SER B 95 -3.78 52.36 -73.03
CA SER B 95 -2.90 51.30 -73.52
C SER B 95 -2.85 50.08 -72.60
N THR B 96 -3.29 50.21 -71.35
CA THR B 96 -3.26 49.09 -70.41
C THR B 96 -4.62 48.72 -69.86
N ASP B 97 -5.62 49.60 -69.93
CA ASP B 97 -6.98 49.23 -69.53
C ASP B 97 -7.65 48.35 -70.57
N PHE B 98 -7.43 48.64 -71.86
CA PHE B 98 -8.21 48.03 -72.93
C PHE B 98 -7.30 47.41 -73.97
N ASP B 99 -7.80 46.36 -74.61
CA ASP B 99 -7.09 45.74 -75.73
C ASP B 99 -7.04 46.68 -76.93
N SER B 100 -5.87 46.75 -77.56
CA SER B 100 -5.62 47.81 -78.53
C SER B 100 -6.59 47.72 -79.70
N ASN B 101 -6.88 46.51 -80.18
CA ASN B 101 -7.90 46.36 -81.21
C ASN B 101 -9.25 46.88 -80.73
N SER B 102 -9.55 46.73 -79.45
CA SER B 102 -10.87 47.08 -78.93
C SER B 102 -11.03 48.59 -78.76
N LEU B 103 -9.92 49.30 -78.58
CA LEU B 103 -9.95 50.76 -78.73
C LEU B 103 -10.23 51.16 -80.17
N ARG B 104 -9.62 50.47 -81.13
CA ARG B 104 -9.84 50.77 -82.54
C ARG B 104 -11.19 50.30 -83.05
N ASN B 105 -11.79 49.30 -82.39
CA ASN B 105 -13.09 48.77 -82.82
C ASN B 105 -14.20 49.74 -82.46
N ALA B 106 -14.80 50.37 -83.47
CA ALA B 106 -15.89 51.32 -83.28
C ALA B 106 -17.20 50.71 -82.78
N GLU B 107 -17.33 49.38 -82.73
CA GLU B 107 -18.50 48.78 -82.09
C GLU B 107 -18.43 48.76 -80.57
N ASN B 108 -17.34 49.20 -79.96
CA ASN B 108 -17.21 49.10 -78.51
C ASN B 108 -17.60 50.40 -77.83
N GLU B 109 -18.17 50.26 -76.63
CA GLU B 109 -18.29 51.32 -75.64
C GLU B 109 -17.63 50.90 -74.34
N PHE B 110 -17.13 51.89 -73.60
CA PHE B 110 -16.09 51.69 -72.60
C PHE B 110 -16.57 52.16 -71.23
N THR B 111 -16.28 51.37 -70.21
CA THR B 111 -16.59 51.70 -68.83
C THR B 111 -15.42 51.32 -67.94
N ARG B 112 -15.06 52.20 -67.00
CA ARG B 112 -14.07 51.90 -65.97
C ARG B 112 -14.68 52.13 -64.60
N ILE B 113 -14.75 51.07 -63.80
CA ILE B 113 -15.36 51.09 -62.47
C ILE B 113 -14.24 50.94 -61.44
N GLN B 114 -13.99 52.01 -60.67
CA GLN B 114 -12.95 52.03 -59.65
C GLN B 114 -13.58 52.19 -58.27
N GLN B 115 -13.38 51.21 -57.39
CA GLN B 115 -13.67 51.36 -55.96
C GLN B 115 -12.40 51.74 -55.22
N SER B 116 -12.25 53.02 -54.90
CA SER B 116 -11.18 53.47 -54.03
C SER B 116 -11.46 53.11 -52.57
N ILE B 117 -10.49 52.47 -51.91
CA ILE B 117 -10.56 52.24 -50.47
C ILE B 117 -9.70 53.27 -49.74
N ASN B 118 -10.24 54.47 -49.54
CA ASN B 118 -9.49 55.56 -48.94
C ASN B 118 -9.15 55.28 -47.48
N LEU B 119 -7.98 55.74 -47.05
CA LEU B 119 -7.61 55.76 -45.64
C LEU B 119 -7.32 57.16 -45.14
N TRP B 120 -6.38 57.87 -45.76
CA TRP B 120 -6.05 59.24 -45.39
C TRP B 120 -5.63 59.96 -46.65
N SER B 121 -5.55 61.29 -46.56
CA SER B 121 -5.12 62.08 -47.71
C SER B 121 -4.19 63.19 -47.26
N LEU B 122 -3.11 63.37 -48.01
CA LEU B 122 -2.08 64.36 -47.74
C LEU B 122 -2.24 65.54 -48.68
N ARG B 123 -2.17 66.74 -48.14
CA ARG B 123 -2.39 67.97 -48.89
C ARG B 123 -1.18 68.86 -48.72
N LEU B 124 -0.86 69.62 -49.76
CA LEU B 124 0.32 70.48 -49.78
C LEU B 124 -0.06 71.87 -50.28
N PRO B 125 0.11 72.91 -49.48
CA PRO B 125 -0.39 74.23 -49.87
C PRO B 125 0.52 74.93 -50.87
N SER B 126 -0.10 75.79 -51.68
CA SER B 126 0.56 76.55 -52.74
C SER B 126 1.36 77.73 -52.21
N VAL B 127 1.87 77.65 -50.98
CA VAL B 127 2.58 78.78 -50.40
C VAL B 127 3.93 78.98 -51.07
N LYS B 128 4.38 80.24 -51.07
CA LYS B 128 5.63 80.63 -51.72
C LYS B 128 6.86 79.97 -51.12
N SER B 129 6.80 79.52 -49.86
CA SER B 129 7.94 78.84 -49.26
C SER B 129 8.20 77.44 -49.79
N LEU B 130 7.35 76.91 -50.67
CA LEU B 130 7.62 75.60 -51.26
C LEU B 130 8.99 75.55 -51.91
N ARG B 131 9.35 76.61 -52.64
CA ARG B 131 10.68 76.70 -53.25
C ARG B 131 11.80 76.41 -52.27
N GLU B 132 11.65 76.81 -51.01
CA GLU B 132 12.70 76.59 -50.03
C GLU B 132 12.85 75.10 -49.68
N LEU B 133 11.79 74.31 -49.83
CA LEU B 133 11.86 72.88 -49.56
C LEU B 133 12.32 72.02 -50.74
N MET B 134 12.43 72.56 -51.94
CA MET B 134 12.94 71.74 -53.04
C MET B 134 14.34 71.23 -52.73
N LEU B 135 14.62 70.02 -53.22
CA LEU B 135 15.98 69.50 -53.21
C LEU B 135 16.90 70.44 -54.00
N PRO B 136 18.13 70.67 -53.53
CA PRO B 136 18.98 71.69 -54.18
C PRO B 136 19.25 71.43 -55.66
N HIS B 137 19.50 70.18 -56.04
CA HIS B 137 19.75 69.89 -57.46
C HIS B 137 18.50 70.06 -58.30
N MET B 138 17.33 69.73 -57.75
CA MET B 138 16.08 69.98 -58.46
C MET B 138 15.84 71.47 -58.65
N ARG B 139 16.02 72.26 -57.60
CA ARG B 139 15.93 73.71 -57.71
C ARG B 139 16.97 74.27 -58.67
N GLN B 140 18.21 73.80 -58.56
CA GLN B 140 19.25 74.26 -59.48
C GLN B 140 18.90 73.94 -60.93
N GLN B 141 18.40 72.73 -61.19
CA GLN B 141 18.03 72.36 -62.55
C GLN B 141 16.90 73.25 -63.09
N LEU B 142 15.88 73.49 -62.28
CA LEU B 142 14.79 74.38 -62.68
C LEU B 142 15.26 75.82 -62.86
N ASP B 143 16.18 76.27 -62.00
CA ASP B 143 16.65 77.65 -62.10
C ASP B 143 17.53 77.88 -63.33
N GLU B 144 18.27 76.86 -63.76
CA GLU B 144 19.13 76.99 -64.94
C GLU B 144 18.45 76.56 -66.23
N LEU B 145 17.17 76.19 -66.20
CA LEU B 145 16.47 75.77 -67.40
C LEU B 145 16.49 76.89 -68.45
N ASN B 146 17.07 76.59 -69.61
CA ASN B 146 17.17 77.55 -70.71
C ASN B 146 15.83 77.64 -71.45
N VAL B 147 14.94 78.45 -70.89
CA VAL B 147 13.61 78.63 -71.47
C VAL B 147 13.63 79.35 -72.81
N ASN B 148 14.79 79.82 -73.26
CA ASN B 148 14.96 80.31 -74.62
C ASN B 148 14.97 79.21 -75.66
N ASP B 149 15.09 77.94 -75.27
CA ASP B 149 14.99 76.83 -76.20
C ASP B 149 13.73 76.01 -75.91
N PRO B 150 12.76 75.97 -76.82
CA PRO B 150 11.59 75.12 -76.59
C PRO B 150 11.92 73.67 -76.32
N LYS B 151 12.97 73.13 -76.96
CA LYS B 151 13.31 71.74 -76.75
C LYS B 151 13.77 71.48 -75.33
N ALA B 152 14.44 72.45 -74.70
CA ALA B 152 14.83 72.30 -73.31
C ALA B 152 13.62 72.24 -72.39
N ILE B 153 12.65 73.14 -72.59
CA ILE B 153 11.43 73.10 -71.80
C ILE B 153 10.68 71.81 -72.05
N SER B 154 10.53 71.43 -73.32
CA SER B 154 9.84 70.20 -73.66
C SER B 154 10.52 68.99 -73.03
N ARG B 155 11.85 68.93 -73.07
CA ARG B 155 12.57 67.87 -72.38
C ARG B 155 12.38 67.95 -70.88
N TYR B 156 12.34 69.16 -70.31
CA TYR B 156 12.09 69.28 -68.88
C TYR B 156 10.71 68.74 -68.51
N PHE B 157 9.67 69.15 -69.21
CA PHE B 157 8.34 68.60 -68.95
C PHE B 157 8.31 67.08 -69.15
N ASP B 158 8.96 66.60 -70.20
CA ASP B 158 9.06 65.16 -70.41
C ASP B 158 9.85 64.48 -69.29
N ARG B 159 11.03 65.01 -68.97
CA ARG B 159 11.92 64.31 -68.04
C ARG B 159 11.49 64.49 -66.59
N VAL B 160 10.94 65.65 -66.23
CA VAL B 160 10.62 65.95 -64.83
C VAL B 160 9.12 65.95 -64.56
N GLY B 161 8.29 66.01 -65.59
CA GLY B 161 6.87 66.22 -65.43
C GLY B 161 6.48 67.68 -65.54
N SER B 162 5.23 67.91 -65.92
CA SER B 162 4.69 69.26 -66.04
C SER B 162 4.04 69.76 -64.77
N HIS B 163 3.65 68.87 -63.87
CA HIS B 163 2.97 69.23 -62.63
C HIS B 163 3.66 68.51 -61.48
N PHE B 164 3.25 68.84 -60.25
CA PHE B 164 3.63 68.05 -59.10
C PHE B 164 2.42 67.84 -58.21
N LEU B 165 2.41 66.70 -57.53
CA LEU B 165 1.26 66.29 -56.72
C LEU B 165 1.12 67.18 -55.49
N THR B 166 -0.09 67.73 -55.30
CA THR B 166 -0.44 68.46 -54.11
C THR B 166 -1.59 67.85 -53.34
N GLY B 167 -2.33 66.91 -53.92
CA GLY B 167 -3.38 66.20 -53.22
C GLY B 167 -3.23 64.71 -53.44
N ILE B 168 -3.13 63.96 -52.34
CA ILE B 168 -2.92 62.52 -52.39
C ILE B 168 -3.95 61.85 -51.49
N VAL B 169 -4.57 60.78 -51.98
CA VAL B 169 -5.34 59.88 -51.14
C VAL B 169 -4.57 58.57 -51.08
N MET B 170 -4.30 58.09 -49.86
CA MET B 170 -3.59 56.83 -49.70
C MET B 170 -4.57 55.73 -49.28
N GLY B 171 -4.56 54.63 -50.02
CA GLY B 171 -5.39 53.50 -49.66
C GLY B 171 -5.18 52.31 -50.58
N GLY B 172 -6.31 51.79 -51.07
CA GLY B 172 -6.30 50.73 -52.05
C GLY B 172 -7.27 51.09 -53.16
N ARG B 173 -7.18 50.36 -54.27
CA ARG B 173 -8.25 50.39 -55.24
C ARG B 173 -8.32 49.06 -55.98
N ALA B 174 -9.53 48.65 -56.30
CA ALA B 174 -9.80 47.60 -57.27
C ALA B 174 -10.51 48.23 -58.46
N ILE B 175 -10.07 47.88 -59.67
CA ILE B 175 -10.62 48.45 -60.88
C ILE B 175 -11.09 47.30 -61.77
N LEU B 176 -12.26 47.48 -62.38
CA LEU B 176 -12.67 46.69 -63.54
C LEU B 176 -12.85 47.64 -64.72
N ALA B 177 -12.12 47.39 -65.80
CA ALA B 177 -12.28 48.11 -67.05
C ALA B 177 -12.83 47.15 -68.09
N SER B 178 -13.79 47.63 -68.88
CA SER B 178 -14.48 46.77 -69.84
C SER B 178 -14.80 47.56 -71.10
N SER B 179 -14.69 46.88 -72.24
CA SER B 179 -15.19 47.38 -73.51
C SER B 179 -16.24 46.42 -74.05
N THR B 180 -17.38 46.96 -74.46
CA THR B 180 -18.58 46.18 -74.66
C THR B 180 -19.15 46.47 -76.04
N ASN B 181 -19.57 45.42 -76.74
CA ASN B 181 -20.13 45.59 -78.07
C ASN B 181 -21.49 46.26 -77.95
N LYS B 182 -21.51 47.57 -78.22
CA LYS B 182 -22.70 48.37 -78.00
C LYS B 182 -23.83 48.06 -78.98
N LEU B 183 -23.56 47.31 -80.04
CA LEU B 183 -24.60 46.89 -80.97
C LEU B 183 -25.37 45.67 -80.49
N ARG B 184 -24.86 44.91 -79.53
CA ARG B 184 -25.39 43.58 -79.24
C ARG B 184 -25.70 43.34 -77.76
N VAL B 185 -25.10 44.07 -76.83
CA VAL B 185 -25.48 43.98 -75.42
C VAL B 185 -26.91 44.49 -75.23
N LYS B 186 -27.62 43.88 -74.27
CA LYS B 186 -28.96 44.33 -73.92
C LYS B 186 -28.96 45.79 -73.49
N ARG B 187 -29.98 46.52 -73.94
CA ARG B 187 -30.16 47.94 -73.67
C ARG B 187 -31.17 48.21 -72.56
N ASP B 188 -31.53 47.20 -71.77
CA ASP B 188 -32.46 47.42 -70.67
C ASP B 188 -31.94 48.44 -69.68
N TYR B 189 -30.62 48.46 -69.44
CA TYR B 189 -30.00 49.42 -68.55
C TYR B 189 -28.78 50.03 -69.22
N SER B 190 -28.37 51.20 -68.73
CA SER B 190 -27.12 51.78 -69.16
C SER B 190 -25.95 50.88 -68.77
N VAL B 191 -24.92 50.87 -69.61
CA VAL B 191 -23.84 49.92 -69.43
C VAL B 191 -23.05 50.20 -68.17
N SER B 192 -22.99 51.47 -67.74
CA SER B 192 -22.39 51.78 -66.45
C SER B 192 -23.15 51.14 -65.29
N VAL B 193 -24.46 50.96 -65.43
CA VAL B 193 -25.23 50.31 -64.37
C VAL B 193 -24.90 48.82 -64.29
N VAL B 194 -24.91 48.14 -65.44
CA VAL B 194 -24.56 46.71 -65.46
C VAL B 194 -23.06 46.49 -65.33
N ALA B 195 -22.24 47.46 -65.74
CA ALA B 195 -20.82 47.41 -65.38
C ALA B 195 -20.61 47.43 -63.88
N LYS B 196 -21.20 48.42 -63.20
CA LYS B 196 -21.09 48.49 -61.74
C LYS B 196 -21.71 47.28 -61.07
N ALA B 197 -22.89 46.86 -61.54
CA ALA B 197 -23.55 45.70 -60.96
C ALA B 197 -22.75 44.42 -61.13
N SER B 198 -22.09 44.26 -62.29
CA SER B 198 -21.23 43.10 -62.49
C SER B 198 -19.93 43.20 -61.70
N TYR B 199 -19.36 44.39 -61.58
CA TYR B 199 -18.25 44.60 -60.65
C TYR B 199 -18.65 44.21 -59.23
N GLU B 200 -19.81 44.67 -58.77
CA GLU B 200 -20.31 44.25 -57.47
C GLU B 200 -20.53 42.75 -57.41
N GLY B 201 -20.99 42.15 -58.50
CA GLY B 201 -21.12 40.71 -58.55
C GLY B 201 -19.79 39.98 -58.41
N LEU B 202 -18.78 40.44 -59.15
CA LEU B 202 -17.46 39.80 -59.07
C LEU B 202 -16.85 39.95 -57.69
N THR B 203 -17.08 41.08 -57.02
CA THR B 203 -16.57 41.29 -55.66
C THR B 203 -17.52 40.77 -54.58
N GLY B 204 -18.71 40.31 -54.94
CA GLY B 204 -19.67 39.82 -53.98
C GLY B 204 -20.48 40.90 -53.29
N GLN B 205 -20.31 42.16 -53.66
CA GLN B 205 -21.04 43.27 -53.05
C GLN B 205 -22.48 43.36 -53.53
N LEU B 206 -22.83 42.66 -54.61
CA LEU B 206 -24.19 42.71 -55.15
C LEU B 206 -25.15 41.94 -54.23
N SER B 207 -26.23 42.60 -53.84
CA SER B 207 -27.20 41.97 -52.96
C SER B 207 -28.07 40.94 -53.68
N ALA B 208 -28.75 40.14 -52.85
CA ALA B 208 -29.69 39.13 -53.33
C ALA B 208 -30.75 39.68 -54.29
N GLU B 209 -31.39 40.80 -53.94
CA GLU B 209 -32.35 41.41 -54.86
C GLU B 209 -31.69 42.05 -56.07
N ALA B 210 -30.52 42.67 -55.89
CA ALA B 210 -29.85 43.26 -57.04
C ALA B 210 -29.30 42.17 -57.96
N LYS B 211 -28.79 41.10 -57.36
CA LYS B 211 -28.33 39.92 -58.09
C LYS B 211 -29.41 39.33 -59.00
N ALA B 212 -30.63 39.18 -58.49
CA ALA B 212 -31.75 38.85 -59.37
C ALA B 212 -32.01 39.91 -60.44
N LYS B 213 -32.13 41.19 -60.04
CA LYS B 213 -32.52 42.21 -61.01
C LYS B 213 -31.46 42.40 -62.10
N TYR B 214 -30.21 42.60 -61.71
CA TYR B 214 -29.10 42.71 -62.65
C TYR B 214 -28.66 41.37 -63.22
N GLY B 215 -28.87 40.27 -62.50
CA GLY B 215 -28.24 39.01 -62.87
C GLY B 215 -28.45 38.56 -64.29
N GLU B 216 -29.67 38.71 -64.82
CA GLU B 216 -29.86 38.42 -66.24
C GLU B 216 -29.22 39.47 -67.15
N SER B 217 -29.17 40.73 -66.73
CA SER B 217 -28.53 41.77 -67.55
C SER B 217 -27.01 41.66 -67.57
N ILE B 218 -26.40 41.22 -66.48
CA ILE B 218 -24.93 41.17 -66.39
C ILE B 218 -24.33 40.03 -67.21
N SER B 219 -25.06 38.92 -67.38
CA SER B 219 -24.57 37.87 -68.28
C SER B 219 -24.43 38.35 -69.72
N SER B 220 -25.42 39.08 -70.23
CA SER B 220 -25.26 39.68 -71.56
C SER B 220 -24.07 40.62 -71.61
N PHE B 221 -23.95 41.50 -70.61
CA PHE B 221 -22.77 42.35 -70.49
C PHE B 221 -21.48 41.53 -70.40
N THR B 222 -21.50 40.44 -69.64
CA THR B 222 -20.28 39.65 -69.43
C THR B 222 -19.77 39.02 -70.72
N GLN B 223 -20.65 38.35 -71.45
CA GLN B 223 -20.22 37.65 -72.66
C GLN B 223 -19.83 38.60 -73.79
N TYR B 224 -20.47 39.75 -73.90
CA TYR B 224 -20.20 40.71 -74.96
C TYR B 224 -19.16 41.76 -74.58
N SER B 225 -18.36 41.54 -73.54
CA SER B 225 -17.38 42.54 -73.15
C SER B 225 -16.13 41.87 -72.64
N ASN B 226 -15.01 42.59 -72.75
CA ASN B 226 -13.68 42.15 -72.33
C ASN B 226 -13.30 42.89 -71.05
N THR B 227 -13.61 42.29 -69.90
CA THR B 227 -13.36 42.94 -68.61
C THR B 227 -11.91 42.73 -68.20
N HIS B 228 -11.10 43.78 -68.32
CA HIS B 228 -9.82 43.84 -67.63
C HIS B 228 -10.04 44.10 -66.14
N GLN B 229 -9.25 43.42 -65.31
CA GLN B 229 -9.32 43.55 -63.86
C GLN B 229 -7.93 43.83 -63.30
N GLU B 230 -7.85 44.78 -62.37
CA GLU B 230 -6.61 45.04 -61.66
C GLU B 230 -6.94 45.53 -60.25
N VAL B 231 -5.94 45.44 -59.38
CA VAL B 231 -6.09 45.82 -57.98
C VAL B 231 -4.77 46.38 -57.48
N ARG B 232 -4.84 47.32 -56.54
CA ARG B 232 -3.69 48.09 -56.12
C ARG B 232 -3.80 48.40 -54.64
N GLY B 233 -2.65 48.52 -53.99
CA GLY B 233 -2.60 48.56 -52.54
C GLY B 233 -3.01 47.27 -51.86
N GLY B 234 -2.74 47.18 -50.56
CA GLY B 234 -2.99 45.97 -49.81
C GLY B 234 -1.99 44.87 -50.08
N ASP B 235 -2.21 43.74 -49.42
CA ASP B 235 -1.32 42.60 -49.54
C ASP B 235 -1.49 41.94 -50.91
N GLY B 236 -0.42 41.95 -51.70
CA GLY B 236 -0.46 41.33 -53.01
C GLY B 236 -0.74 39.85 -52.99
N ALA B 237 -0.49 39.18 -51.86
CA ALA B 237 -0.90 37.79 -51.70
C ALA B 237 -2.40 37.63 -51.48
N LYS B 238 -3.11 38.70 -51.14
CA LYS B 238 -4.56 38.67 -51.01
C LYS B 238 -5.26 39.50 -52.08
N ALA B 239 -4.49 40.22 -52.90
CA ALA B 239 -5.09 41.11 -53.88
C ALA B 239 -5.90 40.35 -54.93
N HIS B 240 -5.40 39.18 -55.35
CA HIS B 240 -6.08 38.39 -56.36
C HIS B 240 -7.39 37.80 -55.86
N GLY B 241 -7.58 37.71 -54.55
CA GLY B 241 -8.84 37.25 -53.97
C GLY B 241 -10.00 38.23 -54.09
N VAL B 242 -9.75 39.50 -54.41
CA VAL B 242 -10.84 40.47 -54.37
C VAL B 242 -11.90 40.17 -55.42
N PHE B 243 -11.50 39.63 -56.58
CA PHE B 243 -12.46 39.24 -57.60
C PHE B 243 -12.83 37.77 -57.52
N SER B 244 -12.63 37.15 -56.35
CA SER B 244 -12.93 35.75 -56.12
C SER B 244 -14.42 35.47 -55.99
N GLY B 245 -15.27 36.48 -56.13
CA GLY B 245 -16.70 36.31 -55.99
C GLY B 245 -17.19 36.13 -54.57
N LYS B 246 -16.32 36.27 -53.58
CA LYS B 246 -16.63 35.93 -52.19
C LYS B 246 -16.27 37.12 -51.31
N LYS B 247 -17.24 37.57 -50.52
CA LYS B 247 -17.05 38.76 -49.69
C LYS B 247 -15.90 38.59 -48.70
N GLU B 248 -15.75 37.40 -48.14
CA GLU B 248 -14.68 37.16 -47.16
C GLU B 248 -13.30 37.38 -47.78
N ASP B 249 -13.13 37.05 -49.06
CA ASP B 249 -11.86 37.30 -49.72
C ASP B 249 -11.65 38.79 -50.01
N PHE B 250 -12.70 39.47 -50.46
CA PHE B 250 -12.62 40.92 -50.67
C PHE B 250 -12.33 41.67 -49.38
N GLN B 251 -13.07 41.35 -48.31
CA GLN B 251 -12.83 42.00 -47.03
C GLN B 251 -11.44 41.68 -46.48
N ALA B 252 -10.96 40.46 -46.68
CA ALA B 252 -9.59 40.11 -46.29
C ALA B 252 -8.55 40.98 -46.98
N TRP B 253 -8.79 41.37 -48.24
CA TRP B 253 -7.90 42.34 -48.87
C TRP B 253 -8.06 43.74 -48.26
N VAL B 254 -9.29 44.20 -48.08
CA VAL B 254 -9.52 45.50 -47.46
C VAL B 254 -8.85 45.58 -46.10
N ASP B 255 -8.93 44.51 -45.31
CA ASP B 255 -8.24 44.48 -44.02
C ASP B 255 -6.73 44.56 -44.15
N SER B 256 -6.17 44.33 -45.33
CA SER B 256 -4.74 44.50 -45.55
C SER B 256 -4.35 45.84 -46.16
N VAL B 257 -5.29 46.53 -46.81
CA VAL B 257 -5.00 47.85 -47.35
C VAL B 257 -4.58 48.81 -46.24
N SER B 258 -5.21 48.69 -45.07
CA SER B 258 -4.87 49.54 -43.94
C SER B 258 -3.42 49.43 -43.53
N ALA B 259 -2.80 48.25 -43.68
CA ALA B 259 -1.40 48.11 -43.33
C ALA B 259 -0.46 48.67 -44.40
N SER B 260 -0.80 48.54 -45.69
CA SER B 260 0.12 48.82 -46.78
C SER B 260 -0.59 49.59 -47.88
N PRO B 261 -0.98 50.83 -47.62
CA PRO B 261 -1.70 51.60 -48.63
C PRO B 261 -0.78 52.15 -49.72
N ASP B 262 -1.40 52.48 -50.85
CA ASP B 262 -0.72 53.10 -51.98
C ASP B 262 -1.47 54.35 -52.41
N PHE B 263 -0.80 55.18 -53.21
CA PHE B 263 -1.43 56.27 -53.95
C PHE B 263 -2.44 55.77 -54.97
N VAL B 264 -3.73 56.03 -54.70
CA VAL B 264 -4.83 55.42 -55.44
C VAL B 264 -5.73 56.47 -56.06
N ASP B 265 -5.78 57.67 -55.50
CA ASP B 265 -6.70 58.69 -56.00
C ASP B 265 -6.20 60.08 -55.64
N PHE B 266 -6.75 61.08 -56.32
CA PHE B 266 -6.50 62.48 -56.03
C PHE B 266 -7.53 63.04 -55.06
N VAL B 267 -7.12 64.07 -54.33
CA VAL B 267 -8.03 64.97 -53.61
C VAL B 267 -8.69 65.91 -54.60
N PRO B 268 -10.02 65.92 -54.73
CA PRO B 268 -10.65 66.60 -55.87
C PRO B 268 -10.34 68.09 -55.97
N THR B 269 -10.08 68.75 -54.84
CA THR B 269 -9.95 70.21 -54.83
C THR B 269 -8.60 70.70 -55.32
N ILE B 270 -7.53 69.95 -55.07
CA ILE B 270 -6.17 70.46 -55.25
C ILE B 270 -5.26 69.33 -55.71
N PRO B 271 -5.61 68.62 -56.78
CA PRO B 271 -4.88 67.37 -57.09
C PRO B 271 -3.42 67.58 -57.41
N MET B 272 -3.08 68.56 -58.24
CA MET B 272 -1.69 68.84 -58.57
C MET B 272 -1.53 70.29 -58.99
N GLN B 273 -0.28 70.77 -58.88
CA GLN B 273 0.07 72.15 -59.16
C GLN B 273 1.06 72.21 -60.31
N GLU B 274 0.96 73.25 -61.14
CA GLU B 274 1.87 73.41 -62.26
C GLU B 274 3.30 73.67 -61.81
N ILE B 275 4.25 73.12 -62.57
CA ILE B 275 5.65 73.13 -62.20
C ILE B 275 6.25 74.52 -62.16
N TRP B 276 5.81 75.41 -63.05
CA TRP B 276 6.24 76.81 -63.05
C TRP B 276 5.69 77.61 -61.88
N THR B 277 4.87 77.03 -61.01
CA THR B 277 4.62 77.65 -59.71
C THR B 277 5.90 77.77 -58.89
N LEU B 278 6.87 76.87 -59.10
CA LEU B 278 8.08 76.84 -58.31
C LEU B 278 9.23 77.67 -58.88
N CYS B 279 9.18 78.12 -60.13
CA CYS B 279 10.30 78.89 -60.66
C CYS B 279 10.26 80.31 -60.11
N SER B 280 11.46 80.85 -59.86
CA SER B 280 11.59 82.12 -59.14
C SER B 280 11.26 83.34 -59.99
N SER B 281 11.40 83.25 -61.32
CA SER B 281 11.17 84.41 -62.18
C SER B 281 9.84 84.29 -62.91
N GLU B 282 9.03 85.35 -62.83
CA GLU B 282 7.76 85.39 -63.56
C GLU B 282 7.99 85.34 -65.07
N ALA B 283 9.10 85.91 -65.55
CA ALA B 283 9.46 85.79 -66.96
C ALA B 283 9.80 84.36 -67.35
N GLN B 284 10.39 83.59 -66.43
CA GLN B 284 10.56 82.17 -66.68
C GLN B 284 9.22 81.44 -66.66
N ALA B 285 8.36 81.77 -65.70
CA ALA B 285 7.05 81.14 -65.61
C ALA B 285 6.24 81.40 -66.88
N GLU B 286 6.28 82.63 -67.38
CA GLU B 286 5.60 82.96 -68.63
C GLU B 286 6.08 82.11 -69.79
N ALA B 287 7.40 81.96 -69.94
CA ALA B 287 7.92 81.12 -71.01
C ALA B 287 7.52 79.66 -70.84
N MET B 288 7.63 79.13 -69.62
CA MET B 288 7.24 77.74 -69.38
C MET B 288 5.75 77.51 -69.59
N ARG B 289 4.91 78.36 -68.98
CA ARG B 289 3.47 78.24 -69.18
C ARG B 289 3.08 78.40 -70.65
N LYS B 290 3.66 79.39 -71.33
CA LYS B 290 3.40 79.56 -72.75
C LYS B 290 3.81 78.33 -73.55
N HIS B 291 4.98 77.76 -73.27
CA HIS B 291 5.35 76.52 -73.97
C HIS B 291 4.43 75.37 -73.61
N TYR B 292 4.03 75.25 -72.34
CA TYR B 292 3.23 74.10 -71.92
C TYR B 292 1.96 73.97 -72.73
N ASP B 293 1.24 75.07 -72.92
CA ASP B 293 -0.08 75.04 -73.54
C ASP B 293 -0.06 75.40 -75.02
N ASP B 294 0.98 76.09 -75.49
CA ASP B 294 1.13 76.34 -76.92
C ASP B 294 1.70 75.15 -77.67
N VAL B 295 2.51 74.31 -77.03
CA VAL B 295 3.26 73.29 -77.74
C VAL B 295 3.09 71.93 -77.07
N TRP B 296 3.53 71.81 -75.82
CA TRP B 296 3.74 70.49 -75.23
C TRP B 296 2.43 69.78 -74.96
N ALA B 297 1.52 70.43 -74.24
CA ALA B 297 0.22 69.80 -73.96
C ALA B 297 -0.60 69.52 -75.21
N PRO B 298 -0.65 70.39 -76.21
CA PRO B 298 -1.25 69.99 -77.50
C PRO B 298 -0.64 68.72 -78.11
N ALA B 299 0.68 68.70 -78.27
CA ALA B 299 1.34 67.54 -78.86
C ALA B 299 1.10 66.28 -78.03
N GLN B 300 1.20 66.37 -76.71
CA GLN B 300 0.93 65.21 -75.87
C GLN B 300 -0.52 64.75 -75.98
N SER B 301 -1.47 65.68 -76.02
CA SER B 301 -2.87 65.29 -76.18
C SER B 301 -3.11 64.62 -77.54
N GLU B 302 -2.51 65.16 -78.60
CA GLU B 302 -2.68 64.57 -79.93
C GLU B 302 -2.05 63.19 -80.03
N LYS B 303 -0.88 63.01 -79.41
CA LYS B 303 -0.20 61.72 -79.43
C LYS B 303 -0.94 60.65 -78.63
N TYR B 304 -2.07 60.98 -78.02
CA TYR B 304 -2.90 60.00 -77.34
C TYR B 304 -4.28 59.89 -77.97
N ARG B 305 -4.46 60.48 -79.15
CA ARG B 305 -5.70 60.37 -79.89
C ARG B 305 -5.72 59.08 -80.68
N VAL B 306 -6.83 58.34 -80.62
CA VAL B 306 -6.91 56.99 -81.13
C VAL B 306 -7.79 56.97 -82.38
N LYS B 307 -7.23 56.44 -83.47
CA LYS B 307 -7.99 56.21 -84.69
C LYS B 307 -8.91 55.00 -84.52
N ALA B 308 -9.97 54.97 -85.32
CA ALA B 308 -10.73 53.74 -85.47
C ALA B 308 -10.22 52.94 -86.66
N ASN B 309 -10.46 51.63 -86.61
CA ASN B 309 -10.26 50.78 -87.78
C ASN B 309 -11.19 51.20 -88.90
N TYR B 310 -10.78 50.93 -90.14
CA TYR B 310 -11.55 51.31 -91.32
C TYR B 310 -11.55 50.20 -92.35
N ILE B 311 -12.60 50.19 -93.18
CA ILE B 311 -12.71 49.23 -94.27
C ILE B 311 -11.79 49.65 -95.41
N ASP B 312 -10.96 48.71 -95.87
CA ASP B 312 -10.11 48.93 -97.03
C ASP B 312 -10.41 48.04 -98.22
N GLN B 313 -11.14 46.94 -98.05
CA GLN B 313 -11.45 46.06 -99.18
C GLN B 313 -12.75 45.32 -98.92
N LEU B 314 -13.55 45.17 -99.98
CA LEU B 314 -14.79 44.42 -99.95
C LEU B 314 -14.76 43.30 -100.98
N VAL B 315 -15.42 42.19 -100.66
CA VAL B 315 -15.61 41.08 -101.59
C VAL B 315 -16.98 40.47 -101.34
N VAL B 316 -17.49 39.77 -102.35
CA VAL B 316 -18.74 39.03 -102.27
C VAL B 316 -18.47 37.57 -102.51
N ILE B 317 -19.13 36.70 -101.75
CA ILE B 317 -18.99 35.25 -101.87
C ILE B 317 -20.36 34.64 -102.08
N THR B 318 -20.41 33.62 -102.92
CA THR B 318 -21.66 33.00 -103.36
C THR B 318 -21.54 31.48 -103.25
N GLY B 319 -22.65 30.85 -102.91
CA GLY B 319 -22.67 29.40 -102.85
C GLY B 319 -24.02 28.88 -102.41
N GLY B 320 -24.08 27.56 -102.27
CA GLY B 320 -25.29 26.79 -102.10
C GLY B 320 -25.79 26.58 -100.68
N SER B 321 -25.17 27.17 -99.67
CA SER B 321 -25.63 26.96 -98.30
C SER B 321 -25.36 28.18 -97.45
N SER B 322 -26.07 28.24 -96.32
CA SER B 322 -25.95 29.37 -95.41
C SER B 322 -24.54 29.53 -94.86
N THR B 323 -23.78 28.44 -94.80
CA THR B 323 -22.54 28.37 -94.03
C THR B 323 -21.30 28.59 -94.90
N ILE B 324 -21.48 29.00 -96.15
CA ILE B 324 -20.34 29.38 -96.97
C ILE B 324 -19.59 30.51 -96.28
N GLU B 325 -18.29 30.62 -96.57
CA GLU B 325 -17.36 31.29 -95.68
C GLU B 325 -16.32 32.05 -96.49
N PRO B 326 -15.94 33.25 -96.05
CA PRO B 326 -15.11 34.13 -96.88
C PRO B 326 -13.69 33.61 -97.01
N PRO B 327 -12.89 34.20 -97.89
CA PRO B 327 -11.44 34.02 -97.81
C PRO B 327 -10.91 34.51 -96.47
N VAL B 328 -9.86 33.83 -95.99
CA VAL B 328 -9.47 33.90 -94.58
C VAL B 328 -9.22 35.33 -94.15
N GLY B 329 -8.74 36.19 -95.05
CA GLY B 329 -8.46 37.57 -94.70
C GLY B 329 -9.69 38.40 -94.39
N TYR B 330 -10.88 37.97 -94.82
CA TYR B 330 -12.09 38.76 -94.72
C TYR B 330 -13.01 38.20 -93.62
N SER B 331 -13.97 39.02 -93.22
CA SER B 331 -15.05 38.61 -92.34
C SER B 331 -16.39 38.92 -92.98
N LYS B 332 -17.41 38.16 -92.61
CA LYS B 332 -18.65 38.09 -93.36
C LYS B 332 -19.76 38.90 -92.68
N ILE B 333 -20.48 39.66 -93.49
CA ILE B 333 -21.77 40.23 -93.09
C ILE B 333 -22.83 39.14 -93.25
N GLU B 334 -23.39 38.69 -92.15
CA GLU B 334 -24.20 37.48 -92.07
C GLU B 334 -25.59 37.63 -92.72
N TYR B 335 -25.93 38.67 -93.48
CA TYR B 335 -27.27 38.79 -94.06
C TYR B 335 -27.20 38.46 -95.55
N ASP B 336 -28.00 37.48 -95.97
CA ASP B 336 -27.93 36.99 -97.34
C ASP B 336 -28.51 38.02 -98.31
N LEU B 337 -27.71 38.42 -99.29
CA LEU B 337 -28.15 39.35 -100.34
C LEU B 337 -29.15 38.73 -101.31
N ASN B 338 -29.60 37.50 -101.09
CA ASN B 338 -30.79 36.97 -101.74
C ASN B 338 -31.81 36.44 -100.73
N ALA B 339 -31.77 36.95 -99.50
CA ALA B 339 -32.70 36.49 -98.47
C ALA B 339 -34.14 36.57 -98.96
N GLY B 340 -34.79 35.41 -99.00
CA GLY B 340 -36.13 35.30 -99.53
C GLY B 340 -36.25 35.31 -101.03
N ALA B 341 -35.16 35.59 -101.75
CA ALA B 341 -35.18 35.64 -103.20
C ALA B 341 -34.78 34.31 -103.83
N GLY B 342 -34.47 33.29 -103.03
CA GLY B 342 -34.02 32.03 -103.56
C GLY B 342 -32.67 32.14 -104.27
N GLY B 343 -32.40 31.15 -105.11
CA GLY B 343 -31.14 31.10 -105.84
C GLY B 343 -29.96 30.71 -104.97
N ASP B 344 -28.81 31.28 -105.31
CA ASP B 344 -27.63 31.14 -104.47
C ASP B 344 -27.73 32.01 -103.22
N PHE B 345 -27.16 31.51 -102.13
CA PHE B 345 -26.79 32.38 -101.02
C PHE B 345 -25.66 33.32 -101.42
N ILE B 346 -25.80 34.60 -101.07
CA ILE B 346 -24.81 35.61 -101.38
C ILE B 346 -24.53 36.42 -100.12
N TYR B 347 -23.25 36.63 -99.82
CA TYR B 347 -22.83 37.42 -98.67
C TYR B 347 -21.78 38.43 -99.06
N LEU B 348 -21.85 39.60 -98.44
CA LEU B 348 -20.86 40.66 -98.60
C LEU B 348 -19.84 40.55 -97.47
N CYS B 349 -18.55 40.65 -97.84
CA CYS B 349 -17.46 40.47 -96.89
C CYS B 349 -16.49 41.62 -97.01
N TYR B 350 -15.80 41.92 -95.90
CA TYR B 350 -14.96 43.11 -95.82
C TYR B 350 -13.66 42.79 -95.10
N HIS B 351 -12.65 43.63 -95.35
CA HIS B 351 -11.43 43.69 -94.56
C HIS B 351 -11.39 45.03 -93.85
N GLU B 352 -11.12 45.01 -92.55
CA GLU B 352 -10.91 46.23 -91.77
C GLU B 352 -9.43 46.38 -91.43
N GLN B 353 -8.88 47.53 -91.81
CA GLN B 353 -7.45 47.79 -91.75
C GLN B 353 -7.10 48.57 -90.49
N THR B 354 -6.05 48.14 -89.79
CA THR B 354 -5.50 48.93 -88.71
C THR B 354 -4.72 50.12 -89.29
N TRP B 355 -5.02 51.31 -88.78
CA TRP B 355 -4.30 52.50 -89.21
C TRP B 355 -2.85 52.47 -88.76
N GLN B 356 -1.97 52.95 -89.63
CA GLN B 356 -0.53 53.01 -89.38
C GLN B 356 -0.02 54.39 -89.78
N ALA B 357 0.81 54.99 -88.93
CA ALA B 357 1.22 56.37 -89.14
C ALA B 357 2.09 56.52 -90.37
N ASP B 358 2.97 55.55 -90.64
CA ASP B 358 3.93 55.66 -91.72
C ASP B 358 3.46 55.04 -93.04
N ARG B 359 2.39 54.25 -93.02
CA ARG B 359 1.89 53.64 -94.24
C ARG B 359 0.39 53.37 -94.15
N PRO B 360 -0.43 54.41 -94.02
CA PRO B 360 -1.87 54.23 -94.17
C PRO B 360 -2.21 53.77 -95.57
N LYS B 361 -3.11 52.78 -95.66
CA LYS B 361 -3.64 52.34 -96.93
C LYS B 361 -4.70 53.32 -97.42
N ASP B 362 -5.30 53.02 -98.57
CA ASP B 362 -6.63 53.53 -98.87
C ASP B 362 -7.67 52.94 -97.93
N ALA B 363 -8.65 53.75 -97.56
CA ALA B 363 -9.94 53.27 -97.12
C ALA B 363 -10.91 53.20 -98.29
N VAL B 364 -11.95 52.39 -98.12
CA VAL B 364 -13.17 52.58 -98.89
C VAL B 364 -13.83 53.87 -98.44
N THR B 365 -14.26 54.70 -99.40
CA THR B 365 -14.90 55.97 -99.09
C THR B 365 -16.25 56.18 -99.75
N ASP B 366 -16.62 55.41 -100.76
CA ASP B 366 -17.98 55.45 -101.28
C ASP B 366 -18.35 54.09 -101.85
N ILE B 367 -19.66 53.82 -101.88
CA ILE B 367 -20.19 52.59 -102.44
C ILE B 367 -21.40 52.94 -103.29
N ARG B 368 -21.55 52.24 -104.41
CA ARG B 368 -22.68 52.45 -105.31
C ARG B 368 -23.12 51.09 -105.85
N ILE B 369 -24.38 51.03 -106.29
CA ILE B 369 -24.92 49.90 -107.02
C ILE B 369 -25.33 50.35 -108.41
N ILE B 370 -24.87 49.62 -109.42
CA ILE B 370 -24.93 50.08 -110.82
C ILE B 370 -25.89 49.25 -111.66
N PHE B 371 -26.34 48.11 -111.17
CA PHE B 371 -27.32 47.26 -111.86
C PHE B 371 -26.85 46.86 -113.27
N ASN B 372 -27.82 46.65 -114.15
CA ASN B 372 -27.70 45.75 -115.29
C ASN B 372 -26.50 46.05 -116.19
N LYS B 373 -26.47 47.23 -116.82
CA LYS B 373 -25.51 47.52 -117.87
C LYS B 373 -24.82 48.88 -117.73
N GLU B 374 -25.17 49.67 -116.73
CA GLU B 374 -24.57 50.99 -116.62
C GLU B 374 -23.07 50.85 -116.42
N PRO B 375 -22.25 51.67 -117.08
CA PRO B 375 -20.81 51.58 -116.89
C PRO B 375 -20.40 51.91 -115.46
N THR B 376 -19.27 51.34 -115.06
CA THR B 376 -18.75 51.59 -113.73
C THR B 376 -18.40 53.06 -113.58
N PRO B 377 -18.86 53.73 -112.53
CA PRO B 377 -18.61 55.17 -112.37
C PRO B 377 -17.11 55.46 -112.29
N PRO B 378 -16.71 56.68 -112.66
CA PRO B 378 -15.27 56.98 -112.85
C PRO B 378 -14.45 56.73 -111.60
N GLY B 379 -13.49 55.81 -111.72
CA GLY B 379 -12.60 55.44 -110.64
C GLY B 379 -13.13 54.48 -109.62
N TYR B 380 -14.36 54.00 -109.75
CA TYR B 380 -14.85 52.95 -108.87
C TYR B 380 -14.36 51.58 -109.34
N THR B 381 -14.13 50.70 -108.36
CA THR B 381 -14.01 49.29 -108.63
C THR B 381 -15.39 48.64 -108.66
N LYS B 382 -15.46 47.48 -109.31
CA LYS B 382 -16.69 46.70 -109.40
C LYS B 382 -16.41 45.26 -109.00
N LEU B 383 -17.30 44.70 -108.17
CA LEU B 383 -17.27 43.27 -107.87
C LEU B 383 -17.93 42.47 -108.97
N PRO B 384 -17.31 41.38 -109.45
CA PRO B 384 -17.85 40.67 -110.62
C PRO B 384 -19.08 39.83 -110.34
N GLN B 385 -19.33 39.44 -109.10
CA GLN B 385 -20.48 38.60 -108.79
C GLN B 385 -21.78 39.38 -108.97
N ASP B 386 -22.74 38.74 -109.66
CA ASP B 386 -24.12 39.23 -109.68
C ASP B 386 -24.79 38.99 -108.34
N LEU B 387 -25.26 40.06 -107.71
CA LEU B 387 -25.92 39.97 -106.42
C LEU B 387 -27.37 39.52 -106.51
N ASN B 388 -27.81 39.03 -107.68
CA ASN B 388 -29.00 38.20 -107.80
C ASN B 388 -28.70 36.85 -108.44
N LYS B 389 -27.43 36.42 -108.42
CA LYS B 389 -27.06 35.13 -108.98
C LYS B 389 -27.97 34.03 -108.46
N GLY B 390 -28.59 33.30 -109.40
CA GLY B 390 -29.58 32.30 -109.10
C GLY B 390 -30.95 32.84 -108.72
N ALA B 391 -31.05 34.10 -108.32
CA ALA B 391 -32.33 34.66 -107.90
C ALA B 391 -33.17 35.18 -109.06
N GLY B 392 -32.59 35.26 -110.26
CA GLY B 392 -33.25 35.88 -111.38
C GLY B 392 -33.20 37.39 -111.32
N GLY B 393 -34.32 38.04 -111.61
CA GLY B 393 -34.38 39.48 -111.56
C GLY B 393 -33.43 40.15 -112.54
N ASP B 394 -33.09 41.39 -112.21
CA ASP B 394 -32.06 42.12 -112.93
C ASP B 394 -30.68 41.78 -112.38
N ASP B 395 -29.66 41.97 -113.23
CA ASP B 395 -28.29 41.75 -112.79
C ASP B 395 -27.85 42.90 -111.91
N VAL B 396 -27.40 42.57 -110.69
CA VAL B 396 -27.03 43.55 -109.67
C VAL B 396 -25.54 43.44 -109.41
N PHE B 397 -24.85 44.58 -109.46
CA PHE B 397 -23.44 44.66 -109.14
C PHE B 397 -23.17 45.82 -108.20
N LEU B 398 -22.31 45.60 -107.22
CA LEU B 398 -21.92 46.61 -106.25
C LEU B 398 -20.53 47.17 -106.60
N CYS B 399 -20.41 48.49 -106.56
CA CYS B 399 -19.18 49.20 -106.86
C CYS B 399 -18.78 50.04 -105.66
N TYR B 400 -17.47 50.24 -105.48
CA TYR B 400 -16.98 51.07 -104.39
C TYR B 400 -15.72 51.80 -104.80
N LYS B 401 -15.53 52.97 -104.20
CA LYS B 401 -14.40 53.85 -104.46
C LYS B 401 -13.47 53.83 -103.24
N THR B 402 -12.17 53.80 -103.51
CA THR B 402 -11.15 53.84 -102.46
C THR B 402 -10.27 55.06 -102.63
N GLU B 403 -9.87 55.64 -101.49
CA GLU B 403 -9.10 56.88 -101.44
C GLU B 403 -8.18 56.82 -100.24
N ALA B 404 -7.11 57.60 -100.31
CA ALA B 404 -6.14 57.64 -99.21
C ALA B 404 -6.83 58.01 -97.91
N TYR B 405 -6.37 57.40 -96.82
CA TYR B 405 -7.07 57.46 -95.55
C TYR B 405 -7.28 58.91 -95.09
N ASN B 406 -8.50 59.19 -94.63
CA ASN B 406 -8.77 60.40 -93.86
C ASN B 406 -9.87 60.08 -92.86
N THR B 407 -9.67 60.49 -91.62
CA THR B 407 -10.67 60.22 -90.59
C THR B 407 -12.03 60.80 -90.93
N ASP B 408 -12.07 61.86 -91.73
CA ASP B 408 -13.33 62.49 -92.11
C ASP B 408 -14.17 61.60 -93.03
N THR B 409 -13.57 60.61 -93.68
CA THR B 409 -14.24 59.91 -94.77
C THR B 409 -13.96 58.42 -94.85
N ALA B 410 -12.92 57.90 -94.21
CA ALA B 410 -12.70 56.45 -94.17
C ALA B 410 -13.89 55.77 -93.51
N ILE B 411 -14.56 54.90 -94.27
CA ILE B 411 -15.71 54.17 -93.76
C ILE B 411 -15.24 53.17 -92.72
N ASN B 412 -15.81 53.25 -91.53
CA ASN B 412 -15.42 52.36 -90.44
C ASN B 412 -16.20 51.05 -90.44
N LYS B 413 -17.50 51.08 -90.75
CA LYS B 413 -18.28 49.86 -90.76
C LYS B 413 -19.29 49.89 -91.90
N VAL B 414 -19.69 48.69 -92.33
CA VAL B 414 -20.79 48.51 -93.27
C VAL B 414 -21.68 47.39 -92.75
N THR B 415 -22.95 47.44 -93.14
CA THR B 415 -23.88 46.35 -92.88
C THR B 415 -24.93 46.30 -93.97
N VAL B 416 -25.59 45.15 -94.08
CA VAL B 416 -26.69 44.95 -95.03
C VAL B 416 -27.97 44.71 -94.24
N ILE B 417 -29.01 45.46 -94.58
CA ILE B 417 -30.30 45.44 -93.88
C ILE B 417 -31.39 45.17 -94.91
N GLY B 418 -32.42 44.42 -94.49
CA GLY B 418 -33.47 44.07 -95.42
C GLY B 418 -34.76 43.72 -94.73
N GLY B 419 -35.85 43.83 -95.47
CA GLY B 419 -37.17 43.59 -94.94
C GLY B 419 -38.22 43.74 -96.01
N ASN B 420 -39.48 43.69 -95.60
CA ASN B 420 -40.57 43.77 -96.57
C ASN B 420 -40.82 45.19 -97.07
N ASN B 421 -40.54 46.19 -96.26
CA ASN B 421 -40.77 47.58 -96.67
C ASN B 421 -39.62 48.05 -97.55
N ALA B 422 -39.95 48.86 -98.57
CA ALA B 422 -38.90 49.54 -99.32
C ALA B 422 -38.26 50.65 -98.50
N ASP B 423 -39.05 51.44 -97.79
CA ASP B 423 -38.56 52.47 -96.88
C ASP B 423 -38.12 51.88 -95.55
N ILE B 424 -37.04 51.10 -95.54
CA ILE B 424 -36.56 50.51 -94.30
C ILE B 424 -35.50 51.42 -93.68
N ASN B 425 -35.39 51.36 -92.35
CA ASN B 425 -34.51 52.23 -91.60
C ASN B 425 -33.16 51.58 -91.35
N ALA B 426 -32.10 52.31 -91.67
CA ALA B 426 -30.76 51.91 -91.27
C ALA B 426 -30.52 52.13 -89.79
N PRO B 427 -29.54 51.43 -89.21
CA PRO B 427 -29.14 51.73 -87.83
C PRO B 427 -28.69 53.17 -87.67
N TYR B 428 -28.80 53.67 -86.44
CA TYR B 428 -28.52 55.07 -86.18
C TYR B 428 -27.10 55.43 -86.61
N GLY B 429 -26.98 56.53 -87.35
CA GLY B 429 -25.70 57.00 -87.85
C GLY B 429 -25.21 56.32 -89.11
N TYR B 430 -25.81 55.19 -89.50
CA TYR B 430 -25.50 54.60 -90.80
C TYR B 430 -26.23 55.33 -91.92
N LEU B 431 -25.60 55.36 -93.09
CA LEU B 431 -26.23 55.80 -94.33
C LEU B 431 -26.38 54.60 -95.25
N LYS B 432 -27.59 54.37 -95.73
CA LYS B 432 -27.83 53.29 -96.70
C LYS B 432 -27.68 53.82 -98.11
N VAL B 433 -27.13 52.98 -98.98
CA VAL B 433 -27.01 53.29 -100.41
C VAL B 433 -28.36 53.15 -101.10
N PRO B 434 -28.63 53.94 -102.14
CA PRO B 434 -29.83 53.72 -102.95
C PRO B 434 -29.73 52.45 -103.79
N GLY B 435 -30.90 51.90 -104.13
CA GLY B 435 -30.99 50.71 -104.93
C GLY B 435 -31.10 49.42 -104.15
N ASP B 436 -31.89 48.49 -104.67
CA ASP B 436 -32.24 47.25 -103.96
C ASP B 436 -31.38 46.11 -104.51
N LEU B 437 -30.70 45.41 -103.61
CA LEU B 437 -29.90 44.25 -103.98
C LEU B 437 -30.74 43.03 -104.35
N ASN B 438 -32.07 43.16 -104.34
CA ASN B 438 -32.96 42.19 -104.97
C ASN B 438 -33.87 42.82 -106.02
N ARG B 439 -33.47 43.96 -106.58
CA ARG B 439 -34.28 44.62 -107.60
C ARG B 439 -34.71 43.62 -108.67
N GLY B 440 -36.01 43.56 -108.91
CA GLY B 440 -36.59 42.64 -109.87
C GLY B 440 -36.70 41.21 -109.40
N ALA B 441 -35.99 40.83 -108.35
CA ALA B 441 -36.15 39.50 -107.78
C ALA B 441 -37.29 39.52 -106.76
N GLY B 442 -37.65 38.33 -106.28
CA GLY B 442 -38.57 38.24 -105.17
C GLY B 442 -37.94 38.60 -103.84
N GLY B 443 -38.61 38.20 -102.76
CA GLY B 443 -38.08 38.35 -101.40
C GLY B 443 -38.03 39.77 -100.87
N ASN B 444 -37.14 39.95 -99.90
CA ASN B 444 -37.00 41.22 -99.20
C ASN B 444 -36.35 42.28 -100.09
N PHE B 445 -36.64 43.54 -99.77
CA PHE B 445 -35.74 44.64 -100.12
C PHE B 445 -34.47 44.55 -99.28
N ILE B 446 -33.32 44.82 -99.91
CA ILE B 446 -32.03 44.72 -99.24
C ILE B 446 -31.15 45.90 -99.64
N TYR B 447 -30.51 46.54 -98.66
CA TYR B 447 -29.72 47.74 -98.88
C TYR B 447 -28.43 47.62 -98.09
N ALA B 448 -27.35 48.19 -98.65
CA ALA B 448 -26.08 48.32 -97.95
C ALA B 448 -26.00 49.62 -97.16
N CYS B 449 -25.73 49.50 -95.85
CA CYS B 449 -25.56 50.63 -94.96
C CYS B 449 -24.09 50.85 -94.64
N THR B 450 -23.69 52.13 -94.59
CA THR B 450 -22.30 52.52 -94.37
C THR B 450 -22.24 53.43 -93.15
N PHE B 451 -21.17 53.31 -92.39
CA PHE B 451 -20.97 54.09 -91.18
C PHE B 451 -19.57 54.69 -91.16
N VAL B 452 -19.49 55.99 -90.87
CA VAL B 452 -18.22 56.69 -90.72
C VAL B 452 -18.20 57.33 -89.35
N GLY B 453 -17.12 57.08 -88.59
CA GLY B 453 -16.98 57.61 -87.25
C GLY B 453 -16.61 59.08 -87.20
N LYS B 454 -15.86 59.54 -88.20
CA LYS B 454 -15.28 60.87 -88.16
C LYS B 454 -14.37 61.01 -86.95
N THR C 1 22.41 47.94 -44.88
CA THR C 1 21.75 47.06 -45.89
C THR C 1 21.16 47.90 -47.01
N VAL C 2 21.60 47.64 -48.23
CA VAL C 2 21.15 48.38 -49.41
C VAL C 2 19.88 47.76 -49.94
N LEU C 3 18.98 48.61 -50.44
CA LEU C 3 17.74 48.13 -51.02
C LEU C 3 18.03 47.36 -52.31
N PRO C 4 17.41 46.20 -52.51
CA PRO C 4 17.56 45.50 -53.79
C PRO C 4 17.17 46.38 -54.96
N GLY C 5 18.05 46.45 -55.97
CA GLY C 5 17.83 47.24 -57.15
C GLY C 5 18.76 48.43 -57.27
N VAL C 6 19.39 48.85 -56.17
CA VAL C 6 20.40 49.89 -56.22
C VAL C 6 21.58 49.47 -57.10
N GLU C 7 21.85 48.16 -57.17
CA GLU C 7 22.86 47.66 -58.09
C GLU C 7 22.44 47.79 -59.55
N ALA C 8 21.14 47.92 -59.84
CA ALA C 8 20.64 47.84 -61.20
C ALA C 8 20.23 49.18 -61.77
N ILE C 9 19.84 50.15 -60.94
CA ILE C 9 19.67 51.52 -61.43
C ILE C 9 21.03 52.04 -61.89
N GLY C 10 20.99 52.98 -62.84
CA GLY C 10 22.19 53.56 -63.40
C GLY C 10 23.02 52.63 -64.26
N LEU C 11 22.65 51.36 -64.35
CA LEU C 11 23.33 50.41 -65.23
C LEU C 11 23.27 50.87 -66.68
N GLY C 12 24.44 50.88 -67.34
CA GLY C 12 24.48 51.25 -68.74
C GLY C 12 23.82 50.18 -69.59
N TYR C 13 22.93 50.59 -70.49
CA TYR C 13 21.94 49.72 -71.09
C TYR C 13 21.96 49.82 -72.60
N ASN C 14 21.75 48.70 -73.28
CA ASN C 14 21.55 48.71 -74.73
C ASN C 14 20.10 48.41 -75.06
N PRO C 15 19.31 49.39 -75.50
CA PRO C 15 17.90 49.14 -75.81
C PRO C 15 17.61 47.95 -76.71
N PHE C 16 18.40 47.80 -77.77
CA PHE C 16 18.18 46.75 -78.76
C PHE C 16 18.38 45.33 -78.22
N ILE C 17 19.32 45.12 -77.30
CA ILE C 17 19.58 43.74 -76.89
C ILE C 17 18.35 43.10 -76.26
N SER C 18 17.67 43.79 -75.35
CA SER C 18 16.52 43.15 -74.74
C SER C 18 15.63 44.18 -74.05
N TYR C 19 14.46 43.70 -73.62
CA TYR C 19 13.49 44.50 -72.88
C TYR C 19 13.55 44.15 -71.40
N ALA C 20 13.75 45.17 -70.56
CA ALA C 20 13.50 45.04 -69.12
C ALA C 20 14.30 43.88 -68.51
N SER C 21 15.49 43.64 -69.05
CA SER C 21 16.39 42.63 -68.52
C SER C 21 17.75 43.25 -68.29
N VAL C 22 18.41 42.82 -67.21
CA VAL C 22 19.74 43.32 -66.87
C VAL C 22 20.81 42.77 -67.78
N ASN C 23 20.56 41.64 -68.44
CA ASN C 23 21.50 41.12 -69.43
C ASN C 23 21.72 42.08 -70.58
N SER C 24 20.82 43.04 -70.78
CA SER C 24 20.98 44.05 -71.82
C SER C 24 21.86 45.22 -71.42
N GLY C 25 22.36 45.28 -70.18
CA GLY C 25 23.26 46.34 -69.76
C GLY C 25 24.64 45.82 -69.40
N ALA C 26 25.65 46.61 -69.77
CA ALA C 26 27.06 46.31 -69.53
C ALA C 26 27.68 47.18 -68.44
N VAL C 27 27.71 46.67 -67.20
CA VAL C 27 28.41 47.25 -66.06
C VAL C 27 27.75 48.54 -65.56
N GLN C 28 27.98 48.85 -64.28
CA GLN C 28 27.34 49.97 -63.58
C GLN C 28 28.24 51.20 -63.70
N LEU C 29 27.70 52.29 -64.24
CA LEU C 29 28.44 53.54 -64.37
C LEU C 29 28.60 54.32 -63.08
N PHE C 30 27.69 54.22 -62.11
CA PHE C 30 27.73 55.06 -60.93
C PHE C 30 28.19 54.31 -59.68
N ASP C 31 28.95 55.01 -58.84
CA ASP C 31 29.51 54.45 -57.61
C ASP C 31 28.55 54.80 -56.47
N TRP C 32 27.91 53.80 -55.90
CA TRP C 32 26.98 54.02 -54.80
C TRP C 32 27.42 53.44 -53.46
N ALA C 33 28.63 52.86 -53.38
CA ALA C 33 29.11 52.46 -52.07
C ALA C 33 29.61 53.66 -51.30
N THR C 34 30.35 54.55 -51.98
CA THR C 34 30.87 55.76 -51.36
C THR C 34 29.76 56.77 -51.07
N ALA C 35 28.78 56.86 -51.95
CA ALA C 35 27.79 57.94 -51.85
C ALA C 35 27.00 57.89 -50.54
N LYS C 36 26.59 59.07 -50.11
CA LYS C 36 25.75 59.24 -48.93
C LYS C 36 24.43 58.48 -49.09
N LYS C 37 24.07 57.72 -48.06
CA LYS C 37 22.86 56.90 -48.06
C LYS C 37 21.66 57.64 -47.46
N ARG C 38 20.48 57.15 -47.83
CA ARG C 38 19.22 57.53 -47.21
C ARG C 38 18.45 56.26 -46.87
N GLU C 39 17.77 56.26 -45.73
CA GLU C 39 16.92 55.14 -45.38
C GLU C 39 15.63 55.19 -46.18
N VAL C 40 15.15 54.02 -46.59
CA VAL C 40 13.93 53.92 -47.39
C VAL C 40 12.71 54.12 -46.49
N PRO C 41 11.85 55.11 -46.78
CA PRO C 41 10.77 55.42 -45.83
C PRO C 41 9.88 54.23 -45.52
N PHE C 42 9.49 53.46 -46.54
CA PHE C 42 8.57 52.34 -46.37
C PHE C 42 9.26 51.03 -45.98
N LYS C 43 10.59 50.97 -46.02
CA LYS C 43 11.34 49.75 -45.67
C LYS C 43 12.50 50.14 -44.76
N ALA C 44 12.16 50.53 -43.54
CA ALA C 44 13.17 50.80 -42.52
C ALA C 44 14.08 49.60 -42.33
N GLY C 45 15.39 49.88 -42.24
CA GLY C 45 16.41 48.87 -42.32
C GLY C 45 17.02 48.66 -43.69
N TYR C 46 16.51 49.31 -44.72
CA TYR C 46 17.14 49.31 -46.03
C TYR C 46 17.47 50.73 -46.43
N PHE C 47 18.59 50.90 -47.14
CA PHE C 47 19.10 52.21 -47.48
C PHE C 47 19.35 52.32 -48.97
N VAL C 48 19.31 53.56 -49.46
CA VAL C 48 19.61 53.87 -50.86
C VAL C 48 20.50 55.10 -50.89
N PRO C 49 21.26 55.29 -51.96
CA PRO C 49 21.93 56.57 -52.14
C PRO C 49 20.91 57.69 -52.22
N GLU C 50 21.25 58.84 -51.62
CA GLU C 50 20.26 59.89 -51.45
C GLU C 50 19.79 60.46 -52.79
N ILE C 51 20.55 60.24 -53.85
CA ILE C 51 20.18 60.81 -55.15
C ILE C 51 18.93 60.14 -55.70
N VAL C 52 18.80 58.83 -55.48
CA VAL C 52 17.70 58.09 -56.10
C VAL C 52 16.41 58.32 -55.32
N ASP C 53 15.30 58.38 -56.06
CA ASP C 53 13.96 58.46 -55.50
C ASP C 53 13.31 57.09 -55.66
N VAL C 54 12.94 56.47 -54.54
CA VAL C 54 12.32 55.15 -54.55
C VAL C 54 10.86 55.32 -54.13
N GLN C 55 9.95 54.88 -55.00
CA GLN C 55 8.52 54.86 -54.74
C GLN C 55 8.08 53.41 -54.60
N GLN C 56 7.33 53.11 -53.54
CA GLN C 56 6.57 51.86 -53.53
C GLN C 56 5.46 51.94 -54.56
N ASN C 57 5.25 50.85 -55.29
CA ASN C 57 4.17 50.79 -56.26
C ASN C 57 3.66 49.35 -56.38
N ASP C 58 3.41 48.71 -55.25
CA ASP C 58 3.00 47.30 -55.25
C ASP C 58 1.71 47.11 -56.05
N SER C 59 1.83 46.50 -57.22
CA SER C 59 0.74 46.43 -58.19
C SER C 59 1.09 45.40 -59.25
N ALA C 60 0.39 44.26 -59.21
CA ALA C 60 0.37 43.30 -60.30
C ALA C 60 -0.25 43.93 -61.54
N THR C 61 0.46 43.84 -62.66
CA THR C 61 0.22 44.69 -63.82
C THR C 61 0.48 43.89 -65.09
N TYR C 62 -0.13 44.34 -66.18
CA TYR C 62 -0.02 43.68 -67.48
C TYR C 62 0.69 44.60 -68.48
N THR C 63 1.60 44.03 -69.25
CA THR C 63 2.08 44.64 -70.49
C THR C 63 1.90 43.61 -71.59
N ASN C 64 1.11 43.96 -72.61
CA ASN C 64 0.84 43.05 -73.72
C ASN C 64 1.21 43.69 -75.04
N VAL C 65 1.87 42.92 -75.90
CA VAL C 65 2.36 43.38 -77.19
C VAL C 65 1.86 42.38 -78.23
N SER C 66 1.37 42.87 -79.36
CA SER C 66 0.82 41.99 -80.36
C SER C 66 1.00 42.61 -81.75
N GLY C 67 0.95 41.75 -82.76
CA GLY C 67 0.99 42.20 -84.14
C GLY C 67 0.63 41.12 -85.13
N ASN C 68 -0.09 41.49 -86.19
CA ASN C 68 -0.46 40.50 -87.21
C ASN C 68 0.75 40.02 -87.97
N THR C 69 1.87 40.74 -87.86
CA THR C 69 3.11 40.39 -88.54
C THR C 69 4.28 40.89 -87.70
N ILE C 70 5.45 40.29 -87.92
CA ILE C 70 6.59 40.58 -87.07
C ILE C 70 6.95 42.06 -87.14
N SER C 71 6.94 42.64 -88.34
CA SER C 71 7.28 44.04 -88.48
C SER C 71 6.29 44.94 -87.73
N GLU C 72 5.06 44.44 -87.56
CA GLU C 72 4.10 45.13 -86.69
C GLU C 72 4.41 44.87 -85.22
N TYR C 73 4.65 43.61 -84.86
CA TYR C 73 5.02 43.28 -83.49
C TYR C 73 6.28 44.02 -83.05
N GLN C 74 7.27 44.12 -83.94
CA GLN C 74 8.48 44.86 -83.62
C GLN C 74 8.21 46.33 -83.34
N ARG C 75 7.18 46.91 -83.97
CA ARG C 75 6.85 48.30 -83.70
C ARG C 75 5.98 48.47 -82.46
N SER C 76 5.01 47.58 -82.25
CA SER C 76 4.25 47.62 -81.00
C SER C 76 5.11 47.29 -79.80
N LEU C 77 6.16 46.47 -79.98
CA LEU C 77 7.16 46.28 -78.94
C LEU C 77 7.97 47.55 -78.72
N ALA C 78 8.54 48.11 -79.79
CA ALA C 78 9.38 49.30 -79.66
C ALA C 78 8.65 50.46 -79.01
N THR C 79 7.37 50.64 -79.36
CA THR C 79 6.57 51.72 -78.80
C THR C 79 6.00 51.40 -77.42
N SER C 80 6.30 50.24 -76.86
CA SER C 80 5.84 49.93 -75.51
C SER C 80 6.59 50.70 -74.44
N VAL C 81 7.62 51.46 -74.82
CA VAL C 81 8.42 52.26 -73.89
C VAL C 81 8.59 53.65 -74.50
N ALA C 82 8.58 54.66 -73.65
CA ALA C 82 8.78 56.03 -74.10
C ALA C 82 10.25 56.22 -74.47
N ILE C 83 10.55 56.08 -75.76
CA ILE C 83 11.92 56.16 -76.25
C ILE C 83 11.88 56.75 -77.65
N GLU C 84 12.96 57.43 -78.02
CA GLU C 84 12.96 58.24 -79.23
C GLU C 84 13.32 57.41 -80.46
N GLY C 85 12.64 57.70 -81.57
CA GLY C 85 12.94 57.13 -82.86
C GLY C 85 12.22 55.84 -83.17
N ARG C 86 12.25 55.49 -84.45
CA ARG C 86 11.55 54.35 -85.02
C ARG C 86 12.36 53.06 -84.98
N TYR C 87 13.49 53.06 -84.27
CA TYR C 87 14.36 51.90 -84.28
C TYR C 87 13.70 50.68 -83.62
N ASN C 88 14.16 49.50 -84.03
CA ASN C 88 13.67 48.22 -83.53
C ASN C 88 14.20 47.92 -82.12
N PHE C 89 13.87 48.80 -81.19
CA PHE C 89 14.32 48.61 -79.82
C PHE C 89 13.78 47.30 -79.24
N PHE C 90 14.53 46.74 -78.29
CA PHE C 90 14.17 45.48 -77.64
C PHE C 90 14.09 44.29 -78.59
N SER C 91 14.43 44.48 -79.87
CA SER C 91 14.10 43.46 -80.85
C SER C 91 14.99 42.23 -80.74
N GLY C 92 16.11 42.32 -80.02
CA GLY C 92 16.89 41.14 -79.69
C GLY C 92 16.16 40.09 -78.90
N SER C 93 15.10 40.47 -78.18
CA SER C 93 14.28 39.48 -77.48
C SER C 93 13.61 38.49 -78.42
N LEU C 94 13.41 38.86 -79.69
CA LEU C 94 12.83 37.96 -80.66
C LEU C 94 13.58 36.63 -80.72
N SER C 95 14.91 36.69 -80.74
CA SER C 95 15.73 35.48 -80.86
C SER C 95 15.47 34.48 -79.74
N THR C 96 14.86 34.89 -78.63
CA THR C 96 14.58 33.99 -77.53
C THR C 96 13.11 33.85 -77.17
N ASP C 97 12.26 34.78 -77.59
CA ASP C 97 10.82 34.62 -77.40
C ASP C 97 10.23 33.62 -78.38
N PHE C 98 10.70 33.61 -79.62
CA PHE C 98 10.03 32.88 -80.69
C PHE C 98 11.04 31.98 -81.41
N ASP C 99 10.52 30.86 -81.93
CA ASP C 99 11.32 29.98 -82.76
C ASP C 99 11.68 30.65 -84.08
N SER C 100 12.95 30.49 -84.48
CA SER C 100 13.49 31.30 -85.57
C SER C 100 12.73 31.07 -86.86
N ASN C 101 12.38 29.82 -87.16
CA ASN C 101 11.52 29.54 -88.31
C ASN C 101 10.19 30.28 -88.20
N SER C 102 9.66 30.41 -86.99
CA SER C 102 8.33 30.98 -86.81
C SER C 102 8.33 32.48 -86.95
N LEU C 103 9.47 33.13 -86.70
CA LEU C 103 9.64 34.52 -87.11
C LEU C 103 9.66 34.65 -88.63
N ARG C 104 10.33 33.72 -89.32
CA ARG C 104 10.40 33.75 -90.77
C ARG C 104 9.10 33.31 -91.43
N ASN C 105 8.29 32.51 -90.74
CA ASN C 105 7.02 32.03 -91.28
C ASN C 105 5.99 33.15 -91.33
N ALA C 106 5.64 33.61 -92.54
CA ALA C 106 4.66 34.67 -92.73
C ALA C 106 3.23 34.28 -92.38
N GLU C 107 2.92 33.02 -92.12
CA GLU C 107 1.60 32.66 -91.61
C GLU C 107 1.41 32.93 -90.12
N ASN C 108 2.43 33.39 -89.41
CA ASN C 108 2.31 33.58 -87.98
C ASN C 108 1.96 35.02 -87.63
N GLU C 109 1.20 35.18 -86.55
CA GLU C 109 1.04 36.42 -85.82
C GLU C 109 1.41 36.21 -84.35
N PHE C 110 1.90 37.29 -83.73
CA PHE C 110 2.72 37.20 -82.53
C PHE C 110 2.08 37.98 -81.38
N THR C 111 2.09 37.38 -80.19
CA THR C 111 1.60 38.02 -78.98
C THR C 111 2.55 37.71 -77.84
N ARG C 112 2.85 38.73 -77.03
CA ARG C 112 3.60 38.57 -75.79
C ARG C 112 2.80 39.12 -74.62
N ILE C 113 2.48 38.25 -73.67
CA ILE C 113 1.66 38.59 -72.50
C ILE C 113 2.57 38.55 -71.28
N GLN C 114 2.81 39.72 -70.68
CA GLN C 114 3.65 39.86 -69.50
C GLN C 114 2.83 40.36 -68.32
N GLN C 115 2.75 39.57 -67.25
CA GLN C 115 2.25 40.03 -65.96
C GLN C 115 3.42 40.43 -65.06
N SER C 116 3.67 41.74 -64.96
CA SER C 116 4.63 42.26 -64.00
C SER C 116 4.07 42.22 -62.58
N ILE C 117 4.82 41.65 -61.65
CA ILE C 117 4.47 41.72 -60.23
C ILE C 117 5.32 42.80 -59.56
N ASN C 118 4.90 44.05 -59.68
CA ASN C 118 5.67 45.18 -59.16
C ASN C 118 5.72 45.17 -57.64
N LEU C 119 6.85 45.60 -57.09
CA LEU C 119 6.99 45.87 -55.66
C LEU C 119 7.36 47.32 -55.38
N TRP C 120 8.46 47.80 -55.93
CA TRP C 120 8.89 49.18 -55.76
C TRP C 120 9.61 49.60 -57.03
N SER C 121 9.83 50.89 -57.17
CA SER C 121 10.54 51.40 -58.33
C SER C 121 11.51 52.50 -57.94
N LEU C 122 12.72 52.42 -58.49
CA LEU C 122 13.80 53.35 -58.20
C LEU C 122 13.94 54.32 -59.37
N ARG C 123 14.06 55.61 -59.05
CA ARG C 123 14.13 56.66 -60.04
C ARG C 123 15.40 57.47 -59.81
N LEU C 124 15.98 57.97 -60.89
CA LEU C 124 17.24 58.70 -60.84
C LEU C 124 17.13 59.98 -61.65
N PRO C 125 17.28 61.16 -61.04
CA PRO C 125 17.01 62.40 -61.75
C PRO C 125 18.15 62.80 -62.67
N SER C 126 17.79 63.53 -63.73
CA SER C 126 18.71 64.00 -64.76
C SER C 126 19.55 65.19 -64.31
N VAL C 127 19.83 65.31 -63.02
CA VAL C 127 20.56 66.48 -62.52
C VAL C 127 22.02 66.42 -62.96
N LYS C 128 22.62 67.61 -63.11
CA LYS C 128 23.99 67.74 -63.57
C LYS C 128 25.01 67.12 -62.64
N SER C 129 24.69 66.94 -61.36
CA SER C 129 25.63 66.30 -60.44
C SER C 129 25.80 64.80 -60.64
N LEU C 130 25.04 64.19 -61.56
CA LEU C 130 25.25 62.76 -61.84
C LEU C 130 26.70 62.46 -62.19
N ARG C 131 27.30 63.32 -63.02
CA ARG C 131 28.71 63.17 -63.38
C ARG C 131 29.60 62.98 -62.17
N GLU C 132 29.29 63.64 -61.06
CA GLU C 132 30.13 63.52 -59.87
C GLU C 132 30.04 62.14 -59.24
N LEU C 133 28.93 61.43 -59.43
CA LEU C 133 28.78 60.08 -58.89
C LEU C 133 29.32 58.96 -59.78
N MET C 134 29.70 59.24 -61.03
CA MET C 134 30.28 58.18 -61.85
C MET C 134 31.53 57.61 -61.19
N LEU C 135 31.74 56.31 -61.38
CA LEU C 135 33.01 55.69 -61.02
C LEU C 135 34.16 56.36 -61.78
N PRO C 136 35.31 56.57 -61.13
CA PRO C 136 36.37 57.36 -61.79
C PRO C 136 36.85 56.78 -63.11
N HIS C 137 37.01 55.46 -63.21
CA HIS C 137 37.45 54.88 -64.48
C HIS C 137 36.39 54.98 -65.56
N MET C 138 35.12 54.87 -65.19
CA MET C 138 34.05 55.09 -66.16
C MET C 138 34.03 56.53 -66.66
N ARG C 139 34.12 57.49 -65.74
CA ARG C 139 34.23 58.89 -66.13
C ARG C 139 35.47 59.15 -66.98
N GLN C 140 36.61 58.61 -66.56
CA GLN C 140 37.85 58.78 -67.33
C GLN C 140 37.71 58.21 -68.73
N GLN C 141 37.11 57.02 -68.86
CA GLN C 141 36.93 56.41 -70.17
C GLN C 141 36.03 57.27 -71.06
N LEU C 142 34.92 57.76 -70.51
CA LEU C 142 34.03 58.64 -71.27
C LEU C 142 34.70 59.96 -71.62
N ASP C 143 35.51 60.50 -70.71
CA ASP C 143 36.16 61.78 -70.96
C ASP C 143 37.25 61.68 -72.01
N GLU C 144 37.93 60.54 -72.12
CA GLU C 144 38.97 60.34 -73.11
C GLU C 144 38.48 59.73 -74.41
N LEU C 145 37.18 59.48 -74.55
CA LEU C 145 36.64 58.89 -75.77
C LEU C 145 36.97 59.77 -76.98
N ASN C 146 37.69 59.20 -77.94
CA ASN C 146 38.10 59.90 -79.16
C ASN C 146 36.93 59.97 -80.13
N VAL C 147 36.05 60.94 -79.92
CA VAL C 147 34.87 61.11 -80.76
C VAL C 147 35.20 61.54 -82.18
N ASN C 148 36.48 61.81 -82.47
CA ASN C 148 36.93 62.00 -83.85
C ASN C 148 36.98 60.71 -84.65
N ASP C 149 36.88 59.55 -84.01
CA ASP C 149 36.79 58.28 -84.73
C ASP C 149 35.43 57.66 -84.53
N PRO C 150 34.63 57.51 -85.59
CA PRO C 150 33.33 56.83 -85.44
C PRO C 150 33.43 55.45 -84.85
N LYS C 151 34.49 54.70 -85.17
CA LYS C 151 34.64 53.35 -84.65
C LYS C 151 34.81 53.34 -83.14
N ALA C 152 35.47 54.36 -82.59
CA ALA C 152 35.62 54.46 -81.14
C ALA C 152 34.26 54.69 -80.47
N ILE C 153 33.46 55.62 -81.01
CA ILE C 153 32.13 55.85 -80.47
C ILE C 153 31.27 54.60 -80.62
N SER C 154 31.30 54.00 -81.80
CA SER C 154 30.53 52.78 -82.04
C SER C 154 30.93 51.67 -81.08
N ARG C 155 32.23 51.49 -80.87
CA ARG C 155 32.70 50.53 -79.86
C ARG C 155 32.28 50.93 -78.46
N TYR C 156 32.28 52.22 -78.15
CA TYR C 156 31.81 52.65 -76.84
C TYR C 156 30.34 52.32 -76.62
N PHE C 157 29.48 52.67 -77.59
CA PHE C 157 28.07 52.30 -77.47
C PHE C 157 27.89 50.79 -77.41
N ASP C 158 28.64 50.04 -78.21
CA ASP C 158 28.61 48.58 -78.13
C ASP C 158 29.10 48.07 -76.78
N ARG C 159 30.26 48.55 -76.33
CA ARG C 159 30.89 47.99 -75.15
C ARG C 159 30.25 48.49 -73.86
N VAL C 160 29.79 49.74 -73.82
CA VAL C 160 29.29 50.34 -72.60
C VAL C 160 27.78 50.52 -72.62
N GLY C 161 27.14 50.45 -73.78
CA GLY C 161 25.75 50.81 -73.93
C GLY C 161 25.58 52.25 -74.37
N SER C 162 24.43 52.51 -75.02
CA SER C 162 24.09 53.85 -75.49
C SER C 162 23.31 54.66 -74.47
N HIS C 163 22.66 54.00 -73.51
CA HIS C 163 21.83 54.65 -72.52
C HIS C 163 22.23 54.13 -71.14
N PHE C 164 21.66 54.73 -70.10
CA PHE C 164 21.74 54.15 -68.77
C PHE C 164 20.38 54.23 -68.11
N LEU C 165 20.12 53.26 -67.23
CA LEU C 165 18.82 53.13 -66.61
C LEU C 165 18.56 54.25 -65.60
N THR C 166 17.42 54.93 -65.76
CA THR C 166 16.97 55.93 -64.80
C THR C 166 15.64 55.58 -64.16
N GLY C 167 14.90 54.61 -64.70
CA GLY C 167 13.67 54.16 -64.08
C GLY C 167 13.67 52.65 -63.98
N ILE C 168 13.50 52.12 -62.78
CA ILE C 168 13.53 50.68 -62.52
C ILE C 168 12.30 50.31 -61.72
N VAL C 169 11.65 49.21 -62.12
CA VAL C 169 10.63 48.58 -61.29
C VAL C 169 11.21 47.25 -60.83
N MET C 170 11.21 47.00 -59.54
CA MET C 170 11.72 45.74 -59.01
C MET C 170 10.57 44.84 -58.60
N GLY C 171 10.55 43.62 -59.10
CA GLY C 171 9.55 42.66 -58.70
C GLY C 171 9.77 41.30 -59.33
N GLY C 172 8.68 40.79 -59.92
CA GLY C 172 8.72 39.56 -60.67
C GLY C 172 8.01 39.76 -62.00
N ARG C 173 8.20 38.82 -62.91
CA ARG C 173 7.31 38.75 -64.06
C ARG C 173 7.21 37.32 -64.54
N ALA C 174 6.01 36.94 -65.00
CA ALA C 174 5.80 35.75 -65.81
C ALA C 174 5.38 36.19 -67.20
N ILE C 175 5.97 35.57 -68.22
CA ILE C 175 5.70 35.92 -69.61
C ILE C 175 5.25 34.66 -70.33
N LEU C 176 4.23 34.81 -71.18
CA LEU C 176 3.93 33.86 -72.23
C LEU C 176 4.06 34.55 -73.57
N ALA C 177 4.94 34.03 -74.43
CA ALA C 177 5.08 34.49 -75.80
C ALA C 177 4.59 33.39 -76.73
N SER C 178 3.85 33.79 -77.76
CA SER C 178 3.23 32.82 -78.66
C SER C 178 3.22 33.36 -80.08
N SER C 179 3.44 32.45 -81.04
CA SER C 179 3.23 32.73 -82.45
C SER C 179 2.17 31.78 -82.98
N THR C 180 1.19 32.32 -83.70
CA THR C 180 -0.05 31.62 -83.98
C THR C 180 -0.33 31.68 -85.47
N ASN C 181 -0.75 30.55 -86.04
CA ASN C 181 -1.06 30.50 -87.46
C ASN C 181 -2.33 31.29 -87.72
N LYS C 182 -2.15 32.52 -88.22
CA LYS C 182 -3.25 33.46 -88.38
C LYS C 182 -4.22 33.05 -89.49
N LEU C 183 -3.86 32.07 -90.32
CA LEU C 183 -4.78 31.56 -91.33
C LEU C 183 -5.77 30.54 -90.80
N ARG C 184 -5.51 29.95 -89.63
CA ARG C 184 -6.25 28.77 -89.20
C ARG C 184 -6.83 28.85 -87.80
N VAL C 185 -6.31 29.70 -86.92
CA VAL C 185 -6.94 29.93 -85.62
C VAL C 185 -8.30 30.60 -85.79
N LYS C 186 -9.23 30.25 -84.89
CA LYS C 186 -10.55 30.87 -84.88
C LYS C 186 -10.45 32.39 -84.73
N ARG C 187 -11.27 33.10 -85.50
CA ARG C 187 -11.32 34.55 -85.54
C ARG C 187 -12.46 35.13 -84.70
N ASP C 188 -13.07 34.33 -83.82
CA ASP C 188 -14.14 34.86 -82.97
C ASP C 188 -13.66 35.99 -82.10
N TYR C 189 -12.41 35.95 -81.63
CA TYR C 189 -11.84 37.02 -80.83
C TYR C 189 -10.47 37.37 -81.35
N SER C 190 -10.00 38.57 -81.01
CA SER C 190 -8.64 38.95 -81.31
C SER C 190 -7.67 38.04 -80.55
N VAL C 191 -6.52 37.78 -81.16
CA VAL C 191 -5.61 36.78 -80.60
C VAL C 191 -5.01 37.25 -79.29
N SER C 192 -4.86 38.57 -79.10
CA SER C 192 -4.47 39.09 -77.80
C SER C 192 -5.48 38.76 -76.71
N VAL C 193 -6.76 38.67 -77.06
CA VAL C 193 -7.76 38.31 -76.06
C VAL C 193 -7.64 36.84 -75.65
N VAL C 194 -7.54 35.95 -76.63
CA VAL C 194 -7.38 34.53 -76.33
C VAL C 194 -5.95 34.20 -75.87
N ALA C 195 -4.97 34.99 -76.29
CA ALA C 195 -3.65 34.89 -75.67
C ALA C 195 -3.69 35.20 -74.18
N LYS C 196 -4.25 36.35 -73.82
CA LYS C 196 -4.38 36.71 -72.41
C LYS C 196 -5.25 35.72 -71.66
N ALA C 197 -6.37 35.31 -72.26
CA ALA C 197 -7.27 34.36 -71.61
C ALA C 197 -6.60 33.01 -71.40
N SER C 198 -5.78 32.56 -72.35
CA SER C 198 -5.06 31.31 -72.17
C SER C 198 -3.91 31.44 -71.19
N TYR C 199 -3.23 32.59 -71.19
CA TYR C 199 -2.28 32.88 -70.11
C TYR C 199 -2.94 32.82 -68.74
N GLU C 200 -4.10 33.46 -68.60
CA GLU C 200 -4.86 33.37 -67.36
C GLU C 200 -5.27 31.93 -67.07
N GLY C 201 -5.61 31.16 -68.11
CA GLY C 201 -5.91 29.75 -67.91
C GLY C 201 -4.72 28.96 -67.40
N LEU C 202 -3.55 29.17 -68.00
CA LEU C 202 -2.35 28.45 -67.56
C LEU C 202 -1.97 28.82 -66.13
N THR C 203 -2.17 30.08 -65.74
CA THR C 203 -1.87 30.51 -64.39
C THR C 203 -3.04 30.32 -63.42
N GLY C 204 -4.20 29.88 -63.91
CA GLY C 204 -5.36 29.70 -63.06
C GLY C 204 -6.14 30.96 -62.75
N GLN C 205 -5.75 32.09 -63.31
CA GLN C 205 -6.44 33.35 -63.06
C GLN C 205 -7.76 33.47 -63.81
N LEU C 206 -8.00 32.61 -64.80
CA LEU C 206 -9.23 32.67 -65.58
C LEU C 206 -10.41 32.18 -64.74
N SER C 207 -11.47 33.00 -64.68
CA SER C 207 -12.63 32.65 -63.89
C SER C 207 -13.49 31.59 -64.57
N ALA C 208 -14.39 31.02 -63.76
CA ALA C 208 -15.36 30.02 -64.21
C ALA C 208 -16.16 30.46 -65.44
N GLU C 209 -16.71 31.68 -65.42
CA GLU C 209 -17.43 32.16 -66.60
C GLU C 209 -16.50 32.49 -67.76
N ALA C 210 -15.31 33.02 -67.48
CA ALA C 210 -14.39 33.31 -68.57
C ALA C 210 -13.83 32.01 -69.16
N LYS C 211 -13.56 31.06 -68.28
CA LYS C 211 -13.13 29.72 -68.69
C LYS C 211 -14.10 29.05 -69.66
N ALA C 212 -15.40 29.11 -69.38
CA ALA C 212 -16.40 28.71 -70.38
C ALA C 212 -16.34 29.56 -71.64
N LYS C 213 -16.37 30.88 -71.52
CA LYS C 213 -16.45 31.72 -72.70
C LYS C 213 -15.22 31.59 -73.60
N TYR C 214 -14.03 31.77 -73.03
CA TYR C 214 -12.78 31.58 -73.74
C TYR C 214 -12.40 30.12 -73.96
N GLY C 215 -12.86 29.21 -73.11
CA GLY C 215 -12.34 27.85 -73.10
C GLY C 215 -12.37 27.15 -74.45
N GLU C 216 -13.45 27.29 -75.21
CA GLU C 216 -13.44 26.74 -76.57
C GLU C 216 -12.53 27.53 -77.52
N SER C 217 -12.40 28.84 -77.33
CA SER C 217 -11.52 29.62 -78.19
C SER C 217 -10.03 29.38 -77.91
N ILE C 218 -9.66 29.12 -76.65
CA ILE C 218 -8.26 28.96 -76.28
C ILE C 218 -7.67 27.63 -76.75
N SER C 219 -8.48 26.58 -76.86
CA SER C 219 -7.99 25.33 -77.43
C SER C 219 -7.56 25.49 -78.89
N SER C 220 -8.35 26.19 -79.70
CA SER C 220 -7.90 26.49 -81.06
C SER C 220 -6.60 27.30 -81.06
N PHE C 221 -6.55 28.33 -80.23
CA PHE C 221 -5.30 29.09 -80.05
C PHE C 221 -4.17 28.20 -79.57
N THR C 222 -4.44 27.29 -78.64
CA THR C 222 -3.39 26.47 -78.06
C THR C 222 -2.74 25.54 -79.09
N GLN C 223 -3.57 24.82 -79.85
CA GLN C 223 -3.02 23.85 -80.80
C GLN C 223 -2.33 24.52 -81.99
N TYR C 224 -2.81 25.68 -82.43
CA TYR C 224 -2.24 26.36 -83.57
C TYR C 224 -1.17 27.39 -83.21
N SER C 225 -0.58 27.30 -82.01
CA SER C 225 0.42 28.28 -81.63
C SER C 225 1.49 27.61 -80.77
N ASN C 226 2.69 28.20 -80.81
CA ASN C 226 3.87 27.74 -80.07
C ASN C 226 4.11 28.69 -78.90
N THR C 227 3.55 28.37 -77.74
CA THR C 227 3.65 29.23 -76.57
C THR C 227 4.98 28.98 -75.86
N HIS C 228 5.91 29.91 -76.01
CA HIS C 228 7.05 29.99 -75.11
C HIS C 228 6.63 30.57 -73.76
N GLN C 229 7.17 29.99 -72.69
CA GLN C 229 6.89 30.43 -71.32
C GLN C 229 8.19 30.70 -70.58
N GLU C 230 8.21 31.80 -69.84
CA GLU C 230 9.34 32.10 -68.96
C GLU C 230 8.84 32.88 -67.77
N VAL C 231 9.66 32.89 -66.71
CA VAL C 231 9.32 33.55 -65.45
C VAL C 231 10.61 34.08 -64.83
N ARG C 232 10.50 35.19 -64.11
CA ARG C 232 11.65 35.93 -63.63
C ARG C 232 11.33 36.54 -62.27
N GLY C 233 12.35 36.69 -61.45
CA GLY C 233 12.16 37.02 -60.05
C GLY C 233 11.50 35.92 -59.24
N GLY C 234 11.53 36.08 -57.92
CA GLY C 234 11.01 35.08 -57.01
C GLY C 234 11.90 33.86 -56.89
N ASP C 235 11.43 32.90 -56.08
CA ASP C 235 12.18 31.69 -55.83
C ASP C 235 12.17 30.79 -57.06
N GLY C 236 13.34 30.55 -57.63
CA GLY C 236 13.45 29.68 -58.79
C GLY C 236 12.99 28.26 -58.54
N ALA C 237 12.96 27.82 -57.29
CA ALA C 237 12.37 26.53 -56.96
C ALA C 237 10.85 26.55 -57.00
N LYS C 238 10.23 27.72 -57.01
CA LYS C 238 8.78 27.84 -57.15
C LYS C 238 8.38 28.49 -58.46
N ALA C 239 9.35 28.96 -59.24
CA ALA C 239 9.03 29.70 -60.46
C ALA C 239 8.33 28.81 -61.47
N HIS C 240 8.75 27.55 -61.58
CA HIS C 240 8.15 26.62 -62.54
C HIS C 240 6.71 26.26 -62.19
N GLY C 241 6.30 26.47 -60.95
CA GLY C 241 4.91 26.24 -60.56
C GLY C 241 3.92 27.27 -61.06
N VAL C 242 4.37 28.42 -61.56
CA VAL C 242 3.42 29.47 -61.90
C VAL C 242 2.52 29.06 -63.06
N PHE C 243 3.04 28.26 -64.00
CA PHE C 243 2.23 27.77 -65.10
C PHE C 243 1.67 26.38 -64.82
N SER C 244 1.59 26.00 -63.55
CA SER C 244 1.09 24.69 -63.11
C SER C 244 -0.42 24.59 -63.22
N GLY C 245 -1.11 25.62 -63.71
CA GLY C 245 -2.55 25.59 -63.80
C GLY C 245 -3.29 25.75 -62.49
N LYS C 246 -2.58 26.00 -61.39
CA LYS C 246 -3.16 25.99 -60.07
C LYS C 246 -2.82 27.30 -59.36
N LYS C 247 -3.84 27.98 -58.86
CA LYS C 247 -3.64 29.29 -58.25
C LYS C 247 -2.71 29.23 -57.04
N GLU C 248 -2.81 28.16 -56.25
CA GLU C 248 -1.96 28.03 -55.06
C GLU C 248 -0.48 28.01 -55.44
N ASP C 249 -0.13 27.40 -56.58
CA ASP C 249 1.25 27.40 -57.02
C ASP C 249 1.68 28.78 -57.53
N PHE C 250 0.82 29.45 -58.30
CA PHE C 250 1.11 30.81 -58.75
C PHE C 250 1.27 31.77 -57.58
N GLN C 251 0.32 31.75 -56.64
CA GLN C 251 0.43 32.61 -55.47
C GLN C 251 1.65 32.30 -54.62
N ALA C 252 2.00 31.02 -54.50
CA ALA C 252 3.23 30.65 -53.80
C ALA C 252 4.48 31.25 -54.43
N TRP C 253 4.51 31.42 -55.75
CA TRP C 253 5.59 32.16 -56.38
C TRP C 253 5.52 33.66 -56.08
N VAL C 254 4.33 34.24 -56.22
CA VAL C 254 4.16 35.66 -55.90
C VAL C 254 4.62 35.95 -54.47
N ASP C 255 4.26 35.09 -53.53
CA ASP C 255 4.71 35.25 -52.15
C ASP C 255 6.22 35.16 -52.00
N SER C 256 6.94 34.65 -53.00
CA SER C 256 8.41 34.65 -52.97
C SER C 256 9.04 35.80 -53.73
N VAL C 257 8.32 36.42 -54.66
CA VAL C 257 8.86 37.59 -55.37
C VAL C 257 9.19 38.70 -54.40
N SER C 258 8.37 38.87 -53.37
CA SER C 258 8.61 39.91 -52.37
C SER C 258 9.96 39.75 -51.66
N ALA C 259 10.43 38.52 -51.49
CA ALA C 259 11.74 38.33 -50.86
C ALA C 259 12.90 38.57 -51.82
N SER C 260 12.76 38.22 -53.09
CA SER C 260 13.89 38.19 -54.04
C SER C 260 13.47 38.78 -55.37
N PRO C 261 13.20 40.08 -55.42
CA PRO C 261 12.76 40.70 -56.66
C PRO C 261 13.90 40.93 -57.65
N ASP C 262 13.53 41.08 -58.91
CA ASP C 262 14.45 41.40 -59.99
C ASP C 262 13.95 42.60 -60.78
N PHE C 263 14.85 43.18 -61.57
CA PHE C 263 14.49 44.14 -62.59
C PHE C 263 13.60 43.54 -63.69
N VAL C 264 12.34 43.96 -63.72
CA VAL C 264 11.31 43.32 -64.53
C VAL C 264 10.66 44.29 -65.49
N ASP C 265 10.66 45.59 -65.17
CA ASP C 265 9.98 46.56 -66.02
C ASP C 265 10.57 47.94 -65.82
N PHE C 266 10.27 48.82 -66.78
CA PHE C 266 10.64 50.23 -66.71
C PHE C 266 9.54 51.06 -66.05
N VAL C 267 9.94 52.18 -65.46
CA VAL C 267 9.04 53.27 -65.11
C VAL C 267 8.68 54.07 -66.37
N PRO C 268 7.40 54.16 -66.73
CA PRO C 268 7.06 54.65 -68.08
C PRO C 268 7.56 56.05 -68.39
N THR C 269 7.70 56.90 -67.37
CA THR C 269 8.00 58.30 -67.60
C THR C 269 9.46 58.56 -67.91
N ILE C 270 10.38 57.80 -67.33
CA ILE C 270 11.80 58.14 -67.34
C ILE C 270 12.64 56.87 -67.41
N PRO C 271 12.39 55.99 -68.37
CA PRO C 271 12.99 54.65 -68.32
C PRO C 271 14.51 54.66 -68.38
N MET C 272 15.10 55.42 -69.30
CA MET C 272 16.55 55.50 -69.40
C MET C 272 16.95 56.82 -70.05
N GLN C 273 18.20 57.21 -69.80
CA GLN C 273 18.77 58.47 -70.25
C GLN C 273 19.94 58.19 -71.18
N GLU C 274 20.10 59.05 -72.19
CA GLU C 274 21.20 58.91 -73.14
C GLU C 274 22.56 59.12 -72.48
N ILE C 275 23.55 58.36 -72.94
CA ILE C 275 24.86 58.30 -72.30
C ILE C 275 25.60 59.63 -72.41
N TRP C 276 25.44 60.35 -73.52
CA TRP C 276 26.03 61.68 -73.68
C TRP C 276 25.40 62.75 -72.81
N THR C 277 24.37 62.42 -72.02
CA THR C 277 23.99 63.31 -70.93
C THR C 277 25.11 63.48 -69.92
N LEU C 278 25.99 62.49 -69.78
CA LEU C 278 27.04 62.50 -68.78
C LEU C 278 28.36 63.10 -69.25
N CYS C 279 28.57 63.29 -70.56
CA CYS C 279 29.85 63.84 -71.00
C CYS C 279 29.90 65.34 -70.73
N SER C 280 31.09 65.82 -70.37
CA SER C 280 31.26 67.18 -69.88
C SER C 280 31.22 68.23 -70.98
N SER C 281 31.57 67.87 -72.23
CA SER C 281 31.63 68.84 -73.32
C SER C 281 30.44 68.69 -74.25
N GLU C 282 29.76 69.81 -74.51
CA GLU C 282 28.66 69.82 -75.46
C GLU C 282 29.13 69.44 -76.87
N ALA C 283 30.37 69.81 -77.22
CA ALA C 283 30.93 69.38 -78.50
C ALA C 283 31.16 67.87 -78.54
N GLN C 284 31.48 67.26 -77.41
CA GLN C 284 31.52 65.80 -77.35
C GLN C 284 30.13 65.21 -77.46
N ALA C 285 29.16 65.80 -76.74
CA ALA C 285 27.79 65.31 -76.80
C ALA C 285 27.23 65.38 -78.22
N GLU C 286 27.51 66.48 -78.92
CA GLU C 286 27.08 66.61 -80.32
C GLU C 286 27.65 65.50 -81.19
N ALA C 287 28.95 65.22 -81.06
CA ALA C 287 29.53 64.14 -81.84
C ALA C 287 28.94 62.77 -81.48
N MET C 288 28.78 62.50 -80.18
CA MET C 288 28.19 61.22 -79.78
C MET C 288 26.74 61.09 -80.22
N ARG C 289 25.92 62.12 -79.94
CA ARG C 289 24.53 62.08 -80.38
C ARG C 289 24.41 61.98 -81.90
N LYS C 290 25.22 62.75 -82.63
CA LYS C 290 25.22 62.66 -84.09
C LYS C 290 25.60 61.25 -84.56
N HIS C 291 26.63 60.65 -83.97
CA HIS C 291 26.96 59.28 -84.32
C HIS C 291 25.85 58.31 -83.95
N TYR C 292 25.24 58.48 -82.78
CA TYR C 292 24.25 57.52 -82.31
C TYR C 292 23.12 57.34 -83.32
N ASP C 293 22.58 58.43 -83.84
CA ASP C 293 21.40 58.40 -84.68
C ASP C 293 21.71 58.43 -86.17
N ASP C 294 22.88 58.93 -86.56
CA ASP C 294 23.30 58.88 -87.95
C ASP C 294 23.85 57.51 -88.35
N VAL C 295 24.42 56.75 -87.42
CA VAL C 295 25.16 55.55 -87.77
C VAL C 295 24.71 54.37 -86.92
N TRP C 296 24.92 54.46 -85.61
CA TRP C 296 24.87 53.28 -84.76
C TRP C 296 23.44 52.75 -84.61
N ALA C 297 22.51 53.61 -84.21
CA ALA C 297 21.12 53.18 -84.07
C ALA C 297 20.49 52.72 -85.38
N PRO C 298 20.71 53.37 -86.52
CA PRO C 298 20.31 52.77 -87.80
C PRO C 298 20.84 51.36 -88.03
N ALA C 299 22.16 51.19 -87.95
CA ALA C 299 22.75 49.87 -88.17
C ALA C 299 22.23 48.83 -87.19
N GLN C 300 22.13 49.18 -85.91
CA GLN C 300 21.57 48.25 -84.94
C GLN C 300 20.12 47.90 -85.24
N SER C 301 19.31 48.88 -85.63
CA SER C 301 17.92 48.59 -85.98
C SER C 301 17.83 47.68 -87.19
N GLU C 302 18.66 47.94 -88.22
CA GLU C 302 18.65 47.13 -89.41
C GLU C 302 19.11 45.70 -89.15
N LYS C 303 20.13 45.54 -88.29
CA LYS C 303 20.64 44.22 -87.96
C LYS C 303 19.65 43.40 -87.13
N TYR C 304 18.48 43.94 -86.82
CA TYR C 304 17.44 43.20 -86.12
C TYR C 304 16.18 43.09 -86.98
N ARG C 305 16.28 43.44 -88.26
CA ARG C 305 15.16 43.30 -89.19
C ARG C 305 15.13 41.87 -89.72
N VAL C 306 13.94 41.27 -89.73
CA VAL C 306 13.78 39.84 -90.00
C VAL C 306 13.14 39.65 -91.36
N LYS C 307 13.79 38.87 -92.22
CA LYS C 307 13.23 38.46 -93.49
C LYS C 307 12.15 37.41 -93.28
N ALA C 308 11.24 37.29 -94.24
CA ALA C 308 10.37 36.14 -94.31
C ALA C 308 10.98 35.06 -95.22
N ASN C 309 10.58 33.82 -94.97
CA ASN C 309 10.86 32.74 -95.91
C ASN C 309 10.19 33.01 -97.24
N TYR C 310 10.77 32.45 -98.32
CA TYR C 310 10.26 32.66 -99.66
C TYR C 310 10.30 31.36 -100.45
N ILE C 311 9.42 31.28 -101.45
CA ILE C 311 9.37 30.13 -102.35
C ILE C 311 10.51 30.23 -103.34
N ASP C 312 11.29 29.14 -103.47
CA ASP C 312 12.35 29.06 -104.47
C ASP C 312 12.14 27.97 -105.52
N GLN C 313 11.25 27.01 -105.29
CA GLN C 313 11.05 25.94 -106.27
C GLN C 313 9.63 25.39 -106.13
N LEU C 314 9.02 25.09 -107.28
CA LEU C 314 7.70 24.48 -107.34
C LEU C 314 7.77 23.17 -108.13
N VAL C 315 6.94 22.21 -107.74
CA VAL C 315 6.77 20.96 -108.46
C VAL C 315 5.32 20.53 -108.38
N VAL C 316 4.91 19.69 -109.33
CA VAL C 316 3.57 19.11 -109.35
C VAL C 316 3.70 17.59 -109.26
N ILE C 317 2.81 16.96 -108.50
CA ILE C 317 2.79 15.52 -108.32
C ILE C 317 1.41 14.99 -108.67
N THR C 318 1.38 13.82 -109.31
CA THR C 318 0.16 13.25 -109.85
C THR C 318 0.07 11.78 -109.45
N GLY C 319 -1.15 11.33 -109.21
CA GLY C 319 -1.36 9.93 -108.88
C GLY C 319 -2.82 9.62 -108.63
N GLY C 320 -3.06 8.37 -108.25
CA GLY C 320 -4.37 7.76 -108.18
C GLY C 320 -5.11 7.87 -106.87
N SER C 321 -4.61 8.62 -105.88
CA SER C 321 -5.32 8.72 -104.62
C SER C 321 -5.04 10.06 -103.95
N SER C 322 -5.92 10.41 -103.01
CA SER C 322 -5.82 11.69 -102.33
C SER C 322 -4.51 11.82 -101.56
N THR C 323 -3.91 10.70 -101.15
CA THR C 323 -2.84 10.70 -100.17
C THR C 323 -1.46 10.62 -100.81
N ILE C 324 -1.36 10.78 -102.13
CA ILE C 324 -0.07 10.89 -102.77
C ILE C 324 0.69 12.06 -102.17
N GLU C 325 2.02 12.00 -102.23
CA GLU C 325 2.87 12.75 -101.31
C GLU C 325 4.11 13.25 -102.03
N PRO C 326 4.55 14.47 -101.76
CA PRO C 326 5.61 15.08 -102.57
C PRO C 326 6.96 14.43 -102.32
N PRO C 327 7.96 14.75 -103.14
CA PRO C 327 9.35 14.47 -102.74
C PRO C 327 9.70 15.17 -101.44
N VAL C 328 10.56 14.51 -100.66
CA VAL C 328 10.71 14.83 -99.25
C VAL C 328 11.07 16.30 -99.03
N GLY C 329 11.78 16.91 -99.98
CA GLY C 329 12.17 18.31 -99.83
C GLY C 329 11.01 19.28 -99.93
N TYR C 330 9.88 18.88 -100.48
CA TYR C 330 8.76 19.77 -100.75
C TYR C 330 7.62 19.52 -99.77
N SER C 331 6.72 20.50 -99.71
CA SER C 331 5.46 20.37 -98.99
C SER C 331 4.29 20.67 -99.92
N LYS C 332 3.14 20.08 -99.61
CA LYS C 332 2.03 19.96 -100.55
C LYS C 332 0.94 20.99 -100.26
N ILE C 333 0.47 21.64 -101.31
CA ILE C 333 -0.78 22.39 -101.28
C ILE C 333 -1.92 21.38 -101.44
N GLU C 334 -2.71 21.21 -100.39
CA GLU C 334 -3.68 20.11 -100.26
C GLU C 334 -4.92 20.25 -101.16
N TYR C 335 -4.99 21.14 -102.15
CA TYR C 335 -6.18 21.27 -102.99
C TYR C 335 -5.90 20.64 -104.35
N ASP C 336 -6.73 19.67 -104.73
CA ASP C 336 -6.50 18.90 -105.95
C ASP C 336 -6.78 19.77 -107.17
N LEU C 337 -5.78 19.88 -108.06
CA LEU C 337 -5.92 20.61 -109.31
C LEU C 337 -6.81 19.91 -110.33
N ASN C 338 -7.44 18.78 -109.97
CA ASN C 338 -8.55 18.24 -110.73
C ASN C 338 -9.78 18.02 -109.85
N ALA C 339 -9.91 18.76 -108.76
CA ALA C 339 -11.03 18.60 -107.85
C ALA C 339 -12.35 18.71 -108.61
N GLY C 340 -13.13 17.62 -108.56
CA GLY C 340 -14.37 17.52 -109.30
C GLY C 340 -14.22 17.24 -110.77
N ALA C 341 -12.99 17.27 -111.31
CA ALA C 341 -12.76 17.03 -112.72
C ALA C 341 -12.44 15.57 -113.03
N GLY C 342 -12.39 14.72 -111.99
CA GLY C 342 -12.01 13.34 -112.20
C GLY C 342 -10.56 13.19 -112.64
N GLY C 343 -10.27 12.03 -113.21
CA GLY C 343 -8.93 11.72 -113.68
C GLY C 343 -7.97 11.41 -112.55
N ASP C 344 -6.71 11.80 -112.76
CA ASP C 344 -5.71 11.73 -111.71
C ASP C 344 -5.92 12.84 -110.68
N PHE C 345 -5.61 12.53 -109.42
CA PHE C 345 -5.33 13.57 -108.44
C PHE C 345 -4.04 14.30 -108.79
N ILE C 346 -4.08 15.63 -108.71
CA ILE C 346 -2.93 16.47 -109.02
C ILE C 346 -2.77 17.48 -107.88
N TYR C 347 -1.55 17.64 -107.38
CA TYR C 347 -1.24 18.60 -106.34
C TYR C 347 -0.02 19.42 -106.70
N LEU C 348 -0.05 20.69 -106.33
CA LEU C 348 1.07 21.61 -106.49
C LEU C 348 1.88 21.65 -105.20
N CYS C 349 3.20 21.56 -105.32
CA CYS C 349 4.09 21.47 -104.17
C CYS C 349 5.21 22.49 -104.32
N TYR C 350 5.73 22.94 -103.18
CA TYR C 350 6.69 24.04 -103.15
C TYR C 350 7.80 23.76 -102.15
N HIS C 351 8.92 24.44 -102.36
CA HIS C 351 9.99 24.56 -101.39
C HIS C 351 10.09 26.01 -100.93
N GLU C 352 10.13 26.22 -99.62
CA GLU C 352 10.34 27.55 -99.04
C GLU C 352 11.74 27.64 -98.47
N GLN C 353 12.50 28.64 -98.94
CA GLN C 353 13.92 28.77 -98.66
C GLN C 353 14.14 29.75 -97.52
N THR C 354 15.01 29.38 -96.57
CA THR C 354 15.46 30.33 -95.57
C THR C 354 16.45 31.31 -96.21
N TRP C 355 16.23 32.60 -95.98
CA TRP C 355 17.15 33.61 -96.48
C TRP C 355 18.48 33.55 -95.77
N GLN C 356 19.56 33.75 -96.53
CA GLN C 356 20.92 33.75 -96.02
C GLN C 356 21.65 34.97 -96.57
N ALA C 357 22.40 35.64 -95.69
CA ALA C 357 23.00 36.92 -96.07
C ALA C 357 24.09 36.74 -97.13
N ASP C 358 24.86 35.66 -97.04
CA ASP C 358 26.01 35.47 -97.93
C ASP C 358 25.69 34.63 -99.17
N ARG C 359 24.54 33.96 -99.20
CA ARG C 359 24.19 33.16 -100.37
C ARG C 359 22.68 33.05 -100.51
N PRO C 360 21.98 34.16 -100.74
CA PRO C 360 20.57 34.09 -101.12
C PRO C 360 20.41 33.38 -102.45
N LYS C 361 19.43 32.47 -102.52
CA LYS C 361 19.08 31.84 -103.78
C LYS C 361 18.23 32.79 -104.63
N ASP C 362 17.80 32.31 -105.79
CA ASP C 362 16.62 32.87 -106.43
C ASP C 362 15.37 32.58 -105.61
N ALA C 363 14.45 33.52 -105.59
CA ALA C 363 13.05 33.26 -105.31
C ALA C 363 12.29 33.04 -106.61
N VAL C 364 11.14 32.36 -106.50
CA VAL C 364 10.10 32.51 -107.51
C VAL C 364 9.54 33.92 -107.43
N THR C 365 9.39 34.56 -108.59
CA THR C 365 8.86 35.92 -108.65
C THR C 365 7.68 36.11 -109.57
N ASP C 366 7.39 35.19 -110.48
CA ASP C 366 6.16 35.25 -111.25
C ASP C 366 5.72 33.84 -111.62
N ILE C 367 4.42 33.68 -111.84
CA ILE C 367 3.84 32.41 -112.25
C ILE C 367 2.84 32.69 -113.37
N ARG C 368 2.79 31.79 -114.35
CA ARG C 368 1.87 31.91 -115.47
C ARG C 368 1.35 30.53 -115.83
N ILE C 369 0.19 30.49 -116.48
CA ILE C 369 -0.35 29.27 -117.07
C ILE C 369 -0.46 29.47 -118.57
N ILE C 370 0.07 28.52 -119.34
CA ILE C 370 0.30 28.69 -120.77
C ILE C 370 -0.59 27.80 -121.62
N PHE C 371 -1.27 26.82 -121.02
CA PHE C 371 -2.21 25.93 -121.72
C PHE C 371 -1.55 25.22 -122.91
N ASN C 372 -2.39 24.93 -123.91
CA ASN C 372 -2.18 23.80 -124.83
C ASN C 372 -0.83 23.81 -125.52
N LYS C 373 -0.54 24.83 -126.33
CA LYS C 373 0.61 24.82 -127.23
C LYS C 373 1.42 26.11 -127.20
N GLU C 374 1.01 27.13 -126.47
CA GLU C 374 1.73 28.38 -126.48
C GLU C 374 3.15 28.14 -125.97
N PRO C 375 4.16 28.75 -126.61
CA PRO C 375 5.54 28.58 -126.13
C PRO C 375 5.74 29.14 -124.75
N THR C 376 6.70 28.56 -124.03
CA THR C 376 7.02 29.03 -122.69
C THR C 376 7.52 30.48 -122.76
N PRO C 377 6.97 31.38 -121.95
CA PRO C 377 7.38 32.79 -122.02
C PRO C 377 8.86 32.96 -121.71
N PRO C 378 9.45 34.04 -122.20
CA PRO C 378 10.93 34.17 -122.17
C PRO C 378 11.50 34.10 -120.76
N GLY C 379 12.34 33.09 -120.54
CA GLY C 379 13.00 32.88 -119.26
C GLY C 379 12.19 32.20 -118.19
N TYR C 380 10.95 31.81 -118.47
CA TYR C 380 10.18 31.01 -117.52
C TYR C 380 10.57 29.54 -117.63
N THR C 381 10.53 28.86 -116.48
CA THR C 381 10.52 27.41 -116.47
C THR C 381 9.10 26.89 -116.64
N LYS C 382 8.99 25.63 -117.06
CA LYS C 382 7.71 24.95 -117.23
C LYS C 382 7.74 23.61 -116.53
N LEU C 383 6.66 23.31 -115.80
CA LEU C 383 6.48 21.97 -115.23
C LEU C 383 5.91 21.03 -116.29
N PRO C 384 6.45 19.82 -116.42
CA PRO C 384 6.04 18.94 -117.54
C PRO C 384 4.69 18.28 -117.35
N GLN C 385 4.19 18.17 -116.12
CA GLN C 385 2.91 17.52 -115.88
C GLN C 385 1.77 18.35 -116.45
N ASP C 386 0.86 17.68 -117.18
CA ASP C 386 -0.42 18.26 -117.55
C ASP C 386 -1.33 18.36 -116.33
N LEU C 387 -1.77 19.57 -116.02
CA LEU C 387 -2.64 19.80 -114.88
C LEU C 387 -4.10 19.47 -115.15
N ASN C 388 -4.39 18.79 -116.27
CA ASN C 388 -5.64 18.07 -116.47
C ASN C 388 -5.40 16.59 -116.77
N LYS C 389 -4.22 16.07 -116.44
CA LYS C 389 -3.92 14.67 -116.68
C LYS C 389 -5.03 13.78 -116.15
N GLY C 390 -5.57 12.93 -117.03
CA GLY C 390 -6.71 12.10 -116.75
C GLY C 390 -8.05 12.81 -116.74
N ALA C 391 -8.06 14.14 -116.61
CA ALA C 391 -9.31 14.88 -116.54
C ALA C 391 -9.87 15.23 -117.91
N GLY C 392 -9.09 15.02 -118.97
CA GLY C 392 -9.48 15.45 -120.30
C GLY C 392 -9.25 16.93 -120.50
N GLY C 393 -10.22 17.60 -121.12
CA GLY C 393 -10.12 19.03 -121.34
C GLY C 393 -8.94 19.39 -122.22
N ASP C 394 -8.50 20.64 -122.08
CA ASP C 394 -7.29 21.12 -122.71
C ASP C 394 -6.07 20.77 -121.86
N ASP C 395 -4.92 20.70 -122.51
CA ASP C 395 -3.67 20.46 -121.80
C ASP C 395 -3.24 21.73 -121.06
N VAL C 396 -3.05 21.61 -119.75
CA VAL C 396 -2.75 22.74 -118.88
C VAL C 396 -1.34 22.55 -118.33
N PHE C 397 -0.52 23.59 -118.45
CA PHE C 397 0.82 23.61 -117.88
C PHE C 397 1.06 24.91 -117.15
N LEU C 398 1.71 24.81 -115.99
CA LEU C 398 2.07 25.96 -115.17
C LEU C 398 3.53 26.31 -115.34
N CYS C 399 3.81 27.60 -115.53
CA CYS C 399 5.16 28.12 -115.72
C CYS C 399 5.45 29.16 -114.64
N TYR C 400 6.72 29.27 -114.25
CA TYR C 400 7.12 30.25 -113.26
C TYR C 400 8.51 30.78 -113.55
N LYS C 401 8.74 32.02 -113.15
CA LYS C 401 9.99 32.73 -113.34
C LYS C 401 10.69 32.87 -111.99
N THR C 402 12.01 32.69 -112.00
CA THR C 402 12.83 32.85 -110.81
C THR C 402 13.87 33.93 -111.02
N GLU C 403 14.15 34.68 -109.95
CA GLU C 403 15.04 35.83 -109.98
C GLU C 403 15.73 35.94 -108.64
N ALA C 404 16.89 36.59 -108.65
CA ALA C 404 17.66 36.77 -107.42
C ALA C 404 16.81 37.45 -106.36
N TYR C 405 17.01 37.03 -105.11
CA TYR C 405 16.11 37.41 -104.02
C TYR C 405 16.00 38.94 -103.88
N ASN C 406 14.77 39.41 -103.72
CA ASN C 406 14.52 40.77 -103.26
C ASN C 406 13.24 40.75 -102.44
N THR C 407 13.27 41.39 -101.27
CA THR C 407 12.08 41.41 -100.42
C THR C 407 10.88 42.04 -101.10
N ASP C 408 11.12 42.92 -102.08
CA ASP C 408 10.01 43.55 -102.81
C ASP C 408 9.25 42.58 -103.69
N THR C 409 9.83 41.42 -104.02
CA THR C 409 9.26 40.58 -105.08
C THR C 409 9.37 39.09 -104.81
N ALA C 410 10.22 38.62 -103.91
CA ALA C 410 10.24 37.21 -103.57
C ALA C 410 8.89 36.76 -103.03
N ILE C 411 8.26 35.83 -103.73
CA ILE C 411 6.96 35.32 -103.33
C ILE C 411 7.12 34.51 -102.05
N ASN C 412 6.37 34.88 -101.02
CA ASN C 412 6.46 34.19 -99.74
C ASN C 412 5.54 32.99 -99.64
N LYS C 413 4.32 33.06 -100.18
CA LYS C 413 3.40 31.93 -100.13
C LYS C 413 2.62 31.83 -101.43
N VAL C 414 2.15 30.61 -101.70
CA VAL C 414 1.21 30.34 -102.78
C VAL C 414 0.12 29.43 -102.24
N THR C 415 -1.06 29.50 -102.88
CA THR C 415 -2.14 28.57 -102.58
C THR C 415 -2.99 28.40 -103.83
N VAL C 416 -3.76 27.32 -103.85
CA VAL C 416 -4.71 27.03 -104.93
C VAL C 416 -6.12 27.07 -104.37
N ILE C 417 -6.99 27.82 -105.03
CA ILE C 417 -8.37 28.05 -104.61
C ILE C 417 -9.30 27.67 -105.75
N GLY C 418 -10.46 27.11 -105.41
CA GLY C 418 -11.38 26.67 -106.44
C GLY C 418 -12.79 26.59 -105.94
N GLY C 419 -13.72 26.65 -106.89
CA GLY C 419 -15.13 26.64 -106.58
C GLY C 419 -15.95 26.66 -107.84
N ASN C 420 -17.27 26.80 -107.67
CA ASN C 420 -18.16 26.77 -108.83
C ASN C 420 -18.14 28.07 -109.62
N ASN C 421 -17.89 29.20 -108.97
CA ASN C 421 -17.88 30.48 -109.66
C ASN C 421 -16.54 30.67 -110.37
N ALA C 422 -16.59 31.28 -111.57
CA ALA C 422 -15.37 31.70 -112.22
C ALA C 422 -14.73 32.90 -111.52
N ASP C 423 -15.54 33.88 -111.12
CA ASP C 423 -15.09 35.03 -110.34
C ASP C 423 -14.94 34.68 -108.86
N ILE C 424 -13.99 33.83 -108.50
CA ILE C 424 -13.79 33.45 -107.12
C ILE C 424 -12.75 34.37 -106.47
N ASN C 425 -12.88 34.57 -105.17
CA ASN C 425 -12.04 35.51 -104.43
C ASN C 425 -10.84 34.79 -103.82
N ALA C 426 -9.66 35.35 -104.06
CA ALA C 426 -8.46 34.93 -103.35
C ALA C 426 -8.45 35.42 -101.91
N PRO C 427 -7.67 34.78 -101.05
CA PRO C 427 -7.48 35.31 -99.69
C PRO C 427 -6.89 36.70 -99.72
N TYR C 428 -7.14 37.45 -98.64
CA TYR C 428 -6.74 38.84 -98.60
C TYR C 428 -5.23 38.98 -98.80
N GLY C 429 -4.86 39.89 -99.70
CA GLY C 429 -3.47 40.13 -100.03
C GLY C 429 -2.86 39.18 -101.03
N TYR C 430 -3.51 38.06 -101.31
CA TYR C 430 -3.07 37.19 -102.39
C TYR C 430 -3.50 37.74 -103.74
N LEU C 431 -2.70 37.47 -104.76
CA LEU C 431 -3.04 37.71 -106.16
C LEU C 431 -3.18 36.37 -106.86
N LYS C 432 -4.30 36.15 -107.51
CA LYS C 432 -4.51 34.93 -108.28
C LYS C 432 -4.07 35.14 -109.72
N VAL C 433 -3.49 34.10 -110.31
CA VAL C 433 -3.10 34.10 -111.72
C VAL C 433 -4.31 33.94 -112.62
N PRO C 434 -4.30 34.53 -113.81
CA PRO C 434 -5.37 34.25 -114.78
C PRO C 434 -5.28 32.84 -115.34
N GLY C 435 -6.44 32.34 -115.78
CA GLY C 435 -6.53 31.01 -116.36
C GLY C 435 -6.94 29.93 -115.38
N ASP C 436 -7.74 28.98 -115.86
CA ASP C 436 -8.34 27.95 -115.02
C ASP C 436 -7.56 26.66 -115.18
N LEU C 437 -7.11 26.09 -114.05
CA LEU C 437 -6.42 24.81 -114.05
C LEU C 437 -7.33 23.63 -114.34
N ASN C 438 -8.61 23.86 -114.61
CA ASN C 438 -9.50 22.86 -115.21
C ASN C 438 -10.13 23.35 -116.51
N ARG C 439 -9.51 24.32 -117.19
CA ARG C 439 -10.05 24.83 -118.43
C ARG C 439 -10.41 23.68 -119.37
N GLY C 440 -11.66 23.68 -119.83
CA GLY C 440 -12.17 22.64 -120.70
C GLY C 440 -12.53 21.35 -120.01
N ALA C 441 -12.07 21.13 -118.79
CA ALA C 441 -12.47 19.96 -118.03
C ALA C 441 -13.77 20.28 -117.27
N GLY C 442 -14.34 19.25 -116.65
CA GLY C 442 -15.44 19.47 -115.73
C GLY C 442 -15.00 20.04 -114.40
N GLY C 443 -15.88 19.92 -113.41
CA GLY C 443 -15.58 20.28 -112.04
C GLY C 443 -15.44 21.79 -111.78
N ASN C 444 -14.72 22.08 -110.71
CA ASN C 444 -14.53 23.45 -110.23
C ASN C 444 -13.63 24.24 -111.16
N PHE C 445 -13.80 25.56 -111.13
CA PHE C 445 -12.73 26.48 -111.51
C PHE C 445 -11.64 26.46 -110.44
N ILE C 446 -10.39 26.50 -110.87
CA ILE C 446 -9.24 26.42 -109.96
C ILE C 446 -8.18 27.41 -110.41
N TYR C 447 -7.63 28.17 -109.46
CA TYR C 447 -6.68 29.23 -109.73
C TYR C 447 -5.55 29.16 -108.71
N ALA C 448 -4.34 29.52 -109.15
CA ALA C 448 -3.20 29.67 -108.26
C ALA C 448 -3.10 31.09 -107.72
N CYS C 449 -3.07 31.21 -106.39
CA CYS C 449 -2.92 32.48 -105.69
C CYS C 449 -1.50 32.63 -105.15
N THR C 450 -0.97 33.85 -105.25
CA THR C 450 0.41 34.16 -104.86
C THR C 450 0.37 35.28 -103.84
N PHE C 451 1.28 35.23 -102.87
CA PHE C 451 1.37 36.22 -101.80
C PHE C 451 2.82 36.69 -101.64
N VAL C 452 3.00 38.00 -101.58
CA VAL C 452 4.30 38.61 -101.33
C VAL C 452 4.16 39.52 -100.11
N GLY C 453 5.05 39.31 -99.14
CA GLY C 453 5.04 40.10 -97.91
C GLY C 453 5.58 41.50 -98.06
N LYS C 454 6.53 41.68 -98.97
CA LYS C 454 7.26 42.95 -99.07
C LYS C 454 7.96 43.25 -97.75
N THR D 1 35.29 35.78 -47.83
CA THR D 1 34.71 34.78 -48.77
C THR D 1 34.42 35.43 -50.13
N VAL D 2 35.03 34.88 -51.18
CA VAL D 2 34.88 35.42 -52.52
C VAL D 2 33.64 34.81 -53.16
N LEU D 3 32.96 35.62 -53.97
CA LEU D 3 31.78 35.14 -54.67
C LEU D 3 32.18 34.09 -55.72
N PRO D 4 31.46 32.98 -55.82
CA PRO D 4 31.75 32.03 -56.90
C PRO D 4 31.67 32.69 -58.26
N GLY D 5 32.70 32.47 -59.08
CA GLY D 5 32.78 33.03 -60.41
C GLY D 5 33.85 34.09 -60.57
N VAL D 6 34.34 34.66 -59.46
CA VAL D 6 35.46 35.58 -59.52
C VAL D 6 36.71 34.88 -60.06
N GLU D 7 36.83 33.57 -59.84
CA GLU D 7 37.91 32.81 -60.46
C GLU D 7 37.76 32.68 -61.97
N ALA D 8 36.55 32.87 -62.51
CA ALA D 8 36.27 32.56 -63.89
C ALA D 8 36.14 33.79 -64.78
N ILE D 9 35.73 34.94 -64.23
CA ILE D 9 35.81 36.18 -64.98
C ILE D 9 37.28 36.49 -65.27
N GLY D 10 37.52 37.21 -66.36
CA GLY D 10 38.86 37.56 -66.78
C GLY D 10 39.70 36.41 -67.29
N LEU D 11 39.20 35.17 -67.21
CA LEU D 11 39.90 34.02 -67.75
C LEU D 11 40.14 34.18 -69.25
N GLY D 12 41.38 33.95 -69.67
CA GLY D 12 41.71 34.03 -71.08
C GLY D 12 41.07 32.87 -71.83
N TYR D 13 40.41 33.17 -72.95
CA TYR D 13 39.43 32.28 -73.55
C TYR D 13 39.72 32.09 -75.03
N ASN D 14 39.49 30.86 -75.52
CA ASN D 14 39.54 30.60 -76.95
C ASN D 14 38.12 30.37 -77.48
N PRO D 15 37.56 31.31 -78.24
CA PRO D 15 36.19 31.13 -78.75
C PRO D 15 35.92 29.81 -79.45
N PHE D 16 36.84 29.38 -80.32
CA PHE D 16 36.67 28.18 -81.11
C PHE D 16 36.60 26.89 -80.30
N ILE D 17 37.34 26.77 -79.21
CA ILE D 17 37.36 25.49 -78.49
C ILE D 17 35.97 25.11 -78.00
N SER D 18 35.24 26.02 -77.38
CA SER D 18 33.92 25.62 -76.89
C SER D 18 33.07 26.84 -76.58
N TYR D 19 31.80 26.56 -76.29
CA TYR D 19 30.82 27.57 -75.92
C TYR D 19 30.60 27.52 -74.40
N ALA D 20 30.78 28.67 -73.74
CA ALA D 20 30.28 28.85 -72.37
C ALA D 20 30.81 27.78 -71.43
N SER D 21 32.04 27.33 -71.68
CA SER D 21 32.71 26.37 -70.82
C SER D 21 34.08 26.91 -70.45
N VAL D 22 34.49 26.64 -69.20
CA VAL D 22 35.79 27.09 -68.72
C VAL D 22 36.93 26.27 -69.30
N ASN D 23 36.65 25.06 -69.78
CA ASN D 23 37.67 24.26 -70.46
C ASN D 23 38.20 24.95 -71.71
N SER D 24 37.47 25.93 -72.24
CA SER D 24 37.91 26.69 -73.40
C SER D 24 38.86 27.84 -73.05
N GLY D 25 39.15 28.10 -71.78
CA GLY D 25 40.08 29.14 -71.39
C GLY D 25 41.32 28.59 -70.70
N ALA D 26 42.46 29.19 -71.00
CA ALA D 26 43.76 28.82 -70.46
C ALA D 26 44.29 29.84 -69.45
N VAL D 27 44.05 29.58 -68.16
CA VAL D 27 44.62 30.33 -67.03
C VAL D 27 44.05 31.74 -66.91
N GLN D 28 44.09 32.29 -65.68
CA GLN D 28 43.49 33.57 -65.34
C GLN D 28 44.54 34.67 -65.50
N LEU D 29 44.23 35.66 -66.33
CA LEU D 29 45.13 36.79 -66.53
C LEU D 29 45.17 37.82 -65.41
N PHE D 30 44.10 37.98 -64.63
CA PHE D 30 44.06 39.03 -63.62
C PHE D 30 44.20 38.51 -62.19
N ASP D 31 44.89 39.30 -61.37
CA ASP D 31 45.17 38.96 -59.98
C ASP D 31 44.08 39.61 -59.12
N TRP D 32 43.23 38.80 -58.50
CA TRP D 32 42.17 39.32 -57.66
C TRP D 32 42.31 38.98 -56.18
N ALA D 33 43.40 38.33 -55.77
CA ALA D 33 43.60 38.15 -54.34
C ALA D 33 44.11 39.45 -53.73
N THR D 34 45.06 40.11 -54.40
CA THR D 34 45.61 41.37 -53.93
C THR D 34 44.60 42.51 -54.04
N ALA D 35 43.79 42.51 -55.10
CA ALA D 35 42.94 43.66 -55.38
C ALA D 35 41.96 43.94 -54.25
N LYS D 36 41.63 45.23 -54.12
CA LYS D 36 40.62 45.70 -53.18
C LYS D 36 39.27 45.04 -53.43
N LYS D 37 38.65 44.54 -52.37
CA LYS D 37 37.37 43.85 -52.45
C LYS D 37 36.19 44.79 -52.23
N ARG D 38 35.03 44.34 -52.71
CA ARG D 38 33.74 44.95 -52.44
C ARG D 38 32.78 43.85 -52.01
N GLU D 39 31.92 44.13 -51.04
CA GLU D 39 30.89 43.19 -50.66
C GLU D 39 29.76 43.18 -51.69
N VAL D 40 29.22 42.01 -51.96
CA VAL D 40 28.15 41.84 -52.94
C VAL D 40 26.84 42.34 -52.34
N PRO D 41 26.16 43.32 -52.95
CA PRO D 41 24.98 43.90 -52.29
C PRO D 41 23.91 42.88 -51.95
N PHE D 42 23.60 41.96 -52.86
CA PHE D 42 22.54 40.98 -52.66
C PHE D 42 22.98 39.73 -51.93
N LYS D 43 24.30 39.54 -51.70
CA LYS D 43 24.81 38.35 -51.01
C LYS D 43 25.86 38.82 -49.98
N ALA D 44 25.37 39.47 -48.94
CA ALA D 44 26.21 39.85 -47.81
C ALA D 44 26.93 38.64 -47.23
N GLY D 45 28.22 38.82 -46.96
CA GLY D 45 29.12 37.73 -46.65
C GLY D 45 29.92 37.19 -47.82
N TYR D 46 29.67 37.66 -49.04
CA TYR D 46 30.50 37.34 -50.18
C TYR D 46 31.07 38.63 -50.76
N PHE D 47 32.29 38.54 -51.27
CA PHE D 47 33.01 39.72 -51.74
C PHE D 47 33.52 39.50 -53.16
N VAL D 48 33.71 40.62 -53.87
CA VAL D 48 34.28 40.61 -55.22
C VAL D 48 35.30 41.73 -55.31
N PRO D 49 36.26 41.62 -56.23
CA PRO D 49 37.10 42.78 -56.52
C PRO D 49 36.24 43.95 -56.98
N GLU D 50 36.62 45.16 -56.55
CA GLU D 50 35.74 46.30 -56.76
C GLU D 50 35.58 46.64 -58.24
N ILE D 51 36.48 46.14 -59.08
CA ILE D 51 36.40 46.46 -60.51
C ILE D 51 35.19 45.80 -61.14
N VAL D 52 34.85 44.59 -60.73
CA VAL D 52 33.79 43.85 -61.40
C VAL D 52 32.43 44.33 -60.93
N ASP D 53 31.49 44.34 -61.86
CA ASP D 53 30.08 44.64 -61.59
C ASP D 53 29.31 43.33 -61.61
N VAL D 54 28.69 42.99 -60.49
CA VAL D 54 27.91 41.75 -60.37
C VAL D 54 26.44 42.13 -60.27
N GLN D 55 25.65 41.61 -61.20
CA GLN D 55 24.20 41.76 -61.21
C GLN D 55 23.56 40.42 -60.90
N GLN D 56 22.62 40.40 -59.96
CA GLN D 56 21.73 39.25 -59.87
C GLN D 56 20.82 39.22 -61.09
N ASN D 57 20.61 38.03 -61.62
CA ASN D 57 19.71 37.86 -62.76
C ASN D 57 19.04 36.49 -62.72
N ASP D 58 18.53 36.10 -61.55
CA ASP D 58 17.96 34.78 -61.37
C ASP D 58 16.81 34.53 -62.35
N SER D 59 17.05 33.69 -63.34
CA SER D 59 16.13 33.53 -64.47
C SER D 59 16.53 32.28 -65.24
N ALA D 60 15.70 31.24 -65.12
CA ALA D 60 15.74 30.08 -66.00
C ALA D 60 15.42 30.50 -67.42
N THR D 61 16.29 30.12 -68.36
CA THR D 61 16.35 30.74 -69.68
C THR D 61 16.72 29.68 -70.72
N TYR D 62 16.35 29.95 -71.96
CA TYR D 62 16.61 29.04 -73.08
C TYR D 62 17.57 29.67 -74.07
N THR D 63 18.53 28.88 -74.55
CA THR D 63 19.28 29.18 -75.76
C THR D 63 19.16 27.98 -76.67
N ASN D 64 18.60 28.17 -77.86
CA ASN D 64 18.40 27.10 -78.82
C ASN D 64 19.07 27.42 -80.14
N VAL D 65 19.76 26.44 -80.71
CA VAL D 65 20.51 26.58 -81.95
C VAL D 65 20.08 25.44 -82.86
N SER D 66 19.85 25.74 -84.13
CA SER D 66 19.36 24.72 -85.05
C SER D 66 19.85 25.03 -86.46
N GLY D 67 19.87 24.00 -87.29
CA GLY D 67 20.19 24.16 -88.70
C GLY D 67 19.88 22.93 -89.53
N ASN D 68 19.38 23.14 -90.75
CA ASN D 68 19.08 22.01 -91.61
C ASN D 68 20.34 21.28 -92.04
N THR D 69 21.50 21.90 -91.86
CA THR D 69 22.78 21.32 -92.22
C THR D 69 23.84 21.88 -91.28
N ILE D 70 24.95 21.14 -91.17
CA ILE D 70 25.96 21.50 -90.18
C ILE D 70 26.51 22.89 -90.46
N SER D 71 26.76 23.22 -91.72
CA SER D 71 27.30 24.54 -92.04
C SER D 71 26.30 25.63 -91.67
N GLU D 72 25.01 25.30 -91.65
CA GLU D 72 24.02 26.23 -91.11
C GLU D 72 24.04 26.25 -89.59
N TYR D 73 24.07 25.07 -88.97
CA TYR D 73 24.16 24.99 -87.51
C TYR D 73 25.40 25.69 -86.98
N GLN D 74 26.53 25.52 -87.68
CA GLN D 74 27.76 26.20 -87.27
C GLN D 74 27.62 27.71 -87.33
N ARG D 75 26.79 28.24 -88.24
CA ARG D 75 26.60 29.68 -88.29
C ARG D 75 25.56 30.17 -87.29
N SER D 76 24.46 29.43 -87.10
CA SER D 76 23.52 29.79 -86.05
C SER D 76 24.12 29.63 -84.66
N LEU D 77 25.08 28.71 -84.50
CA LEU D 77 25.86 28.65 -83.28
C LEU D 77 26.77 29.87 -83.13
N ALA D 78 27.58 30.14 -84.16
CA ALA D 78 28.53 31.25 -84.10
C ALA D 78 27.84 32.57 -83.81
N THR D 79 26.67 32.80 -84.42
CA THR D 79 25.92 34.04 -84.23
C THR D 79 25.09 34.05 -82.96
N SER D 80 25.15 33.00 -82.14
CA SER D 80 24.43 33.01 -80.86
C SER D 80 25.10 33.91 -79.83
N VAL D 81 26.26 34.49 -80.15
CA VAL D 81 26.98 35.38 -79.25
C VAL D 81 27.42 36.59 -80.05
N ALA D 82 27.38 37.77 -79.42
CA ALA D 82 27.83 38.99 -80.07
C ALA D 82 29.35 38.97 -80.19
N ILE D 83 29.84 38.55 -81.35
CA ILE D 83 31.27 38.41 -81.58
C ILE D 83 31.55 38.70 -83.05
N GLU D 84 32.74 39.21 -83.32
CA GLU D 84 33.05 39.74 -84.63
C GLU D 84 33.50 38.66 -85.61
N GLY D 85 33.05 38.78 -86.86
CA GLY D 85 33.50 37.94 -87.94
C GLY D 85 32.68 36.67 -88.13
N ARG D 86 32.89 36.07 -89.31
CA ARG D 86 32.16 34.91 -89.78
C ARG D 86 32.78 33.59 -89.35
N TYR D 87 33.77 33.62 -88.46
CA TYR D 87 34.48 32.42 -88.10
C TYR D 87 33.58 31.42 -87.36
N ASN D 88 33.95 30.15 -87.45
CA ASN D 88 33.23 29.04 -86.83
C ASN D 88 33.48 28.99 -85.32
N PHE D 89 33.10 30.07 -84.63
CA PHE D 89 33.29 30.12 -83.19
C PHE D 89 32.52 29.00 -82.50
N PHE D 90 33.02 28.58 -81.34
CA PHE D 90 32.41 27.51 -80.56
C PHE D 90 32.34 26.16 -81.26
N SER D 91 32.91 26.07 -82.47
CA SER D 91 32.64 24.90 -83.31
C SER D 91 33.33 23.64 -82.81
N GLY D 92 34.31 23.78 -81.91
CA GLY D 92 34.89 22.63 -81.23
C GLY D 92 33.90 21.82 -80.41
N SER D 93 32.79 22.43 -79.99
CA SER D 93 31.76 21.68 -79.28
C SER D 93 31.13 20.58 -80.14
N LEU D 94 31.20 20.71 -81.47
CA LEU D 94 30.67 19.68 -82.35
C LEU D 94 31.26 18.31 -82.02
N SER D 95 32.58 18.24 -81.82
CA SER D 95 33.25 16.98 -81.55
C SER D 95 32.69 16.24 -80.33
N THR D 96 31.95 16.91 -79.45
CA THR D 96 31.38 16.29 -78.27
C THR D 96 29.87 16.35 -78.18
N ASP D 97 29.23 17.26 -78.92
CA ASP D 97 27.76 17.26 -78.96
C ASP D 97 27.22 16.13 -79.85
N PHE D 98 27.88 15.84 -80.96
CA PHE D 98 27.33 14.97 -81.98
C PHE D 98 28.31 13.86 -82.32
N ASP D 99 27.76 12.70 -82.71
CA ASP D 99 28.58 11.61 -83.20
C ASP D 99 29.23 11.97 -84.53
N SER D 100 30.51 11.62 -84.66
CA SER D 100 31.33 12.14 -85.75
C SER D 100 30.78 11.72 -87.10
N ASN D 101 30.33 10.48 -87.23
CA ASN D 101 29.65 10.04 -88.45
C ASN D 101 28.42 10.90 -88.73
N SER D 102 27.71 11.32 -87.68
CA SER D 102 26.45 12.03 -87.86
C SER D 102 26.66 13.47 -88.27
N LEU D 103 27.82 14.05 -87.93
CA LEU D 103 28.22 15.31 -88.55
C LEU D 103 28.51 15.13 -90.04
N ARG D 104 29.16 14.03 -90.40
CA ARG D 104 29.48 13.75 -91.80
C ARG D 104 28.25 13.31 -92.59
N ASN D 105 27.24 12.74 -91.94
CA ASN D 105 26.05 12.27 -92.62
C ASN D 105 25.18 13.44 -93.05
N ALA D 106 25.10 13.67 -94.36
CA ALA D 106 24.31 14.76 -94.93
C ALA D 106 22.79 14.58 -94.79
N GLU D 107 22.29 13.42 -94.36
CA GLU D 107 20.87 13.29 -94.05
C GLU D 107 20.47 13.87 -92.71
N ASN D 108 21.40 14.38 -91.91
CA ASN D 108 21.07 14.86 -90.58
C ASN D 108 20.86 16.37 -90.57
N GLU D 109 19.94 16.80 -89.70
CA GLU D 109 19.81 18.18 -89.25
C GLU D 109 19.92 18.23 -87.74
N PHE D 110 20.41 19.37 -87.23
CA PHE D 110 21.00 19.46 -85.91
C PHE D 110 20.29 20.50 -85.07
N THR D 111 20.03 20.16 -83.81
CA THR D 111 19.42 21.06 -82.84
C THR D 111 20.12 20.91 -81.50
N ARG D 112 20.41 22.04 -80.85
CA ARG D 112 20.92 22.07 -79.49
C ARG D 112 20.00 22.91 -78.62
N ILE D 113 19.42 22.28 -77.59
CA ILE D 113 18.47 22.91 -76.68
C ILE D 113 19.15 23.05 -75.32
N GLN D 114 19.42 24.29 -74.92
CA GLN D 114 20.08 24.58 -73.64
C GLN D 114 19.13 25.38 -72.75
N GLN D 115 18.78 24.83 -71.59
CA GLN D 115 18.12 25.58 -70.51
C GLN D 115 19.17 26.05 -69.51
N SER D 116 19.56 27.32 -69.60
CA SER D 116 20.39 27.95 -68.59
C SER D 116 19.61 28.24 -67.32
N ILE D 117 20.12 27.80 -66.17
CA ILE D 117 19.56 28.19 -64.88
C ILE D 117 20.40 29.30 -64.27
N ASN D 118 20.16 30.54 -64.70
CA ASN D 118 20.97 31.67 -64.26
C ASN D 118 20.75 31.96 -62.77
N LEU D 119 21.83 32.40 -62.10
CA LEU D 119 21.75 32.94 -60.75
C LEU D 119 22.24 34.37 -60.68
N TRP D 120 23.47 34.64 -61.09
CA TRP D 120 24.04 35.98 -61.10
C TRP D 120 25.00 36.07 -62.26
N SER D 121 25.41 37.30 -62.59
CA SER D 121 26.35 37.49 -63.68
C SER D 121 27.37 38.55 -63.31
N LEU D 122 28.63 38.26 -63.61
CA LEU D 122 29.75 39.14 -63.30
C LEU D 122 30.21 39.84 -64.56
N ARG D 123 30.43 41.14 -64.47
CA ARG D 123 30.80 41.97 -65.61
C ARG D 123 32.09 42.68 -65.29
N LEU D 124 32.90 42.91 -66.33
CA LEU D 124 34.22 43.51 -66.17
C LEU D 124 34.40 44.62 -67.21
N PRO D 125 34.59 45.87 -66.81
CA PRO D 125 34.60 46.97 -67.77
C PRO D 125 35.92 47.07 -68.52
N SER D 126 35.83 47.60 -69.74
CA SER D 126 36.95 47.78 -70.64
C SER D 126 37.85 48.95 -70.28
N VAL D 127 37.92 49.31 -68.98
CA VAL D 127 38.69 50.48 -68.60
C VAL D 127 40.19 50.21 -68.72
N LYS D 128 40.94 51.29 -68.98
CA LYS D 128 42.39 51.21 -69.18
C LYS D 128 43.15 50.69 -67.98
N SER D 129 42.60 50.79 -66.77
CA SER D 129 43.29 50.28 -65.60
C SER D 129 43.30 48.77 -65.49
N LEU D 130 42.64 48.04 -66.40
CA LEU D 130 42.71 46.58 -66.36
C LEU D 130 44.16 46.10 -66.39
N ARG D 131 44.99 46.71 -67.23
CA ARG D 131 46.41 46.37 -67.29
C ARG D 131 47.06 46.35 -65.92
N GLU D 132 46.65 47.24 -65.02
CA GLU D 132 47.25 47.29 -63.70
C GLU D 132 46.89 46.07 -62.85
N LEU D 133 45.75 45.44 -63.11
CA LEU D 133 45.35 44.25 -62.38
C LEU D 133 45.89 42.94 -62.94
N MET D 134 46.51 42.92 -64.12
CA MET D 134 47.08 41.67 -64.60
C MET D 134 48.12 41.14 -63.62
N LEU D 135 48.20 39.81 -63.54
CA LEU D 135 49.31 39.17 -62.84
C LEU D 135 50.64 39.57 -63.48
N PRO D 136 51.69 39.81 -62.68
CA PRO D 136 52.93 40.35 -63.26
C PRO D 136 53.55 39.49 -64.34
N HIS D 137 53.56 38.16 -64.17
CA HIS D 137 54.14 37.30 -65.20
C HIS D 137 53.29 37.27 -66.46
N MET D 138 51.97 37.36 -66.32
CA MET D 138 51.11 37.45 -67.50
C MET D 138 51.35 38.76 -68.25
N ARG D 139 51.41 39.88 -67.52
CA ARG D 139 51.74 41.16 -68.14
C ARG D 139 53.13 41.13 -68.76
N GLN D 140 54.12 40.59 -68.04
CA GLN D 140 55.47 40.49 -68.58
C GLN D 140 55.50 39.66 -69.86
N GLN D 141 54.79 38.54 -69.87
CA GLN D 141 54.76 37.69 -71.07
C GLN D 141 54.14 38.42 -72.25
N LEU D 142 53.02 39.11 -72.02
CA LEU D 142 52.38 39.90 -73.08
C LEU D 142 53.25 41.06 -73.53
N ASP D 143 53.96 41.70 -72.59
CA ASP D 143 54.80 42.84 -72.95
C ASP D 143 56.03 42.43 -73.75
N GLU D 144 56.56 41.24 -73.52
CA GLU D 144 57.74 40.76 -74.24
C GLU D 144 57.38 39.94 -75.48
N LEU D 145 56.10 39.78 -75.81
CA LEU D 145 55.71 39.01 -76.99
C LEU D 145 56.34 39.59 -78.24
N ASN D 146 57.14 38.78 -78.93
CA ASN D 146 57.83 39.18 -80.16
C ASN D 146 56.85 39.15 -81.33
N VAL D 147 56.08 40.24 -81.47
CA VAL D 147 55.09 40.33 -82.53
C VAL D 147 55.70 40.43 -83.92
N ASN D 148 57.03 40.52 -84.01
CA ASN D 148 57.73 40.40 -85.28
C ASN D 148 57.75 38.97 -85.82
N ASP D 149 57.41 37.97 -85.01
CA ASP D 149 57.28 36.60 -85.49
C ASP D 149 55.83 36.15 -85.44
N PRO D 150 55.21 35.87 -86.59
CA PRO D 150 53.83 35.35 -86.56
C PRO D 150 53.67 34.10 -85.71
N LYS D 151 54.67 33.22 -85.70
CA LYS D 151 54.56 31.99 -84.91
C LYS D 151 54.47 32.27 -83.43
N ALA D 152 55.16 33.32 -82.96
CA ALA D 152 55.06 33.70 -81.55
C ALA D 152 53.65 34.18 -81.20
N ILE D 153 53.08 35.04 -82.04
CA ILE D 153 51.71 35.50 -81.81
C ILE D 153 50.75 34.32 -81.89
N SER D 154 50.90 33.48 -82.91
CA SER D 154 50.03 32.32 -83.07
C SER D 154 50.13 31.39 -81.86
N ARG D 155 51.35 31.14 -81.38
CA ARG D 155 51.52 30.37 -80.15
C ARG D 155 50.92 31.08 -78.94
N TYR D 156 51.03 32.40 -78.88
CA TYR D 156 50.41 33.13 -77.78
C TYR D 156 48.89 32.97 -77.80
N PHE D 157 48.26 33.19 -78.94
CA PHE D 157 46.81 32.98 -79.04
C PHE D 157 46.44 31.54 -78.72
N ASP D 158 47.22 30.58 -79.22
CA ASP D 158 46.99 29.18 -78.88
C ASP D 158 47.19 28.91 -77.39
N ARG D 159 48.30 29.37 -76.84
CA ARG D 159 48.65 29.00 -75.47
C ARG D 159 47.88 29.80 -74.43
N VAL D 160 47.58 31.07 -74.72
CA VAL D 160 46.95 31.95 -73.74
C VAL D 160 45.50 32.26 -74.08
N GLY D 161 45.06 32.00 -75.31
CA GLY D 161 43.76 32.45 -75.77
C GLY D 161 43.84 33.78 -76.50
N SER D 162 42.87 34.00 -77.38
CA SER D 162 42.78 35.24 -78.13
C SER D 162 41.94 36.30 -77.45
N HIS D 163 41.06 35.92 -76.53
CA HIS D 163 40.16 36.83 -75.84
C HIS D 163 40.26 36.56 -74.35
N PHE D 164 39.59 37.40 -73.56
CA PHE D 164 39.39 37.09 -72.16
C PHE D 164 37.95 37.43 -71.78
N LEU D 165 37.44 36.68 -70.81
CA LEU D 165 36.04 36.79 -70.42
C LEU D 165 35.77 38.11 -69.71
N THR D 166 34.76 38.84 -70.20
CA THR D 166 34.27 40.04 -69.53
C THR D 166 32.82 39.95 -69.10
N GLY D 167 32.08 38.96 -69.58
CA GLY D 167 30.71 38.74 -69.14
C GLY D 167 30.51 37.29 -68.78
N ILE D 168 30.07 37.04 -67.54
CA ILE D 168 29.89 35.69 -67.03
C ILE D 168 28.50 35.59 -66.41
N VAL D 169 27.79 34.50 -66.73
CA VAL D 169 26.59 34.14 -65.99
C VAL D 169 26.92 32.88 -65.21
N MET D 170 26.67 32.90 -63.91
CA MET D 170 26.92 31.73 -63.08
C MET D 170 25.61 31.03 -62.73
N GLY D 171 25.55 29.74 -63.00
CA GLY D 171 24.37 28.97 -62.63
C GLY D 171 24.53 27.50 -62.95
N GLY D 172 23.51 26.97 -63.63
CA GLY D 172 23.52 25.62 -64.12
C GLY D 172 23.07 25.62 -65.57
N ARG D 173 23.29 24.50 -66.24
CA ARG D 173 22.60 24.27 -67.51
C ARG D 173 22.41 22.79 -67.72
N ALA D 174 21.27 22.44 -68.33
CA ALA D 174 21.04 21.13 -68.92
C ALA D 174 20.93 21.32 -70.43
N ILE D 175 21.60 20.45 -71.18
CA ILE D 175 21.60 20.54 -72.64
C ILE D 175 21.13 19.21 -73.20
N LEU D 176 20.30 19.27 -74.24
CA LEU D 176 20.06 18.15 -75.13
C LEU D 176 20.50 18.55 -76.53
N ALA D 177 21.44 17.80 -77.10
CA ALA D 177 21.85 17.95 -78.48
C ALA D 177 21.41 16.74 -79.27
N SER D 178 20.90 16.97 -80.47
CA SER D 178 20.32 15.91 -81.28
C SER D 178 20.62 16.15 -82.75
N SER D 179 20.88 15.06 -83.47
CA SER D 179 20.95 15.07 -84.92
C SER D 179 19.89 14.12 -85.46
N THR D 180 19.11 14.59 -86.43
CA THR D 180 17.85 13.96 -86.81
C THR D 180 17.84 13.74 -88.31
N ASN D 181 17.38 12.57 -88.73
CA ASN D 181 17.31 12.25 -90.16
C ASN D 181 16.22 13.09 -90.79
N LYS D 182 16.62 14.16 -91.47
CA LYS D 182 15.69 15.14 -91.99
C LYS D 182 14.87 14.61 -93.17
N LEU D 183 15.24 13.46 -93.73
CA LEU D 183 14.46 12.83 -94.78
C LEU D 183 13.27 12.04 -94.26
N ARG D 184 13.25 11.67 -92.98
CA ARG D 184 12.31 10.67 -92.50
C ARG D 184 11.52 11.08 -91.26
N VAL D 185 11.99 12.04 -90.47
CA VAL D 185 11.19 12.58 -89.38
C VAL D 185 9.96 13.31 -89.92
N LYS D 186 8.86 13.24 -89.16
CA LYS D 186 7.65 13.96 -89.51
C LYS D 186 7.90 15.47 -89.63
N ARG D 187 7.31 16.08 -90.65
CA ARG D 187 7.45 17.49 -90.96
C ARG D 187 6.27 18.32 -90.47
N ASP D 188 5.42 17.77 -89.60
CA ASP D 188 4.30 18.54 -89.07
C ASP D 188 4.76 19.80 -88.35
N TYR D 189 5.90 19.74 -87.65
CA TYR D 189 6.45 20.89 -86.97
C TYR D 189 7.93 21.00 -87.28
N SER D 190 8.46 22.21 -87.08
CA SER D 190 9.90 22.39 -87.17
C SER D 190 10.61 21.58 -86.09
N VAL D 191 11.81 21.10 -86.42
CA VAL D 191 12.48 20.16 -85.53
C VAL D 191 12.91 20.82 -84.24
N SER D 192 13.18 22.14 -84.27
CA SER D 192 13.41 22.87 -83.03
C SER D 192 12.20 22.86 -82.11
N VAL D 193 10.99 22.81 -82.67
CA VAL D 193 9.80 22.75 -81.83
C VAL D 193 9.68 21.39 -81.15
N VAL D 194 9.83 20.31 -81.91
CA VAL D 194 9.77 18.97 -81.33
C VAL D 194 11.04 18.62 -80.57
N ALA D 195 12.17 19.22 -80.92
CA ALA D 195 13.35 19.13 -80.06
C ALA D 195 13.09 19.74 -78.69
N LYS D 196 12.62 20.99 -78.65
CA LYS D 196 12.30 21.63 -77.38
C LYS D 196 11.21 20.88 -76.64
N ALA D 197 10.16 20.47 -77.36
CA ALA D 197 9.07 19.75 -76.73
C ALA D 197 9.52 18.41 -76.14
N SER D 198 10.42 17.72 -76.83
CA SER D 198 10.95 16.47 -76.30
C SER D 198 11.93 16.70 -75.15
N TYR D 199 12.74 17.75 -75.23
CA TYR D 199 13.51 18.17 -74.07
C TYR D 199 12.63 18.44 -72.86
N GLU D 200 11.55 19.20 -73.06
CA GLU D 200 10.59 19.42 -71.99
C GLU D 200 9.96 18.12 -71.53
N GLY D 201 9.71 17.19 -72.46
CA GLY D 201 9.21 15.88 -72.06
C GLY D 201 10.20 15.11 -71.20
N LEU D 202 11.47 15.09 -71.59
CA LEU D 202 12.47 14.37 -70.82
C LEU D 202 12.66 14.98 -69.44
N THR D 203 12.55 16.30 -69.32
CA THR D 203 12.67 16.97 -68.03
C THR D 203 11.35 17.07 -67.29
N GLY D 204 10.23 16.67 -67.90
CA GLY D 204 8.94 16.75 -67.27
C GLY D 204 8.28 18.10 -67.34
N GLN D 205 8.89 19.08 -68.01
CA GLN D 205 8.33 20.42 -68.14
C GLN D 205 7.17 20.49 -69.13
N LEU D 206 6.99 19.47 -69.96
CA LEU D 206 5.92 19.48 -70.96
C LEU D 206 4.58 19.28 -70.28
N SER D 207 3.63 20.18 -70.57
CA SER D 207 2.31 20.10 -69.97
C SER D 207 1.46 18.99 -70.59
N ALA D 208 0.38 18.69 -69.87
CA ALA D 208 -0.62 17.71 -70.31
C ALA D 208 -1.15 17.96 -71.72
N GLU D 209 -1.54 19.20 -72.03
CA GLU D 209 -1.98 19.50 -73.39
C GLU D 209 -0.83 19.51 -74.40
N ALA D 210 0.35 19.98 -74.00
CA ALA D 210 1.46 19.95 -74.94
C ALA D 210 1.95 18.53 -75.15
N LYS D 211 1.95 17.74 -74.09
CA LYS D 211 2.27 16.32 -74.16
C LYS D 211 1.40 15.56 -75.15
N ALA D 212 0.08 15.79 -75.14
CA ALA D 212 -0.76 15.28 -76.21
C ALA D 212 -0.39 15.85 -77.58
N LYS D 213 -0.27 17.17 -77.70
CA LYS D 213 -0.06 17.76 -79.03
C LYS D 213 1.28 17.34 -79.63
N TYR D 214 2.36 17.53 -78.88
CA TYR D 214 3.70 17.09 -79.30
C TYR D 214 3.92 15.58 -79.19
N GLY D 215 3.20 14.92 -78.28
CA GLY D 215 3.55 13.54 -77.94
C GLY D 215 3.67 12.59 -79.10
N GLU D 216 2.76 12.67 -80.07
CA GLU D 216 2.92 11.86 -81.28
C GLU D 216 4.06 12.36 -82.16
N SER D 217 4.33 13.66 -82.20
CA SER D 217 5.43 14.17 -83.01
C SER D 217 6.81 13.87 -82.42
N ILE D 218 6.92 13.83 -81.09
CA ILE D 218 8.21 13.63 -80.43
C ILE D 218 8.70 12.19 -80.53
N SER D 219 7.80 11.21 -80.60
CA SER D 219 8.23 9.84 -80.83
C SER D 219 8.91 9.65 -82.18
N SER D 220 8.36 10.25 -83.25
CA SER D 220 9.07 10.23 -84.53
C SER D 220 10.43 10.91 -84.44
N PHE D 221 10.47 12.08 -83.81
CA PHE D 221 11.75 12.74 -83.54
C PHE D 221 12.68 11.87 -82.71
N THR D 222 12.14 11.20 -81.69
CA THR D 222 12.98 10.41 -80.79
C THR D 222 13.66 9.25 -81.50
N GLN D 223 12.90 8.46 -82.25
CA GLN D 223 13.47 7.28 -82.89
C GLN D 223 14.43 7.63 -84.03
N TYR D 224 14.16 8.71 -84.75
CA TYR D 224 15.00 9.10 -85.88
C TYR D 224 16.13 10.08 -85.51
N SER D 225 16.47 10.18 -84.23
CA SER D 225 17.53 11.12 -83.85
C SER D 225 18.34 10.56 -82.69
N ASN D 226 19.59 11.02 -82.61
CA ASN D 226 20.56 10.62 -81.60
C ASN D 226 20.73 11.76 -80.59
N THR D 227 19.94 11.73 -79.52
CA THR D 227 19.95 12.80 -78.54
C THR D 227 21.09 12.57 -77.56
N HIS D 228 22.15 13.38 -77.69
CA HIS D 228 23.13 13.53 -76.63
C HIS D 228 22.56 14.40 -75.51
N GLN D 229 22.84 14.02 -74.27
CA GLN D 229 22.38 14.73 -73.09
C GLN D 229 23.56 15.03 -72.17
N GLU D 230 23.61 16.26 -71.65
CA GLU D 230 24.60 16.62 -70.65
C GLU D 230 24.00 17.67 -69.73
N VAL D 231 24.63 17.82 -68.56
CA VAL D 231 24.18 18.75 -67.53
C VAL D 231 25.39 19.27 -66.78
N ARG D 232 25.29 20.51 -66.31
CA ARG D 232 26.44 21.23 -65.77
C ARG D 232 25.97 22.13 -64.62
N GLY D 233 26.85 22.35 -63.66
CA GLY D 233 26.47 22.97 -62.41
C GLY D 233 25.55 22.13 -61.55
N GLY D 234 25.38 22.53 -60.30
CA GLY D 234 24.60 21.78 -59.34
C GLY D 234 25.30 20.55 -58.83
N ASP D 235 24.59 19.82 -57.97
CA ASP D 235 25.14 18.61 -57.37
C ASP D 235 25.21 17.50 -58.38
N GLY D 236 26.44 17.04 -58.67
CA GLY D 236 26.63 15.95 -59.61
C GLY D 236 25.96 14.66 -59.21
N ALA D 237 25.67 14.48 -57.91
CA ALA D 237 24.88 13.33 -57.48
C ALA D 237 23.40 13.47 -57.80
N LYS D 238 22.93 14.68 -58.14
CA LYS D 238 21.56 14.90 -58.57
C LYS D 238 21.47 15.31 -60.03
N ALA D 239 22.60 15.52 -60.69
CA ALA D 239 22.59 16.02 -62.06
C ALA D 239 21.96 15.01 -63.00
N HIS D 240 22.23 13.72 -62.80
CA HIS D 240 21.70 12.68 -63.67
C HIS D 240 20.19 12.52 -63.54
N GLY D 241 19.59 13.00 -62.46
CA GLY D 241 18.15 12.98 -62.29
C GLY D 241 17.38 13.97 -63.15
N VAL D 242 18.05 14.95 -63.76
CA VAL D 242 17.31 16.00 -64.46
C VAL D 242 16.57 15.44 -65.67
N PHE D 243 17.13 14.43 -66.33
CA PHE D 243 16.47 13.79 -67.45
C PHE D 243 15.70 12.55 -67.04
N SER D 244 15.36 12.43 -65.75
CA SER D 244 14.64 11.30 -65.19
C SER D 244 13.17 11.30 -65.56
N GLY D 245 12.71 12.27 -66.34
CA GLY D 245 11.31 12.35 -66.71
C GLY D 245 10.39 12.84 -65.61
N LYS D 246 10.93 13.25 -64.46
CA LYS D 246 10.13 13.55 -63.27
C LYS D 246 10.52 14.93 -62.78
N LYS D 247 9.51 15.80 -62.61
CA LYS D 247 9.76 17.18 -62.22
C LYS D 247 10.47 17.27 -60.87
N GLU D 248 10.11 16.40 -59.93
CA GLU D 248 10.73 16.44 -58.61
C GLU D 248 12.24 16.21 -58.68
N ASP D 249 12.69 15.36 -59.61
CA ASP D 249 14.12 15.16 -59.78
C ASP D 249 14.79 16.35 -60.45
N PHE D 250 14.15 16.93 -61.47
CA PHE D 250 14.69 18.14 -62.09
C PHE D 250 14.75 19.30 -61.12
N GLN D 251 13.68 19.55 -60.37
CA GLN D 251 13.69 20.62 -59.38
C GLN D 251 14.71 20.37 -58.28
N ALA D 252 14.87 19.12 -57.86
CA ALA D 252 15.91 18.79 -56.88
C ALA D 252 17.31 19.14 -57.37
N TRP D 253 17.58 19.03 -58.68
CA TRP D 253 18.84 19.55 -59.21
C TRP D 253 18.89 21.06 -59.20
N VAL D 254 17.83 21.71 -59.68
CA VAL D 254 17.78 23.18 -59.65
C VAL D 254 18.02 23.71 -58.25
N ASP D 255 17.41 23.08 -57.24
CA ASP D 255 17.64 23.48 -55.86
C ASP D 255 19.09 23.30 -55.41
N SER D 256 19.90 22.53 -56.15
CA SER D 256 21.32 22.41 -55.84
C SER D 256 22.22 23.33 -56.68
N VAL D 257 21.74 23.80 -57.83
CA VAL D 257 22.53 24.75 -58.62
C VAL D 257 22.82 26.01 -57.82
N SER D 258 21.87 26.45 -57.00
CA SER D 258 22.07 27.65 -56.18
C SER D 258 23.24 27.52 -55.23
N ALA D 259 23.53 26.31 -54.73
CA ALA D 259 24.68 26.13 -53.85
C ALA D 259 26.01 26.08 -54.61
N SER D 260 26.04 25.48 -55.80
CA SER D 260 27.29 25.17 -56.49
C SER D 260 27.19 25.52 -57.97
N PRO D 261 27.08 26.80 -58.30
CA PRO D 261 26.94 27.19 -59.71
C PRO D 261 28.25 27.11 -60.47
N ASP D 262 28.11 27.04 -61.79
CA ASP D 262 29.24 27.05 -62.72
C ASP D 262 29.02 28.11 -63.79
N PHE D 263 30.11 28.44 -64.50
CA PHE D 263 30.04 29.20 -65.73
C PHE D 263 29.28 28.47 -66.83
N VAL D 264 28.10 28.99 -67.18
CA VAL D 264 27.15 28.29 -68.03
C VAL D 264 26.79 29.10 -69.27
N ASP D 265 26.91 30.43 -69.19
CA ASP D 265 26.49 31.26 -70.31
C ASP D 265 27.21 32.61 -70.27
N PHE D 266 27.18 33.30 -71.41
CA PHE D 266 27.70 34.65 -71.53
C PHE D 266 26.62 35.69 -71.25
N VAL D 267 27.05 36.87 -70.81
CA VAL D 267 26.24 38.09 -70.84
C VAL D 267 26.20 38.63 -72.27
N PRO D 268 25.01 38.76 -72.88
CA PRO D 268 24.97 39.00 -74.33
C PRO D 268 25.68 40.26 -74.78
N THR D 269 25.75 41.28 -73.93
CA THR D 269 26.25 42.59 -74.35
C THR D 269 27.78 42.65 -74.43
N ILE D 270 28.48 41.93 -73.55
CA ILE D 270 29.91 42.14 -73.36
C ILE D 270 30.59 40.81 -73.04
N PRO D 271 30.40 39.79 -73.86
CA PRO D 271 30.82 38.44 -73.44
C PRO D 271 32.31 38.30 -73.23
N MET D 272 33.13 38.81 -74.14
CA MET D 272 34.58 38.73 -73.99
C MET D 272 35.24 39.86 -74.76
N GLN D 273 36.48 40.17 -74.36
CA GLN D 273 37.25 41.27 -74.93
C GLN D 273 38.53 40.71 -75.56
N GLU D 274 38.95 41.34 -76.66
CA GLU D 274 40.17 40.90 -77.34
C GLU D 274 41.41 41.13 -76.48
N ILE D 275 42.37 40.20 -76.59
CA ILE D 275 43.54 40.16 -75.74
C ILE D 275 44.44 41.38 -75.94
N TRP D 276 44.56 41.87 -77.17
CA TRP D 276 45.33 43.08 -77.46
C TRP D 276 44.68 44.35 -76.94
N THR D 277 43.52 44.28 -76.30
CA THR D 277 43.07 45.40 -75.49
C THR D 277 44.01 45.68 -74.33
N LEU D 278 44.72 44.65 -73.85
CA LEU D 278 45.59 44.78 -72.68
C LEU D 278 47.04 45.15 -73.01
N CYS D 279 47.49 45.05 -74.26
CA CYS D 279 48.88 45.39 -74.55
C CYS D 279 49.07 46.90 -74.56
N SER D 280 50.23 47.34 -74.06
CA SER D 280 50.47 48.75 -73.82
C SER D 280 50.75 49.55 -75.08
N SER D 281 51.25 48.93 -76.14
CA SER D 281 51.62 49.64 -77.36
C SER D 281 50.59 49.42 -78.45
N GLU D 282 50.11 50.52 -79.05
CA GLU D 282 49.19 50.43 -80.17
C GLU D 282 49.83 49.73 -81.37
N ALA D 283 51.14 49.92 -81.55
CA ALA D 283 51.87 49.19 -82.59
C ALA D 283 51.90 47.69 -82.32
N GLN D 284 51.96 47.29 -81.05
CA GLN D 284 51.82 45.88 -80.73
C GLN D 284 50.39 45.41 -80.98
N ALA D 285 49.40 46.20 -80.59
CA ALA D 285 48.01 45.84 -80.80
C ALA D 285 47.71 45.67 -82.29
N GLU D 286 48.23 46.58 -83.12
CA GLU D 286 48.07 46.46 -84.57
C GLU D 286 48.64 45.15 -85.10
N ALA D 287 49.84 44.79 -84.68
CA ALA D 287 50.41 43.52 -85.13
C ALA D 287 49.61 42.32 -84.64
N MET D 288 49.20 42.32 -83.37
CA MET D 288 48.40 41.22 -82.86
C MET D 288 47.04 41.12 -83.53
N ARG D 289 46.31 42.25 -83.61
CA ARG D 289 45.02 42.25 -84.28
C ARG D 289 45.15 41.85 -85.75
N LYS D 290 46.16 42.39 -86.44
CA LYS D 290 46.39 42.00 -87.83
C LYS D 290 46.67 40.52 -87.97
N HIS D 291 47.50 39.95 -87.09
CA HIS D 291 47.72 38.51 -87.13
C HIS D 291 46.45 37.73 -86.79
N TYR D 292 45.68 38.19 -85.81
CA TYR D 292 44.51 37.43 -85.37
C TYR D 292 43.55 37.15 -86.52
N ASP D 293 43.26 38.16 -87.33
CA ASP D 293 42.22 38.06 -88.35
C ASP D 293 42.77 37.77 -89.74
N ASP D 294 44.06 38.08 -89.97
CA ASP D 294 44.69 37.71 -91.23
C ASP D 294 45.13 36.25 -91.27
N VAL D 295 45.44 35.65 -90.13
CA VAL D 295 46.07 34.34 -90.11
C VAL D 295 45.34 33.40 -89.16
N TRP D 296 45.35 33.73 -87.87
CA TRP D 296 45.01 32.75 -86.85
C TRP D 296 43.53 32.40 -86.87
N ALA D 297 42.65 33.40 -86.81
CA ALA D 297 41.22 33.11 -86.86
C ALA D 297 40.76 32.47 -88.15
N PRO D 298 41.25 32.85 -89.33
CA PRO D 298 40.99 32.04 -90.53
C PRO D 298 41.38 30.57 -90.40
N ALA D 299 42.63 30.31 -90.04
CA ALA D 299 43.10 28.93 -89.91
C ALA D 299 42.28 28.16 -88.87
N GLN D 300 42.02 28.76 -87.72
CA GLN D 300 41.20 28.10 -86.71
C GLN D 300 39.79 27.82 -87.22
N SER D 301 39.18 28.77 -87.91
CA SER D 301 37.83 28.54 -88.46
C SER D 301 37.85 27.42 -89.49
N GLU D 302 38.86 27.39 -90.37
CA GLU D 302 38.95 26.35 -91.39
C GLU D 302 39.18 24.98 -90.77
N LYS D 303 40.02 24.91 -89.74
CA LYS D 303 40.31 23.64 -89.07
C LYS D 303 39.10 23.10 -88.30
N TYR D 304 37.97 23.79 -88.32
CA TYR D 304 36.73 23.29 -87.72
C TYR D 304 35.63 23.12 -88.76
N ARG D 305 35.99 23.20 -90.03
CA ARG D 305 35.04 22.97 -91.12
C ARG D 305 34.91 21.47 -91.37
N VAL D 306 33.68 20.99 -91.50
CA VAL D 306 33.39 19.56 -91.53
C VAL D 306 32.97 19.16 -92.93
N LYS D 307 33.66 18.17 -93.49
CA LYS D 307 33.27 17.56 -94.76
C LYS D 307 32.05 16.67 -94.55
N ALA D 308 31.32 16.45 -95.64
CA ALA D 308 30.33 15.37 -95.66
C ALA D 308 30.94 14.09 -96.22
N ASN D 309 30.36 12.96 -95.83
CA ASN D 309 30.66 11.70 -96.49
C ASN D 309 30.26 11.75 -97.95
N TYR D 310 30.93 10.94 -98.77
CA TYR D 310 30.69 10.92 -100.20
C TYR D 310 30.70 9.48 -100.72
N ILE D 311 30.00 9.28 -101.84
CA ILE D 311 29.96 7.99 -102.50
C ILE D 311 31.25 7.78 -103.28
N ASP D 312 31.89 6.63 -103.05
CA ASP D 312 33.10 6.25 -103.80
C ASP D 312 32.93 5.00 -104.65
N GLN D 313 31.91 4.18 -104.43
CA GLN D 313 31.74 2.96 -105.21
C GLN D 313 30.27 2.57 -105.24
N LEU D 314 29.82 2.11 -106.41
CA LEU D 314 28.47 1.61 -106.60
C LEU D 314 28.51 0.18 -107.12
N VAL D 315 27.51 -0.61 -106.71
CA VAL D 315 27.32 -1.96 -107.22
C VAL D 315 25.82 -2.24 -107.33
N VAL D 316 25.47 -3.21 -108.18
CA VAL D 316 24.11 -3.67 -108.34
C VAL D 316 24.03 -5.15 -107.96
N ILE D 317 22.96 -5.52 -107.26
CA ILE D 317 22.74 -6.90 -106.83
C ILE D 317 21.38 -7.36 -107.33
N THR D 318 21.31 -8.62 -107.75
CA THR D 318 20.14 -9.19 -108.40
C THR D 318 19.81 -10.53 -107.76
N GLY D 319 18.51 -10.83 -107.67
CA GLY D 319 18.08 -12.10 -107.14
C GLY D 319 16.58 -12.22 -107.12
N GLY D 320 16.13 -13.35 -106.57
CA GLY D 320 14.76 -13.81 -106.63
C GLY D 320 13.83 -13.37 -105.53
N SER D 321 14.25 -12.49 -104.62
CA SER D 321 13.35 -12.08 -103.54
C SER D 321 13.68 -10.66 -103.10
N SER D 322 12.70 -10.06 -102.42
CA SER D 322 12.84 -8.68 -101.97
C SER D 322 14.00 -8.50 -101.01
N THR D 323 14.39 -9.57 -100.30
CA THR D 323 15.27 -9.46 -99.15
C THR D 323 16.73 -9.80 -99.49
N ILE D 324 17.06 -9.91 -100.78
CA ILE D 324 18.44 -10.05 -101.17
C ILE D 324 19.22 -8.85 -100.66
N GLU D 325 20.53 -9.03 -100.46
CA GLU D 325 21.30 -8.19 -99.56
C GLU D 325 22.70 -7.97 -100.11
N PRO D 326 23.23 -6.75 -99.99
CA PRO D 326 24.49 -6.42 -100.68
C PRO D 326 25.68 -7.12 -100.07
N PRO D 327 26.83 -7.05 -100.73
CA PRO D 327 28.09 -7.37 -100.04
C PRO D 327 28.29 -6.46 -98.84
N VAL D 328 28.94 -7.02 -97.81
CA VAL D 328 28.89 -6.43 -96.48
C VAL D 328 29.38 -4.99 -96.47
N GLY D 329 30.31 -4.65 -97.35
CA GLY D 329 30.83 -3.29 -97.40
C GLY D 329 29.84 -2.25 -97.88
N TYR D 330 28.77 -2.67 -98.56
CA TYR D 330 27.83 -1.74 -99.19
C TYR D 330 26.52 -1.69 -98.41
N SER D 331 25.75 -0.65 -98.70
CA SER D 331 24.38 -0.52 -98.21
C SER D 331 23.43 -0.32 -99.38
N LYS D 332 22.18 -0.72 -99.20
CA LYS D 332 21.24 -0.93 -100.30
C LYS D 332 20.25 0.22 -100.40
N ILE D 333 20.04 0.69 -101.63
CA ILE D 333 18.90 1.53 -101.96
C ILE D 333 17.69 0.62 -102.14
N GLU D 334 16.71 0.73 -101.25
CA GLU D 334 15.61 -0.23 -101.10
C GLU D 334 14.59 -0.17 -102.24
N TYR D 335 14.77 0.51 -103.37
CA TYR D 335 13.77 0.57 -104.43
C TYR D 335 14.19 -0.35 -105.57
N ASP D 336 13.33 -1.30 -105.92
CA ASP D 336 13.66 -2.31 -106.91
C ASP D 336 13.71 -1.69 -108.30
N LEU D 337 14.84 -1.84 -108.99
CA LEU D 337 15.00 -1.36 -110.37
C LEU D 337 14.21 -2.18 -111.38
N ASN D 338 13.40 -3.14 -110.94
CA ASN D 338 12.36 -3.73 -111.79
C ASN D 338 10.99 -3.67 -111.13
N ALA D 339 10.79 -2.71 -110.23
CA ALA D 339 9.50 -2.58 -109.54
C ALA D 339 8.36 -2.52 -110.53
N GLY D 340 7.46 -3.50 -110.44
CA GLY D 340 6.35 -3.64 -111.37
C GLY D 340 6.72 -4.22 -112.71
N ALA D 341 8.00 -4.40 -113.01
CA ALA D 341 8.44 -4.95 -114.28
C ALA D 341 8.63 -6.46 -114.24
N GLY D 342 8.40 -7.09 -113.09
CA GLY D 342 8.64 -8.51 -112.96
C GLY D 342 10.11 -8.87 -113.09
N GLY D 343 10.34 -10.14 -113.38
CA GLY D 343 11.69 -10.65 -113.52
C GLY D 343 12.41 -10.82 -112.19
N ASP D 344 13.72 -10.59 -112.22
CA ASP D 344 14.52 -10.53 -111.01
C ASP D 344 14.27 -9.22 -110.26
N PHE D 345 14.33 -9.30 -108.93
CA PHE D 345 14.56 -8.12 -108.13
C PHE D 345 15.97 -7.59 -108.36
N ILE D 346 16.09 -6.27 -108.53
CA ILE D 346 17.37 -5.61 -108.76
C ILE D 346 17.46 -4.41 -107.82
N TYR D 347 18.59 -4.26 -107.14
CA TYR D 347 18.83 -3.14 -106.25
C TYR D 347 20.20 -2.51 -106.52
N LEU D 348 20.26 -1.20 -106.40
CA LEU D 348 21.49 -0.43 -106.51
C LEU D 348 22.07 -0.22 -105.12
N CYS D 349 23.37 -0.44 -104.97
CA CYS D 349 24.03 -0.37 -103.69
C CYS D 349 25.28 0.51 -103.80
N TYR D 350 25.65 1.12 -102.68
CA TYR D 350 26.72 2.12 -102.68
C TYR D 350 27.60 1.95 -101.44
N HIS D 351 28.82 2.46 -101.56
CA HIS D 351 29.72 2.69 -100.45
C HIS D 351 29.91 4.18 -100.25
N GLU D 352 29.76 4.66 -99.02
CA GLU D 352 30.04 6.05 -98.67
C GLU D 352 31.33 6.13 -97.87
N GLN D 353 32.27 6.94 -98.36
CA GLN D 353 33.63 7.01 -97.85
C GLN D 353 33.77 8.17 -96.89
N THR D 354 34.41 7.93 -95.75
CA THR D 354 34.81 9.01 -94.86
C THR D 354 36.00 9.75 -95.46
N TRP D 355 35.91 11.08 -95.52
CA TRP D 355 37.01 11.88 -96.02
C TRP D 355 38.20 11.85 -95.07
N GLN D 356 39.39 11.80 -95.64
CA GLN D 356 40.64 11.78 -94.89
C GLN D 356 41.60 12.79 -95.50
N ALA D 357 42.26 13.57 -94.64
CA ALA D 357 43.07 14.68 -95.13
C ALA D 357 44.29 14.20 -95.91
N ASP D 358 44.91 13.09 -95.49
CA ASP D 358 46.15 12.62 -96.10
C ASP D 358 45.94 11.59 -97.19
N ARG D 359 44.74 11.03 -97.33
CA ARG D 359 44.49 10.04 -98.37
C ARG D 359 43.03 10.04 -98.78
N PRO D 360 42.52 11.15 -99.33
CA PRO D 360 41.19 11.11 -99.95
C PRO D 360 41.17 10.17 -101.13
N LYS D 361 40.12 9.36 -101.22
CA LYS D 361 39.90 8.52 -102.38
C LYS D 361 39.34 9.35 -103.52
N ASP D 362 39.05 8.69 -104.65
CA ASP D 362 38.07 9.21 -105.59
C ASP D 362 36.67 9.18 -104.97
N ALA D 363 35.89 10.21 -105.30
CA ALA D 363 34.44 10.12 -105.24
C ALA D 363 33.87 9.71 -106.61
N VAL D 364 32.66 9.18 -106.59
CA VAL D 364 31.83 9.21 -107.78
C VAL D 364 31.43 10.65 -108.08
N THR D 365 31.56 11.06 -109.34
CA THR D 365 31.22 12.41 -109.73
C THR D 365 30.24 12.52 -110.88
N ASP D 366 29.99 11.46 -111.64
CA ASP D 366 28.92 11.47 -112.64
C ASP D 366 28.38 10.06 -112.81
N ILE D 367 27.12 9.98 -113.24
CA ILE D 367 26.48 8.70 -113.53
C ILE D 367 25.72 8.84 -114.84
N ARG D 368 25.72 7.77 -115.64
CA ARG D 368 25.01 7.74 -116.90
C ARG D 368 24.41 6.36 -117.10
N ILE D 369 23.38 6.29 -117.93
CA ILE D 369 22.79 5.04 -118.39
C ILE D 369 22.97 4.95 -119.90
N ILE D 370 23.50 3.82 -120.36
CA ILE D 370 23.98 3.67 -121.73
C ILE D 370 23.15 2.70 -122.55
N PHE D 371 22.27 1.93 -121.92
CA PHE D 371 21.35 1.02 -122.61
C PHE D 371 22.10 0.02 -123.51
N ASN D 372 21.42 -0.40 -124.57
CA ASN D 372 21.64 -1.69 -125.22
C ASN D 372 23.08 -1.95 -125.64
N LYS D 373 23.61 -1.14 -126.55
CA LYS D 373 24.89 -1.43 -127.19
C LYS D 373 25.84 -0.25 -127.26
N GLU D 374 25.43 0.93 -126.80
CA GLU D 374 26.31 2.09 -126.91
C GLU D 374 27.58 1.85 -126.12
N PRO D 375 28.75 2.21 -126.64
CA PRO D 375 29.99 2.02 -125.90
C PRO D 375 30.03 2.84 -124.62
N THR D 376 30.78 2.33 -123.65
CA THR D 376 30.91 3.03 -122.39
C THR D 376 31.59 4.38 -122.61
N PRO D 377 31.03 5.47 -122.10
CA PRO D 377 31.62 6.79 -122.34
C PRO D 377 33.03 6.90 -121.81
N PRO D 378 33.84 7.80 -122.37
CA PRO D 378 35.28 7.80 -122.08
C PRO D 378 35.59 7.97 -120.61
N GLY D 379 36.26 6.97 -120.04
CA GLY D 379 36.66 6.95 -118.65
C GLY D 379 35.61 6.57 -117.65
N TYR D 380 34.39 6.24 -118.08
CA TYR D 380 33.40 5.72 -117.16
C TYR D 380 33.62 4.23 -116.92
N THR D 381 33.30 3.80 -115.71
CA THR D 381 33.10 2.39 -115.42
C THR D 381 31.68 1.97 -115.76
N LYS D 382 31.49 0.66 -115.96
CA LYS D 382 30.18 0.09 -116.24
C LYS D 382 29.94 -1.08 -115.31
N LEU D 383 28.72 -1.14 -114.76
CA LEU D 383 28.28 -2.31 -114.00
C LEU D 383 27.78 -3.40 -114.96
N PRO D 384 28.19 -4.65 -114.76
CA PRO D 384 27.87 -5.69 -115.75
C PRO D 384 26.44 -6.19 -115.70
N GLN D 385 25.73 -6.00 -114.59
CA GLN D 385 24.35 -6.47 -114.48
C GLN D 385 23.43 -5.68 -115.40
N ASP D 386 22.59 -6.40 -116.14
CA ASP D 386 21.48 -5.79 -116.86
C ASP D 386 20.38 -5.38 -115.87
N LEU D 387 20.05 -4.10 -115.86
CA LEU D 387 19.04 -3.56 -114.96
C LEU D 387 17.61 -3.81 -115.45
N ASN D 388 17.43 -4.67 -116.46
CA ASN D 388 16.15 -5.31 -116.75
C ASN D 388 16.27 -6.83 -116.73
N LYS D 389 17.30 -7.37 -116.09
CA LYS D 389 17.46 -8.82 -116.01
C LYS D 389 16.17 -9.48 -115.55
N GLY D 390 15.70 -10.44 -116.34
CA GLY D 390 14.43 -11.10 -116.13
C GLY D 390 13.20 -10.28 -116.51
N ALA D 391 13.33 -8.96 -116.63
CA ALA D 391 12.19 -8.11 -116.93
C ALA D 391 11.91 -8.00 -118.42
N GLY D 392 12.82 -8.49 -119.25
CA GLY D 392 12.72 -8.31 -120.69
C GLY D 392 13.16 -6.91 -121.12
N GLY D 393 12.40 -6.30 -122.01
CA GLY D 393 12.71 -4.96 -122.46
C GLY D 393 14.05 -4.89 -123.16
N ASP D 394 14.60 -3.67 -123.17
CA ASP D 394 15.96 -3.44 -123.65
C ASP D 394 16.96 -3.71 -122.53
N ASP D 395 18.20 -4.02 -122.93
CA ASP D 395 19.27 -4.22 -121.96
C ASP D 395 19.72 -2.88 -121.40
N VAL D 396 19.67 -2.75 -120.08
CA VAL D 396 19.95 -1.50 -119.38
C VAL D 396 21.21 -1.68 -118.56
N PHE D 397 22.16 -0.77 -118.71
CA PHE D 397 23.39 -0.75 -117.92
C PHE D 397 23.66 0.65 -117.39
N LEU D 398 24.10 0.72 -116.14
CA LEU D 398 24.44 1.98 -115.50
C LEU D 398 25.95 2.16 -115.45
N CYS D 399 26.41 3.35 -115.81
CA CYS D 399 27.83 3.71 -115.83
C CYS D 399 28.06 4.91 -114.92
N TYR D 400 29.25 4.99 -114.34
CA TYR D 400 29.59 6.11 -113.47
C TYR D 400 31.06 6.44 -113.60
N LYS D 401 31.38 7.72 -113.40
CA LYS D 401 32.72 8.26 -113.47
C LYS D 401 33.20 8.61 -112.07
N THR D 402 34.46 8.30 -111.79
CA THR D 402 35.09 8.62 -110.52
C THR D 402 36.27 9.56 -110.72
N GLU D 403 36.45 10.48 -109.78
CA GLU D 403 37.47 11.51 -109.86
C GLU D 403 37.94 11.83 -108.45
N ALA D 404 39.16 12.37 -108.35
CA ALA D 404 39.72 12.71 -107.05
C ALA D 404 38.79 13.67 -106.31
N TYR D 405 38.73 13.50 -105.00
CA TYR D 405 37.72 14.17 -104.19
C TYR D 405 37.77 15.68 -104.35
N ASN D 406 36.60 16.29 -104.51
CA ASN D 406 36.45 17.74 -104.36
C ASN D 406 35.06 17.99 -103.81
N THR D 407 34.97 18.85 -102.79
CA THR D 407 33.67 19.14 -102.19
C THR D 407 32.68 19.72 -103.20
N ASP D 408 33.18 20.36 -104.26
CA ASP D 408 32.30 20.92 -105.27
C ASP D 408 31.58 19.87 -106.09
N THR D 409 32.06 18.63 -106.10
CA THR D 409 31.58 17.64 -107.07
C THR D 409 31.46 16.23 -106.52
N ALA D 410 32.09 15.88 -105.41
CA ALA D 410 31.88 14.57 -104.81
C ALA D 410 30.41 14.36 -104.46
N ILE D 411 29.80 13.36 -105.09
CA ILE D 411 28.39 13.06 -104.85
C ILE D 411 28.24 12.52 -103.44
N ASN D 412 27.38 13.15 -102.65
CA ASN D 412 27.16 12.73 -101.27
C ASN D 412 26.10 11.65 -101.14
N LYS D 413 25.01 11.73 -101.90
CA LYS D 413 23.97 10.71 -101.81
C LYS D 413 23.41 10.42 -103.19
N VAL D 414 22.84 9.22 -103.32
CA VAL D 414 22.08 8.81 -104.49
C VAL D 414 20.80 8.13 -104.01
N THR D 415 19.77 8.19 -104.85
CA THR D 415 18.55 7.43 -104.61
C THR D 415 17.90 7.09 -105.94
N VAL D 416 17.02 6.09 -105.91
CA VAL D 416 16.24 5.67 -107.07
C VAL D 416 14.76 5.94 -106.80
N ILE D 417 14.12 6.62 -107.74
CA ILE D 417 12.73 7.06 -107.64
C ILE D 417 11.96 6.53 -108.83
N GLY D 418 10.71 6.17 -108.62
CA GLY D 418 9.92 5.61 -109.71
C GLY D 418 8.44 5.74 -109.48
N GLY D 419 7.70 5.69 -110.59
CA GLY D 419 6.26 5.87 -110.55
C GLY D 419 5.67 5.70 -111.93
N ASN D 420 4.38 5.99 -112.04
CA ASN D 420 3.69 5.82 -113.31
C ASN D 420 4.00 6.92 -114.30
N ASN D 421 4.28 8.13 -113.84
CA ASN D 421 4.56 9.25 -114.73
C ASN D 421 6.01 9.17 -115.21
N ALA D 422 6.23 9.52 -116.48
CA ALA D 422 7.60 9.70 -116.95
C ALA D 422 8.24 10.95 -116.38
N ASP D 423 7.51 12.06 -116.32
CA ASP D 423 7.96 13.30 -115.70
C ASP D 423 7.82 13.25 -114.17
N ILE D 424 8.58 12.39 -113.51
CA ILE D 424 8.49 12.30 -112.05
C ILE D 424 9.52 13.22 -111.41
N ASN D 425 9.20 13.70 -110.20
CA ASN D 425 10.01 14.68 -109.51
C ASN D 425 11.00 14.00 -108.55
N ALA D 426 12.27 14.40 -108.68
CA ALA D 426 13.27 14.03 -107.69
C ALA D 426 13.10 14.79 -106.39
N PRO D 427 13.62 14.27 -105.28
CA PRO D 427 13.66 15.04 -104.04
C PRO D 427 14.41 16.35 -104.21
N TYR D 428 14.08 17.31 -103.36
CA TYR D 428 14.64 18.65 -103.48
C TYR D 428 16.16 18.61 -103.44
N GLY D 429 16.79 19.29 -104.39
CA GLY D 429 18.23 19.34 -104.50
C GLY D 429 18.87 18.15 -105.17
N TYR D 430 18.15 17.06 -105.36
CA TYR D 430 18.65 15.95 -106.16
C TYR D 430 18.52 16.26 -107.66
N LEU D 431 19.45 15.72 -108.42
CA LEU D 431 19.37 15.70 -109.89
C LEU D 431 19.20 14.27 -110.34
N LYS D 432 18.17 14.02 -111.15
CA LYS D 432 17.94 12.69 -111.71
C LYS D 432 18.65 12.57 -113.06
N VAL D 433 19.19 11.38 -113.32
CA VAL D 433 19.81 11.07 -114.60
C VAL D 433 18.75 10.84 -115.67
N PRO D 434 19.03 11.17 -116.93
CA PRO D 434 18.11 10.79 -118.02
C PRO D 434 18.12 9.30 -118.29
N GLY D 435 17.00 8.82 -118.84
CA GLY D 435 16.84 7.43 -119.17
C GLY D 435 16.15 6.60 -118.10
N ASP D 436 15.33 5.64 -118.54
CA ASP D 436 14.48 4.86 -117.66
C ASP D 436 15.12 3.49 -117.43
N LEU D 437 15.28 3.13 -116.15
CA LEU D 437 15.82 1.82 -115.79
C LEU D 437 14.82 0.69 -116.03
N ASN D 438 13.64 0.98 -116.57
CA ASN D 438 12.75 -0.04 -117.13
C ASN D 438 12.42 0.23 -118.59
N ARG D 439 13.25 0.98 -119.31
CA ARG D 439 13.00 1.28 -120.71
C ARG D 439 12.65 0.00 -121.47
N GLY D 440 11.52 0.01 -122.15
CA GLY D 440 11.03 -1.13 -122.90
C GLY D 440 10.40 -2.21 -122.06
N ALA D 441 10.64 -2.24 -120.75
CA ALA D 441 9.96 -3.18 -119.88
C ALA D 441 8.62 -2.60 -119.44
N GLY D 442 7.82 -3.43 -118.78
CA GLY D 442 6.61 -2.94 -118.13
C GLY D 442 6.89 -2.15 -116.87
N GLY D 443 5.85 -1.99 -116.05
CA GLY D 443 5.96 -1.39 -114.74
C GLY D 443 6.24 0.12 -114.74
N ASN D 444 6.80 0.55 -113.61
CA ASN D 444 7.07 1.97 -113.37
C ASN D 444 8.21 2.48 -114.25
N PHE D 445 8.19 3.79 -114.49
CA PHE D 445 9.42 4.52 -114.82
C PHE D 445 10.30 4.61 -113.58
N ILE D 446 11.61 4.44 -113.77
CA ILE D 446 12.57 4.45 -112.67
C ILE D 446 13.80 5.25 -113.08
N TYR D 447 14.27 6.13 -112.20
CA TYR D 447 15.38 7.03 -112.47
C TYR D 447 16.30 7.07 -111.27
N ALA D 448 17.60 7.21 -111.53
CA ALA D 448 18.58 7.45 -110.47
C ALA D 448 18.78 8.94 -110.20
N CYS D 449 18.59 9.31 -108.93
CA CYS D 449 18.78 10.68 -108.46
C CYS D 449 20.10 10.81 -107.70
N THR D 450 20.79 11.93 -107.93
CA THR D 450 22.10 12.19 -107.34
C THR D 450 22.04 13.50 -106.57
N PHE D 451 22.75 13.56 -105.45
CA PHE D 451 22.78 14.73 -104.59
C PHE D 451 24.22 15.10 -104.24
N VAL D 452 24.55 16.38 -104.40
CA VAL D 452 25.86 16.91 -104.02
C VAL D 452 25.63 18.05 -103.03
N GLY D 453 26.32 17.98 -101.89
CA GLY D 453 26.19 18.98 -100.85
C GLY D 453 26.91 20.28 -101.15
N LYS D 454 28.02 20.20 -101.88
CA LYS D 454 28.90 21.34 -102.08
C LYS D 454 29.41 21.83 -100.72
N THR E 1 46.91 22.21 -46.06
CA THR E 1 46.37 21.09 -46.89
C THR E 1 46.40 21.47 -48.37
N VAL E 2 47.10 20.67 -49.16
CA VAL E 2 47.25 20.93 -50.60
C VAL E 2 46.07 20.32 -51.34
N LEU E 3 45.63 21.02 -52.38
CA LEU E 3 44.54 20.51 -53.20
C LEU E 3 44.98 19.25 -53.94
N PRO E 4 44.16 18.20 -53.97
CA PRO E 4 44.50 17.02 -54.78
C PRO E 4 44.72 17.40 -56.24
N GLY E 5 45.85 16.94 -56.79
CA GLY E 5 46.21 17.21 -58.16
C GLY E 5 47.42 18.11 -58.31
N VAL E 6 47.78 18.85 -57.25
CA VAL E 6 49.01 19.64 -57.27
C VAL E 6 50.23 18.73 -57.43
N GLU E 7 50.15 17.49 -56.97
CA GLU E 7 51.22 16.53 -57.20
C GLU E 7 51.31 16.11 -58.67
N ALA E 8 50.24 16.29 -59.44
CA ALA E 8 50.15 15.74 -60.79
C ALA E 8 50.32 16.77 -61.89
N ILE E 9 49.98 18.04 -61.64
CA ILE E 9 50.34 19.09 -62.57
C ILE E 9 51.85 19.20 -62.63
N GLY E 10 52.36 19.67 -63.78
CA GLY E 10 53.79 19.80 -64.00
C GLY E 10 54.55 18.51 -64.12
N LEU E 11 53.89 17.37 -63.91
CA LEU E 11 54.53 16.06 -64.10
C LEU E 11 55.04 15.89 -65.52
N GLY E 12 56.31 15.49 -65.66
CA GLY E 12 56.87 15.25 -66.98
C GLY E 12 56.23 14.02 -67.60
N TYR E 13 55.80 14.15 -68.86
CA TYR E 13 54.83 13.25 -69.46
C TYR E 13 55.34 12.73 -70.79
N ASN E 14 55.04 11.46 -71.09
CA ASN E 14 55.30 10.91 -72.41
C ASN E 14 53.98 10.70 -73.15
N PRO E 15 53.66 11.52 -74.15
CA PRO E 15 52.39 11.35 -74.88
C PRO E 15 52.08 9.95 -75.37
N PHE E 16 53.08 9.29 -75.94
CA PHE E 16 52.90 7.95 -76.53
C PHE E 16 52.53 6.88 -75.52
N ILE E 17 53.06 6.92 -74.30
CA ILE E 17 52.81 5.81 -73.38
C ILE E 17 51.32 5.65 -73.10
N SER E 18 50.61 6.73 -72.80
CA SER E 18 49.20 6.56 -72.50
C SER E 18 48.45 7.88 -72.58
N TYR E 19 47.13 7.78 -72.50
CA TYR E 19 46.23 8.93 -72.50
C TYR E 19 45.75 9.21 -71.08
N ALA E 20 45.96 10.43 -70.61
CA ALA E 20 45.26 10.94 -69.41
C ALA E 20 45.49 10.03 -68.21
N SER E 21 46.68 9.44 -68.13
CA SER E 21 47.07 8.61 -67.01
C SER E 21 48.42 9.09 -66.49
N VAL E 22 48.58 9.06 -65.17
CA VAL E 22 49.83 9.47 -64.54
C VAL E 22 50.94 8.46 -64.73
N ASN E 23 50.60 7.20 -65.03
CA ASN E 23 51.61 6.20 -65.35
C ASN E 23 52.43 6.57 -66.58
N SER E 24 51.92 7.49 -67.41
CA SER E 24 52.64 7.96 -68.58
C SER E 24 53.65 9.06 -68.27
N GLY E 25 53.74 9.55 -67.04
CA GLY E 25 54.73 10.56 -66.68
C GLY E 25 55.75 10.05 -65.68
N ALA E 26 57.00 10.48 -65.87
CA ALA E 26 58.13 10.11 -65.03
C ALA E 26 58.60 11.26 -64.15
N VAL E 27 58.13 11.30 -62.89
CA VAL E 27 58.58 12.20 -61.84
C VAL E 27 58.17 13.65 -62.08
N GLN E 28 58.08 14.43 -60.99
CA GLN E 28 57.59 15.80 -61.00
C GLN E 28 58.77 16.74 -61.16
N LEU E 29 58.74 17.59 -62.21
CA LEU E 29 59.79 18.56 -62.45
C LEU E 29 59.77 19.79 -61.53
N PHE E 30 58.61 20.19 -61.01
CA PHE E 30 58.51 21.43 -60.24
C PHE E 30 58.36 21.19 -58.75
N ASP E 31 58.99 22.07 -57.96
CA ASP E 31 58.99 21.99 -56.51
C ASP E 31 57.86 22.89 -56.01
N TRP E 32 56.83 22.30 -55.42
CA TRP E 32 55.71 23.07 -54.90
C TRP E 32 55.56 23.03 -53.39
N ALA E 33 56.47 22.38 -52.66
CA ALA E 33 56.42 22.48 -51.21
C ALA E 33 56.97 23.83 -50.76
N THR E 34 58.09 24.24 -51.35
CA THR E 34 58.70 25.53 -51.02
C THR E 34 57.88 26.70 -51.53
N ALA E 35 57.27 26.56 -52.70
CA ALA E 35 56.62 27.69 -53.34
C ALA E 35 55.50 28.29 -52.49
N LYS E 36 55.31 29.59 -52.67
CA LYS E 36 54.23 30.33 -52.02
C LYS E 36 52.87 29.76 -52.41
N LYS E 37 52.02 29.54 -51.40
CA LYS E 37 50.70 28.96 -51.60
C LYS E 37 49.62 30.03 -51.78
N ARG E 38 48.52 29.60 -52.38
CA ARG E 38 47.27 30.36 -52.46
C ARG E 38 46.13 29.45 -52.04
N GLU E 39 45.17 30.00 -51.31
CA GLU E 39 43.98 29.24 -50.96
C GLU E 39 43.05 29.14 -52.17
N VAL E 40 42.42 27.98 -52.31
CA VAL E 40 41.51 27.72 -53.44
C VAL E 40 40.19 28.43 -53.19
N PRO E 41 39.75 29.32 -54.09
CA PRO E 41 38.56 30.13 -53.78
C PRO E 41 37.32 29.29 -53.46
N PHE E 42 37.08 28.24 -54.23
CA PHE E 42 35.88 27.42 -54.06
C PHE E 42 36.04 26.30 -53.03
N LYS E 43 37.26 26.04 -52.54
CA LYS E 43 37.51 24.99 -51.55
C LYS E 43 38.41 25.56 -50.45
N ALA E 44 37.83 26.46 -49.66
CA ALA E 44 38.52 26.98 -48.49
C ALA E 44 38.98 25.84 -47.57
N GLY E 45 40.22 25.97 -47.09
CA GLY E 45 40.91 24.88 -46.43
C GLY E 45 41.82 24.05 -47.31
N TYR E 46 41.84 24.29 -48.61
CA TYR E 46 42.80 23.67 -49.51
C TYR E 46 43.62 24.76 -50.19
N PHE E 47 44.89 24.47 -50.45
CA PHE E 47 45.82 25.46 -50.98
C PHE E 47 46.52 24.91 -52.21
N VAL E 48 46.97 25.83 -53.05
CA VAL E 48 47.74 25.51 -54.25
C VAL E 48 48.89 26.50 -54.35
N PRO E 49 49.97 26.13 -55.04
CA PRO E 49 50.98 27.13 -55.37
C PRO E 49 50.37 28.25 -56.20
N GLU E 50 50.81 29.48 -55.93
CA GLU E 50 50.13 30.63 -56.51
C GLU E 50 50.26 30.67 -58.02
N ILE E 51 51.23 29.94 -58.59
CA ILE E 51 51.43 29.97 -60.03
C ILE E 51 50.26 29.31 -60.76
N VAL E 52 49.72 28.23 -60.19
CA VAL E 52 48.70 27.47 -60.90
C VAL E 52 47.34 28.16 -60.79
N ASP E 53 46.58 28.06 -61.87
CA ASP E 53 45.20 28.53 -61.93
C ASP E 53 44.28 27.32 -61.86
N VAL E 54 43.45 27.26 -60.82
CA VAL E 54 42.51 26.15 -60.64
C VAL E 54 41.10 26.66 -60.88
N GLN E 55 40.42 26.04 -61.83
CA GLN E 55 39.03 26.31 -62.14
C GLN E 55 38.18 25.12 -61.71
N GLN E 56 37.11 25.38 -60.99
CA GLN E 56 36.08 24.35 -60.85
C GLN E 56 35.39 24.16 -62.19
N ASN E 57 35.12 22.90 -62.53
CA ASN E 57 34.41 22.59 -63.77
C ASN E 57 33.59 21.31 -63.60
N ASP E 58 32.85 21.22 -62.50
CA ASP E 58 32.09 20.01 -62.19
C ASP E 58 31.10 19.68 -63.31
N SER E 59 31.40 18.63 -64.07
CA SER E 59 30.68 18.33 -65.29
C SER E 59 31.04 16.91 -65.73
N ALA E 60 30.08 16.01 -65.59
CA ALA E 60 30.13 14.69 -66.22
C ALA E 60 30.10 14.84 -67.73
N THR E 61 31.06 14.21 -68.40
CA THR E 61 31.42 14.53 -69.77
C THR E 61 31.82 13.27 -70.51
N TYR E 62 31.71 13.31 -71.83
CA TYR E 62 32.03 12.17 -72.69
C TYR E 62 33.21 12.50 -73.60
N THR E 63 34.13 11.55 -73.72
CA THR E 63 35.11 11.54 -74.81
C THR E 63 34.99 10.19 -75.49
N ASN E 64 34.67 10.20 -76.79
CA ASN E 64 34.51 8.96 -77.55
C ASN E 64 35.43 8.96 -78.76
N VAL E 65 36.08 7.83 -79.00
CA VAL E 65 37.03 7.64 -80.08
C VAL E 65 36.62 6.39 -80.83
N SER E 66 36.65 6.44 -82.16
CA SER E 66 36.21 5.30 -82.95
C SER E 66 36.94 5.28 -84.27
N GLY E 67 36.98 4.10 -84.89
CA GLY E 67 37.55 3.95 -86.21
C GLY E 67 37.22 2.61 -86.84
N ASN E 68 36.97 2.61 -88.16
CA ASN E 68 36.69 1.36 -88.85
C ASN E 68 37.90 0.44 -88.88
N THR E 69 39.08 1.00 -88.61
CA THR E 69 40.33 0.24 -88.60
C THR E 69 41.27 0.89 -87.59
N ILE E 70 42.24 0.10 -87.15
CA ILE E 70 43.12 0.55 -86.08
C ILE E 70 43.87 1.81 -86.49
N SER E 71 44.37 1.85 -87.72
CA SER E 71 45.11 3.02 -88.17
C SER E 71 44.21 4.25 -88.20
N GLU E 72 42.90 4.04 -88.36
CA GLU E 72 41.96 5.14 -88.20
C GLU E 72 41.72 5.47 -86.73
N TYR E 73 41.51 4.44 -85.91
CA TYR E 73 41.34 4.65 -84.47
C TYR E 73 42.55 5.33 -83.86
N GLN E 74 43.75 4.92 -84.28
CA GLN E 74 44.97 5.56 -83.79
C GLN E 74 45.03 7.04 -84.14
N ARG E 75 44.43 7.44 -85.27
CA ARG E 75 44.43 8.87 -85.62
C ARG E 75 43.30 9.63 -84.94
N SER E 76 42.11 9.04 -84.83
CA SER E 76 41.05 9.68 -84.06
C SER E 76 41.39 9.75 -82.58
N LEU E 77 42.18 8.81 -82.07
CA LEU E 77 42.73 8.93 -80.73
C LEU E 77 43.75 10.06 -80.64
N ALA E 78 44.75 10.06 -81.54
CA ALA E 78 45.80 11.06 -81.49
C ALA E 78 45.24 12.48 -81.60
N THR E 79 44.23 12.68 -82.44
CA THR E 79 43.61 13.99 -82.63
C THR E 79 42.60 14.33 -81.55
N SER E 80 42.39 13.46 -80.56
CA SER E 80 41.48 13.79 -79.47
C SER E 80 42.06 14.82 -78.51
N VAL E 81 43.32 15.22 -78.71
CA VAL E 81 43.98 16.21 -77.87
C VAL E 81 44.70 17.19 -78.78
N ALA E 82 44.70 18.46 -78.39
CA ALA E 82 45.40 19.49 -79.16
C ALA E 82 46.89 19.31 -78.98
N ILE E 83 47.52 18.62 -79.94
CA ILE E 83 48.94 18.31 -79.85
C ILE E 83 49.49 18.29 -81.27
N GLU E 84 50.77 18.61 -81.41
CA GLU E 84 51.36 18.84 -82.72
C GLU E 84 51.83 17.55 -83.37
N GLY E 85 51.61 17.46 -84.68
CA GLY E 85 52.12 16.39 -85.50
C GLY E 85 51.20 15.18 -85.61
N ARG E 86 51.54 14.33 -86.59
CA ARG E 86 50.75 13.17 -86.98
C ARG E 86 51.13 11.92 -86.20
N TYR E 87 51.95 12.05 -85.16
CA TYR E 87 52.44 10.88 -84.45
C TYR E 87 51.31 10.14 -83.73
N ASN E 88 51.54 8.84 -83.52
CA ASN E 88 50.59 7.95 -82.85
C ASN E 88 50.58 8.18 -81.34
N PHE E 89 50.23 9.40 -80.94
CA PHE E 89 50.18 9.72 -79.52
C PHE E 89 49.16 8.84 -78.80
N PHE E 90 49.41 8.62 -77.51
CA PHE E 90 48.55 7.79 -76.67
C PHE E 90 48.43 6.34 -77.12
N SER E 91 49.18 5.95 -78.16
CA SER E 91 48.91 4.68 -78.81
C SER E 91 49.35 3.48 -77.96
N GLY E 92 50.18 3.71 -76.94
CA GLY E 92 50.49 2.68 -75.97
C GLY E 92 49.29 2.14 -75.21
N SER E 93 48.20 2.91 -75.12
CA SER E 93 46.99 2.41 -74.50
C SER E 93 46.39 1.23 -75.24
N LEU E 94 46.69 1.08 -76.54
CA LEU E 94 46.20 -0.06 -77.30
C LEU E 94 46.55 -1.38 -76.62
N SER E 95 47.79 -1.51 -76.16
CA SER E 95 48.25 -2.75 -75.55
C SER E 95 47.41 -3.18 -74.34
N THR E 96 46.61 -2.28 -73.76
CA THR E 96 45.79 -2.61 -72.61
C THR E 96 44.31 -2.40 -72.82
N ASP E 97 43.90 -1.60 -73.81
CA ASP E 97 42.49 -1.48 -74.14
C ASP E 97 41.97 -2.70 -74.88
N PHE E 98 42.77 -3.28 -75.77
CA PHE E 98 42.29 -4.29 -76.71
C PHE E 98 43.17 -5.53 -76.64
N ASP E 99 42.56 -6.67 -76.92
CA ASP E 99 43.31 -7.92 -77.04
C ASP E 99 44.21 -7.89 -78.26
N SER E 100 45.44 -8.38 -78.08
CA SER E 100 46.48 -8.15 -79.07
C SER E 100 46.12 -8.78 -80.41
N ASN E 101 45.55 -9.99 -80.39
CA ASN E 101 45.03 -10.59 -81.61
C ASN E 101 43.99 -9.71 -82.27
N SER E 102 43.17 -9.03 -81.46
CA SER E 102 42.05 -8.27 -82.00
C SER E 102 42.50 -6.96 -82.63
N LEU E 103 43.64 -6.42 -82.19
CA LEU E 103 44.30 -5.36 -82.95
C LEU E 103 44.81 -5.86 -84.29
N ARG E 104 45.37 -7.07 -84.32
CA ARG E 104 45.88 -7.63 -85.56
C ARG E 104 44.77 -8.13 -86.47
N ASN E 105 43.60 -8.46 -85.92
CA ASN E 105 42.48 -8.96 -86.72
C ASN E 105 41.84 -7.81 -87.52
N ALA E 106 42.01 -7.85 -88.84
CA ALA E 106 41.47 -6.83 -89.73
C ALA E 106 39.94 -6.85 -89.85
N GLU E 107 39.25 -7.85 -89.32
CA GLU E 107 37.78 -7.79 -89.26
C GLU E 107 37.24 -6.92 -88.15
N ASN E 108 38.07 -6.34 -87.30
CA ASN E 108 37.58 -5.58 -86.16
C ASN E 108 37.56 -4.08 -86.47
N GLU E 109 36.57 -3.41 -85.88
CA GLU E 109 36.54 -1.97 -85.72
C GLU E 109 36.39 -1.61 -84.25
N PHE E 110 36.93 -0.45 -83.88
CA PHE E 110 37.31 -0.16 -82.50
C PHE E 110 36.59 1.10 -82.02
N THR E 111 36.08 1.04 -80.78
CA THR E 111 35.43 2.17 -80.14
C THR E 111 35.89 2.23 -78.68
N ARG E 112 36.19 3.44 -78.21
CA ARG E 112 36.47 3.70 -76.81
C ARG E 112 35.52 4.78 -76.28
N ILE E 113 34.70 4.42 -75.29
CA ILE E 113 33.70 5.30 -74.71
C ILE E 113 34.16 5.66 -73.30
N GLN E 114 34.51 6.92 -73.07
CA GLN E 114 34.97 7.41 -71.78
C GLN E 114 33.99 8.45 -71.25
N GLN E 115 33.39 8.18 -70.09
CA GLN E 115 32.66 9.18 -69.32
C GLN E 115 33.57 9.76 -68.23
N SER E 116 34.13 10.94 -68.48
CA SER E 116 34.85 11.68 -67.46
C SER E 116 33.90 12.29 -66.43
N ILE E 117 34.16 12.05 -65.15
CA ILE E 117 33.44 12.74 -64.07
C ILE E 117 34.30 13.87 -63.54
N ASN E 118 34.29 15.01 -64.22
CA ASN E 118 35.14 16.13 -63.84
C ASN E 118 34.72 16.74 -62.51
N LEU E 119 35.72 17.21 -61.74
CA LEU E 119 35.47 18.01 -60.55
C LEU E 119 36.12 19.38 -60.65
N TRP E 120 37.42 19.45 -60.86
CA TRP E 120 38.15 20.71 -61.00
C TRP E 120 39.29 20.48 -61.97
N SER E 121 39.89 21.56 -62.44
CA SER E 121 41.02 21.45 -63.34
C SER E 121 42.08 22.48 -62.99
N LEU E 122 43.33 22.03 -62.98
CA LEU E 122 44.49 22.85 -62.64
C LEU E 122 45.22 23.23 -63.90
N ARG E 123 45.59 24.50 -64.01
CA ARG E 123 46.23 25.05 -65.19
C ARG E 123 47.54 25.70 -64.77
N LEU E 124 48.54 25.64 -65.66
CA LEU E 124 49.87 26.15 -65.37
C LEU E 124 50.35 27.00 -66.55
N PRO E 125 50.63 28.29 -66.34
CA PRO E 125 50.94 29.16 -67.47
C PRO E 125 52.36 29.00 -67.96
N SER E 126 52.54 29.28 -69.25
CA SER E 126 53.82 29.16 -69.95
C SER E 126 54.77 30.31 -69.63
N VAL E 127 54.67 30.91 -68.45
CA VAL E 127 55.51 32.06 -68.14
C VAL E 127 56.96 31.64 -67.93
N LYS E 128 57.87 32.57 -68.24
CA LYS E 128 59.30 32.33 -68.15
C LYS E 128 59.79 32.00 -66.75
N SER E 129 59.05 32.40 -65.71
CA SER E 129 59.47 32.08 -64.35
C SER E 129 59.27 30.62 -63.97
N LEU E 130 58.70 29.78 -64.84
CA LEU E 130 58.59 28.36 -64.52
C LEU E 130 59.95 27.76 -64.18
N ARG E 131 60.98 28.11 -64.95
CA ARG E 131 62.33 27.63 -64.68
C ARG E 131 62.74 27.84 -63.22
N GLU E 132 62.30 28.92 -62.61
CA GLU E 132 62.67 29.19 -61.22
C GLU E 132 62.03 28.20 -60.25
N LEU E 133 60.88 27.64 -60.60
CA LEU E 133 60.22 26.65 -59.75
C LEU E 133 60.67 25.22 -59.95
N MET E 134 61.48 24.90 -60.97
CA MET E 134 61.96 23.53 -61.10
C MET E 134 62.76 23.12 -59.87
N LEU E 135 62.66 21.84 -59.53
CA LEU E 135 63.55 21.26 -58.53
C LEU E 135 65.00 21.41 -58.97
N PRO E 136 65.92 21.71 -58.05
CA PRO E 136 67.31 22.01 -58.46
C PRO E 136 67.99 20.89 -59.24
N HIS E 137 67.81 19.64 -58.83
CA HIS E 137 68.43 18.53 -59.55
C HIS E 137 67.81 18.33 -60.93
N MET E 138 66.51 18.55 -61.05
CA MET E 138 65.88 18.49 -62.38
C MET E 138 66.40 19.60 -63.28
N ARG E 139 66.47 20.82 -62.78
CA ARG E 139 67.05 21.92 -63.55
C ARG E 139 68.52 21.64 -63.88
N GLN E 140 69.30 21.17 -62.90
CA GLN E 140 70.69 20.86 -63.15
C GLN E 140 70.84 19.79 -64.23
N GLN E 141 70.01 18.74 -64.17
CA GLN E 141 70.07 17.69 -65.18
C GLN E 141 69.75 18.21 -66.57
N LEU E 142 68.70 19.03 -66.68
CA LEU E 142 68.36 19.64 -67.97
C LEU E 142 69.43 20.60 -68.45
N ASP E 143 70.04 21.36 -67.53
CA ASP E 143 71.05 22.33 -67.92
C ASP E 143 72.34 21.66 -68.40
N GLU E 144 72.68 20.49 -67.85
CA GLU E 144 73.88 19.78 -68.24
C GLU E 144 73.66 18.75 -69.35
N LEU E 145 72.44 18.65 -69.88
CA LEU E 145 72.16 17.70 -70.95
C LEU E 145 73.06 17.96 -72.15
N ASN E 146 73.86 16.95 -72.52
CA ASN E 146 74.78 17.04 -73.65
C ASN E 146 74.02 16.85 -74.95
N VAL E 147 73.41 17.95 -75.43
CA VAL E 147 72.63 17.92 -76.66
C VAL E 147 73.48 17.68 -77.90
N ASN E 148 74.81 17.64 -77.75
CA ASN E 148 75.69 17.19 -78.83
C ASN E 148 75.63 15.69 -79.08
N ASP E 149 75.02 14.91 -78.18
CA ASP E 149 74.83 13.49 -78.42
C ASP E 149 73.35 13.19 -78.56
N PRO E 150 72.88 12.73 -79.73
CA PRO E 150 71.47 12.35 -79.87
C PRO E 150 71.01 11.32 -78.86
N LYS E 151 71.89 10.38 -78.49
CA LYS E 151 71.49 9.35 -77.54
C LYS E 151 71.20 9.93 -76.16
N ALA E 152 71.92 10.98 -75.77
CA ALA E 152 71.63 11.64 -74.51
C ALA E 152 70.26 12.31 -74.52
N ILE E 153 69.94 13.03 -75.60
CA ILE E 153 68.62 13.64 -75.71
C ILE E 153 67.54 12.56 -75.75
N SER E 154 67.77 11.52 -76.56
CA SER E 154 66.80 10.43 -76.66
C SER E 154 66.58 9.77 -75.30
N ARG E 155 67.66 9.52 -74.57
CA ARG E 155 67.53 9.00 -73.21
C ARG E 155 66.83 9.98 -72.29
N TYR E 156 67.09 11.28 -72.44
CA TYR E 156 66.38 12.26 -71.64
C TYR E 156 64.88 12.24 -71.91
N PHE E 157 64.48 12.27 -73.18
CA PHE E 157 63.05 12.18 -73.49
C PHE E 157 62.46 10.86 -73.00
N ASP E 158 63.19 9.76 -73.16
CA ASP E 158 62.74 8.49 -72.62
C ASP E 158 62.65 8.50 -71.10
N ARG E 159 63.70 8.96 -70.43
CA ARG E 159 63.77 8.85 -68.99
C ARG E 159 62.94 9.91 -68.27
N VAL E 160 62.86 11.11 -68.84
CA VAL E 160 62.18 12.23 -68.17
C VAL E 160 60.85 12.59 -68.83
N GLY E 161 60.59 12.13 -70.05
CA GLY E 161 59.47 12.58 -70.83
C GLY E 161 59.83 13.73 -71.76
N SER E 162 59.05 13.85 -72.83
CA SER E 162 59.23 14.92 -73.80
C SER E 162 58.42 16.16 -73.48
N HIS E 163 57.37 16.04 -72.69
CA HIS E 163 56.49 17.15 -72.37
C HIS E 163 56.29 17.18 -70.86
N PHE E 164 55.63 18.22 -70.37
CA PHE E 164 55.15 18.23 -69.00
C PHE E 164 53.73 18.75 -68.97
N LEU E 165 52.96 18.26 -68.00
CA LEU E 165 51.55 18.58 -67.90
C LEU E 165 51.32 20.03 -67.51
N THR E 166 50.50 20.73 -68.30
CA THR E 166 50.06 22.08 -67.98
C THR E 166 48.56 22.20 -67.82
N GLY E 167 47.79 21.20 -68.24
CA GLY E 167 46.35 21.21 -68.02
C GLY E 167 45.92 19.88 -67.44
N ILE E 168 45.25 19.91 -66.29
CA ILE E 168 44.82 18.72 -65.58
C ILE E 168 43.35 18.86 -65.23
N VAL E 169 42.58 17.81 -65.46
CA VAL E 169 41.23 17.69 -64.93
C VAL E 169 41.27 16.60 -63.87
N MET E 170 40.81 16.90 -62.66
CA MET E 170 40.78 15.91 -61.60
C MET E 170 39.35 15.42 -61.39
N GLY E 171 39.18 14.11 -61.41
CA GLY E 171 37.88 13.53 -61.14
C GLY E 171 37.90 12.02 -61.15
N GLY E 172 36.95 11.46 -61.91
CA GLY E 172 36.87 10.04 -62.13
C GLY E 172 36.67 9.78 -63.61
N ARG E 173 36.87 8.54 -64.02
CA ARG E 173 36.38 8.12 -65.32
C ARG E 173 36.04 6.64 -65.30
N ALA E 174 35.00 6.28 -66.03
CA ALA E 174 34.72 4.91 -66.42
C ALA E 174 34.87 4.79 -67.92
N ILE E 175 35.54 3.74 -68.37
CA ILE E 175 35.81 3.54 -69.79
C ILE E 175 35.28 2.16 -70.17
N LEU E 176 34.64 2.09 -71.33
CA LEU E 176 34.42 0.84 -72.05
C LEU E 176 35.14 0.91 -73.38
N ALA E 177 36.05 -0.03 -73.61
CA ALA E 177 36.71 -0.18 -74.91
C ALA E 177 36.25 -1.49 -75.52
N SER E 178 35.99 -1.46 -76.83
CA SER E 178 35.43 -2.62 -77.52
C SER E 178 36.00 -2.71 -78.92
N SER E 179 36.23 -3.93 -79.38
CA SER E 179 36.55 -4.23 -80.77
C SER E 179 35.49 -5.17 -81.31
N THR E 180 34.95 -4.84 -82.48
CA THR E 180 33.71 -5.42 -82.96
C THR E 180 33.92 -5.93 -84.38
N ASN E 181 33.39 -7.13 -84.65
CA ASN E 181 33.52 -7.72 -85.98
C ASN E 181 32.66 -6.93 -86.95
N LYS E 182 33.30 -6.05 -87.72
CA LYS E 182 32.59 -5.11 -88.59
C LYS E 182 31.93 -5.81 -89.78
N LEU E 183 32.24 -7.07 -90.04
CA LEU E 183 31.57 -7.82 -91.10
C LEU E 183 30.23 -8.40 -90.67
N ARG E 184 29.95 -8.49 -89.37
CA ARG E 184 28.83 -9.29 -88.89
C ARG E 184 27.90 -8.57 -87.92
N VAL E 185 28.34 -7.51 -87.25
CA VAL E 185 27.44 -6.70 -86.44
C VAL E 185 26.42 -5.99 -87.32
N LYS E 186 25.21 -5.81 -86.80
CA LYS E 186 24.17 -5.06 -87.49
C LYS E 186 24.62 -3.65 -87.83
N ARG E 187 24.29 -3.21 -89.04
CA ARG E 187 24.65 -1.90 -89.56
C ARG E 187 23.51 -0.88 -89.47
N ASP E 188 22.47 -1.18 -88.69
CA ASP E 188 21.38 -0.22 -88.54
C ASP E 188 21.86 1.11 -87.96
N TYR E 189 22.85 1.09 -87.08
CA TYR E 189 23.41 2.31 -86.52
C TYR E 189 24.94 2.22 -86.56
N SER E 190 25.57 3.39 -86.49
CA SER E 190 27.02 3.43 -86.35
C SER E 190 27.42 2.79 -85.02
N VAL E 191 28.60 2.16 -85.03
CA VAL E 191 29.00 1.35 -83.88
C VAL E 191 29.28 2.24 -82.67
N SER E 192 29.70 3.48 -82.88
CA SER E 192 29.81 4.43 -81.78
C SER E 192 28.47 4.70 -81.11
N VAL E 193 27.37 4.65 -81.87
CA VAL E 193 26.06 4.86 -81.28
C VAL E 193 25.66 3.69 -80.39
N VAL E 194 25.81 2.47 -80.90
CA VAL E 194 25.49 1.29 -80.11
C VAL E 194 26.56 0.98 -79.07
N ALA E 195 27.81 1.40 -79.30
CA ALA E 195 28.81 1.38 -78.24
C ALA E 195 28.40 2.27 -77.07
N LYS E 196 28.08 3.54 -77.35
CA LYS E 196 27.64 4.45 -76.30
C LYS E 196 26.35 3.96 -75.66
N ALA E 197 25.39 3.52 -76.47
CA ALA E 197 24.13 3.03 -75.94
C ALA E 197 24.31 1.81 -75.05
N SER E 198 25.22 0.90 -75.42
CA SER E 198 25.49 -0.25 -74.58
C SER E 198 26.29 0.11 -73.33
N TYR E 199 27.22 1.07 -73.45
CA TYR E 199 27.85 1.64 -72.26
C TYR E 199 26.81 2.23 -71.30
N GLU E 200 25.88 3.02 -71.84
CA GLU E 200 24.79 3.53 -71.02
C GLU E 200 23.93 2.41 -70.45
N GLY E 201 23.73 1.34 -71.23
CA GLY E 201 23.01 0.18 -70.70
C GLY E 201 23.73 -0.48 -69.54
N LEU E 202 25.05 -0.70 -69.69
CA LEU E 202 25.81 -1.32 -68.61
C LEU E 202 25.84 -0.46 -67.36
N THR E 203 25.88 0.86 -67.52
CA THR E 203 25.86 1.76 -66.37
C THR E 203 24.45 2.12 -65.91
N GLY E 204 23.42 1.71 -66.64
CA GLY E 204 22.05 2.02 -66.29
C GLY E 204 21.58 3.39 -66.73
N GLN E 205 22.41 4.15 -67.44
CA GLN E 205 22.05 5.48 -67.90
C GLN E 205 21.09 5.45 -69.09
N LEU E 206 20.93 4.31 -69.75
CA LEU E 206 20.06 4.20 -70.91
C LEU E 206 18.60 4.27 -70.48
N SER E 207 17.84 5.17 -71.10
CA SER E 207 16.43 5.33 -70.75
C SER E 207 15.57 4.19 -71.30
N ALA E 208 14.35 4.14 -70.77
CA ALA E 208 13.32 3.19 -71.19
C ALA E 208 13.08 3.19 -72.70
N GLU E 209 12.90 4.37 -73.29
CA GLU E 209 12.73 4.43 -74.75
C GLU E 209 14.02 4.13 -75.50
N ALA E 210 15.17 4.57 -74.99
CA ALA E 210 16.41 4.26 -75.68
C ALA E 210 16.75 2.78 -75.54
N LYS E 211 16.48 2.22 -74.36
CA LYS E 211 16.63 0.79 -74.11
C LYS E 211 15.86 -0.07 -75.10
N ALA E 212 14.59 0.27 -75.36
CA ALA E 212 13.89 -0.36 -76.48
C ALA E 212 14.54 -0.12 -77.83
N LYS E 213 14.83 1.13 -78.16
CA LYS E 213 15.34 1.42 -79.50
C LYS E 213 16.70 0.77 -79.77
N TYR E 214 17.66 1.01 -78.88
CA TYR E 214 18.97 0.39 -78.95
C TYR E 214 18.99 -1.08 -78.52
N GLY E 215 18.07 -1.49 -77.65
CA GLY E 215 18.18 -2.78 -77.01
C GLY E 215 18.37 -3.96 -77.94
N GLU E 216 17.64 -3.99 -79.06
CA GLU E 216 17.92 -5.04 -80.04
C GLU E 216 19.24 -4.85 -80.78
N SER E 217 19.66 -3.59 -81.00
CA SER E 217 20.94 -3.36 -81.67
C SER E 217 22.15 -3.65 -80.78
N ILE E 218 22.04 -3.43 -79.47
CA ILE E 218 23.16 -3.61 -78.55
C ILE E 218 23.49 -5.09 -78.31
N SER E 219 22.49 -5.97 -78.35
CA SER E 219 22.78 -7.40 -78.25
C SER E 219 23.66 -7.90 -79.39
N SER E 220 23.37 -7.49 -80.63
CA SER E 220 24.27 -7.83 -81.74
C SER E 220 25.67 -7.27 -81.51
N PHE E 221 25.76 -6.00 -81.11
CA PHE E 221 27.03 -5.42 -80.73
C PHE E 221 27.70 -6.17 -79.59
N THR E 222 26.92 -6.58 -78.59
CA THR E 222 27.50 -7.23 -77.42
C THR E 222 28.13 -8.57 -77.76
N GLN E 223 27.41 -9.43 -78.49
CA GLN E 223 27.94 -10.77 -78.78
C GLN E 223 29.11 -10.74 -79.76
N TYR E 224 29.11 -9.80 -80.70
CA TYR E 224 30.16 -9.71 -81.71
C TYR E 224 31.31 -8.79 -81.32
N SER E 225 31.46 -8.45 -80.04
CA SER E 225 32.53 -7.56 -79.64
C SER E 225 33.08 -7.95 -78.28
N ASN E 226 34.34 -7.60 -78.05
CA ASN E 226 35.07 -7.87 -76.82
C ASN E 226 35.20 -6.56 -76.03
N THR E 227 34.25 -6.31 -75.13
CA THR E 227 34.22 -5.07 -74.37
C THR E 227 35.16 -5.18 -73.17
N HIS E 228 36.31 -4.52 -73.25
CA HIS E 228 37.10 -4.24 -72.07
C HIS E 228 36.47 -3.12 -71.25
N GLN E 229 36.49 -3.27 -69.93
CA GLN E 229 35.93 -2.29 -69.01
C GLN E 229 36.97 -1.92 -67.95
N GLU E 230 37.07 -0.62 -67.68
CA GLU E 230 37.92 -0.15 -66.59
C GLU E 230 37.31 1.11 -65.99
N VAL E 231 37.75 1.43 -64.78
CA VAL E 231 37.24 2.58 -64.04
C VAL E 231 38.38 3.14 -63.19
N ARG E 232 38.35 4.46 -62.98
CA ARG E 232 39.46 5.17 -62.37
C ARG E 232 38.93 6.32 -61.52
N GLY E 233 39.66 6.64 -60.46
CA GLY E 233 39.14 7.53 -59.45
C GLY E 233 37.99 6.96 -58.63
N GLY E 234 37.68 7.63 -57.54
CA GLY E 234 36.66 7.17 -56.61
C GLY E 234 37.11 6.00 -55.76
N ASP E 235 36.18 5.53 -54.94
CA ASP E 235 36.47 4.43 -54.02
C ASP E 235 36.58 3.12 -54.80
N GLY E 236 37.76 2.51 -54.77
CA GLY E 236 37.98 1.24 -55.43
C GLY E 236 37.10 0.12 -54.93
N ALA E 237 36.58 0.23 -53.71
CA ALA E 237 35.59 -0.72 -53.22
C ALA E 237 34.21 -0.52 -53.84
N LYS E 238 33.96 0.63 -54.48
CA LYS E 238 32.71 0.87 -55.18
C LYS E 238 32.92 0.98 -56.68
N ALA E 239 34.17 0.96 -57.15
CA ALA E 239 34.44 1.17 -58.56
C ALA E 239 33.87 0.04 -59.42
N HIS E 240 33.95 -1.19 -58.92
CA HIS E 240 33.43 -2.34 -59.67
C HIS E 240 31.92 -2.34 -59.81
N GLY E 241 31.21 -1.59 -58.96
CA GLY E 241 29.77 -1.45 -59.07
C GLY E 241 29.28 -0.59 -60.22
N VAL E 242 30.16 0.19 -60.86
CA VAL E 242 29.68 1.13 -61.86
C VAL E 242 29.09 0.40 -63.07
N PHE E 243 29.63 -0.76 -63.42
CA PHE E 243 29.08 -1.56 -64.51
C PHE E 243 28.11 -2.62 -64.03
N SER E 244 27.56 -2.44 -62.83
CA SER E 244 26.62 -3.38 -62.22
C SER E 244 25.24 -3.32 -62.85
N GLY E 245 25.03 -2.49 -63.87
CA GLY E 245 23.74 -2.36 -64.50
C GLY E 245 22.72 -1.58 -63.70
N LYS E 246 23.09 -1.01 -62.57
CA LYS E 246 22.16 -0.39 -61.63
C LYS E 246 22.62 1.02 -61.32
N LYS E 247 21.72 1.98 -61.51
CA LYS E 247 22.07 3.39 -61.34
C LYS E 247 22.54 3.69 -59.92
N GLU E 248 21.93 3.06 -58.93
CA GLU E 248 22.32 3.31 -57.54
C GLU E 248 23.78 2.95 -57.28
N ASP E 249 24.26 1.88 -57.93
CA ASP E 249 25.68 1.53 -57.80
C ASP E 249 26.59 2.50 -58.53
N PHE E 250 26.21 2.90 -59.74
CA PHE E 250 26.98 3.93 -60.46
C PHE E 250 27.02 5.25 -59.72
N GLN E 251 25.88 5.73 -59.25
CA GLN E 251 25.85 6.98 -58.49
C GLN E 251 26.64 6.86 -57.19
N ALA E 252 26.57 5.71 -56.53
CA ALA E 252 27.39 5.49 -55.33
C ALA E 252 28.88 5.62 -55.60
N TRP E 253 29.35 5.23 -56.79
CA TRP E 253 30.74 5.50 -57.16
C TRP E 253 30.97 6.99 -57.42
N VAL E 254 30.09 7.62 -58.20
CA VAL E 254 30.22 9.06 -58.45
C VAL E 254 30.28 9.84 -57.15
N ASP E 255 29.44 9.48 -56.17
CA ASP E 255 29.48 10.13 -54.87
C ASP E 255 30.81 9.91 -54.14
N SER E 256 31.62 8.94 -54.56
CA SER E 256 32.95 8.77 -53.97
C SER E 256 34.07 9.42 -54.77
N VAL E 257 33.86 9.69 -56.06
CA VAL E 257 34.88 10.38 -56.84
C VAL E 257 35.18 11.75 -56.25
N SER E 258 34.17 12.43 -55.72
CA SER E 258 34.38 13.74 -55.11
C SER E 258 35.35 13.70 -53.94
N ALA E 259 35.40 12.60 -53.20
CA ALA E 259 36.35 12.50 -52.10
C ALA E 259 37.78 12.19 -52.58
N SER E 260 37.93 11.37 -53.61
CA SER E 260 39.24 10.80 -53.98
C SER E 260 39.42 10.85 -55.49
N PRO E 261 39.53 12.05 -56.06
CA PRO E 261 39.68 12.16 -57.51
C PRO E 261 41.07 11.81 -58.00
N ASP E 262 41.16 11.49 -59.29
CA ASP E 262 42.41 11.22 -59.97
C ASP E 262 42.51 12.05 -61.23
N PHE E 263 43.72 12.13 -61.77
CA PHE E 263 43.96 12.64 -63.12
C PHE E 263 43.32 11.77 -64.19
N VAL E 264 42.28 12.31 -64.84
CA VAL E 264 41.41 11.53 -65.72
C VAL E 264 41.36 12.12 -67.12
N ASP E 265 41.63 13.41 -67.27
CA ASP E 265 41.51 14.03 -68.58
C ASP E 265 42.38 15.29 -68.65
N PHE E 266 42.61 15.74 -69.88
CA PHE E 266 43.30 16.99 -70.14
C PHE E 266 42.33 18.15 -70.28
N VAL E 267 42.83 19.35 -69.98
CA VAL E 267 42.18 20.60 -70.38
C VAL E 267 42.45 20.86 -71.86
N PRO E 268 41.40 20.96 -72.70
CA PRO E 268 41.64 20.91 -74.15
C PRO E 268 42.57 21.98 -74.69
N THR E 269 42.62 23.15 -74.05
CA THR E 269 43.34 24.28 -74.60
C THR E 269 44.84 24.20 -74.39
N ILE E 270 45.29 23.61 -73.29
CA ILE E 270 46.69 23.74 -72.87
C ILE E 270 47.13 22.45 -72.18
N PRO E 271 46.96 21.29 -72.83
CA PRO E 271 47.14 20.02 -72.10
C PRO E 271 48.55 19.80 -71.58
N MET E 272 49.56 20.04 -72.40
CA MET E 272 50.94 19.88 -71.97
C MET E 272 51.87 20.76 -72.80
N GLN E 273 53.05 21.04 -72.24
CA GLN E 273 54.04 21.92 -72.84
C GLN E 273 55.31 21.14 -73.11
N GLU E 274 55.99 21.49 -74.20
CA GLU E 274 57.24 20.83 -74.54
C GLU E 274 58.34 21.11 -73.53
N ILE E 275 59.18 20.10 -73.30
CA ILE E 275 60.18 20.14 -72.24
C ILE E 275 61.25 21.19 -72.49
N TRP E 276 61.62 21.42 -73.75
CA TRP E 276 62.57 22.47 -74.10
C TRP E 276 62.01 23.88 -73.95
N THR E 277 60.75 24.04 -73.54
CA THR E 277 60.31 25.34 -73.04
C THR E 277 61.08 25.75 -71.79
N LEU E 278 61.57 24.79 -71.01
CA LEU E 278 62.25 25.07 -69.75
C LEU E 278 63.76 25.24 -69.86
N CYS E 279 64.39 24.86 -70.97
CA CYS E 279 65.84 25.01 -71.04
C CYS E 279 66.21 26.46 -71.29
N SER E 280 67.33 26.88 -70.68
CA SER E 280 67.69 28.29 -70.65
C SER E 280 68.28 28.80 -71.97
N SER E 281 68.87 27.93 -72.78
CA SER E 281 69.52 28.35 -74.02
C SER E 281 68.66 28.00 -75.23
N GLU E 282 68.43 29.00 -76.08
CA GLU E 282 67.70 28.76 -77.33
C GLU E 282 68.45 27.78 -78.24
N ALA E 283 69.78 27.81 -78.19
CA ALA E 283 70.58 26.83 -78.93
C ALA E 283 70.39 25.42 -78.40
N GLN E 284 70.19 25.28 -77.08
CA GLN E 284 69.81 23.98 -76.54
C GLN E 284 68.40 23.59 -76.97
N ALA E 285 67.46 24.54 -76.91
CA ALA E 285 66.09 24.26 -77.33
C ALA E 285 66.03 23.82 -78.78
N GLU E 286 66.79 24.49 -79.65
CA GLU E 286 66.85 24.10 -81.06
C GLU E 286 67.34 22.67 -81.23
N ALA E 287 68.41 22.29 -80.53
CA ALA E 287 68.89 20.92 -80.62
C ALA E 287 67.87 19.92 -80.09
N MET E 288 67.26 20.21 -78.94
CA MET E 288 66.26 19.31 -78.39
C MET E 288 65.02 19.20 -79.28
N ARG E 289 64.47 20.34 -79.70
CA ARG E 289 63.31 20.32 -80.60
C ARG E 289 63.63 19.63 -81.91
N LYS E 290 64.80 19.92 -82.49
CA LYS E 290 65.21 19.24 -83.72
C LYS E 290 65.32 17.74 -83.52
N HIS E 291 65.92 17.30 -82.42
CA HIS E 291 65.97 15.86 -82.14
C HIS E 291 64.58 15.28 -81.92
N TYR E 292 63.72 16.00 -81.20
CA TYR E 292 62.41 15.45 -80.85
C TYR E 292 61.63 15.02 -82.10
N ASP E 293 61.59 15.88 -83.11
CA ASP E 293 60.75 15.65 -84.27
C ASP E 293 61.49 15.04 -85.46
N ASP E 294 62.81 15.18 -85.50
CA ASP E 294 63.60 14.52 -86.53
C ASP E 294 63.86 13.05 -86.22
N VAL E 295 63.90 12.66 -84.95
CA VAL E 295 64.35 11.33 -84.58
C VAL E 295 63.36 10.67 -83.62
N TRP E 296 63.19 11.26 -82.43
CA TRP E 296 62.58 10.53 -81.33
C TRP E 296 61.08 10.31 -81.56
N ALA E 297 60.34 11.38 -81.86
CA ALA E 297 58.91 11.22 -82.11
C ALA E 297 58.59 10.36 -83.33
N PRO E 298 59.33 10.46 -84.45
CA PRO E 298 59.17 9.45 -85.52
C PRO E 298 59.36 8.01 -85.05
N ALA E 299 60.48 7.72 -84.42
CA ALA E 299 60.74 6.35 -83.94
C ALA E 299 59.68 5.88 -82.95
N GLN E 300 59.30 6.73 -82.00
CA GLN E 300 58.25 6.35 -81.07
C GLN E 300 56.92 6.11 -81.77
N SER E 301 56.56 6.96 -82.73
CA SER E 301 55.31 6.73 -83.46
C SER E 301 55.35 5.42 -84.25
N GLU E 302 56.49 5.14 -84.90
CA GLU E 302 56.63 3.91 -85.68
C GLU E 302 56.58 2.67 -84.79
N LYS E 303 57.22 2.74 -83.62
CA LYS E 303 57.23 1.62 -82.70
C LYS E 303 55.85 1.33 -82.09
N TYR E 304 54.83 2.11 -82.45
CA TYR E 304 53.47 1.86 -82.00
C TYR E 304 52.53 1.58 -83.18
N ARG E 305 53.11 1.36 -84.36
CA ARG E 305 52.33 1.00 -85.54
C ARG E 305 52.07 -0.50 -85.54
N VAL E 306 50.83 -0.89 -85.80
CA VAL E 306 50.38 -2.26 -85.62
C VAL E 306 50.15 -2.90 -86.98
N LYS E 307 50.79 -4.05 -87.21
CA LYS E 307 50.56 -4.86 -88.39
C LYS E 307 49.22 -5.58 -88.26
N ALA E 308 48.65 -5.95 -89.41
CA ALA E 308 47.56 -6.91 -89.41
C ALA E 308 48.10 -8.32 -89.61
N ASN E 309 47.32 -9.31 -89.14
CA ASN E 309 47.57 -10.69 -89.48
C ASN E 309 47.44 -10.90 -90.98
N TYR E 310 48.13 -11.91 -91.50
CA TYR E 310 48.12 -12.21 -92.93
C TYR E 310 48.04 -13.71 -93.17
N ILE E 311 47.52 -14.07 -94.34
CA ILE E 311 47.44 -15.47 -94.75
C ILE E 311 48.81 -15.93 -95.21
N ASP E 312 49.26 -17.07 -94.67
CA ASP E 312 50.51 -17.69 -95.09
C ASP E 312 50.34 -19.07 -95.72
N GLN E 313 49.20 -19.73 -95.53
CA GLN E 313 49.02 -21.07 -96.11
C GLN E 313 47.54 -21.33 -96.34
N LEU E 314 47.24 -21.97 -97.47
CA LEU E 314 45.89 -22.39 -97.82
C LEU E 314 45.84 -23.89 -98.05
N VAL E 315 44.69 -24.49 -97.70
CA VAL E 315 44.42 -25.89 -97.98
C VAL E 315 42.95 -26.06 -98.31
N VAL E 316 42.64 -27.14 -99.02
CA VAL E 316 41.26 -27.51 -99.35
C VAL E 316 40.95 -28.85 -98.72
N ILE E 317 39.74 -29.00 -98.19
CA ILE E 317 39.28 -30.23 -97.57
C ILE E 317 37.97 -30.65 -98.22
N THR E 318 37.83 -31.97 -98.39
CA THR E 318 36.72 -32.56 -99.14
C THR E 318 36.12 -33.71 -98.34
N GLY E 319 34.81 -33.85 -98.45
CA GLY E 319 34.15 -34.96 -97.78
C GLY E 319 32.65 -34.93 -98.02
N GLY E 320 31.99 -35.88 -97.37
CA GLY E 320 30.60 -36.23 -97.60
C GLY E 320 29.55 -35.50 -96.80
N SER E 321 29.91 -34.50 -96.00
CA SER E 321 28.92 -33.80 -95.20
C SER E 321 29.34 -32.35 -94.98
N SER E 322 28.34 -31.54 -94.60
CA SER E 322 28.57 -30.12 -94.40
C SER E 322 29.57 -29.86 -93.28
N THR E 323 29.69 -30.79 -92.34
CA THR E 323 30.37 -30.53 -91.08
C THR E 323 31.81 -31.04 -91.07
N ILE E 324 32.33 -31.45 -92.23
CA ILE E 324 33.75 -31.78 -92.32
C ILE E 324 34.58 -30.58 -91.91
N GLU E 325 35.80 -30.84 -91.44
CA GLU E 325 36.49 -29.90 -90.57
C GLU E 325 37.99 -29.92 -90.89
N PRO E 326 38.64 -28.75 -90.88
CA PRO E 326 40.01 -28.67 -91.38
C PRO E 326 41.00 -29.34 -90.44
N PRO E 327 42.25 -29.50 -90.87
CA PRO E 327 43.32 -29.78 -89.92
C PRO E 327 43.44 -28.68 -88.88
N VAL E 328 43.82 -29.07 -87.67
CA VAL E 328 43.62 -28.22 -86.49
C VAL E 328 44.28 -26.86 -86.66
N GLY E 329 45.38 -26.79 -87.41
CA GLY E 329 46.06 -25.51 -87.59
C GLY E 329 45.30 -24.51 -88.44
N TYR E 330 44.32 -24.95 -89.22
CA TYR E 330 43.62 -24.10 -90.17
C TYR E 330 42.21 -23.78 -89.67
N SER E 331 41.62 -22.76 -90.29
CA SER E 331 40.21 -22.41 -90.10
C SER E 331 39.51 -22.37 -91.45
N LYS E 332 38.21 -22.62 -91.43
CA LYS E 332 37.45 -22.96 -92.62
C LYS E 332 36.64 -21.77 -93.12
N ILE E 333 36.70 -21.54 -94.43
CA ILE E 333 35.73 -20.69 -95.12
C ILE E 333 34.48 -21.51 -95.36
N GLU E 334 33.38 -21.13 -94.70
CA GLU E 334 32.17 -21.94 -94.59
C GLU E 334 31.35 -22.02 -95.89
N TYR E 335 31.81 -21.61 -97.06
CA TYR E 335 31.01 -21.68 -98.28
C TYR E 335 31.51 -22.83 -99.14
N ASP E 336 30.60 -23.75 -99.47
CA ASP E 336 30.97 -24.97 -100.17
C ASP E 336 31.32 -24.65 -101.63
N LEU E 337 32.53 -25.03 -102.05
CA LEU E 337 32.98 -24.86 -103.43
C LEU E 337 32.27 -25.80 -104.41
N ASN E 338 31.29 -26.58 -103.97
CA ASN E 338 30.34 -27.24 -104.87
C ASN E 338 28.90 -26.91 -104.50
N ALA E 339 28.66 -25.78 -103.85
CA ALA E 339 27.32 -25.41 -103.44
C ALA E 339 26.37 -25.44 -104.64
N GLY E 340 25.35 -26.31 -104.53
CA GLY E 340 24.41 -26.53 -105.60
C GLY E 340 24.92 -27.40 -106.73
N ALA E 341 26.19 -27.76 -106.74
CA ALA E 341 26.78 -28.58 -107.79
C ALA E 341 26.77 -30.06 -107.44
N GLY E 342 26.27 -30.42 -106.26
CA GLY E 342 26.31 -31.80 -105.83
C GLY E 342 27.72 -32.31 -105.62
N GLY E 343 27.85 -33.63 -105.61
CA GLY E 343 29.13 -34.27 -105.40
C GLY E 343 29.59 -34.22 -103.95
N ASP E 344 30.91 -34.13 -103.78
CA ASP E 344 31.49 -33.90 -102.48
C ASP E 344 31.29 -32.44 -102.04
N PHE E 345 31.12 -32.27 -100.73
CA PHE E 345 31.35 -30.96 -100.12
C PHE E 345 32.83 -30.61 -100.18
N ILE E 346 33.13 -29.37 -100.56
CA ILE E 346 34.51 -28.88 -100.66
C ILE E 346 34.58 -27.53 -99.97
N TYR E 347 35.60 -27.36 -99.12
CA TYR E 347 35.82 -26.11 -98.41
C TYR E 347 37.28 -25.67 -98.54
N LEU E 348 37.47 -24.36 -98.65
CA LEU E 348 38.79 -23.75 -98.66
C LEU E 348 39.15 -23.30 -97.25
N CYS E 349 40.38 -23.61 -96.83
CA CYS E 349 40.82 -23.34 -95.47
C CYS E 349 42.16 -22.62 -95.51
N TYR E 350 42.42 -21.82 -94.47
CA TYR E 350 43.58 -20.94 -94.45
C TYR E 350 44.22 -20.94 -93.07
N HIS E 351 45.50 -20.56 -93.04
CA HIS E 351 46.22 -20.19 -91.83
C HIS E 351 46.55 -18.71 -91.89
N GLU E 352 46.25 -17.99 -90.81
CA GLU E 352 46.64 -16.59 -90.67
C GLU E 352 47.78 -16.46 -89.68
N GLN E 353 48.87 -15.85 -90.12
CA GLN E 353 50.12 -15.80 -89.39
C GLN E 353 50.25 -14.48 -88.64
N THR E 354 50.66 -14.55 -87.38
CA THR E 354 51.03 -13.35 -86.65
C THR E 354 52.39 -12.85 -87.14
N TRP E 355 52.47 -11.57 -87.46
CA TRP E 355 53.73 -10.98 -87.88
C TRP E 355 54.72 -10.92 -86.72
N GLN E 356 55.99 -11.18 -87.04
CA GLN E 356 57.08 -11.16 -86.09
C GLN E 356 58.24 -10.39 -86.68
N ALA E 357 58.85 -9.52 -85.87
CA ALA E 357 59.85 -8.59 -86.39
C ALA E 357 61.12 -9.34 -86.82
N ASP E 358 61.51 -10.38 -86.10
CA ASP E 358 62.77 -11.06 -86.37
C ASP E 358 62.63 -12.27 -87.28
N ARG E 359 61.41 -12.74 -87.53
CA ARG E 359 61.22 -13.89 -88.41
C ARG E 359 59.85 -13.84 -89.07
N PRO E 360 59.58 -12.84 -89.90
CA PRO E 360 58.38 -12.88 -90.73
C PRO E 360 58.44 -14.04 -91.72
N LYS E 361 57.33 -14.75 -91.84
CA LYS E 361 57.21 -15.79 -92.85
C LYS E 361 56.95 -15.16 -94.22
N ASP E 362 56.78 -16.01 -95.23
CA ASP E 362 56.03 -15.60 -96.42
C ASP E 362 54.57 -15.38 -96.09
N ALA E 363 53.97 -14.38 -96.73
CA ALA E 363 52.54 -14.32 -96.94
C ALA E 363 52.17 -14.95 -98.28
N VAL E 364 50.91 -15.36 -98.40
CA VAL E 364 50.29 -15.50 -99.71
C VAL E 364 50.14 -14.12 -100.33
N THR E 365 50.52 -13.99 -101.60
CA THR E 365 50.42 -12.72 -102.29
C THR E 365 49.66 -12.75 -103.61
N ASP E 366 49.43 -13.92 -104.20
CA ASP E 366 48.54 -14.02 -105.35
C ASP E 366 47.87 -15.38 -105.37
N ILE E 367 46.71 -15.44 -106.00
CA ILE E 367 45.96 -16.68 -106.16
C ILE E 367 45.46 -16.75 -107.60
N ARG E 368 45.47 -17.95 -108.17
CA ARG E 368 44.99 -18.17 -109.52
C ARG E 368 44.25 -19.51 -109.57
N ILE E 369 43.37 -19.65 -110.56
CA ILE E 369 42.73 -20.91 -110.89
C ILE E 369 43.14 -21.33 -112.29
N ILE E 370 43.60 -22.57 -112.42
CA ILE E 370 44.28 -23.03 -113.63
C ILE E 370 43.48 -24.06 -114.41
N PHE E 371 42.42 -24.61 -113.83
CA PHE E 371 41.53 -25.57 -114.49
C PHE E 371 42.29 -26.78 -115.04
N ASN E 372 41.74 -27.35 -116.12
CA ASN E 372 41.91 -28.76 -116.47
C ASN E 372 43.37 -29.22 -116.55
N LYS E 373 44.13 -28.66 -117.48
CA LYS E 373 45.46 -29.19 -117.80
C LYS E 373 46.54 -28.13 -117.90
N GLU E 374 46.21 -26.85 -117.76
CA GLU E 374 47.22 -25.81 -117.91
C GLU E 374 48.31 -26.01 -116.86
N PRO E 375 49.58 -25.85 -117.22
CA PRO E 375 50.66 -26.01 -116.23
C PRO E 375 50.57 -24.95 -115.14
N THR E 376 51.08 -25.32 -113.96
CA THR E 376 51.09 -24.39 -112.85
C THR E 376 51.96 -23.18 -113.19
N PRO E 377 51.46 -21.96 -112.99
CA PRO E 377 52.23 -20.77 -113.36
C PRO E 377 53.54 -20.68 -112.60
N PRO E 378 54.53 -19.99 -113.15
CA PRO E 378 55.90 -20.06 -112.61
C PRO E 378 55.98 -19.62 -111.15
N GLY E 379 56.41 -20.55 -110.30
CA GLY E 379 56.57 -20.31 -108.88
C GLY E 379 55.32 -20.39 -108.04
N TYR E 380 54.17 -20.69 -108.63
CA TYR E 380 52.98 -20.93 -107.83
C TYR E 380 52.97 -22.36 -107.28
N THR E 381 52.40 -22.50 -106.10
CA THR E 381 51.99 -23.81 -105.60
C THR E 381 50.60 -24.16 -106.12
N LYS E 382 50.29 -25.45 -106.10
CA LYS E 382 48.99 -25.96 -106.52
C LYS E 382 48.45 -26.89 -105.45
N LEU E 383 47.16 -26.73 -105.14
CA LEU E 383 46.46 -27.68 -104.29
C LEU E 383 46.01 -28.89 -105.09
N PRO E 384 46.21 -30.11 -104.60
CA PRO E 384 45.94 -31.29 -105.43
C PRO E 384 44.47 -31.64 -105.56
N GLN E 385 43.61 -31.17 -104.65
CA GLN E 385 42.19 -31.50 -104.72
C GLN E 385 41.54 -30.83 -105.93
N ASP E 386 40.75 -31.60 -106.66
CA ASP E 386 39.85 -31.06 -107.67
C ASP E 386 38.67 -30.36 -107.01
N LEU E 387 38.49 -29.08 -107.29
CA LEU E 387 37.42 -28.28 -106.72
C LEU E 387 36.08 -28.50 -107.40
N ASN E 388 35.97 -29.53 -108.26
CA ASN E 388 34.69 -30.10 -108.65
C ASN E 388 34.61 -31.60 -108.34
N LYS E 389 35.45 -32.09 -107.43
CA LYS E 389 35.42 -33.49 -107.06
C LYS E 389 34.00 -33.93 -106.73
N GLY E 390 33.55 -34.99 -107.42
CA GLY E 390 32.19 -35.47 -107.34
C GLY E 390 31.15 -34.65 -108.07
N ALA E 391 31.46 -33.39 -108.40
CA ALA E 391 30.49 -32.52 -109.06
C ALA E 391 30.49 -32.70 -110.57
N GLY E 392 31.46 -33.42 -111.12
CA GLY E 392 31.62 -33.51 -112.56
C GLY E 392 32.29 -32.29 -113.14
N GLY E 393 31.77 -31.80 -114.26
CA GLY E 393 32.32 -30.61 -114.88
C GLY E 393 33.76 -30.80 -115.33
N ASP E 394 34.45 -29.66 -115.45
CA ASP E 394 35.87 -29.65 -115.69
C ASP E 394 36.65 -29.79 -114.37
N ASP E 395 37.88 -30.27 -114.47
CA ASP E 395 38.74 -30.36 -113.31
C ASP E 395 39.25 -28.98 -112.93
N VAL E 396 38.99 -28.58 -111.68
CA VAL E 396 39.31 -27.24 -111.18
C VAL E 396 40.38 -27.37 -110.11
N PHE E 397 41.46 -26.59 -110.25
CA PHE E 397 42.53 -26.53 -109.26
C PHE E 397 42.87 -25.08 -108.96
N LEU E 398 43.09 -24.78 -107.68
CA LEU E 398 43.47 -23.46 -107.22
C LEU E 398 44.98 -23.41 -106.93
N CYS E 399 45.63 -22.36 -107.41
CA CYS E 399 47.05 -22.14 -107.22
C CYS E 399 47.28 -20.81 -106.52
N TYR E 400 48.36 -20.72 -105.75
CA TYR E 400 48.68 -19.47 -105.07
C TYR E 400 50.19 -19.31 -104.96
N LYS E 401 50.61 -18.05 -104.94
CA LYS E 401 52.00 -17.65 -104.86
C LYS E 401 52.28 -17.07 -103.49
N THR E 402 53.44 -17.42 -102.92
CA THR E 402 53.87 -16.90 -101.64
C THR E 402 55.18 -16.14 -101.78
N GLU E 403 55.31 -15.07 -101.00
CA GLU E 403 56.45 -14.17 -101.08
C GLU E 403 56.71 -13.61 -99.68
N ALA E 404 57.95 -13.17 -99.46
CA ALA E 404 58.33 -12.62 -98.17
C ALA E 404 57.42 -11.45 -97.80
N TYR E 405 57.11 -11.36 -96.51
CA TYR E 405 56.06 -10.45 -96.04
C TYR E 405 56.34 -9.01 -96.47
N ASN E 406 55.28 -8.35 -96.95
CA ASN E 406 55.28 -6.90 -97.10
C ASN E 406 53.86 -6.42 -96.87
N THR E 407 53.71 -5.36 -96.06
CA THR E 407 52.38 -4.84 -95.78
C THR E 407 51.65 -4.39 -97.04
N ASP E 408 52.40 -4.03 -98.09
CA ASP E 408 51.78 -3.60 -99.34
C ASP E 408 51.07 -4.74 -100.08
N THR E 409 51.39 -5.99 -99.76
CA THR E 409 50.97 -7.11 -100.60
C THR E 409 50.58 -8.37 -99.84
N ALA E 410 50.97 -8.54 -98.59
CA ALA E 410 50.50 -9.68 -97.81
C ALA E 410 48.99 -9.67 -97.71
N ILE E 411 48.36 -10.73 -98.25
CA ILE E 411 46.91 -10.85 -98.23
C ILE E 411 46.46 -11.09 -96.79
N ASN E 412 45.56 -10.23 -96.32
CA ASN E 412 45.08 -10.35 -94.94
C ASN E 412 43.89 -11.28 -94.81
N LYS E 413 42.96 -11.26 -95.77
CA LYS E 413 41.80 -12.14 -95.71
C LYS E 413 41.44 -12.65 -97.08
N VAL E 414 40.76 -13.80 -97.10
CA VAL E 414 40.15 -14.37 -98.30
C VAL E 414 38.74 -14.83 -97.95
N THR E 415 37.88 -14.85 -98.96
CA THR E 415 36.56 -15.45 -98.81
C THR E 415 36.10 -15.99 -100.16
N VAL E 416 35.12 -16.88 -100.12
CA VAL E 416 34.50 -17.45 -101.31
C VAL E 416 33.05 -17.00 -101.37
N ILE E 417 32.65 -16.46 -102.53
CA ILE E 417 31.33 -15.91 -102.76
C ILE E 417 30.71 -16.59 -103.98
N GLY E 418 29.40 -16.80 -103.93
CA GLY E 418 28.74 -17.49 -105.03
C GLY E 418 27.28 -17.17 -105.11
N GLY E 419 26.74 -17.39 -106.30
CA GLY E 419 25.34 -17.08 -106.56
C GLY E 419 24.98 -17.47 -107.98
N ASN E 420 23.76 -17.09 -108.38
CA ASN E 420 23.28 -17.47 -109.71
C ASN E 420 23.89 -16.62 -110.82
N ASN E 421 24.22 -15.37 -110.53
CA ASN E 421 24.79 -14.49 -111.54
C ASN E 421 26.28 -14.78 -111.73
N ALA E 422 26.75 -14.71 -112.97
CA ALA E 422 28.19 -14.76 -113.21
C ALA E 422 28.88 -13.48 -112.76
N ASP E 423 28.28 -12.32 -113.04
CA ASP E 423 28.77 -11.02 -112.57
C ASP E 423 28.37 -10.75 -111.13
N ILE E 424 28.91 -11.52 -110.18
CA ILE E 424 28.56 -11.30 -108.78
C ILE E 424 29.57 -10.36 -108.13
N ASN E 425 29.12 -9.63 -107.12
CA ASN E 425 29.92 -8.60 -106.48
C ASN E 425 30.63 -9.16 -105.25
N ALA E 426 31.93 -8.90 -105.19
CA ALA E 426 32.72 -9.16 -103.99
C ALA E 426 32.42 -8.13 -102.91
N PRO E 427 32.70 -8.47 -101.64
CA PRO E 427 32.61 -7.47 -100.58
C PRO E 427 33.53 -6.29 -100.84
N TYR E 428 33.18 -5.15 -100.26
CA TYR E 428 33.91 -3.92 -100.51
C TYR E 428 35.39 -4.08 -100.18
N GLY E 429 36.25 -3.67 -101.11
CA GLY E 429 37.68 -3.76 -100.95
C GLY E 429 38.28 -5.12 -101.26
N TYR E 430 37.47 -6.16 -101.38
CA TYR E 430 37.96 -7.44 -101.85
C TYR E 430 38.12 -7.43 -103.37
N LEU E 431 39.10 -8.20 -103.85
CA LEU E 431 39.26 -8.50 -105.26
C LEU E 431 38.99 -9.98 -105.48
N LYS E 432 38.09 -10.30 -106.41
CA LYS E 432 37.80 -11.68 -106.75
C LYS E 432 38.71 -12.13 -107.88
N VAL E 433 39.13 -13.39 -107.83
CA VAL E 433 39.91 -14.01 -108.89
C VAL E 433 39.02 -14.36 -110.08
N PRO E 434 39.54 -14.32 -111.30
CA PRO E 434 38.78 -14.82 -112.46
C PRO E 434 38.65 -16.33 -112.45
N GLY E 435 37.60 -16.81 -113.09
CA GLY E 435 37.33 -18.23 -113.19
C GLY E 435 36.36 -18.76 -112.14
N ASP E 436 35.52 -19.71 -112.54
CA ASP E 436 34.44 -20.22 -111.71
C ASP E 436 34.86 -21.56 -111.12
N LEU E 437 34.77 -21.67 -109.79
CA LEU E 437 35.07 -22.92 -109.11
C LEU E 437 34.00 -24.00 -109.31
N ASN E 438 32.97 -23.72 -110.11
CA ASN E 438 32.07 -24.74 -110.62
C ASN E 438 32.02 -24.74 -112.15
N ARG E 439 33.05 -24.22 -112.82
CA ARG E 439 33.07 -24.20 -114.28
C ARG E 439 32.70 -25.57 -114.84
N GLY E 440 31.71 -25.60 -115.71
CA GLY E 440 31.22 -26.81 -116.32
C GLY E 440 30.32 -27.65 -115.43
N ALA E 441 30.33 -27.42 -114.12
CA ALA E 441 29.41 -28.11 -113.23
C ALA E 441 28.10 -27.34 -113.17
N GLY E 442 27.10 -27.95 -112.53
CA GLY E 442 25.88 -27.23 -112.22
C GLY E 442 26.03 -26.23 -111.09
N GLY E 443 24.90 -25.82 -110.52
CA GLY E 443 24.86 -24.98 -109.35
C GLY E 443 25.32 -23.54 -109.56
N ASN E 444 25.73 -22.93 -108.45
CA ASN E 444 26.13 -21.53 -108.43
C ASN E 444 27.45 -21.30 -109.16
N PHE E 445 27.63 -20.08 -109.64
CA PHE E 445 28.97 -19.55 -109.85
C PHE E 445 29.65 -19.27 -108.51
N ILE E 446 30.94 -19.58 -108.41
CA ILE E 446 31.69 -19.44 -107.18
C ILE E 446 33.06 -18.86 -107.49
N TYR E 447 33.47 -17.86 -106.70
CA TYR E 447 34.73 -17.14 -106.93
C TYR E 447 35.43 -16.93 -105.60
N ALA E 448 36.76 -16.95 -105.63
CA ALA E 448 37.58 -16.61 -104.48
C ALA E 448 37.89 -15.11 -104.45
N CYS E 449 37.55 -14.47 -103.33
CA CYS E 449 37.83 -13.06 -103.09
C CYS E 449 39.00 -12.89 -102.13
N THR E 450 39.85 -11.91 -102.43
CA THR E 450 41.07 -11.65 -101.66
C THR E 450 41.04 -10.21 -101.17
N PHE E 451 41.56 -9.99 -99.96
CA PHE E 451 41.59 -8.67 -99.34
C PHE E 451 42.99 -8.37 -98.80
N VAL E 452 43.50 -7.18 -99.11
CA VAL E 452 44.77 -6.71 -98.61
C VAL E 452 44.53 -5.38 -97.91
N GLY E 453 44.99 -5.28 -96.66
CA GLY E 453 44.83 -4.08 -95.87
C GLY E 453 45.74 -2.93 -96.26
N LYS E 454 46.93 -3.27 -96.75
CA LYS E 454 47.97 -2.26 -96.97
C LYS E 454 48.29 -1.56 -95.66
N THR F 1 56.31 8.29 -39.69
CA THR F 1 55.79 7.08 -40.39
C THR F 1 56.11 7.15 -41.88
N VAL F 2 56.83 6.15 -42.37
CA VAL F 2 57.24 6.11 -43.77
C VAL F 2 56.14 5.47 -44.60
N LEU F 3 55.96 5.96 -45.82
CA LEU F 3 54.98 5.40 -46.71
C LEU F 3 55.39 3.97 -47.12
N PRO F 4 54.46 3.02 -47.11
CA PRO F 4 54.79 1.68 -47.62
C PRO F 4 55.29 1.74 -49.05
N GLY F 5 56.43 1.08 -49.28
CA GLY F 5 57.05 1.03 -50.59
C GLY F 5 58.37 1.78 -50.66
N VAL F 6 58.63 2.68 -49.72
CA VAL F 6 59.93 3.33 -49.65
C VAL F 6 61.03 2.33 -49.40
N GLU F 7 60.73 1.22 -48.73
CA GLU F 7 61.70 0.13 -48.60
C GLU F 7 61.99 -0.57 -49.91
N ALA F 8 61.10 -0.48 -50.89
CA ALA F 8 61.17 -1.28 -52.11
C ALA F 8 61.64 -0.51 -53.33
N ILE F 9 61.42 0.81 -53.38
CA ILE F 9 62.05 1.62 -54.41
C ILE F 9 63.56 1.59 -54.21
N GLY F 10 64.31 1.77 -55.30
CA GLY F 10 65.75 1.74 -55.26
C GLY F 10 66.36 0.37 -55.00
N LEU F 11 65.55 -0.64 -54.72
CA LEU F 11 66.04 -1.99 -54.54
C LEU F 11 66.76 -2.49 -55.78
N GLY F 12 67.96 -3.03 -55.61
CA GLY F 12 68.70 -3.58 -56.73
C GLY F 12 68.04 -4.85 -57.23
N TYR F 13 67.85 -4.94 -58.54
CA TYR F 13 66.89 -5.86 -59.14
C TYR F 13 67.55 -6.67 -60.24
N ASN F 14 67.16 -7.95 -60.35
CA ASN F 14 67.57 -8.77 -61.48
C ASN F 14 66.37 -9.01 -62.40
N PRO F 15 66.33 -8.40 -63.58
CA PRO F 15 65.18 -8.59 -64.48
C PRO F 15 64.78 -10.03 -64.76
N PHE F 16 65.78 -10.88 -65.00
CA PHE F 16 65.55 -12.27 -65.36
C PHE F 16 64.88 -13.10 -64.26
N ILE F 17 65.20 -12.85 -62.99
CA ILE F 17 64.67 -13.73 -61.95
C ILE F 17 63.14 -13.71 -61.93
N SER F 18 62.53 -12.52 -61.97
CA SER F 18 61.08 -12.51 -61.92
C SER F 18 60.52 -11.17 -62.37
N TYR F 19 59.20 -11.14 -62.52
CA TYR F 19 58.47 -9.94 -62.90
C TYR F 19 57.78 -9.34 -61.68
N ALA F 20 58.06 -8.07 -61.40
CA ALA F 20 57.24 -7.27 -60.48
C ALA F 20 57.15 -7.94 -59.10
N SER F 21 58.23 -8.60 -58.70
CA SER F 21 58.33 -9.22 -57.39
C SER F 21 59.62 -8.75 -56.72
N VAL F 22 59.54 -8.54 -55.40
CA VAL F 22 60.71 -8.11 -54.64
C VAL F 22 61.71 -9.24 -54.43
N ASN F 23 61.27 -10.50 -54.55
CA ASN F 23 62.19 -11.62 -54.49
C ASN F 23 63.25 -11.58 -55.59
N SER F 24 63.00 -10.81 -56.65
CA SER F 24 63.96 -10.65 -57.74
C SER F 24 65.03 -9.61 -57.45
N GLY F 25 64.97 -8.89 -56.34
CA GLY F 25 66.00 -7.91 -55.99
C GLY F 25 66.77 -8.29 -54.74
N ALA F 26 68.07 -8.01 -54.77
CA ALA F 26 69.00 -8.31 -53.68
C ALA F 26 69.45 -7.04 -52.94
N VAL F 27 68.78 -6.73 -51.84
CA VAL F 27 69.15 -5.66 -50.89
C VAL F 27 68.98 -4.26 -51.47
N GLN F 28 68.79 -3.28 -50.58
CA GLN F 28 68.48 -1.90 -50.93
C GLN F 28 69.78 -1.11 -51.03
N LEU F 29 70.02 -0.51 -52.20
CA LEU F 29 71.22 0.31 -52.41
C LEU F 29 71.18 1.69 -51.75
N PHE F 30 70.01 2.29 -51.55
CA PHE F 30 69.94 3.66 -51.06
C PHE F 30 69.52 3.75 -49.59
N ASP F 31 70.11 4.71 -48.88
CA ASP F 31 69.85 4.93 -47.46
C ASP F 31 68.78 6.01 -47.35
N TRP F 32 67.59 5.64 -46.87
CA TRP F 32 66.51 6.59 -46.72
C TRP F 32 66.10 6.86 -45.28
N ALA F 33 66.79 6.29 -44.30
CA ALA F 33 66.51 6.69 -42.93
C ALA F 33 67.13 8.05 -42.63
N THR F 34 68.38 8.24 -43.07
CA THR F 34 69.08 9.51 -42.86
C THR F 34 68.51 10.62 -43.73
N ALA F 35 68.08 10.30 -44.94
CA ALA F 35 67.69 11.33 -45.90
C ALA F 35 66.53 12.18 -45.40
N LYS F 36 66.53 13.44 -45.83
CA LYS F 36 65.45 14.38 -45.56
C LYS F 36 64.12 13.86 -46.08
N LYS F 37 63.09 13.92 -45.23
CA LYS F 37 61.76 13.43 -45.56
C LYS F 37 60.87 14.53 -46.12
N ARG F 38 59.83 14.08 -46.84
CA ARG F 38 58.72 14.91 -47.29
C ARG F 38 57.43 14.22 -46.93
N GLU F 39 56.43 14.98 -46.51
CA GLU F 39 55.11 14.42 -46.26
C GLU F 39 54.39 14.15 -47.58
N VAL F 40 53.66 13.05 -47.63
CA VAL F 40 52.93 12.64 -48.82
C VAL F 40 51.69 13.50 -48.97
N PRO F 41 51.52 14.22 -50.08
CA PRO F 41 50.39 15.18 -50.16
C PRO F 41 49.03 14.53 -49.93
N PHE F 42 48.79 13.38 -50.52
CA PHE F 42 47.49 12.72 -50.44
C PHE F 42 47.34 11.82 -49.22
N LYS F 43 48.42 11.56 -48.46
CA LYS F 43 48.37 10.71 -47.27
C LYS F 43 49.13 11.41 -46.15
N ALA F 44 48.55 12.49 -45.64
CA ALA F 44 49.09 13.17 -44.48
C ALA F 44 49.24 12.22 -43.31
N GLY F 45 50.39 12.33 -42.63
CA GLY F 45 50.82 11.34 -41.67
C GLY F 45 51.76 10.27 -42.19
N TYR F 46 52.03 10.24 -43.49
CA TYR F 46 53.05 9.38 -44.06
C TYR F 46 54.09 10.22 -44.77
N PHE F 47 55.35 9.78 -44.71
CA PHE F 47 56.45 10.56 -45.24
C PHE F 47 57.29 9.72 -46.19
N VAL F 48 57.97 10.41 -47.09
CA VAL F 48 58.90 9.80 -48.04
C VAL F 48 60.16 10.63 -48.10
N PRO F 49 61.28 10.04 -48.49
CA PRO F 49 62.45 10.87 -48.81
C PRO F 49 62.12 11.84 -49.92
N GLU F 50 62.66 13.05 -49.81
CA GLU F 50 62.24 14.13 -50.71
C GLU F 50 62.61 13.84 -52.15
N ILE F 51 63.57 12.93 -52.38
CA ILE F 51 64.01 12.65 -53.75
C ILE F 51 62.91 11.96 -54.54
N VAL F 52 62.15 11.07 -53.90
CA VAL F 52 61.18 10.27 -54.64
C VAL F 52 59.93 11.09 -54.91
N ASP F 53 59.34 10.85 -56.08
CA ASP F 53 58.05 11.40 -56.48
C ASP F 53 57.00 10.32 -56.36
N VAL F 54 56.01 10.54 -55.51
CA VAL F 54 54.94 9.57 -55.30
C VAL F 54 53.65 10.15 -55.90
N GLN F 55 53.07 9.41 -56.83
CA GLN F 55 51.79 9.74 -57.44
C GLN F 55 50.75 8.72 -56.96
N GLN F 56 49.61 9.22 -56.51
CA GLN F 56 48.45 8.33 -56.39
C GLN F 56 47.98 7.93 -57.78
N ASN F 57 47.62 6.66 -57.93
CA ASN F 57 47.09 6.17 -59.21
C ASN F 57 46.11 5.03 -58.95
N ASP F 58 45.18 5.23 -58.02
CA ASP F 58 44.24 4.18 -57.64
C ASP F 58 43.42 3.71 -58.84
N SER F 59 43.72 2.51 -59.33
CA SER F 59 43.18 2.03 -60.60
C SER F 59 43.43 0.53 -60.70
N ALA F 60 42.36 -0.24 -60.57
CA ALA F 60 42.35 -1.66 -60.92
C ALA F 60 42.60 -1.81 -62.42
N THR F 61 43.57 -2.65 -62.77
CA THR F 61 44.19 -2.63 -64.09
C THR F 61 44.56 -4.05 -64.49
N TYR F 62 44.67 -4.28 -65.79
CA TYR F 62 44.99 -5.58 -66.35
C TYR F 62 46.34 -5.55 -67.06
N THR F 63 47.15 -6.58 -66.84
CA THR F 63 48.29 -6.90 -67.69
C THR F 63 48.13 -8.35 -68.14
N ASN F 64 48.02 -8.57 -69.45
CA ASN F 64 47.84 -9.91 -69.98
C ASN F 64 48.94 -10.24 -70.99
N VAL F 65 49.48 -11.45 -70.88
CA VAL F 65 50.57 -11.92 -71.71
C VAL F 65 50.14 -13.27 -72.28
N SER F 66 50.41 -13.49 -73.58
CA SER F 66 49.96 -14.72 -74.21
C SER F 66 50.91 -15.07 -75.34
N GLY F 67 50.90 -16.34 -75.72
CA GLY F 67 51.66 -16.81 -76.86
C GLY F 67 51.29 -18.22 -77.29
N ASN F 68 51.27 -18.46 -78.59
CA ASN F 68 50.94 -19.79 -79.09
C ASN F 68 52.03 -20.80 -78.73
N THR F 69 53.21 -20.30 -78.34
CA THR F 69 54.33 -21.15 -77.97
C THR F 69 55.17 -20.41 -76.94
N ILE F 70 55.96 -21.17 -76.17
CA ILE F 70 56.68 -20.58 -75.06
C ILE F 70 57.63 -19.50 -75.54
N SER F 71 58.34 -19.75 -76.65
CA SER F 71 59.27 -18.77 -77.16
C SER F 71 58.55 -17.49 -77.58
N GLU F 72 57.28 -17.61 -77.95
CA GLU F 72 56.46 -16.42 -78.16
C GLU F 72 56.02 -15.79 -76.85
N TYR F 73 55.54 -16.61 -75.91
CA TYR F 73 55.16 -16.10 -74.60
C TYR F 73 56.33 -15.42 -73.90
N GLN F 74 57.53 -16.01 -74.01
CA GLN F 74 58.71 -15.40 -73.42
C GLN F 74 59.01 -14.02 -74.02
N ARG F 75 58.66 -13.80 -75.29
CA ARG F 75 58.89 -12.49 -75.89
C ARG F 75 57.76 -11.50 -75.59
N SER F 76 56.51 -11.96 -75.60
CA SER F 76 55.42 -11.09 -75.17
C SER F 76 55.52 -10.75 -73.69
N LEU F 77 56.09 -11.64 -72.88
CA LEU F 77 56.42 -11.30 -71.51
C LEU F 77 57.54 -10.27 -71.43
N ALA F 78 58.66 -10.54 -72.11
CA ALA F 78 59.81 -9.63 -72.06
C ALA F 78 59.45 -8.23 -72.53
N THR F 79 58.63 -8.11 -73.57
CA THR F 79 58.21 -6.83 -74.09
C THR F 79 57.08 -6.18 -73.31
N SER F 80 56.60 -6.80 -72.24
CA SER F 80 55.57 -6.19 -71.42
C SER F 80 56.11 -5.04 -70.57
N VAL F 81 57.41 -4.80 -70.59
CA VAL F 81 58.05 -3.73 -69.84
C VAL F 81 59.01 -3.01 -70.77
N ALA F 82 59.11 -1.69 -70.62
CA ALA F 82 60.03 -0.90 -71.42
C ALA F 82 61.46 -1.17 -70.94
N ILE F 83 62.15 -2.09 -71.61
CA ILE F 83 63.49 -2.50 -71.22
C ILE F 83 64.25 -2.86 -72.47
N GLU F 84 65.57 -2.67 -72.42
CA GLU F 84 66.40 -2.77 -73.62
C GLU F 84 66.81 -4.20 -73.93
N GLY F 85 66.80 -4.54 -75.21
CA GLY F 85 67.31 -5.80 -75.70
C GLY F 85 66.28 -6.91 -75.77
N ARG F 86 66.66 -7.96 -76.49
CA ARG F 86 65.82 -9.11 -76.80
C ARG F 86 65.92 -10.21 -75.75
N TYR F 87 66.56 -9.94 -74.62
CA TYR F 87 66.78 -10.98 -73.62
C TYR F 87 65.46 -11.46 -73.02
N ASN F 88 65.49 -12.71 -72.52
CA ASN F 88 64.34 -13.36 -71.90
C ASN F 88 64.10 -12.83 -70.48
N PHE F 89 63.85 -11.52 -70.39
CA PHE F 89 63.59 -10.92 -69.09
C PHE F 89 62.37 -11.55 -68.42
N PHE F 90 62.37 -11.52 -67.08
CA PHE F 90 61.29 -12.09 -66.30
C PHE F 90 61.08 -13.58 -66.47
N SER F 91 61.93 -14.24 -67.27
CA SER F 91 61.62 -15.59 -67.71
C SER F 91 61.77 -16.62 -66.59
N GLY F 92 62.44 -16.26 -65.49
CA GLY F 92 62.44 -17.11 -64.30
C GLY F 92 61.09 -17.37 -63.71
N SER F 93 60.10 -16.51 -63.97
CA SER F 93 58.75 -16.76 -63.50
C SER F 93 58.14 -18.02 -64.12
N LEU F 94 58.64 -18.45 -65.28
CA LEU F 94 58.15 -19.67 -65.90
C LEU F 94 58.22 -20.86 -64.93
N SER F 95 59.33 -21.00 -64.23
CA SER F 95 59.53 -22.13 -63.33
C SER F 95 58.45 -22.22 -62.24
N THR F 96 57.69 -21.16 -62.00
CA THR F 96 56.65 -21.18 -60.98
C THR F 96 55.26 -20.89 -61.50
N ASP F 97 55.13 -20.28 -62.68
CA ASP F 97 53.81 -20.10 -63.28
C ASP F 97 53.27 -21.40 -63.88
N PHE F 98 54.14 -22.22 -64.48
CA PHE F 98 53.71 -23.34 -65.29
C PHE F 98 54.41 -24.62 -64.83
N ASP F 99 53.72 -25.75 -65.01
CA ASP F 99 54.32 -27.04 -64.76
C ASP F 99 55.41 -27.34 -65.77
N SER F 100 56.53 -27.88 -65.28
CA SER F 100 57.73 -27.95 -66.08
C SER F 100 57.53 -28.81 -67.33
N ASN F 101 56.82 -29.93 -67.18
CA ASN F 101 56.44 -30.72 -68.36
C ASN F 101 55.64 -29.90 -69.34
N SER F 102 54.79 -29.00 -68.85
CA SER F 102 53.88 -28.27 -69.72
C SER F 102 54.58 -27.16 -70.48
N LEU F 103 55.69 -26.65 -69.94
CA LEU F 103 56.59 -25.81 -70.73
C LEU F 103 57.24 -26.62 -71.84
N ARG F 104 57.66 -27.86 -71.55
CA ARG F 104 58.30 -28.71 -72.54
C ARG F 104 57.30 -29.27 -73.55
N ASN F 105 56.02 -29.38 -73.17
CA ASN F 105 55.00 -29.93 -74.06
C ASN F 105 54.66 -28.92 -75.16
N ALA F 106 55.04 -29.24 -76.41
CA ALA F 106 54.77 -28.38 -77.56
C ALA F 106 53.30 -28.28 -77.94
N GLU F 107 52.41 -29.09 -77.37
CA GLU F 107 50.97 -28.90 -77.62
C GLU F 107 50.37 -27.78 -76.81
N ASN F 108 51.12 -27.12 -75.93
CA ASN F 108 50.54 -26.10 -75.06
C ASN F 108 50.73 -24.71 -75.64
N GLU F 109 49.76 -23.84 -75.38
CA GLU F 109 49.87 -22.40 -75.50
C GLU F 109 49.53 -21.74 -74.17
N PHE F 110 50.13 -20.58 -73.93
CA PHE F 110 50.30 -20.05 -72.58
C PHE F 110 49.68 -18.66 -72.47
N THR F 111 48.96 -18.43 -71.37
CA THR F 111 48.36 -17.13 -71.07
C THR F 111 48.57 -16.82 -69.60
N ARG F 112 48.93 -15.58 -69.31
CA ARG F 112 49.00 -15.06 -67.94
C ARG F 112 48.12 -13.82 -67.81
N ILE F 113 47.10 -13.90 -66.95
CA ILE F 113 46.14 -12.84 -66.73
C ILE F 113 46.39 -12.24 -65.35
N GLN F 114 46.85 -10.99 -65.30
CA GLN F 114 47.14 -10.30 -64.05
C GLN F 114 46.22 -9.09 -63.90
N GLN F 115 45.40 -9.08 -62.86
CA GLN F 115 44.69 -7.88 -62.42
C GLN F 115 45.46 -7.18 -61.31
N SER F 116 46.18 -6.12 -61.67
CA SER F 116 46.82 -5.26 -60.68
C SER F 116 45.79 -4.36 -59.98
N ILE F 117 45.80 -4.36 -58.66
CA ILE F 117 44.99 -3.42 -57.88
C ILE F 117 45.89 -2.27 -57.40
N ASN F 118 46.14 -1.30 -58.27
CA ASN F 118 47.04 -0.20 -57.95
C ASN F 118 46.48 0.70 -56.85
N LEU F 119 47.37 1.22 -56.02
CA LEU F 119 47.03 2.26 -55.05
C LEU F 119 47.84 3.53 -55.28
N TRP F 120 49.18 3.44 -55.25
CA TRP F 120 50.05 4.57 -55.48
C TRP F 120 51.31 4.05 -56.15
N SER F 121 52.11 4.97 -56.69
CA SER F 121 53.35 4.58 -57.33
C SER F 121 54.46 5.56 -56.98
N LEU F 122 55.62 5.01 -56.66
CA LEU F 122 56.79 5.77 -56.26
C LEU F 122 57.77 5.83 -57.41
N ARG F 123 58.30 7.03 -57.68
CA ARG F 123 59.20 7.26 -58.79
C ARG F 123 60.50 7.87 -58.27
N LEU F 124 61.59 7.54 -58.92
CA LEU F 124 62.92 7.98 -58.49
C LEU F 124 63.69 8.53 -59.68
N PRO F 125 64.08 9.81 -59.67
CA PRO F 125 64.68 10.41 -60.86
C PRO F 125 66.14 10.03 -61.04
N SER F 126 66.56 10.02 -62.31
CA SER F 126 67.92 9.67 -62.71
C SER F 126 68.94 10.75 -62.44
N VAL F 127 68.71 11.59 -61.43
CA VAL F 127 69.62 12.71 -61.18
C VAL F 127 70.95 12.21 -60.64
N LYS F 128 72.00 12.98 -60.92
CA LYS F 128 73.36 12.64 -60.53
C LYS F 128 73.56 12.56 -59.02
N SER F 129 72.72 13.22 -58.23
CA SER F 129 72.87 13.14 -56.78
C SER F 129 72.43 11.81 -56.18
N LEU F 130 71.91 10.87 -56.97
CA LEU F 130 71.58 9.56 -56.44
C LEU F 130 72.77 8.92 -55.73
N ARG F 131 73.95 9.02 -56.35
CA ARG F 131 75.18 8.51 -55.75
C ARG F 131 75.36 8.95 -54.31
N GLU F 132 74.95 10.18 -54.00
CA GLU F 132 75.12 10.68 -52.63
C GLU F 132 74.21 9.97 -51.64
N LEU F 133 73.08 9.44 -52.09
CA LEU F 133 72.17 8.71 -51.21
C LEU F 133 72.47 7.23 -51.05
N MET F 134 73.39 6.65 -51.83
CA MET F 134 73.71 5.25 -51.62
C MET F 134 74.24 5.03 -50.20
N LEU F 135 73.93 3.86 -49.65
CA LEU F 135 74.56 3.42 -48.42
C LEU F 135 76.08 3.34 -48.59
N PRO F 136 76.86 3.75 -47.59
CA PRO F 136 78.31 3.83 -47.79
C PRO F 136 78.98 2.53 -48.21
N HIS F 137 78.58 1.39 -47.61
CA HIS F 137 79.18 0.13 -47.99
C HIS F 137 78.79 -0.30 -49.39
N MET F 138 77.55 0.00 -49.81
CA MET F 138 77.15 -0.27 -51.19
C MET F 138 77.94 0.58 -52.17
N ARG F 139 78.08 1.88 -51.89
CA ARG F 139 78.91 2.74 -52.72
C ARG F 139 80.36 2.28 -52.72
N GLN F 140 80.90 1.95 -51.55
CA GLN F 140 82.27 1.46 -51.46
C GLN F 140 82.47 0.19 -52.28
N GLN F 141 81.52 -0.74 -52.19
CA GLN F 141 81.63 -1.99 -52.96
C GLN F 141 81.61 -1.72 -54.46
N LEU F 142 80.70 -0.85 -54.91
CA LEU F 142 80.65 -0.50 -56.32
C LEU F 142 81.89 0.27 -56.77
N ASP F 143 82.43 1.13 -55.90
CA ASP F 143 83.61 1.91 -56.27
C ASP F 143 84.87 1.05 -56.36
N GLU F 144 84.96 -0.01 -55.55
CA GLU F 144 86.12 -0.89 -55.58
C GLU F 144 85.96 -2.09 -56.50
N LEU F 145 84.85 -2.19 -57.23
CA LEU F 145 84.64 -3.32 -58.14
C LEU F 145 85.75 -3.39 -59.17
N ASN F 146 86.46 -4.51 -59.19
CA ASN F 146 87.57 -4.73 -60.13
C ASN F 146 87.02 -5.10 -61.50
N VAL F 147 86.64 -4.08 -62.27
CA VAL F 147 86.08 -4.29 -63.59
C VAL F 147 87.09 -4.84 -64.60
N ASN F 148 88.35 -4.97 -64.19
CA ASN F 148 89.34 -5.70 -64.99
C ASN F 148 89.14 -7.21 -64.96
N ASP F 149 88.32 -7.73 -64.07
CA ASP F 149 87.98 -9.16 -64.08
C ASP F 149 86.52 -9.35 -64.43
N PRO F 150 86.22 -9.99 -65.57
CA PRO F 150 84.81 -10.27 -65.90
C PRO F 150 84.07 -11.03 -64.82
N LYS F 151 84.74 -11.95 -64.12
CA LYS F 151 84.08 -12.73 -63.09
C LYS F 151 83.62 -11.86 -61.94
N ALA F 152 84.39 -10.82 -61.61
CA ALA F 152 83.98 -9.89 -60.56
C ALA F 152 82.72 -9.13 -60.96
N ILE F 153 82.68 -8.62 -62.19
CA ILE F 153 81.48 -7.93 -62.66
C ILE F 153 80.30 -8.90 -62.70
N SER F 154 80.52 -10.09 -63.25
CA SER F 154 79.46 -11.09 -63.32
C SER F 154 78.94 -11.45 -61.94
N ARG F 155 79.84 -11.64 -60.98
CA ARG F 155 79.43 -11.86 -59.60
C ARG F 155 78.70 -10.65 -59.02
N TYR F 156 79.15 -9.44 -59.36
CA TYR F 156 78.44 -8.26 -58.89
C TYR F 156 77.01 -8.20 -59.43
N PHE F 157 76.83 -8.38 -60.74
CA PHE F 157 75.49 -8.42 -61.30
C PHE F 157 74.66 -9.55 -60.69
N ASP F 158 75.26 -10.72 -60.51
CA ASP F 158 74.58 -11.83 -59.84
C ASP F 158 74.25 -11.49 -58.39
N ARG F 159 75.22 -11.00 -57.63
CA ARG F 159 75.02 -10.83 -56.20
C ARG F 159 74.22 -9.57 -55.86
N VAL F 160 74.38 -8.50 -56.64
CA VAL F 160 73.73 -7.23 -56.34
C VAL F 160 72.60 -6.89 -57.28
N GLY F 161 72.49 -7.56 -58.43
CA GLY F 161 71.57 -7.18 -59.47
C GLY F 161 72.22 -6.28 -60.51
N SER F 162 71.65 -6.32 -61.71
CA SER F 162 72.12 -5.49 -62.81
C SER F 162 71.44 -4.14 -62.89
N HIS F 163 70.26 -4.00 -62.30
CA HIS F 163 69.47 -2.78 -62.35
C HIS F 163 69.03 -2.43 -60.94
N PHE F 164 68.42 -1.25 -60.79
CA PHE F 164 67.73 -0.93 -59.55
C PHE F 164 66.39 -0.29 -59.88
N LEU F 165 65.42 -0.51 -59.00
CA LEU F 165 64.06 -0.06 -59.23
C LEU F 165 63.95 1.46 -59.15
N THR F 166 63.37 2.05 -60.20
CA THR F 166 63.05 3.47 -60.22
C THR F 166 61.57 3.75 -60.38
N GLY F 167 60.76 2.76 -60.73
CA GLY F 167 59.32 2.93 -60.80
C GLY F 167 58.64 1.78 -60.09
N ILE F 168 57.80 2.11 -59.11
CA ILE F 168 57.11 1.13 -58.28
C ILE F 168 55.63 1.46 -58.25
N VAL F 169 54.79 0.46 -58.42
CA VAL F 169 53.37 0.58 -58.14
C VAL F 169 53.09 -0.28 -56.91
N MET F 170 52.48 0.29 -55.89
CA MET F 170 52.15 -0.46 -54.68
C MET F 170 50.67 -0.77 -54.66
N GLY F 171 50.33 -2.05 -54.49
CA GLY F 171 48.94 -2.43 -54.36
C GLY F 171 48.77 -3.91 -54.09
N GLY F 172 47.91 -4.53 -54.89
CA GLY F 172 47.71 -5.95 -54.86
C GLY F 172 47.72 -6.49 -56.28
N ARG F 173 47.84 -7.80 -56.41
CA ARG F 173 47.53 -8.43 -57.68
C ARG F 173 47.01 -9.84 -57.46
N ALA F 174 46.07 -10.25 -58.29
CA ALA F 174 45.68 -11.64 -58.46
C ALA F 174 46.08 -12.07 -59.86
N ILE F 175 46.69 -13.24 -59.98
CA ILE F 175 47.16 -13.76 -61.26
C ILE F 175 46.54 -15.12 -61.48
N LEU F 176 46.10 -15.38 -62.71
CA LEU F 176 45.85 -16.72 -63.21
C LEU F 176 46.78 -16.99 -64.38
N ALA F 177 47.60 -18.02 -64.26
CA ALA F 177 48.45 -18.49 -65.35
C ALA F 177 47.94 -19.86 -65.80
N SER F 178 47.91 -20.06 -67.11
CA SER F 178 47.34 -21.28 -67.67
C SER F 178 48.12 -21.70 -68.90
N SER F 179 48.28 -23.00 -69.06
CA SER F 179 48.78 -23.60 -70.29
C SER F 179 47.72 -24.54 -70.84
N THR F 180 47.42 -24.41 -72.14
CA THR F 180 46.22 -24.96 -72.73
C THR F 180 46.61 -25.77 -73.97
N ASN F 181 45.99 -26.94 -74.11
CA ASN F 181 46.27 -27.80 -75.26
C ASN F 181 45.69 -27.14 -76.51
N LYS F 182 46.55 -26.51 -77.29
CA LYS F 182 46.11 -25.71 -78.43
C LYS F 182 45.57 -26.56 -79.58
N LEU F 183 45.77 -27.88 -79.54
CA LEU F 183 45.20 -28.76 -80.54
C LEU F 183 43.75 -29.13 -80.28
N ARG F 184 43.24 -28.93 -79.06
CA ARG F 184 41.97 -29.52 -78.67
C ARG F 184 40.98 -28.54 -78.04
N VAL F 185 41.43 -27.41 -77.49
CA VAL F 185 40.52 -26.37 -77.03
C VAL F 185 39.76 -25.76 -78.21
N LYS F 186 38.50 -25.38 -77.95
CA LYS F 186 37.69 -24.70 -78.95
C LYS F 186 38.37 -23.43 -79.46
N ARG F 187 38.30 -23.22 -80.77
CA ARG F 187 38.90 -22.08 -81.44
C ARG F 187 37.89 -20.97 -81.76
N ASP F 188 36.70 -21.00 -81.14
CA ASP F 188 35.72 -19.94 -81.37
C ASP F 188 36.27 -18.57 -80.98
N TYR F 189 37.09 -18.50 -79.94
CA TYR F 189 37.69 -17.25 -79.51
C TYR F 189 39.17 -17.47 -79.26
N SER F 190 39.93 -16.38 -79.28
CA SER F 190 41.32 -16.44 -78.87
C SER F 190 41.42 -16.82 -77.40
N VAL F 191 42.48 -17.55 -77.07
CA VAL F 191 42.59 -18.13 -75.74
C VAL F 191 42.77 -17.05 -74.67
N SER F 192 43.37 -15.92 -75.04
CA SER F 192 43.41 -14.79 -74.13
C SER F 192 42.02 -14.26 -73.79
N VAL F 193 41.07 -14.37 -74.71
CA VAL F 193 39.70 -13.92 -74.42
C VAL F 193 39.03 -14.86 -73.43
N VAL F 194 39.10 -16.17 -73.67
CA VAL F 194 38.52 -17.13 -72.74
C VAL F 194 39.35 -17.31 -71.49
N ALA F 195 40.66 -17.07 -71.56
CA ALA F 195 41.46 -16.95 -70.34
C ALA F 195 40.98 -15.81 -69.46
N LYS F 196 40.87 -14.61 -70.02
CA LYS F 196 40.37 -13.46 -69.25
C LYS F 196 38.93 -13.69 -68.79
N ALA F 197 38.08 -14.22 -69.67
CA ALA F 197 36.70 -14.48 -69.30
C ALA F 197 36.58 -15.50 -68.18
N SER F 198 37.42 -16.53 -68.21
CA SER F 198 37.41 -17.52 -67.13
C SER F 198 38.02 -16.97 -65.85
N TYR F 199 39.07 -16.16 -65.95
CA TYR F 199 39.55 -15.41 -64.79
C TYR F 199 38.44 -14.56 -64.18
N GLU F 200 37.73 -13.81 -65.01
CA GLU F 200 36.58 -13.05 -64.53
C GLU F 200 35.51 -13.97 -63.93
N GLY F 201 35.32 -15.14 -64.52
CA GLY F 201 34.39 -16.10 -63.93
C GLY F 201 34.82 -16.58 -62.56
N LEU F 202 36.09 -16.93 -62.41
CA LEU F 202 36.59 -17.39 -61.11
C LEU F 202 36.52 -16.30 -60.06
N THR F 203 36.74 -15.04 -60.44
CA THR F 203 36.63 -13.93 -59.51
C THR F 203 35.22 -13.36 -59.41
N GLY F 204 34.28 -13.84 -60.21
CA GLY F 204 32.93 -13.34 -60.20
C GLY F 204 32.70 -12.05 -60.96
N GLN F 205 33.73 -11.52 -61.63
CA GLN F 205 33.61 -10.28 -62.39
C GLN F 205 32.88 -10.46 -63.72
N LEU F 206 32.69 -11.70 -64.16
CA LEU F 206 32.02 -11.96 -65.43
C LEU F 206 30.53 -11.69 -65.30
N SER F 207 29.99 -10.87 -66.20
CA SER F 207 28.59 -10.52 -66.16
C SER F 207 27.69 -11.66 -66.65
N ALA F 208 26.40 -11.49 -66.35
CA ALA F 208 25.35 -12.43 -66.78
C ALA F 208 25.36 -12.71 -68.28
N GLU F 209 25.44 -11.66 -69.11
CA GLU F 209 25.52 -11.89 -70.55
C GLU F 209 26.87 -12.44 -70.98
N ALA F 210 27.96 -12.00 -70.35
CA ALA F 210 29.26 -12.55 -70.72
C ALA F 210 29.38 -14.00 -70.25
N LYS F 211 28.84 -14.28 -69.07
CA LYS F 211 28.78 -15.64 -68.54
C LYS F 211 28.08 -16.61 -69.47
N ALA F 212 26.94 -16.22 -70.04
CA ALA F 212 26.35 -17.01 -71.13
C ALA F 212 27.26 -17.10 -72.35
N LYS F 213 27.75 -15.97 -72.85
CA LYS F 213 28.50 -16.00 -74.11
C LYS F 213 29.80 -16.80 -73.98
N TYR F 214 30.62 -16.48 -72.98
CA TYR F 214 31.85 -17.21 -72.70
C TYR F 214 31.61 -18.56 -72.02
N GLY F 215 30.51 -18.70 -71.27
CA GLY F 215 30.35 -19.85 -70.39
C GLY F 215 30.54 -21.21 -71.04
N GLU F 216 30.03 -21.40 -72.25
CA GLU F 216 30.33 -22.64 -72.96
C GLU F 216 31.77 -22.71 -73.45
N SER F 217 32.38 -21.57 -73.81
CA SER F 217 33.77 -21.58 -74.26
C SER F 217 34.76 -21.80 -73.12
N ILE F 218 34.46 -21.30 -71.92
CA ILE F 218 35.39 -21.40 -70.79
C ILE F 218 35.48 -22.82 -70.22
N SER F 219 34.41 -23.60 -70.30
CA SER F 219 34.50 -25.00 -69.88
C SER F 219 35.49 -25.79 -70.73
N SER F 220 35.47 -25.62 -72.04
CA SER F 220 36.48 -26.25 -72.88
C SER F 220 37.89 -25.78 -72.51
N PHE F 221 38.06 -24.47 -72.33
CA PHE F 221 39.32 -23.93 -71.84
C PHE F 221 39.68 -24.50 -70.47
N THR F 222 38.70 -24.63 -69.58
CA THR F 222 38.99 -25.08 -68.21
C THR F 222 39.51 -26.51 -68.19
N GLN F 223 38.83 -27.43 -68.86
CA GLN F 223 39.23 -28.83 -68.80
C GLN F 223 40.54 -29.11 -69.54
N TYR F 224 40.82 -28.39 -70.62
CA TYR F 224 42.02 -28.60 -71.41
C TYR F 224 43.19 -27.72 -70.98
N SER F 225 43.16 -27.14 -69.78
CA SER F 225 44.27 -26.28 -69.37
C SER F 225 44.52 -26.43 -67.87
N ASN F 226 45.75 -26.14 -67.48
CA ASN F 226 46.23 -26.23 -66.09
C ASN F 226 46.38 -24.81 -65.55
N THR F 227 45.34 -24.30 -64.91
CA THR F 227 45.32 -22.93 -64.41
C THR F 227 46.02 -22.88 -63.06
N HIS F 228 47.24 -22.36 -63.04
CA HIS F 228 47.87 -21.91 -61.80
C HIS F 228 47.24 -20.60 -61.34
N GLN F 229 47.02 -20.48 -60.03
CA GLN F 229 46.44 -19.29 -59.43
C GLN F 229 47.32 -18.81 -58.28
N GLU F 230 47.53 -17.49 -58.22
CA GLU F 230 48.24 -16.89 -57.10
C GLU F 230 47.70 -15.49 -56.88
N VAL F 231 47.97 -14.96 -55.68
CA VAL F 231 47.49 -13.64 -55.27
C VAL F 231 48.52 -13.02 -54.34
N ARG F 232 48.62 -11.70 -54.39
CA ARG F 232 49.69 -10.98 -53.71
C ARG F 232 49.17 -9.64 -53.21
N GLY F 233 49.75 -9.17 -52.11
CA GLY F 233 49.17 -8.06 -51.39
C GLY F 233 47.84 -8.35 -50.72
N GLY F 234 47.43 -7.44 -49.83
CA GLY F 234 46.22 -7.62 -49.06
C GLY F 234 46.38 -8.63 -47.93
N ASP F 235 45.28 -8.85 -47.22
CA ASP F 235 45.26 -9.76 -46.09
C ASP F 235 45.35 -11.20 -46.57
N GLY F 236 46.43 -11.89 -46.21
CA GLY F 236 46.59 -13.28 -46.58
C GLY F 236 45.51 -14.20 -46.06
N ALA F 237 44.81 -13.80 -44.99
CA ALA F 237 43.65 -14.55 -44.53
C ALA F 237 42.43 -14.35 -45.42
N LYS F 238 42.43 -13.34 -46.30
CA LYS F 238 41.35 -13.14 -47.25
C LYS F 238 41.82 -13.35 -48.70
N ALA F 239 43.12 -13.57 -48.90
CA ALA F 239 43.65 -13.68 -50.25
C ALA F 239 43.10 -14.90 -50.97
N HIS F 240 42.94 -16.01 -50.26
CA HIS F 240 42.43 -17.24 -50.87
C HIS F 240 40.96 -17.13 -51.29
N GLY F 241 40.22 -16.18 -50.75
CA GLY F 241 38.84 -15.93 -51.14
C GLY F 241 38.67 -15.29 -52.50
N VAL F 242 39.73 -14.73 -53.09
CA VAL F 242 39.54 -13.98 -54.33
C VAL F 242 39.08 -14.87 -55.47
N PHE F 243 39.52 -16.12 -55.50
CA PHE F 243 39.09 -17.08 -56.50
C PHE F 243 37.91 -17.93 -56.02
N SER F 244 37.19 -17.46 -55.01
CA SER F 244 36.07 -18.18 -54.42
C SER F 244 34.82 -18.12 -55.30
N GLY F 245 34.89 -17.51 -56.48
CA GLY F 245 33.75 -17.39 -57.35
C GLY F 245 32.70 -16.39 -56.92
N LYS F 246 32.96 -15.63 -55.85
CA LYS F 246 31.96 -14.76 -55.24
C LYS F 246 32.53 -13.37 -55.11
N LYS F 247 31.79 -12.38 -55.64
CA LYS F 247 32.28 -11.00 -55.67
C LYS F 247 32.53 -10.46 -54.27
N GLU F 248 31.69 -10.82 -53.30
CA GLU F 248 31.88 -10.33 -51.93
C GLU F 248 33.22 -10.77 -51.35
N ASP F 249 33.68 -11.97 -51.70
CA ASP F 249 34.99 -12.42 -51.23
C ASP F 249 36.12 -11.70 -51.94
N PHE F 250 36.01 -11.51 -53.25
CA PHE F 250 37.00 -10.73 -54.00
C PHE F 250 37.08 -9.29 -53.51
N GLN F 251 35.93 -8.63 -53.36
CA GLN F 251 35.93 -7.25 -52.86
C GLN F 251 36.47 -7.17 -51.44
N ALA F 252 36.17 -8.15 -50.60
CA ALA F 252 36.73 -8.20 -49.25
C ALA F 252 38.26 -8.25 -49.26
N TRP F 253 38.86 -8.92 -50.24
CA TRP F 253 40.31 -8.85 -50.39
C TRP F 253 40.77 -7.47 -50.86
N VAL F 254 40.11 -6.93 -51.89
CA VAL F 254 40.46 -5.59 -52.38
C VAL F 254 40.40 -4.57 -51.26
N ASP F 255 39.37 -4.66 -50.41
CA ASP F 255 39.27 -3.76 -49.26
C ASP F 255 40.41 -3.94 -48.26
N SER F 256 41.17 -5.04 -48.35
CA SER F 256 42.35 -5.21 -47.49
C SER F 256 43.65 -4.84 -48.17
N VAL F 257 43.70 -4.81 -49.50
CA VAL F 257 44.91 -4.39 -50.20
C VAL F 257 45.28 -2.95 -49.82
N SER F 258 44.28 -2.10 -49.62
CA SER F 258 44.53 -0.71 -49.24
C SER F 258 45.29 -0.60 -47.91
N ALA F 259 45.07 -1.53 -46.98
CA ALA F 259 45.81 -1.48 -45.73
C ALA F 259 47.25 -2.01 -45.86
N SER F 260 47.47 -3.04 -46.67
CA SER F 260 48.75 -3.77 -46.69
C SER F 260 49.18 -4.04 -48.12
N PRO F 261 49.53 -3.00 -48.87
CA PRO F 261 49.93 -3.20 -50.27
C PRO F 261 51.34 -3.76 -50.40
N ASP F 262 51.59 -4.34 -51.58
CA ASP F 262 52.90 -4.85 -51.94
C ASP F 262 53.31 -4.30 -53.30
N PHE F 263 54.60 -4.43 -53.61
CA PHE F 263 55.12 -4.23 -54.96
C PHE F 263 54.56 -5.24 -55.95
N VAL F 264 53.72 -4.75 -56.87
CA VAL F 264 52.92 -5.61 -57.74
C VAL F 264 53.19 -5.32 -59.21
N ASP F 265 53.63 -4.11 -59.54
CA ASP F 265 53.80 -3.76 -60.94
C ASP F 265 54.81 -2.63 -61.07
N PHE F 266 55.31 -2.45 -62.30
CA PHE F 266 56.19 -1.35 -62.65
C PHE F 266 55.39 -0.15 -63.17
N VAL F 267 55.97 1.03 -63.02
CA VAL F 267 55.57 2.23 -63.76
C VAL F 267 56.10 2.15 -65.18
N PRO F 268 55.24 2.17 -66.21
CA PRO F 268 55.70 1.81 -67.55
C PRO F 268 56.82 2.67 -68.10
N THR F 269 56.91 3.94 -67.68
CA THR F 269 57.85 4.87 -68.28
C THR F 269 59.28 4.70 -67.78
N ILE F 270 59.47 4.31 -66.53
CA ILE F 270 60.77 4.39 -65.87
C ILE F 270 60.93 3.23 -64.90
N PRO F 271 60.74 1.99 -65.34
CA PRO F 271 60.63 0.89 -64.37
C PRO F 271 61.90 0.66 -63.57
N MET F 272 63.06 0.63 -64.22
CA MET F 272 64.31 0.44 -63.51
C MET F 272 65.47 1.05 -64.30
N GLN F 273 66.56 1.34 -63.58
CA GLN F 273 67.73 2.00 -64.13
C GLN F 273 68.93 1.06 -64.02
N GLU F 274 69.82 1.13 -65.00
CA GLU F 274 71.03 0.31 -64.98
C GLU F 274 71.96 0.69 -63.85
N ILE F 275 72.62 -0.32 -63.28
CA ILE F 275 73.42 -0.16 -62.08
C ILE F 275 74.64 0.73 -62.31
N TRP F 276 75.24 0.66 -63.50
CA TRP F 276 76.36 1.54 -63.85
C TRP F 276 75.96 2.99 -64.07
N THR F 277 74.69 3.33 -63.94
CA THR F 277 74.32 4.74 -63.78
C THR F 277 74.91 5.33 -62.51
N LEU F 278 75.15 4.51 -61.48
CA LEU F 278 75.63 4.98 -60.19
C LEU F 278 77.15 5.00 -60.04
N CYS F 279 77.91 4.34 -60.91
CA CYS F 279 79.36 4.34 -60.76
C CYS F 279 79.94 5.68 -61.18
N SER F 280 80.97 6.12 -60.46
CA SER F 280 81.51 7.47 -60.63
C SER F 280 82.35 7.65 -61.88
N SER F 281 82.96 6.57 -62.39
CA SER F 281 83.85 6.69 -63.54
C SER F 281 83.18 6.17 -64.80
N GLU F 282 83.21 7.00 -65.86
CA GLU F 282 82.69 6.58 -67.15
C GLU F 282 83.45 5.39 -67.71
N ALA F 283 84.75 5.30 -67.42
CA ALA F 283 85.53 4.12 -67.81
C ALA F 283 85.08 2.87 -67.07
N GLN F 284 84.65 3.01 -65.82
CA GLN F 284 84.03 1.89 -65.12
C GLN F 284 82.68 1.55 -65.74
N ALA F 285 81.87 2.56 -66.03
CA ALA F 285 80.56 2.33 -66.64
C ALA F 285 80.69 1.61 -67.97
N GLU F 286 81.67 2.02 -68.79
CA GLU F 286 81.92 1.35 -70.06
C GLU F 286 82.24 -0.12 -69.87
N ALA F 287 83.12 -0.44 -68.93
CA ALA F 287 83.44 -1.84 -68.67
C ALA F 287 82.23 -2.62 -68.17
N MET F 288 81.48 -2.04 -67.22
CA MET F 288 80.30 -2.74 -66.73
C MET F 288 79.23 -2.91 -67.80
N ARG F 289 78.90 -1.83 -68.51
CA ARG F 289 77.92 -1.94 -69.59
C ARG F 289 78.37 -2.91 -70.67
N LYS F 290 79.64 -2.84 -71.07
CA LYS F 290 80.17 -3.78 -72.04
C LYS F 290 80.06 -5.22 -71.56
N HIS F 291 80.41 -5.48 -70.30
CA HIS F 291 80.23 -6.82 -69.77
C HIS F 291 78.77 -7.23 -69.70
N TYR F 292 77.89 -6.31 -69.30
CA TYR F 292 76.48 -6.66 -69.12
C TYR F 292 75.88 -7.26 -70.38
N ASP F 293 76.11 -6.64 -71.52
CA ASP F 293 75.45 -7.01 -72.77
C ASP F 293 76.30 -7.90 -73.66
N ASP F 294 77.62 -7.89 -73.47
CA ASP F 294 78.48 -8.82 -74.20
C ASP F 294 78.51 -10.21 -73.59
N VAL F 295 78.28 -10.33 -72.28
CA VAL F 295 78.50 -11.60 -71.59
C VAL F 295 77.29 -11.96 -70.73
N TRP F 296 77.01 -11.13 -69.73
CA TRP F 296 76.13 -11.56 -68.65
C TRP F 296 74.68 -11.70 -69.11
N ALA F 297 74.13 -10.66 -69.73
CA ALA F 297 72.76 -10.73 -70.22
C ALA F 297 72.55 -11.79 -71.30
N PRO F 298 73.46 -11.99 -72.26
CA PRO F 298 73.37 -13.17 -73.13
C PRO F 298 73.29 -14.50 -72.38
N ALA F 299 74.26 -14.76 -71.51
CA ALA F 299 74.27 -16.02 -70.75
C ALA F 299 73.00 -16.18 -69.91
N GLN F 300 72.57 -15.12 -69.22
CA GLN F 300 71.34 -15.22 -68.44
C GLN F 300 70.13 -15.49 -69.32
N SER F 301 70.04 -14.83 -70.48
CA SER F 301 68.92 -15.08 -71.38
C SER F 301 68.94 -16.52 -71.89
N GLU F 302 70.12 -17.02 -72.25
CA GLU F 302 70.23 -18.39 -72.76
C GLU F 302 69.89 -19.42 -71.68
N LYS F 303 70.32 -19.17 -70.44
CA LYS F 303 70.04 -20.08 -69.34
C LYS F 303 68.57 -20.11 -68.96
N TYR F 304 67.71 -19.34 -69.64
CA TYR F 304 66.27 -19.38 -69.42
C TYR F 304 65.53 -19.81 -70.68
N ARG F 305 66.26 -20.31 -71.67
CA ARG F 305 65.65 -20.83 -72.89
C ARG F 305 65.22 -22.27 -72.67
N VAL F 306 64.00 -22.60 -73.08
CA VAL F 306 63.36 -23.86 -72.74
C VAL F 306 63.29 -24.74 -73.98
N LYS F 307 63.82 -25.96 -73.87
CA LYS F 307 63.68 -26.96 -74.91
C LYS F 307 62.27 -27.53 -74.90
N ALA F 308 61.85 -28.08 -76.05
CA ALA F 308 60.67 -28.92 -76.08
C ALA F 308 61.06 -30.39 -75.91
N ASN F 309 60.11 -31.17 -75.42
CA ASN F 309 60.24 -32.63 -75.45
C ASN F 309 60.33 -33.12 -76.89
N TYR F 310 60.97 -34.27 -77.07
CA TYR F 310 61.18 -34.84 -78.39
C TYR F 310 60.96 -36.35 -78.36
N ILE F 311 60.59 -36.89 -79.53
CA ILE F 311 60.42 -38.33 -79.68
C ILE F 311 61.77 -39.00 -79.79
N ASP F 312 61.99 -40.03 -78.98
CA ASP F 312 63.20 -40.83 -79.03
C ASP F 312 62.97 -42.30 -79.42
N GLN F 313 61.75 -42.81 -79.34
CA GLN F 313 61.51 -44.21 -79.68
C GLN F 313 60.07 -44.37 -80.14
N LEU F 314 59.88 -45.21 -81.17
CA LEU F 314 58.57 -45.56 -81.68
C LEU F 314 58.38 -47.07 -81.64
N VAL F 315 57.13 -47.49 -81.40
CA VAL F 315 56.75 -48.90 -81.47
C VAL F 315 55.34 -48.99 -82.04
N VAL F 316 55.01 -50.17 -82.57
CA VAL F 316 53.68 -50.47 -83.09
C VAL F 316 53.11 -51.63 -82.29
N ILE F 317 51.81 -51.55 -81.98
CA ILE F 317 51.11 -52.60 -81.25
C ILE F 317 49.89 -53.04 -82.04
N THR F 318 49.61 -54.34 -82.01
CA THR F 318 48.59 -54.96 -82.82
C THR F 318 47.73 -55.87 -81.96
N GLY F 319 46.44 -55.92 -82.28
CA GLY F 319 45.55 -56.81 -81.55
C GLY F 319 44.13 -56.70 -82.06
N GLY F 320 43.25 -57.45 -81.39
CA GLY F 320 41.90 -57.71 -81.81
C GLY F 320 40.82 -56.74 -81.37
N SER F 321 41.17 -55.63 -80.71
CA SER F 321 40.14 -54.71 -80.26
C SER F 321 40.69 -53.29 -80.22
N SER F 322 39.75 -52.34 -80.21
CA SER F 322 40.11 -50.92 -80.23
C SER F 322 40.94 -50.53 -79.01
N THR F 323 40.79 -51.25 -77.90
CA THR F 323 41.28 -50.81 -76.60
C THR F 323 42.62 -51.44 -76.23
N ILE F 324 43.28 -52.11 -77.19
CA ILE F 324 44.63 -52.58 -76.95
C ILE F 324 45.52 -51.38 -76.61
N GLU F 325 46.60 -51.65 -75.87
CA GLU F 325 47.26 -50.62 -75.08
C GLU F 325 48.76 -50.82 -75.10
N PRO F 326 49.54 -49.74 -75.19
CA PRO F 326 50.98 -49.89 -75.42
C PRO F 326 51.70 -50.43 -74.21
N PRO F 327 52.98 -50.79 -74.35
CA PRO F 327 53.84 -50.97 -73.18
C PRO F 327 53.91 -49.69 -72.37
N VAL F 328 54.04 -49.86 -71.06
CA VAL F 328 53.75 -48.78 -70.10
C VAL F 328 54.58 -47.54 -70.40
N GLY F 329 55.80 -47.71 -70.92
CA GLY F 329 56.64 -46.57 -71.21
C GLY F 329 56.16 -45.69 -72.35
N TYR F 330 55.28 -46.20 -73.21
CA TYR F 330 54.85 -45.51 -74.41
C TYR F 330 53.44 -44.97 -74.26
N SER F 331 53.09 -44.04 -75.15
CA SER F 331 51.72 -43.54 -75.29
C SER F 331 51.27 -43.71 -76.73
N LYS F 332 49.96 -43.84 -76.91
CA LYS F 332 49.37 -44.35 -78.15
C LYS F 332 48.81 -43.22 -79.00
N ILE F 333 49.11 -43.26 -80.29
CA ILE F 333 48.39 -42.48 -81.29
C ILE F 333 47.10 -43.23 -81.62
N GLU F 334 45.97 -42.64 -81.25
CA GLU F 334 44.66 -43.30 -81.23
C GLU F 334 44.06 -43.56 -82.61
N TYR F 335 44.77 -43.44 -83.74
CA TYR F 335 44.18 -43.68 -85.06
C TYR F 335 44.67 -45.03 -85.58
N ASP F 336 43.72 -45.91 -85.89
CA ASP F 336 44.06 -47.28 -86.28
C ASP F 336 44.68 -47.27 -87.68
N LEU F 337 45.89 -47.85 -87.79
CA LEU F 337 46.58 -48.00 -89.07
C LEU F 337 45.94 -49.04 -89.98
N ASN F 338 44.81 -49.64 -89.59
CA ASN F 338 43.96 -50.37 -90.52
C ASN F 338 42.52 -49.86 -90.50
N ALA F 339 42.31 -48.60 -90.12
CA ALA F 339 40.98 -48.04 -90.05
C ALA F 339 40.24 -48.23 -91.37
N GLY F 340 39.12 -48.96 -91.31
CA GLY F 340 38.36 -49.32 -92.48
C GLY F 340 38.93 -50.44 -93.31
N ALA F 341 40.14 -50.90 -93.01
CA ALA F 341 40.79 -51.96 -93.77
C ALA F 341 40.54 -53.34 -93.16
N GLY F 342 39.82 -53.41 -92.04
CA GLY F 342 39.61 -54.67 -91.36
C GLY F 342 40.91 -55.25 -90.80
N GLY F 343 40.87 -56.55 -90.53
CA GLY F 343 42.00 -57.25 -89.98
C GLY F 343 42.22 -56.94 -88.50
N ASP F 344 43.49 -56.93 -88.11
CA ASP F 344 43.87 -56.48 -86.78
C ASP F 344 43.77 -54.97 -86.65
N PHE F 345 43.41 -54.51 -85.46
CA PHE F 345 43.69 -53.13 -85.07
C PHE F 345 45.19 -52.94 -84.91
N ILE F 346 45.70 -51.83 -85.44
CA ILE F 346 47.11 -51.49 -85.37
C ILE F 346 47.25 -50.05 -84.93
N TYR F 347 48.12 -49.78 -83.96
CA TYR F 347 48.37 -48.45 -83.47
C TYR F 347 49.87 -48.17 -83.39
N LEU F 348 50.24 -46.93 -83.70
CA LEU F 348 51.61 -46.45 -83.57
C LEU F 348 51.77 -45.76 -82.23
N CYS F 349 52.86 -46.08 -81.53
CA CYS F 349 53.10 -45.58 -80.19
C CYS F 349 54.51 -45.00 -80.10
N TYR F 350 54.69 -44.04 -79.21
CA TYR F 350 55.92 -43.27 -79.13
C TYR F 350 56.32 -43.05 -77.68
N HIS F 351 57.61 -42.79 -77.49
CA HIS F 351 58.15 -42.26 -76.24
C HIS F 351 58.67 -40.84 -76.51
N GLU F 352 58.29 -39.90 -75.65
CA GLU F 352 58.82 -38.54 -75.70
C GLU F 352 59.77 -38.31 -74.55
N GLN F 353 60.99 -37.89 -74.88
CA GLN F 353 62.11 -37.81 -73.94
C GLN F 353 62.26 -36.38 -73.45
N THR F 354 62.44 -36.22 -72.14
CA THR F 354 62.82 -34.94 -71.58
C THR F 354 64.29 -34.68 -71.89
N TRP F 355 64.58 -33.49 -72.42
CA TRP F 355 65.97 -33.11 -72.69
C TRP F 355 66.74 -32.90 -71.41
N GLN F 356 68.01 -33.34 -71.43
CA GLN F 356 68.92 -33.22 -70.30
C GLN F 356 70.24 -32.68 -70.80
N ALA F 357 70.81 -31.72 -70.07
CA ALA F 357 71.99 -31.01 -70.54
C ALA F 357 73.21 -31.93 -70.59
N ASP F 358 73.35 -32.84 -69.63
CA ASP F 358 74.55 -33.67 -69.52
C ASP F 358 74.41 -35.02 -70.21
N ARG F 359 73.21 -35.43 -70.59
CA ARG F 359 73.02 -36.71 -71.27
C ARG F 359 71.80 -36.68 -72.18
N PRO F 360 71.80 -35.85 -73.20
CA PRO F 360 70.76 -35.94 -74.23
C PRO F 360 70.84 -37.28 -74.96
N LYS F 361 69.69 -37.90 -75.16
CA LYS F 361 69.62 -39.11 -75.96
C LYS F 361 69.67 -38.75 -77.45
N ASP F 362 69.56 -39.76 -78.30
CA ASP F 362 69.08 -39.54 -79.66
C ASP F 362 67.62 -39.12 -79.66
N ALA F 363 67.27 -38.23 -80.58
CA ALA F 363 65.91 -38.10 -81.05
C ALA F 363 65.69 -38.95 -82.31
N VAL F 364 64.43 -39.27 -82.58
CA VAL F 364 64.03 -39.61 -83.93
C VAL F 364 64.15 -38.38 -84.82
N THR F 365 64.75 -38.54 -86.00
CA THR F 365 64.94 -37.43 -86.91
C THR F 365 64.40 -37.67 -88.32
N ASP F 366 64.13 -38.90 -88.72
CA ASP F 366 63.45 -39.15 -89.97
C ASP F 366 62.63 -40.43 -89.87
N ILE F 367 61.58 -40.51 -90.70
CA ILE F 367 60.73 -41.69 -90.76
C ILE F 367 60.47 -42.00 -92.22
N ARG F 368 60.42 -43.29 -92.56
CA ARG F 368 60.16 -43.74 -93.92
C ARG F 368 59.29 -44.99 -93.85
N ILE F 369 58.58 -45.25 -94.94
CA ILE F 369 57.85 -46.49 -95.15
C ILE F 369 58.43 -47.21 -96.35
N ILE F 370 58.75 -48.50 -96.17
CA ILE F 370 59.57 -49.24 -97.12
C ILE F 370 58.79 -50.34 -97.83
N PHE F 371 57.59 -50.67 -97.37
CA PHE F 371 56.71 -51.65 -98.01
C PHE F 371 57.40 -53.02 -98.17
N ASN F 372 56.98 -53.74 -99.22
CA ASN F 372 57.03 -55.20 -99.25
C ASN F 372 58.41 -55.79 -98.98
N LYS F 373 59.39 -55.51 -99.83
CA LYS F 373 60.67 -56.19 -99.80
C LYS F 373 61.88 -55.28 -99.88
N GLU F 374 61.68 -53.97 -100.05
CA GLU F 374 62.83 -53.08 -100.19
C GLU F 374 63.69 -53.15 -98.93
N PRO F 375 65.02 -53.18 -99.07
CA PRO F 375 65.88 -53.23 -97.89
C PRO F 375 65.74 -51.97 -97.04
N THR F 376 66.01 -52.13 -95.75
CA THR F 376 65.94 -51.01 -94.84
C THR F 376 66.99 -49.97 -95.22
N PRO F 377 66.62 -48.70 -95.35
CA PRO F 377 67.58 -47.68 -95.78
C PRO F 377 68.74 -47.55 -94.82
N PRO F 378 69.89 -47.07 -95.29
CA PRO F 378 71.12 -47.14 -94.50
C PRO F 378 71.01 -46.43 -93.16
N GLY F 379 71.18 -47.20 -92.08
CA GLY F 379 71.13 -46.70 -90.72
C GLY F 379 69.75 -46.50 -90.13
N TYR F 380 68.69 -46.81 -90.86
CA TYR F 380 67.35 -46.78 -90.27
C TYR F 380 67.09 -48.06 -89.49
N THR F 381 66.31 -47.92 -88.42
CA THR F 381 65.67 -49.06 -87.78
C THR F 381 64.35 -49.38 -88.48
N LYS F 382 63.90 -50.61 -88.29
CA LYS F 382 62.64 -51.07 -88.84
C LYS F 382 61.80 -51.72 -87.74
N LEU F 383 60.52 -51.39 -87.71
CA LEU F 383 59.57 -52.09 -86.85
C LEU F 383 59.11 -53.39 -87.48
N PRO F 384 59.09 -54.50 -86.75
CA PRO F 384 58.81 -55.80 -87.38
C PRO F 384 57.35 -56.03 -87.72
N GLN F 385 56.42 -55.32 -87.09
CA GLN F 385 55.00 -55.53 -87.37
C GLN F 385 54.64 -55.06 -88.78
N ASP F 386 53.90 -55.90 -89.49
CA ASP F 386 53.26 -55.49 -90.73
C ASP F 386 52.08 -54.57 -90.44
N LEU F 387 52.11 -53.37 -90.99
CA LEU F 387 51.07 -52.38 -90.78
C LEU F 387 49.84 -52.62 -91.65
N ASN F 388 49.75 -53.78 -92.31
CA ASN F 388 48.50 -54.31 -92.83
C ASN F 388 48.19 -55.69 -92.27
N LYS F 389 48.80 -56.07 -91.14
CA LYS F 389 48.52 -57.35 -90.53
C LYS F 389 47.03 -57.60 -90.41
N GLY F 390 46.57 -58.72 -90.96
CA GLY F 390 45.17 -59.06 -91.04
C GLY F 390 44.38 -58.32 -92.10
N ALA F 391 44.89 -57.19 -92.59
CA ALA F 391 44.16 -56.39 -93.57
C ALA F 391 44.40 -56.86 -95.00
N GLY F 392 45.35 -57.76 -95.21
CA GLY F 392 45.73 -58.17 -96.55
C GLY F 392 46.63 -57.14 -97.21
N GLY F 393 46.37 -56.84 -98.48
CA GLY F 393 47.16 -55.86 -99.19
C GLY F 393 48.62 -56.25 -99.31
N ASP F 394 49.44 -55.24 -99.51
CA ASP F 394 50.89 -55.39 -99.48
C ASP F 394 51.41 -55.32 -98.04
N ASP F 395 52.56 -55.92 -97.82
CA ASP F 395 53.20 -55.85 -96.50
C ASP F 395 53.81 -54.47 -96.30
N VAL F 396 53.40 -53.80 -95.22
CA VAL F 396 53.79 -52.43 -94.92
C VAL F 396 54.64 -52.43 -93.67
N PHE F 397 55.80 -51.79 -93.74
CA PHE F 397 56.69 -51.62 -92.60
C PHE F 397 57.16 -50.17 -92.51
N LEU F 398 57.20 -49.65 -91.29
CA LEU F 398 57.66 -48.30 -91.01
C LEU F 398 59.08 -48.32 -90.45
N CYS F 399 59.92 -47.45 -90.98
CA CYS F 399 61.32 -47.32 -90.58
C CYS F 399 61.58 -45.90 -90.10
N TYR F 400 62.52 -45.75 -89.18
CA TYR F 400 62.86 -44.43 -88.68
C TYR F 400 64.35 -44.37 -88.32
N LYS F 401 64.92 -43.18 -88.47
CA LYS F 401 66.31 -42.89 -88.19
C LYS F 401 66.43 -42.08 -86.91
N THR F 402 67.41 -42.41 -86.09
CA THR F 402 67.68 -41.68 -84.86
C THR F 402 69.09 -41.08 -84.90
N GLU F 403 69.21 -39.89 -84.32
CA GLU F 403 70.45 -39.12 -84.33
C GLU F 403 70.54 -38.31 -83.05
N ALA F 404 71.77 -37.96 -82.68
CA ALA F 404 71.98 -37.19 -81.46
C ALA F 404 71.17 -35.90 -81.49
N TYR F 405 70.67 -35.51 -80.33
CA TYR F 405 69.68 -34.45 -80.24
C TYR F 405 70.18 -33.15 -80.85
N ASN F 406 69.33 -32.51 -81.64
CA ASN F 406 69.52 -31.12 -82.05
C ASN F 406 68.15 -30.48 -82.19
N THR F 407 68.00 -29.28 -81.63
CA THR F 407 66.71 -28.60 -81.69
C THR F 407 66.27 -28.36 -83.14
N ASP F 408 67.21 -28.27 -84.07
CA ASP F 408 66.87 -28.06 -85.47
C ASP F 408 66.17 -29.25 -86.10
N THR F 409 66.27 -30.44 -85.52
CA THR F 409 65.86 -31.66 -86.20
C THR F 409 65.20 -32.71 -85.32
N ALA F 410 65.35 -32.65 -84.00
CA ALA F 410 64.63 -33.57 -83.13
C ALA F 410 63.12 -33.42 -83.31
N ILE F 411 62.49 -34.49 -83.76
CA ILE F 411 61.04 -34.49 -83.99
C ILE F 411 60.34 -34.38 -82.65
N ASN F 412 59.48 -33.38 -82.51
CA ASN F 412 58.75 -33.17 -81.25
C ASN F 412 57.45 -33.94 -81.19
N LYS F 413 56.71 -34.05 -82.29
CA LYS F 413 55.46 -34.79 -82.28
C LYS F 413 55.27 -35.54 -83.58
N VAL F 414 54.48 -36.61 -83.51
CA VAL F 414 54.01 -37.35 -84.68
C VAL F 414 52.52 -37.61 -84.53
N THR F 415 51.84 -37.76 -85.66
CA THR F 415 50.45 -38.19 -85.66
C THR F 415 50.16 -38.95 -86.95
N VAL F 416 49.08 -39.72 -86.93
CA VAL F 416 48.60 -40.46 -88.08
C VAL F 416 47.26 -39.91 -88.51
N ILE F 417 47.13 -39.59 -89.79
CA ILE F 417 45.94 -38.98 -90.38
C ILE F 417 45.46 -39.84 -91.53
N GLY F 418 44.14 -39.92 -91.70
CA GLY F 418 43.60 -40.76 -92.75
C GLY F 418 42.21 -40.34 -93.17
N GLY F 419 41.86 -40.75 -94.39
CA GLY F 419 40.58 -40.37 -94.95
C GLY F 419 40.41 -41.01 -96.32
N ASN F 420 39.33 -40.62 -97.00
CA ASN F 420 39.04 -41.21 -98.30
C ASN F 420 39.93 -40.65 -99.42
N ASN F 421 40.36 -39.40 -99.30
CA ASN F 421 41.19 -38.80 -100.34
C ASN F 421 42.64 -39.26 -100.17
N ALA F 422 43.32 -39.48 -101.30
CA ALA F 422 44.76 -39.70 -101.25
C ALA F 422 45.51 -38.41 -100.91
N ASP F 423 45.12 -37.29 -101.53
CA ASP F 423 45.69 -35.97 -101.22
C ASP F 423 45.08 -35.38 -99.95
N ILE F 424 45.34 -35.99 -98.79
CA ILE F 424 44.80 -35.47 -97.54
C ILE F 424 45.79 -34.51 -96.90
N ASN F 425 45.27 -33.55 -96.14
CA ASN F 425 46.07 -32.49 -95.56
C ASN F 425 46.50 -32.84 -94.14
N ALA F 426 47.80 -32.69 -93.88
CA ALA F 426 48.32 -32.77 -92.53
C ALA F 426 47.98 -31.52 -91.72
N PRO F 427 47.99 -31.62 -90.40
CA PRO F 427 47.85 -30.42 -89.57
C PRO F 427 48.95 -29.41 -89.86
N TYR F 428 48.64 -28.15 -89.57
CA TYR F 428 49.55 -27.06 -89.91
C TYR F 428 50.92 -27.27 -89.27
N GLY F 429 51.96 -27.14 -90.09
CA GLY F 429 53.32 -27.32 -89.64
C GLY F 429 53.80 -28.76 -89.58
N TYR F 430 52.90 -29.73 -89.66
CA TYR F 430 53.32 -31.12 -89.80
C TYR F 430 53.72 -31.43 -91.23
N LEU F 431 54.65 -32.35 -91.36
CA LEU F 431 55.02 -32.95 -92.64
C LEU F 431 54.61 -34.41 -92.64
N LYS F 432 53.84 -34.83 -93.64
CA LYS F 432 53.46 -36.23 -93.76
C LYS F 432 54.48 -36.97 -94.62
N VAL F 433 54.72 -38.23 -94.25
CA VAL F 433 55.60 -39.11 -95.03
C VAL F 433 54.88 -39.61 -96.27
N PRO F 434 55.61 -39.87 -97.37
CA PRO F 434 54.99 -40.52 -98.52
C PRO F 434 54.67 -41.98 -98.26
N GLY F 435 53.70 -42.49 -99.00
CA GLY F 435 53.27 -43.87 -98.88
C GLY F 435 52.09 -44.10 -97.95
N ASP F 436 51.22 -45.03 -98.33
CA ASP F 436 49.97 -45.27 -97.63
C ASP F 436 50.11 -46.49 -96.74
N LEU F 437 49.79 -46.33 -95.46
CA LEU F 437 49.82 -47.43 -94.50
C LEU F 437 48.67 -48.42 -94.70
N ASN F 438 47.83 -48.23 -95.72
CA ASN F 438 46.91 -49.25 -96.21
C ASN F 438 47.12 -49.55 -97.69
N ARG F 439 48.30 -49.28 -98.23
CA ARG F 439 48.56 -49.54 -99.64
C ARG F 439 48.14 -50.96 -100.00
N GLY F 440 47.31 -51.07 -101.03
CA GLY F 440 46.78 -52.35 -101.48
C GLY F 440 45.65 -52.91 -100.63
N ALA F 441 45.47 -52.42 -99.41
CA ALA F 441 44.34 -52.84 -98.61
C ALA F 441 43.13 -51.96 -98.93
N GLY F 442 41.98 -52.33 -98.39
CA GLY F 442 40.82 -51.46 -98.45
C GLY F 442 40.90 -50.28 -97.51
N GLY F 443 39.75 -49.66 -97.26
CA GLY F 443 39.62 -48.60 -96.29
C GLY F 443 40.27 -47.27 -96.67
N ASN F 444 40.57 -46.50 -95.64
CA ASN F 444 41.11 -45.16 -95.80
C ASN F 444 42.56 -45.20 -96.29
N PHE F 445 42.97 -44.12 -96.94
CA PHE F 445 44.39 -43.76 -96.99
C PHE F 445 44.85 -43.28 -95.62
N ILE F 446 46.06 -43.68 -95.23
CA ILE F 446 46.61 -43.35 -93.92
C ILE F 446 48.07 -42.97 -94.06
N TYR F 447 48.47 -41.87 -93.42
CA TYR F 447 49.81 -41.32 -93.53
C TYR F 447 50.30 -40.91 -92.15
N ALA F 448 51.61 -41.05 -91.93
CA ALA F 448 52.26 -40.55 -90.72
C ALA F 448 52.74 -39.12 -90.90
N CYS F 449 52.30 -38.24 -90.01
CA CYS F 449 52.71 -36.84 -89.98
C CYS F 449 53.71 -36.57 -88.87
N THR F 450 54.71 -35.75 -89.17
CA THR F 450 55.80 -35.45 -88.26
C THR F 450 55.86 -33.94 -88.05
N PHE F 451 56.20 -33.53 -86.83
CA PHE F 451 56.29 -32.12 -86.46
C PHE F 451 57.59 -31.84 -85.73
N VAL F 452 58.29 -30.79 -86.16
CA VAL F 452 59.52 -30.33 -85.52
C VAL F 452 59.31 -28.87 -85.12
N GLY F 453 59.58 -28.56 -83.86
CA GLY F 453 59.42 -27.22 -83.35
C GLY F 453 60.53 -26.26 -83.75
N LYS F 454 61.73 -26.78 -83.94
CA LYS F 454 62.91 -25.94 -84.14
C LYS F 454 63.08 -25.01 -82.95
N THR G 1 62.75 -4.82 -29.23
CA THR G 1 62.21 -6.09 -29.78
C THR G 1 62.79 -6.35 -31.17
N VAL G 2 63.46 -7.49 -31.33
CA VAL G 2 64.08 -7.84 -32.59
C VAL G 2 63.07 -8.54 -33.48
N LEU G 3 63.16 -8.29 -34.78
CA LEU G 3 62.28 -8.93 -35.73
C LEU G 3 62.57 -10.43 -35.79
N PRO G 4 61.54 -11.28 -35.78
CA PRO G 4 61.78 -12.72 -35.96
C PRO G 4 62.53 -13.00 -37.25
N GLY G 5 63.59 -13.79 -37.15
CA GLY G 5 64.42 -14.15 -38.28
C GLY G 5 65.80 -13.56 -38.24
N VAL G 6 66.01 -12.51 -37.45
CA VAL G 6 67.36 -11.97 -37.25
C VAL G 6 68.28 -13.01 -36.62
N GLU G 7 67.73 -13.93 -35.84
CA GLU G 7 68.52 -15.04 -35.32
C GLU G 7 68.94 -16.03 -36.41
N ALA G 8 68.23 -16.04 -37.55
CA ALA G 8 68.42 -17.07 -38.56
C ALA G 8 69.18 -16.61 -39.78
N ILE G 9 69.12 -15.31 -40.12
CA ILE G 9 70.01 -14.79 -41.14
C ILE G 9 71.46 -14.90 -40.66
N GLY G 10 72.39 -15.02 -41.60
CA GLY G 10 73.79 -15.17 -41.29
C GLY G 10 74.19 -16.49 -40.67
N LEU G 11 73.22 -17.36 -40.36
CA LEU G 11 73.50 -18.69 -39.86
C LEU G 11 74.35 -19.49 -40.83
N GLY G 12 75.43 -20.08 -40.34
CA GLY G 12 76.28 -20.90 -41.17
C GLY G 12 75.56 -22.19 -41.56
N TYR G 13 75.58 -22.52 -42.85
CA TYR G 13 74.62 -23.46 -43.43
C TYR G 13 75.36 -24.53 -44.23
N ASN G 14 74.84 -25.76 -44.17
CA ASN G 14 75.33 -26.83 -45.03
C ASN G 14 74.28 -27.14 -46.10
N PRO G 15 74.52 -26.77 -47.35
CA PRO G 15 73.52 -27.04 -48.41
C PRO G 15 73.01 -28.47 -48.49
N PHE G 16 73.92 -29.45 -48.39
CA PHE G 16 73.57 -30.86 -48.51
C PHE G 16 72.64 -31.37 -47.43
N ILE G 17 72.77 -30.91 -46.19
CA ILE G 17 71.97 -31.51 -45.13
C ILE G 17 70.47 -31.34 -45.39
N SER G 18 70.02 -30.15 -45.76
CA SER G 18 68.59 -30.00 -46.00
C SER G 18 68.29 -28.74 -46.78
N TYR G 19 67.03 -28.62 -47.18
CA TYR G 19 66.52 -27.46 -47.90
C TYR G 19 65.73 -26.57 -46.95
N ALA G 20 66.10 -25.30 -46.87
CA ALA G 20 65.24 -24.27 -46.27
C ALA G 20 64.85 -24.62 -44.85
N SER G 21 65.76 -25.29 -44.14
CA SER G 21 65.56 -25.63 -42.74
C SER G 21 66.76 -25.16 -41.94
N VAL G 22 66.49 -24.69 -40.72
CA VAL G 22 67.56 -24.22 -39.84
C VAL G 22 68.36 -25.36 -39.24
N ASN G 23 67.81 -26.57 -39.21
CA ASN G 23 68.55 -27.74 -38.78
C ASN G 23 69.77 -28.00 -39.65
N SER G 24 69.80 -27.45 -40.86
CA SER G 24 70.94 -27.60 -41.76
C SER G 24 72.08 -26.62 -41.47
N GLY G 25 71.92 -25.68 -40.53
CA GLY G 25 72.98 -24.75 -40.19
C GLY G 25 73.48 -24.94 -38.77
N ALA G 26 74.80 -24.79 -38.60
CA ALA G 26 75.48 -24.94 -37.32
C ALA G 26 75.95 -23.59 -36.75
N VAL G 27 75.15 -22.99 -35.86
CA VAL G 27 75.49 -21.81 -35.08
C VAL G 27 75.59 -20.54 -35.93
N GLN G 28 75.38 -19.38 -35.28
CA GLN G 28 75.30 -18.08 -35.93
C GLN G 28 76.69 -17.45 -35.93
N LEU G 29 77.19 -17.11 -37.12
CA LEU G 29 78.49 -16.47 -37.25
C LEU G 29 78.52 -14.99 -36.88
N PHE G 30 77.41 -14.25 -37.01
CA PHE G 30 77.43 -12.81 -36.78
C PHE G 30 76.77 -12.39 -35.47
N ASP G 31 77.35 -11.36 -34.86
CA ASP G 31 76.89 -10.84 -33.57
C ASP G 31 75.96 -9.68 -33.87
N TRP G 32 74.67 -9.84 -33.55
CA TRP G 32 73.70 -8.78 -33.79
C TRP G 32 73.09 -8.19 -32.53
N ALA G 33 73.54 -8.60 -31.34
CA ALA G 33 73.08 -7.91 -30.14
C ALA G 33 73.81 -6.59 -29.98
N THR G 34 75.12 -6.60 -30.21
CA THR G 34 75.93 -5.39 -30.11
C THR G 34 75.64 -4.41 -31.25
N ALA G 35 75.40 -4.94 -32.45
CA ALA G 35 75.30 -4.09 -33.63
C ALA G 35 74.19 -3.06 -33.52
N LYS G 36 74.41 -1.92 -34.17
CA LYS G 36 73.43 -0.86 -34.28
C LYS G 36 72.14 -1.35 -34.94
N LYS G 37 71.01 -1.03 -34.32
CA LYS G 37 69.70 -1.46 -34.80
C LYS G 37 69.06 -0.42 -35.72
N ARG G 38 68.11 -0.91 -36.53
CA ARG G 38 67.19 -0.09 -37.31
C ARG G 38 65.78 -0.59 -37.08
N GLU G 39 64.83 0.33 -37.00
CA GLU G 39 63.43 -0.05 -36.90
C GLU G 39 62.91 -0.52 -38.27
N VAL G 40 62.08 -1.54 -38.25
CA VAL G 40 61.51 -2.12 -39.47
C VAL G 40 60.42 -1.19 -40.00
N PRO G 41 60.53 -0.69 -41.24
CA PRO G 41 59.56 0.32 -41.70
C PRO G 41 58.11 -0.14 -41.62
N PHE G 42 57.83 -1.37 -42.03
CA PHE G 42 56.46 -1.89 -42.07
C PHE G 42 56.00 -2.50 -40.74
N LYS G 43 56.90 -2.70 -39.77
CA LYS G 43 56.55 -3.29 -38.47
C LYS G 43 57.20 -2.45 -37.37
N ALA G 44 56.67 -1.24 -37.19
CA ALA G 44 57.08 -0.38 -36.10
C ALA G 44 56.93 -1.09 -34.76
N GLY G 45 57.95 -0.95 -33.92
CA GLY G 45 58.09 -1.75 -32.72
C GLY G 45 58.96 -2.98 -32.85
N TYR G 46 59.44 -3.30 -34.06
CA TYR G 46 60.43 -4.34 -34.26
C TYR G 46 61.67 -3.75 -34.90
N PHE G 47 62.83 -4.28 -34.53
CA PHE G 47 64.10 -3.73 -34.96
C PHE G 47 64.98 -4.81 -35.57
N VAL G 48 65.88 -4.38 -36.44
CA VAL G 48 66.87 -5.25 -37.07
C VAL G 48 68.22 -4.56 -37.04
N PRO G 49 69.30 -5.32 -37.11
CA PRO G 49 70.60 -4.68 -37.34
C PRO G 49 70.59 -3.92 -38.66
N GLU G 50 71.24 -2.76 -38.67
CA GLU G 50 71.10 -1.86 -39.81
C GLU G 50 71.69 -2.46 -41.08
N ILE G 51 72.55 -3.48 -40.95
CA ILE G 51 73.17 -4.05 -42.14
C ILE G 51 72.15 -4.80 -42.99
N VAL G 52 71.19 -5.47 -42.35
CA VAL G 52 70.27 -6.32 -43.10
C VAL G 52 69.18 -5.47 -43.75
N ASP G 53 68.78 -5.89 -44.94
CA ASP G 53 67.66 -5.31 -45.67
C ASP G 53 66.47 -6.25 -45.56
N VAL G 54 65.38 -5.77 -44.96
CA VAL G 54 64.17 -6.58 -44.79
C VAL G 54 63.10 -6.03 -45.71
N GLN G 55 62.59 -6.89 -46.59
CA GLN G 55 61.48 -6.58 -47.48
C GLN G 55 60.25 -7.38 -47.02
N GLN G 56 59.12 -6.70 -46.89
CA GLN G 56 57.87 -7.45 -46.84
C GLN G 56 57.59 -8.08 -48.18
N ASN G 57 57.11 -9.31 -48.17
CA ASN G 57 56.74 -10.00 -49.40
C ASN G 57 55.60 -10.98 -49.14
N ASP G 58 54.56 -10.52 -48.45
CA ASP G 58 53.45 -11.39 -48.06
C ASP G 58 52.80 -12.01 -49.30
N SER G 59 53.02 -13.31 -49.50
CA SER G 59 52.64 -13.98 -50.73
C SER G 59 52.72 -15.49 -50.50
N ALA G 60 51.56 -16.13 -50.44
CA ALA G 60 51.44 -17.58 -50.53
C ALA G 60 51.92 -18.05 -51.90
N THR G 61 52.82 -19.02 -51.90
CA THR G 61 53.65 -19.32 -53.06
C THR G 61 53.90 -20.83 -53.12
N TYR G 62 54.21 -21.32 -54.32
CA TYR G 62 54.46 -22.73 -54.56
C TYR G 62 55.90 -22.95 -55.00
N THR G 63 56.52 -23.98 -54.44
CA THR G 63 57.73 -24.57 -55.00
C THR G 63 57.48 -26.05 -55.19
N ASN G 64 57.57 -26.53 -56.43
CA ASN G 64 57.31 -27.94 -56.74
C ASN G 64 58.52 -28.55 -57.44
N VAL G 65 58.88 -29.75 -57.02
CA VAL G 65 60.04 -30.48 -57.53
C VAL G 65 59.55 -31.86 -57.92
N SER G 66 59.99 -32.37 -59.06
CA SER G 66 59.51 -33.65 -59.54
C SER G 66 60.59 -34.31 -60.39
N GLY G 67 60.49 -35.63 -60.52
CA GLY G 67 61.36 -36.38 -61.39
C GLY G 67 60.90 -37.80 -61.62
N ASN G 68 61.06 -38.30 -62.84
CA ASN G 68 60.67 -39.68 -63.14
C ASN G 68 61.55 -40.67 -62.40
N THR G 69 62.70 -40.23 -61.90
CA THR G 69 63.62 -41.07 -61.17
C THR G 69 64.36 -40.21 -60.16
N ILE G 70 64.91 -40.87 -59.14
CA ILE G 70 65.51 -40.13 -58.03
C ILE G 70 66.66 -39.27 -58.52
N SER G 71 67.49 -39.79 -59.41
CA SER G 71 68.62 -39.01 -59.89
C SER G 71 68.14 -37.79 -60.67
N GLU G 72 66.94 -37.87 -61.24
CA GLU G 72 66.32 -36.68 -61.83
C GLU G 72 65.75 -35.76 -60.76
N TYR G 73 65.03 -36.33 -59.78
CA TYR G 73 64.49 -35.54 -58.69
C TYR G 73 65.61 -34.84 -57.92
N GLN G 74 66.72 -35.54 -57.69
CA GLN G 74 67.85 -34.91 -57.02
C GLN G 74 68.41 -33.73 -57.79
N ARG G 75 68.31 -33.74 -59.12
CA ARG G 75 68.80 -32.61 -59.89
C ARG G 75 67.77 -31.48 -59.99
N SER G 76 66.49 -31.82 -60.16
CA SER G 76 65.46 -30.78 -60.10
C SER G 76 65.34 -30.16 -58.72
N LEU G 77 65.66 -30.92 -57.67
CA LEU G 77 65.80 -30.34 -56.33
C LEU G 77 67.01 -29.41 -56.25
N ALA G 78 68.18 -29.91 -56.65
CA ALA G 78 69.41 -29.13 -56.55
C ALA G 78 69.30 -27.82 -57.32
N THR G 79 68.69 -27.84 -58.49
CA THR G 79 68.53 -26.65 -59.32
C THR G 79 67.37 -25.76 -58.90
N SER G 80 66.65 -26.12 -57.83
CA SER G 80 65.57 -25.26 -57.35
C SER G 80 66.09 -24.02 -56.64
N VAL G 81 67.41 -23.90 -56.46
CA VAL G 81 68.03 -22.75 -55.81
C VAL G 81 69.23 -22.33 -56.65
N ALA G 82 69.45 -21.02 -56.74
CA ALA G 82 70.59 -20.49 -57.48
C ALA G 82 71.86 -20.79 -56.69
N ILE G 83 72.55 -21.87 -57.05
CA ILE G 83 73.74 -22.31 -56.33
C ILE G 83 74.65 -22.99 -57.34
N GLU G 84 75.95 -22.91 -57.08
CA GLU G 84 76.94 -23.32 -58.06
C GLU G 84 77.22 -24.81 -58.02
N GLY G 85 77.40 -25.39 -59.20
CA GLY G 85 77.82 -26.77 -59.35
C GLY G 85 76.69 -27.78 -59.40
N ARG G 86 77.06 -28.98 -59.83
CA ARG G 86 76.14 -30.09 -60.08
C ARG G 86 75.93 -30.96 -58.85
N TYR G 87 76.40 -30.53 -57.68
CA TYR G 87 76.32 -31.36 -56.49
C TYR G 87 74.88 -31.59 -56.07
N ASN G 88 74.67 -32.70 -55.36
CA ASN G 88 73.36 -33.12 -54.85
C ASN G 88 72.95 -32.30 -53.63
N PHE G 89 72.84 -30.99 -53.82
CA PHE G 89 72.45 -30.12 -52.73
C PHE G 89 71.07 -30.49 -52.20
N PHE G 90 70.85 -30.18 -50.92
CA PHE G 90 69.59 -30.49 -50.25
C PHE G 90 69.23 -31.96 -50.19
N SER G 91 70.12 -32.84 -50.68
CA SER G 91 69.72 -34.23 -50.91
C SER G 91 69.56 -35.02 -49.62
N GLY G 92 70.07 -34.50 -48.50
CA GLY G 92 69.78 -35.08 -47.19
C GLY G 92 68.31 -35.10 -46.83
N SER G 93 67.50 -34.22 -47.42
CA SER G 93 66.06 -34.26 -47.18
C SER G 93 65.41 -35.56 -47.66
N LEU G 94 66.05 -36.25 -48.61
CA LEU G 94 65.52 -37.54 -49.08
C LEU G 94 65.28 -38.49 -47.93
N SER G 95 66.24 -38.60 -47.01
CA SER G 95 66.14 -39.53 -45.89
C SER G 95 64.90 -39.31 -45.03
N THR G 96 64.25 -38.16 -45.13
CA THR G 96 63.06 -37.88 -44.34
C THR G 96 61.81 -37.58 -45.16
N ASP G 97 61.96 -37.21 -46.43
CA ASP G 97 60.79 -37.05 -47.29
C ASP G 97 60.21 -38.38 -47.72
N PHE G 98 61.06 -39.37 -48.00
CA PHE G 98 60.62 -40.60 -48.65
C PHE G 98 61.08 -41.81 -47.86
N ASP G 99 60.30 -42.88 -47.95
CA ASP G 99 60.68 -44.15 -47.35
C ASP G 99 61.89 -44.74 -48.07
N SER G 100 62.83 -45.27 -47.29
CA SER G 100 64.14 -45.61 -47.82
C SER G 100 64.04 -46.67 -48.90
N ASN G 101 63.18 -47.68 -48.70
CA ASN G 101 62.92 -48.66 -49.76
C ASN G 101 62.40 -47.99 -51.02
N SER G 102 61.59 -46.94 -50.86
CA SER G 102 60.93 -46.32 -52.00
C SER G 102 61.89 -45.45 -52.80
N LEU G 103 62.95 -44.94 -52.17
CA LEU G 103 64.06 -44.36 -52.92
C LEU G 103 64.79 -45.43 -53.72
N ARG G 104 64.99 -46.61 -53.13
CA ARG G 104 65.68 -47.69 -53.82
C ARG G 104 64.80 -48.36 -54.87
N ASN G 105 63.48 -48.28 -54.73
CA ASN G 105 62.56 -48.91 -55.68
C ASN G 105 62.53 -48.12 -56.99
N ALA G 106 63.08 -48.71 -58.06
CA ALA G 106 63.11 -48.08 -59.38
C ALA G 106 61.75 -47.93 -60.04
N GLU G 107 60.68 -48.53 -59.52
CA GLU G 107 59.35 -48.27 -60.05
C GLU G 107 58.74 -46.95 -59.59
N ASN G 108 59.41 -46.21 -58.71
CA ASN G 108 58.82 -44.98 -58.18
C ASN G 108 59.29 -43.75 -58.95
N GLU G 109 58.39 -42.77 -59.05
CA GLU G 109 58.71 -41.40 -59.40
C GLU G 109 58.23 -40.46 -58.30
N PHE G 110 58.92 -39.33 -58.16
CA PHE G 110 58.93 -38.55 -56.93
C PHE G 110 58.46 -37.13 -57.20
N THR G 111 57.61 -36.61 -56.31
CA THR G 111 57.12 -35.24 -56.37
C THR G 111 57.11 -34.66 -54.97
N ARG G 112 57.58 -33.41 -54.85
CA ARG G 112 57.47 -32.64 -53.61
C ARG G 112 56.75 -31.34 -53.88
N ILE G 113 55.61 -31.15 -53.21
CA ILE G 113 54.75 -29.98 -53.38
C ILE G 113 54.83 -29.15 -52.11
N GLN G 114 55.43 -27.96 -52.21
CA GLN G 114 55.60 -27.05 -51.07
C GLN G 114 54.82 -25.77 -51.32
N GLN G 115 53.84 -25.47 -50.46
CA GLN G 115 53.21 -24.14 -50.41
C GLN G 115 53.87 -23.31 -49.31
N SER G 116 54.77 -22.41 -49.72
CA SER G 116 55.33 -21.43 -48.80
C SER G 116 54.31 -20.33 -48.49
N ILE G 117 54.10 -20.06 -47.20
CA ILE G 117 53.30 -18.91 -46.77
C ILE G 117 54.23 -17.77 -46.35
N ASN G 118 54.74 -17.01 -47.32
CA ASN G 118 55.70 -15.97 -47.04
C ASN G 118 55.09 -14.82 -46.26
N LEU G 119 55.88 -14.22 -45.37
CA LEU G 119 55.52 -12.98 -44.69
C LEU G 119 56.51 -11.86 -44.99
N TRP G 120 57.79 -12.06 -44.70
CA TRP G 120 58.83 -11.07 -44.97
C TRP G 120 60.10 -11.83 -45.29
N SER G 121 61.09 -11.11 -45.82
CA SER G 121 62.36 -11.72 -46.14
C SER G 121 63.50 -10.80 -45.76
N LEU G 122 64.52 -11.37 -45.13
CA LEU G 122 65.69 -10.64 -44.67
C LEU G 122 66.86 -10.90 -45.61
N ARG G 123 67.56 -9.84 -45.98
CA ARG G 123 68.65 -9.91 -46.93
C ARG G 123 69.90 -9.34 -46.30
N LEU G 124 71.06 -9.87 -46.66
CA LEU G 124 72.33 -9.47 -46.07
C LEU G 124 73.35 -9.24 -47.18
N PRO G 125 73.89 -8.03 -47.33
CA PRO G 125 74.74 -7.75 -48.48
C PRO G 125 76.16 -8.28 -48.31
N SER G 126 76.78 -8.57 -49.45
CA SER G 126 78.13 -9.13 -49.52
C SER G 126 79.22 -8.09 -49.26
N VAL G 127 78.93 -7.05 -48.48
CA VAL G 127 79.91 -6.00 -48.27
C VAL G 127 81.07 -6.49 -47.40
N LYS G 128 82.24 -5.88 -47.63
CA LYS G 128 83.46 -6.26 -46.93
C LYS G 128 83.39 -6.05 -45.42
N SER G 129 82.52 -5.17 -44.93
CA SER G 129 82.40 -4.97 -43.49
C SER G 129 81.72 -6.11 -42.76
N LEU G 130 81.23 -7.14 -43.45
CA LEU G 130 80.65 -8.28 -42.75
C LEU G 130 81.62 -8.87 -41.74
N ARG G 131 82.89 -9.00 -42.12
CA ARG G 131 83.93 -9.49 -41.22
C ARG G 131 83.92 -8.78 -39.88
N GLU G 132 83.62 -7.48 -39.87
CA GLU G 132 83.61 -6.73 -38.62
C GLU G 132 82.47 -7.14 -37.71
N LEU G 133 81.37 -7.65 -38.26
CA LEU G 133 80.25 -8.11 -37.44
C LEU G 133 80.34 -9.55 -36.96
N MET G 134 81.29 -10.35 -37.44
CA MET G 134 81.41 -11.70 -36.91
C MET G 134 81.66 -11.68 -35.41
N LEU G 135 81.11 -12.69 -34.72
CA LEU G 135 81.48 -12.93 -33.33
C LEU G 135 82.98 -13.16 -33.21
N PRO G 136 83.63 -12.64 -32.16
CA PRO G 136 85.09 -12.72 -32.10
C PRO G 136 85.65 -14.13 -32.13
N HIS G 137 85.03 -15.08 -31.43
CA HIS G 137 85.52 -16.46 -31.45
C HIS G 137 85.31 -17.12 -32.80
N MET G 138 84.22 -16.79 -33.49
CA MET G 138 84.02 -17.30 -34.85
C MET G 138 85.06 -16.74 -35.80
N ARG G 139 85.31 -15.43 -35.74
CA ARG G 139 86.37 -14.83 -36.55
C ARG G 139 87.74 -15.41 -36.19
N GLN G 140 88.02 -15.54 -34.89
CA GLN G 140 89.30 -16.11 -34.47
C GLN G 140 89.47 -17.54 -34.99
N GLN G 141 88.41 -18.35 -34.91
CA GLN G 141 88.48 -19.72 -35.41
C GLN G 141 88.75 -19.76 -36.90
N LEU G 142 88.05 -18.93 -37.67
CA LEU G 142 88.28 -18.86 -39.11
C LEU G 142 89.66 -18.32 -39.44
N ASP G 143 90.15 -17.35 -38.66
CA ASP G 143 91.46 -16.77 -38.93
C ASP G 143 92.59 -17.73 -38.63
N GLU G 144 92.43 -18.61 -37.64
CA GLU G 144 93.46 -19.58 -37.29
C GLU G 144 93.30 -20.92 -37.99
N LEU G 145 92.33 -21.06 -38.88
CA LEU G 145 92.13 -22.32 -39.59
C LEU G 145 93.38 -22.69 -40.37
N ASN G 146 93.95 -23.86 -40.05
CA ASN G 146 95.17 -24.36 -40.70
C ASN G 146 94.81 -24.96 -42.06
N VAL G 147 94.70 -24.09 -43.06
CA VAL G 147 94.34 -24.51 -44.41
C VAL G 147 95.43 -25.33 -45.08
N ASN G 148 96.59 -25.49 -44.44
CA ASN G 148 97.59 -26.44 -44.88
C ASN G 148 97.21 -27.89 -44.63
N ASP G 149 96.19 -28.16 -43.82
CA ASP G 149 95.69 -29.51 -43.63
C ASP G 149 94.30 -29.64 -44.22
N PRO G 150 94.12 -30.47 -45.25
CA PRO G 150 92.76 -30.69 -45.78
C PRO G 150 91.75 -31.15 -44.74
N LYS G 151 92.18 -31.96 -43.78
CA LYS G 151 91.27 -32.46 -42.76
C LYS G 151 90.73 -31.34 -41.89
N ALA G 152 91.56 -30.33 -41.62
CA ALA G 152 91.10 -29.17 -40.85
C ALA G 152 90.03 -28.40 -41.61
N ILE G 153 90.25 -28.14 -42.91
CA ILE G 153 89.24 -27.46 -43.71
C ILE G 153 87.98 -28.32 -43.79
N SER G 154 88.14 -29.60 -44.06
CA SER G 154 87.00 -30.50 -44.15
C SER G 154 86.21 -30.52 -42.85
N ARG G 155 86.91 -30.60 -41.71
CA ARG G 155 86.24 -30.50 -40.42
C ARG G 155 85.58 -29.15 -40.22
N TYR G 156 86.22 -28.07 -40.68
CA TYR G 156 85.59 -26.76 -40.58
C TYR G 156 84.29 -26.69 -41.38
N PHE G 157 84.32 -27.12 -42.64
CA PHE G 157 83.09 -27.15 -43.42
C PHE G 157 82.04 -28.06 -42.80
N ASP G 158 82.46 -29.22 -42.29
CA ASP G 158 81.55 -30.10 -41.57
C ASP G 158 81.01 -29.44 -40.29
N ARG G 159 81.90 -28.89 -39.48
CA ARG G 159 81.50 -28.42 -38.15
C ARG G 159 80.80 -27.06 -38.21
N VAL G 160 81.21 -26.19 -39.13
CA VAL G 160 80.70 -24.83 -39.19
C VAL G 160 79.78 -24.59 -40.37
N GLY G 161 79.78 -25.47 -41.37
CA GLY G 161 79.11 -25.22 -42.62
C GLY G 161 80.02 -24.62 -43.67
N SER G 162 79.66 -24.84 -44.94
CA SER G 162 80.42 -24.29 -46.05
C SER G 162 79.92 -22.93 -46.50
N HIS G 163 78.68 -22.58 -46.19
CA HIS G 163 78.08 -21.32 -46.61
C HIS G 163 77.46 -20.66 -45.38
N PHE G 164 76.97 -19.44 -45.57
CA PHE G 164 76.12 -18.81 -44.56
C PHE G 164 74.94 -18.13 -45.26
N LEU G 165 73.83 -18.08 -44.54
CA LEU G 165 72.59 -17.58 -45.10
C LEU G 165 72.65 -16.07 -45.34
N THR G 166 72.33 -15.65 -46.56
CA THR G 166 72.20 -14.24 -46.89
C THR G 166 70.81 -13.86 -47.37
N GLY G 167 69.95 -14.84 -47.70
CA GLY G 167 68.58 -14.56 -48.06
C GLY G 167 67.65 -15.47 -47.28
N ILE G 168 66.71 -14.88 -46.56
CA ILE G 168 65.78 -15.61 -45.71
C ILE G 168 64.37 -15.15 -46.02
N VAL G 169 63.44 -16.10 -46.16
CA VAL G 169 62.02 -15.79 -46.17
C VAL G 169 61.44 -16.37 -44.89
N MET G 170 60.74 -15.54 -44.12
CA MET G 170 60.13 -16.02 -42.88
C MET G 170 58.63 -16.17 -43.07
N GLY G 171 58.12 -17.35 -42.75
CA GLY G 171 56.70 -17.59 -42.81
C GLY G 171 56.30 -18.96 -42.32
N GLY G 172 55.52 -19.65 -43.15
CA GLY G 172 55.14 -21.02 -42.88
C GLY G 172 55.33 -21.82 -44.16
N ARG G 173 55.30 -23.14 -44.02
CA ARG G 173 55.13 -23.99 -45.20
C ARG G 173 54.42 -25.27 -44.82
N ALA G 174 53.58 -25.74 -45.73
CA ALA G 174 53.07 -27.10 -45.70
C ALA G 174 53.63 -27.84 -46.91
N ILE G 175 54.11 -29.07 -46.69
CA ILE G 175 54.71 -29.86 -47.75
C ILE G 175 53.98 -31.19 -47.83
N LEU G 176 53.72 -31.64 -49.05
CA LEU G 176 53.40 -33.03 -49.34
C LEU G 176 54.47 -33.61 -50.24
N ALA G 177 55.13 -34.67 -49.78
CA ALA G 177 56.09 -35.42 -50.59
C ALA G 177 55.51 -36.80 -50.86
N SER G 178 55.66 -37.26 -52.10
CA SER G 178 55.05 -38.51 -52.52
C SER G 178 55.97 -39.24 -53.50
N SER G 179 55.99 -40.56 -53.39
CA SER G 179 56.62 -41.44 -54.36
C SER G 179 55.55 -42.37 -54.92
N THR G 180 55.50 -42.47 -56.25
CA THR G 180 54.35 -43.03 -56.95
C THR G 180 54.83 -44.09 -57.92
N ASN G 181 54.12 -45.22 -57.96
CA ASN G 181 54.48 -46.30 -58.87
C ASN G 181 54.19 -45.87 -60.30
N LYS G 182 55.25 -45.48 -61.01
CA LYS G 182 55.10 -44.89 -62.34
C LYS G 182 54.67 -45.90 -63.39
N LEU G 183 54.70 -47.19 -63.06
CA LEU G 183 54.20 -48.21 -63.98
C LEU G 183 52.69 -48.39 -63.95
N ARG G 184 52.02 -47.91 -62.89
CA ARG G 184 50.63 -48.29 -62.64
C ARG G 184 49.68 -47.13 -62.41
N VAL G 185 50.17 -45.95 -62.00
CA VAL G 185 49.33 -44.76 -61.92
C VAL G 185 48.85 -44.35 -63.31
N LYS G 186 47.63 -43.81 -63.37
CA LYS G 186 47.09 -43.28 -64.62
C LYS G 186 47.99 -42.20 -65.20
N ARG G 187 48.15 -42.25 -66.52
CA ARG G 187 49.00 -41.33 -67.27
C ARG G 187 48.20 -40.22 -67.95
N ASP G 188 46.93 -40.02 -67.58
CA ASP G 188 46.15 -38.95 -68.18
C ASP G 188 46.77 -37.59 -67.95
N TYR G 189 47.40 -37.38 -66.80
CA TYR G 189 48.09 -36.12 -66.50
C TYR G 189 49.47 -36.42 -65.94
N SER G 190 50.34 -35.41 -66.02
CA SER G 190 51.63 -35.51 -65.35
C SER G 190 51.42 -35.61 -63.85
N VAL G 191 52.33 -36.34 -63.19
CA VAL G 191 52.14 -36.65 -61.78
C VAL G 191 52.27 -35.40 -60.92
N SER G 192 53.05 -34.42 -61.37
CA SER G 192 53.09 -33.13 -60.68
C SER G 192 51.73 -32.43 -60.71
N VAL G 193 50.94 -32.64 -61.76
CA VAL G 193 49.62 -32.03 -61.82
C VAL G 193 48.67 -32.68 -60.82
N VAL G 194 48.62 -34.01 -60.80
CA VAL G 194 47.77 -34.72 -59.84
C VAL G 194 48.36 -34.71 -58.43
N ALA G 195 49.69 -34.60 -58.31
CA ALA G 195 50.27 -34.31 -57.00
C ALA G 195 49.79 -32.98 -56.45
N LYS G 196 49.92 -31.91 -57.23
CA LYS G 196 49.45 -30.60 -56.79
C LYS G 196 47.94 -30.60 -56.56
N ALA G 197 47.19 -31.22 -57.48
CA ALA G 197 45.74 -31.27 -57.34
C ALA G 197 45.31 -32.04 -56.10
N SER G 198 46.01 -33.12 -55.77
CA SER G 198 45.71 -33.87 -54.55
C SER G 198 46.16 -33.13 -53.30
N TYR G 199 47.30 -32.44 -53.36
CA TYR G 199 47.66 -31.53 -52.29
C TYR G 199 46.59 -30.48 -52.05
N GLU G 200 46.11 -29.85 -53.13
CA GLU G 200 45.00 -28.91 -53.01
C GLU G 200 43.75 -29.58 -52.47
N GLY G 201 43.51 -30.84 -52.86
CA GLY G 201 42.39 -31.57 -52.30
C GLY G 201 42.52 -31.80 -50.80
N LEU G 202 43.71 -32.23 -50.36
CA LEU G 202 43.92 -32.46 -48.93
C LEU G 202 43.79 -31.18 -48.12
N THR G 203 44.23 -30.05 -48.67
CA THR G 203 44.11 -28.76 -48.00
C THR G 203 42.78 -28.06 -48.27
N GLY G 204 41.94 -28.61 -49.14
CA GLY G 204 40.67 -28.00 -49.47
C GLY G 204 40.74 -26.87 -50.49
N GLN G 205 41.92 -26.58 -51.03
CA GLN G 205 42.08 -25.52 -52.01
C GLN G 205 41.56 -25.89 -53.40
N LEU G 206 41.30 -27.18 -53.64
CA LEU G 206 40.83 -27.63 -54.94
C LEU G 206 39.37 -27.20 -55.14
N SER G 207 39.10 -26.54 -56.26
CA SER G 207 37.76 -26.07 -56.56
C SER G 207 36.83 -27.20 -56.99
N ALA G 208 35.54 -26.87 -56.97
CA ALA G 208 34.48 -27.78 -57.42
C ALA G 208 34.70 -28.36 -58.81
N GLU G 209 35.03 -27.50 -59.79
CA GLU G 209 35.33 -28.02 -61.12
C GLU G 209 36.66 -28.76 -61.19
N ALA G 210 37.68 -28.31 -60.44
CA ALA G 210 38.94 -29.04 -60.47
C ALA G 210 38.81 -30.36 -59.72
N LYS G 211 38.05 -30.35 -58.63
CA LYS G 211 37.73 -31.56 -57.88
C LYS G 211 37.09 -32.64 -58.74
N ALA G 212 36.10 -32.27 -59.57
CA ALA G 212 35.62 -33.21 -60.58
C ALA G 212 36.70 -33.62 -61.58
N LYS G 213 37.40 -32.66 -62.18
CA LYS G 213 38.34 -33.01 -63.23
C LYS G 213 39.49 -33.88 -62.72
N TYR G 214 40.17 -33.43 -61.67
CA TYR G 214 41.23 -34.20 -61.02
C TYR G 214 40.72 -35.36 -60.17
N GLY G 215 39.50 -35.26 -59.64
CA GLY G 215 39.06 -36.18 -58.60
C GLY G 215 39.20 -37.65 -58.95
N GLU G 216 38.86 -38.04 -60.17
CA GLU G 216 39.12 -39.42 -60.58
C GLU G 216 40.62 -39.71 -60.78
N SER G 217 41.40 -38.73 -61.22
CA SER G 217 42.83 -38.95 -61.38
C SER G 217 43.59 -39.02 -60.05
N ILE G 218 43.16 -38.27 -59.05
CA ILE G 218 43.87 -38.22 -57.77
C ILE G 218 43.69 -39.49 -56.93
N SER G 219 42.55 -40.17 -57.07
CA SER G 219 42.40 -41.46 -56.39
C SER G 219 43.41 -42.50 -56.88
N SER G 220 43.64 -42.59 -58.19
CA SER G 220 44.70 -43.46 -58.69
C SER G 220 46.06 -43.05 -58.15
N PHE G 221 46.36 -41.75 -58.19
CA PHE G 221 47.58 -41.24 -57.57
C PHE G 221 47.64 -41.55 -56.08
N THR G 222 46.52 -41.41 -55.38
CA THR G 222 46.51 -41.60 -53.93
C THR G 222 46.84 -43.04 -53.54
N GLN G 223 46.17 -44.01 -54.15
CA GLN G 223 46.39 -45.40 -53.76
C GLN G 223 47.76 -45.93 -54.18
N TYR G 224 48.29 -45.47 -55.31
CA TYR G 224 49.58 -45.93 -55.80
C TYR G 224 50.77 -45.09 -55.33
N SER G 225 50.60 -44.29 -54.28
CA SER G 225 51.71 -43.46 -53.83
C SER G 225 51.69 -43.33 -52.31
N ASN G 226 52.87 -43.08 -51.75
CA ASN G 226 53.09 -42.93 -50.31
C ASN G 226 53.33 -41.44 -50.02
N THR G 227 52.26 -40.73 -49.69
CA THR G 227 52.34 -39.29 -49.45
C THR G 227 52.80 -39.03 -48.03
N HIS G 228 54.05 -38.62 -47.88
CA HIS G 228 54.50 -37.99 -46.64
C HIS G 228 53.98 -36.56 -46.55
N GLN G 229 53.56 -36.16 -45.36
CA GLN G 229 53.04 -34.83 -45.10
C GLN G 229 53.76 -34.21 -43.92
N GLU G 230 54.12 -32.93 -44.06
CA GLU G 230 54.70 -32.17 -42.96
C GLU G 230 54.30 -30.71 -43.10
N VAL G 231 54.42 -29.99 -41.99
CA VAL G 231 54.05 -28.58 -41.92
C VAL G 231 54.98 -27.88 -40.94
N ARG G 232 55.24 -26.59 -41.21
CA ARG G 232 56.27 -25.85 -40.49
C ARG G 232 55.84 -24.41 -40.35
N GLY G 233 56.27 -23.78 -39.27
CA GLY G 233 55.73 -22.49 -38.87
C GLY G 233 54.29 -22.53 -38.43
N GLY G 234 53.84 -21.43 -37.82
CA GLY G 234 52.50 -21.35 -37.26
C GLY G 234 52.35 -22.12 -35.97
N ASP G 235 51.13 -22.09 -35.45
CA ASP G 235 50.82 -22.75 -34.18
C ASP G 235 50.80 -24.26 -34.38
N GLY G 236 51.71 -24.95 -33.70
CA GLY G 236 51.77 -26.40 -33.78
C GLY G 236 50.51 -27.09 -33.30
N ALA G 237 49.70 -26.43 -32.48
CA ALA G 237 48.39 -26.96 -32.12
C ALA G 237 47.37 -26.85 -33.25
N LYS G 238 47.64 -26.04 -34.27
CA LYS G 238 46.78 -25.94 -35.43
C LYS G 238 47.44 -26.47 -36.69
N ALA G 239 48.73 -26.84 -36.61
CA ALA G 239 49.45 -27.27 -37.80
C ALA G 239 48.88 -28.55 -38.37
N HIS G 240 48.47 -29.49 -37.52
CA HIS G 240 47.93 -30.76 -37.97
C HIS G 240 46.58 -30.62 -38.68
N GLY G 241 45.88 -29.50 -38.46
CA GLY G 241 44.63 -29.22 -39.14
C GLY G 241 44.76 -28.85 -40.60
N VAL G 242 45.96 -28.52 -41.08
CA VAL G 242 46.08 -28.02 -42.45
C VAL G 242 45.71 -29.08 -43.47
N PHE G 243 45.99 -30.35 -43.18
CA PHE G 243 45.61 -31.44 -44.07
C PHE G 243 44.29 -32.08 -43.67
N SER G 244 43.48 -31.35 -42.91
CA SER G 244 42.19 -31.83 -42.42
C SER G 244 41.12 -31.85 -43.52
N GLY G 245 41.46 -31.49 -44.75
CA GLY G 245 40.50 -31.45 -45.82
C GLY G 245 39.53 -30.30 -45.79
N LYS G 246 39.69 -29.36 -44.85
CA LYS G 246 38.72 -28.31 -44.60
C LYS G 246 39.43 -26.97 -44.64
N LYS G 247 38.91 -26.05 -45.46
CA LYS G 247 39.56 -24.75 -45.65
C LYS G 247 39.65 -23.97 -44.34
N GLU G 248 38.62 -24.05 -43.50
CA GLU G 248 38.63 -23.31 -42.24
C GLU G 248 39.79 -23.74 -41.35
N ASP G 249 40.15 -25.02 -41.37
CA ASP G 249 41.30 -25.48 -40.60
C ASP G 249 42.62 -25.01 -41.20
N PHE G 250 42.74 -25.08 -42.52
CA PHE G 250 43.94 -24.57 -43.20
C PHE G 250 44.11 -23.06 -42.97
N GLN G 251 43.05 -22.29 -43.16
CA GLN G 251 43.13 -20.85 -42.93
C GLN G 251 43.43 -20.53 -41.47
N ALA G 252 42.87 -21.29 -40.54
CA ALA G 252 43.19 -21.11 -39.13
C ALA G 252 44.68 -21.30 -38.83
N TRP G 253 45.35 -22.21 -39.55
CA TRP G 253 46.80 -22.29 -39.44
C TRP G 253 47.49 -21.09 -40.06
N VAL G 254 47.10 -20.71 -41.27
CA VAL G 254 47.67 -19.53 -41.92
C VAL G 254 47.55 -18.30 -41.04
N ASP G 255 46.39 -18.13 -40.40
CA ASP G 255 46.22 -17.02 -39.46
C ASP G 255 47.14 -17.09 -38.26
N SER G 256 47.76 -18.24 -38.00
CA SER G 256 48.75 -18.35 -36.92
C SER G 256 50.19 -18.23 -37.40
N VAL G 257 50.46 -18.47 -38.68
CA VAL G 257 51.81 -18.30 -39.20
C VAL G 257 52.29 -16.86 -39.03
N SER G 258 51.38 -15.90 -39.18
CA SER G 258 51.74 -14.50 -39.01
C SER G 258 52.27 -14.18 -37.62
N ALA G 259 51.79 -14.88 -36.59
CA ALA G 259 52.30 -14.65 -35.24
C ALA G 259 53.66 -15.32 -35.01
N SER G 260 53.90 -16.49 -35.57
CA SER G 260 55.05 -17.32 -35.20
C SER G 260 55.69 -17.92 -36.46
N PRO G 261 56.29 -17.09 -37.30
CA PRO G 261 56.88 -17.60 -38.54
C PRO G 261 58.21 -18.29 -38.31
N ASP G 262 58.58 -19.12 -39.28
CA ASP G 262 59.87 -19.80 -39.29
C ASP G 262 60.56 -19.58 -40.64
N PHE G 263 61.86 -19.88 -40.66
CA PHE G 263 62.61 -19.99 -41.90
C PHE G 263 62.11 -21.14 -42.78
N VAL G 264 61.51 -20.77 -43.92
CA VAL G 264 60.76 -21.71 -44.75
C VAL G 264 61.31 -21.76 -46.18
N ASP G 265 61.93 -20.68 -46.63
CA ASP G 265 62.39 -20.63 -48.01
C ASP G 265 63.54 -19.64 -48.16
N PHE G 266 64.24 -19.76 -49.28
CA PHE G 266 65.30 -18.82 -49.66
C PHE G 266 64.76 -17.70 -50.53
N VAL G 267 65.44 -16.56 -50.48
CA VAL G 267 65.31 -15.51 -51.49
C VAL G 267 66.07 -15.92 -52.75
N PRO G 268 65.40 -16.02 -53.91
CA PRO G 268 66.03 -16.69 -55.05
C PRO G 268 67.33 -16.06 -55.52
N THR G 269 67.49 -14.75 -55.33
CA THR G 269 68.63 -14.03 -55.91
C THR G 269 69.92 -14.24 -55.13
N ILE G 270 69.85 -14.37 -53.81
CA ILE G 270 71.03 -14.28 -52.95
C ILE G 270 70.89 -15.23 -51.77
N PRO G 271 70.60 -16.51 -52.01
CA PRO G 271 70.20 -17.38 -50.89
C PRO G 271 71.29 -17.56 -49.83
N MET G 272 72.53 -17.81 -50.23
CA MET G 272 73.62 -17.97 -49.27
C MET G 272 74.95 -17.63 -49.94
N GLN G 273 75.93 -17.30 -49.10
CA GLN G 273 77.25 -16.88 -49.53
C GLN G 273 78.30 -17.86 -49.02
N GLU G 274 79.34 -18.08 -49.82
CA GLU G 274 80.41 -18.99 -49.41
C GLU G 274 81.18 -18.46 -48.22
N ILE G 275 81.60 -19.40 -47.36
CA ILE G 275 82.21 -19.06 -46.08
C ILE G 275 83.55 -18.34 -46.24
N TRP G 276 84.34 -18.70 -47.26
CA TRP G 276 85.59 -18.02 -47.54
C TRP G 276 85.41 -16.61 -48.10
N THR G 277 84.18 -16.13 -48.28
CA THR G 277 83.97 -14.70 -48.44
C THR G 277 84.42 -13.92 -47.21
N LEU G 278 84.37 -14.54 -46.03
CA LEU G 278 84.68 -13.85 -44.78
C LEU G 278 86.15 -13.95 -44.35
N CYS G 279 86.95 -14.82 -44.93
CA CYS G 279 88.35 -14.92 -44.50
C CYS G 279 89.15 -13.75 -45.06
N SER G 280 90.10 -13.27 -44.25
CA SER G 280 90.80 -12.03 -44.55
C SER G 280 91.87 -12.18 -45.62
N SER G 281 92.43 -13.38 -45.81
CA SER G 281 93.49 -13.59 -46.78
C SER G 281 92.99 -14.28 -48.04
N GLU G 282 93.30 -13.70 -49.19
CA GLU G 282 92.95 -14.32 -50.47
C GLU G 282 93.64 -15.66 -50.64
N ALA G 283 94.86 -15.80 -50.10
CA ALA G 283 95.54 -17.09 -50.12
C ALA G 283 94.83 -18.13 -49.25
N GLN G 284 94.21 -17.69 -48.15
CA GLN G 284 93.35 -18.60 -47.39
C GLN G 284 92.09 -18.94 -48.18
N ALA G 285 91.47 -17.93 -48.80
CA ALA G 285 90.26 -18.18 -49.59
C ALA G 285 90.53 -19.15 -50.72
N GLU G 286 91.67 -19.01 -51.41
CA GLU G 286 92.04 -19.93 -52.46
C GLU G 286 92.15 -21.37 -51.95
N ALA G 287 92.82 -21.55 -50.82
CA ALA G 287 92.92 -22.91 -50.25
C ALA G 287 91.55 -23.46 -49.85
N MET G 288 90.73 -22.64 -49.19
CA MET G 288 89.40 -23.12 -48.80
C MET G 288 88.51 -23.40 -50.00
N ARG G 289 88.44 -22.46 -50.95
CA ARG G 289 87.65 -22.69 -52.15
C ARG G 289 88.16 -23.91 -52.93
N LYS G 290 89.47 -24.02 -53.09
CA LYS G 290 90.03 -25.19 -53.77
C LYS G 290 89.67 -26.48 -53.06
N HIS G 291 89.77 -26.52 -51.73
CA HIS G 291 89.35 -27.71 -51.01
C HIS G 291 87.85 -27.96 -51.15
N TYR G 292 87.03 -26.90 -51.09
CA TYR G 292 85.59 -27.09 -51.11
C TYR G 292 85.13 -27.87 -52.33
N ASP G 293 85.64 -27.52 -53.51
CA ASP G 293 85.15 -28.07 -54.76
C ASP G 293 86.02 -29.20 -55.30
N ASP G 294 87.28 -29.27 -54.88
CA ASP G 294 88.14 -30.39 -55.24
C ASP G 294 87.88 -31.63 -54.40
N VAL G 295 87.43 -31.46 -53.15
CA VAL G 295 87.37 -32.58 -52.22
C VAL G 295 86.01 -32.66 -51.55
N TRP G 296 85.66 -31.62 -50.79
CA TRP G 296 84.56 -31.74 -49.83
C TRP G 296 83.21 -31.85 -50.53
N ALA G 297 82.90 -30.90 -51.42
CA ALA G 297 81.63 -30.96 -52.13
C ALA G 297 81.48 -32.20 -53.02
N PRO G 298 82.51 -32.66 -53.74
CA PRO G 298 82.41 -33.97 -54.38
C PRO G 298 82.06 -35.12 -53.43
N ALA G 299 82.83 -35.28 -52.35
CA ALA G 299 82.55 -36.35 -51.40
C ALA G 299 81.16 -36.23 -50.79
N GLN G 300 80.75 -35.03 -50.40
CA GLN G 300 79.40 -34.85 -49.87
C GLN G 300 78.33 -35.18 -50.89
N SER G 301 78.52 -34.76 -52.15
CA SER G 301 77.54 -35.10 -53.18
C SER G 301 77.47 -36.61 -53.41
N GLU G 302 78.62 -37.28 -53.45
CA GLU G 302 78.65 -38.72 -53.65
C GLU G 302 78.01 -39.47 -52.49
N LYS G 303 78.25 -39.02 -51.27
CA LYS G 303 77.68 -39.66 -50.09
C LYS G 303 76.18 -39.48 -50.00
N TYR G 304 75.55 -38.80 -50.95
CA TYR G 304 74.09 -38.66 -51.01
C TYR G 304 73.53 -39.28 -52.28
N ARG G 305 74.35 -40.02 -53.01
CA ARG G 305 73.89 -40.73 -54.21
C ARG G 305 73.26 -42.04 -53.81
N VAL G 306 72.09 -42.34 -54.37
CA VAL G 306 71.26 -43.46 -53.94
C VAL G 306 71.29 -44.55 -54.99
N LYS G 307 71.63 -45.76 -54.56
CA LYS G 307 71.55 -46.94 -55.40
C LYS G 307 70.10 -47.37 -55.57
N ALA G 308 69.82 -48.09 -56.64
CA ALA G 308 68.57 -48.83 -56.75
C ALA G 308 68.74 -50.25 -56.25
N ASN G 309 67.63 -50.83 -55.81
CA ASN G 309 67.59 -52.27 -55.55
C ASN G 309 67.86 -53.05 -56.83
N TYR G 310 68.38 -54.27 -56.67
CA TYR G 310 68.73 -55.11 -57.80
C TYR G 310 68.32 -56.56 -57.55
N ILE G 311 68.09 -57.29 -58.64
CA ILE G 311 67.77 -58.71 -58.56
C ILE G 311 69.03 -59.50 -58.28
N ASP G 312 68.98 -60.36 -57.26
CA ASP G 312 70.08 -61.27 -56.95
C ASP G 312 69.74 -62.74 -57.09
N GLN G 313 68.47 -63.13 -57.15
CA GLN G 313 68.12 -64.53 -57.28
C GLN G 313 66.77 -64.66 -57.96
N LEU G 314 66.65 -65.68 -58.83
CA LEU G 314 65.41 -66.01 -59.51
C LEU G 314 65.03 -67.45 -59.24
N VAL G 315 63.73 -67.71 -59.16
CA VAL G 315 63.18 -69.06 -59.04
C VAL G 315 61.89 -69.15 -59.84
N VAL G 316 61.52 -70.37 -60.21
CA VAL G 316 60.26 -70.65 -60.89
C VAL G 316 59.43 -71.57 -60.03
N ILE G 317 58.12 -71.32 -59.99
CA ILE G 317 57.19 -72.12 -59.21
C ILE G 317 56.08 -72.60 -60.13
N THR G 318 55.64 -73.85 -59.90
CA THR G 318 54.69 -74.53 -60.77
C THR G 318 53.59 -75.17 -59.93
N GLY G 319 52.38 -75.18 -60.48
CA GLY G 319 51.28 -75.81 -59.79
C GLY G 319 49.99 -75.70 -60.57
N GLY G 320 48.93 -76.20 -59.95
CA GLY G 320 47.64 -76.43 -60.56
C GLY G 320 46.64 -75.30 -60.50
N SER G 321 47.00 -74.11 -60.01
CA SER G 321 46.03 -73.03 -59.94
C SER G 321 46.73 -71.69 -60.06
N SER G 322 45.93 -70.67 -60.39
CA SER G 322 46.46 -69.32 -60.60
C SER G 322 47.10 -68.77 -59.34
N THR G 323 46.69 -69.25 -58.17
CA THR G 323 47.01 -68.59 -56.90
C THR G 323 48.18 -69.25 -56.19
N ILE G 324 48.90 -70.15 -56.85
CA ILE G 324 50.13 -70.68 -56.28
C ILE G 324 51.09 -69.53 -56.01
N GLU G 325 51.99 -69.72 -55.05
CA GLU G 325 52.62 -68.62 -54.34
C GLU G 325 54.08 -68.95 -54.05
N PRO G 326 54.98 -68.00 -54.18
CA PRO G 326 56.42 -68.30 -54.11
C PRO G 326 56.86 -68.65 -52.70
N PRO G 327 58.07 -69.14 -52.54
CA PRO G 327 58.70 -69.16 -51.22
C PRO G 327 58.79 -67.75 -50.65
N VAL G 328 58.67 -67.66 -49.32
CA VAL G 328 58.36 -66.39 -48.66
C VAL G 328 59.38 -65.32 -49.00
N GLY G 329 60.64 -65.70 -49.25
CA GLY G 329 61.65 -64.71 -49.59
C GLY G 329 61.48 -64.05 -50.94
N TYR G 330 60.69 -64.64 -51.83
CA TYR G 330 60.57 -64.16 -53.20
C TYR G 330 59.22 -63.48 -53.42
N SER G 331 59.14 -62.72 -54.51
CA SER G 331 57.90 -62.15 -55.00
C SER G 331 57.67 -62.57 -56.45
N LYS G 332 56.41 -62.61 -56.84
CA LYS G 332 55.98 -63.31 -58.05
C LYS G 332 55.70 -62.32 -59.19
N ILE G 333 56.21 -62.66 -60.36
CA ILE G 333 55.77 -62.03 -61.61
C ILE G 333 54.47 -62.71 -62.03
N GLU G 334 53.37 -61.96 -62.00
CA GLU G 334 52.01 -62.49 -62.10
C GLU G 334 51.63 -62.98 -63.50
N TYR G 335 52.51 -63.14 -64.48
CA TYR G 335 52.13 -63.59 -65.81
C TYR G 335 52.53 -65.05 -65.99
N ASP G 336 51.56 -65.90 -66.30
CA ASP G 336 51.78 -67.33 -66.37
C ASP G 336 52.63 -67.67 -67.60
N LEU G 337 53.75 -68.35 -67.38
CA LEU G 337 54.62 -68.82 -68.45
C LEU G 337 54.03 -69.97 -69.26
N ASN G 338 52.77 -70.37 -68.99
CA ASN G 338 52.01 -71.20 -69.91
C ASN G 338 50.66 -70.57 -70.25
N ALA G 339 50.55 -69.25 -70.16
CA ALA G 339 49.30 -68.57 -70.44
C ALA G 339 48.78 -68.96 -71.81
N GLY G 340 47.59 -69.56 -71.84
CA GLY G 340 46.99 -70.08 -73.04
C GLY G 340 47.56 -71.39 -73.53
N ALA G 341 48.64 -71.89 -72.94
CA ALA G 341 49.26 -73.13 -73.35
C ALA G 341 48.75 -74.33 -72.56
N GLY G 342 47.85 -74.10 -71.60
CA GLY G 342 47.38 -75.18 -70.76
C GLY G 342 48.48 -75.74 -69.87
N GLY G 343 48.23 -76.96 -69.38
CA GLY G 343 49.17 -77.62 -68.50
C GLY G 343 49.17 -77.06 -67.10
N ASP G 344 50.34 -77.07 -66.48
CA ASP G 344 50.55 -76.40 -65.20
C ASP G 344 50.62 -74.89 -65.38
N PHE G 345 50.13 -74.17 -64.38
CA PHE G 345 50.50 -72.78 -64.20
C PHE G 345 51.97 -72.68 -63.79
N ILE G 346 52.69 -71.75 -64.42
CA ILE G 346 54.10 -71.53 -64.15
C ILE G 346 54.34 -70.04 -63.96
N TYR G 347 55.05 -69.68 -62.91
CA TYR G 347 55.39 -68.29 -62.62
C TYR G 347 56.87 -68.14 -62.33
N LEU G 348 57.44 -67.01 -62.78
CA LEU G 348 58.81 -66.64 -62.49
C LEU G 348 58.83 -65.71 -61.28
N CYS G 349 59.75 -65.98 -60.35
CA CYS G 349 59.81 -65.25 -59.09
C CYS G 349 61.25 -64.78 -58.86
N TYR G 350 61.38 -63.68 -58.13
CA TYR G 350 62.67 -63.03 -57.96
C TYR G 350 62.85 -62.55 -56.53
N HIS G 351 64.11 -62.37 -56.14
CA HIS G 351 64.50 -61.64 -54.95
C HIS G 351 65.22 -60.37 -55.36
N GLU G 352 64.82 -59.24 -54.77
CA GLU G 352 65.50 -57.97 -54.98
C GLU G 352 66.28 -57.60 -53.72
N GLN G 353 67.58 -57.36 -53.89
CA GLN G 353 68.53 -57.19 -52.79
C GLN G 353 68.77 -55.71 -52.54
N THR G 354 68.74 -55.32 -51.28
CA THR G 354 69.19 -53.98 -50.91
C THR G 354 70.71 -53.91 -50.97
N TRP G 355 71.23 -52.89 -51.65
CA TRP G 355 72.66 -52.69 -51.72
C TRP G 355 73.24 -52.30 -50.37
N GLN G 356 74.42 -52.84 -50.07
CA GLN G 356 75.15 -52.58 -48.84
C GLN G 356 76.60 -52.27 -49.17
N ALA G 357 77.13 -51.23 -48.52
CA ALA G 357 78.46 -50.75 -48.89
C ALA G 357 79.55 -51.75 -48.54
N ASP G 358 79.41 -52.45 -47.42
CA ASP G 358 80.46 -53.35 -46.94
C ASP G 358 80.28 -54.80 -47.39
N ARG G 359 79.11 -55.17 -47.91
CA ARG G 359 78.89 -56.54 -48.36
C ARG G 359 77.85 -56.59 -49.47
N PRO G 360 78.13 -55.97 -50.62
CA PRO G 360 77.26 -56.19 -51.78
C PRO G 360 77.31 -57.65 -52.22
N LYS G 361 76.13 -58.19 -52.52
CA LYS G 361 76.05 -59.53 -53.10
C LYS G 361 76.39 -59.48 -54.58
N ASP G 362 76.32 -60.63 -55.25
CA ASP G 362 76.10 -60.65 -56.68
C ASP G 362 74.72 -60.11 -57.04
N ALA G 363 74.64 -59.39 -58.14
CA ALA G 363 73.40 -59.24 -58.89
C ALA G 363 73.30 -60.31 -59.98
N VAL G 364 72.07 -60.56 -60.43
CA VAL G 364 71.86 -61.13 -61.75
C VAL G 364 72.28 -60.11 -62.80
N THR G 365 73.05 -60.56 -63.79
CA THR G 365 73.51 -59.68 -64.85
C THR G 365 73.20 -60.14 -66.27
N ASP G 366 72.84 -61.41 -66.47
CA ASP G 366 72.35 -61.85 -67.78
C ASP G 366 71.38 -63.00 -67.59
N ILE G 367 70.49 -63.16 -68.57
CA ILE G 367 69.52 -64.25 -68.57
C ILE G 367 69.47 -64.82 -69.98
N ARG G 368 69.33 -66.14 -70.08
CA ARG G 368 69.24 -66.82 -71.35
C ARG G 368 68.22 -67.96 -71.23
N ILE G 369 67.68 -68.36 -72.37
CA ILE G 369 66.85 -69.56 -72.47
C ILE G 369 67.53 -70.56 -73.40
N ILE G 370 67.66 -71.80 -72.92
CA ILE G 370 68.53 -72.80 -73.56
C ILE G 370 67.75 -73.93 -74.19
N PHE G 371 66.46 -74.06 -73.91
CA PHE G 371 65.58 -75.08 -74.51
C PHE G 371 66.12 -76.50 -74.29
N ASN G 372 65.80 -77.37 -75.24
CA ASN G 372 65.67 -78.81 -75.00
C ASN G 372 66.90 -79.45 -74.37
N LYS G 373 68.04 -79.43 -75.07
CA LYS G 373 69.21 -80.21 -74.67
C LYS G 373 70.52 -79.43 -74.69
N GLU G 374 70.51 -78.18 -75.12
CA GLU G 374 71.76 -77.44 -75.20
C GLU G 374 72.38 -77.33 -73.82
N PRO G 375 73.70 -77.51 -73.69
CA PRO G 375 74.34 -77.38 -72.38
C PRO G 375 74.23 -75.98 -71.82
N THR G 376 74.24 -75.90 -70.50
CA THR G 376 74.16 -74.60 -69.83
C THR G 376 75.38 -73.77 -70.21
N PRO G 377 75.20 -72.51 -70.62
CA PRO G 377 76.33 -71.70 -71.05
C PRO G 377 77.32 -71.48 -69.92
N PRO G 378 78.58 -71.21 -70.24
CA PRO G 378 79.65 -71.22 -69.23
C PRO G 378 79.40 -70.25 -68.09
N GLY G 379 79.29 -70.80 -66.88
CA GLY G 379 79.08 -70.03 -65.67
C GLY G 379 77.66 -69.60 -65.39
N TYR G 380 76.70 -69.95 -66.24
CA TYR G 380 75.30 -69.69 -65.93
C TYR G 380 74.75 -70.75 -64.99
N THR G 381 73.83 -70.33 -64.13
CA THR G 381 72.96 -71.25 -63.42
C THR G 381 71.75 -71.60 -64.29
N LYS G 382 71.12 -72.72 -63.97
CA LYS G 382 69.91 -73.17 -64.65
C LYS G 382 68.84 -73.52 -63.63
N LEU G 383 67.62 -73.07 -63.90
CA LEU G 383 66.47 -73.49 -63.11
C LEU G 383 65.96 -74.85 -63.59
N PRO G 384 65.68 -75.79 -62.67
CA PRO G 384 65.36 -77.16 -63.09
C PRO G 384 63.95 -77.34 -63.66
N GLN G 385 63.02 -76.43 -63.36
CA GLN G 385 61.66 -76.55 -63.86
C GLN G 385 61.60 -76.35 -65.36
N ASP G 386 60.90 -77.25 -66.05
CA ASP G 386 60.53 -77.04 -67.44
C ASP G 386 59.43 -75.99 -67.54
N LEU G 387 59.71 -74.93 -68.29
CA LEU G 387 58.77 -73.83 -68.46
C LEU G 387 57.68 -74.14 -69.49
N ASN G 388 57.56 -75.39 -69.93
CA ASN G 388 56.35 -75.91 -70.57
C ASN G 388 55.79 -77.11 -69.84
N LYS G 389 56.15 -77.29 -68.57
CA LYS G 389 55.63 -78.42 -67.80
C LYS G 389 54.11 -78.50 -67.90
N GLY G 390 53.63 -79.67 -68.32
CA GLY G 390 52.23 -79.90 -68.61
C GLY G 390 51.73 -79.31 -69.90
N ALA G 391 52.44 -78.35 -70.49
CA ALA G 391 51.98 -77.71 -71.72
C ALA G 391 52.40 -78.47 -72.97
N GLY G 392 53.26 -79.47 -72.84
CA GLY G 392 53.81 -80.18 -73.97
C GLY G 392 54.93 -79.38 -74.62
N GLY G 393 54.91 -79.33 -75.95
CA GLY G 393 55.92 -78.58 -76.68
C GLY G 393 57.33 -79.12 -76.45
N ASP G 394 58.29 -78.23 -76.68
CA ASP G 394 59.67 -78.51 -76.34
C ASP G 394 59.95 -78.19 -74.87
N ASP G 395 60.98 -78.83 -74.33
CA ASP G 395 61.39 -78.57 -72.95
C ASP G 395 62.12 -77.22 -72.89
N VAL G 396 61.62 -76.32 -72.05
CA VAL G 396 62.11 -74.95 -71.93
C VAL G 396 62.74 -74.77 -70.56
N PHE G 397 63.97 -74.26 -70.53
CA PHE G 397 64.66 -73.95 -69.29
C PHE G 397 65.28 -72.57 -69.39
N LEU G 398 65.18 -71.81 -68.30
CA LEU G 398 65.75 -70.48 -68.19
C LEU G 398 67.04 -70.51 -67.38
N CYS G 399 68.07 -69.83 -67.89
CA CYS G 399 69.38 -69.75 -67.27
C CYS G 399 69.73 -68.30 -67.02
N TYR G 400 70.50 -68.04 -65.96
CA TYR G 400 70.93 -66.69 -65.66
C TYR G 400 72.32 -66.69 -65.05
N LYS G 401 73.04 -65.60 -65.29
CA LYS G 401 74.40 -65.38 -64.83
C LYS G 401 74.41 -64.34 -63.72
N THR G 402 75.19 -64.58 -62.68
CA THR G 402 75.34 -63.65 -61.57
C THR G 402 76.78 -63.20 -61.45
N GLU G 403 76.96 -61.92 -61.09
CA GLU G 403 78.27 -61.29 -61.02
C GLU G 403 78.24 -60.25 -59.90
N ALA G 404 79.43 -59.93 -59.38
CA ALA G 404 79.52 -58.96 -58.30
C ALA G 404 78.90 -57.64 -58.72
N TYR G 405 78.26 -56.99 -57.75
CA TYR G 405 77.39 -55.84 -58.05
C TYR G 405 78.16 -54.74 -58.79
N ASN G 406 77.52 -54.20 -59.83
CA ASN G 406 77.95 -52.95 -60.44
C ASN G 406 76.71 -52.23 -60.94
N THR G 407 76.62 -50.93 -60.66
CA THR G 407 75.45 -50.17 -61.09
C THR G 407 75.29 -50.18 -62.60
N ASP G 408 76.38 -50.37 -63.34
CA ASP G 408 76.30 -50.41 -64.80
C ASP G 408 75.58 -51.65 -65.33
N THR G 409 75.44 -52.70 -64.52
CA THR G 409 75.01 -53.99 -65.05
C THR G 409 74.09 -54.78 -64.11
N ALA G 410 74.02 -54.46 -62.82
CA ALA G 410 73.05 -55.12 -61.96
C ALA G 410 71.63 -54.88 -62.45
N ILE G 411 70.95 -55.96 -62.81
CA ILE G 411 69.57 -55.88 -63.30
C ILE G 411 68.67 -55.45 -62.15
N ASN G 412 67.93 -54.36 -62.36
CA ASN G 412 67.04 -53.85 -61.33
C ASN G 412 65.66 -54.47 -61.36
N LYS G 413 65.11 -54.73 -62.55
CA LYS G 413 63.78 -55.34 -62.64
C LYS G 413 63.74 -56.33 -63.79
N VAL G 414 62.81 -57.28 -63.69
CA VAL G 414 62.46 -58.20 -64.76
C VAL G 414 60.94 -58.28 -64.85
N THR G 415 60.45 -58.60 -66.04
CA THR G 415 59.03 -58.90 -66.23
C THR G 415 58.88 -59.88 -67.38
N VAL G 416 57.73 -60.54 -67.42
CA VAL G 416 57.37 -61.45 -68.49
C VAL G 416 56.18 -60.88 -69.25
N ILE G 417 56.31 -60.81 -70.58
CA ILE G 417 55.32 -60.23 -71.47
C ILE G 417 54.93 -61.25 -72.53
N GLY G 418 53.67 -61.26 -72.92
CA GLY G 418 53.21 -62.24 -73.89
C GLY G 418 51.98 -61.79 -74.63
N GLY G 419 51.78 -62.41 -75.79
CA GLY G 419 50.67 -62.04 -76.65
C GLY G 419 50.66 -62.92 -77.88
N ASN G 420 49.76 -62.58 -78.82
CA ASN G 420 49.63 -63.40 -80.02
C ASN G 420 50.74 -63.15 -81.03
N ASN G 421 51.31 -61.95 -81.07
CA ASN G 421 52.37 -61.65 -82.01
C ASN G 421 53.69 -62.18 -81.50
N ALA G 422 54.52 -62.69 -82.42
CA ALA G 422 55.90 -63.01 -82.06
C ALA G 422 56.73 -61.77 -81.83
N ASP G 423 56.59 -60.75 -82.70
CA ASP G 423 57.25 -59.45 -82.54
C ASP G 423 56.52 -58.57 -81.53
N ILE G 424 56.51 -58.94 -80.25
CA ILE G 424 55.83 -58.15 -79.24
C ILE G 424 56.81 -57.17 -78.61
N ASN G 425 56.29 -56.03 -78.16
CA ASN G 425 57.11 -54.94 -77.64
C ASN G 425 57.25 -55.05 -76.12
N ALA G 426 58.49 -54.96 -75.66
CA ALA G 426 58.77 -54.81 -74.24
C ALA G 426 58.45 -53.40 -73.76
N PRO G 427 58.24 -53.23 -72.45
CA PRO G 427 58.10 -51.88 -71.89
C PRO G 427 59.34 -51.05 -72.16
N TYR G 428 59.16 -49.73 -72.16
CA TYR G 428 60.23 -48.83 -72.52
C TYR G 428 61.43 -49.02 -71.61
N GLY G 429 62.61 -49.14 -72.23
CA GLY G 429 63.85 -49.35 -71.51
C GLY G 429 64.13 -50.78 -71.10
N TYR G 430 63.14 -51.67 -71.17
CA TYR G 430 63.39 -53.08 -70.96
C TYR G 430 63.99 -53.71 -72.21
N LEU G 431 64.82 -54.72 -72.01
CA LEU G 431 65.32 -55.59 -73.06
C LEU G 431 64.74 -56.99 -72.86
N LYS G 432 64.10 -57.52 -73.90
CA LYS G 432 63.58 -58.88 -73.84
C LYS G 432 64.63 -59.87 -74.33
N VAL G 433 64.65 -61.04 -73.70
CA VAL G 433 65.53 -62.14 -74.12
C VAL G 433 64.97 -62.82 -75.37
N PRO G 434 65.84 -63.35 -76.24
CA PRO G 434 65.35 -64.16 -77.35
C PRO G 434 64.82 -65.51 -76.89
N GLY G 435 63.92 -66.07 -77.70
CA GLY G 435 63.32 -67.35 -77.42
C GLY G 435 61.98 -67.28 -76.70
N ASP G 436 61.08 -68.20 -77.05
CA ASP G 436 59.71 -68.18 -76.58
C ASP G 436 59.55 -69.20 -75.46
N LEU G 437 59.03 -68.75 -74.32
CA LEU G 437 58.76 -69.64 -73.19
C LEU G 437 57.57 -70.54 -73.43
N ASN G 438 56.93 -70.49 -74.59
CA ASN G 438 55.99 -71.50 -75.05
C ASN G 438 56.41 -72.12 -76.38
N ARG G 439 57.69 -72.05 -76.74
CA ARG G 439 58.15 -72.63 -78.01
C ARG G 439 57.61 -74.05 -78.17
N GLY G 440 56.96 -74.30 -79.29
CA GLY G 440 56.37 -75.57 -79.59
C GLY G 440 55.06 -75.85 -78.89
N ALA G 441 54.73 -75.12 -77.84
CA ALA G 441 53.44 -75.27 -77.19
C ALA G 441 52.42 -74.37 -77.89
N GLY G 442 51.16 -74.53 -77.52
CA GLY G 442 50.14 -73.59 -77.96
C GLY G 442 50.20 -72.25 -77.25
N GLY G 443 49.11 -71.50 -77.33
CA GLY G 443 48.95 -70.25 -76.61
C GLY G 443 49.81 -69.10 -77.11
N ASN G 444 50.02 -68.16 -76.19
CA ASN G 444 50.76 -66.94 -76.49
C ASN G 444 52.24 -67.19 -76.68
N PHE G 445 52.89 -66.31 -77.43
CA PHE G 445 54.32 -66.08 -77.29
C PHE G 445 54.60 -65.38 -75.96
N ILE G 446 55.68 -65.79 -75.28
CA ILE G 446 56.03 -65.26 -73.98
C ILE G 446 57.54 -65.04 -73.91
N TYR G 447 57.94 -63.88 -73.41
CA TYR G 447 59.35 -63.49 -73.37
C TYR G 447 59.66 -62.85 -72.02
N ALA G 448 60.87 -63.06 -71.53
CA ALA G 448 61.37 -62.39 -70.34
C ALA G 448 62.04 -61.06 -70.68
N CYS G 449 61.57 -59.99 -70.06
CA CYS G 449 62.12 -58.65 -70.22
C CYS G 449 62.97 -58.26 -69.00
N THR G 450 64.09 -57.60 -69.25
CA THR G 450 65.04 -57.22 -68.22
C THR G 450 65.25 -55.71 -68.29
N PHE G 451 65.44 -55.10 -67.11
CA PHE G 451 65.63 -53.66 -67.00
C PHE G 451 66.82 -53.35 -66.11
N VAL G 452 67.70 -52.46 -66.58
CA VAL G 452 68.84 -52.00 -65.81
C VAL G 452 68.76 -50.48 -65.74
N GLY G 453 68.84 -49.95 -64.52
CA GLY G 453 68.76 -48.52 -64.30
C GLY G 453 70.04 -47.76 -64.66
N LYS G 454 71.18 -48.41 -64.53
CA LYS G 454 72.47 -47.74 -64.64
C LYS G 454 72.56 -46.60 -63.63
N THR H 1 65.69 -16.06 -15.52
CA THR H 1 65.10 -17.37 -15.93
C THR H 1 65.86 -17.95 -17.12
N VAL H 2 66.40 -19.14 -16.94
CA VAL H 2 67.19 -19.81 -17.97
C VAL H 2 66.26 -20.58 -18.89
N LEU H 3 66.60 -20.60 -20.18
CA LEU H 3 65.81 -21.35 -21.14
C LEU H 3 65.92 -22.85 -20.86
N PRO H 4 64.81 -23.59 -20.90
CA PRO H 4 64.90 -25.04 -20.76
C PRO H 4 65.82 -25.64 -21.82
N GLY H 5 66.75 -26.48 -21.38
CA GLY H 5 67.70 -27.14 -22.24
C GLY H 5 69.13 -26.67 -22.06
N VAL H 6 69.32 -25.50 -21.44
CA VAL H 6 70.67 -25.05 -21.10
C VAL H 6 71.34 -26.01 -20.13
N GLU H 7 70.55 -26.71 -19.31
CA GLU H 7 71.11 -27.76 -18.46
C GLU H 7 71.58 -28.97 -19.25
N ALA H 8 71.08 -29.16 -20.48
CA ALA H 8 71.31 -30.39 -21.23
C ALA H 8 72.31 -30.24 -22.35
N ILE H 9 72.47 -29.05 -22.92
CA ILE H 9 73.58 -28.82 -23.84
C ILE H 9 74.90 -28.97 -23.07
N GLY H 10 75.95 -29.34 -23.79
CA GLY H 10 77.26 -29.55 -23.19
C GLY H 10 77.37 -30.75 -22.28
N LEU H 11 76.27 -31.45 -22.01
CA LEU H 11 76.30 -32.67 -21.23
C LEU H 11 77.20 -33.73 -21.86
N GLY H 12 78.10 -34.29 -21.07
CA GLY H 12 78.98 -35.35 -21.57
C GLY H 12 78.17 -36.60 -21.84
N TYR H 13 78.37 -37.20 -23.02
CA TYR H 13 77.42 -38.14 -23.59
C TYR H 13 78.13 -39.41 -24.02
N ASN H 14 77.47 -40.55 -23.84
CA ASN H 14 77.96 -41.82 -24.39
C ASN H 14 77.08 -42.24 -25.56
N PRO H 15 77.57 -42.16 -26.80
CA PRO H 15 76.73 -42.55 -27.96
C PRO H 15 76.07 -43.91 -27.86
N PHE H 16 76.83 -44.92 -27.41
CA PHE H 16 76.33 -46.29 -27.35
C PHE H 16 75.18 -46.50 -26.38
N ILE H 17 75.15 -45.81 -25.24
CA ILE H 17 74.11 -46.10 -24.26
C ILE H 17 72.72 -45.86 -24.83
N SER H 18 72.49 -44.74 -25.49
CA SER H 18 71.15 -44.51 -26.00
C SER H 18 71.15 -43.41 -27.06
N TYR H 19 69.99 -43.27 -27.71
CA TYR H 19 69.75 -42.23 -28.70
C TYR H 19 68.92 -41.11 -28.10
N ALA H 20 69.44 -39.89 -28.19
CA ALA H 20 68.62 -38.69 -27.96
C ALA H 20 67.95 -38.71 -26.59
N SER H 21 68.63 -39.30 -25.61
CA SER H 21 68.17 -39.33 -24.24
C SER H 21 69.26 -38.82 -23.32
N VAL H 22 68.86 -38.08 -22.29
CA VAL H 22 69.81 -37.54 -21.33
C VAL H 22 70.36 -38.60 -20.39
N ASN H 23 69.66 -39.73 -20.24
CA ASN H 23 70.17 -40.85 -19.47
C ASN H 23 71.48 -41.39 -20.03
N SER H 24 71.78 -41.10 -21.30
CA SER H 24 73.03 -41.51 -21.91
C SER H 24 74.20 -40.60 -21.60
N GLY H 25 74.01 -39.49 -20.90
CA GLY H 25 75.11 -38.61 -20.54
C GLY H 25 75.33 -38.55 -19.04
N ALA H 26 76.60 -38.48 -18.65
CA ALA H 26 77.05 -38.42 -17.27
C ALA H 26 77.58 -37.04 -16.87
N VAL H 27 76.72 -36.21 -16.28
CA VAL H 27 77.06 -34.92 -15.68
C VAL H 27 77.45 -33.87 -16.71
N GLN H 28 77.28 -32.58 -16.33
CA GLN H 28 77.48 -31.44 -17.21
C GLN H 28 78.91 -30.95 -17.06
N LEU H 29 79.64 -30.90 -18.18
CA LEU H 29 81.01 -30.41 -18.18
C LEU H 29 81.15 -28.89 -18.09
N PHE H 30 80.19 -28.10 -18.55
CA PHE H 30 80.35 -26.66 -18.60
C PHE H 30 79.54 -25.93 -17.54
N ASP H 31 80.12 -24.85 -17.01
CA ASP H 31 79.51 -24.04 -15.95
C ASP H 31 78.79 -22.89 -16.62
N TRP H 32 77.46 -22.86 -16.54
CA TRP H 32 76.68 -21.79 -17.15
C TRP H 32 75.95 -20.91 -16.15
N ALA H 33 76.13 -21.11 -14.84
CA ALA H 33 75.57 -20.16 -13.89
C ALA H 33 76.42 -18.90 -13.86
N THR H 34 77.74 -19.07 -13.82
CA THR H 34 78.66 -17.93 -13.80
C THR H 34 78.69 -17.19 -15.13
N ALA H 35 78.58 -17.92 -16.24
CA ALA H 35 78.80 -17.33 -17.54
C ALA H 35 77.81 -16.20 -17.84
N LYS H 36 78.29 -15.24 -18.64
CA LYS H 36 77.47 -14.14 -19.12
C LYS H 36 76.26 -14.64 -19.90
N LYS H 37 75.09 -14.10 -19.58
CA LYS H 37 73.83 -14.50 -20.21
C LYS H 37 73.48 -13.62 -21.41
N ARG H 38 72.63 -14.18 -22.27
CA ARG H 38 71.97 -13.46 -23.36
C ARG H 38 70.49 -13.77 -23.31
N GLU H 39 69.66 -12.78 -23.59
CA GLU H 39 68.23 -13.02 -23.68
C GLU H 39 67.89 -13.70 -25.00
N VAL H 40 66.95 -14.62 -24.96
CA VAL H 40 66.53 -15.38 -26.14
C VAL H 40 65.66 -14.49 -27.03
N PRO H 41 66.04 -14.26 -28.29
CA PRO H 41 65.29 -13.28 -29.10
C PRO H 41 63.80 -13.59 -29.21
N PHE H 42 63.44 -14.84 -29.44
CA PHE H 42 62.06 -15.24 -29.64
C PHE H 42 61.30 -15.54 -28.34
N LYS H 43 62.00 -15.60 -27.19
CA LYS H 43 61.36 -15.90 -25.90
C LYS H 43 61.92 -14.90 -24.87
N ALA H 44 61.51 -13.65 -25.02
CA ALA H 44 61.84 -12.61 -24.03
C ALA H 44 61.38 -13.03 -22.65
N GLY H 45 62.25 -12.82 -21.66
CA GLY H 45 62.09 -13.37 -20.33
C GLY H 45 62.82 -14.67 -20.08
N TYR H 46 63.45 -15.26 -21.09
CA TYR H 46 64.32 -16.42 -20.90
C TYR H 46 65.71 -16.07 -21.40
N PHE H 47 66.72 -16.62 -20.72
CA PHE H 47 68.11 -16.27 -21.00
C PHE H 47 68.93 -17.53 -21.24
N VAL H 48 70.02 -17.35 -21.99
CA VAL H 48 70.97 -18.42 -22.25
C VAL H 48 72.37 -17.86 -22.09
N PRO H 49 73.36 -18.71 -21.81
CA PRO H 49 74.75 -18.24 -21.91
C PRO H 49 75.06 -17.76 -23.32
N GLU H 50 75.83 -16.69 -23.41
CA GLU H 50 76.00 -16.03 -24.71
C GLU H 50 76.71 -16.93 -25.72
N ILE H 51 77.41 -17.97 -25.25
CA ILE H 51 78.15 -18.83 -26.17
C ILE H 51 77.20 -19.63 -27.04
N VAL H 52 76.07 -20.07 -26.48
CA VAL H 52 75.19 -20.98 -27.22
C VAL H 52 74.34 -20.18 -28.20
N ASP H 53 74.09 -20.79 -29.36
CA ASP H 53 73.19 -20.28 -30.38
C ASP H 53 71.89 -21.07 -30.33
N VAL H 54 70.79 -20.40 -30.03
CA VAL H 54 69.49 -21.04 -29.95
C VAL H 54 68.66 -20.60 -31.14
N GLN H 55 68.19 -21.57 -31.93
CA GLN H 55 67.29 -21.34 -33.05
C GLN H 55 65.93 -21.93 -32.71
N GLN H 56 64.87 -21.15 -32.91
CA GLN H 56 63.55 -21.74 -32.96
C GLN H 56 63.43 -22.61 -34.20
N ASN H 57 62.81 -23.77 -34.05
CA ASN H 57 62.57 -24.66 -35.18
C ASN H 57 61.29 -25.46 -34.97
N ASP H 58 60.21 -24.78 -34.58
CA ASP H 58 58.96 -25.46 -34.27
C ASP H 58 58.44 -26.25 -35.46
N SER H 59 58.54 -27.58 -35.37
CA SER H 59 58.30 -28.46 -36.51
C SER H 59 58.15 -29.89 -36.00
N ALA H 60 56.93 -30.39 -36.05
CA ALA H 60 56.65 -31.82 -35.89
C ALA H 60 57.28 -32.59 -37.03
N THR H 61 58.05 -33.62 -36.68
CA THR H 61 59.02 -34.23 -37.59
C THR H 61 59.09 -35.73 -37.33
N TYR H 62 59.53 -36.47 -38.34
CA TYR H 62 59.65 -37.92 -38.27
C TYR H 62 61.10 -38.35 -38.38
N THR H 63 61.49 -39.30 -37.54
CA THR H 63 62.71 -40.08 -37.73
C THR H 63 62.31 -41.55 -37.70
N ASN H 64 62.54 -42.27 -38.79
CA ASN H 64 62.17 -43.68 -38.88
C ASN H 64 63.39 -44.52 -39.22
N VAL H 65 63.54 -45.65 -38.52
CA VAL H 65 64.65 -46.56 -38.66
C VAL H 65 64.08 -47.95 -38.88
N SER H 66 64.64 -48.71 -39.81
CA SER H 66 64.10 -50.02 -40.13
C SER H 66 65.22 -50.92 -40.63
N GLY H 67 64.98 -52.22 -40.53
CA GLY H 67 65.88 -53.21 -41.07
C GLY H 67 65.30 -54.61 -41.11
N ASN H 68 65.60 -55.36 -42.17
CA ASN H 68 65.10 -56.72 -42.29
C ASN H 68 65.71 -57.63 -41.23
N THR H 69 66.80 -57.17 -40.61
CA THR H 69 67.49 -57.93 -39.57
C THR H 69 68.14 -56.96 -38.61
N ILE H 70 68.43 -57.44 -37.40
CA ILE H 70 68.91 -56.55 -36.35
C ILE H 70 70.23 -55.90 -36.77
N SER H 71 71.14 -56.67 -37.37
CA SER H 71 72.42 -56.12 -37.78
C SER H 71 72.22 -55.03 -38.84
N GLU H 72 71.14 -55.12 -39.60
CA GLU H 72 70.77 -54.03 -40.50
C GLU H 72 70.15 -52.86 -39.74
N TYR H 73 69.20 -53.17 -38.84
CA TYR H 73 68.59 -52.12 -38.02
C TYR H 73 69.64 -51.38 -37.19
N GLN H 74 70.61 -52.11 -36.64
CA GLN H 74 71.68 -51.47 -35.89
C GLN H 74 72.51 -50.51 -36.75
N ARG H 75 72.63 -50.79 -38.04
CA ARG H 75 73.36 -49.87 -38.90
C ARG H 75 72.51 -48.71 -39.40
N SER H 76 71.25 -48.96 -39.74
CA SER H 76 70.35 -47.85 -40.07
C SER H 76 70.09 -46.95 -38.88
N LEU H 77 70.14 -47.51 -37.66
CA LEU H 77 70.11 -46.68 -36.46
C LEU H 77 71.39 -45.87 -36.31
N ALA H 78 72.55 -46.54 -36.38
CA ALA H 78 73.82 -45.86 -36.19
C ALA H 78 74.01 -44.72 -37.20
N THR H 79 73.61 -44.94 -38.45
CA THR H 79 73.73 -43.93 -39.49
C THR H 79 72.63 -42.87 -39.46
N SER H 80 71.70 -42.95 -38.51
CA SER H 80 70.68 -41.92 -38.40
C SER H 80 71.23 -40.61 -37.84
N VAL H 81 72.49 -40.57 -37.44
CA VAL H 81 73.13 -39.38 -36.91
C VAL H 81 74.49 -39.24 -37.57
N ALA H 82 74.89 -38.00 -37.85
CA ALA H 82 76.20 -37.73 -38.45
C ALA H 82 77.27 -37.97 -37.40
N ILE H 83 77.86 -39.16 -37.40
CA ILE H 83 78.85 -39.55 -36.42
C ILE H 83 79.84 -40.49 -37.10
N GLU H 84 81.07 -40.47 -36.62
CA GLU H 84 82.16 -41.15 -37.30
C GLU H 84 82.24 -42.63 -36.93
N GLY H 85 82.54 -43.45 -37.93
CA GLY H 85 82.82 -44.86 -37.75
C GLY H 85 81.59 -45.76 -37.82
N ARG H 86 81.88 -47.06 -37.96
CA ARG H 86 80.89 -48.10 -38.17
C ARG H 86 80.37 -48.68 -36.85
N TYR H 87 80.69 -48.06 -35.72
CA TYR H 87 80.31 -48.63 -34.44
C TYR H 87 78.78 -48.64 -34.26
N ASN H 88 78.33 -49.58 -33.41
CA ASN H 88 76.92 -49.76 -33.09
C ASN H 88 76.42 -48.67 -32.13
N PHE H 89 76.51 -47.42 -32.59
CA PHE H 89 76.05 -46.32 -31.76
C PHE H 89 74.56 -46.46 -31.44
N PHE H 90 74.16 -45.88 -30.30
CA PHE H 90 72.78 -45.93 -29.84
C PHE H 90 72.24 -47.33 -29.59
N SER H 91 73.09 -48.36 -29.72
CA SER H 91 72.57 -49.72 -29.77
C SER H 91 72.09 -50.21 -28.42
N GLY H 92 72.47 -49.54 -27.33
CA GLY H 92 71.89 -49.82 -26.02
C GLY H 92 70.39 -49.64 -25.95
N SER H 93 69.81 -48.83 -26.83
CA SER H 93 68.35 -48.69 -26.86
C SER H 93 67.64 -49.99 -27.20
N LEU H 94 68.33 -50.92 -27.88
CA LEU H 94 67.74 -52.21 -28.19
C LEU H 94 67.19 -52.90 -26.94
N SER H 95 67.97 -52.90 -25.86
CA SER H 95 67.57 -53.58 -24.63
C SER H 95 66.24 -53.09 -24.07
N THR H 96 65.75 -51.93 -24.51
CA THR H 96 64.49 -51.39 -24.02
C THR H 96 63.45 -51.15 -25.11
N ASP H 97 63.85 -51.06 -26.37
CA ASP H 97 62.88 -50.97 -27.45
C ASP H 97 62.22 -52.31 -27.73
N PHE H 98 62.97 -53.41 -27.66
CA PHE H 98 62.51 -54.70 -28.14
C PHE H 98 62.67 -55.77 -27.06
N ASP H 99 61.79 -56.76 -27.10
CA ASP H 99 61.91 -57.91 -26.23
C ASP H 99 63.14 -58.74 -26.59
N SER H 100 63.87 -59.17 -25.55
CA SER H 100 65.20 -59.72 -25.76
C SER H 100 65.15 -60.97 -26.64
N ASN H 101 64.16 -61.84 -26.41
CA ASN H 101 63.96 -62.98 -27.30
C ASN H 101 63.73 -62.53 -28.74
N SER H 102 63.05 -61.41 -28.93
CA SER H 102 62.67 -60.98 -30.27
C SER H 102 63.85 -60.37 -31.02
N LEU H 103 64.84 -59.84 -30.31
CA LEU H 103 66.12 -59.53 -30.93
C LEU H 103 66.84 -60.80 -31.37
N ARG H 104 66.80 -61.84 -30.55
CA ARG H 104 67.45 -63.10 -30.88
C ARG H 104 66.69 -63.89 -31.94
N ASN H 105 65.39 -63.67 -32.07
CA ASN H 105 64.57 -64.39 -33.04
C ASN H 105 64.86 -63.88 -34.45
N ALA H 106 65.50 -64.72 -35.27
CA ALA H 106 65.83 -64.37 -36.65
C ALA H 106 64.62 -64.25 -37.59
N GLU H 107 63.42 -64.64 -37.18
CA GLU H 107 62.24 -64.37 -37.99
C GLU H 107 61.73 -62.93 -37.89
N ASN H 108 62.33 -62.09 -37.06
CA ASN H 108 61.82 -60.74 -36.88
C ASN H 108 62.55 -59.74 -37.76
N GLU H 109 61.81 -58.72 -38.19
CA GLU H 109 62.34 -57.48 -38.73
C GLU H 109 61.79 -56.30 -37.93
N PHE H 110 62.59 -55.23 -37.88
CA PHE H 110 62.48 -54.22 -36.83
C PHE H 110 62.24 -52.85 -37.43
N THR H 111 61.33 -52.09 -36.83
CA THR H 111 61.04 -50.72 -37.24
C THR H 111 60.87 -49.86 -35.99
N ARG H 112 61.44 -48.67 -36.01
CA ARG H 112 61.22 -47.66 -34.98
C ARG H 112 60.73 -46.37 -35.60
N ILE H 113 59.51 -45.95 -35.22
CA ILE H 113 58.85 -44.78 -35.75
C ILE H 113 58.82 -43.72 -34.66
N GLN H 114 59.57 -42.63 -34.86
CA GLN H 114 59.64 -41.53 -33.90
C GLN H 114 59.09 -40.26 -34.52
N GLN H 115 58.02 -39.71 -33.93
CA GLN H 115 57.56 -38.35 -34.23
C GLN H 115 58.12 -37.37 -33.21
N SER H 116 59.17 -36.66 -33.59
CA SER H 116 59.69 -35.56 -32.79
C SER H 116 58.78 -34.34 -32.87
N ILE H 117 58.39 -33.80 -31.72
CA ILE H 117 57.67 -32.52 -31.67
C ILE H 117 58.66 -31.41 -31.29
N ASN H 118 59.41 -30.91 -32.28
CA ASN H 118 60.43 -29.91 -32.02
C ASN H 118 59.82 -28.58 -31.58
N LEU H 119 60.54 -27.89 -30.69
CA LEU H 119 60.21 -26.51 -30.33
C LEU H 119 61.37 -25.56 -30.64
N TRP H 120 62.56 -25.81 -30.08
CA TRP H 120 63.73 -24.99 -30.31
C TRP H 120 64.94 -25.91 -30.24
N SER H 121 66.08 -25.40 -30.71
CA SER H 121 67.30 -26.17 -30.66
C SER H 121 68.47 -25.29 -30.26
N LEU H 122 69.30 -25.82 -29.35
CA LEU H 122 70.45 -25.11 -28.80
C LEU H 122 71.71 -25.66 -29.45
N ARG H 123 72.60 -24.76 -29.87
CA ARG H 123 73.82 -25.11 -30.57
C ARG H 123 75.01 -24.52 -29.83
N LEU H 124 76.12 -25.23 -29.86
CA LEU H 124 77.32 -24.83 -29.13
C LEU H 124 78.53 -24.92 -30.04
N PRO H 125 79.22 -23.81 -30.31
CA PRO H 125 80.30 -23.83 -31.31
C PRO H 125 81.59 -24.45 -30.78
N SER H 126 82.35 -25.02 -31.71
CA SER H 126 83.62 -25.68 -31.42
C SER H 126 84.76 -24.72 -31.16
N VAL H 127 84.48 -23.53 -30.64
CA VAL H 127 85.53 -22.53 -30.46
C VAL H 127 86.46 -22.94 -29.31
N LYS H 128 87.71 -22.51 -29.41
CA LYS H 128 88.74 -22.83 -28.44
C LYS H 128 88.46 -22.32 -27.03
N SER H 129 87.61 -21.29 -26.89
CA SER H 129 87.29 -20.78 -25.56
C SER H 129 86.35 -21.69 -24.77
N LEU H 130 85.86 -22.79 -25.35
CA LEU H 130 85.04 -23.72 -24.57
C LEU H 130 85.75 -24.18 -23.30
N ARG H 131 87.05 -24.48 -23.41
CA ARG H 131 87.84 -24.88 -22.26
C ARG H 131 87.70 -23.91 -21.09
N GLU H 132 87.56 -22.62 -21.39
CA GLU H 132 87.44 -21.63 -20.30
C GLU H 132 86.12 -21.75 -19.57
N LEU H 133 85.08 -22.27 -20.21
CA LEU H 133 83.78 -22.44 -19.56
C LEU H 133 83.61 -23.76 -18.82
N MET H 134 84.53 -24.72 -18.95
CA MET H 134 84.39 -25.95 -18.17
C MET H 134 84.38 -25.64 -16.68
N LEU H 135 83.62 -26.44 -15.93
CA LEU H 135 83.70 -26.42 -14.48
C LEU H 135 85.12 -26.76 -14.03
N PRO H 136 85.65 -26.10 -13.00
CA PRO H 136 87.06 -26.28 -12.64
C PRO H 136 87.44 -27.73 -12.31
N HIS H 137 86.60 -28.45 -11.58
CA HIS H 137 86.92 -29.84 -11.26
C HIS H 137 86.86 -30.74 -12.49
N MET H 138 85.94 -30.47 -13.41
CA MET H 138 85.91 -31.22 -14.67
C MET H 138 87.17 -30.96 -15.49
N ARG H 139 87.56 -29.69 -15.63
CA ARG H 139 88.81 -29.36 -16.31
C ARG H 139 90.00 -29.97 -15.60
N GLN H 140 90.06 -29.86 -14.27
CA GLN H 140 91.16 -30.45 -13.51
C GLN H 140 91.24 -31.96 -13.73
N GLN H 141 90.09 -32.64 -13.71
CA GLN H 141 90.08 -34.08 -13.92
C GLN H 141 90.59 -34.45 -15.31
N LEU H 142 90.12 -33.73 -16.33
CA LEU H 142 90.60 -33.97 -17.69
C LEU H 142 92.08 -33.63 -17.85
N ASP H 143 92.54 -32.57 -17.18
CA ASP H 143 93.94 -32.18 -17.31
C ASP H 143 94.88 -33.15 -16.62
N GLU H 144 94.45 -33.79 -15.54
CA GLU H 144 95.28 -34.75 -14.82
C GLU H 144 95.09 -36.19 -15.28
N LEU H 145 94.26 -36.43 -16.30
CA LEU H 145 94.04 -37.79 -16.79
C LEU H 145 95.35 -38.42 -17.24
N ASN H 146 95.71 -39.53 -16.61
CA ASN H 146 96.94 -40.25 -16.93
C ASN H 146 96.75 -41.08 -18.20
N VAL H 147 96.91 -40.42 -19.34
CA VAL H 147 96.74 -41.07 -20.63
C VAL H 147 97.82 -42.11 -20.93
N ASN H 148 98.83 -42.24 -20.05
CA ASN H 148 99.77 -43.34 -20.12
C ASN H 148 99.18 -44.68 -19.67
N ASP H 149 98.00 -44.68 -19.05
CA ASP H 149 97.32 -45.92 -18.71
C ASP H 149 96.04 -46.04 -19.52
N PRO H 150 95.92 -47.05 -20.40
CA PRO H 150 94.67 -47.24 -21.13
C PRO H 150 93.46 -47.40 -20.22
N LYS H 151 93.62 -48.04 -19.06
CA LYS H 151 92.48 -48.24 -18.17
C LYS H 151 91.96 -46.92 -17.63
N ALA H 152 92.84 -45.94 -17.40
CA ALA H 152 92.40 -44.63 -16.96
C ALA H 152 91.58 -43.93 -18.04
N ILE H 153 92.05 -43.96 -19.28
CA ILE H 153 91.28 -43.37 -20.38
C ILE H 153 89.95 -44.11 -20.54
N SER H 154 90.00 -45.45 -20.54
CA SER H 154 88.78 -46.24 -20.67
C SER H 154 87.79 -45.92 -19.56
N ARG H 155 88.28 -45.83 -18.32
CA ARG H 155 87.42 -45.42 -17.22
C ARG H 155 86.90 -44.00 -17.40
N TYR H 156 87.73 -43.10 -17.92
CA TYR H 156 87.26 -41.74 -18.18
C TYR H 156 86.14 -41.73 -19.21
N PHE H 157 86.32 -42.40 -20.34
CA PHE H 157 85.24 -42.48 -21.32
C PHE H 157 84.01 -43.15 -20.75
N ASP H 158 84.19 -44.20 -19.96
CA ASP H 158 83.06 -44.84 -19.28
C ASP H 158 82.41 -43.91 -18.27
N ARG H 159 83.21 -43.28 -17.41
CA ARG H 159 82.65 -42.52 -16.30
C ARG H 159 82.14 -41.15 -16.74
N VAL H 160 82.80 -40.52 -17.71
CA VAL H 160 82.48 -39.15 -18.11
C VAL H 160 81.81 -39.08 -19.47
N GLY H 161 81.88 -40.13 -20.27
CA GLY H 161 81.45 -40.09 -21.66
C GLY H 161 82.59 -39.79 -22.60
N SER H 162 82.43 -40.23 -23.85
CA SER H 162 83.42 -39.99 -24.88
C SER H 162 83.18 -38.70 -25.66
N HIS H 163 81.95 -38.19 -25.65
CA HIS H 163 81.58 -37.00 -26.40
C HIS H 163 80.85 -36.05 -25.46
N PHE H 164 80.56 -34.85 -25.95
CA PHE H 164 79.64 -33.96 -25.25
C PHE H 164 78.70 -33.34 -26.27
N LEU H 165 77.48 -33.05 -25.80
CA LEU H 165 76.42 -32.56 -26.67
C LEU H 165 76.72 -31.14 -27.15
N THR H 166 76.66 -30.95 -28.47
CA THR H 166 76.75 -29.64 -29.07
C THR H 166 75.52 -29.25 -29.87
N GLY H 167 74.62 -30.18 -30.16
CA GLY H 167 73.37 -29.87 -30.83
C GLY H 167 72.22 -30.52 -30.09
N ILE H 168 71.24 -29.71 -29.67
CA ILE H 168 70.10 -30.17 -28.90
C ILE H 168 68.83 -29.67 -29.54
N VAL H 169 67.84 -30.54 -29.68
CA VAL H 169 66.48 -30.12 -30.02
C VAL H 169 65.63 -30.37 -28.78
N MET H 170 64.92 -29.34 -28.32
CA MET H 170 64.05 -29.50 -27.16
C MET H 170 62.60 -29.58 -27.61
N GLY H 171 61.90 -30.61 -27.16
CA GLY H 171 60.48 -30.73 -27.45
C GLY H 171 59.86 -31.94 -26.79
N GLY H 172 59.14 -32.70 -27.61
CA GLY H 172 58.56 -33.95 -27.19
C GLY H 172 58.87 -35.01 -28.23
N ARG H 173 58.64 -36.26 -27.87
CA ARG H 173 58.58 -37.31 -28.88
C ARG H 173 57.67 -38.42 -28.41
N ALA H 174 56.94 -39.00 -29.36
CA ALA H 174 56.27 -40.28 -29.18
C ALA H 174 56.93 -41.29 -30.11
N ILE H 175 57.21 -42.48 -29.58
CA ILE H 175 57.88 -43.53 -30.34
C ILE H 175 57.01 -44.77 -30.32
N LEU H 176 56.92 -45.44 -31.46
CA LEU H 176 56.48 -46.82 -31.54
C LEU H 176 57.62 -47.66 -32.11
N ALA H 177 58.05 -48.67 -31.35
CA ALA H 177 59.02 -49.63 -31.81
C ALA H 177 58.33 -50.99 -31.93
N SER H 178 58.64 -51.70 -33.01
CA SER H 178 57.96 -52.95 -33.32
C SER H 178 58.93 -53.94 -33.94
N SER H 179 58.78 -55.21 -33.60
CA SER H 179 59.44 -56.31 -34.26
C SER H 179 58.38 -57.24 -34.83
N THR H 180 58.54 -57.61 -36.10
CA THR H 180 57.47 -58.19 -36.89
C THR H 180 57.97 -59.47 -37.54
N ASN H 181 57.14 -60.51 -37.52
CA ASN H 181 57.52 -61.79 -38.11
C ASN H 181 57.52 -61.63 -39.63
N LYS H 182 58.73 -61.47 -40.19
CA LYS H 182 58.89 -61.16 -41.60
C LYS H 182 58.51 -62.32 -42.51
N LEU H 183 58.33 -63.53 -41.97
CA LEU H 183 57.87 -64.66 -42.77
C LEU H 183 56.36 -64.68 -42.97
N ARG H 184 55.59 -63.95 -42.17
CA ARG H 184 54.15 -64.15 -42.12
C ARG H 184 53.32 -62.88 -42.28
N VAL H 185 53.87 -61.70 -42.02
CA VAL H 185 53.17 -60.45 -42.32
C VAL H 185 53.00 -60.28 -43.82
N LYS H 186 51.87 -59.66 -44.21
CA LYS H 186 51.62 -59.35 -45.61
C LYS H 186 52.73 -58.49 -46.20
N ARG H 187 53.12 -58.83 -47.43
CA ARG H 187 54.18 -58.14 -48.17
C ARG H 187 53.65 -57.14 -49.18
N ASP H 188 52.37 -56.77 -49.09
CA ASP H 188 51.82 -55.76 -50.02
C ASP H 188 52.57 -54.44 -49.92
N TYR H 189 53.03 -54.06 -48.73
CA TYR H 189 53.79 -52.84 -48.55
C TYR H 189 55.01 -53.13 -47.69
N SER H 190 56.00 -52.25 -47.79
CA SER H 190 57.14 -52.31 -46.89
C SER H 190 56.68 -52.09 -45.45
N VAL H 191 57.36 -52.74 -44.51
CA VAL H 191 56.89 -52.75 -43.13
C VAL H 191 57.03 -51.37 -42.51
N SER H 192 57.99 -50.57 -42.96
CA SER H 192 58.06 -49.18 -42.53
C SER H 192 56.83 -48.38 -42.94
N VAL H 193 56.20 -48.73 -44.07
CA VAL H 193 55.00 -48.04 -44.49
C VAL H 193 53.83 -48.38 -43.58
N VAL H 194 53.61 -49.68 -43.33
CA VAL H 194 52.54 -50.09 -42.43
C VAL H 194 52.87 -49.86 -40.97
N ALA H 195 54.16 -49.84 -40.61
CA ALA H 195 54.55 -49.34 -39.29
C ALA H 195 54.15 -47.89 -39.10
N LYS H 196 54.55 -47.01 -40.02
CA LYS H 196 54.16 -45.61 -39.93
C LYS H 196 52.65 -45.44 -39.99
N ALA H 197 52.00 -46.16 -40.90
CA ALA H 197 50.54 -46.05 -41.04
C ALA H 197 49.82 -46.51 -39.78
N SER H 198 50.33 -47.57 -39.13
CA SER H 198 49.72 -48.02 -37.88
C SER H 198 50.05 -47.09 -36.71
N TYR H 199 51.26 -46.53 -36.69
CA TYR H 199 51.54 -45.45 -35.75
C TYR H 199 50.58 -44.28 -35.92
N GLU H 200 50.37 -43.85 -37.16
CA GLU H 200 49.38 -42.81 -37.43
C GLU H 200 47.98 -43.25 -37.02
N GLY H 201 47.66 -44.54 -37.21
CA GLY H 201 46.38 -45.05 -36.74
C GLY H 201 46.24 -44.97 -35.24
N LEU H 202 47.27 -45.40 -34.51
CA LEU H 202 47.20 -45.36 -33.05
C LEU H 202 47.10 -43.93 -32.53
N THR H 203 47.77 -42.98 -33.18
CA THR H 203 47.68 -41.58 -32.79
C THR H 203 46.52 -40.84 -33.43
N GLY H 204 45.78 -41.47 -34.33
CA GLY H 204 44.67 -40.83 -35.00
C GLY H 204 45.04 -39.94 -36.17
N GLN H 205 46.32 -39.88 -36.52
CA GLN H 205 46.77 -39.05 -37.63
C GLN H 205 46.45 -39.65 -39.00
N LEU H 206 46.09 -40.93 -39.05
CA LEU H 206 45.79 -41.59 -40.32
C LEU H 206 44.45 -41.09 -40.86
N SER H 207 44.46 -40.65 -42.11
CA SER H 207 43.24 -40.13 -42.73
C SER H 207 42.26 -41.23 -43.12
N ALA H 208 41.04 -40.79 -43.40
CA ALA H 208 39.97 -41.68 -43.87
C ALA H 208 40.35 -42.54 -45.07
N GLU H 209 40.95 -41.93 -46.10
CA GLU H 209 41.40 -42.73 -47.24
C GLU H 209 42.62 -43.59 -46.91
N ALA H 210 43.54 -43.09 -46.09
CA ALA H 210 44.70 -43.91 -45.74
C ALA H 210 44.28 -45.04 -44.80
N LYS H 211 43.35 -44.74 -43.90
CA LYS H 211 42.77 -45.74 -43.01
C LYS H 211 42.15 -46.91 -43.77
N ALA H 212 41.38 -46.64 -44.81
CA ALA H 212 40.95 -47.71 -45.72
C ALA H 212 42.12 -48.41 -46.41
N LYS H 213 43.03 -47.65 -47.02
CA LYS H 213 44.09 -48.29 -47.80
C LYS H 213 45.03 -49.14 -46.94
N TYR H 214 45.55 -48.55 -45.87
CA TYR H 214 46.40 -49.26 -44.90
C TYR H 214 45.61 -50.17 -43.97
N GLY H 215 44.34 -49.85 -43.70
CA GLY H 215 43.62 -50.51 -42.62
C GLY H 215 43.64 -52.03 -42.66
N GLU H 216 43.47 -52.63 -43.84
CA GLU H 216 43.62 -54.08 -43.91
C GLU H 216 45.08 -54.53 -43.77
N SER H 217 46.04 -53.73 -44.23
CA SER H 217 47.45 -54.11 -44.09
C SER H 217 47.96 -53.97 -42.65
N ILE H 218 47.45 -52.99 -41.89
CA ILE H 218 47.94 -52.76 -40.54
C ILE H 218 47.47 -53.80 -39.53
N SER H 219 46.30 -54.41 -39.75
CA SER H 219 45.88 -55.52 -38.89
C SER H 219 46.83 -56.70 -38.98
N SER H 220 47.25 -57.08 -40.19
CA SER H 220 48.27 -58.13 -40.31
C SER H 220 49.56 -57.73 -39.61
N PHE H 221 50.02 -56.50 -39.83
CA PHE H 221 51.17 -55.98 -39.09
C PHE H 221 50.93 -55.99 -37.59
N THR H 222 49.74 -55.62 -37.15
CA THR H 222 49.46 -55.51 -35.71
C THR H 222 49.55 -56.85 -35.02
N GLN H 223 48.88 -57.88 -35.55
CA GLN H 223 48.85 -59.18 -34.89
C GLN H 223 50.20 -59.89 -34.93
N TYR H 224 50.97 -59.71 -36.00
CA TYR H 224 52.25 -60.38 -36.15
C TYR H 224 53.43 -59.57 -35.62
N SER H 225 53.20 -58.56 -34.79
CA SER H 225 54.31 -57.76 -34.29
C SER H 225 54.05 -57.32 -32.86
N ASN H 226 55.14 -57.07 -32.14
CA ASN H 226 55.14 -56.65 -30.74
C ASN H 226 55.49 -55.16 -30.68
N THR H 227 54.48 -54.30 -30.69
CA THR H 227 54.69 -52.86 -30.72
C THR H 227 54.93 -52.36 -29.29
N HIS H 228 56.19 -52.04 -28.99
CA HIS H 228 56.50 -51.21 -27.83
C HIS H 228 56.14 -49.75 -28.11
N GLN H 229 55.58 -49.09 -27.11
CA GLN H 229 55.19 -47.69 -27.19
C GLN H 229 55.78 -46.91 -26.04
N GLU H 230 56.31 -45.73 -26.34
CA GLU H 230 56.78 -44.82 -25.30
C GLU H 230 56.59 -43.38 -25.78
N VAL H 231 56.61 -42.46 -24.82
CA VAL H 231 56.41 -41.04 -25.09
C VAL H 231 57.24 -40.23 -24.09
N ARG H 232 57.70 -39.07 -24.53
CA ARG H 232 58.68 -38.29 -23.78
C ARG H 232 58.40 -36.81 -23.99
N GLY H 233 58.73 -36.01 -22.97
CA GLY H 233 58.29 -34.63 -22.93
C GLY H 233 56.80 -34.45 -22.77
N GLY H 234 56.39 -33.22 -22.46
CA GLY H 234 55.01 -32.91 -22.20
C GLY H 234 54.54 -33.39 -20.83
N ASP H 235 53.26 -33.14 -20.57
CA ASP H 235 52.66 -33.51 -19.30
C ASP H 235 52.50 -35.02 -19.20
N GLY H 236 53.19 -35.64 -18.24
CA GLY H 236 53.08 -37.07 -18.05
C GLY H 236 51.68 -37.55 -17.70
N ALA H 237 50.83 -36.66 -17.19
CA ALA H 237 49.42 -37.00 -16.98
C ALA H 237 48.63 -37.03 -18.28
N LYS H 238 49.16 -36.46 -19.37
CA LYS H 238 48.53 -36.53 -20.68
C LYS H 238 49.33 -37.36 -21.66
N ALA H 239 50.52 -37.82 -21.27
CA ALA H 239 51.38 -38.52 -22.20
C ALA H 239 50.77 -39.85 -22.63
N HIS H 240 50.10 -40.55 -21.72
CA HIS H 240 49.49 -41.84 -22.04
C HIS H 240 48.31 -41.72 -22.99
N GLY H 241 47.72 -40.53 -23.11
CA GLY H 241 46.65 -40.29 -24.06
C GLY H 241 47.07 -40.24 -25.51
N VAL H 242 48.36 -40.11 -25.81
CA VAL H 242 48.77 -39.90 -27.20
C VAL H 242 48.46 -41.11 -28.05
N PHE H 243 48.53 -42.32 -27.49
CA PHE H 243 48.17 -43.53 -28.22
C PHE H 243 46.73 -43.96 -27.97
N SER H 244 45.90 -43.03 -27.51
CA SER H 244 44.49 -43.28 -27.22
C SER H 244 43.63 -43.43 -28.46
N GLY H 245 44.22 -43.35 -29.65
CA GLY H 245 43.46 -43.45 -30.88
C GLY H 245 42.65 -42.23 -31.24
N LYS H 246 42.77 -41.14 -30.47
CA LYS H 246 41.90 -39.98 -30.61
C LYS H 246 42.77 -38.74 -30.75
N LYS H 247 42.51 -37.96 -31.81
CA LYS H 247 43.33 -36.80 -32.10
C LYS H 247 43.29 -35.77 -30.97
N GLU H 248 42.14 -35.60 -30.34
CA GLU H 248 42.02 -34.63 -29.26
C GLU H 248 42.95 -34.96 -28.09
N ASP H 249 43.15 -36.25 -27.82
CA ASP H 249 44.10 -36.64 -26.77
C ASP H 249 45.54 -36.42 -27.19
N PHE H 250 45.88 -36.77 -28.44
CA PHE H 250 47.22 -36.50 -28.95
C PHE H 250 47.53 -35.01 -28.98
N GLN H 251 46.63 -34.20 -29.50
CA GLN H 251 46.85 -32.75 -29.53
C GLN H 251 46.93 -32.16 -28.12
N ALA H 252 46.12 -32.68 -27.19
CA ALA H 252 46.23 -32.25 -25.80
C ALA H 252 47.60 -32.50 -25.20
N TRP H 253 48.28 -33.59 -25.60
CA TRP H 253 49.67 -33.77 -25.20
C TRP H 253 50.61 -32.78 -25.90
N VAL H 254 50.45 -32.63 -27.21
CA VAL H 254 51.28 -31.66 -27.94
C VAL H 254 51.15 -30.27 -27.33
N ASP H 255 49.94 -29.87 -26.97
CA ASP H 255 49.74 -28.58 -26.31
C ASP H 255 50.44 -28.49 -24.95
N SER H 256 50.86 -29.61 -24.36
CA SER H 256 51.63 -29.58 -23.13
C SER H 256 53.14 -29.69 -23.33
N VAL H 257 53.58 -30.21 -24.48
CA VAL H 257 55.02 -30.26 -24.76
C VAL H 257 55.63 -28.87 -24.76
N SER H 258 54.89 -27.88 -25.25
CA SER H 258 55.38 -26.51 -25.28
C SER H 258 55.70 -25.97 -23.89
N ALA H 259 54.98 -26.41 -22.86
CA ALA H 259 55.28 -25.96 -21.51
C ALA H 259 56.49 -26.67 -20.90
N SER H 260 56.66 -27.96 -21.18
CA SER H 260 57.63 -28.80 -20.47
C SER H 260 58.39 -29.68 -21.44
N PRO H 261 59.23 -29.09 -22.30
CA PRO H 261 59.95 -29.89 -23.29
C PRO H 261 61.13 -30.63 -22.68
N ASP H 262 61.56 -31.67 -23.41
CA ASP H 262 62.74 -32.45 -23.06
C ASP H 262 63.66 -32.56 -24.26
N PHE H 263 64.90 -32.98 -23.98
CA PHE H 263 65.84 -33.41 -25.01
C PHE H 263 65.35 -34.66 -25.75
N VAL H 264 65.00 -34.48 -27.03
CA VAL H 264 64.29 -35.50 -27.79
C VAL H 264 65.05 -35.87 -29.06
N ASP H 265 65.88 -34.97 -29.58
CA ASP H 265 66.56 -35.24 -30.84
C ASP H 265 67.82 -34.40 -30.94
N PHE H 266 68.70 -34.80 -31.87
CA PHE H 266 69.90 -34.06 -32.20
C PHE H 266 69.66 -33.09 -33.36
N VAL H 267 70.46 -32.04 -33.39
CA VAL H 267 70.64 -31.20 -34.58
C VAL H 267 71.53 -31.92 -35.58
N PRO H 268 71.06 -32.20 -36.79
CA PRO H 268 71.78 -33.14 -37.67
C PRO H 268 73.22 -32.72 -37.99
N THR H 269 73.50 -31.42 -38.00
CA THR H 269 74.79 -30.94 -38.48
C THR H 269 75.90 -31.09 -37.44
N ILE H 270 75.59 -30.95 -36.16
CA ILE H 270 76.62 -30.79 -35.14
C ILE H 270 76.16 -31.47 -33.85
N PRO H 271 75.78 -32.74 -33.89
CA PRO H 271 75.09 -33.34 -32.73
C PRO H 271 75.95 -33.38 -31.48
N MET H 272 77.20 -33.83 -31.58
CA MET H 272 78.08 -33.87 -30.43
C MET H 272 79.54 -33.79 -30.88
N GLN H 273 80.40 -33.39 -29.94
CA GLN H 273 81.82 -33.17 -30.19
C GLN H 273 82.62 -34.13 -29.32
N GLU H 274 83.75 -34.59 -29.85
CA GLU H 274 84.62 -35.48 -29.09
C GLU H 274 85.24 -34.80 -27.89
N ILE H 275 85.40 -35.57 -26.81
CA ILE H 275 85.82 -35.04 -25.52
C ILE H 275 87.24 -34.49 -25.55
N TRP H 276 88.13 -35.11 -26.32
CA TRP H 276 89.50 -34.62 -26.49
C TRP H 276 89.59 -33.33 -27.31
N THR H 277 88.47 -32.80 -27.81
CA THR H 277 88.47 -31.42 -28.26
C THR H 277 88.79 -30.45 -27.14
N LEU H 278 88.48 -30.81 -25.89
CA LEU H 278 88.66 -29.92 -24.75
C LEU H 278 90.00 -30.05 -24.05
N CYS H 279 90.79 -31.10 -24.29
CA CYS H 279 92.05 -31.22 -23.60
C CYS H 279 93.08 -30.26 -24.20
N SER H 280 93.92 -29.71 -23.32
CA SER H 280 94.83 -28.62 -23.70
C SER H 280 96.03 -29.08 -24.52
N SER H 281 96.45 -30.34 -24.38
CA SER H 281 97.64 -30.83 -25.07
C SER H 281 97.27 -31.71 -26.25
N GLU H 282 97.84 -31.41 -27.42
CA GLU H 282 97.64 -32.23 -28.59
C GLU H 282 98.18 -33.65 -28.39
N ALA H 283 99.26 -33.77 -27.62
CA ALA H 283 99.77 -35.10 -27.27
C ALA H 283 98.81 -35.86 -26.38
N GLN H 284 98.07 -35.18 -25.51
CA GLN H 284 96.99 -35.83 -24.78
C GLN H 284 95.85 -36.21 -25.70
N ALA H 285 95.47 -35.30 -26.60
CA ALA H 285 94.39 -35.59 -27.55
C ALA H 285 94.73 -36.79 -28.41
N GLU H 286 95.97 -36.88 -28.89
CA GLU H 286 96.40 -38.04 -29.67
C GLU H 286 96.24 -39.34 -28.89
N ALA H 287 96.69 -39.36 -27.63
CA ALA H 287 96.53 -40.57 -26.84
C ALA H 287 95.05 -40.91 -26.59
N MET H 288 94.24 -39.91 -26.26
CA MET H 288 92.82 -40.17 -26.05
C MET H 288 92.12 -40.62 -27.33
N ARG H 289 92.31 -39.89 -28.43
CA ARG H 289 91.71 -40.29 -29.69
C ARG H 289 92.19 -41.67 -30.14
N LYS H 290 93.49 -41.93 -30.01
CA LYS H 290 94.02 -43.26 -30.35
C LYS H 290 93.39 -44.35 -29.49
N HIS H 291 93.26 -44.12 -28.19
CA HIS H 291 92.57 -45.10 -27.34
C HIS H 291 91.11 -45.24 -27.72
N TYR H 292 90.42 -44.13 -28.02
CA TYR H 292 88.99 -44.18 -28.28
C TYR H 292 88.66 -45.16 -29.40
N ASP H 293 89.39 -45.09 -30.51
CA ASP H 293 89.05 -45.84 -31.71
C ASP H 293 89.86 -47.12 -31.85
N ASP H 294 91.01 -47.22 -31.20
CA ASP H 294 91.78 -48.46 -31.18
C ASP H 294 91.23 -49.48 -30.19
N VAL H 295 90.60 -49.02 -29.10
CA VAL H 295 90.25 -49.92 -28.01
C VAL H 295 88.79 -49.74 -27.60
N TRP H 296 88.45 -48.54 -27.12
CA TRP H 296 87.20 -48.38 -26.39
C TRP H 296 85.98 -48.50 -27.29
N ALA H 297 85.95 -47.73 -28.38
CA ALA H 297 84.82 -47.82 -29.30
C ALA H 297 84.67 -49.19 -29.96
N PRO H 298 85.73 -49.88 -30.37
CA PRO H 298 85.59 -51.29 -30.77
C PRO H 298 84.95 -52.17 -29.72
N ALA H 299 85.49 -52.18 -28.50
CA ALA H 299 84.94 -53.01 -27.44
C ALA H 299 83.49 -52.66 -27.13
N GLN H 300 83.18 -51.36 -27.06
CA GLN H 300 81.79 -50.97 -26.82
C GLN H 300 80.86 -51.41 -27.96
N SER H 301 81.31 -51.27 -29.21
CA SER H 301 80.48 -51.71 -30.33
C SER H 301 80.28 -53.23 -30.28
N GLU H 302 81.33 -53.99 -29.98
CA GLU H 302 81.20 -55.44 -29.92
C GLU H 302 80.30 -55.88 -28.78
N LYS H 303 80.38 -55.22 -27.63
CA LYS H 303 79.55 -55.56 -26.49
C LYS H 303 78.08 -55.23 -26.71
N TYR H 304 77.71 -54.70 -27.87
CA TYR H 304 76.32 -54.46 -28.23
C TYR H 304 75.90 -55.26 -29.45
N ARG H 305 76.74 -56.22 -29.87
CA ARG H 305 76.41 -57.09 -30.97
C ARG H 305 75.56 -58.24 -30.47
N VAL H 306 74.48 -58.55 -31.18
CA VAL H 306 73.45 -59.47 -30.71
C VAL H 306 73.52 -60.76 -31.53
N LYS H 307 73.64 -61.88 -30.82
CA LYS H 307 73.56 -63.19 -31.44
C LYS H 307 72.10 -63.52 -31.79
N ALA H 308 71.94 -64.42 -32.75
CA ALA H 308 70.64 -65.04 -32.95
C ALA H 308 70.55 -66.35 -32.18
N ASN H 309 69.32 -66.75 -31.86
CA ASN H 309 69.06 -68.08 -31.35
C ASN H 309 69.43 -69.13 -32.39
N TYR H 310 69.77 -70.32 -31.92
CA TYR H 310 70.20 -71.41 -32.80
C TYR H 310 69.58 -72.73 -32.36
N ILE H 311 69.46 -73.64 -33.33
CA ILE H 311 68.95 -74.99 -33.05
C ILE H 311 70.04 -75.81 -32.40
N ASP H 312 69.72 -76.43 -31.27
CA ASP H 312 70.63 -77.35 -30.60
C ASP H 312 70.15 -78.80 -30.54
N GLN H 313 68.87 -79.07 -30.76
CA GLN H 313 68.37 -80.44 -30.68
C GLN H 313 67.14 -80.59 -31.58
N LEU H 314 67.06 -81.73 -32.25
CA LEU H 314 65.92 -82.09 -33.08
C LEU H 314 65.32 -83.41 -32.62
N VAL H 315 63.99 -83.53 -32.76
CA VAL H 315 63.28 -84.77 -32.50
C VAL H 315 62.14 -84.91 -33.49
N VAL H 316 61.69 -86.14 -33.69
CA VAL H 316 60.55 -86.45 -34.54
C VAL H 316 59.47 -87.10 -33.69
N ILE H 317 58.21 -86.74 -33.94
CA ILE H 317 57.07 -87.28 -33.22
C ILE H 317 56.07 -87.84 -34.24
N THR H 318 55.46 -88.96 -33.87
CA THR H 318 54.60 -89.73 -34.77
C THR H 318 53.31 -90.08 -34.04
N GLY H 319 52.22 -90.10 -34.79
CA GLY H 319 50.94 -90.48 -34.22
C GLY H 319 49.83 -90.41 -35.24
N GLY H 320 48.63 -90.68 -34.75
CA GLY H 320 47.44 -90.91 -35.54
C GLY H 320 46.59 -89.71 -35.88
N SER H 321 47.00 -88.50 -35.56
CA SER H 321 46.17 -87.34 -35.86
C SER H 321 47.04 -86.12 -36.09
N SER H 322 46.44 -85.12 -36.75
CA SER H 322 47.16 -83.90 -37.10
C SER H 322 47.64 -83.17 -35.86
N THR H 323 46.98 -83.35 -34.72
CA THR H 323 47.16 -82.49 -33.56
C THR H 323 48.10 -83.08 -32.53
N ILE H 324 48.81 -84.16 -32.87
CA ILE H 324 49.85 -84.67 -31.99
C ILE H 324 50.89 -83.57 -31.76
N GLU H 325 51.58 -83.65 -30.62
CA GLU H 325 52.22 -82.48 -30.03
C GLU H 325 53.55 -82.88 -29.41
N PRO H 326 54.58 -82.04 -29.54
CA PRO H 326 55.93 -82.46 -29.14
C PRO H 326 56.08 -82.56 -27.64
N PRO H 327 57.19 -83.11 -27.17
CA PRO H 327 57.58 -82.91 -25.76
C PRO H 327 57.74 -81.42 -25.46
N VAL H 328 57.41 -81.06 -24.22
CA VAL H 328 57.14 -79.67 -23.87
C VAL H 328 58.34 -78.77 -24.21
N GLY H 329 59.55 -79.30 -24.14
CA GLY H 329 60.73 -78.50 -24.44
C GLY H 329 60.87 -78.11 -25.90
N TYR H 330 60.18 -78.79 -26.81
CA TYR H 330 60.34 -78.60 -28.24
C TYR H 330 59.15 -77.86 -28.83
N SER H 331 59.34 -77.33 -30.04
CA SER H 331 58.27 -76.77 -30.85
C SER H 331 58.25 -77.45 -32.21
N LYS H 332 57.07 -77.45 -32.83
CA LYS H 332 56.77 -78.34 -33.94
C LYS H 332 56.82 -77.59 -35.27
N ILE H 333 57.46 -78.19 -36.26
CA ILE H 333 57.32 -77.80 -37.66
C ILE H 333 56.03 -78.43 -38.18
N GLU H 334 55.05 -77.59 -38.49
CA GLU H 334 53.67 -78.00 -38.75
C GLU H 334 53.47 -78.73 -40.09
N TYR H 335 54.48 -79.17 -40.83
CA TYR H 335 54.29 -79.85 -42.11
C TYR H 335 54.52 -81.34 -41.94
N ASP H 336 53.52 -82.14 -42.27
CA ASP H 336 53.57 -83.58 -42.03
C ASP H 336 54.56 -84.24 -42.99
N LEU H 337 55.55 -84.95 -42.44
CA LEU H 337 56.52 -85.69 -43.23
C LEU H 337 55.93 -86.93 -43.92
N ASN H 338 54.62 -87.16 -43.82
CA ASN H 338 53.92 -88.09 -44.69
C ASN H 338 52.74 -87.42 -45.39
N ALA H 339 52.78 -86.11 -45.56
CA ALA H 339 51.68 -85.39 -46.19
C ALA H 339 51.35 -86.00 -47.55
N GLY H 340 50.12 -86.50 -47.68
CA GLY H 340 49.67 -87.18 -48.87
C GLY H 340 50.15 -88.61 -48.99
N ALA H 341 51.04 -89.07 -48.12
CA ALA H 341 51.57 -90.42 -48.18
C ALA H 341 50.80 -91.38 -47.29
N GLY H 342 49.78 -90.90 -46.59
CA GLY H 342 49.05 -91.74 -45.66
C GLY H 342 49.90 -92.21 -44.49
N GLY H 343 49.43 -93.27 -43.84
CA GLY H 343 50.12 -93.82 -42.70
C GLY H 343 49.95 -92.98 -41.44
N ASP H 344 51.00 -92.98 -40.62
CA ASP H 344 51.07 -92.09 -39.48
C ASP H 344 51.35 -90.65 -39.91
N PHE H 345 50.78 -89.71 -39.17
CA PHE H 345 51.29 -88.34 -39.18
C PHE H 345 52.67 -88.29 -38.53
N ILE H 346 53.59 -87.58 -39.16
CA ILE H 346 54.96 -87.43 -38.67
C ILE H 346 55.33 -85.96 -38.73
N TYR H 347 55.91 -85.45 -37.64
CA TYR H 347 56.35 -84.06 -37.56
C TYR H 347 57.77 -83.99 -37.02
N LEU H 348 58.53 -83.04 -37.55
CA LEU H 348 59.88 -82.74 -37.08
C LEU H 348 59.81 -81.59 -36.08
N CYS H 349 60.52 -81.74 -34.96
CA CYS H 349 60.47 -80.77 -33.88
C CYS H 349 61.88 -80.40 -33.46
N TYR H 350 62.03 -79.19 -32.93
CA TYR H 350 63.34 -78.63 -32.64
C TYR H 350 63.33 -77.89 -31.31
N HIS H 351 64.52 -77.74 -30.74
CA HIS H 351 64.79 -76.83 -29.64
C HIS H 351 65.72 -75.74 -30.14
N GLU H 352 65.37 -74.48 -29.86
CA GLU H 352 66.23 -73.34 -30.15
C GLU H 352 66.82 -72.79 -28.86
N GLN H 353 68.15 -72.72 -28.83
CA GLN H 353 68.91 -72.41 -27.62
C GLN H 353 69.29 -70.93 -27.60
N THR H 354 69.10 -70.29 -26.46
CA THR H 354 69.63 -68.95 -26.26
C THR H 354 71.14 -69.03 -26.05
N TRP H 355 71.88 -68.22 -26.79
CA TRP H 355 73.32 -68.16 -26.62
C TRP H 355 73.71 -67.56 -25.29
N GLN H 356 74.75 -68.12 -24.68
CA GLN H 356 75.28 -67.68 -23.40
C GLN H 356 76.80 -67.57 -23.50
N ALA H 357 77.34 -66.48 -22.96
CA ALA H 357 78.76 -66.19 -23.16
C ALA H 357 79.64 -67.21 -22.43
N ASP H 358 79.23 -67.65 -21.25
CA ASP H 358 80.06 -68.51 -20.43
C ASP H 358 79.79 -70.00 -20.63
N ARG H 359 78.69 -70.37 -21.28
CA ARG H 359 78.38 -71.78 -21.50
C ARG H 359 77.55 -71.95 -22.76
N PRO H 360 78.08 -71.62 -23.93
CA PRO H 360 77.41 -71.99 -25.18
C PRO H 360 77.35 -73.50 -25.33
N LYS H 361 76.19 -73.99 -25.75
CA LYS H 361 76.03 -75.40 -26.07
C LYS H 361 76.63 -75.69 -27.44
N ASP H 362 76.52 -76.94 -27.89
CA ASP H 362 76.55 -77.22 -29.31
C ASP H 362 75.32 -76.65 -30.00
N ALA H 363 75.52 -76.16 -31.22
CA ALA H 363 74.44 -76.05 -32.21
C ALA H 363 74.40 -77.30 -33.09
N VAL H 364 73.25 -77.53 -33.70
CA VAL H 364 73.19 -78.35 -34.91
C VAL H 364 73.90 -77.60 -36.03
N THR H 365 74.76 -78.30 -36.76
CA THR H 365 75.51 -77.70 -37.86
C THR H 365 75.38 -78.41 -39.19
N ASP H 366 74.91 -79.66 -39.23
CA ASP H 366 74.60 -80.30 -40.51
C ASP H 366 73.48 -81.31 -40.30
N ILE H 367 72.75 -81.58 -41.38
CA ILE H 367 71.68 -82.56 -41.38
C ILE H 367 71.80 -83.39 -42.63
N ARG H 368 71.51 -84.69 -42.51
CA ARG H 368 71.55 -85.61 -43.64
C ARG H 368 70.40 -86.60 -43.51
N ILE H 369 70.01 -87.18 -44.63
CA ILE H 369 69.06 -88.29 -44.67
C ILE H 369 69.77 -89.51 -45.24
N ILE H 370 69.66 -90.65 -44.55
CA ILE H 370 70.50 -91.81 -44.81
C ILE H 370 69.70 -92.99 -45.35
N PHE H 371 68.38 -92.94 -45.30
CA PHE H 371 67.50 -93.97 -45.86
C PHE H 371 67.81 -95.36 -45.29
N ASN H 372 67.55 -96.39 -46.11
CA ASN H 372 67.20 -97.73 -45.65
C ASN H 372 68.23 -98.34 -44.68
N LYS H 373 69.47 -98.54 -45.15
CA LYS H 373 70.45 -99.33 -44.40
C LYS H 373 71.82 -98.69 -44.31
N GLU H 374 72.04 -97.55 -44.96
CA GLU H 374 73.37 -96.95 -44.94
C GLU H 374 73.76 -96.63 -43.50
N PRO H 375 75.01 -96.89 -43.10
CA PRO H 375 75.43 -96.56 -41.74
C PRO H 375 75.39 -95.07 -41.48
N THR H 376 75.19 -94.72 -40.21
CA THR H 376 75.16 -93.32 -39.82
C THR H 376 76.52 -92.68 -40.10
N PRO H 377 76.56 -91.53 -40.77
CA PRO H 377 77.85 -90.91 -41.12
C PRO H 377 78.65 -90.56 -39.88
N PRO H 378 79.97 -90.47 -40.00
CA PRO H 378 80.84 -90.38 -38.83
C PRO H 378 80.52 -89.17 -37.94
N GLY H 379 80.14 -89.46 -36.70
CA GLY H 379 79.83 -88.45 -35.72
C GLY H 379 78.45 -87.85 -35.80
N TYR H 380 77.61 -88.28 -36.73
CA TYR H 380 76.22 -87.84 -36.73
C TYR H 380 75.39 -88.63 -35.74
N THR H 381 74.40 -87.97 -35.16
CA THR H 381 73.31 -88.66 -34.48
C THR H 381 72.23 -89.06 -35.47
N LYS H 382 71.42 -90.03 -35.08
CA LYS H 382 70.31 -90.52 -35.89
C LYS H 382 69.04 -90.55 -35.03
N LEU H 383 67.95 -90.06 -35.61
CA LEU H 383 66.64 -90.21 -34.99
C LEU H 383 66.05 -91.59 -35.30
N PRO H 384 65.52 -92.30 -34.29
CA PRO H 384 65.10 -93.69 -34.52
C PRO H 384 63.80 -93.85 -35.29
N GLN H 385 62.95 -92.82 -35.34
CA GLN H 385 61.69 -92.93 -36.05
C GLN H 385 61.91 -93.03 -37.56
N ASP H 386 61.23 -93.99 -38.19
CA ASP H 386 61.13 -94.03 -39.63
C ASP H 386 60.20 -92.93 -40.13
N LEU H 387 60.72 -92.07 -41.00
CA LEU H 387 59.95 -90.95 -41.54
C LEU H 387 59.04 -91.36 -42.69
N ASN H 388 58.85 -92.66 -42.90
CA ASN H 388 57.71 -93.19 -43.66
C ASN H 388 56.88 -94.16 -42.83
N LYS H 389 57.00 -94.13 -41.51
CA LYS H 389 56.23 -95.02 -40.66
C LYS H 389 54.75 -94.98 -41.03
N GLY H 390 54.20 -96.17 -41.31
CA GLY H 390 52.85 -96.32 -41.81
C GLY H 390 52.65 -95.97 -43.26
N ALA H 391 53.56 -95.21 -43.87
CA ALA H 391 53.40 -94.79 -45.26
C ALA H 391 53.92 -95.82 -46.25
N GLY H 392 54.62 -96.85 -45.77
CA GLY H 392 55.27 -97.82 -46.64
C GLY H 392 56.57 -97.27 -47.21
N GLY H 393 56.79 -97.48 -48.50
CA GLY H 393 57.98 -96.99 -49.14
C GLY H 393 59.26 -97.59 -48.56
N ASP H 394 60.35 -96.86 -48.76
CA ASP H 394 61.61 -97.18 -48.12
C ASP H 394 61.67 -96.60 -46.71
N ASP H 395 62.50 -97.21 -45.87
CA ASP H 395 62.71 -96.69 -44.52
C ASP H 395 63.57 -95.44 -44.56
N VAL H 396 63.05 -94.35 -44.01
CA VAL H 396 63.69 -93.03 -44.07
C VAL H 396 64.09 -92.64 -42.65
N PHE H 397 65.35 -92.24 -42.48
CA PHE H 397 65.86 -91.75 -41.22
C PHE H 397 66.65 -90.47 -41.43
N LEU H 398 66.46 -89.51 -40.54
CA LEU H 398 67.15 -88.23 -40.58
C LEU H 398 68.28 -88.21 -39.54
N CYS H 399 69.46 -87.74 -39.97
CA CYS H 399 70.64 -87.66 -39.14
C CYS H 399 71.12 -86.22 -39.10
N TYR H 400 71.73 -85.82 -37.98
CA TYR H 400 72.26 -84.47 -37.86
C TYR H 400 73.52 -84.48 -37.00
N LYS H 401 74.40 -83.52 -37.30
CA LYS H 401 75.68 -83.34 -36.63
C LYS H 401 75.62 -82.09 -35.76
N THR H 402 76.18 -82.19 -34.55
CA THR H 402 76.26 -81.07 -33.63
C THR H 402 77.72 -80.73 -33.32
N GLU H 403 77.98 -79.43 -33.17
CA GLU H 403 79.32 -78.91 -32.97
C GLU H 403 79.23 -77.67 -32.08
N ALA H 404 80.34 -77.36 -31.42
CA ALA H 404 80.38 -76.20 -30.54
C ALA H 404 79.99 -74.94 -31.30
N TYR H 405 79.29 -74.05 -30.62
CA TYR H 405 78.64 -72.93 -31.27
C TYR H 405 79.64 -72.07 -32.04
N ASN H 406 79.25 -71.69 -33.26
CA ASN H 406 79.94 -70.64 -33.99
C ASN H 406 78.89 -69.92 -34.84
N THR H 407 78.91 -68.59 -34.82
CA THR H 407 77.93 -67.83 -35.60
C THR H 407 78.03 -68.13 -37.09
N ASP H 408 79.20 -68.56 -37.57
CA ASP H 408 79.36 -68.89 -38.98
C ASP H 408 78.59 -70.14 -39.41
N THR H 409 78.18 -70.98 -38.46
CA THR H 409 77.70 -72.31 -38.81
C THR H 409 76.54 -72.81 -37.94
N ALA H 410 76.30 -72.24 -36.76
CA ALA H 410 75.13 -72.63 -35.99
C ALA H 410 73.85 -72.36 -36.77
N ILE H 411 73.10 -73.44 -37.05
CA ILE H 411 71.86 -73.34 -37.79
C ILE H 411 70.84 -72.61 -36.95
N ASN H 412 70.27 -71.52 -37.48
CA ASN H 412 69.30 -70.73 -36.75
C ASN H 412 67.87 -71.24 -36.93
N LYS H 413 67.50 -71.68 -38.12
CA LYS H 413 66.15 -72.17 -38.35
C LYS H 413 66.17 -73.37 -39.30
N VAL H 414 65.14 -74.19 -39.18
CA VAL H 414 64.87 -75.27 -40.13
C VAL H 414 63.39 -75.24 -40.48
N THR H 415 63.06 -75.75 -41.67
CA THR H 415 61.68 -75.95 -42.06
C THR H 415 61.60 -77.12 -43.02
N VAL H 416 60.39 -77.67 -43.17
CA VAL H 416 60.11 -78.76 -44.10
C VAL H 416 59.15 -78.25 -45.16
N ILE H 417 59.50 -78.46 -46.43
CA ILE H 417 58.76 -77.98 -47.58
C ILE H 417 58.44 -79.17 -48.48
N GLY H 418 57.26 -79.13 -49.10
CA GLY H 418 56.86 -80.25 -49.94
C GLY H 418 55.82 -79.86 -50.97
N GLY H 419 55.76 -80.66 -52.02
CA GLY H 419 54.86 -80.39 -53.12
C GLY H 419 54.94 -81.49 -54.15
N ASN H 420 54.26 -81.28 -55.28
CA ASN H 420 54.24 -82.30 -56.32
C ASN H 420 55.53 -82.37 -57.13
N ASN H 421 56.23 -81.25 -57.28
CA ASN H 421 57.46 -81.23 -58.05
C ASN H 421 58.61 -81.77 -57.21
N ALA H 422 59.52 -82.52 -57.85
CA ALA H 422 60.76 -82.89 -57.18
C ALA H 422 61.70 -81.69 -57.04
N ASP H 423 61.82 -80.86 -58.07
CA ASP H 423 62.60 -79.63 -58.03
C ASP H 423 61.82 -78.50 -57.37
N ILE H 424 61.56 -78.61 -56.07
CA ILE H 424 60.82 -77.57 -55.36
C ILE H 424 61.80 -76.57 -54.75
N ASN H 425 61.35 -75.33 -54.62
CA ASN H 425 62.19 -74.23 -54.15
C ASN H 425 62.06 -74.03 -52.65
N ALA H 426 63.21 -73.97 -51.98
CA ALA H 426 63.26 -73.56 -50.59
C ALA H 426 63.04 -72.06 -50.44
N PRO H 427 62.63 -71.61 -49.25
CA PRO H 427 62.56 -70.17 -48.99
C PRO H 427 63.93 -69.52 -49.16
N TYR H 428 63.90 -68.22 -49.44
CA TYR H 428 65.12 -67.50 -49.75
C TYR H 428 66.13 -67.61 -48.61
N GLY H 429 67.37 -67.96 -48.96
CA GLY H 429 68.43 -68.13 -47.99
C GLY H 429 68.46 -69.46 -47.28
N TYR H 430 67.40 -70.25 -47.37
CA TYR H 430 67.44 -71.61 -46.88
C TYR H 430 68.17 -72.53 -47.85
N LEU H 431 68.81 -73.55 -47.31
CA LEU H 431 69.37 -74.66 -48.07
C LEU H 431 68.60 -75.92 -47.73
N LYS H 432 68.09 -76.61 -48.77
CA LYS H 432 67.40 -77.87 -48.56
C LYS H 432 68.39 -79.02 -48.65
N VAL H 433 68.17 -80.05 -47.82
CA VAL H 433 68.95 -81.26 -47.87
C VAL H 433 68.54 -82.13 -49.05
N PRO H 434 69.47 -82.90 -49.63
CA PRO H 434 69.08 -83.88 -50.64
C PRO H 434 68.32 -85.06 -50.05
N GLY H 435 67.50 -85.68 -50.90
CA GLY H 435 66.71 -86.83 -50.51
C GLY H 435 65.29 -86.50 -50.08
N ASP H 436 64.36 -87.38 -50.43
CA ASP H 436 62.94 -87.15 -50.23
C ASP H 436 62.47 -87.91 -48.99
N LEU H 437 61.83 -87.20 -48.07
CA LEU H 437 61.27 -87.81 -46.87
C LEU H 437 60.02 -88.64 -47.16
N ASN H 438 59.61 -88.77 -48.42
CA ASN H 438 58.65 -89.77 -48.85
C ASN H 438 59.19 -90.67 -49.94
N ARG H 439 60.52 -90.79 -50.06
CA ARG H 439 61.10 -91.65 -51.08
C ARG H 439 60.45 -93.02 -51.08
N GLY H 440 59.97 -93.43 -52.25
CA GLY H 440 59.28 -94.69 -52.42
C GLY H 440 57.84 -94.70 -51.93
N ALA H 441 57.44 -93.74 -51.11
CA ALA H 441 56.04 -93.65 -50.71
C ALA H 441 55.27 -92.83 -51.74
N GLY H 442 53.95 -92.79 -51.59
CA GLY H 442 53.15 -91.87 -52.38
C GLY H 442 53.26 -90.43 -51.93
N GLY H 443 52.30 -89.62 -52.35
CA GLY H 443 52.17 -88.24 -51.91
C GLY H 443 53.24 -87.29 -52.43
N ASN H 444 53.40 -86.20 -51.69
CA ASN H 444 54.32 -85.13 -52.05
C ASN H 444 55.77 -85.56 -51.92
N PHE H 445 56.64 -84.89 -52.68
CA PHE H 445 58.04 -84.78 -52.30
C PHE H 445 58.18 -83.85 -51.10
N ILE H 446 59.06 -84.22 -50.18
CA ILE H 446 59.26 -83.46 -48.94
C ILE H 446 60.75 -83.37 -48.63
N TYR H 447 61.21 -82.17 -48.29
CA TYR H 447 62.62 -81.90 -48.06
C TYR H 447 62.77 -81.03 -46.81
N ALA H 448 63.86 -81.24 -46.07
CA ALA H 448 64.22 -80.39 -44.95
C ALA H 448 65.10 -79.22 -45.40
N CYS H 449 64.67 -78.01 -45.09
CA CYS H 449 65.41 -76.78 -45.38
C CYS H 449 66.06 -76.23 -44.12
N THR H 450 67.28 -75.74 -44.27
CA THR H 450 68.09 -75.24 -43.16
C THR H 450 68.49 -73.80 -43.46
N PHE H 451 68.54 -72.98 -42.40
CA PHE H 451 68.89 -71.57 -42.52
C PHE H 451 69.94 -71.19 -41.49
N VAL H 452 70.99 -70.51 -41.94
CA VAL H 452 72.04 -69.99 -41.07
C VAL H 452 72.13 -68.48 -41.29
N GLY H 453 72.07 -67.73 -40.20
CA GLY H 453 72.13 -66.29 -40.26
C GLY H 453 73.53 -65.73 -40.51
N LYS H 454 74.55 -66.44 -40.04
CA LYS H 454 75.91 -65.91 -40.04
C LYS H 454 75.96 -64.61 -39.26
N THR I 1 64.91 -24.52 0.29
CA THR I 1 64.24 -25.83 0.03
C THR I 1 65.11 -26.70 -0.87
N VAL I 2 65.46 -27.88 -0.37
CA VAL I 2 66.32 -28.80 -1.10
C VAL I 2 65.47 -29.66 -2.03
N LEU I 3 66.02 -29.97 -3.20
CA LEU I 3 65.32 -30.82 -4.14
C LEU I 3 65.20 -32.24 -3.58
N PRO I 4 64.03 -32.87 -3.69
CA PRO I 4 63.92 -34.27 -3.27
C PRO I 4 64.92 -35.15 -4.01
N GLY I 5 65.65 -35.97 -3.25
CA GLY I 5 66.65 -36.86 -3.80
C GLY I 5 68.07 -36.49 -3.43
N VAL I 6 68.31 -35.25 -3.01
CA VAL I 6 69.61 -34.85 -2.51
C VAL I 6 69.99 -35.65 -1.28
N GLU I 7 69.01 -36.10 -0.50
CA GLU I 7 69.27 -37.00 0.62
C GLU I 7 69.72 -38.38 0.16
N ALA I 8 69.42 -38.78 -1.08
CA ALA I 8 69.61 -40.14 -1.54
C ALA I 8 70.80 -40.31 -2.46
N ILE I 9 71.20 -39.28 -3.20
CA ILE I 9 72.46 -39.33 -3.92
C ILE I 9 73.61 -39.44 -2.90
N GLY I 10 74.71 -40.05 -3.33
CA GLY I 10 75.86 -40.24 -2.48
C GLY I 10 75.68 -41.24 -1.35
N LEU I 11 74.47 -41.77 -1.18
CA LEU I 11 74.21 -42.80 -0.18
C LEU I 11 75.07 -44.04 -0.44
N GLY I 12 75.75 -44.51 0.60
CA GLY I 12 76.56 -45.71 0.47
C GLY I 12 75.67 -46.93 0.30
N TYR I 13 75.99 -47.76 -0.69
CA TYR I 13 75.04 -48.71 -1.26
C TYR I 13 75.66 -50.10 -1.31
N ASN I 14 74.84 -51.12 -1.04
CA ASN I 14 75.26 -52.51 -1.26
C ASN I 14 74.54 -53.08 -2.47
N PRO I 15 75.23 -53.29 -3.59
CA PRO I 15 74.56 -53.83 -4.79
C PRO I 15 73.73 -55.08 -4.59
N PHE I 16 74.28 -56.04 -3.82
CA PHE I 16 73.61 -57.32 -3.60
C PHE I 16 72.29 -57.23 -2.84
N ILE I 17 72.16 -56.33 -1.87
CA ILE I 17 70.94 -56.33 -1.07
C ILE I 17 69.71 -56.09 -1.93
N SER I 18 69.74 -55.10 -2.82
CA SER I 18 68.54 -54.87 -3.60
C SER I 18 68.84 -54.01 -4.82
N TYR I 19 67.83 -53.89 -5.69
CA TYR I 19 67.90 -53.07 -6.89
C TYR I 19 67.12 -51.78 -6.67
N ALA I 20 67.78 -50.64 -6.87
CA ALA I 20 67.10 -49.37 -7.03
C ALA I 20 66.21 -49.05 -5.83
N SER I 21 66.64 -49.48 -4.65
CA SER I 21 65.95 -49.19 -3.40
C SER I 21 66.93 -48.61 -2.40
N VAL I 22 66.45 -47.64 -1.62
CA VAL I 22 67.29 -47.01 -0.61
C VAL I 22 67.54 -47.90 0.59
N ASN I 23 66.69 -48.91 0.81
CA ASN I 23 66.93 -49.90 1.85
C ASN I 23 68.23 -50.65 1.65
N SER I 24 68.78 -50.64 0.43
CA SER I 24 70.06 -51.29 0.16
C SER I 24 71.26 -50.43 0.50
N GLY I 25 71.09 -49.19 0.94
CA GLY I 25 72.21 -48.35 1.34
C GLY I 25 72.18 -48.00 2.82
N ALA I 26 73.37 -47.97 3.42
CA ALA I 26 73.58 -47.68 4.83
C ALA I 26 74.21 -46.30 5.06
N VAL I 27 73.36 -45.30 5.31
CA VAL I 27 73.75 -43.94 5.73
C VAL I 27 74.44 -43.15 4.61
N GLN I 28 74.36 -41.82 4.71
CA GLN I 28 74.84 -40.90 3.69
C GLN I 28 76.28 -40.51 4.02
N LEU I 29 77.19 -40.76 3.06
CA LEU I 29 78.59 -40.39 3.23
C LEU I 29 78.90 -38.90 3.07
N PHE I 30 78.12 -38.15 2.30
CA PHE I 30 78.47 -36.75 2.01
C PHE I 30 77.58 -35.76 2.76
N ASP I 31 78.19 -34.65 3.17
CA ASP I 31 77.53 -33.60 3.94
C ASP I 31 77.08 -32.54 2.93
N TRP I 32 75.76 -32.39 2.77
CA TRP I 32 75.24 -31.40 1.84
C TRP I 32 74.46 -30.27 2.51
N ALA I 33 74.39 -30.23 3.84
CA ALA I 33 73.80 -29.06 4.47
C ALA I 33 74.77 -27.89 4.43
N THR I 34 76.04 -28.16 4.75
CA THR I 34 77.08 -27.14 4.74
C THR I 34 77.42 -26.69 3.33
N ALA I 35 77.41 -27.61 2.37
CA ALA I 35 77.92 -27.31 1.04
C ALA I 35 77.13 -26.18 0.37
N LYS I 36 77.84 -25.46 -0.50
CA LYS I 36 77.26 -24.39 -1.31
C LYS I 36 76.16 -24.94 -2.20
N LYS I 37 75.01 -24.26 -2.21
CA LYS I 37 73.85 -24.66 -2.98
C LYS I 37 73.82 -24.01 -4.36
N ARG I 38 73.06 -24.65 -5.25
CA ARG I 38 72.68 -24.11 -6.56
C ARG I 38 71.18 -24.28 -6.73
N GLU I 39 70.54 -23.29 -7.33
CA GLU I 39 69.12 -23.42 -7.66
C GLU I 39 68.94 -24.32 -8.87
N VAL I 40 67.88 -25.13 -8.84
CA VAL I 40 67.59 -26.06 -9.92
C VAL I 40 67.00 -25.31 -11.11
N PRO I 41 67.60 -25.37 -12.29
CA PRO I 41 67.12 -24.52 -13.39
C PRO I 41 65.65 -24.70 -13.72
N PHE I 42 65.19 -25.94 -13.78
CA PHE I 42 63.82 -26.25 -14.16
C PHE I 42 62.83 -26.22 -13.00
N LYS I 43 63.30 -26.11 -11.75
CA LYS I 43 62.43 -26.07 -10.56
C LYS I 43 62.91 -24.95 -9.65
N ALA I 44 62.71 -23.71 -10.10
CA ALA I 44 62.98 -22.55 -9.28
C ALA I 44 62.26 -22.62 -7.95
N GLY I 45 62.96 -22.29 -6.87
CA GLY I 45 62.52 -22.55 -5.51
C GLY I 45 63.03 -23.84 -4.90
N TYR I 46 63.74 -24.68 -5.65
CA TYR I 46 64.42 -25.83 -5.10
C TYR I 46 65.92 -25.71 -5.37
N PHE I 47 66.72 -26.20 -4.43
CA PHE I 47 68.17 -26.04 -4.50
C PHE I 47 68.86 -27.39 -4.35
N VAL I 48 70.07 -27.47 -4.89
CA VAL I 48 70.91 -28.65 -4.77
C VAL I 48 72.33 -28.18 -4.46
N PRO I 49 73.14 -29.04 -3.85
CA PRO I 49 74.57 -28.73 -3.77
C PRO I 49 75.16 -28.58 -5.16
N GLU I 50 76.07 -27.61 -5.30
CA GLU I 50 76.53 -27.24 -6.63
C GLU I 50 77.30 -28.38 -7.31
N ILE I 51 77.76 -29.36 -6.54
CA ILE I 51 78.53 -30.45 -7.13
C ILE I 51 77.65 -31.33 -8.01
N VAL I 52 76.41 -31.55 -7.60
CA VAL I 52 75.56 -32.50 -8.32
C VAL I 52 74.99 -31.85 -9.57
N ASP I 53 74.87 -32.66 -10.61
CA ASP I 53 74.22 -32.29 -11.87
C ASP I 53 72.84 -32.94 -11.90
N VAL I 54 71.80 -32.12 -11.97
CA VAL I 54 70.43 -32.63 -12.01
C VAL I 54 69.87 -32.35 -13.40
N GLN I 55 69.43 -33.42 -14.07
CA GLN I 55 68.77 -33.35 -15.36
C GLN I 55 67.30 -33.73 -15.17
N GLN I 56 66.40 -32.92 -15.72
CA GLN I 56 65.04 -33.40 -15.89
C GLN I 56 65.02 -34.48 -16.96
N ASN I 57 64.25 -35.53 -16.72
CA ASN I 57 64.10 -36.60 -17.70
C ASN I 57 62.71 -37.23 -17.58
N ASP I 58 61.67 -36.39 -17.53
CA ASP I 58 60.32 -36.88 -17.34
C ASP I 58 59.91 -37.85 -18.45
N SER I 59 59.84 -39.14 -18.10
CA SER I 59 59.68 -40.20 -19.09
C SER I 59 59.28 -41.48 -18.37
N ALA I 60 58.03 -41.88 -18.54
CA ALA I 60 57.56 -43.21 -18.19
C ALA I 60 58.28 -44.25 -19.03
N THR I 61 58.84 -45.26 -18.36
CA THR I 61 59.86 -46.11 -18.94
C THR I 61 59.70 -47.52 -18.41
N TYR I 62 60.22 -48.49 -19.16
CA TYR I 62 60.14 -49.90 -18.80
C TYR I 62 61.53 -50.47 -18.55
N THR I 63 61.66 -51.26 -17.50
CA THR I 63 62.78 -52.18 -17.33
C THR I 63 62.20 -53.57 -17.09
N ASN I 64 62.53 -54.51 -17.97
CA ASN I 64 62.01 -55.87 -17.87
C ASN I 64 63.16 -56.87 -17.81
N VAL I 65 63.04 -57.83 -16.90
CA VAL I 65 64.05 -58.85 -16.67
C VAL I 65 63.35 -60.20 -16.73
N SER I 66 63.96 -61.17 -17.39
CA SER I 66 63.33 -62.47 -17.55
C SER I 66 64.40 -63.54 -17.66
N GLY I 67 63.99 -64.78 -17.37
CA GLY I 67 64.85 -65.93 -17.55
C GLY I 67 64.11 -67.25 -17.44
N ASN I 68 64.49 -68.22 -18.26
CA ASN I 68 63.85 -69.53 -18.23
C ASN I 68 64.16 -70.25 -16.92
N THR I 69 65.18 -69.79 -16.20
CA THR I 69 65.59 -70.38 -14.93
C THR I 69 66.19 -69.29 -14.06
N ILE I 70 66.21 -69.54 -12.75
CA ILE I 70 66.62 -68.50 -11.81
C ILE I 70 68.04 -68.07 -12.08
N SER I 71 68.94 -69.02 -12.36
CA SER I 71 70.33 -68.67 -12.61
C SER I 71 70.45 -67.82 -13.86
N GLU I 72 69.50 -67.96 -14.79
CA GLU I 72 69.43 -67.04 -15.92
C GLU I 72 68.83 -65.69 -15.52
N TYR I 73 67.72 -65.72 -14.78
CA TYR I 73 67.12 -64.49 -14.29
C TYR I 73 68.10 -63.68 -13.43
N GLN I 74 68.86 -64.37 -12.58
CA GLN I 74 69.86 -63.69 -11.77
C GLN I 74 70.93 -63.01 -12.61
N ARG I 75 71.23 -63.54 -13.80
CA ARG I 75 72.21 -62.89 -14.65
C ARG I 75 71.60 -61.78 -15.50
N SER I 76 70.39 -61.98 -16.03
CA SER I 76 69.71 -60.89 -16.73
C SER I 76 69.35 -59.75 -15.77
N LEU I 77 69.13 -60.05 -14.50
CA LEU I 77 69.00 -59.00 -13.49
C LEU I 77 70.33 -58.29 -13.25
N ALA I 78 71.39 -59.06 -12.98
CA ALA I 78 72.69 -58.47 -12.69
C ALA I 78 73.18 -57.58 -13.82
N THR I 79 72.98 -58.00 -15.08
CA THR I 79 73.39 -57.24 -16.24
C THR I 79 72.44 -56.11 -16.61
N SER I 80 71.36 -55.91 -15.86
CA SER I 80 70.47 -54.79 -16.12
C SER I 80 71.07 -53.45 -15.72
N VAL I 81 72.24 -53.44 -15.11
CA VAL I 81 72.92 -52.23 -14.69
C VAL I 81 74.38 -52.34 -15.10
N ALA I 82 74.97 -51.22 -15.52
CA ALA I 82 76.38 -51.20 -15.89
C ALA I 82 77.23 -51.31 -14.64
N ILE I 83 77.67 -52.53 -14.32
CA ILE I 83 78.42 -52.79 -13.11
C ILE I 83 79.38 -53.94 -13.40
N GLU I 84 80.52 -53.92 -12.70
CA GLU I 84 81.61 -54.82 -13.05
C GLU I 84 81.45 -56.20 -12.40
N GLY I 85 81.80 -57.23 -13.17
CA GLY I 85 81.87 -58.59 -12.67
C GLY I 85 80.58 -59.38 -12.81
N ARG I 86 80.73 -60.68 -12.65
CA ARG I 86 79.66 -61.67 -12.85
C ARG I 86 78.86 -61.92 -11.58
N TYR I 87 79.06 -61.12 -10.53
CA TYR I 87 78.40 -61.38 -9.26
C TYR I 87 76.88 -61.23 -9.38
N ASN I 88 76.18 -61.92 -8.47
CA ASN I 88 74.73 -61.92 -8.40
C ASN I 88 74.21 -60.62 -7.77
N PHE I 89 74.52 -59.50 -8.41
CA PHE I 89 74.07 -58.22 -7.90
C PHE I 89 72.54 -58.16 -7.85
N PHE I 90 72.04 -57.34 -6.93
CA PHE I 90 70.59 -57.17 -6.73
C PHE I 90 69.86 -58.44 -6.34
N SER I 91 70.58 -59.54 -6.13
CA SER I 91 69.92 -60.84 -6.02
C SER I 91 69.17 -61.00 -4.71
N GLY I 92 69.43 -60.15 -3.71
CA GLY I 92 68.62 -60.12 -2.51
C GLY I 92 67.15 -59.79 -2.75
N SER I 93 66.83 -59.12 -3.86
CA SER I 93 65.43 -58.87 -4.19
C SER I 93 64.64 -60.15 -4.43
N LEU I 94 65.31 -61.25 -4.77
CA LEU I 94 64.63 -62.53 -4.95
C LEU I 94 63.80 -62.90 -3.73
N SER I 95 64.37 -62.75 -2.53
CA SER I 95 63.70 -63.12 -1.30
C SER I 95 62.36 -62.41 -1.10
N THR I 96 62.10 -61.33 -1.82
CA THR I 96 60.85 -60.59 -1.68
C THR I 96 60.04 -60.49 -2.97
N ASP I 97 60.65 -60.69 -4.13
CA ASP I 97 59.90 -60.75 -5.37
C ASP I 97 59.13 -62.05 -5.52
N PHE I 98 59.72 -63.16 -5.11
CA PHE I 98 59.20 -64.48 -5.43
C PHE I 98 59.04 -65.32 -4.16
N ASP I 99 58.07 -66.22 -4.19
CA ASP I 99 57.90 -67.18 -3.11
C ASP I 99 59.06 -68.17 -3.07
N SER I 100 59.54 -68.44 -1.86
CA SER I 100 60.82 -69.14 -1.71
C SER I 100 60.76 -70.53 -2.33
N ASN I 101 59.65 -71.25 -2.15
CA ASN I 101 59.47 -72.52 -2.83
C ASN I 101 59.54 -72.36 -4.35
N SER I 102 59.05 -71.24 -4.86
CA SER I 102 58.95 -71.05 -6.32
C SER I 102 60.30 -70.71 -6.92
N LEU I 103 61.21 -70.14 -6.14
CA LEU I 103 62.61 -70.07 -6.56
C LEU I 103 63.23 -71.46 -6.62
N ARG I 104 62.93 -72.31 -5.64
CA ARG I 104 63.46 -73.66 -5.61
C ARG I 104 62.80 -74.58 -6.63
N ASN I 105 61.58 -74.27 -7.05
CA ASN I 105 60.84 -75.10 -8.01
C ASN I 105 61.43 -74.91 -9.41
N ALA I 106 62.09 -75.96 -9.92
CA ALA I 106 62.69 -75.93 -11.25
C ALA I 106 61.68 -75.89 -12.40
N GLU I 107 60.38 -76.08 -12.16
CA GLU I 107 59.40 -75.88 -13.22
C GLU I 107 59.07 -74.42 -13.48
N ASN I 108 59.61 -73.47 -12.73
CA ASN I 108 59.25 -72.07 -12.89
C ASN I 108 60.24 -71.34 -13.79
N GLU I 109 59.70 -70.37 -14.53
CA GLU I 109 60.46 -69.31 -15.18
C GLU I 109 59.94 -67.96 -14.72
N PHE I 110 60.84 -66.97 -14.71
CA PHE I 110 60.69 -65.77 -13.91
C PHE I 110 60.72 -64.53 -14.79
N THR I 111 59.82 -63.59 -14.51
CA THR I 111 59.76 -62.31 -15.20
C THR I 111 59.48 -61.21 -14.19
N ARG I 112 60.21 -60.09 -14.32
CA ARG I 112 59.95 -58.89 -13.54
C ARG I 112 59.71 -57.71 -14.48
N ILE I 113 58.52 -57.12 -14.41
CA ILE I 113 58.10 -56.02 -15.28
C ILE I 113 58.02 -54.77 -14.43
N GLN I 114 58.91 -53.80 -14.66
CA GLN I 114 58.96 -52.54 -13.93
C GLN I 114 58.68 -51.38 -14.87
N GLN I 115 57.61 -50.64 -14.59
CA GLN I 115 57.37 -49.33 -15.22
C GLN I 115 57.87 -48.22 -14.31
N SER I 116 59.05 -47.69 -14.61
CA SER I 116 59.55 -46.50 -13.93
C SER I 116 58.82 -45.25 -14.41
N ILE I 117 58.31 -44.46 -13.47
CA ILE I 117 57.76 -43.14 -13.79
C ILE I 117 58.79 -42.06 -13.45
N ASN I 118 59.75 -41.84 -14.35
CA ASN I 118 60.83 -40.90 -14.09
C ASN I 118 60.34 -39.47 -14.02
N LEU I 119 60.96 -38.66 -13.15
CA LEU I 119 60.76 -37.22 -13.12
C LEU I 119 62.05 -36.46 -13.36
N TRP I 120 63.09 -36.69 -12.56
CA TRP I 120 64.38 -36.04 -12.72
C TRP I 120 65.43 -37.02 -12.26
N SER I 121 66.70 -36.73 -12.58
CA SER I 121 67.79 -37.58 -12.16
C SER I 121 68.97 -36.74 -11.72
N LEU I 122 69.56 -37.14 -10.60
CA LEU I 122 70.68 -36.44 -9.98
C LEU I 122 71.96 -37.21 -10.26
N ARG I 123 73.00 -36.50 -10.66
CA ARG I 123 74.28 -37.10 -11.05
C ARG I 123 75.38 -36.48 -10.21
N LEU I 124 76.40 -37.27 -9.91
CA LEU I 124 77.50 -36.84 -9.05
C LEU I 124 78.82 -37.21 -9.69
N PRO I 125 79.68 -36.25 -10.02
CA PRO I 125 80.90 -36.56 -10.77
C PRO I 125 81.99 -37.16 -9.91
N SER I 126 82.83 -37.97 -10.56
CA SER I 126 83.93 -38.67 -9.92
C SER I 126 85.14 -37.79 -9.63
N VAL I 127 84.91 -36.49 -9.40
CA VAL I 127 86.03 -35.57 -9.21
C VAL I 127 86.70 -35.82 -7.86
N LYS I 128 87.99 -35.53 -7.79
CA LYS I 128 88.80 -35.74 -6.60
C LYS I 128 88.34 -34.94 -5.39
N SER I 129 87.62 -33.82 -5.60
CA SER I 129 87.14 -33.04 -4.46
C SER I 129 85.99 -33.69 -3.72
N LEU I 130 85.47 -34.83 -4.16
CA LEU I 130 84.42 -35.51 -3.40
C LEU I 130 84.85 -35.76 -1.96
N ARG I 131 86.10 -36.19 -1.77
CA ARG I 131 86.63 -36.41 -0.43
C ARG I 131 86.41 -35.21 0.49
N GLU I 132 86.48 -34.01 -0.05
CA GLU I 132 86.31 -32.81 0.78
C GLU I 132 84.87 -32.66 1.27
N LEU I 133 83.90 -33.21 0.55
CA LEU I 133 82.50 -33.14 0.97
C LEU I 133 82.06 -34.26 1.89
N MET I 134 82.85 -35.30 2.11
CA MET I 134 82.44 -36.33 3.06
C MET I 134 82.22 -35.74 4.45
N LEU I 135 81.25 -36.30 5.16
CA LEU I 135 81.09 -36.00 6.58
C LEU I 135 82.37 -36.36 7.34
N PRO I 136 82.78 -35.55 8.31
CA PRO I 136 84.08 -35.79 8.95
C PRO I 136 84.22 -37.15 9.61
N HIS I 137 83.19 -37.64 10.29
CA HIS I 137 83.28 -38.96 10.92
C HIS I 137 83.32 -40.08 9.89
N MET I 138 82.60 -39.92 8.77
CA MET I 138 82.70 -40.90 7.69
C MET I 138 84.10 -40.92 7.09
N ARG I 139 84.65 -39.74 6.79
CA ARG I 139 86.02 -39.67 6.31
C ARG I 139 87.01 -40.23 7.33
N GLN I 140 86.85 -39.85 8.60
CA GLN I 140 87.73 -40.37 9.64
C GLN I 140 87.66 -41.89 9.73
N GLN I 141 86.45 -42.45 9.66
CA GLN I 141 86.30 -43.91 9.72
C GLN I 141 86.98 -44.59 8.54
N LEU I 142 86.79 -44.05 7.34
CA LEU I 142 87.45 -44.60 6.16
C LEU I 142 88.97 -44.44 6.23
N ASP I 143 89.44 -43.31 6.76
CA ASP I 143 90.88 -43.06 6.82
C ASP I 143 91.56 -43.96 7.85
N GLU I 144 90.88 -44.33 8.92
CA GLU I 144 91.45 -45.19 9.95
C GLU I 144 91.17 -46.68 9.73
N LEU I 145 90.51 -47.04 8.63
CA LEU I 145 90.20 -48.44 8.37
C LEU I 145 91.48 -49.26 8.30
N ASN I 146 91.59 -50.26 9.17
CA ASN I 146 92.76 -51.13 9.24
C ASN I 146 92.69 -52.18 8.13
N VAL I 147 93.12 -51.78 6.93
CA VAL I 147 93.09 -52.66 5.77
C VAL I 147 94.06 -53.82 5.88
N ASN I 148 94.88 -53.86 6.93
CA ASN I 148 95.69 -55.04 7.25
C ASN I 148 94.87 -56.19 7.81
N ASP I 149 93.62 -55.97 8.20
CA ASP I 149 92.74 -57.05 8.62
C ASP I 149 91.61 -57.23 7.63
N PRO I 150 91.52 -58.37 6.93
CA PRO I 150 90.39 -58.60 6.03
C PRO I 150 89.04 -58.47 6.70
N LYS I 151 88.92 -58.87 7.97
CA LYS I 151 87.64 -58.79 8.65
C LYS I 151 87.19 -57.33 8.83
N ALA I 152 88.14 -56.42 9.05
CA ALA I 152 87.79 -55.01 9.14
C ALA I 152 87.25 -54.47 7.83
N ILE I 153 87.91 -54.79 6.71
CA ILE I 153 87.42 -54.37 5.40
C ILE I 153 86.06 -55.02 5.14
N SER I 154 85.94 -56.32 5.39
CA SER I 154 84.68 -57.02 5.18
C SER I 154 83.56 -56.39 6.01
N ARG I 155 83.84 -56.10 7.27
CA ARG I 155 82.87 -55.40 8.10
C ARG I 155 82.56 -54.00 7.58
N TYR I 156 83.57 -53.31 7.07
CA TYR I 156 83.32 -51.99 6.48
C TYR I 156 82.39 -52.08 5.27
N PHE I 157 82.68 -52.99 4.33
CA PHE I 157 81.78 -53.17 3.19
C PHE I 157 80.39 -53.59 3.65
N ASP I 158 80.31 -54.49 4.63
CA ASP I 158 79.02 -54.87 5.19
C ASP I 158 78.32 -53.70 5.87
N ARG I 159 79.04 -52.98 6.73
CA ARG I 159 78.40 -51.97 7.56
C ARG I 159 78.14 -50.68 6.79
N VAL I 160 79.03 -50.31 5.86
CA VAL I 160 78.94 -49.03 5.18
C VAL I 160 78.52 -49.18 3.72
N GLY I 161 78.60 -50.38 3.14
CA GLY I 161 78.42 -50.58 1.73
C GLY I 161 79.74 -50.57 0.97
N SER I 162 79.73 -51.24 -0.17
CA SER I 162 80.90 -51.30 -1.04
C SER I 162 80.96 -50.18 -2.07
N HIS I 163 79.82 -49.57 -2.38
CA HIS I 163 79.72 -48.53 -3.39
C HIS I 163 78.97 -47.35 -2.79
N PHE I 164 78.91 -46.25 -3.54
CA PHE I 164 78.00 -45.16 -3.21
C PHE I 164 77.32 -44.67 -4.47
N LEU I 165 76.09 -44.19 -4.31
CA LEU I 165 75.25 -43.80 -5.44
C LEU I 165 75.80 -42.54 -6.10
N THR I 166 75.98 -42.61 -7.42
CA THR I 166 76.34 -41.46 -8.23
C THR I 166 75.31 -41.13 -9.30
N GLY I 167 74.37 -42.03 -9.57
CA GLY I 167 73.30 -41.74 -10.51
C GLY I 167 71.97 -42.13 -9.89
N ILE I 168 71.05 -41.18 -9.82
CA ILE I 168 69.74 -41.37 -9.20
C ILE I 168 68.67 -40.90 -10.16
N VAL I 169 67.61 -41.69 -10.33
CA VAL I 169 66.40 -41.23 -10.98
C VAL I 169 65.33 -41.15 -9.90
N MET I 170 64.67 -39.99 -9.77
CA MET I 170 63.61 -39.84 -8.79
C MET I 170 62.26 -39.87 -9.48
N GLY I 171 61.38 -40.73 -8.99
CA GLY I 171 60.02 -40.78 -9.52
C GLY I 171 59.16 -41.77 -8.78
N GLY I 172 58.49 -42.62 -9.57
CA GLY I 172 57.70 -43.71 -9.04
C GLY I 172 58.04 -44.97 -9.80
N ARG I 173 57.62 -46.11 -9.25
CA ARG I 173 57.60 -47.33 -10.05
C ARG I 173 56.49 -48.24 -9.57
N ALA I 174 55.86 -48.93 -10.52
CA ALA I 174 55.02 -50.09 -10.25
C ALA I 174 55.70 -51.31 -10.82
N ILE I 175 55.74 -52.40 -10.05
CA ILE I 175 56.40 -53.63 -10.46
C ILE I 175 55.40 -54.76 -10.38
N LEU I 176 55.42 -55.63 -11.38
CA LEU I 176 54.83 -56.96 -11.28
C LEU I 176 55.93 -57.99 -11.46
N ALA I 177 56.10 -58.85 -10.46
CA ALA I 177 57.02 -59.98 -10.55
C ALA I 177 56.20 -61.26 -10.55
N SER I 178 56.59 -62.21 -11.41
CA SER I 178 55.82 -63.42 -11.60
C SER I 178 56.76 -64.60 -11.84
N SER I 179 56.39 -65.76 -11.30
CA SER I 179 57.02 -67.03 -11.61
C SER I 179 55.97 -67.96 -12.20
N THR I 180 56.29 -68.58 -13.32
CA THR I 180 55.31 -69.21 -14.19
C THR I 180 55.75 -70.64 -14.48
N ASN I 181 54.81 -71.58 -14.42
CA ASN I 181 55.12 -72.97 -14.70
C ASN I 181 55.41 -73.13 -16.19
N LYS I 182 56.69 -73.19 -16.53
CA LYS I 182 57.12 -73.19 -17.93
C LYS I 182 56.76 -74.47 -18.66
N LEU I 183 56.34 -75.52 -17.95
CA LEU I 183 55.90 -76.75 -18.59
C LEU I 183 54.45 -76.68 -19.07
N ARG I 184 53.65 -75.74 -18.59
CA ARG I 184 52.20 -75.80 -18.77
C ARG I 184 51.58 -74.52 -19.31
N VAL I 185 52.21 -73.35 -19.17
CA VAL I 185 51.74 -72.14 -19.81
C VAL I 185 51.83 -72.26 -21.33
N LYS I 186 50.88 -71.64 -22.02
CA LYS I 186 50.91 -71.59 -23.48
C LYS I 186 52.19 -70.97 -24.01
N ARG I 187 52.74 -71.58 -25.06
CA ARG I 187 53.98 -71.15 -25.69
C ARG I 187 53.76 -70.33 -26.95
N ASP I 188 52.53 -69.83 -27.18
CA ASP I 188 52.28 -69.00 -28.36
C ASP I 188 53.16 -67.75 -28.37
N TYR I 189 53.45 -67.18 -27.21
CA TYR I 189 54.31 -66.02 -27.11
C TYR I 189 55.32 -66.23 -25.99
N SER I 190 56.42 -65.49 -26.06
CA SER I 190 57.37 -65.47 -24.96
C SER I 190 56.71 -64.92 -23.71
N VAL I 191 57.14 -65.43 -22.55
CA VAL I 191 56.45 -65.12 -21.31
C VAL I 191 56.65 -63.65 -20.93
N SER I 192 57.76 -63.04 -21.33
CA SER I 192 57.92 -61.61 -21.16
C SER I 192 56.89 -60.81 -21.94
N VAL I 193 56.43 -61.32 -23.08
CA VAL I 193 55.40 -60.62 -23.83
C VAL I 193 54.06 -60.67 -23.12
N VAL I 194 53.65 -61.87 -22.68
CA VAL I 194 52.39 -62.00 -21.94
C VAL I 194 52.51 -61.51 -20.50
N ALA I 195 53.71 -61.52 -19.93
CA ALA I 195 53.94 -60.82 -18.66
C ALA I 195 53.68 -59.32 -18.82
N LYS I 196 54.33 -58.68 -19.79
CA LYS I 196 54.11 -57.27 -20.04
C LYS I 196 52.67 -56.97 -20.41
N ALA I 197 52.09 -57.80 -21.29
CA ALA I 197 50.71 -57.60 -21.70
C ALA I 197 49.73 -57.74 -20.54
N SER I 198 49.99 -58.68 -19.63
CA SER I 198 49.13 -58.82 -18.45
C SER I 198 49.37 -57.70 -17.44
N TYR I 199 50.62 -57.25 -17.28
CA TYR I 199 50.87 -56.04 -16.52
C TYR I 199 50.10 -54.85 -17.08
N GLU I 200 50.16 -54.66 -18.39
CA GLU I 200 49.36 -53.62 -19.03
C GLU I 200 47.87 -53.84 -18.82
N GLY I 201 47.43 -55.10 -18.83
CA GLY I 201 46.04 -55.39 -18.53
C GLY I 201 45.65 -55.00 -17.12
N LEU I 202 46.48 -55.36 -16.14
CA LEU I 202 46.18 -55.02 -14.75
C LEU I 202 46.17 -53.52 -14.52
N THR I 203 47.05 -52.79 -15.22
CA THR I 203 47.08 -51.34 -15.10
C THR I 203 46.13 -50.63 -16.07
N GLY I 204 45.48 -51.37 -16.96
CA GLY I 204 44.58 -50.78 -17.93
C GLY I 204 45.25 -50.18 -19.15
N GLN I 205 46.57 -50.30 -19.27
CA GLN I 205 47.30 -49.76 -20.40
C GLN I 205 47.14 -50.60 -21.68
N LEU I 206 46.63 -51.83 -21.56
CA LEU I 206 46.47 -52.69 -22.72
C LEU I 206 45.32 -52.20 -23.58
N SER I 207 45.59 -52.01 -24.87
CA SER I 207 44.58 -51.53 -25.80
C SER I 207 43.55 -52.61 -26.15
N ALA I 208 42.44 -52.13 -26.74
CA ALA I 208 41.37 -52.98 -27.22
C ALA I 208 41.84 -54.10 -28.15
N GLU I 209 42.66 -53.77 -29.15
CA GLU I 209 43.21 -54.82 -30.02
C GLU I 209 44.24 -55.69 -29.31
N ALA I 210 45.06 -55.12 -28.44
CA ALA I 210 46.03 -55.96 -27.73
C ALA I 210 45.33 -56.82 -26.71
N LYS I 211 44.31 -56.27 -26.06
CA LYS I 211 43.47 -57.03 -25.13
C LYS I 211 42.84 -58.26 -25.76
N ALA I 212 42.29 -58.14 -26.97
CA ALA I 212 41.90 -59.33 -27.72
C ALA I 212 43.08 -60.25 -28.04
N LYS I 213 44.17 -59.72 -28.60
CA LYS I 213 45.25 -60.59 -29.04
C LYS I 213 45.92 -61.32 -27.87
N TYR I 214 46.33 -60.58 -26.85
CA TYR I 214 46.91 -61.15 -25.63
C TYR I 214 45.87 -61.78 -24.71
N GLY I 215 44.62 -61.32 -24.75
CA GLY I 215 43.65 -61.67 -23.72
C GLY I 215 43.49 -63.16 -23.47
N GLU I 216 43.45 -63.96 -24.53
CA GLU I 216 43.44 -65.41 -24.32
C GLU I 216 44.78 -65.95 -23.82
N SER I 217 45.90 -65.35 -24.23
CA SER I 217 47.21 -65.81 -23.75
C SER I 217 47.48 -65.43 -22.30
N ILE I 218 46.97 -64.28 -21.84
CA ILE I 218 47.26 -63.81 -20.48
C ILE I 218 46.50 -64.60 -19.41
N SER I 219 45.31 -65.12 -19.73
CA SER I 219 44.64 -66.00 -18.78
C SER I 219 45.43 -67.27 -18.47
N SER I 220 46.00 -67.91 -19.50
CA SER I 220 46.88 -69.04 -19.22
C SER I 220 48.08 -68.62 -18.38
N PHE I 221 48.72 -67.51 -18.73
CA PHE I 221 49.78 -66.95 -17.89
C PHE I 221 49.29 -66.64 -16.49
N THR I 222 48.10 -66.08 -16.35
CA THR I 222 47.60 -65.67 -15.04
C THR I 222 47.41 -66.84 -14.11
N GLN I 223 46.72 -67.89 -14.57
CA GLN I 223 46.42 -69.02 -13.69
C GLN I 223 47.66 -69.84 -13.35
N TYR I 224 48.61 -69.96 -14.27
CA TYR I 224 49.81 -70.75 -14.04
C TYR I 224 50.98 -69.96 -13.46
N SER I 225 50.73 -68.78 -12.89
CA SER I 225 51.83 -67.99 -12.35
C SER I 225 51.39 -67.26 -11.10
N ASN I 226 52.37 -66.96 -10.24
CA ASN I 226 52.18 -66.26 -8.97
C ASN I 226 52.71 -64.84 -9.11
N THR I 227 51.82 -63.91 -9.48
CA THR I 227 52.21 -62.53 -9.73
C THR I 227 52.27 -61.77 -8.40
N HIS I 228 53.48 -61.51 -7.92
CA HIS I 228 53.69 -60.50 -6.91
C HIS I 228 53.56 -59.10 -7.50
N GLN I 229 52.93 -58.20 -6.76
CA GLN I 229 52.73 -56.82 -7.17
C GLN I 229 53.21 -55.87 -6.09
N GLU I 230 53.93 -54.82 -6.49
CA GLU I 230 54.31 -53.77 -5.57
C GLU I 230 54.39 -52.45 -6.33
N VAL I 231 54.37 -51.36 -5.57
CA VAL I 231 54.38 -50.01 -6.11
C VAL I 231 55.13 -49.09 -5.15
N ARG I 232 55.79 -48.09 -5.70
CA ARG I 232 56.72 -47.26 -4.94
C ARG I 232 56.67 -45.84 -5.46
N GLY I 233 56.91 -44.89 -4.56
CA GLY I 233 56.65 -43.49 -4.86
C GLY I 233 55.18 -43.15 -5.02
N GLY I 234 54.88 -41.85 -5.02
CA GLY I 234 53.52 -41.37 -5.08
C GLY I 234 52.78 -41.53 -3.76
N ASP I 235 51.50 -41.12 -3.80
CA ASP I 235 50.67 -41.17 -2.61
C ASP I 235 50.30 -42.61 -2.27
N GLY I 236 50.74 -43.09 -1.11
CA GLY I 236 50.43 -44.44 -0.68
C GLY I 236 48.95 -44.70 -0.52
N ALA I 237 48.14 -43.66 -0.34
CA ALA I 237 46.69 -43.83 -0.36
C ALA I 237 46.12 -44.05 -1.75
N LYS I 238 46.90 -43.76 -2.80
CA LYS I 238 46.48 -44.03 -4.17
C LYS I 238 47.33 -45.11 -4.83
N ALA I 239 48.38 -45.59 -4.14
CA ALA I 239 49.29 -46.55 -4.74
C ALA I 239 48.60 -47.86 -5.04
N HIS I 240 47.71 -48.31 -4.14
CA HIS I 240 47.01 -49.57 -4.33
C HIS I 240 46.02 -49.54 -5.49
N GLY I 241 45.62 -48.36 -5.94
CA GLY I 241 44.76 -48.22 -7.10
C GLY I 241 45.42 -48.50 -8.44
N VAL I 242 46.75 -48.55 -8.50
CA VAL I 242 47.40 -48.65 -9.80
C VAL I 242 47.09 -50.00 -10.47
N PHE I 243 46.92 -51.06 -9.70
CA PHE I 243 46.55 -52.36 -10.24
C PHE I 243 45.04 -52.60 -10.19
N SER I 244 44.26 -51.52 -10.09
CA SER I 244 42.80 -51.59 -10.01
C SER I 244 42.16 -51.91 -11.34
N GLY I 245 42.94 -52.13 -12.40
CA GLY I 245 42.40 -52.41 -13.71
C GLY I 245 41.81 -51.21 -14.43
N LYS I 246 41.92 -50.01 -13.87
CA LYS I 246 41.24 -48.83 -14.37
C LYS I 246 42.26 -47.72 -14.58
N LYS I 247 42.28 -47.16 -15.79
CA LYS I 247 43.28 -46.15 -16.13
C LYS I 247 43.17 -44.92 -15.23
N GLU I 248 41.96 -44.52 -14.87
CA GLU I 248 41.79 -43.35 -14.02
C GLU I 248 42.46 -43.52 -12.66
N ASP I 249 42.46 -44.73 -12.13
CA ASP I 249 43.15 -44.99 -10.87
C ASP I 249 44.67 -44.99 -11.04
N PHE I 250 45.16 -45.60 -12.11
CA PHE I 250 46.59 -45.56 -12.41
C PHE I 250 47.09 -44.14 -12.64
N GLN I 251 46.38 -43.38 -13.47
CA GLN I 251 46.79 -41.99 -13.72
C GLN I 251 46.70 -41.15 -12.46
N ALA I 252 45.69 -41.38 -11.61
CA ALA I 252 45.61 -40.69 -10.32
C ALA I 252 46.83 -40.94 -9.44
N TRP I 253 47.42 -42.13 -9.50
CA TRP I 253 48.70 -42.35 -8.82
C TRP I 253 49.84 -41.61 -9.50
N VAL I 254 49.94 -41.71 -10.82
CA VAL I 254 50.99 -40.99 -11.55
C VAL I 254 50.94 -39.50 -11.24
N ASP I 255 49.73 -38.92 -11.19
CA ASP I 255 49.59 -37.52 -10.82
C ASP I 255 50.05 -37.21 -9.40
N SER I 256 50.22 -38.23 -8.55
CA SER I 256 50.78 -38.02 -7.21
C SER I 256 52.27 -38.30 -7.12
N VAL I 257 52.84 -39.08 -8.04
CA VAL I 257 54.29 -39.31 -8.03
C VAL I 257 55.05 -38.01 -8.17
N SER I 258 54.52 -37.08 -8.97
CA SER I 258 55.17 -35.79 -9.16
C SER I 258 55.33 -35.01 -7.85
N ALA I 259 54.39 -35.16 -6.92
CA ALA I 259 54.52 -34.48 -5.64
C ALA I 259 55.51 -35.15 -4.69
N SER I 260 55.57 -36.49 -4.69
CA SER I 260 56.30 -37.24 -3.67
C SER I 260 57.10 -38.37 -4.31
N PRO I 261 58.12 -38.04 -5.09
CA PRO I 261 58.90 -39.07 -5.76
C PRO I 261 59.87 -39.79 -4.81
N ASP I 262 60.28 -40.98 -5.24
CA ASP I 262 61.27 -41.78 -4.54
C ASP I 262 62.37 -42.21 -5.50
N PHE I 263 63.49 -42.66 -4.93
CA PHE I 263 64.53 -43.38 -5.67
C PHE I 263 64.02 -44.69 -6.25
N VAL I 264 63.91 -44.76 -7.58
CA VAL I 264 63.23 -45.84 -8.26
C VAL I 264 64.13 -46.52 -9.27
N ASP I 265 65.14 -45.82 -9.79
CA ASP I 265 65.99 -46.40 -10.82
C ASP I 265 67.35 -45.71 -10.84
N PHE I 266 68.31 -46.36 -11.50
CA PHE I 266 69.63 -45.81 -11.73
C PHE I 266 69.70 -45.08 -13.06
N VAL I 267 70.62 -44.12 -13.13
CA VAL I 267 71.10 -43.56 -14.40
C VAL I 267 72.05 -44.54 -15.07
N PRO I 268 71.76 -45.02 -16.28
CA PRO I 268 72.50 -46.18 -16.81
C PRO I 268 74.00 -45.96 -16.92
N THR I 269 74.44 -44.73 -17.13
CA THR I 269 75.85 -44.46 -17.44
C THR I 269 76.74 -44.49 -16.20
N ILE I 270 76.24 -44.07 -15.05
CA ILE I 270 77.08 -43.80 -13.89
C ILE I 270 76.34 -44.15 -12.61
N PRO I 271 75.82 -45.37 -12.50
CA PRO I 271 74.88 -45.66 -11.39
C PRO I 271 75.50 -45.53 -10.02
N MET I 272 76.69 -46.10 -9.80
CA MET I 272 77.35 -45.98 -8.50
C MET I 272 78.86 -46.12 -8.68
N GLN I 273 79.60 -45.61 -7.69
CA GLN I 273 81.05 -45.57 -7.70
C GLN I 273 81.58 -46.40 -6.54
N GLU I 274 82.72 -47.06 -6.75
CA GLU I 274 83.34 -47.86 -5.70
C GLU I 274 83.82 -47.00 -4.54
N ILE I 275 83.70 -47.55 -3.33
CA ILE I 275 83.95 -46.80 -2.10
C ILE I 275 85.42 -46.41 -1.97
N TRP I 276 86.35 -47.24 -2.43
CA TRP I 276 87.77 -46.91 -2.43
C TRP I 276 88.15 -45.83 -3.43
N THR I 277 87.21 -45.32 -4.22
CA THR I 277 87.45 -44.06 -4.91
C THR I 277 87.70 -42.91 -3.95
N LEU I 278 87.13 -42.98 -2.73
CA LEU I 278 87.23 -41.90 -1.76
C LEU I 278 88.41 -42.01 -0.81
N CYS I 279 89.10 -43.14 -0.71
CA CYS I 279 90.21 -43.24 0.22
C CYS I 279 91.43 -42.51 -0.33
N SER I 280 92.17 -41.87 0.57
CA SER I 280 93.25 -40.97 0.17
C SER I 280 94.50 -41.69 -0.31
N SER I 281 94.74 -42.92 0.14
CA SER I 281 95.96 -43.63 -0.22
C SER I 281 95.69 -44.71 -1.26
N GLU I 282 96.48 -44.69 -2.34
CA GLU I 282 96.37 -45.72 -3.36
C GLU I 282 96.71 -47.10 -2.80
N ALA I 283 97.62 -47.17 -1.83
CA ALA I 283 97.89 -48.44 -1.15
C ALA I 283 96.71 -48.92 -0.34
N GLN I 284 95.93 -48.00 0.23
CA GLN I 284 94.67 -48.40 0.86
C GLN I 284 93.66 -48.86 -0.18
N ALA I 285 93.55 -48.12 -1.29
CA ALA I 285 92.62 -48.50 -2.36
C ALA I 285 92.94 -49.88 -2.90
N GLU I 286 94.23 -50.16 -3.11
CA GLU I 286 94.64 -51.49 -3.57
C GLU I 286 94.20 -52.59 -2.61
N ALA I 287 94.42 -52.39 -1.31
CA ALA I 287 93.98 -53.40 -0.35
C ALA I 287 92.46 -53.55 -0.33
N MET I 288 91.73 -52.44 -0.35
CA MET I 288 90.26 -52.53 -0.36
C MET I 288 89.74 -53.17 -1.64
N ARG I 289 90.20 -52.68 -2.80
CA ARG I 289 89.79 -53.28 -4.06
C ARG I 289 90.16 -54.76 -4.15
N LYS I 290 91.38 -55.11 -3.74
CA LYS I 290 91.78 -56.50 -3.72
C LYS I 290 90.89 -57.35 -2.82
N HIS I 291 90.57 -56.85 -1.62
CA HIS I 291 89.65 -57.57 -0.77
C HIS I 291 88.25 -57.66 -1.37
N TYR I 292 87.78 -56.58 -1.99
CA TYR I 292 86.41 -56.56 -2.50
C TYR I 292 86.15 -57.71 -3.46
N ASP I 293 87.05 -57.92 -4.41
CA ASP I 293 86.84 -58.87 -5.50
C ASP I 293 87.50 -60.22 -5.25
N ASP I 294 88.50 -60.28 -4.38
CA ASP I 294 89.10 -61.56 -4.00
C ASP I 294 88.27 -62.30 -2.96
N VAL I 295 87.53 -61.58 -2.10
CA VAL I 295 86.90 -62.22 -0.95
C VAL I 295 85.42 -61.83 -0.86
N TRP I 296 85.15 -60.53 -0.69
CA TRP I 296 83.83 -60.11 -0.24
C TRP I 296 82.77 -60.31 -1.33
N ALA I 297 83.02 -59.78 -2.53
CA ALA I 297 82.05 -59.95 -3.61
C ALA I 297 81.85 -61.41 -4.02
N PRO I 298 82.88 -62.25 -4.10
CA PRO I 298 82.63 -63.69 -4.25
C PRO I 298 81.71 -64.29 -3.18
N ALA I 299 82.05 -64.10 -1.92
CA ALA I 299 81.23 -64.65 -0.84
C ALA I 299 79.80 -64.11 -0.88
N GLN I 300 79.63 -62.81 -1.10
CA GLN I 300 78.29 -62.26 -1.21
C GLN I 300 77.52 -62.84 -2.40
N SER I 301 78.18 -62.99 -3.55
CA SER I 301 77.51 -63.58 -4.70
C SER I 301 77.11 -65.02 -4.43
N GLU I 302 78.00 -65.80 -3.79
CA GLU I 302 77.69 -67.20 -3.49
C GLU I 302 76.56 -67.32 -2.49
N LYS I 303 76.53 -66.45 -1.48
CA LYS I 303 75.49 -66.47 -0.47
C LYS I 303 74.12 -66.07 -1.03
N TYR I 304 74.02 -65.75 -2.31
CA TYR I 304 72.75 -65.46 -2.96
C TYR I 304 72.45 -66.46 -4.07
N ARG I 305 73.22 -67.55 -4.15
CA ARG I 305 72.98 -68.60 -5.12
C ARG I 305 71.92 -69.55 -4.57
N VAL I 306 70.95 -69.90 -5.41
CA VAL I 306 69.75 -70.61 -4.99
C VAL I 306 69.80 -72.03 -5.52
N LYS I 307 69.66 -73.00 -4.62
CA LYS I 307 69.53 -74.40 -4.98
C LYS I 307 68.12 -74.66 -5.54
N ALA I 308 68.00 -75.72 -6.34
CA ALA I 308 66.69 -76.25 -6.66
C ALA I 308 66.31 -77.36 -5.68
N ASN I 309 65.00 -77.57 -5.54
CA ASN I 309 64.51 -78.76 -4.85
C ASN I 309 64.93 -80.01 -5.59
N TYR I 310 65.03 -81.13 -4.86
CA TYR I 310 65.46 -82.39 -5.43
C TYR I 310 64.63 -83.54 -4.88
N ILE I 311 64.55 -84.62 -5.67
CA ILE I 311 63.84 -85.82 -5.26
C ILE I 311 64.70 -86.59 -4.26
N ASP I 312 64.13 -86.95 -3.13
CA ASP I 312 64.78 -87.79 -2.13
C ASP I 312 64.13 -89.14 -1.90
N GLN I 313 62.88 -89.34 -2.31
CA GLN I 313 62.22 -90.62 -2.08
C GLN I 313 61.14 -90.84 -3.14
N LEU I 314 61.04 -92.08 -3.61
CA LEU I 314 60.02 -92.50 -4.56
C LEU I 314 59.19 -93.64 -3.99
N VAL I 315 57.91 -93.68 -4.34
CA VAL I 315 57.01 -94.77 -3.99
C VAL I 315 56.05 -95.00 -5.15
N VAL I 316 55.49 -96.21 -5.20
CA VAL I 316 54.47 -96.58 -6.18
C VAL I 316 53.20 -96.95 -5.44
N ILE I 317 52.06 -96.53 -5.99
CA ILE I 317 50.75 -96.82 -5.41
C ILE I 317 49.88 -97.48 -6.47
N THR I 318 49.09 -98.45 -6.03
CA THR I 318 48.30 -99.30 -6.91
C THR I 318 46.87 -99.39 -6.40
N GLY I 319 45.93 -99.46 -7.32
CA GLY I 319 44.54 -99.61 -6.94
C GLY I 319 43.62 -99.65 -8.15
N GLY I 320 42.34 -99.71 -7.85
CA GLY I 320 41.27 -99.99 -8.80
C GLY I 320 40.65 -98.82 -9.50
N SER I 321 41.14 -97.60 -9.33
CA SER I 321 40.52 -96.46 -10.00
C SER I 321 41.56 -95.39 -10.27
N SER I 322 41.21 -94.50 -11.20
CA SER I 322 42.12 -93.44 -11.63
C SER I 322 42.47 -92.51 -10.48
N THR I 323 41.61 -92.40 -9.47
CA THR I 323 41.69 -91.35 -8.47
C THR I 323 42.38 -91.80 -7.19
N ILE I 324 42.99 -92.98 -7.19
CA ILE I 324 43.80 -93.40 -6.06
C ILE I 324 44.91 -92.36 -5.83
N GLU I 325 45.39 -92.28 -4.59
CA GLU I 325 46.06 -91.08 -4.12
C GLU I 325 47.21 -91.45 -3.19
N PRO I 326 48.34 -90.76 -3.28
CA PRO I 326 49.54 -91.20 -2.58
C PRO I 326 49.42 -91.00 -1.07
N PRO I 327 50.37 -91.54 -0.30
CA PRO I 327 50.53 -91.09 1.08
C PRO I 327 50.82 -89.60 1.14
N VAL I 328 50.34 -88.98 2.21
CA VAL I 328 50.19 -87.52 2.24
C VAL I 328 51.52 -86.82 1.98
N GLY I 329 52.64 -87.43 2.36
CA GLY I 329 53.93 -86.80 2.15
C GLY I 329 54.36 -86.72 0.69
N TYR I 330 53.76 -87.52 -0.19
CA TYR I 330 54.18 -87.63 -1.58
C TYR I 330 53.20 -86.92 -2.50
N SER I 331 53.66 -86.67 -3.73
CA SER I 331 52.82 -86.19 -4.81
C SER I 331 52.94 -87.12 -6.01
N LYS I 332 51.89 -87.16 -6.82
CA LYS I 332 51.68 -88.21 -7.79
C LYS I 332 52.03 -87.75 -9.19
N ILE I 333 52.75 -88.60 -9.92
CA ILE I 333 52.89 -88.48 -11.37
C ILE I 333 51.65 -89.10 -12.01
N GLU I 334 50.85 -88.26 -12.64
CA GLU I 334 49.48 -88.59 -13.08
C GLU I 334 49.43 -89.55 -14.27
N TYR I 335 50.49 -90.21 -14.72
CA TYR I 335 50.42 -91.11 -15.87
C TYR I 335 50.45 -92.56 -15.38
N ASP I 336 49.42 -93.32 -15.74
CA ASP I 336 49.26 -94.68 -15.24
C ASP I 336 50.30 -95.60 -15.87
N LEU I 337 51.09 -96.27 -15.02
CA LEU I 337 52.08 -97.24 -15.46
C LEU I 337 51.48 -98.53 -16.00
N ASN I 338 50.15 -98.63 -16.11
CA ASN I 338 49.49 -99.65 -16.92
C ASN I 338 48.54 -99.04 -17.94
N ALA I 339 48.76 -97.78 -18.34
CA ALA I 339 47.88 -97.12 -19.29
C ALA I 339 47.72 -97.97 -20.54
N GLY I 340 46.47 -98.36 -20.82
CA GLY I 340 46.15 -99.23 -21.92
C GLY I 340 46.47 -100.69 -21.69
N ALA I 341 47.14 -101.04 -20.60
CA ALA I 341 47.50 -102.41 -20.30
C ALA I 341 46.47 -103.12 -19.41
N GLY I 342 45.41 -102.41 -19.01
CA GLY I 342 44.44 -102.97 -18.11
C GLY I 342 45.03 -103.28 -16.73
N GLY I 343 44.33 -104.14 -16.01
CA GLY I 343 44.75 -104.50 -14.67
C GLY I 343 44.48 -103.42 -13.64
N ASP I 344 45.36 -103.34 -12.65
CA ASP I 344 45.34 -102.24 -11.70
C ASP I 344 45.87 -100.96 -12.32
N PHE I 345 45.30 -99.84 -11.89
CA PHE I 345 45.97 -98.55 -12.05
C PHE I 345 47.21 -98.49 -11.17
N ILE I 346 48.31 -98.01 -11.74
CA ILE I 346 49.58 -97.88 -11.04
C ILE I 346 50.13 -96.49 -11.29
N TYR I 347 50.58 -95.82 -10.22
CA TYR I 347 51.17 -94.49 -10.32
C TYR I 347 52.47 -94.43 -9.54
N LEU I 348 53.43 -93.69 -10.09
CA LEU I 348 54.70 -93.42 -9.43
C LEU I 348 54.61 -92.08 -8.69
N CYS I 349 55.09 -92.07 -7.45
CA CYS I 349 54.98 -90.90 -6.59
C CYS I 349 56.33 -90.58 -5.99
N TYR I 350 56.54 -89.30 -5.67
CA TYR I 350 57.84 -88.81 -5.25
C TYR I 350 57.70 -87.82 -4.10
N HIS I 351 58.79 -87.67 -3.35
CA HIS I 351 58.98 -86.58 -2.41
C HIS I 351 60.10 -85.68 -2.91
N GLU I 352 59.87 -84.38 -2.94
CA GLU I 352 60.90 -83.41 -3.27
C GLU I 352 61.33 -82.66 -2.01
N GLN I 353 62.64 -82.69 -1.74
CA GLN I 353 63.20 -82.21 -0.50
C GLN I 353 63.76 -80.80 -0.67
N THR I 354 63.45 -79.92 0.27
CA THR I 354 64.10 -78.63 0.33
C THR I 354 65.54 -78.79 0.82
N TRP I 355 66.49 -78.21 0.10
CA TRP I 355 67.88 -78.25 0.53
C TRP I 355 68.10 -77.43 1.78
N GLN I 356 68.95 -77.95 2.66
CA GLN I 356 69.31 -77.31 3.91
C GLN I 356 70.82 -77.35 4.09
N ALA I 357 71.40 -76.23 4.51
CA ALA I 357 72.85 -76.11 4.54
C ALA I 357 73.47 -77.03 5.58
N ASP I 358 72.83 -77.19 6.73
CA ASP I 358 73.40 -77.94 7.83
C ASP I 358 72.98 -79.41 7.87
N ARG I 359 71.96 -79.80 7.10
CA ARG I 359 71.53 -81.19 7.07
C ARG I 359 70.91 -81.55 5.73
N PRO I 360 71.66 -81.49 4.64
CA PRO I 360 71.17 -82.05 3.38
C PRO I 360 70.96 -83.55 3.50
N LYS I 361 69.82 -84.01 2.98
CA LYS I 361 69.56 -85.44 2.89
C LYS I 361 70.33 -86.05 1.73
N ASP I 362 70.15 -87.34 1.51
CA ASP I 362 70.38 -87.91 0.19
C ASP I 362 69.37 -87.39 -0.82
N ALA I 363 69.83 -87.18 -2.05
CA ALA I 363 68.95 -87.18 -3.21
C ALA I 363 68.90 -88.57 -3.84
N VAL I 364 67.85 -88.82 -4.61
CA VAL I 364 67.90 -89.85 -5.63
C VAL I 364 68.87 -89.41 -6.72
N THR I 365 69.75 -90.32 -7.14
CA THR I 365 70.73 -90.01 -8.17
C THR I 365 70.75 -90.97 -9.35
N ASP I 366 70.15 -92.15 -9.24
CA ASP I 366 69.98 -93.00 -10.40
C ASP I 366 68.72 -93.85 -10.25
N ILE I 367 68.15 -94.26 -11.38
CA ILE I 367 66.99 -95.13 -11.38
C ILE I 367 67.21 -96.21 -12.43
N ARG I 368 66.75 -97.42 -12.13
CA ARG I 368 66.86 -98.55 -13.04
C ARG I 368 65.60 -99.39 -12.94
N ILE I 369 65.33 -100.15 -14.00
CA ILE I 369 64.28 -101.16 -14.02
C ILE I 369 64.92 -102.53 -14.22
N ILE I 370 64.56 -103.48 -13.36
CA ILE I 370 65.28 -104.74 -13.23
C ILE I 370 64.45 -105.94 -13.70
N PHE I 371 63.15 -105.76 -13.91
CA PHE I 371 62.25 -106.80 -14.42
C PHE I 371 62.30 -108.07 -13.56
N ASN I 372 62.05 -109.21 -14.21
CA ASN I 372 61.48 -110.39 -13.58
C ASN I 372 62.24 -110.88 -12.35
N LYS I 373 63.50 -111.30 -12.53
CA LYS I 373 64.24 -111.99 -11.49
C LYS I 373 65.65 -111.47 -11.26
N GLU I 374 66.11 -110.51 -12.05
CA GLU I 374 67.48 -110.04 -11.89
C GLU I 374 67.66 -109.46 -10.48
N PRO I 375 68.78 -109.75 -9.82
CA PRO I 375 69.01 -109.19 -8.49
C PRO I 375 69.11 -107.67 -8.51
N THR I 376 68.75 -107.07 -7.39
CA THR I 376 68.82 -105.62 -7.27
C THR I 376 70.27 -105.17 -7.41
N PRO I 377 70.56 -104.19 -8.25
CA PRO I 377 71.95 -103.76 -8.46
C PRO I 377 72.57 -103.24 -7.18
N PRO I 378 73.91 -103.30 -7.07
CA PRO I 378 74.57 -103.04 -5.78
C PRO I 378 74.26 -101.67 -5.21
N GLY I 379 73.65 -101.66 -4.03
CA GLY I 379 73.29 -100.45 -3.32
C GLY I 379 72.03 -99.75 -3.77
N TYR I 380 71.31 -100.29 -4.75
CA TYR I 380 70.01 -99.74 -5.11
C TYR I 380 68.93 -100.24 -4.15
N THR I 381 67.94 -99.39 -3.89
CA THR I 381 66.68 -99.83 -3.31
C THR I 381 65.75 -100.34 -4.40
N LYS I 382 64.77 -101.14 -4.00
CA LYS I 382 63.75 -101.66 -4.90
C LYS I 382 62.37 -101.41 -4.32
N LEU I 383 61.46 -100.96 -5.16
CA LEU I 383 60.05 -100.87 -4.78
C LEU I 383 59.37 -102.23 -4.94
N PRO I 384 58.58 -102.67 -3.94
CA PRO I 384 58.05 -104.03 -3.98
C PRO I 384 56.89 -104.23 -4.94
N GLN I 385 56.19 -103.17 -5.34
CA GLN I 385 55.06 -103.30 -6.24
C GLN I 385 55.52 -103.72 -7.64
N ASP I 386 54.84 -104.73 -8.19
CA ASP I 386 54.97 -105.05 -9.60
C ASP I 386 54.28 -104.00 -10.46
N LEU I 387 55.04 -103.37 -11.35
CA LEU I 387 54.53 -102.32 -12.22
C LEU I 387 53.77 -102.88 -13.43
N ASN I 388 53.45 -104.17 -13.43
CA ASN I 388 52.40 -104.73 -14.27
C ASN I 388 51.34 -105.46 -13.46
N LYS I 389 51.24 -105.16 -12.17
CA LYS I 389 50.23 -105.80 -11.32
C LYS I 389 48.86 -105.71 -11.98
N GLY I 390 48.22 -106.87 -12.13
CA GLY I 390 46.96 -107.01 -12.83
C GLY I 390 47.06 -106.94 -14.34
N ALA I 391 48.14 -106.40 -14.90
CA ALA I 391 48.27 -106.26 -16.34
C ALA I 391 48.81 -107.50 -17.01
N GLY I 392 49.29 -108.48 -16.23
CA GLY I 392 49.95 -109.65 -16.78
C GLY I 392 51.38 -109.34 -17.17
N GLY I 393 51.79 -109.83 -18.34
CA GLY I 393 53.14 -109.58 -18.83
C GLY I 393 54.20 -110.16 -17.91
N ASP I 394 55.40 -109.58 -18.03
CA ASP I 394 56.49 -109.87 -17.12
C ASP I 394 56.38 -109.03 -15.86
N ASP I 395 56.98 -109.53 -14.78
CA ASP I 395 57.02 -108.77 -13.53
C ASP I 395 58.02 -107.63 -13.65
N VAL I 396 57.55 -106.41 -13.41
CA VAL I 396 58.34 -105.20 -13.57
C VAL I 396 58.55 -104.56 -12.21
N PHE I 397 59.80 -104.25 -11.88
CA PHE I 397 60.15 -103.56 -10.66
C PHE I 397 61.11 -102.41 -10.95
N LEU I 398 60.90 -101.28 -10.30
CA LEU I 398 61.74 -100.10 -10.43
C LEU I 398 62.67 -99.98 -9.23
N CYS I 399 63.94 -99.71 -9.50
CA CYS I 399 64.98 -99.56 -8.49
C CYS I 399 65.62 -98.18 -8.63
N TYR I 400 66.07 -97.64 -7.51
CA TYR I 400 66.73 -96.34 -7.53
C TYR I 400 67.83 -96.28 -6.47
N LYS I 401 68.86 -95.48 -6.77
CA LYS I 401 70.01 -95.29 -5.91
C LYS I 401 69.96 -93.89 -5.31
N THR I 402 70.30 -93.78 -4.03
CA THR I 402 70.35 -92.51 -3.33
C THR I 402 71.77 -92.25 -2.82
N GLU I 403 72.16 -90.98 -2.86
CA GLU I 403 73.50 -90.54 -2.51
C GLU I 403 73.42 -89.15 -1.90
N ALA I 404 74.43 -88.81 -1.11
CA ALA I 404 74.46 -87.50 -0.47
C ALA I 404 74.36 -86.40 -1.50
N TYR I 405 73.66 -85.32 -1.13
CA TYR I 405 73.28 -84.30 -2.09
C TYR I 405 74.48 -83.70 -2.80
N ASN I 406 74.36 -83.56 -4.12
CA ASN I 406 75.28 -82.73 -4.89
C ASN I 406 74.49 -82.12 -6.04
N THR I 407 74.66 -80.82 -6.26
CA THR I 407 73.93 -80.14 -7.33
C THR I 407 74.24 -80.75 -8.70
N ASP I 408 75.41 -81.36 -8.85
CA ASP I 408 75.77 -81.98 -10.13
C ASP I 408 74.94 -83.21 -10.45
N THR I 409 74.28 -83.82 -9.46
CA THR I 409 73.69 -85.14 -9.65
C THR I 409 72.36 -85.35 -8.94
N ALA I 410 71.99 -84.54 -7.96
CA ALA I 410 70.67 -84.65 -7.36
C ALA I 410 69.58 -84.45 -8.40
N ILE I 411 68.77 -85.48 -8.61
CA ILE I 411 67.69 -85.43 -9.59
C ILE I 411 66.63 -84.46 -9.09
N ASN I 412 66.31 -83.46 -9.91
CA ASN I 412 65.33 -82.46 -9.53
C ASN I 412 63.90 -82.85 -9.88
N LYS I 413 63.68 -83.49 -11.03
CA LYS I 413 62.34 -83.91 -11.41
C LYS I 413 62.38 -85.26 -12.10
N VAL I 414 61.24 -85.95 -12.04
CA VAL I 414 61.00 -87.18 -12.80
C VAL I 414 59.62 -87.09 -13.42
N THR I 415 59.44 -87.80 -14.53
CA THR I 415 58.12 -87.96 -15.14
C THR I 415 58.06 -89.28 -15.88
N VAL I 416 56.84 -89.75 -16.13
CA VAL I 416 56.59 -90.96 -16.89
C VAL I 416 55.89 -90.60 -18.19
N ILE I 417 56.43 -91.09 -19.30
CA ILE I 417 55.94 -90.79 -20.65
C ILE I 417 55.63 -92.10 -21.36
N GLY I 418 54.59 -92.09 -22.19
CA GLY I 418 54.21 -93.32 -22.87
C GLY I 418 53.42 -93.04 -24.12
N GLY I 419 53.42 -94.04 -24.99
CA GLY I 419 52.76 -93.91 -26.28
C GLY I 419 52.89 -95.21 -27.06
N ASN I 420 52.44 -95.17 -28.31
CA ASN I 420 52.46 -96.37 -29.14
C ASN I 420 53.85 -96.71 -29.66
N ASN I 421 54.70 -95.71 -29.88
CA ASN I 421 56.04 -95.96 -30.41
C ASN I 421 56.95 -96.41 -29.27
N ALA I 422 57.85 -97.35 -29.58
CA ALA I 422 58.92 -97.68 -28.63
C ALA I 422 59.95 -96.56 -28.54
N ASP I 423 60.35 -95.98 -29.67
CA ASP I 423 61.25 -94.83 -29.71
C ASP I 423 60.51 -93.53 -29.42
N ILE I 424 60.03 -93.35 -28.19
CA ILE I 424 59.32 -92.13 -27.84
C ILE I 424 60.29 -91.11 -27.25
N ASN I 425 59.99 -89.83 -27.43
CA ASN I 425 60.86 -88.75 -27.03
C ASN I 425 60.50 -88.25 -25.63
N ALA I 426 61.52 -88.15 -24.79
CA ALA I 426 61.39 -87.47 -23.51
C ALA I 426 61.33 -85.95 -23.68
N PRO I 427 60.79 -85.24 -22.69
CA PRO I 427 60.86 -83.78 -22.71
C PRO I 427 62.30 -83.30 -22.75
N TYR I 428 62.48 -82.09 -23.25
CA TYR I 428 63.82 -81.54 -23.45
C TYR I 428 64.59 -81.52 -22.14
N GLY I 429 65.83 -82.03 -22.18
CA GLY I 429 66.68 -82.10 -21.02
C GLY I 429 66.43 -83.25 -20.09
N TYR I 430 65.31 -83.96 -20.23
CA TYR I 430 65.10 -85.20 -19.49
C TYR I 430 65.86 -86.35 -20.13
N LEU I 431 66.28 -87.29 -19.30
CA LEU I 431 66.82 -88.57 -19.74
C LEU I 431 65.85 -89.67 -19.32
N LYS I 432 65.44 -90.49 -20.28
CA LYS I 432 64.57 -91.62 -19.99
C LYS I 432 65.42 -92.86 -19.68
N VAL I 433 64.93 -93.67 -18.74
CA VAL I 433 65.56 -94.94 -18.41
C VAL I 433 65.26 -95.99 -19.47
N PRO I 434 66.16 -96.93 -19.71
CA PRO I 434 65.84 -98.06 -20.59
C PRO I 434 64.85 -99.02 -19.94
N GLY I 435 64.12 -99.74 -20.81
CA GLY I 435 63.13 -100.71 -20.36
C GLY I 435 61.73 -100.18 -20.27
N ASP I 436 60.77 -101.02 -20.63
CA ASP I 436 59.36 -100.63 -20.74
C ASP I 436 58.60 -101.08 -19.50
N LEU I 437 57.91 -100.15 -18.86
CA LEU I 437 57.09 -100.45 -17.69
C LEU I 437 55.81 -101.21 -18.05
N ASN I 438 55.60 -101.55 -19.33
CA ASN I 438 54.61 -102.54 -19.73
C ASN I 438 55.22 -103.68 -20.53
N ARG I 439 56.52 -103.94 -20.37
CA ARG I 439 57.16 -105.03 -21.09
C ARG I 439 56.35 -106.31 -20.96
N GLY I 440 56.03 -106.91 -22.11
CA GLY I 440 55.22 -108.11 -22.17
C GLY I 440 53.74 -107.90 -21.96
N ALA I 441 53.32 -106.77 -21.42
CA ALA I 441 51.91 -106.45 -21.32
C ALA I 441 51.43 -105.81 -22.61
N GLY I 442 50.12 -105.62 -22.71
CA GLY I 442 49.56 -104.82 -23.79
C GLY I 442 49.77 -103.33 -23.60
N GLY I 443 49.01 -102.54 -24.34
CA GLY I 443 48.97 -101.10 -24.20
C GLY I 443 50.23 -100.37 -24.67
N ASN I 444 50.39 -99.18 -24.11
CA ASN I 444 51.49 -98.28 -24.49
C ASN I 444 52.84 -98.80 -24.00
N PHE I 445 53.89 -98.38 -24.70
CA PHE I 445 55.21 -98.32 -24.10
C PHE I 445 55.25 -97.18 -23.08
N ILE I 446 55.92 -97.42 -21.95
CA ILE I 446 56.00 -96.46 -20.87
C ILE I 446 57.41 -96.43 -20.31
N TYR I 447 57.96 -95.22 -20.10
CA TYR I 447 59.33 -95.05 -19.67
C TYR I 447 59.37 -93.96 -18.59
N ALA I 448 60.28 -94.11 -17.64
CA ALA I 448 60.56 -93.08 -16.64
C ALA I 448 61.63 -92.12 -17.12
N CYS I 449 61.30 -90.83 -17.12
CA CYS I 449 62.23 -89.75 -17.48
C CYS I 449 62.72 -89.02 -16.25
N THR I 450 64.01 -88.67 -16.26
CA THR I 450 64.67 -88.04 -15.12
C THR I 450 65.28 -86.73 -15.60
N PHE I 451 65.27 -85.72 -14.73
CA PHE I 451 65.79 -84.40 -15.03
C PHE I 451 66.69 -83.91 -13.90
N VAL I 452 67.88 -83.42 -14.26
CA VAL I 452 68.82 -82.84 -13.33
C VAL I 452 69.13 -81.42 -13.79
N GLY I 453 68.98 -80.46 -12.89
CA GLY I 453 69.23 -79.07 -13.20
C GLY I 453 70.70 -78.70 -13.28
N LYS I 454 71.53 -79.38 -12.51
CA LYS I 454 72.93 -78.99 -12.34
C LYS I 454 73.01 -77.57 -11.81
N THR J 1 60.47 -29.53 16.95
CA THR J 1 59.69 -30.79 16.81
C THR J 1 60.59 -31.89 16.28
N VAL J 2 60.71 -32.97 17.03
CA VAL J 2 61.56 -34.10 16.67
C VAL J 2 60.78 -35.05 15.77
N LEU J 3 61.47 -35.64 14.80
CA LEU J 3 60.85 -36.59 13.91
C LEU J 3 60.46 -37.85 14.69
N PRO J 4 59.25 -38.39 14.48
CA PRO J 4 58.90 -39.67 15.11
C PRO J 4 59.90 -40.75 14.75
N GLY J 5 60.38 -41.47 15.77
CA GLY J 5 61.35 -42.53 15.59
C GLY J 5 62.71 -42.23 16.15
N VAL J 6 63.02 -40.94 16.36
CA VAL J 6 64.28 -40.58 17.02
C VAL J 6 64.34 -41.14 18.44
N GLU J 7 63.18 -41.33 19.08
CA GLU J 7 63.15 -42.01 20.37
C GLU J 7 63.49 -43.49 20.27
N ALA J 8 63.36 -44.09 19.08
CA ALA J 8 63.46 -45.53 18.93
C ALA J 8 64.76 -46.00 18.29
N ILE J 9 65.40 -45.17 17.47
CA ILE J 9 66.75 -45.48 17.02
C ILE J 9 67.69 -45.47 18.22
N GLY J 10 68.77 -46.25 18.14
CA GLY J 10 69.72 -46.37 19.22
C GLY J 10 69.23 -47.10 20.44
N LEU J 11 67.96 -47.48 20.49
CA LEU J 11 67.41 -48.27 21.59
C LEU J 11 68.14 -49.59 21.73
N GLY J 12 68.58 -49.91 22.94
CA GLY J 12 69.25 -51.17 23.19
C GLY J 12 68.26 -52.32 23.07
N TYR J 13 68.63 -53.36 22.33
CA TYR J 13 67.68 -54.32 21.79
C TYR J 13 68.12 -55.74 22.10
N ASN J 14 67.15 -56.61 22.38
CA ASN J 14 67.42 -58.04 22.52
C ASN J 14 66.86 -58.78 21.32
N PRO J 15 67.70 -59.27 20.40
CA PRO J 15 67.18 -59.98 19.21
C PRO J 15 66.18 -61.09 19.49
N PHE J 16 66.46 -61.91 20.50
CA PHE J 16 65.63 -63.07 20.83
C PHE J 16 64.22 -62.71 21.29
N ILE J 17 64.04 -61.62 22.04
CA ILE J 17 62.71 -61.35 22.59
C ILE J 17 61.68 -61.19 21.48
N SER J 18 61.97 -60.41 20.45
CA SER J 18 60.95 -60.22 19.42
C SER J 18 61.57 -59.66 18.14
N TYR J 19 60.74 -59.64 17.10
CA TYR J 19 61.10 -59.08 15.81
C TYR J 19 60.46 -57.70 15.63
N ALA J 20 61.29 -56.70 15.35
CA ALA J 20 60.80 -55.43 14.84
C ALA J 20 59.76 -54.79 15.77
N SER J 21 59.94 -55.01 17.07
CA SER J 21 59.09 -54.43 18.08
C SER J 21 59.96 -53.74 19.13
N VAL J 22 59.47 -52.60 19.62
CA VAL J 22 60.20 -51.85 20.64
C VAL J 22 60.13 -52.50 22.00
N ASN J 23 59.14 -53.37 22.24
CA ASN J 23 59.08 -54.13 23.48
C ASN J 23 60.30 -55.02 23.67
N SER J 24 61.03 -55.31 22.59
CA SER J 24 62.24 -56.11 22.68
C SER J 24 63.48 -55.31 23.09
N GLY J 25 63.39 -54.00 23.25
CA GLY J 25 64.52 -53.19 23.69
C GLY J 25 64.29 -52.56 25.05
N ALA J 26 65.35 -52.51 25.85
CA ALA J 26 65.36 -51.96 27.19
C ALA J 26 66.09 -50.62 27.28
N VAL J 27 65.35 -49.52 27.19
CA VAL J 27 65.83 -48.15 27.41
C VAL J 27 66.78 -47.66 26.32
N GLN J 28 66.85 -46.34 26.16
CA GLN J 28 67.61 -45.68 25.10
C GLN J 28 69.01 -45.36 25.60
N LEU J 29 70.03 -45.87 24.90
CA LEU J 29 71.41 -45.60 25.27
C LEU J 29 71.93 -44.22 24.90
N PHE J 30 71.39 -43.56 23.87
CA PHE J 30 71.94 -42.29 23.40
C PHE J 30 71.07 -41.10 23.78
N ASP J 31 71.74 -39.99 24.09
CA ASP J 31 71.09 -38.75 24.50
C ASP J 31 70.94 -37.87 23.26
N TRP J 32 69.70 -37.64 22.83
CA TRP J 32 69.46 -36.82 21.65
C TRP J 32 68.73 -35.52 21.94
N ALA J 33 68.45 -35.20 23.21
CA ALA J 33 67.91 -33.88 23.49
C ALA J 33 69.01 -32.83 23.43
N THR J 34 70.16 -33.15 24.02
CA THR J 34 71.30 -32.24 24.02
C THR J 34 71.93 -32.11 22.64
N ALA J 35 71.97 -33.21 21.88
CA ALA J 35 72.72 -33.22 20.63
C ALA J 35 72.21 -32.20 19.63
N LYS J 36 73.14 -31.72 18.81
CA LYS J 36 72.83 -30.80 17.72
C LYS J 36 71.83 -31.41 16.75
N LYS J 37 70.80 -30.65 16.40
CA LYS J 37 69.74 -31.10 15.51
C LYS J 37 70.02 -30.74 14.05
N ARG J 38 69.35 -31.48 13.16
CA ARG J 38 69.27 -31.19 11.73
C ARG J 38 67.81 -31.26 11.32
N GLU J 39 67.41 -30.35 10.43
CA GLU J 39 66.05 -30.42 9.88
C GLU J 39 65.97 -31.52 8.83
N VAL J 40 64.84 -32.21 8.82
CA VAL J 40 64.61 -33.31 7.89
C VAL J 40 64.32 -32.77 6.50
N PRO J 41 65.11 -33.12 5.47
CA PRO J 41 64.93 -32.47 4.17
C PRO J 41 63.52 -32.58 3.61
N PHE J 42 62.92 -33.77 3.70
CA PHE J 42 61.61 -34.02 3.12
C PHE J 42 60.45 -33.66 4.05
N LYS J 43 60.72 -33.35 5.32
CA LYS J 43 59.67 -33.00 6.30
C LYS J 43 60.13 -31.76 7.07
N ALA J 44 60.15 -30.63 6.38
CA ALA J 44 60.43 -29.35 7.01
C ALA J 44 59.48 -29.10 8.16
N GLY J 45 60.04 -28.62 9.27
CA GLY J 45 59.34 -28.56 10.54
C GLY J 45 59.58 -29.73 11.47
N TYR J 46 60.30 -30.76 11.04
CA TYR J 46 60.73 -31.84 11.91
C TYR J 46 62.25 -31.92 11.90
N PHE J 47 62.83 -32.27 13.04
CA PHE J 47 64.27 -32.26 13.22
C PHE J 47 64.76 -33.59 13.75
N VAL J 48 66.01 -33.89 13.46
CA VAL J 48 66.69 -35.08 13.96
C VAL J 48 68.07 -34.69 14.44
N PRO J 49 68.67 -35.48 15.34
CA PRO J 49 70.09 -35.28 15.63
C PRO J 49 70.91 -35.46 14.37
N GLU J 50 71.95 -34.63 14.23
CA GLU J 50 72.67 -34.59 12.96
C GLU J 50 73.38 -35.90 12.65
N ILE J 51 73.59 -36.74 13.67
CA ILE J 51 74.32 -37.98 13.44
C ILE J 51 73.49 -38.95 12.59
N VAL J 52 72.18 -38.97 12.79
CA VAL J 52 71.36 -39.97 12.12
C VAL J 52 71.09 -39.54 10.68
N ASP J 53 71.04 -40.53 9.79
CA ASP J 53 70.66 -40.35 8.39
C ASP J 53 69.25 -40.88 8.22
N VAL J 54 68.33 -40.01 7.82
CA VAL J 54 66.94 -40.38 7.60
C VAL J 54 66.65 -40.35 6.11
N GLN J 55 66.20 -41.49 5.58
CA GLN J 55 65.78 -41.63 4.20
C GLN J 55 64.28 -41.83 4.17
N GLN J 56 63.58 -41.07 3.32
CA GLN J 56 62.22 -41.44 2.98
C GLN J 56 62.25 -42.72 2.14
N ASN J 57 61.32 -43.63 2.43
CA ASN J 57 61.21 -44.87 1.65
C ASN J 57 59.76 -45.33 1.61
N ASP J 58 58.84 -44.41 1.31
CA ASP J 58 57.42 -44.73 1.33
C ASP J 58 57.10 -45.87 0.37
N SER J 59 56.80 -47.04 0.92
CA SER J 59 56.68 -48.26 0.13
C SER J 59 56.01 -49.32 0.99
N ALA J 60 54.77 -49.65 0.65
CA ALA J 60 54.08 -50.83 1.15
C ALA J 60 54.79 -52.08 0.67
N THR J 61 55.12 -52.97 1.60
CA THR J 61 56.12 -54.01 1.39
C THR J 61 55.71 -55.27 2.13
N TYR J 62 56.20 -56.42 1.68
CA TYR J 62 55.90 -57.71 2.26
C TYR J 62 57.14 -58.34 2.87
N THR J 63 57.00 -58.91 4.05
CA THR J 63 57.95 -59.86 4.61
C THR J 63 57.18 -61.12 4.97
N ASN J 64 57.54 -62.25 4.36
CA ASN J 64 56.85 -63.51 4.60
C ASN J 64 57.84 -64.57 5.07
N VAL J 65 57.45 -65.32 6.09
CA VAL J 65 58.27 -66.36 6.69
C VAL J 65 57.43 -67.62 6.75
N SER J 66 58.03 -68.76 6.40
CA SER J 66 57.27 -70.00 6.37
C SER J 66 58.20 -71.17 6.66
N GLY J 67 57.60 -72.27 7.09
CA GLY J 67 58.34 -73.51 7.29
C GLY J 67 57.44 -74.70 7.49
N ASN J 68 57.83 -75.86 6.94
CA ASN J 68 57.04 -77.07 7.10
C ASN J 68 57.04 -77.54 8.55
N THR J 69 57.96 -77.03 9.35
CA THR J 69 58.08 -77.38 10.76
C THR J 69 58.66 -76.20 11.51
N ILE J 70 58.42 -76.19 12.83
CA ILE J 70 58.79 -75.02 13.63
C ILE J 70 60.29 -74.77 13.55
N SER J 71 61.08 -75.84 13.63
CA SER J 71 62.54 -75.67 13.58
C SER J 71 62.97 -75.09 12.24
N GLU J 72 62.18 -75.33 11.19
CA GLU J 72 62.40 -74.67 9.92
C GLU J 72 61.91 -73.22 9.95
N TYR J 73 60.71 -73.00 10.46
CA TYR J 73 60.18 -71.64 10.59
C TYR J 73 61.10 -70.78 11.46
N GLN J 74 61.62 -71.34 12.55
CA GLN J 74 62.54 -70.60 13.39
C GLN J 74 63.81 -70.19 12.66
N ARG J 75 64.24 -70.98 11.67
CA ARG J 75 65.43 -70.61 10.91
C ARG J 75 65.11 -69.64 9.77
N SER J 76 63.98 -69.83 9.07
CA SER J 76 63.57 -68.85 8.08
C SER J 76 63.20 -67.52 8.72
N LEU J 77 62.73 -67.53 9.96
CA LEU J 77 62.56 -66.29 10.72
C LEU J 77 63.91 -65.67 11.07
N ALA J 78 64.81 -66.45 11.67
CA ALA J 78 66.11 -65.93 12.09
C ALA J 78 66.89 -65.34 10.92
N THR J 79 66.84 -65.98 9.76
CA THR J 79 67.53 -65.51 8.57
C THR J 79 66.80 -64.40 7.83
N SER J 80 65.65 -63.96 8.32
CA SER J 80 64.96 -62.84 7.68
C SER J 80 65.64 -61.51 7.94
N VAL J 81 66.69 -61.48 8.75
CA VAL J 81 67.43 -60.28 9.07
C VAL J 81 68.92 -60.59 8.96
N ALA J 82 69.69 -59.63 8.47
CA ALA J 82 71.14 -59.81 8.36
C ALA J 82 71.74 -59.74 9.76
N ILE J 83 71.97 -60.90 10.36
CA ILE J 83 72.47 -60.99 11.73
C ILE J 83 73.32 -62.24 11.83
N GLU J 84 74.31 -62.19 12.71
CA GLU J 84 75.34 -63.23 12.76
C GLU J 84 74.90 -64.42 13.60
N GLY J 85 75.25 -65.61 13.12
CA GLY J 85 75.07 -66.85 13.85
C GLY J 85 73.73 -67.53 13.62
N ARG J 86 73.69 -68.80 14.04
CA ARG J 86 72.56 -69.69 13.83
C ARG J 86 71.53 -69.62 14.95
N TYR J 87 71.65 -68.65 15.85
CA TYR J 87 70.76 -68.58 17.00
C TYR J 87 69.31 -68.32 16.58
N ASN J 88 68.39 -68.76 17.45
CA ASN J 88 66.95 -68.61 17.24
C ASN J 88 66.50 -67.18 17.52
N PHE J 89 67.05 -66.24 16.75
CA PHE J 89 66.68 -64.84 16.92
C PHE J 89 65.19 -64.64 16.67
N PHE J 90 64.64 -63.61 17.31
CA PHE J 90 63.22 -63.28 17.20
C PHE J 90 62.27 -64.38 17.68
N SER J 91 62.81 -65.47 18.22
CA SER J 91 61.99 -66.65 18.43
C SER J 91 61.00 -66.49 19.59
N GLY J 92 61.20 -65.48 20.44
CA GLY J 92 60.21 -65.13 21.44
C GLY J 92 58.86 -64.74 20.88
N SER J 93 58.81 -64.29 19.63
CA SER J 93 57.53 -63.98 19.00
C SER J 93 56.64 -65.20 18.85
N LEU J 94 57.21 -66.40 18.85
CA LEU J 94 56.42 -67.63 18.78
C LEU J 94 55.36 -67.67 19.87
N SER J 95 55.74 -67.34 21.11
CA SER J 95 54.83 -67.39 22.24
C SER J 95 53.57 -66.54 22.05
N THR J 96 53.57 -65.61 21.11
CA THR J 96 52.41 -64.76 20.87
C THR J 96 51.85 -64.84 19.46
N ASP J 97 52.63 -65.33 18.49
CA ASP J 97 52.08 -65.56 17.16
C ASP J 97 51.20 -66.80 17.11
N PHE J 98 51.57 -67.86 17.82
CA PHE J 98 50.95 -69.16 17.65
C PHE J 98 50.49 -69.71 18.99
N ASP J 99 49.42 -70.51 18.95
CA ASP J 99 48.97 -71.21 20.14
C ASP J 99 49.97 -72.26 20.57
N SER J 100 50.21 -72.34 21.88
CA SER J 100 51.34 -73.10 22.39
C SER J 100 51.22 -74.57 22.03
N ASN J 101 50.02 -75.13 22.13
CA ASN J 101 49.79 -76.50 21.67
C ASN J 101 50.14 -76.65 20.19
N SER J 102 49.88 -75.62 19.40
CA SER J 102 50.05 -75.73 17.96
C SER J 102 51.52 -75.63 17.55
N LEU J 103 52.35 -75.00 18.38
CA LEU J 103 53.79 -75.13 18.22
C LEU J 103 54.25 -76.56 18.54
N ARG J 104 53.68 -77.16 19.59
CA ARG J 104 54.04 -78.53 19.95
C ARG J 104 53.44 -79.56 19.01
N ASN J 105 52.35 -79.25 18.33
CA ASN J 105 51.70 -80.18 17.42
C ASN J 105 52.52 -80.33 16.14
N ALA J 106 53.13 -81.50 15.95
CA ALA J 106 53.94 -81.80 14.78
C ALA J 106 53.16 -81.91 13.47
N GLU J 107 51.83 -81.93 13.49
CA GLU J 107 51.06 -81.86 12.26
C GLU J 107 50.96 -80.46 11.67
N ASN J 108 51.48 -79.43 12.33
CA ASN J 108 51.32 -78.08 11.85
C ASN J 108 52.53 -77.63 11.03
N GLU J 109 52.25 -76.78 10.04
CA GLU J 109 53.24 -75.95 9.37
C GLU J 109 52.82 -74.49 9.45
N PHE J 110 53.82 -73.60 9.45
CA PHE J 110 53.67 -72.25 9.99
C PHE J 110 54.01 -71.22 8.92
N THR J 111 53.19 -70.17 8.85
CA THR J 111 53.41 -69.05 7.93
C THR J 111 53.10 -67.75 8.65
N ARG J 112 53.96 -66.75 8.46
CA ARG J 112 53.74 -65.40 8.94
C ARG J 112 53.81 -64.42 7.77
N ILE J 113 52.70 -63.73 7.51
CA ILE J 113 52.57 -62.79 6.40
C ILE J 113 52.50 -61.38 6.98
N GLN J 114 53.53 -60.58 6.73
CA GLN J 114 53.61 -59.21 7.23
C GLN J 114 53.63 -58.24 6.05
N GLN J 115 52.62 -57.36 5.98
CA GLN J 115 52.65 -56.19 5.09
C GLN J 115 53.12 -54.96 5.86
N SER J 116 54.40 -54.62 5.70
CA SER J 116 54.92 -53.36 6.24
C SER J 116 54.45 -52.17 5.41
N ILE J 117 53.89 -51.16 6.07
CA ILE J 117 53.56 -49.90 5.42
C ILE J 117 54.64 -48.87 5.75
N ASN J 118 55.75 -48.91 5.03
CA ASN J 118 56.89 -48.04 5.31
C ASN J 118 56.56 -46.58 5.01
N LEU J 119 57.13 -45.68 5.83
CA LEU J 119 57.11 -44.25 5.55
C LEU J 119 58.50 -43.67 5.42
N TRP J 120 59.34 -43.83 6.44
CA TRP J 120 60.72 -43.34 6.40
C TRP J 120 61.56 -44.29 7.23
N SER J 121 62.88 -44.18 7.09
CA SER J 121 63.78 -45.01 7.87
C SER J 121 64.97 -44.21 8.36
N LEU J 122 65.30 -44.43 9.63
CA LEU J 122 66.38 -43.73 10.30
C LEU J 122 67.59 -44.65 10.42
N ARG J 123 68.75 -44.12 10.09
CA ARG J 123 69.99 -44.89 10.07
C ARG J 123 71.01 -44.21 10.98
N LEU J 124 71.86 -45.01 11.61
CA LEU J 124 72.84 -44.51 12.56
C LEU J 124 74.20 -45.13 12.26
N PRO J 125 75.22 -44.33 11.93
CA PRO J 125 76.49 -44.89 11.48
C PRO J 125 77.34 -45.40 12.64
N SER J 126 78.17 -46.39 12.31
CA SER J 126 79.06 -47.05 13.26
C SER J 126 80.29 -46.22 13.61
N VAL J 127 80.19 -44.89 13.55
CA VAL J 127 81.36 -44.07 13.79
C VAL J 127 81.76 -44.09 15.26
N LYS J 128 83.05 -43.90 15.51
CA LYS J 128 83.62 -43.94 16.85
C LYS J 128 83.07 -42.87 17.78
N SER J 129 82.53 -41.77 17.25
CA SER J 129 81.97 -40.73 18.11
C SER J 129 80.64 -41.12 18.73
N LEU J 130 80.06 -42.27 18.41
CA LEU J 130 78.83 -42.69 19.07
C LEU J 130 78.98 -42.67 20.59
N ARG J 131 80.11 -43.17 21.09
CA ARG J 131 80.39 -43.17 22.52
C ARG J 131 80.16 -41.79 23.15
N GLU J 132 80.47 -40.73 22.42
CA GLU J 132 80.30 -39.38 22.97
C GLU J 132 78.84 -39.01 23.15
N LEU J 133 77.94 -39.61 22.37
CA LEU J 133 76.51 -39.33 22.49
C LEU J 133 75.77 -40.20 23.51
N MET J 134 76.40 -41.24 24.06
CA MET J 134 75.70 -42.02 25.09
C MET J 134 75.33 -41.14 26.27
N LEU J 135 74.19 -41.46 26.88
CA LEU J 135 73.84 -40.86 28.16
C LEU J 135 74.92 -41.18 29.20
N PRO J 136 75.25 -40.22 30.08
CA PRO J 136 76.39 -40.44 30.98
C PRO J 136 76.25 -41.65 31.89
N HIS J 137 75.06 -41.91 32.43
CA HIS J 137 74.89 -43.07 33.30
C HIS J 137 74.96 -44.37 32.52
N MET J 138 74.47 -44.38 31.29
CA MET J 138 74.62 -45.57 30.44
C MET J 138 76.09 -45.82 30.12
N ARG J 139 76.83 -44.78 29.72
CA ARG J 139 78.26 -44.94 29.50
C ARG J 139 78.99 -45.36 30.77
N GLN J 140 78.66 -44.72 31.90
CA GLN J 140 79.29 -45.10 33.17
C GLN J 140 79.02 -46.56 33.52
N GLN J 141 77.78 -47.01 33.32
CA GLN J 141 77.44 -48.40 33.62
C GLN J 141 78.22 -49.36 32.74
N LEU J 142 78.31 -49.07 31.44
CA LEU J 142 79.08 -49.90 30.53
C LEU J 142 80.58 -49.86 30.84
N ASP J 143 81.09 -48.69 31.25
CA ASP J 143 82.51 -48.56 31.53
C ASP J 143 82.90 -49.29 32.81
N GLU J 144 82.00 -49.38 33.79
CA GLU J 144 82.29 -50.06 35.05
C GLU J 144 81.86 -51.53 35.05
N LEU J 145 81.35 -52.04 33.93
CA LEU J 145 80.92 -53.44 33.87
C LEU J 145 82.09 -54.37 34.20
N ASN J 146 81.93 -55.18 35.24
CA ASN J 146 82.96 -56.12 35.69
C ASN J 146 82.95 -57.35 34.79
N VAL J 147 83.62 -57.24 33.65
CA VAL J 147 83.68 -58.33 32.69
C VAL J 147 84.46 -59.54 33.18
N ASN J 148 85.09 -59.43 34.36
CA ASN J 148 85.68 -60.58 35.03
C ASN J 148 84.64 -61.53 35.62
N ASP J 149 83.38 -61.12 35.73
CA ASP J 149 82.31 -62.01 36.17
C ASP J 149 81.35 -62.28 35.02
N PRO J 150 81.25 -63.53 34.55
CA PRO J 150 80.26 -63.84 33.50
C PRO J 150 78.84 -63.45 33.88
N LYS J 151 78.47 -63.58 35.14
CA LYS J 151 77.11 -63.25 35.56
C LYS J 151 76.82 -61.76 35.38
N ALA J 152 77.82 -60.92 35.60
CA ALA J 152 77.64 -59.48 35.37
C ALA J 152 77.39 -59.19 33.90
N ILE J 153 78.19 -59.77 33.01
CA ILE J 153 77.97 -59.58 31.57
C ILE J 153 76.62 -60.14 31.17
N SER J 154 76.30 -61.35 31.64
CA SER J 154 75.01 -61.96 31.31
C SER J 154 73.85 -61.10 31.80
N ARG J 155 73.95 -60.58 33.02
CA ARG J 155 72.94 -59.64 33.51
C ARG J 155 72.91 -58.36 32.69
N TYR J 156 74.07 -57.86 32.26
CA TYR J 156 74.09 -56.68 31.41
C TYR J 156 73.37 -56.93 30.08
N PHE J 157 73.70 -58.03 29.39
CA PHE J 157 72.98 -58.35 28.16
C PHE J 157 71.50 -58.56 28.41
N ASP J 158 71.14 -59.23 29.51
CA ASP J 158 69.74 -59.38 29.88
C ASP J 158 69.09 -58.03 30.19
N ARG J 159 69.72 -57.23 31.03
CA ARG J 159 69.08 -56.02 31.52
C ARG J 159 69.13 -54.88 30.50
N VAL J 160 70.20 -54.79 29.70
CA VAL J 160 70.38 -53.68 28.79
C VAL J 160 70.19 -54.07 27.33
N GLY J 161 70.21 -55.36 27.01
CA GLY J 161 70.25 -55.82 25.64
C GLY J 161 71.67 -56.09 25.16
N SER J 162 71.78 -56.97 24.17
CA SER J 162 73.06 -57.30 23.57
C SER J 162 73.41 -56.43 22.38
N HIS J 163 72.43 -55.80 21.75
CA HIS J 163 72.64 -54.98 20.57
C HIS J 163 71.95 -53.64 20.79
N PHE J 164 72.15 -52.71 19.85
CA PHE J 164 71.34 -51.51 19.81
C PHE J 164 70.94 -51.23 18.37
N LEU J 165 69.77 -50.62 18.21
CA LEU J 165 69.19 -50.39 16.90
C LEU J 165 69.99 -49.34 16.13
N THR J 166 70.38 -49.69 14.90
CA THR J 166 71.00 -48.76 13.98
C THR J 166 70.22 -48.57 12.69
N GLY J 167 69.24 -49.42 12.41
CA GLY J 167 68.38 -49.23 11.26
C GLY J 167 66.93 -49.37 11.67
N ILE J 168 66.13 -48.34 11.39
CA ILE J 168 64.73 -48.30 11.78
C ILE J 168 63.90 -47.93 10.56
N VAL J 169 62.79 -48.64 10.35
CA VAL J 169 61.77 -48.22 9.41
C VAL J 169 60.55 -47.83 10.24
N MET J 170 60.03 -46.63 10.02
CA MET J 170 58.86 -46.18 10.74
C MET J 170 57.63 -46.23 9.84
N GLY J 171 56.58 -46.90 10.30
CA GLY J 171 55.35 -46.93 9.54
C GLY J 171 54.25 -47.68 10.27
N GLY J 172 53.63 -48.61 9.54
CA GLY J 172 52.63 -49.49 10.09
C GLY J 172 52.94 -50.90 9.66
N ARG J 173 52.30 -51.87 10.31
CA ARG J 173 52.26 -53.21 9.76
C ARG J 173 50.99 -53.91 10.18
N ALA J 174 50.45 -54.72 9.28
CA ALA J 174 49.44 -55.72 9.59
C ALA J 174 50.05 -57.10 9.39
N ILE J 175 49.83 -58.00 10.34
CA ILE J 175 50.39 -59.34 10.29
C ILE J 175 49.26 -60.33 10.39
N LEU J 176 49.33 -61.40 9.59
CA LEU J 176 48.58 -62.62 9.81
C LEU J 176 49.56 -63.75 10.03
N ALA J 177 49.46 -64.41 11.18
CA ALA J 177 50.23 -65.61 11.48
C ALA J 177 49.27 -66.79 11.55
N SER J 178 49.68 -67.92 10.97
CA SER J 178 48.81 -69.08 10.87
C SER J 178 49.63 -70.35 11.03
N SER J 179 49.03 -71.34 11.70
CA SER J 179 49.55 -72.70 11.74
C SER J 179 48.50 -73.63 11.14
N THR J 180 48.94 -74.49 10.23
CA THR J 180 48.04 -75.20 9.33
C THR J 180 48.35 -76.69 9.39
N ASN J 181 47.30 -77.51 9.43
CA ASN J 181 47.48 -78.95 9.49
C ASN J 181 47.99 -79.43 8.13
N LYS J 182 49.30 -79.67 8.06
CA LYS J 182 49.95 -79.98 6.80
C LYS J 182 49.57 -81.36 6.25
N LEU J 183 48.91 -82.20 7.04
CA LEU J 183 48.43 -83.48 6.56
C LEU J 183 47.11 -83.39 5.82
N ARG J 184 46.35 -82.30 5.96
CA ARG J 184 44.97 -82.27 5.52
C ARG J 184 44.60 -81.08 4.65
N VAL J 185 45.34 -79.97 4.71
CA VAL J 185 45.13 -78.87 3.76
C VAL J 185 45.47 -79.31 2.34
N LYS J 186 44.72 -78.76 1.38
CA LYS J 186 45.00 -79.00 -0.03
C LYS J 186 46.42 -78.62 -0.41
N ARG J 187 47.06 -79.47 -1.22
CA ARG J 187 48.43 -79.29 -1.66
C ARG J 187 48.52 -78.72 -3.08
N ASP J 188 47.42 -78.18 -3.62
CA ASP J 188 47.48 -77.58 -4.95
C ASP J 188 48.49 -76.44 -5.03
N TYR J 189 48.65 -75.68 -3.96
CA TYR J 189 49.61 -74.59 -3.91
C TYR J 189 50.40 -74.68 -2.60
N SER J 190 51.57 -74.05 -2.60
CA SER J 190 52.32 -73.90 -1.36
C SER J 190 51.53 -73.05 -0.38
N VAL J 191 51.70 -73.35 0.91
CA VAL J 191 50.85 -72.74 1.92
C VAL J 191 51.16 -71.25 2.06
N SER J 192 52.39 -70.84 1.77
CA SER J 192 52.70 -69.42 1.70
C SER J 192 51.91 -68.70 0.62
N VAL J 193 51.58 -69.39 -0.48
CA VAL J 193 50.79 -68.77 -1.53
C VAL J 193 49.36 -68.56 -1.08
N VAL J 194 48.74 -69.60 -0.51
CA VAL J 194 47.37 -69.47 -0.02
C VAL J 194 47.30 -68.71 1.31
N ALA J 195 48.37 -68.71 2.09
CA ALA J 195 48.47 -67.78 3.22
C ALA J 195 48.44 -66.33 2.75
N LYS J 196 49.31 -65.97 1.82
CA LYS J 196 49.32 -64.61 1.29
C LYS J 196 47.99 -64.28 0.59
N ALA J 197 47.48 -65.22 -0.20
CA ALA J 197 46.23 -64.98 -0.90
C ALA J 197 45.06 -64.80 0.06
N SER J 198 45.03 -65.55 1.15
CA SER J 198 43.98 -65.37 2.15
C SER J 198 44.18 -64.10 2.97
N TYR J 199 45.43 -63.75 3.28
CA TYR J 199 45.70 -62.42 3.84
C TYR J 199 45.18 -61.31 2.94
N GLU J 200 45.49 -61.40 1.65
CA GLU J 200 44.94 -60.44 0.69
C GLU J 200 43.42 -60.49 0.66
N GLY J 201 42.84 -61.67 0.79
CA GLY J 201 41.39 -61.78 0.88
C GLY J 201 40.82 -61.08 2.09
N LEU J 202 41.42 -61.31 3.26
CA LEU J 202 40.94 -60.67 4.49
C LEU J 202 41.08 -59.16 4.43
N THR J 203 42.14 -58.66 3.80
CA THR J 203 42.32 -57.21 3.65
C THR J 203 41.64 -56.65 2.40
N GLY J 204 41.07 -57.49 1.54
CA GLY J 204 40.42 -57.03 0.33
C GLY J 204 41.35 -56.75 -0.83
N GLN J 205 42.65 -57.01 -0.67
CA GLN J 205 43.63 -56.77 -1.73
C GLN J 205 43.58 -57.82 -2.83
N LEU J 206 42.91 -58.95 -2.59
CA LEU J 206 42.84 -60.02 -3.58
C LEU J 206 41.92 -59.62 -4.73
N SER J 207 42.42 -59.73 -5.95
CA SER J 207 41.65 -59.34 -7.12
C SER J 207 40.57 -60.38 -7.46
N ALA J 208 39.64 -59.93 -8.32
CA ALA J 208 38.56 -60.77 -8.83
C ALA J 208 39.05 -62.08 -9.43
N GLU J 209 40.06 -62.04 -10.29
CA GLU J 209 40.62 -63.28 -10.85
C GLU J 209 41.40 -64.09 -9.82
N ALA J 210 42.12 -63.42 -8.93
CA ALA J 210 42.86 -64.18 -7.91
C ALA J 210 41.89 -64.77 -6.89
N LYS J 211 40.86 -64.00 -6.56
CA LYS J 211 39.78 -64.47 -5.68
C LYS J 211 39.12 -65.76 -6.18
N ALA J 212 38.80 -65.83 -7.46
CA ALA J 212 38.40 -67.11 -8.05
C ALA J 212 39.49 -68.18 -7.97
N LYS J 213 40.72 -67.87 -8.41
CA LYS J 213 41.75 -68.90 -8.46
C LYS J 213 42.11 -69.44 -7.08
N TYR J 214 42.43 -68.54 -6.16
CA TYR J 214 42.72 -68.91 -4.77
C TYR J 214 41.47 -69.25 -3.96
N GLY J 215 40.32 -68.68 -4.31
CA GLY J 215 39.16 -68.75 -3.43
C GLY J 215 38.77 -70.13 -2.96
N GLU J 216 38.82 -71.12 -3.84
CA GLU J 216 38.60 -72.49 -3.38
C GLU J 216 39.76 -73.04 -2.55
N SER J 217 41.00 -72.62 -2.83
CA SER J 217 42.13 -73.09 -2.05
C SER J 217 42.20 -72.46 -0.66
N ILE J 218 41.78 -71.20 -0.52
CA ILE J 218 41.88 -70.49 0.75
C ILE J 218 40.86 -70.98 1.79
N SER J 219 39.69 -71.46 1.36
CA SER J 219 38.76 -72.05 2.30
C SER J 219 39.33 -73.29 2.98
N SER J 220 39.98 -74.18 2.22
CA SER J 220 40.66 -75.30 2.85
C SER J 220 41.74 -74.84 3.82
N PHE J 221 42.56 -73.87 3.40
CA PHE J 221 43.53 -73.26 4.30
C PHE J 221 42.85 -72.63 5.52
N THR J 222 41.73 -71.95 5.31
CA THR J 222 41.08 -71.24 6.41
C THR J 222 40.59 -72.18 7.49
N GLN J 223 39.85 -73.23 7.11
CA GLN J 223 39.28 -74.13 8.10
C GLN J 223 40.34 -74.97 8.81
N TYR J 224 41.40 -75.36 8.13
CA TYR J 224 42.45 -76.19 8.71
C TYR J 224 43.60 -75.40 9.34
N SER J 225 43.40 -74.11 9.64
CA SER J 225 44.48 -73.34 10.23
C SER J 225 43.92 -72.32 11.22
N ASN J 226 44.78 -71.95 12.17
CA ASN J 226 44.46 -71.00 13.24
C ASN J 226 45.18 -69.68 12.94
N THR J 227 44.48 -68.78 12.25
CA THR J 227 45.08 -67.51 11.84
C THR J 227 45.00 -66.51 12.99
N HIS J 228 46.14 -66.26 13.62
CA HIS J 228 46.30 -65.08 14.46
C HIS J 228 46.45 -63.84 13.61
N GLN J 229 45.80 -62.75 14.04
CA GLN J 229 45.86 -61.47 13.35
C GLN J 229 46.26 -60.37 14.32
N GLU J 230 47.15 -59.49 13.87
CA GLU J 230 47.52 -58.31 14.64
C GLU J 230 47.88 -57.19 13.68
N VAL J 231 47.85 -55.96 14.22
CA VAL J 231 48.13 -54.76 13.44
C VAL J 231 48.80 -53.74 14.35
N ARG J 232 49.68 -52.92 13.76
CA ARG J 232 50.55 -52.05 14.52
C ARG J 232 50.76 -50.75 13.74
N GLY J 233 50.96 -49.66 14.48
CA GLY J 233 50.93 -48.34 13.89
C GLY J 233 49.56 -47.91 13.41
N GLY J 234 49.43 -46.62 13.10
CA GLY J 234 48.16 -46.05 12.71
C GLY J 234 47.20 -45.87 13.86
N ASP J 235 46.01 -45.37 13.52
CA ASP J 235 44.98 -45.11 14.52
C ASP J 235 44.39 -46.41 15.03
N GLY J 236 44.57 -46.67 16.33
CA GLY J 236 44.02 -47.87 16.93
C GLY J 236 42.52 -47.98 16.85
N ALA J 237 41.82 -46.85 16.68
CA ALA J 237 40.39 -46.89 16.43
C ALA J 237 40.04 -47.33 15.01
N LYS J 238 41.01 -47.34 14.09
CA LYS J 238 40.80 -47.84 12.74
C LYS J 238 41.61 -49.10 12.48
N ALA J 239 42.47 -49.52 13.42
CA ALA J 239 43.34 -50.66 13.18
C ALA J 239 42.55 -51.95 13.00
N HIS J 240 41.47 -52.11 13.78
CA HIS J 240 40.66 -53.33 13.70
C HIS J 240 39.90 -53.45 12.39
N GLY J 241 39.73 -52.34 11.66
CA GLY J 241 39.09 -52.37 10.35
C GLY J 241 39.92 -52.97 9.24
N VAL J 242 41.23 -53.15 9.43
CA VAL J 242 42.08 -53.57 8.32
C VAL J 242 41.72 -54.97 7.87
N PHE J 243 41.30 -55.85 8.78
CA PHE J 243 40.87 -57.19 8.41
C PHE J 243 39.36 -57.28 8.22
N SER J 244 38.70 -56.14 7.99
CA SER J 244 37.27 -56.07 7.80
C SER J 244 36.81 -56.60 6.44
N GLY J 245 37.73 -57.09 5.61
CA GLY J 245 37.38 -57.58 4.29
C GLY J 245 37.07 -56.51 3.28
N LYS J 246 37.24 -55.23 3.62
CA LYS J 246 36.80 -54.13 2.79
C LYS J 246 37.97 -53.17 2.58
N LYS J 247 38.27 -52.87 1.31
CA LYS J 247 39.42 -52.03 0.99
C LYS J 247 39.32 -50.64 1.61
N GLU J 248 38.11 -50.08 1.65
CA GLU J 248 37.95 -48.74 2.23
C GLU J 248 38.36 -48.70 3.69
N ASP J 249 38.12 -49.78 4.44
CA ASP J 249 38.55 -49.83 5.83
C ASP J 249 40.06 -49.99 5.95
N PHE J 250 40.65 -50.86 5.12
CA PHE J 250 42.11 -51.01 5.10
C PHE J 250 42.81 -49.71 4.71
N GLN J 251 42.35 -49.07 3.63
CA GLN J 251 42.95 -47.80 3.21
C GLN J 251 42.76 -46.71 4.26
N ALA J 252 41.60 -46.68 4.93
CA ALA J 252 41.39 -45.75 6.03
C ALA J 252 42.41 -45.93 7.15
N TRP J 253 42.85 -47.15 7.43
CA TRP J 253 43.95 -47.34 8.37
C TRP J 253 45.28 -46.85 7.80
N VAL J 254 45.58 -47.22 6.55
CA VAL J 254 46.82 -46.76 5.92
C VAL J 254 46.89 -45.23 5.93
N ASP J 255 45.78 -44.56 5.65
CA ASP J 255 45.75 -43.10 5.73
C ASP J 255 46.01 -42.57 7.12
N SER J 256 45.91 -43.39 8.16
CA SER J 256 46.25 -42.97 9.51
C SER J 256 47.66 -43.35 9.95
N VAL J 257 48.28 -44.34 9.30
CA VAL J 257 49.66 -44.70 9.63
C VAL J 257 50.59 -43.51 9.40
N SER J 258 50.32 -42.73 8.36
CA SER J 258 51.15 -41.56 8.07
C SER J 258 51.17 -40.56 9.20
N ALA J 259 50.09 -40.44 9.96
CA ALA J 259 50.08 -39.52 11.10
C ALA J 259 50.81 -40.08 12.32
N SER J 260 50.71 -41.39 12.57
CA SER J 260 51.16 -41.97 13.84
C SER J 260 51.90 -43.27 13.58
N PRO J 261 53.08 -43.20 12.96
CA PRO J 261 53.83 -44.42 12.64
C PRO J 261 54.52 -45.00 13.87
N ASP J 262 54.85 -46.29 13.75
CA ASP J 262 55.61 -47.01 14.77
C ASP J 262 56.79 -47.73 14.11
N PHE J 263 57.73 -48.14 14.96
CA PHE J 263 58.78 -49.08 14.57
C PHE J 263 58.24 -50.44 14.16
N VAL J 264 58.33 -50.75 12.87
CA VAL J 264 57.65 -51.89 12.27
C VAL J 264 58.62 -52.84 11.59
N ASP J 265 59.79 -52.35 11.16
CA ASP J 265 60.71 -53.19 10.42
C ASP J 265 62.12 -52.65 10.54
N PHE J 266 63.09 -53.50 10.21
CA PHE J 266 64.49 -53.13 10.14
C PHE J 266 64.88 -52.68 8.72
N VAL J 267 65.91 -51.84 8.65
CA VAL J 267 66.65 -51.60 7.42
C VAL J 267 67.58 -52.76 7.13
N PRO J 268 67.43 -53.46 5.99
CA PRO J 268 68.11 -54.76 5.83
C PRO J 268 69.63 -54.70 5.96
N THR J 269 70.25 -53.57 5.62
CA THR J 269 71.70 -53.50 5.54
C THR J 269 72.37 -53.36 6.91
N ILE J 270 71.73 -52.68 7.85
CA ILE J 270 72.39 -52.25 9.08
C ILE J 270 71.41 -52.27 10.24
N PRO J 271 70.73 -53.40 10.48
CA PRO J 271 69.60 -53.37 11.41
C PRO J 271 69.99 -53.02 12.84
N MET J 272 71.04 -53.63 13.37
CA MET J 272 71.49 -53.32 14.72
C MET J 272 72.98 -53.62 14.87
N GLN J 273 73.59 -52.98 15.86
CA GLN J 273 75.03 -53.08 16.13
C GLN J 273 75.25 -53.70 17.50
N GLU J 274 76.31 -54.48 17.63
CA GLU J 274 76.64 -55.10 18.90
C GLU J 274 77.03 -54.08 19.95
N ILE J 275 76.64 -54.36 21.20
CA ILE J 275 76.78 -53.41 22.30
C ILE J 275 78.24 -53.12 22.63
N TRP J 276 79.11 -54.11 22.51
CA TRP J 276 80.55 -53.91 22.72
C TRP J 276 81.23 -53.10 21.62
N THR J 277 80.49 -52.66 20.60
CA THR J 277 81.01 -51.60 19.74
C THR J 277 81.22 -50.31 20.52
N LEU J 278 80.46 -50.08 21.58
CA LEU J 278 80.51 -48.85 22.35
C LEU J 278 81.50 -48.86 23.50
N CYS J 279 82.01 -50.01 23.94
CA CYS J 279 82.93 -50.01 25.07
C CYS J 279 84.31 -49.52 24.63
N SER J 280 84.97 -48.77 25.52
CA SER J 280 86.19 -48.07 25.18
C SER J 280 87.41 -48.97 25.09
N SER J 281 87.43 -50.11 25.78
CA SER J 281 88.59 -50.98 25.80
C SER J 281 88.37 -52.21 24.94
N GLU J 282 89.33 -52.48 24.04
CA GLU J 282 89.27 -53.69 23.23
C GLU J 282 89.33 -54.95 24.08
N ALA J 283 90.04 -54.91 25.20
CA ALA J 283 90.06 -56.02 26.13
C ALA J 283 88.69 -56.23 26.78
N GLN J 284 87.94 -55.15 27.02
CA GLN J 284 86.56 -55.30 27.47
C GLN J 284 85.70 -55.87 26.35
N ALA J 285 85.86 -55.37 25.12
CA ALA J 285 85.09 -55.87 24.00
C ALA J 285 85.32 -57.36 23.78
N GLU J 286 86.58 -57.78 23.87
CA GLU J 286 86.90 -59.20 23.75
C GLU J 286 86.18 -60.05 24.79
N ALA J 287 86.19 -59.61 26.05
CA ALA J 287 85.48 -60.36 27.08
C ALA J 287 83.98 -60.38 26.83
N MET J 288 83.39 -59.23 26.47
CA MET J 288 81.96 -59.20 26.21
C MET J 288 81.57 -60.03 24.99
N ARG J 289 82.28 -59.83 23.87
CA ARG J 289 82.02 -60.64 22.68
C ARG J 289 82.22 -62.12 22.94
N LYS J 290 83.29 -62.48 23.63
CA LYS J 290 83.52 -63.88 23.98
C LYS J 290 82.39 -64.44 24.84
N HIS J 291 81.94 -63.68 25.84
CA HIS J 291 80.80 -64.14 26.62
C HIS J 291 79.53 -64.22 25.79
N TYR J 292 79.29 -63.26 24.90
CA TYR J 292 78.04 -63.22 24.16
C TYR J 292 77.82 -64.51 23.39
N ASP J 293 78.84 -64.99 22.69
CA ASP J 293 78.69 -66.12 21.77
C ASP J 293 79.13 -67.44 22.38
N ASP J 294 79.96 -67.41 23.41
CA ASP J 294 80.31 -68.64 24.13
C ASP J 294 79.24 -69.07 25.11
N VAL J 295 78.47 -68.14 25.66
CA VAL J 295 77.57 -68.46 26.77
C VAL J 295 76.17 -67.94 26.51
N TRP J 296 76.03 -66.63 26.39
CA TRP J 296 74.71 -66.00 26.49
C TRP J 296 73.84 -66.32 25.28
N ALA J 297 74.33 -66.06 24.08
CA ALA J 297 73.55 -66.37 22.88
C ALA J 297 73.26 -67.86 22.71
N PRO J 298 74.17 -68.79 23.00
CA PRO J 298 73.78 -70.21 23.06
C PRO J 298 72.63 -70.49 24.01
N ALA J 299 72.76 -70.08 25.28
CA ALA J 299 71.71 -70.32 26.26
C ALA J 299 70.39 -69.69 25.84
N GLN J 300 70.42 -68.45 25.37
CA GLN J 300 69.19 -67.80 24.91
C GLN J 300 68.57 -68.55 23.73
N SER J 301 69.40 -68.98 22.77
CA SER J 301 68.86 -69.73 21.64
C SER J 301 68.24 -71.06 22.09
N GLU J 302 68.91 -71.75 23.01
CA GLU J 302 68.39 -73.03 23.49
C GLU J 302 67.09 -72.85 24.28
N LYS J 303 67.01 -71.79 25.08
CA LYS J 303 65.81 -71.53 25.86
C LYS J 303 64.62 -71.13 25.01
N TYR J 304 64.78 -71.07 23.68
CA TYR J 304 63.67 -70.81 22.77
C TYR J 304 63.45 -71.98 21.81
N ARG J 305 64.08 -73.11 22.09
CA ARG J 305 63.88 -74.32 21.30
C ARG J 305 62.63 -75.04 21.79
N VAL J 306 61.78 -75.47 20.86
CA VAL J 306 60.45 -75.98 21.18
C VAL J 306 60.41 -77.47 20.94
N LYS J 307 60.02 -78.22 21.96
CA LYS J 307 59.77 -79.65 21.83
C LYS J 307 58.46 -79.90 21.09
N ALA J 308 58.35 -81.07 20.49
CA ALA J 308 57.05 -81.55 20.02
C ALA J 308 56.38 -82.41 21.09
N ASN J 309 55.05 -82.46 21.03
CA ASN J 309 54.30 -83.43 21.81
C ASN J 309 54.69 -84.85 21.40
N TYR J 310 54.53 -85.80 22.33
CA TYR J 310 54.89 -87.18 22.10
C TYR J 310 53.84 -88.12 22.67
N ILE J 311 53.77 -89.31 22.10
CA ILE J 311 52.86 -90.34 22.59
C ILE J 311 53.44 -90.98 23.85
N ASP J 312 52.63 -91.05 24.90
CA ASP J 312 53.02 -91.73 26.13
C ASP J 312 52.18 -92.94 26.48
N GLN J 313 50.99 -93.11 25.89
CA GLN J 313 50.15 -94.25 26.22
C GLN J 313 49.26 -94.58 25.03
N LEU J 314 49.07 -95.88 24.79
CA LEU J 314 48.18 -96.40 23.76
C LEU J 314 47.14 -97.32 24.37
N VAL J 315 45.95 -97.30 23.78
CA VAL J 315 44.87 -98.23 24.15
C VAL J 315 44.09 -98.60 22.90
N VAL J 316 43.41 -99.74 22.97
CA VAL J 316 42.54 -100.22 21.90
C VAL J 316 41.12 -100.31 22.43
N ILE J 317 40.14 -99.92 21.61
CA ILE J 317 38.73 -99.96 21.98
C ILE J 317 37.97 -100.75 20.91
N THR J 318 37.01 -101.54 21.37
CA THR J 318 36.28 -102.48 20.52
C THR J 318 34.78 -102.34 20.76
N GLY J 319 34.01 -102.51 19.71
CA GLY J 319 32.57 -102.46 19.83
C GLY J 319 31.87 -102.66 18.51
N GLY J 320 30.55 -102.54 18.57
CA GLY J 320 29.64 -102.92 17.51
C GLY J 320 29.29 -101.86 16.49
N SER J 321 29.89 -100.68 16.53
CA SER J 321 29.55 -99.64 15.56
C SER J 321 30.74 -98.75 15.29
N SER J 322 30.65 -98.03 14.16
CA SER J 322 31.74 -97.17 13.73
C SER J 322 32.02 -96.06 14.74
N THR J 323 31.01 -95.68 15.53
CA THR J 323 31.05 -94.45 16.31
C THR J 323 31.45 -94.70 17.77
N ILE J 324 31.91 -95.91 18.09
CA ILE J 324 32.46 -96.14 19.42
C ILE J 324 33.64 -95.20 19.66
N GLU J 325 33.90 -94.90 20.92
CA GLU J 325 34.63 -93.70 21.29
C GLU J 325 35.55 -93.97 22.47
N PRO J 326 36.75 -93.41 22.48
CA PRO J 326 37.76 -93.80 23.47
C PRO J 326 37.41 -93.30 24.85
N PRO J 327 38.14 -93.76 25.88
CA PRO J 327 38.13 -93.05 27.16
C PRO J 327 38.58 -91.61 27.00
N VAL J 328 38.01 -90.73 27.83
CA VAL J 328 38.04 -89.30 27.56
C VAL J 328 39.46 -88.78 27.42
N GLY J 329 40.42 -89.40 28.13
CA GLY J 329 41.80 -88.95 28.04
C GLY J 329 42.48 -89.21 26.71
N TYR J 330 41.93 -90.10 25.89
CA TYR J 330 42.57 -90.52 24.65
C TYR J 330 41.85 -89.94 23.44
N SER J 331 42.53 -89.99 22.29
CA SER J 331 41.95 -89.65 21.01
C SER J 331 42.15 -90.82 20.05
N LYS J 332 41.26 -90.92 19.07
CA LYS J 332 41.08 -92.13 18.28
C LYS J 332 41.72 -92.00 16.91
N ILE J 333 42.45 -93.03 16.50
CA ILE J 333 42.85 -93.22 15.11
C ILE J 333 41.66 -93.83 14.38
N GLU J 334 41.08 -93.08 13.46
CA GLU J 334 39.78 -93.37 12.84
C GLU J 334 39.81 -94.54 11.86
N TYR J 335 40.84 -95.38 11.74
CA TYR J 335 40.86 -96.48 10.78
C TYR J 335 40.63 -97.79 11.53
N ASP J 336 39.59 -98.52 11.11
CA ASP J 336 39.18 -99.73 11.82
C ASP J 336 40.20 -100.84 11.58
N LEU J 337 40.74 -101.39 12.67
CA LEU J 337 41.67 -102.52 12.60
C LEU J 337 41.01 -103.83 12.20
N ASN J 338 39.72 -103.83 11.86
CA ASN J 338 39.09 -104.93 11.14
C ASN J 338 38.39 -104.46 9.87
N ALA J 339 38.84 -103.33 9.30
CA ALA J 339 38.21 -102.80 8.09
C ALA J 339 38.16 -103.87 7.01
N GLY J 340 36.95 -104.20 6.59
CA GLY J 340 36.70 -105.25 5.62
C GLY J 340 36.80 -106.65 6.17
N ALA J 341 37.23 -106.82 7.41
CA ALA J 341 37.36 -108.14 8.01
C ALA J 341 36.13 -108.55 8.80
N GLY J 342 35.11 -107.69 8.86
CA GLY J 342 33.94 -107.98 9.66
C GLY J 342 34.25 -108.04 11.15
N GLY J 343 33.33 -108.68 11.88
CA GLY J 343 33.47 -108.81 13.32
C GLY J 343 33.16 -107.52 14.06
N ASP J 344 33.87 -107.32 15.16
CA ASP J 344 33.84 -106.05 15.88
C ASP J 344 34.61 -104.96 15.14
N PHE J 345 34.12 -103.73 15.25
CA PHE J 345 34.95 -102.58 14.99
C PHE J 345 36.03 -102.45 16.05
N ILE J 346 37.27 -102.19 15.62
CA ILE J 346 38.41 -102.04 16.52
C ILE J 346 39.16 -100.77 16.13
N TYR J 347 39.50 -99.95 17.11
CA TYR J 347 40.25 -98.73 16.90
C TYR J 347 41.41 -98.62 17.88
N LEU J 348 42.53 -98.08 17.40
CA LEU J 348 43.70 -97.80 18.21
C LEU J 348 43.64 -96.34 18.67
N CYS J 349 43.91 -96.12 19.96
CA CYS J 349 43.78 -94.80 20.56
C CYS J 349 45.06 -94.48 21.33
N TYR J 350 45.36 -93.19 21.44
CA TYR J 350 46.62 -92.74 22.01
C TYR J 350 46.41 -91.53 22.90
N HIS J 351 47.37 -91.32 23.81
CA HIS J 351 47.53 -90.09 24.55
C HIS J 351 48.83 -89.42 24.12
N GLU J 352 48.76 -88.13 23.81
CA GLU J 352 49.94 -87.34 23.51
C GLU J 352 50.24 -86.39 24.66
N GLN J 353 51.47 -86.48 25.19
CA GLN J 353 51.88 -85.81 26.41
C GLN J 353 52.62 -84.53 26.08
N THR J 354 52.27 -83.45 26.78
CA THR J 354 53.07 -82.23 26.71
C THR J 354 54.36 -82.42 27.49
N TRP J 355 55.47 -82.08 26.86
CA TRP J 355 56.76 -82.16 27.54
C TRP J 355 56.88 -81.12 28.65
N GLN J 356 57.49 -81.53 29.76
CA GLN J 356 57.71 -80.67 30.92
C GLN J 356 59.15 -80.82 31.37
N ALA J 357 59.79 -79.68 31.68
CA ALA J 357 61.21 -79.69 31.96
C ALA J 357 61.54 -80.42 33.25
N ASP J 358 60.69 -80.29 34.27
CA ASP J 358 60.97 -80.86 35.58
C ASP J 358 60.38 -82.25 35.79
N ARG J 359 59.47 -82.69 34.93
CA ARG J 359 58.88 -84.02 35.09
C ARG J 359 58.45 -84.58 33.75
N PRO J 360 59.38 -84.81 32.83
CA PRO J 360 59.03 -85.57 31.61
C PRO J 360 58.62 -86.99 31.96
N LYS J 361 57.55 -87.45 31.33
CA LYS J 361 57.13 -88.84 31.45
C LYS J 361 58.00 -89.73 30.58
N ASP J 362 57.70 -91.02 30.58
CA ASP J 362 58.09 -91.86 29.45
C ASP J 362 57.32 -91.47 28.19
N ALA J 363 58.01 -91.55 27.05
CA ALA J 363 57.35 -91.71 25.77
C ALA J 363 57.24 -93.19 25.41
N VAL J 364 56.30 -93.49 24.51
CA VAL J 364 56.40 -94.71 23.72
C VAL J 364 57.59 -94.59 22.77
N THR J 365 58.40 -95.64 22.70
CA THR J 365 59.58 -95.62 21.83
C THR J 365 59.67 -96.80 20.87
N ASP J 366 58.92 -97.87 21.08
CA ASP J 366 58.84 -98.93 20.08
C ASP J 366 57.48 -99.61 20.15
N ILE J 367 57.08 -100.19 19.03
CA ILE J 367 55.83 -100.94 18.96
C ILE J 367 56.09 -102.22 18.19
N ARG J 368 55.44 -103.31 18.61
CA ARG J 368 55.56 -104.60 17.97
C ARG J 368 54.21 -105.28 17.97
N ILE J 369 54.03 -106.22 17.03
CA ILE J 369 52.88 -107.12 17.01
C ILE J 369 53.37 -108.55 17.19
N ILE J 370 52.76 -109.27 18.13
CA ILE J 370 53.28 -110.54 18.60
C ILE J 370 52.41 -111.73 18.22
N PHE J 371 51.19 -111.48 17.74
CA PHE J 371 50.28 -112.53 17.26
C PHE J 371 50.02 -113.59 18.34
N ASN J 372 49.75 -114.82 17.87
CA ASN J 372 48.93 -115.80 18.58
C ASN J 372 49.42 -116.09 20.01
N LYS J 373 50.63 -116.63 20.15
CA LYS J 373 51.09 -117.17 21.42
C LYS J 373 52.50 -116.74 21.81
N GLU J 374 53.20 -116.00 20.96
CA GLU J 374 54.57 -115.63 21.29
C GLU J 374 54.59 -114.80 22.57
N PRO J 375 55.53 -115.04 23.48
CA PRO J 375 55.60 -114.24 24.70
C PRO J 375 55.88 -112.79 24.42
N THR J 376 55.42 -111.93 25.33
CA THR J 376 55.64 -110.51 25.19
C THR J 376 57.14 -110.21 25.25
N PRO J 377 57.69 -109.46 24.30
CA PRO J 377 59.14 -109.21 24.29
C PRO J 377 59.59 -108.49 25.56
N PRO J 378 60.87 -108.64 25.91
CA PRO J 378 61.34 -108.19 27.24
C PRO J 378 61.11 -106.71 27.48
N GLY J 379 60.30 -106.41 28.51
CA GLY J 379 59.99 -105.05 28.90
C GLY J 379 58.91 -104.36 28.10
N TYR J 380 58.31 -105.01 27.12
CA TYR J 380 57.16 -104.43 26.43
C TYR J 380 55.89 -104.65 27.25
N THR J 381 54.98 -103.67 27.15
CA THR J 381 53.60 -103.87 27.55
C THR J 381 52.81 -104.50 26.41
N LYS J 382 51.68 -105.11 26.77
CA LYS J 382 50.78 -105.73 25.80
C LYS J 382 49.36 -105.25 26.07
N LEU J 383 48.66 -104.89 24.99
CA LEU J 383 47.23 -104.60 25.07
C LEU J 383 46.42 -105.90 25.05
N PRO J 384 45.44 -106.06 25.94
CA PRO J 384 44.75 -107.35 26.05
C PRO J 384 43.74 -107.64 24.94
N GLN J 385 43.26 -106.62 24.23
CA GLN J 385 42.29 -106.84 23.17
C GLN J 385 42.92 -107.57 21.99
N ASP J 386 42.23 -108.60 21.51
CA ASP J 386 42.56 -109.21 20.23
C ASP J 386 42.16 -108.29 19.08
N LEU J 387 43.12 -107.93 18.25
CA LEU J 387 42.90 -107.04 17.12
C LEU J 387 42.29 -107.75 15.92
N ASN J 388 41.83 -109.00 16.09
CA ASN J 388 40.87 -109.62 15.17
C ASN J 388 39.61 -110.07 15.89
N LYS J 389 39.32 -109.51 17.08
CA LYS J 389 38.11 -109.86 17.80
C LYS J 389 36.89 -109.79 16.90
N GLY J 390 36.15 -110.90 16.85
CA GLY J 390 35.03 -111.06 15.96
C GLY J 390 35.38 -111.31 14.51
N ALA J 391 36.60 -111.00 14.08
CA ALA J 391 36.98 -111.16 12.69
C ALA J 391 37.48 -112.56 12.37
N GLY J 392 37.69 -113.39 13.39
CA GLY J 392 38.29 -114.70 13.20
C GLY J 392 39.79 -114.61 13.02
N GLY J 393 40.33 -115.35 12.07
CA GLY J 393 41.75 -115.32 11.80
C GLY J 393 42.57 -115.80 12.99
N ASP J 394 43.83 -115.35 12.99
CA ASP J 394 44.71 -115.56 14.13
C ASP J 394 44.50 -114.47 15.19
N ASP J 395 44.84 -114.80 16.43
CA ASP J 395 44.77 -113.81 17.50
C ASP J 395 45.90 -112.81 17.37
N VAL J 396 45.55 -111.53 17.29
CA VAL J 396 46.50 -110.45 17.05
C VAL J 396 46.55 -109.57 18.30
N PHE J 397 47.76 -109.31 18.79
CA PHE J 397 47.98 -108.42 19.92
C PHE J 397 49.11 -107.45 19.60
N LEU J 398 48.93 -106.19 19.99
CA LEU J 398 49.93 -105.14 19.80
C LEU J 398 50.65 -104.85 21.11
N CYS J 399 51.97 -104.76 21.03
CA CYS J 399 52.84 -104.50 22.18
C CYS J 399 53.64 -103.24 21.92
N TYR J 400 53.97 -102.52 22.98
CA TYR J 400 54.78 -101.32 22.85
C TYR J 400 55.69 -101.14 24.06
N LYS J 401 56.84 -100.52 23.83
CA LYS J 401 57.85 -100.26 24.84
C LYS J 401 57.87 -98.76 25.15
N THR J 402 57.99 -98.43 26.43
CA THR J 402 58.08 -97.06 26.89
C THR J 402 59.41 -96.82 27.60
N GLU J 403 59.96 -95.62 27.39
CA GLU J 403 61.27 -95.25 27.91
C GLU J 403 61.25 -93.76 28.24
N ALA J 404 62.15 -93.35 29.13
CA ALA J 404 62.23 -91.95 29.52
C ALA J 404 62.45 -91.07 28.29
N TYR J 405 61.84 -89.89 28.32
CA TYR J 405 61.75 -89.05 27.13
C TYR J 405 63.11 -88.72 26.57
N ASN J 406 63.24 -88.82 25.25
CA ASN J 406 64.36 -88.25 24.53
C ASN J 406 63.86 -87.82 23.16
N THR J 407 64.23 -86.60 22.74
CA THR J 407 63.77 -86.11 21.44
C THR J 407 64.23 -87.01 20.30
N ASP J 408 65.32 -87.74 20.48
CA ASP J 408 65.81 -88.62 19.43
C ASP J 408 64.90 -89.82 19.19
N THR J 409 64.02 -90.15 20.12
CA THR J 409 63.31 -91.43 20.07
C THR J 409 61.87 -91.38 20.55
N ALA J 410 61.43 -90.35 21.28
CA ALA J 410 60.03 -90.23 21.63
C ALA J 410 59.16 -90.15 20.38
N ILE J 411 58.28 -91.13 20.22
CA ILE J 411 57.40 -91.17 19.05
C ILE J 411 56.40 -90.03 19.16
N ASN J 412 56.34 -89.20 18.13
CA ASN J 412 55.43 -88.05 18.12
C ASN J 412 54.05 -88.39 17.59
N LYS J 413 53.95 -89.23 16.56
CA LYS J 413 52.65 -89.59 16.01
C LYS J 413 52.64 -91.05 15.60
N VAL J 414 51.43 -91.62 15.57
CA VAL J 414 51.18 -92.94 15.02
C VAL J 414 49.94 -92.85 14.14
N THR J 415 49.87 -93.76 13.16
CA THR J 415 48.66 -93.91 12.36
C THR J 415 48.57 -95.36 11.88
N VAL J 416 47.35 -95.75 11.50
CA VAL J 416 47.08 -97.07 10.92
C VAL J 416 46.66 -96.92 9.47
N ILE J 417 47.31 -97.67 8.60
CA ILE J 417 47.10 -97.60 7.16
C ILE J 417 46.76 -98.99 6.65
N GLY J 418 45.89 -99.07 5.65
CA GLY J 418 45.47 -100.36 5.14
C GLY J 418 44.94 -100.29 3.74
N GLY J 419 44.97 -101.43 3.07
CA GLY J 419 44.56 -101.51 1.69
C GLY J 419 44.65 -102.94 1.20
N ASN J 420 44.43 -103.11 -0.12
CA ASN J 420 44.44 -104.46 -0.68
C ASN J 420 45.85 -105.02 -0.87
N ASN J 421 46.84 -104.16 -1.09
CA ASN J 421 48.20 -104.62 -1.30
C ASN J 421 48.86 -104.92 0.04
N ALA J 422 49.67 -105.98 0.08
CA ALA J 422 50.51 -106.20 1.26
C ALA J 422 51.64 -105.19 1.34
N ASP J 423 52.29 -104.88 0.22
CA ASP J 423 53.32 -103.84 0.15
C ASP J 423 52.71 -102.45 0.05
N ILE J 424 52.05 -101.98 1.11
CA ILE J 424 51.44 -100.65 1.08
C ILE J 424 52.42 -99.63 1.65
N ASN J 425 52.30 -98.39 1.19
CA ASN J 425 53.24 -97.33 1.54
C ASN J 425 52.71 -96.52 2.73
N ALA J 426 53.58 -96.35 3.72
CA ALA J 426 53.32 -95.42 4.81
C ALA J 426 53.47 -93.97 4.35
N PRO J 427 52.86 -93.03 5.08
CA PRO J 427 53.11 -91.61 4.80
C PRO J 427 54.59 -91.27 4.96
N TYR J 428 55.00 -90.20 4.28
CA TYR J 428 56.41 -89.84 4.24
C TYR J 428 56.95 -89.61 5.65
N GLY J 429 58.09 -90.24 5.93
CA GLY J 429 58.73 -90.13 7.22
C GLY J 429 58.19 -91.06 8.29
N TYR J 430 57.03 -91.68 8.07
CA TYR J 430 56.56 -92.71 8.97
C TYR J 430 57.26 -94.03 8.70
N LEU J 431 57.42 -94.82 9.76
CA LEU J 431 57.86 -96.20 9.67
C LEU J 431 56.71 -97.11 10.09
N LYS J 432 56.37 -98.08 9.24
CA LYS J 432 55.34 -99.04 9.57
C LYS J 432 55.95 -100.26 10.24
N VAL J 433 55.23 -100.81 11.21
CA VAL J 433 55.64 -102.04 11.89
C VAL J 433 55.38 -103.25 11.00
N PRO J 434 56.20 -104.31 11.10
CA PRO J 434 55.89 -105.55 10.39
C PRO J 434 54.69 -106.27 11.00
N GLY J 435 54.04 -107.07 10.17
CA GLY J 435 52.89 -107.85 10.59
C GLY J 435 51.55 -107.19 10.31
N ASP J 436 50.56 -108.00 9.94
CA ASP J 436 49.26 -107.52 9.50
C ASP J 436 48.26 -107.65 10.63
N LEU J 437 47.58 -106.54 10.96
CA LEU J 437 46.54 -106.54 11.98
C LEU J 437 45.27 -107.25 11.54
N ASN J 438 45.24 -107.81 10.33
CA ASN J 438 44.21 -108.77 9.92
C ASN J 438 44.80 -110.10 9.48
N ARG J 439 46.01 -110.43 9.93
CA ARG J 439 46.63 -111.69 9.55
C ARG J 439 45.66 -112.85 9.75
N GLY J 440 45.46 -113.63 8.70
CA GLY J 440 44.54 -114.75 8.70
C GLY J 440 43.08 -114.37 8.59
N ALA J 441 42.72 -113.12 8.82
CA ALA J 441 41.35 -112.67 8.60
C ALA J 441 41.18 -112.25 7.15
N GLY J 442 39.94 -111.99 6.77
CA GLY J 442 39.68 -111.37 5.47
C GLY J 442 40.03 -109.90 5.42
N GLY J 443 39.49 -109.21 4.42
CA GLY J 443 39.62 -107.76 4.29
C GLY J 443 41.01 -107.26 3.94
N ASN J 444 41.23 -106.00 4.29
CA ASN J 444 42.47 -105.30 3.97
C ASN J 444 43.65 -105.82 4.78
N PHE J 445 44.84 -105.65 4.23
CA PHE J 445 46.04 -105.57 5.06
C PHE J 445 46.06 -104.27 5.84
N ILE J 446 46.49 -104.34 7.09
CA ILE J 446 46.50 -103.18 7.99
C ILE J 446 47.80 -103.17 8.79
N TYR J 447 48.44 -102.00 8.86
CA TYR J 447 49.74 -101.85 9.51
C TYR J 447 49.72 -100.58 10.35
N ALA J 448 50.44 -100.63 11.48
CA ALA J 448 50.67 -99.44 12.30
C ALA J 448 51.92 -98.68 11.86
N CYS J 449 51.76 -97.39 11.57
CA CYS J 449 52.84 -96.50 11.20
C CYS J 449 53.21 -95.59 12.35
N THR J 450 54.52 -95.36 12.53
CA THR J 450 55.05 -94.57 13.62
C THR J 450 55.89 -93.44 13.04
N PHE J 451 55.84 -92.28 13.69
CA PHE J 451 56.58 -91.10 13.26
C PHE J 451 57.33 -90.48 14.43
N VAL J 452 58.61 -90.18 14.21
CA VAL J 452 59.44 -89.50 15.19
C VAL J 452 60.00 -88.25 14.54
N GLY J 453 59.83 -87.11 15.21
CA GLY J 453 60.29 -85.84 14.70
C GLY J 453 61.78 -85.62 14.82
N LYS J 454 62.39 -86.20 15.86
CA LYS J 454 63.77 -85.91 16.20
C LYS J 454 63.94 -84.42 16.48
N THR K 1 52.71 -30.66 33.12
CA THR K 1 51.82 -31.85 33.07
C THR K 1 52.65 -33.12 32.92
N VAL K 2 52.51 -34.04 33.86
CA VAL K 2 53.27 -35.28 33.87
C VAL K 2 52.53 -36.31 33.03
N LEU K 3 53.30 -37.14 32.34
CA LEU K 3 52.72 -38.21 31.54
C LEU K 3 52.06 -39.24 32.44
N PRO K 4 50.86 -39.70 32.12
CA PRO K 4 50.25 -40.78 32.90
C PRO K 4 51.15 -42.01 32.92
N GLY K 5 51.37 -42.54 34.14
CA GLY K 5 52.20 -43.70 34.34
C GLY K 5 53.49 -43.41 35.08
N VAL K 6 53.92 -42.14 35.12
CA VAL K 6 55.07 -41.76 35.92
C VAL K 6 54.82 -42.03 37.39
N GLU K 7 53.57 -42.00 37.83
CA GLU K 7 53.24 -42.39 39.20
C GLU K 7 53.42 -43.88 39.43
N ALA K 8 53.41 -44.69 38.38
CA ALA K 8 53.35 -46.15 38.50
C ALA K 8 54.67 -46.84 38.21
N ILE K 9 55.54 -46.25 37.39
CA ILE K 9 56.90 -46.76 37.27
C ILE K 9 57.61 -46.60 38.61
N GLY K 10 58.59 -47.46 38.87
CA GLY K 10 59.33 -47.44 40.11
C GLY K 10 58.55 -47.87 41.34
N LEU K 11 57.25 -48.12 41.21
CA LEU K 11 56.45 -48.61 42.31
C LEU K 11 56.97 -49.95 42.83
N GLY K 12 57.15 -50.04 44.14
CA GLY K 12 57.60 -51.29 44.73
C GLY K 12 56.52 -52.34 44.64
N TYR K 13 56.89 -53.54 44.19
CA TYR K 13 55.93 -54.51 43.65
C TYR K 13 56.14 -55.86 44.30
N ASN K 14 55.03 -56.57 44.56
CA ASN K 14 55.10 -57.97 44.99
C ASN K 14 54.66 -58.88 43.86
N PRO K 15 55.57 -59.62 43.22
CA PRO K 15 55.18 -60.51 42.12
C PRO K 15 54.02 -61.45 42.40
N PHE K 16 54.03 -62.07 43.58
CA PHE K 16 53.01 -63.06 43.94
C PHE K 16 51.60 -62.50 44.06
N ILE K 17 51.44 -61.26 44.54
CA ILE K 17 50.08 -60.77 44.78
C ILE K 17 49.27 -60.75 43.49
N SER K 18 49.83 -60.21 42.41
CA SER K 18 49.03 -60.16 41.18
C SER K 18 49.90 -59.92 39.97
N TYR K 19 49.27 -60.03 38.80
CA TYR K 19 49.91 -59.78 37.52
C TYR K 19 49.49 -58.42 36.98
N ALA K 20 50.46 -57.56 36.67
CA ALA K 20 50.22 -56.37 35.86
C ALA K 20 49.13 -55.49 36.45
N SER K 21 49.06 -55.47 37.78
CA SER K 21 48.13 -54.61 38.49
C SER K 21 48.88 -53.80 39.53
N VAL K 22 48.47 -52.55 39.71
CA VAL K 22 49.10 -51.68 40.69
C VAL K 22 48.73 -52.03 42.12
N ASN K 23 47.61 -52.74 42.32
CA ASN K 23 47.26 -53.23 43.64
C ASN K 23 48.31 -54.17 44.22
N SER K 24 49.17 -54.73 43.37
CA SER K 24 50.25 -55.60 43.82
C SER K 24 51.49 -54.85 44.31
N GLY K 25 51.52 -53.53 44.21
CA GLY K 25 52.66 -52.74 44.70
C GLY K 25 52.28 -51.83 45.85
N ALA K 26 53.20 -51.72 46.81
CA ALA K 26 53.05 -50.91 48.01
C ALA K 26 53.92 -49.66 47.98
N VAL K 27 53.34 -48.53 47.55
CA VAL K 27 53.94 -47.19 47.61
C VAL K 27 55.11 -47.01 46.65
N GLN K 28 55.37 -45.76 46.26
CA GLN K 28 56.36 -45.41 45.26
C GLN K 28 57.69 -45.11 45.96
N LEU K 29 58.74 -45.84 45.56
CA LEU K 29 60.07 -45.62 46.12
C LEU K 29 60.80 -44.38 45.62
N PHE K 30 60.53 -43.91 44.39
CA PHE K 30 61.29 -42.82 43.83
C PHE K 30 60.53 -41.50 43.80
N ASP K 31 61.27 -40.41 44.03
CA ASP K 31 60.72 -39.07 44.08
C ASP K 31 60.87 -38.45 42.69
N TRP K 32 59.78 -38.20 42.00
CA TRP K 32 59.83 -37.62 40.67
C TRP K 32 59.22 -36.22 40.57
N ALA K 33 58.78 -35.64 41.68
CA ALA K 33 58.36 -34.24 41.62
C ALA K 33 59.58 -33.33 41.57
N THR K 34 60.57 -33.61 42.41
CA THR K 34 61.79 -32.82 42.46
C THR K 34 62.66 -33.04 41.22
N ALA K 35 62.69 -34.26 40.70
CA ALA K 35 63.63 -34.60 39.64
C ALA K 35 63.42 -33.75 38.39
N LYS K 36 64.52 -33.53 37.68
CA LYS K 36 64.52 -32.83 36.41
C LYS K 36 63.63 -33.54 35.39
N LYS K 37 62.77 -32.77 34.72
CA LYS K 37 61.84 -33.29 33.75
C LYS K 37 62.39 -33.27 32.32
N ARG K 38 61.79 -34.11 31.48
CA ARG K 38 61.99 -34.09 30.03
C ARG K 38 60.62 -34.12 29.36
N GLU K 39 60.48 -33.38 28.28
CA GLU K 39 59.25 -33.44 27.50
C GLU K 39 59.20 -34.72 26.68
N VAL K 40 58.01 -35.31 26.57
CA VAL K 40 57.82 -36.55 25.84
C VAL K 40 57.83 -36.27 24.34
N PRO K 41 58.72 -36.89 23.56
CA PRO K 41 58.85 -36.49 22.15
C PRO K 41 57.56 -36.60 21.37
N PHE K 42 56.81 -37.69 21.55
CA PHE K 42 55.59 -37.93 20.80
C PHE K 42 54.34 -37.30 21.42
N LYS K 43 54.43 -36.76 22.64
CA LYS K 43 53.29 -36.13 23.31
C LYS K 43 53.76 -34.81 23.92
N ALA K 44 54.03 -33.84 23.04
CA ALA K 44 54.35 -32.49 23.47
C ALA K 44 53.26 -31.92 24.37
N GLY K 45 53.68 -31.28 25.46
CA GLY K 45 52.79 -30.92 26.54
C GLY K 45 52.73 -31.89 27.69
N TYR K 46 53.38 -33.05 27.60
CA TYR K 46 53.53 -33.96 28.72
C TYR K 46 55.01 -34.16 29.01
N PHE K 47 55.33 -34.33 30.29
CA PHE K 47 56.72 -34.41 30.71
C PHE K 47 56.94 -35.65 31.57
N VAL K 48 58.19 -36.10 31.58
CA VAL K 48 58.62 -37.23 32.41
C VAL K 48 59.94 -36.88 33.06
N PRO K 49 60.27 -37.51 34.18
CA PRO K 49 61.63 -37.39 34.70
C PRO K 49 62.63 -37.89 33.67
N GLU K 50 63.77 -37.20 33.58
CA GLU K 50 64.70 -37.47 32.47
C GLU K 50 65.28 -38.87 32.55
N ILE K 51 65.21 -39.51 33.73
CA ILE K 51 65.81 -40.83 33.87
C ILE K 51 65.04 -41.87 33.07
N VAL K 52 63.71 -41.74 33.02
CA VAL K 52 62.89 -42.77 32.39
C VAL K 52 62.92 -42.62 30.88
N ASP K 53 62.91 -43.77 30.19
CA ASP K 53 62.79 -43.84 28.75
C ASP K 53 61.38 -44.27 28.40
N VAL K 54 60.65 -43.42 27.68
CA VAL K 54 59.28 -43.70 27.28
C VAL K 54 59.25 -43.95 25.78
N GLN K 55 58.76 -45.12 25.39
CA GLN K 55 58.56 -45.50 24.01
C GLN K 55 57.07 -45.57 23.74
N GLN K 56 56.63 -44.94 22.65
CA GLN K 56 55.31 -45.26 22.14
C GLN K 56 55.31 -46.67 21.56
N ASN K 57 54.25 -47.43 21.83
CA ASN K 57 54.12 -48.77 21.28
C ASN K 57 52.65 -49.11 21.06
N ASP K 58 51.91 -48.18 20.43
CA ASP K 58 50.48 -48.38 20.24
C ASP K 58 50.19 -49.65 19.46
N SER K 59 49.66 -50.66 20.14
CA SER K 59 49.52 -52.00 19.59
C SER K 59 48.61 -52.81 20.49
N ALA K 60 47.40 -53.07 19.99
CA ALA K 60 46.50 -54.07 20.55
C ALA K 60 47.13 -55.46 20.45
N THR K 61 47.19 -56.17 21.58
CA THR K 61 48.07 -57.31 21.74
C THR K 61 47.38 -58.35 22.62
N TYR K 62 47.81 -59.61 22.48
CA TYR K 62 47.25 -60.72 23.22
C TYR K 62 48.29 -61.32 24.15
N THR K 63 47.88 -61.62 25.38
CA THR K 63 48.61 -62.52 26.26
C THR K 63 47.64 -63.61 26.70
N ASN K 64 47.96 -64.86 26.38
CA ASN K 64 47.08 -65.99 26.72
C ASN K 64 47.85 -67.01 27.54
N VAL K 65 47.20 -67.51 28.60
CA VAL K 65 47.78 -68.47 29.52
C VAL K 65 46.79 -69.62 29.65
N SER K 66 47.29 -70.85 29.64
CA SER K 66 46.41 -72.01 29.68
C SER K 66 47.14 -73.16 30.35
N GLY K 67 46.34 -74.10 30.85
CA GLY K 67 46.87 -75.33 31.41
C GLY K 67 45.81 -76.38 31.66
N ASN K 68 46.15 -77.65 31.41
CA ASN K 68 45.19 -78.73 31.64
C ASN K 68 44.89 -78.90 33.12
N THR K 69 45.74 -78.32 33.98
CA THR K 69 45.56 -78.39 35.42
C THR K 69 46.14 -77.13 36.04
N ILE K 70 45.70 -76.84 37.27
CA ILE K 70 46.07 -75.57 37.89
C ILE K 70 47.58 -75.47 38.05
N SER K 71 48.22 -76.56 38.47
CA SER K 71 49.67 -76.54 38.67
C SER K 71 50.38 -76.29 37.35
N GLU K 72 49.75 -76.66 36.23
CA GLU K 72 50.28 -76.28 34.92
C GLU K 72 49.97 -74.82 34.60
N TYR K 73 48.73 -74.41 34.82
CA TYR K 73 48.35 -73.01 34.61
C TYR K 73 49.21 -72.07 35.46
N GLN K 74 49.47 -72.45 36.71
CA GLN K 74 50.32 -71.63 37.56
C GLN K 74 51.73 -71.49 37.01
N ARG K 75 52.23 -72.50 36.29
CA ARG K 75 53.55 -72.39 35.71
C ARG K 75 53.55 -71.64 34.37
N SER K 76 52.54 -71.88 33.53
CA SER K 76 52.42 -71.08 32.30
C SER K 76 52.13 -69.62 32.61
N LEU K 77 51.45 -69.34 33.73
CA LEU K 77 51.31 -67.97 34.21
C LEU K 77 52.65 -67.41 34.67
N ALA K 78 53.33 -68.13 35.57
CA ALA K 78 54.59 -67.65 36.12
C ALA K 78 55.62 -67.38 35.03
N THR K 79 55.69 -68.24 34.02
CA THR K 79 56.64 -68.07 32.92
C THR K 79 56.17 -67.08 31.87
N SER K 80 55.02 -66.44 32.04
CA SER K 80 54.58 -65.42 31.09
C SER K 80 55.37 -64.13 31.22
N VAL K 81 56.27 -64.03 32.20
CA VAL K 81 57.09 -62.85 32.42
C VAL K 81 58.52 -63.32 32.65
N ALA K 82 59.48 -62.56 32.15
CA ALA K 82 60.89 -62.87 32.36
C ALA K 82 61.26 -62.57 33.80
N ILE K 83 61.24 -63.60 34.64
CA ILE K 83 61.49 -63.46 36.06
C ILE K 83 62.15 -64.73 36.55
N GLU K 84 62.98 -64.59 37.59
CA GLU K 84 63.84 -65.69 38.01
C GLU K 84 63.13 -66.65 38.95
N GLY K 85 63.41 -67.94 38.78
CA GLY K 85 62.95 -68.97 39.67
C GLY K 85 61.60 -69.57 39.32
N ARG K 86 61.34 -70.72 39.95
CA ARG K 86 60.16 -71.54 39.70
C ARG K 86 58.97 -71.15 40.58
N TYR K 87 59.06 -70.02 41.28
CA TYR K 87 58.01 -69.66 42.21
C TYR K 87 56.69 -69.36 41.49
N ASN K 88 55.59 -69.53 42.23
CA ASN K 88 54.24 -69.31 41.75
C ASN K 88 53.92 -67.81 41.66
N PHE K 89 54.70 -67.09 40.85
CA PHE K 89 54.48 -65.67 40.70
C PHE K 89 53.09 -65.39 40.13
N PHE K 90 52.56 -64.21 40.46
CA PHE K 90 51.24 -63.79 40.03
C PHE K 90 50.10 -64.67 40.52
N SER K 91 50.40 -65.68 41.34
CA SER K 91 49.41 -66.72 41.60
C SER K 91 48.28 -66.24 42.50
N GLY K 92 48.46 -65.10 43.19
CA GLY K 92 47.36 -64.48 43.89
C GLY K 92 46.19 -64.08 43.03
N SER K 93 46.40 -63.89 41.72
CA SER K 93 45.29 -63.61 40.82
C SER K 93 44.29 -64.76 40.75
N LEU K 94 44.71 -65.98 41.07
CA LEU K 94 43.79 -67.11 41.07
C LEU K 94 42.57 -66.85 41.94
N SER K 95 42.78 -66.30 43.14
CA SER K 95 41.68 -66.05 44.06
C SER K 95 40.59 -65.15 43.50
N THR K 96 40.87 -64.42 42.41
CA THR K 96 39.87 -63.55 41.81
C THR K 96 39.56 -63.86 40.37
N ASP K 97 40.41 -64.60 39.65
CA ASP K 97 40.07 -65.04 38.31
C ASP K 97 39.07 -66.19 38.32
N PHE K 98 39.18 -67.11 39.27
CA PHE K 98 38.44 -68.36 39.23
C PHE K 98 37.70 -68.58 40.55
N ASP K 99 36.57 -69.28 40.45
CA ASP K 99 35.83 -69.69 41.63
C ASP K 99 36.62 -70.72 42.43
N SER K 100 36.62 -70.54 43.76
CA SER K 100 37.56 -71.28 44.60
C SER K 100 37.31 -72.78 44.50
N ASN K 101 36.05 -73.20 44.47
CA ASN K 101 35.75 -74.61 44.24
C ASN K 101 36.31 -75.09 42.91
N SER K 102 36.32 -74.22 41.90
CA SER K 102 36.71 -74.63 40.55
C SER K 102 38.23 -74.75 40.42
N LEU K 103 38.99 -74.03 41.26
CA LEU K 103 40.40 -74.33 41.41
C LEU K 103 40.61 -75.69 42.06
N ARG K 104 39.81 -76.02 43.07
CA ARG K 104 39.94 -77.30 43.75
C ARG K 104 39.38 -78.46 42.91
N ASN K 105 38.47 -78.18 41.99
CA ASN K 105 37.88 -79.22 41.16
C ASN K 105 38.87 -79.70 40.11
N ALA K 106 39.35 -80.94 40.26
CA ALA K 106 40.31 -81.53 39.32
C ALA K 106 39.74 -81.83 37.94
N GLU K 107 38.44 -81.73 37.72
CA GLU K 107 37.90 -81.85 36.37
C GLU K 107 38.07 -80.58 35.52
N ASN K 108 38.60 -79.50 36.08
CA ASN K 108 38.69 -78.25 35.33
C ASN K 108 40.06 -78.09 34.69
N GLU K 109 40.06 -77.44 33.53
CA GLU K 109 41.23 -76.85 32.91
C GLU K 109 40.99 -75.36 32.65
N PHE K 110 42.07 -74.59 32.67
CA PHE K 110 42.01 -73.16 32.91
C PHE K 110 42.65 -72.39 31.76
N THR K 111 41.98 -71.31 31.33
CA THR K 111 42.49 -70.43 30.30
C THR K 111 42.22 -68.98 30.70
N ARG K 112 43.22 -68.13 30.50
CA ARG K 112 43.08 -66.68 30.67
C ARG K 112 43.46 -65.97 29.37
N ILE K 113 42.50 -65.26 28.79
CA ILE K 113 42.68 -64.56 27.51
C ILE K 113 42.69 -63.06 27.81
N GLN K 114 43.84 -62.42 27.62
CA GLN K 114 44.00 -60.98 27.85
C GLN K 114 44.33 -60.28 26.55
N GLN K 115 43.48 -59.34 26.13
CA GLN K 115 43.79 -58.39 25.06
C GLN K 115 44.28 -57.07 25.68
N SER K 116 45.59 -56.87 25.70
CA SER K 116 46.17 -55.59 26.08
C SER K 116 45.98 -54.55 24.98
N ILE K 117 45.45 -53.39 25.33
CA ILE K 117 45.39 -52.26 24.40
C ILE K 117 46.52 -51.28 24.73
N ASN K 118 47.72 -51.57 24.26
CA ASN K 118 48.89 -50.76 24.58
C ASN K 118 48.80 -49.37 23.97
N LEU K 119 49.33 -48.38 24.69
CA LEU K 119 49.52 -47.03 24.17
C LEU K 119 50.99 -46.61 24.19
N TRP K 120 51.62 -46.63 25.36
CA TRP K 120 53.03 -46.29 25.50
C TRP K 120 53.60 -47.12 26.63
N SER K 121 54.92 -47.15 26.72
CA SER K 121 55.57 -47.89 27.79
C SER K 121 56.75 -47.11 28.35
N LEU K 122 56.84 -47.09 29.68
CA LEU K 122 57.87 -46.36 30.40
C LEU K 122 58.92 -47.36 30.90
N ARG K 123 60.18 -47.01 30.71
CA ARG K 123 61.30 -47.87 31.06
C ARG K 123 62.23 -47.11 32.00
N LEU K 124 62.86 -47.84 32.92
CA LEU K 124 63.72 -47.25 33.94
C LEU K 124 65.02 -48.03 34.01
N PRO K 125 66.17 -47.39 33.74
CA PRO K 125 67.42 -48.16 33.64
C PRO K 125 68.00 -48.49 35.01
N SER K 126 68.74 -49.60 35.04
CA SER K 126 69.37 -50.13 36.25
C SER K 126 70.62 -49.36 36.66
N VAL K 127 70.70 -48.07 36.34
CA VAL K 127 71.91 -47.31 36.63
C VAL K 127 72.04 -47.07 38.13
N LYS K 128 73.29 -46.95 38.58
CA LYS K 128 73.61 -46.77 39.99
C LYS K 128 73.05 -45.48 40.59
N SER K 129 72.76 -44.48 39.77
CA SER K 129 72.18 -43.23 40.30
C SER K 129 70.72 -43.37 40.73
N LEU K 130 70.07 -44.51 40.52
CA LEU K 130 68.72 -44.68 41.01
C LEU K 130 68.60 -44.37 42.50
N ARG K 131 69.57 -44.86 43.28
CA ARG K 131 69.60 -44.58 44.72
C ARG K 131 69.44 -43.11 45.03
N GLU K 132 70.00 -42.24 44.19
CA GLU K 132 69.91 -40.80 44.45
C GLU K 132 68.48 -40.27 44.27
N LEU K 133 67.67 -40.93 43.46
CA LEU K 133 66.28 -40.51 43.25
C LEU K 133 65.28 -41.09 44.26
N MET K 134 65.67 -42.05 45.10
CA MET K 134 64.73 -42.54 46.10
C MET K 134 64.27 -41.41 47.01
N LEU K 135 63.02 -41.51 47.45
CA LEU K 135 62.53 -40.64 48.51
C LEU K 135 63.37 -40.82 49.78
N PRO K 136 63.67 -39.74 50.50
CA PRO K 136 64.61 -39.87 51.64
C PRO K 136 64.18 -40.86 52.71
N HIS K 137 62.89 -40.89 53.06
CA HIS K 137 62.43 -41.84 54.07
C HIS K 137 62.47 -43.28 53.56
N MET K 138 62.21 -43.49 52.28
CA MET K 138 62.35 -44.83 51.71
C MET K 138 63.80 -45.28 51.73
N ARG K 139 64.71 -44.41 51.30
CA ARG K 139 66.14 -44.72 51.37
C ARG K 139 66.58 -44.93 52.82
N GLN K 140 66.15 -44.07 53.73
CA GLN K 140 66.50 -44.23 55.14
C GLN K 140 66.01 -45.55 55.69
N GLN K 141 64.77 -45.94 55.35
CA GLN K 141 64.23 -47.20 55.83
C GLN K 141 65.02 -48.39 55.29
N LEU K 142 65.35 -48.37 54.01
CA LEU K 142 66.16 -49.43 53.43
C LEU K 142 67.57 -49.46 54.00
N ASP K 143 68.15 -48.28 54.27
CA ASP K 143 69.51 -48.23 54.80
C ASP K 143 69.59 -48.71 56.23
N GLU K 144 68.54 -48.52 57.03
CA GLU K 144 68.53 -48.96 58.42
C GLU K 144 67.94 -50.35 58.60
N LEU K 145 67.55 -51.03 57.53
CA LEU K 145 66.98 -52.37 57.65
C LEU K 145 67.95 -53.31 58.35
N ASN K 146 67.52 -53.87 59.48
CA ASN K 146 68.34 -54.79 60.27
C ASN K 146 68.32 -56.18 59.63
N VAL K 147 69.18 -56.35 58.63
CA VAL K 147 69.27 -57.62 57.90
C VAL K 147 69.81 -58.76 58.76
N ASN K 148 70.24 -58.47 59.99
CA ASN K 148 70.56 -59.52 60.96
C ASN K 148 69.33 -60.23 61.51
N ASP K 149 68.13 -59.70 61.29
CA ASP K 149 66.91 -60.39 61.69
C ASP K 149 66.13 -60.81 60.45
N PRO K 150 65.95 -62.11 60.20
CA PRO K 150 65.12 -62.53 59.06
C PRO K 150 63.71 -61.95 59.08
N LYS K 151 63.12 -61.79 60.27
CA LYS K 151 61.76 -61.27 60.35
C LYS K 151 61.69 -59.83 59.85
N ALA K 152 62.74 -59.04 60.09
CA ALA K 152 62.77 -57.68 59.58
C ALA K 152 62.82 -57.66 58.05
N ILE K 153 63.67 -58.48 57.45
CA ILE K 153 63.72 -58.56 56.00
C ILE K 153 62.39 -59.08 55.46
N SER K 154 61.85 -60.14 56.07
CA SER K 154 60.58 -60.69 55.62
C SER K 154 59.47 -59.64 55.72
N ARG K 155 59.43 -58.90 56.82
CA ARG K 155 58.47 -57.80 56.92
C ARG K 155 58.72 -56.71 55.90
N TYR K 156 59.99 -56.42 55.61
CA TYR K 156 60.30 -55.44 54.57
C TYR K 156 59.79 -55.87 53.20
N PHE K 157 60.09 -57.12 52.81
CA PHE K 157 59.57 -57.62 51.55
C PHE K 157 58.04 -57.65 51.54
N ASP K 158 57.43 -58.05 52.66
CA ASP K 158 55.97 -58.00 52.77
C ASP K 158 55.45 -56.56 52.70
N ARG K 159 56.03 -55.66 53.49
CA ARG K 159 55.47 -54.32 53.62
C ARG K 159 55.82 -53.43 52.43
N VAL K 160 57.00 -53.59 51.86
CA VAL K 160 57.47 -52.70 50.80
C VAL K 160 57.49 -53.37 49.43
N GLY K 161 57.41 -54.69 49.37
CA GLY K 161 57.62 -55.42 48.13
C GLY K 161 59.06 -55.90 47.99
N SER K 162 59.21 -56.97 47.21
CA SER K 162 60.53 -57.53 46.94
C SER K 162 61.19 -56.95 45.70
N HIS K 163 60.41 -56.37 44.78
CA HIS K 163 60.90 -55.83 43.53
C HIS K 163 60.35 -54.42 43.37
N PHE K 164 60.82 -53.72 42.34
CA PHE K 164 60.18 -52.48 41.92
C PHE K 164 60.07 -52.47 40.40
N LEU K 165 59.02 -51.80 39.93
CA LEU K 165 58.71 -51.78 38.51
C LEU K 165 59.74 -50.99 37.72
N THR K 166 60.28 -51.61 36.67
CA THR K 166 61.17 -50.95 35.73
C THR K 166 60.63 -50.95 34.30
N GLY K 167 59.62 -51.75 34.00
CA GLY K 167 59.00 -51.72 32.70
C GLY K 167 57.49 -51.64 32.85
N ILE K 168 56.88 -50.64 32.24
CA ILE K 168 55.45 -50.39 32.34
C ILE K 168 54.88 -50.20 30.95
N VAL K 169 53.75 -50.84 30.67
CA VAL K 169 52.96 -50.53 29.48
C VAL K 169 51.68 -49.88 29.98
N MET K 170 51.35 -48.71 29.46
CA MET K 170 50.13 -48.02 29.86
C MET K 170 49.09 -48.15 28.76
N GLY K 171 47.90 -48.61 29.12
CA GLY K 171 46.81 -48.69 28.17
C GLY K 171 45.52 -49.17 28.80
N GLY K 172 44.93 -50.17 28.16
CA GLY K 172 43.75 -50.83 28.67
C GLY K 172 43.96 -52.33 28.57
N ARG K 173 43.10 -53.08 29.25
CA ARG K 173 42.99 -54.50 28.95
C ARG K 173 41.58 -54.99 29.25
N ALA K 174 41.11 -55.92 28.43
CA ALA K 174 39.95 -56.74 28.72
C ALA K 174 40.42 -58.17 28.89
N ILE K 175 39.92 -58.84 29.93
CA ILE K 175 40.33 -60.21 30.24
C ILE K 175 39.07 -61.06 30.30
N LEU K 176 39.16 -62.26 29.73
CA LEU K 176 38.23 -63.34 30.03
C LEU K 176 39.02 -64.50 30.64
N ALA K 177 38.65 -64.89 31.84
CA ALA K 177 39.20 -66.08 32.50
C ALA K 177 38.11 -67.13 32.60
N SER K 178 38.47 -68.38 32.33
CA SER K 178 37.50 -69.45 32.28
C SER K 178 38.11 -70.73 32.82
N SER K 179 37.31 -71.51 33.52
CA SER K 179 37.64 -72.88 33.91
C SER K 179 36.60 -73.81 33.31
N THR K 180 37.06 -74.88 32.67
CA THR K 180 36.24 -75.67 31.76
C THR K 180 36.36 -77.14 32.15
N ASN K 181 35.22 -77.84 32.14
CA ASN K 181 35.22 -79.26 32.49
C ASN K 181 35.89 -80.03 31.37
N LYS K 182 37.15 -80.41 31.58
CA LYS K 182 37.96 -81.02 30.54
C LYS K 182 37.51 -82.44 30.19
N LEU K 183 36.63 -83.04 30.99
CA LEU K 183 36.08 -84.35 30.68
C LEU K 183 34.92 -84.30 29.69
N ARG K 184 34.29 -83.13 29.49
CA ARG K 184 33.02 -83.07 28.80
C ARG K 184 32.95 -82.05 27.67
N VAL K 185 33.80 -81.03 27.66
CA VAL K 185 33.88 -80.13 26.51
C VAL K 185 34.40 -80.86 25.29
N LYS K 186 33.90 -80.46 24.11
CA LYS K 186 34.38 -81.01 22.84
C LYS K 186 35.87 -80.83 22.68
N ARG K 187 36.53 -81.87 22.17
CA ARG K 187 37.97 -81.91 21.97
C ARG K 187 38.36 -81.65 20.52
N ASP K 188 37.45 -81.14 19.69
CA ASP K 188 37.79 -80.82 18.31
C ASP K 188 38.93 -79.82 18.22
N TYR K 189 39.00 -78.87 19.15
CA TYR K 189 40.08 -77.89 19.18
C TYR K 189 40.62 -77.77 20.59
N SER K 190 41.84 -77.26 20.69
CA SER K 190 42.39 -76.93 22.00
C SER K 190 41.55 -75.83 22.65
N VAL K 191 41.46 -75.89 23.98
CA VAL K 191 40.53 -75.00 24.69
C VAL K 191 41.00 -73.56 24.61
N SER K 192 42.30 -73.32 24.48
CA SER K 192 42.79 -71.97 24.22
C SER K 192 42.28 -71.43 22.89
N VAL K 193 42.06 -72.29 21.90
CA VAL K 193 41.55 -71.83 20.62
C VAL K 193 40.08 -71.40 20.75
N VAL K 194 39.26 -72.25 21.37
CA VAL K 194 37.86 -71.91 21.57
C VAL K 194 37.67 -70.89 22.70
N ALA K 195 38.58 -70.83 23.65
CA ALA K 195 38.59 -69.71 24.59
C ALA K 195 38.81 -68.38 23.87
N LYS K 196 39.88 -68.29 23.06
CA LYS K 196 40.13 -67.07 22.30
C LYS K 196 39.00 -66.78 21.33
N ALA K 197 38.51 -67.81 20.63
CA ALA K 197 37.43 -67.61 19.68
C ALA K 197 36.15 -67.13 20.36
N SER K 198 35.85 -67.65 21.54
CA SER K 198 34.67 -67.18 22.29
C SER K 198 34.89 -65.79 22.87
N TYR K 199 36.10 -65.49 23.34
CA TYR K 199 36.44 -64.12 23.70
C TYR K 199 36.22 -63.17 22.52
N GLU K 200 36.73 -63.53 21.34
CA GLU K 200 36.46 -62.74 20.14
C GLU K 200 34.97 -62.66 19.84
N GLY K 201 34.24 -63.75 20.08
CA GLY K 201 32.80 -63.70 19.90
C GLY K 201 32.12 -62.73 20.84
N LEU K 202 32.48 -62.77 22.13
CA LEU K 202 31.88 -61.85 23.10
C LEU K 202 32.22 -60.40 22.79
N THR K 203 33.41 -60.13 22.29
CA THR K 203 33.80 -58.77 21.92
C THR K 203 33.42 -58.41 20.49
N GLY K 204 32.89 -59.35 19.71
CA GLY K 204 32.52 -59.10 18.33
C GLY K 204 33.66 -59.13 17.34
N GLN K 205 34.88 -59.47 17.78
CA GLN K 205 36.02 -59.53 16.89
C GLN K 205 36.04 -60.78 16.02
N LEU K 206 35.20 -61.78 16.33
CA LEU K 206 35.17 -63.01 15.55
C LEU K 206 34.51 -62.77 14.20
N SER K 207 35.19 -63.16 13.14
CA SER K 207 34.68 -62.96 11.79
C SER K 207 33.55 -63.94 11.45
N ALA K 208 32.85 -63.60 10.36
CA ALA K 208 31.78 -64.43 9.81
C ALA K 208 32.19 -65.88 9.57
N GLU K 209 33.34 -66.10 8.92
CA GLU K 209 33.81 -67.46 8.72
C GLU K 209 34.30 -68.11 10.00
N ALA K 210 34.95 -67.35 10.89
CA ALA K 210 35.40 -67.93 12.14
C ALA K 210 34.21 -68.22 13.05
N LYS K 211 33.24 -67.32 13.04
CA LYS K 211 31.99 -67.51 13.77
C LYS K 211 31.27 -68.80 13.40
N ALA K 212 31.16 -69.11 12.10
CA ALA K 212 30.71 -70.45 11.70
C ALA K 212 31.63 -71.56 12.17
N LYS K 213 32.94 -71.45 11.93
CA LYS K 213 33.84 -72.56 12.25
C LYS K 213 33.89 -72.84 13.75
N TYR K 214 34.17 -71.81 14.54
CA TYR K 214 34.17 -71.91 16.01
C TYR K 214 32.77 -71.97 16.61
N GLY K 215 31.78 -71.39 15.96
CA GLY K 215 30.48 -71.16 16.60
C GLY K 215 29.86 -72.39 17.24
N GLU K 216 29.92 -73.54 16.58
CA GLU K 216 29.46 -74.77 17.24
C GLU K 216 30.40 -75.24 18.35
N SER K 217 31.71 -75.00 18.22
CA SER K 217 32.63 -75.40 19.28
C SER K 217 32.55 -74.50 20.52
N ILE K 218 32.26 -73.21 20.35
CA ILE K 218 32.23 -72.27 21.47
C ILE K 218 31.00 -72.45 22.36
N SER K 219 29.88 -72.89 21.81
CA SER K 219 28.73 -73.21 22.66
C SER K 219 29.02 -74.33 23.65
N SER K 220 29.68 -75.40 23.20
CA SER K 220 30.10 -76.44 24.14
C SER K 220 31.05 -75.88 25.19
N PHE K 221 32.04 -75.09 24.76
CA PHE K 221 32.91 -74.40 25.70
C PHE K 221 32.13 -73.48 26.64
N THR K 222 31.15 -72.76 26.10
CA THR K 222 30.41 -71.79 26.91
C THR K 222 29.63 -72.45 28.04
N GLN K 223 28.85 -73.49 27.72
CA GLN K 223 28.02 -74.12 28.74
C GLN K 223 28.82 -74.89 29.77
N TYR K 224 29.94 -75.49 29.39
CA TYR K 224 30.76 -76.27 30.29
C TYR K 224 31.87 -75.48 30.98
N SER K 225 31.79 -74.15 30.99
CA SER K 225 32.84 -73.37 31.62
C SER K 225 32.26 -72.12 32.29
N ASN K 226 32.98 -71.65 33.30
CA ASN K 226 32.61 -70.48 34.10
C ASN K 226 33.51 -69.31 33.70
N THR K 227 33.06 -68.51 32.74
CA THR K 227 33.87 -67.41 32.22
C THR K 227 33.72 -66.20 33.14
N HIS K 228 34.76 -65.93 33.92
CA HIS K 228 34.93 -64.62 34.55
C HIS K 228 35.37 -63.58 33.52
N GLN K 229 34.80 -62.38 33.62
CA GLN K 229 35.11 -61.28 32.73
C GLN K 229 35.48 -60.04 33.53
N GLU K 230 36.55 -59.35 33.11
CA GLU K 230 36.91 -58.08 33.70
C GLU K 230 37.56 -57.21 32.64
N VAL K 231 37.59 -55.91 32.93
CA VAL K 231 38.14 -54.92 32.01
C VAL K 231 38.78 -53.80 32.83
N ARG K 232 39.83 -53.20 32.28
CA ARG K 232 40.66 -52.26 33.01
C ARG K 232 41.16 -51.17 32.07
N GLY K 233 41.37 -49.99 32.62
CA GLY K 233 41.59 -48.81 31.80
C GLY K 233 40.38 -48.36 30.99
N GLY K 234 40.46 -47.16 30.44
CA GLY K 234 39.36 -46.57 29.72
C GLY K 234 38.25 -46.06 30.62
N ASP K 235 37.20 -45.55 29.98
CA ASP K 235 36.06 -45.00 30.70
C ASP K 235 35.24 -46.13 31.32
N GLY K 236 35.17 -46.14 32.65
CA GLY K 236 34.39 -47.13 33.35
C GLY K 236 32.92 -47.12 33.02
N ALA K 237 32.40 -46.00 32.52
CA ALA K 237 31.03 -45.96 32.01
C ALA K 237 30.88 -46.65 30.66
N LYS K 238 31.97 -46.92 29.96
CA LYS K 238 31.94 -47.66 28.70
C LYS K 238 32.62 -49.02 28.82
N ALA K 239 33.24 -49.31 29.97
CA ALA K 239 34.00 -50.54 30.11
C ALA K 239 33.10 -51.77 30.03
N HIS K 240 31.91 -51.68 30.61
CA HIS K 240 30.97 -52.81 30.60
C HIS K 240 30.44 -53.12 29.21
N GLY K 241 30.52 -52.18 28.28
CA GLY K 241 30.11 -52.41 26.91
C GLY K 241 31.05 -53.30 26.10
N VAL K 242 32.27 -53.54 26.57
CA VAL K 242 33.22 -54.26 25.73
C VAL K 242 32.78 -55.69 25.47
N PHE K 243 32.11 -56.32 26.43
CA PHE K 243 31.58 -57.67 26.24
C PHE K 243 30.13 -57.66 25.79
N SER K 244 29.67 -56.55 25.24
CA SER K 244 28.29 -56.37 24.77
C SER K 244 28.02 -57.12 23.47
N GLY K 245 29.00 -57.85 22.92
CA GLY K 245 28.82 -58.57 21.69
C GLY K 245 28.81 -57.71 20.44
N LYS K 246 29.08 -56.40 20.57
CA LYS K 246 28.92 -55.45 19.49
C LYS K 246 30.21 -54.66 19.33
N LYS K 247 30.75 -54.65 18.11
CA LYS K 247 32.03 -54.00 17.86
C LYS K 247 32.00 -52.52 18.19
N GLU K 248 30.89 -51.84 17.90
CA GLU K 248 30.79 -50.41 18.18
C GLU K 248 30.95 -50.11 19.67
N ASP K 249 30.46 -50.99 20.54
CA ASP K 249 30.65 -50.80 21.97
C ASP K 249 32.09 -51.07 22.39
N PHE K 250 32.70 -52.13 21.86
CA PHE K 250 34.10 -52.40 22.15
C PHE K 250 35.01 -51.28 21.66
N GLN K 251 34.83 -50.84 20.42
CA GLN K 251 35.63 -49.73 19.90
C GLN K 251 35.40 -48.44 20.68
N ALA K 252 34.17 -48.18 21.10
CA ALA K 252 33.90 -47.03 21.95
C ALA K 252 34.67 -47.05 23.26
N TRP K 253 34.91 -48.24 23.82
CA TRP K 253 35.81 -48.34 24.98
C TRP K 253 37.26 -48.08 24.58
N VAL K 254 37.73 -48.72 23.51
CA VAL K 254 39.10 -48.50 23.05
C VAL K 254 39.36 -47.02 22.80
N ASP K 255 38.39 -46.32 22.19
CA ASP K 255 38.53 -44.89 21.99
C ASP K 255 38.61 -44.09 23.29
N SER K 256 38.24 -44.70 24.43
CA SER K 256 38.41 -44.03 25.72
C SER K 256 39.66 -44.45 26.47
N VAL K 257 40.25 -45.59 26.15
CA VAL K 257 41.50 -46.00 26.78
C VAL K 257 42.59 -44.97 26.52
N SER K 258 42.61 -44.39 25.32
CA SER K 258 43.61 -43.38 24.98
C SER K 258 43.57 -42.17 25.90
N ALA K 259 42.38 -41.81 26.41
CA ALA K 259 42.30 -40.68 27.34
C ALA K 259 42.74 -41.05 28.75
N SER K 260 42.45 -42.26 29.22
CA SER K 260 42.60 -42.62 30.63
C SER K 260 43.22 -44.01 30.76
N PRO K 261 44.47 -44.16 30.37
CA PRO K 261 45.11 -45.47 30.43
C PRO K 261 45.52 -45.87 31.84
N ASP K 262 45.70 -47.18 32.03
CA ASP K 262 46.19 -47.73 33.27
C ASP K 262 47.37 -48.66 33.01
N PHE K 263 48.09 -49.00 34.08
CA PHE K 263 49.06 -50.07 34.07
C PHE K 263 48.44 -51.44 33.82
N VAL K 264 48.71 -52.01 32.64
CA VAL K 264 48.00 -53.18 32.15
C VAL K 264 48.96 -54.33 31.85
N ASP K 265 50.22 -54.03 31.56
CA ASP K 265 51.15 -55.09 31.18
C ASP K 265 52.58 -54.65 31.46
N PHE K 266 53.47 -55.64 31.47
CA PHE K 266 54.91 -55.42 31.59
C PHE K 266 55.57 -55.30 30.22
N VAL K 267 56.70 -54.58 30.19
CA VAL K 267 57.66 -54.65 29.10
C VAL K 267 58.48 -55.94 29.21
N PRO K 268 58.44 -56.83 28.20
CA PRO K 268 58.96 -58.18 28.42
C PRO K 268 60.43 -58.23 28.82
N THR K 269 61.24 -57.25 28.40
CA THR K 269 62.67 -57.33 28.59
C THR K 269 63.11 -56.97 30.01
N ILE K 270 62.42 -56.06 30.67
CA ILE K 270 62.92 -55.46 31.90
C ILE K 270 61.76 -55.16 32.85
N PRO K 271 60.92 -56.15 33.15
CA PRO K 271 59.65 -55.83 33.83
C PRO K 271 59.84 -55.24 35.22
N MET K 272 60.72 -55.82 36.04
CA MET K 272 60.96 -55.29 37.37
C MET K 272 62.35 -55.68 37.84
N GLN K 273 62.86 -54.91 38.81
CA GLN K 273 64.21 -55.08 39.35
C GLN K 273 64.12 -55.43 40.83
N GLU K 274 65.05 -56.26 41.29
CA GLU K 274 65.08 -56.63 42.70
C GLU K 274 65.41 -55.46 43.60
N ILE K 275 64.79 -55.45 44.78
CA ILE K 275 64.85 -54.31 45.70
C ILE K 275 66.26 -54.09 46.24
N TRP K 276 67.02 -55.15 46.46
CA TRP K 276 68.41 -55.03 46.90
C TRP K 276 69.36 -54.53 45.83
N THR K 277 68.87 -54.25 44.61
CA THR K 277 69.63 -53.43 43.69
C THR K 277 69.89 -52.03 44.25
N LEU K 278 68.98 -51.53 45.09
CA LEU K 278 69.07 -50.17 45.61
C LEU K 278 69.84 -50.03 46.92
N CYS K 279 70.12 -51.11 47.64
CA CYS K 279 70.83 -50.97 48.90
C CYS K 279 72.31 -50.69 48.65
N SER K 280 72.89 -49.85 49.50
CA SER K 280 74.25 -49.34 49.26
C SER K 280 75.34 -50.35 49.57
N SER K 281 75.10 -51.32 50.45
CA SER K 281 76.13 -52.27 50.85
C SER K 281 75.90 -53.63 50.20
N GLU K 282 76.95 -54.15 49.57
CA GLU K 282 76.89 -55.49 48.99
C GLU K 282 76.65 -56.55 50.05
N ALA K 283 77.17 -56.33 51.26
CA ALA K 283 76.88 -57.24 52.36
C ALA K 283 75.42 -57.20 52.77
N GLN K 284 74.78 -56.03 52.66
CA GLN K 284 73.34 -55.97 52.86
C GLN K 284 72.61 -56.67 51.72
N ALA K 285 73.03 -56.44 50.49
CA ALA K 285 72.40 -57.09 49.34
C ALA K 285 72.49 -58.61 49.44
N GLU K 286 73.65 -59.12 49.85
CA GLU K 286 73.81 -60.56 50.05
C GLU K 286 72.83 -61.11 51.07
N ALA K 287 72.68 -60.43 52.21
CA ALA K 287 71.72 -60.88 53.21
C ALA K 287 70.28 -60.82 52.70
N MET K 288 69.92 -59.72 52.03
CA MET K 288 68.56 -59.62 51.50
C MET K 288 68.29 -60.63 50.40
N ARG K 289 69.20 -60.74 49.42
CA ARG K 289 69.03 -61.74 48.36
C ARG K 289 69.00 -63.15 48.93
N LYS K 290 69.90 -63.46 49.85
CA LYS K 290 69.89 -64.78 50.49
C LYS K 290 68.58 -65.05 51.21
N HIS K 291 68.07 -64.08 51.95
CA HIS K 291 66.76 -64.26 52.59
C HIS K 291 65.65 -64.40 51.55
N TYR K 292 65.69 -63.61 50.48
CA TYR K 292 64.59 -63.61 49.51
C TYR K 292 64.34 -65.01 48.96
N ASP K 293 65.40 -65.71 48.56
CA ASP K 293 65.26 -66.98 47.86
C ASP K 293 65.43 -68.19 48.77
N ASP K 294 66.07 -68.02 49.92
CA ASP K 294 66.15 -69.11 50.90
C ASP K 294 64.89 -69.24 51.73
N VAL K 295 64.15 -68.15 51.94
CA VAL K 295 63.05 -68.16 52.91
C VAL K 295 61.78 -67.59 52.29
N TRP K 296 61.83 -66.32 51.91
CA TRP K 296 60.59 -65.58 51.66
C TRP K 296 59.91 -66.05 50.38
N ALA K 297 60.63 -66.08 49.26
CA ALA K 297 60.02 -66.55 48.02
C ALA K 297 59.58 -68.01 48.07
N PRO K 298 60.31 -68.95 48.68
CA PRO K 298 59.74 -70.28 48.92
C PRO K 298 58.43 -70.26 49.69
N ALA K 299 58.40 -69.62 50.86
CA ALA K 299 57.17 -69.57 51.65
C ALA K 299 56.03 -68.92 50.89
N GLN K 300 56.29 -67.80 50.21
CA GLN K 300 55.24 -67.17 49.42
C GLN K 300 54.75 -68.07 48.29
N SER K 301 55.65 -68.76 47.59
CA SER K 301 55.23 -69.68 46.54
C SER K 301 54.39 -70.82 47.11
N GLU K 302 54.80 -71.38 48.25
CA GLU K 302 54.05 -72.48 48.85
C GLU K 302 52.69 -72.03 49.34
N LYS K 303 52.60 -70.83 49.90
CA LYS K 303 51.32 -70.31 50.39
C LYS K 303 50.34 -70.00 49.25
N TYR K 304 50.73 -70.21 48.00
CA TYR K 304 49.84 -70.04 46.86
C TYR K 304 49.63 -71.35 46.11
N ARG K 305 50.06 -72.47 46.70
CA ARG K 305 49.85 -73.78 46.13
C ARG K 305 48.46 -74.28 46.50
N VAL K 306 47.73 -74.80 45.52
CA VAL K 306 46.32 -75.13 45.67
C VAL K 306 46.14 -76.63 45.70
N LYS K 307 45.48 -77.12 46.74
CA LYS K 307 45.09 -78.52 46.84
C LYS K 307 43.90 -78.80 45.92
N ALA K 308 43.75 -80.05 45.53
CA ALA K 308 42.50 -80.49 44.93
C ALA K 308 41.57 -81.06 45.99
N ASN K 309 40.27 -81.02 45.69
CA ASN K 309 39.29 -81.74 46.48
C ASN K 309 39.56 -83.23 46.42
N TYR K 310 39.13 -83.95 47.46
CA TYR K 310 39.35 -85.39 47.55
C TYR K 310 38.11 -86.09 48.09
N ILE K 311 37.99 -87.37 47.74
CA ILE K 311 36.90 -88.20 48.22
C ILE K 311 37.18 -88.61 49.66
N ASP K 312 36.21 -88.40 50.54
CA ASP K 312 36.29 -88.84 51.92
C ASP K 312 35.26 -89.88 52.33
N GLN K 313 34.18 -90.06 51.57
CA GLN K 313 33.16 -91.04 51.93
C GLN K 313 32.45 -91.53 50.68
N LEU K 314 32.15 -92.83 50.65
CA LEU K 314 31.39 -93.45 49.58
C LEU K 314 30.15 -94.14 50.14
N VAL K 315 29.08 -94.15 49.35
CA VAL K 315 27.86 -94.88 49.67
C VAL K 315 27.27 -95.43 48.38
N VAL K 316 26.45 -96.46 48.52
CA VAL K 316 25.72 -97.06 47.42
C VAL K 316 24.22 -96.93 47.69
N ILE K 317 23.45 -96.62 46.64
CA ILE K 317 22.01 -96.48 46.74
C ILE K 317 21.35 -97.39 45.71
N THR K 318 20.23 -97.99 46.11
CA THR K 318 19.55 -99.00 45.33
C THR K 318 18.06 -98.69 45.26
N GLY K 319 17.45 -98.99 44.12
CA GLY K 319 16.03 -98.80 43.98
C GLY K 319 15.55 -99.20 42.60
N GLY K 320 14.26 -98.96 42.39
CA GLY K 320 13.50 -99.46 41.26
C GLY K 320 13.46 -98.60 40.02
N SER K 321 14.19 -97.50 39.95
CA SER K 321 14.13 -96.65 38.77
C SER K 321 15.46 -95.93 38.57
N SER K 322 15.65 -95.46 37.33
CA SER K 322 16.89 -94.79 36.96
C SER K 322 17.12 -93.53 37.79
N THR K 323 16.06 -92.91 38.29
CA THR K 323 16.12 -91.57 38.83
C THR K 323 16.24 -91.55 40.35
N ILE K 324 16.48 -92.70 40.97
CA ILE K 324 16.77 -92.71 42.40
C ILE K 324 17.99 -91.85 42.67
N GLU K 325 18.08 -91.33 43.89
CA GLU K 325 18.87 -90.13 44.17
C GLU K 325 19.54 -90.25 45.53
N PRO K 326 20.80 -89.81 45.65
CA PRO K 326 21.56 -90.07 46.87
C PRO K 326 21.05 -89.28 48.05
N PRO K 327 21.53 -89.57 49.25
CA PRO K 327 21.39 -88.63 50.37
C PRO K 327 22.05 -87.30 50.03
N VAL K 328 21.45 -86.23 50.56
CA VAL K 328 21.70 -84.88 50.05
C VAL K 328 23.18 -84.53 50.09
N GLY K 329 23.93 -85.07 51.06
CA GLY K 329 25.34 -84.77 51.16
C GLY K 329 26.19 -85.35 50.04
N TYR K 330 25.69 -86.35 49.32
CA TYR K 330 26.47 -87.06 48.32
C TYR K 330 26.04 -86.67 46.91
N SER K 331 26.89 -87.01 45.94
CA SER K 331 26.58 -86.89 44.52
C SER K 331 26.79 -88.24 43.85
N LYS K 332 26.07 -88.46 42.76
CA LYS K 332 25.89 -89.78 42.19
C LYS K 332 26.75 -89.98 40.96
N ILE K 333 27.42 -91.13 40.89
CA ILE K 333 28.00 -91.64 39.65
C ILE K 333 26.90 -92.28 38.84
N GLU K 334 26.57 -91.67 37.69
CA GLU K 334 25.37 -91.97 36.91
C GLU K 334 25.41 -93.32 36.19
N TYR K 335 26.34 -94.24 36.42
CA TYR K 335 26.39 -95.51 35.70
C TYR K 335 25.87 -96.62 36.61
N ASP K 336 24.84 -97.33 36.15
CA ASP K 336 24.17 -98.33 36.98
C ASP K 336 25.08 -99.55 37.14
N LEU K 337 25.35 -99.91 38.39
CA LEU K 337 26.14 -101.11 38.72
C LEU K 337 25.39 -102.42 38.44
N ASN K 338 24.19 -102.37 37.86
CA ASN K 338 23.56 -103.53 37.26
C ASN K 338 23.16 -103.27 35.81
N ALA K 339 23.82 -102.33 35.14
CA ALA K 339 23.48 -101.99 33.76
C ALA K 339 23.47 -103.24 32.90
N GLY K 340 22.31 -103.54 32.32
CA GLY K 340 22.12 -104.74 31.54
C GLY K 340 21.93 -106.02 32.34
N ALA K 341 22.13 -105.97 33.65
CA ALA K 341 22.00 -107.14 34.50
C ALA K 341 20.61 -107.27 35.10
N GLY K 342 19.71 -106.34 34.82
CA GLY K 342 18.39 -106.35 35.41
C GLY K 342 18.44 -106.14 36.92
N GLY K 343 17.35 -106.54 37.57
CA GLY K 343 17.23 -106.38 39.01
C GLY K 343 16.96 -104.94 39.43
N ASP K 344 17.49 -104.59 40.60
CA ASP K 344 17.50 -103.21 41.05
C ASP K 344 18.50 -102.37 40.28
N PHE K 345 18.16 -101.11 40.06
CA PHE K 345 19.16 -100.10 39.76
C PHE K 345 20.06 -99.86 40.97
N ILE K 346 21.36 -99.80 40.74
CA ILE K 346 22.35 -99.57 41.79
C ILE K 346 23.31 -98.48 41.31
N TYR K 347 23.57 -97.50 42.19
CA TYR K 347 24.49 -96.41 41.90
C TYR K 347 25.47 -96.22 43.04
N LEU K 348 26.71 -95.89 42.68
CA LEU K 348 27.75 -95.55 43.65
C LEU K 348 27.80 -94.03 43.82
N CYS K 349 27.87 -93.58 45.06
CA CYS K 349 27.82 -92.16 45.38
C CYS K 349 28.97 -91.81 46.30
N TYR K 350 29.41 -90.55 46.24
CA TYR K 350 30.61 -90.11 46.93
C TYR K 350 30.40 -88.73 47.53
N HIS K 351 31.21 -88.43 48.55
CA HIS K 351 31.39 -87.09 49.08
C HIS K 351 32.81 -86.64 48.78
N GLU K 352 32.95 -85.43 48.22
CA GLU K 352 34.26 -84.82 48.02
C GLU K 352 34.48 -83.70 49.01
N GLN K 353 35.58 -83.78 49.76
CA GLN K 353 35.85 -82.92 50.89
C GLN K 353 36.79 -81.79 50.49
N THR K 354 36.46 -80.57 50.90
CA THR K 354 37.40 -79.47 50.76
C THR K 354 38.52 -79.61 51.79
N TRP K 355 39.76 -79.50 51.33
CA TRP K 355 40.90 -79.55 52.24
C TRP K 355 40.94 -78.33 53.14
N GLN K 356 41.31 -78.55 54.41
CA GLN K 356 41.43 -77.51 55.41
C GLN K 356 42.75 -77.68 56.15
N ALA K 357 43.46 -76.57 56.35
CA ALA K 357 44.81 -76.65 56.89
C ALA K 357 44.81 -77.13 58.34
N ASP K 358 43.84 -76.72 59.13
CA ASP K 358 43.82 -77.03 60.55
C ASP K 358 43.03 -78.29 60.91
N ARG K 359 42.24 -78.82 59.98
CA ARG K 359 41.47 -80.03 60.26
C ARG K 359 41.20 -80.82 58.99
N PRO K 360 42.24 -81.32 58.31
CA PRO K 360 42.02 -82.25 57.22
C PRO K 360 41.38 -83.54 57.74
N LYS K 361 40.38 -84.03 57.01
CA LYS K 361 39.78 -85.30 57.31
C LYS K 361 40.67 -86.43 56.79
N ASP K 362 40.22 -87.68 56.96
CA ASP K 362 40.68 -88.75 56.11
C ASP K 362 40.19 -88.56 54.68
N ALA K 363 41.04 -88.92 53.73
CA ALA K 363 40.59 -89.28 52.39
C ALA K 363 40.37 -90.79 52.28
N VAL K 364 39.56 -91.18 51.30
CA VAL K 364 39.64 -92.54 50.77
C VAL K 364 40.98 -92.71 50.07
N THR K 365 41.66 -93.82 50.34
CA THR K 365 42.95 -94.08 49.72
C THR K 365 43.07 -95.43 49.03
N ASP K 366 42.16 -96.38 49.27
CA ASP K 366 42.13 -97.60 48.49
C ASP K 366 40.71 -98.13 48.43
N ILE K 367 40.42 -98.90 47.38
CA ILE K 367 39.11 -99.52 47.21
C ILE K 367 39.34 -100.96 46.75
N ARG K 368 38.51 -101.87 47.24
CA ARG K 368 38.59 -103.28 46.87
C ARG K 368 37.16 -103.82 46.75
N ILE K 369 37.04 -104.90 45.99
CA ILE K 369 35.81 -105.68 45.90
C ILE K 369 36.08 -107.09 46.42
N ILE K 370 35.24 -107.55 47.35
CA ILE K 370 35.52 -108.75 48.14
C ILE K 370 34.59 -109.90 47.82
N PHE K 371 33.50 -109.66 47.10
CA PHE K 371 32.55 -110.69 46.65
C PHE K 371 31.99 -111.49 47.84
N ASN K 372 31.67 -112.75 47.56
CA ASN K 372 30.63 -113.49 48.28
C ASN K 372 30.82 -113.54 49.79
N LYS K 373 31.91 -114.15 50.25
CA LYS K 373 32.09 -114.45 51.66
C LYS K 373 33.46 -114.07 52.22
N GLU K 374 34.37 -113.58 51.41
CA GLU K 374 35.70 -113.28 51.90
C GLU K 374 35.60 -112.21 52.99
N PRO K 375 36.35 -112.35 54.08
CA PRO K 375 36.30 -111.33 55.14
C PRO K 375 36.81 -109.98 54.65
N THR K 376 36.31 -108.94 55.28
CA THR K 376 36.73 -107.58 54.93
C THR K 376 38.22 -107.43 55.23
N PRO K 377 39.01 -106.92 54.28
CA PRO K 377 40.45 -106.81 54.49
C PRO K 377 40.77 -105.89 55.66
N PRO K 378 41.94 -106.08 56.28
CA PRO K 378 42.24 -105.41 57.56
C PRO K 378 42.15 -103.90 57.48
N GLY K 379 41.24 -103.33 58.27
CA GLY K 379 41.03 -101.89 58.33
C GLY K 379 40.19 -101.28 57.24
N TYR K 380 39.69 -102.07 56.29
CA TYR K 380 38.74 -101.55 55.31
C TYR K 380 37.33 -101.48 55.90
N THR K 381 36.59 -100.47 55.46
CA THR K 381 35.15 -100.46 55.62
C THR K 381 34.48 -101.23 54.49
N LYS K 382 33.25 -101.66 54.73
CA LYS K 382 32.45 -102.37 53.74
C LYS K 382 31.07 -101.73 53.64
N LEU K 383 30.61 -101.53 52.41
CA LEU K 383 29.24 -101.11 52.17
C LEU K 383 28.30 -102.32 52.23
N PRO K 384 27.16 -102.21 52.93
CA PRO K 384 26.31 -103.39 53.15
C PRO K 384 25.48 -103.80 51.94
N GLN K 385 25.25 -102.90 50.98
CA GLN K 385 24.45 -103.25 49.82
C GLN K 385 25.18 -104.26 48.93
N ASP K 386 24.45 -105.30 48.51
CA ASP K 386 24.91 -106.19 47.45
C ASP K 386 24.83 -105.48 46.10
N LEU K 387 25.96 -105.38 45.42
CA LEU K 387 26.02 -104.72 44.13
C LEU K 387 25.54 -105.60 42.98
N ASN K 388 24.92 -106.74 43.28
CA ASN K 388 24.06 -107.46 42.34
C ASN K 388 22.64 -107.63 42.87
N LYS K 389 22.24 -106.83 43.85
CA LYS K 389 20.89 -106.92 44.40
C LYS K 389 19.86 -106.92 43.29
N GLY K 390 19.00 -107.95 43.31
CA GLY K 390 18.03 -108.19 42.26
C GLY K 390 18.59 -108.75 40.97
N ALA K 391 19.90 -108.64 40.73
CA ALA K 391 20.49 -109.11 39.48
C ALA K 391 20.85 -110.59 39.53
N GLY K 392 20.79 -111.21 40.70
CA GLY K 392 21.25 -112.58 40.87
C GLY K 392 22.76 -112.66 40.98
N GLY K 393 23.35 -113.62 40.28
CA GLY K 393 24.78 -113.77 40.29
C GLY K 393 25.34 -114.06 41.68
N ASP K 394 26.61 -113.74 41.84
CA ASP K 394 27.26 -113.79 43.13
C ASP K 394 27.01 -112.50 43.91
N ASP K 395 27.10 -112.59 45.23
CA ASP K 395 26.96 -111.41 46.07
C ASP K 395 28.23 -110.56 45.99
N VAL K 396 28.05 -109.29 45.61
CA VAL K 396 29.15 -108.37 45.36
C VAL K 396 29.10 -107.26 46.41
N PHE K 397 30.24 -107.02 47.06
CA PHE K 397 30.37 -105.93 48.03
C PHE K 397 31.65 -105.16 47.76
N LEU K 398 31.55 -103.84 47.86
CA LEU K 398 32.69 -102.94 47.67
C LEU K 398 33.21 -102.47 49.03
N CYS K 399 34.53 -102.51 49.19
CA CYS K 399 35.21 -102.09 50.41
C CYS K 399 36.21 -100.99 50.08
N TYR K 400 36.44 -100.10 51.04
CA TYR K 400 37.40 -99.02 50.84
C TYR K 400 38.10 -98.68 52.15
N LYS K 401 39.34 -98.23 52.03
CA LYS K 401 40.20 -97.84 53.14
C LYS K 401 40.33 -96.34 53.18
N THR K 402 40.30 -95.76 54.38
CA THR K 402 40.48 -94.34 54.58
C THR K 402 41.68 -94.08 55.47
N GLU K 403 42.39 -92.99 55.16
CA GLU K 403 43.64 -92.64 55.84
C GLU K 403 43.75 -91.13 55.87
N ALA K 404 44.53 -90.63 56.82
CA ALA K 404 44.72 -89.19 56.96
C ALA K 404 45.24 -88.59 55.66
N TYR K 405 44.78 -87.38 55.36
CA TYR K 405 44.99 -86.80 54.04
C TYR K 405 46.47 -86.70 53.69
N ASN K 406 46.79 -87.08 52.46
CA ASN K 406 48.09 -86.78 51.87
C ASN K 406 47.87 -86.58 50.37
N THR K 407 48.45 -85.52 49.83
CA THR K 407 48.29 -85.25 48.40
C THR K 407 48.81 -86.39 47.54
N ASP K 408 49.77 -87.17 48.05
CA ASP K 408 50.31 -88.29 47.29
C ASP K 408 49.31 -89.42 47.10
N THR K 409 48.25 -89.48 47.91
CA THR K 409 47.42 -90.68 47.96
C THR K 409 45.93 -90.40 48.13
N ALA K 410 45.51 -89.21 48.57
CA ALA K 410 44.08 -88.91 48.63
C ALA K 410 43.47 -89.00 47.24
N ILE K 411 42.51 -89.91 47.09
CA ILE K 411 41.83 -90.11 45.82
C ILE K 411 40.97 -88.89 45.52
N ASN K 412 41.19 -88.28 44.36
CA ASN K 412 40.45 -87.08 43.98
C ASN K 412 39.14 -87.40 43.27
N LYS K 413 39.12 -88.41 42.41
CA LYS K 413 37.89 -88.77 41.71
C LYS K 413 37.77 -90.28 41.56
N VAL K 414 36.53 -90.73 41.42
CA VAL K 414 36.20 -92.11 41.07
C VAL K 414 35.15 -92.10 39.98
N THR K 415 35.13 -93.17 39.19
CA THR K 415 34.06 -93.38 38.22
C THR K 415 33.87 -94.87 38.00
N VAL K 416 32.71 -95.23 37.47
CA VAL K 416 32.38 -96.60 37.11
C VAL K 416 32.22 -96.71 35.60
N ILE K 417 32.92 -97.69 35.01
CA ILE K 417 32.97 -97.89 33.57
C ILE K 417 32.54 -99.32 33.28
N GLY K 418 31.85 -99.51 32.16
CA GLY K 418 31.36 -100.84 31.83
C GLY K 418 31.09 -101.01 30.36
N GLY K 419 31.09 -102.27 29.92
CA GLY K 419 30.91 -102.58 28.53
C GLY K 419 30.91 -104.08 28.33
N ASN K 420 30.88 -104.49 27.06
CA ASN K 420 30.83 -105.92 26.76
C ASN K 420 32.17 -106.62 26.95
N ASN K 421 33.28 -105.92 26.75
CA ASN K 421 34.60 -106.54 26.90
C ASN K 421 34.97 -106.61 28.37
N ALA K 422 35.63 -107.70 28.76
CA ALA K 422 36.23 -107.75 30.09
C ALA K 422 37.45 -106.84 30.21
N ASP K 423 38.31 -106.83 29.19
CA ASP K 423 39.46 -105.93 29.11
C ASP K 423 39.05 -104.53 28.65
N ILE K 424 38.29 -103.81 29.47
CA ILE K 424 37.85 -102.47 29.09
C ILE K 424 38.84 -101.44 29.63
N ASN K 425 38.95 -100.32 28.94
CA ASN K 425 39.94 -99.28 29.26
C ASN K 425 39.32 -98.21 30.16
N ALA K 426 40.02 -97.92 31.25
CA ALA K 426 39.70 -96.77 32.08
C ALA K 426 40.11 -95.47 31.40
N PRO K 427 39.50 -94.35 31.82
CA PRO K 427 39.98 -93.04 31.34
C PRO K 427 41.43 -92.81 31.71
N TYR K 428 42.08 -91.94 30.93
CA TYR K 428 43.50 -91.72 31.09
C TYR K 428 43.82 -91.26 32.51
N GLY K 429 44.82 -91.91 33.11
CA GLY K 429 45.24 -91.61 34.46
C GLY K 429 44.42 -92.24 35.55
N TYR K 430 43.24 -92.79 35.24
CA TYR K 430 42.50 -93.57 36.20
C TYR K 430 43.08 -94.98 36.32
N LEU K 431 42.95 -95.54 37.51
CA LEU K 431 43.24 -96.95 37.77
C LEU K 431 41.94 -97.66 38.12
N LYS K 432 41.63 -98.74 37.41
CA LYS K 432 40.44 -99.52 37.71
C LYS K 432 40.78 -100.62 38.71
N VAL K 433 39.85 -100.91 39.59
CA VAL K 433 39.98 -102.01 40.55
C VAL K 433 39.73 -103.35 39.87
N PRO K 434 40.38 -104.43 40.31
CA PRO K 434 40.04 -105.76 39.80
C PRO K 434 38.69 -106.23 40.29
N GLY K 435 38.08 -107.12 39.52
CA GLY K 435 36.79 -107.69 39.84
C GLY K 435 35.61 -106.99 39.20
N ASP K 436 34.61 -107.77 38.81
CA ASP K 436 33.47 -107.28 38.05
C ASP K 436 32.28 -107.09 38.98
N LEU K 437 31.71 -105.89 38.96
CA LEU K 437 30.52 -105.59 39.75
C LEU K 437 29.26 -106.24 39.22
N ASN K 438 29.36 -107.04 38.15
CA ASN K 438 28.31 -107.97 37.74
C ASN K 438 28.80 -109.41 37.67
N ARG K 439 29.86 -109.74 38.39
CA ARG K 439 30.38 -111.11 38.36
C ARG K 439 29.25 -112.11 38.59
N GLY K 440 29.14 -113.07 37.68
CA GLY K 440 28.10 -114.07 37.72
C GLY K 440 26.74 -113.61 37.25
N ALA K 441 26.50 -112.31 37.19
CA ALA K 441 25.25 -111.80 36.64
C ALA K 441 25.38 -111.66 35.13
N GLY K 442 24.26 -111.37 34.48
CA GLY K 442 24.29 -111.01 33.07
C GLY K 442 24.84 -109.61 32.83
N GLY K 443 24.57 -109.09 31.63
CA GLY K 443 24.88 -107.73 31.27
C GLY K 443 26.36 -107.43 31.09
N ASN K 444 26.67 -106.14 31.24
CA ASN K 444 28.02 -105.63 31.03
C ASN K 444 28.97 -106.08 32.14
N PHE K 445 30.26 -106.13 31.80
CA PHE K 445 31.31 -106.00 32.80
C PHE K 445 31.35 -104.56 33.32
N ILE K 446 31.55 -104.42 34.63
CA ILE K 446 31.55 -103.10 35.28
C ILE K 446 32.69 -103.05 36.30
N TYR K 447 33.44 -101.95 36.28
CA TYR K 447 34.62 -101.79 37.12
C TYR K 447 34.63 -100.38 37.70
N ALA K 448 35.14 -100.25 38.92
CA ALA K 448 35.36 -98.95 39.55
C ALA K 448 36.76 -98.42 39.23
N CYS K 449 36.80 -97.20 38.67
CA CYS K 449 38.03 -96.50 38.35
C CYS K 449 38.32 -95.40 39.37
N THR K 450 39.59 -95.26 39.74
CA THR K 450 40.02 -94.31 40.75
C THR K 450 41.08 -93.40 40.15
N PHE K 451 41.07 -92.14 40.55
CA PHE K 451 42.01 -91.13 40.06
C PHE K 451 42.62 -90.37 41.21
N VAL K 452 43.94 -90.23 41.18
CA VAL K 452 44.69 -89.44 42.17
C VAL K 452 45.49 -88.39 41.42
N GLY K 453 45.34 -87.14 41.82
CA GLY K 453 46.04 -86.04 41.18
C GLY K 453 47.50 -85.93 41.55
N LYS K 454 47.85 -86.34 42.76
CA LYS K 454 49.19 -86.11 43.31
C LYS K 454 49.48 -84.62 43.33
N THR L 1 42.29 -27.83 47.46
CA THR L 1 41.27 -28.93 47.46
C THR L 1 41.97 -30.27 47.70
N VAL L 2 41.56 -30.95 48.76
CA VAL L 2 42.14 -32.24 49.14
C VAL L 2 41.45 -33.35 48.38
N LEU L 3 42.21 -34.37 48.00
CA LEU L 3 41.65 -35.52 47.32
C LEU L 3 40.73 -36.29 48.25
N PRO L 4 39.54 -36.69 47.79
CA PRO L 4 38.68 -37.55 48.63
C PRO L 4 39.41 -38.82 49.06
N GLY L 5 39.36 -39.10 50.36
CA GLY L 5 40.01 -40.27 50.92
C GLY L 5 41.18 -39.95 51.83
N VAL L 6 41.74 -38.75 51.71
CA VAL L 6 42.78 -38.30 52.63
C VAL L 6 42.26 -38.26 54.06
N GLU L 7 40.96 -38.02 54.24
CA GLU L 7 40.37 -38.10 55.56
C GLU L 7 40.31 -39.53 56.09
N ALA L 8 40.39 -40.53 55.23
CA ALA L 8 40.13 -41.92 55.60
C ALA L 8 41.39 -42.76 55.70
N ILE L 9 42.45 -42.43 54.96
CA ILE L 9 43.73 -43.08 55.19
C ILE L 9 44.22 -42.70 56.59
N GLY L 10 45.02 -43.58 57.18
CA GLY L 10 45.55 -43.38 58.52
C GLY L 10 44.53 -43.48 59.63
N LEU L 11 43.25 -43.63 59.30
CA LEU L 11 42.21 -43.83 60.31
C LEU L 11 42.48 -45.07 61.14
N GLY L 12 42.44 -44.91 62.47
CA GLY L 12 42.62 -46.05 63.36
C GLY L 12 41.45 -47.00 63.25
N TYR L 13 41.73 -48.29 63.09
CA TYR L 13 40.77 -49.26 62.59
C TYR L 13 40.70 -50.47 63.51
N ASN L 14 39.50 -51.02 63.66
CA ASN L 14 39.32 -52.29 64.35
C ASN L 14 38.96 -53.37 63.34
N PRO L 15 39.87 -54.30 63.04
CA PRO L 15 39.56 -55.35 62.05
C PRO L 15 38.27 -56.12 62.28
N PHE L 16 38.01 -56.49 63.53
CA PHE L 16 36.83 -57.29 63.87
C PHE L 16 35.50 -56.59 63.62
N ILE L 17 35.41 -55.28 63.83
CA ILE L 17 34.09 -54.64 63.71
C ILE L 17 33.52 -54.80 62.31
N SER L 18 34.32 -54.54 61.27
CA SER L 18 33.74 -54.67 59.94
C SER L 18 34.83 -54.75 58.88
N TYR L 19 34.40 -55.05 57.65
CA TYR L 19 35.27 -55.12 56.49
C TYR L 19 35.11 -53.86 55.64
N ALA L 20 36.21 -53.17 55.38
CA ALA L 20 36.27 -52.15 54.33
C ALA L 20 35.20 -51.07 54.53
N SER L 21 34.92 -50.78 55.79
CA SER L 21 33.99 -49.72 56.16
C SER L 21 34.65 -48.78 57.15
N VAL L 22 34.38 -47.49 57.03
CA VAL L 22 34.93 -46.49 57.92
C VAL L 22 34.28 -46.53 59.29
N ASN L 23 33.08 -47.08 59.41
CA ASN L 23 32.45 -47.26 60.71
C ASN L 23 33.26 -48.16 61.63
N SER L 24 34.18 -48.95 61.08
CA SER L 24 35.05 -49.80 61.88
C SER L 24 36.27 -49.07 62.44
N GLY L 25 36.49 -47.80 62.10
CA GLY L 25 37.61 -47.05 62.65
C GLY L 25 37.16 -45.89 63.53
N ALA L 26 37.91 -45.67 64.61
CA ALA L 26 37.66 -44.62 65.59
C ALA L 26 38.67 -43.48 65.49
N VAL L 27 38.31 -42.41 64.76
CA VAL L 27 39.05 -41.15 64.69
C VAL L 27 40.38 -41.27 63.95
N GLN L 28 40.85 -40.15 63.40
CA GLN L 28 42.04 -40.09 62.55
C GLN L 28 43.25 -39.78 63.42
N LEU L 29 44.26 -40.66 63.37
CA LEU L 29 45.49 -40.46 64.13
C LEU L 29 46.44 -39.41 63.54
N PHE L 30 46.44 -39.17 62.24
CA PHE L 30 47.41 -38.28 61.62
C PHE L 30 46.83 -36.94 61.21
N ASP L 31 47.65 -35.89 61.37
CA ASP L 31 47.25 -34.52 61.08
C ASP L 31 47.73 -34.21 59.66
N TRP L 32 46.79 -34.02 58.73
CA TRP L 32 47.14 -33.72 57.35
C TRP L 32 46.74 -32.33 56.90
N ALA L 33 46.19 -31.50 57.78
CA ALA L 33 45.96 -30.11 57.38
C ALA L 33 47.27 -29.33 57.40
N THR L 34 48.05 -29.53 58.45
CA THR L 34 49.36 -28.86 58.58
C THR L 34 50.37 -29.39 57.59
N ALA L 35 50.35 -30.69 57.31
CA ALA L 35 51.40 -31.32 56.53
C ALA L 35 51.51 -30.72 55.13
N LYS L 36 52.74 -30.74 54.60
CA LYS L 36 53.03 -30.32 53.25
C LYS L 36 52.24 -31.13 52.23
N LYS L 37 51.61 -30.44 51.28
CA LYS L 37 50.79 -31.07 50.26
C LYS L 37 51.57 -31.38 48.99
N ARG L 38 51.03 -32.32 48.22
CA ARG L 38 51.46 -32.61 46.85
C ARG L 38 50.23 -32.65 45.96
N GLU L 39 50.37 -32.15 44.74
CA GLU L 39 49.29 -32.25 43.77
C GLU L 39 49.23 -33.66 43.21
N VAL L 40 48.01 -34.14 42.99
CA VAL L 40 47.79 -35.50 42.47
C VAL L 40 48.09 -35.52 40.97
N PRO L 41 49.02 -36.36 40.51
CA PRO L 41 49.43 -36.27 39.09
C PRO L 41 48.27 -36.42 38.12
N PHE L 42 47.38 -37.37 38.35
CA PHE L 42 46.28 -37.66 37.44
C PHE L 42 45.04 -36.80 37.68
N LYS L 43 44.99 -36.05 38.78
CA LYS L 43 43.83 -35.20 39.11
C LYS L 43 44.35 -33.83 39.54
N ALA L 44 44.88 -33.09 38.57
CA ALA L 44 45.29 -31.71 38.79
C ALA L 44 44.14 -30.88 39.35
N GLY L 45 44.45 -30.07 40.36
CA GLY L 45 43.45 -29.42 41.18
C GLY L 45 43.07 -30.13 42.45
N TYR L 46 43.58 -31.33 42.69
CA TYR L 46 43.42 -32.01 43.97
C TYR L 46 44.79 -32.28 44.56
N PHE L 47 44.89 -32.21 45.89
CA PHE L 47 46.16 -32.33 46.58
C PHE L 47 46.09 -33.38 47.67
N VAL L 48 47.24 -33.93 48.00
CA VAL L 48 47.39 -34.90 49.08
C VAL L 48 48.62 -34.54 49.90
N PRO L 49 48.68 -34.96 51.16
CA PRO L 49 49.94 -34.86 51.88
C PRO L 49 51.03 -35.64 51.17
N GLU L 50 52.25 -35.08 51.17
CA GLU L 50 53.30 -35.65 50.33
C GLU L 50 53.68 -37.05 50.78
N ILE L 51 53.34 -37.43 52.01
CA ILE L 51 53.75 -38.75 52.51
C ILE L 51 52.99 -39.85 51.77
N VAL L 52 51.72 -39.62 51.45
CA VAL L 52 50.90 -40.68 50.89
C VAL L 52 51.20 -40.84 49.40
N ASP L 53 51.16 -42.09 48.94
CA ASP L 53 51.28 -42.45 47.54
C ASP L 53 49.89 -42.81 47.02
N VAL L 54 49.41 -42.06 46.03
CA VAL L 54 48.10 -42.30 45.45
C VAL L 54 48.30 -42.84 44.04
N GLN L 55 47.75 -44.03 43.78
CA GLN L 55 47.73 -44.65 42.47
C GLN L 55 46.31 -44.65 41.94
N GLN L 56 46.13 -44.21 40.70
CA GLN L 56 44.89 -44.51 40.01
C GLN L 56 44.82 -46.01 39.72
N ASN L 57 43.65 -46.60 39.91
CA ASN L 57 43.45 -48.01 39.60
C ASN L 57 42.00 -48.25 39.18
N ASP L 58 41.50 -47.42 38.27
CA ASP L 58 40.11 -47.51 37.84
C ASP L 58 39.80 -48.89 37.27
N SER L 59 39.05 -49.69 38.01
CA SER L 59 38.84 -51.10 37.69
C SER L 59 37.69 -51.63 38.54
N ALA L 60 36.56 -51.89 37.88
CA ALA L 60 35.46 -52.66 38.44
C ALA L 60 35.93 -54.09 38.70
N THR L 61 35.70 -54.56 39.93
CA THR L 61 36.41 -55.72 40.47
C THR L 61 35.47 -56.50 41.37
N TYR L 62 35.75 -57.78 41.55
CA TYR L 62 34.95 -58.68 42.37
C TYR L 62 35.74 -59.17 43.57
N THR L 63 35.09 -59.18 44.74
CA THR L 63 35.55 -59.95 45.89
C THR L 63 34.39 -60.83 46.33
N ASN L 64 34.60 -62.14 46.30
CA ASN L 64 33.55 -63.10 46.66
C ASN L 64 34.04 -64.00 47.80
N VAL L 65 33.17 -64.22 48.79
CA VAL L 65 33.47 -65.02 49.96
C VAL L 65 32.34 -66.03 50.10
N SER L 66 32.68 -67.28 50.41
CA SER L 66 31.67 -68.32 50.50
C SER L 66 32.12 -69.37 51.50
N GLY L 67 31.15 -70.13 52.00
CA GLY L 67 31.42 -71.25 52.87
C GLY L 67 30.21 -72.13 53.09
N ASN L 68 30.44 -73.45 53.15
CA ASN L 68 29.33 -74.38 53.38
C ASN L 68 28.77 -74.22 54.79
N THR L 69 29.52 -73.55 55.68
CA THR L 69 29.10 -73.33 57.05
C THR L 69 29.72 -72.02 57.52
N ILE L 70 29.12 -71.44 58.57
CA ILE L 70 29.52 -70.11 59.01
C ILE L 70 30.98 -70.12 59.43
N SER L 71 31.41 -71.15 60.16
CA SER L 71 32.79 -71.21 60.61
C SER L 71 33.75 -71.30 59.42
N GLU L 72 33.28 -71.83 58.30
CA GLU L 72 34.05 -71.77 57.07
C GLU L 72 33.98 -70.38 56.43
N TYR L 73 32.77 -69.82 56.34
CA TYR L 73 32.63 -68.47 55.80
C TYR L 73 33.43 -67.45 56.62
N GLN L 74 33.42 -67.60 57.94
CA GLN L 74 34.21 -66.71 58.78
C GLN L 74 35.71 -66.80 58.49
N ARG L 75 36.19 -67.97 58.06
CA ARG L 75 37.60 -68.10 57.73
C ARG L 75 37.91 -67.64 56.30
N SER L 76 37.04 -67.95 55.34
CA SER L 76 37.23 -67.41 54.00
C SER L 76 37.06 -65.90 53.96
N LEU L 77 36.24 -65.34 54.87
CA LEU L 77 36.20 -63.90 55.05
C LEU L 77 37.50 -63.38 55.65
N ALA L 78 37.92 -63.95 56.78
CA ALA L 78 39.13 -63.49 57.46
C ALA L 78 40.35 -63.52 56.55
N THR L 79 40.48 -64.57 55.74
CA THR L 79 41.61 -64.71 54.83
C THR L 79 41.45 -63.91 53.54
N SER L 80 40.37 -63.16 53.38
CA SER L 80 40.23 -62.32 52.20
C SER L 80 41.13 -61.11 52.24
N VAL L 81 41.86 -60.88 53.33
CA VAL L 81 42.77 -59.77 53.48
C VAL L 81 44.07 -60.30 54.06
N ALA L 82 45.19 -59.73 53.61
CA ALA L 82 46.50 -60.13 54.13
C ALA L 82 46.65 -59.58 55.54
N ILE L 83 46.37 -60.41 56.54
CA ILE L 83 46.39 -60.00 57.94
C ILE L 83 46.80 -61.21 58.76
N GLU L 84 47.46 -60.93 59.89
CA GLU L 84 48.10 -61.99 60.66
C GLU L 84 47.12 -62.67 61.61
N GLY L 85 47.27 -64.00 61.73
CA GLY L 85 46.55 -64.78 62.70
C GLY L 85 45.21 -65.32 62.21
N ARG L 86 44.71 -66.29 62.98
CA ARG L 86 43.50 -67.04 62.67
C ARG L 86 42.23 -66.38 63.22
N TYR L 87 42.34 -65.15 63.71
CA TYR L 87 41.20 -64.51 64.35
C TYR L 87 40.07 -64.26 63.35
N ASN L 88 38.85 -64.18 63.89
CA ASN L 88 37.63 -63.93 63.12
C ASN L 88 37.52 -62.46 62.71
N PHE L 89 38.51 -62.00 61.95
CA PHE L 89 38.49 -60.62 61.49
C PHE L 89 37.26 -60.34 60.64
N PHE L 90 36.83 -59.07 60.64
CA PHE L 90 35.66 -58.64 59.90
C PHE L 90 34.35 -59.30 60.31
N SER L 91 34.39 -60.15 61.35
CA SER L 91 33.25 -61.02 61.60
C SER L 91 32.06 -60.27 62.18
N GLY L 92 32.25 -59.04 62.66
CA GLY L 92 31.13 -58.19 63.03
C GLY L 92 30.17 -57.88 61.90
N SER L 93 30.62 -57.97 60.65
CA SER L 93 29.72 -57.78 59.51
C SER L 93 28.62 -58.83 59.46
N LEU L 94 28.83 -60.00 60.07
CA LEU L 94 27.80 -61.02 60.11
C LEU L 94 26.48 -60.48 60.67
N SER L 95 26.56 -59.72 61.76
CA SER L 95 25.35 -59.20 62.41
C SER L 95 24.49 -58.34 61.49
N THR L 96 25.03 -57.88 60.36
CA THR L 96 24.27 -57.05 59.44
C THR L 96 24.17 -57.62 58.04
N ASP L 97 25.03 -58.56 57.65
CA ASP L 97 24.87 -59.24 56.36
C ASP L 97 23.74 -60.26 56.40
N PHE L 98 23.59 -60.98 57.50
CA PHE L 98 22.72 -62.15 57.56
C PHE L 98 21.75 -62.04 58.72
N ASP L 99 20.57 -62.63 58.55
CA ASP L 99 19.60 -62.73 59.63
C ASP L 99 20.11 -63.64 60.74
N SER L 100 19.92 -63.20 61.98
CA SER L 100 20.60 -63.83 63.10
C SER L 100 20.19 -65.30 63.24
N ASN L 101 18.91 -65.61 63.06
CA ASN L 101 18.48 -67.00 63.02
C ASN L 101 19.20 -67.78 61.93
N SER L 102 19.48 -67.13 60.80
CA SER L 102 20.04 -67.84 59.65
C SER L 102 21.53 -68.11 59.83
N LEU L 103 22.21 -67.32 60.65
CA LEU L 103 23.54 -67.69 61.11
C LEU L 103 23.47 -68.91 62.03
N ARG L 104 22.48 -68.96 62.91
CA ARG L 104 22.33 -70.09 63.82
C ARG L 104 21.79 -71.33 63.12
N ASN L 105 21.08 -71.17 62.02
CA ASN L 105 20.52 -72.30 61.29
C ASN L 105 21.61 -73.07 60.55
N ALA L 106 21.91 -74.29 61.01
CA ALA L 106 22.92 -75.14 60.40
C ALA L 106 22.57 -75.66 59.01
N GLU L 107 21.33 -75.49 58.53
CA GLU L 107 21.03 -75.84 57.15
C GLU L 107 21.49 -74.79 56.14
N ASN L 108 22.04 -73.66 56.57
CA ASN L 108 22.41 -72.60 55.64
C ASN L 108 23.88 -72.69 55.25
N GLU L 109 24.15 -72.29 54.01
CA GLU L 109 25.47 -71.94 53.52
C GLU L 109 25.45 -70.53 52.96
N PHE L 110 26.61 -69.86 53.04
CA PHE L 110 26.68 -68.41 53.00
C PHE L 110 27.58 -67.95 51.86
N THR L 111 27.15 -66.93 51.14
CA THR L 111 27.92 -66.31 50.07
C THR L 111 27.77 -64.80 50.15
N ARG L 112 28.88 -64.09 49.98
CA ARG L 112 28.89 -62.64 49.86
C ARG L 112 29.57 -62.24 48.55
N ILE L 113 28.82 -61.57 47.67
CA ILE L 113 29.29 -61.16 46.35
C ILE L 113 29.43 -59.64 46.36
N GLN L 114 30.66 -59.15 46.28
CA GLN L 114 30.95 -57.71 46.27
C GLN L 114 31.58 -57.32 44.95
N GLN L 115 30.93 -56.42 44.21
CA GLN L 115 31.54 -55.73 43.07
C GLN L 115 32.06 -54.37 43.51
N SER L 116 33.38 -54.29 43.74
CA SER L 116 34.03 -53.00 43.99
C SER L 116 34.17 -52.20 42.70
N ILE L 117 33.72 -50.94 42.72
CA ILE L 117 33.96 -50.02 41.61
C ILE L 117 35.13 -49.10 41.97
N ASN L 118 36.35 -49.58 41.78
CA ASN L 118 37.54 -48.83 42.17
C ASN L 118 37.73 -47.59 41.31
N LEU L 119 38.23 -46.52 41.93
CA LEU L 119 38.67 -45.33 41.21
C LEU L 119 40.16 -45.05 41.43
N TRP L 120 40.58 -44.88 42.68
CA TRP L 120 41.98 -44.64 43.02
C TRP L 120 42.24 -45.28 44.37
N SER L 121 43.52 -45.40 44.71
CA SER L 121 43.89 -45.97 46.00
C SER L 121 45.04 -45.20 46.62
N LEU L 122 44.90 -44.92 47.91
CA LEU L 122 45.88 -44.16 48.67
C LEU L 122 46.70 -45.11 49.54
N ARG L 123 48.01 -44.92 49.53
CA ARG L 123 48.95 -45.79 50.23
C ARG L 123 49.79 -44.94 51.17
N LEU L 124 50.16 -45.52 52.31
CA LEU L 124 50.91 -44.81 53.34
C LEU L 124 52.07 -45.67 53.79
N PRO L 125 53.31 -45.21 53.64
CA PRO L 125 54.46 -46.07 53.92
C PRO L 125 54.76 -46.18 55.41
N SER L 126 55.35 -47.32 55.78
CA SER L 126 55.70 -47.65 57.16
C SER L 126 56.94 -46.92 57.65
N VAL L 127 57.23 -45.73 57.12
CA VAL L 127 58.45 -45.04 57.49
C VAL L 127 58.36 -44.51 58.93
N LYS L 128 59.53 -44.42 59.57
CA LYS L 128 59.63 -43.99 60.96
C LYS L 128 59.13 -42.56 61.20
N SER L 129 59.10 -41.72 60.17
CA SER L 129 58.61 -40.36 60.35
C SER L 129 57.10 -40.27 60.50
N LEU L 130 56.35 -41.37 60.40
CA LEU L 130 54.92 -41.31 60.64
C LEU L 130 54.60 -40.70 62.00
N ARG L 131 55.35 -41.11 63.03
CA ARG L 131 55.18 -40.55 64.37
C ARG L 131 55.15 -39.03 64.37
N GLU L 132 55.94 -38.40 63.50
CA GLU L 132 55.98 -36.94 63.47
C GLU L 132 54.69 -36.34 62.94
N LEU L 133 53.94 -37.07 62.12
CA LEU L 133 52.67 -36.58 61.59
C LEU L 133 51.46 -36.86 62.48
N MET L 134 51.58 -37.66 63.54
CA MET L 134 50.43 -37.85 64.41
C MET L 134 49.96 -36.53 65.00
N LEU L 135 48.66 -36.42 65.20
CA LEU L 135 48.11 -35.32 65.98
C LEU L 135 48.69 -35.32 67.39
N PRO L 136 48.99 -34.15 67.96
CA PRO L 136 49.71 -34.12 69.25
C PRO L 136 48.98 -34.84 70.38
N HIS L 137 47.67 -34.68 70.48
CA HIS L 137 46.93 -35.37 71.54
C HIS L 137 46.89 -36.88 71.33
N MET L 138 46.80 -37.32 70.08
CA MET L 138 46.89 -38.75 69.80
C MET L 138 48.25 -39.31 70.16
N ARG L 139 49.31 -38.63 69.77
CA ARG L 139 50.67 -39.04 70.17
C ARG L 139 50.83 -39.00 71.68
N GLN L 140 50.36 -37.93 72.32
CA GLN L 140 50.45 -37.84 73.78
C GLN L 140 49.70 -38.98 74.46
N GLN L 141 48.51 -39.31 73.97
CA GLN L 141 47.74 -40.40 74.56
C GLN L 141 48.46 -41.74 74.41
N LEU L 142 49.00 -42.01 73.23
CA LEU L 142 49.76 -43.23 73.01
C LEU L 142 51.05 -43.26 73.83
N ASP L 143 51.71 -42.11 73.99
CA ASP L 143 52.96 -42.07 74.74
C ASP L 143 52.73 -42.26 76.23
N GLU L 144 51.60 -41.82 76.77
CA GLU L 144 51.30 -41.97 78.18
C GLU L 144 50.52 -43.23 78.51
N LEU L 145 50.24 -44.08 77.52
CA LEU L 145 49.50 -45.32 77.78
C LEU L 145 50.22 -46.18 78.81
N ASN L 146 49.54 -46.46 79.91
CA ASN L 146 50.10 -47.27 81.00
C ASN L 146 50.01 -48.76 80.63
N VAL L 147 51.01 -49.20 79.87
CA VAL L 147 51.05 -50.59 79.41
C VAL L 147 51.30 -51.57 80.54
N ASN L 148 51.55 -51.08 81.76
CA ASN L 148 51.58 -51.93 82.95
C ASN L 148 50.20 -52.41 83.38
N ASP L 149 49.12 -51.83 82.85
CA ASP L 149 47.77 -52.32 83.12
C ASP L 149 47.17 -52.90 81.86
N PRO L 150 46.88 -54.22 81.82
CA PRO L 150 46.21 -54.78 80.65
C PRO L 150 44.90 -54.10 80.30
N LYS L 151 44.14 -53.65 81.30
CA LYS L 151 42.86 -53.00 81.02
C LYS L 151 43.05 -51.69 80.27
N ALA L 152 44.13 -50.96 80.55
CA ALA L 152 44.41 -49.74 79.82
C ALA L 152 44.72 -50.03 78.36
N ILE L 153 45.56 -51.04 78.08
CA ILE L 153 45.83 -51.41 76.70
C ILE L 153 44.56 -51.90 76.02
N SER L 154 43.81 -52.77 76.70
CA SER L 154 42.56 -53.28 76.13
C SER L 154 41.59 -52.14 75.83
N ARG L 155 41.45 -51.19 76.75
CA ARG L 155 40.64 -50.02 76.47
C ARG L 155 41.19 -49.19 75.33
N TYR L 156 42.51 -49.07 75.24
CA TYR L 156 43.10 -48.34 74.11
C TYR L 156 42.79 -49.01 72.78
N PHE L 157 42.99 -50.33 72.68
CA PHE L 157 42.62 -51.03 71.45
C PHE L 157 41.13 -50.92 71.16
N ASP L 158 40.30 -51.03 72.20
CA ASP L 158 38.86 -50.83 72.03
C ASP L 158 38.54 -49.40 71.60
N ARG L 159 39.08 -48.41 72.31
CA ARG L 159 38.68 -47.03 72.08
C ARG L 159 39.32 -46.43 70.84
N VAL L 160 40.56 -46.81 70.54
CA VAL L 160 41.31 -46.20 69.44
C VAL L 160 41.47 -47.13 68.24
N GLY L 161 41.24 -48.42 68.41
CA GLY L 161 41.56 -49.40 67.39
C GLY L 161 42.93 -50.02 67.60
N SER L 162 43.09 -51.23 67.08
CA SER L 162 44.35 -51.95 67.16
C SER L 162 45.28 -51.68 65.99
N HIS L 163 44.74 -51.24 64.85
CA HIS L 163 45.50 -51.00 63.64
C HIS L 163 45.16 -49.61 63.12
N PHE L 164 45.87 -49.18 62.09
CA PHE L 164 45.47 -48.01 61.34
C PHE L 164 45.61 -48.28 59.86
N LEU L 165 44.75 -47.64 59.08
CA LEU L 165 44.68 -47.88 57.64
C LEU L 165 45.92 -47.35 56.93
N THR L 166 46.56 -48.22 56.14
CA THR L 166 47.65 -47.83 55.27
C THR L 166 47.37 -48.08 53.80
N GLY L 167 46.33 -48.83 53.46
CA GLY L 167 45.95 -49.01 52.07
C GLY L 167 44.46 -48.78 51.92
N ILE L 168 44.08 -47.86 51.04
CA ILE L 168 42.70 -47.47 50.82
C ILE L 168 42.40 -47.53 49.33
N VAL L 169 41.27 -48.10 48.97
CA VAL L 169 40.72 -47.98 47.63
C VAL L 169 39.47 -47.12 47.75
N MET L 170 39.38 -46.06 46.97
CA MET L 170 38.20 -45.20 46.99
C MET L 170 37.35 -45.46 45.76
N GLY L 171 36.06 -45.73 45.98
CA GLY L 171 35.16 -45.91 44.87
C GLY L 171 33.73 -46.14 45.33
N GLY L 172 33.13 -47.19 44.77
CA GLY L 172 31.81 -47.63 45.16
C GLY L 172 31.85 -49.14 45.38
N ARG L 173 30.80 -49.66 46.00
CA ARG L 173 30.58 -51.09 45.97
C ARG L 173 29.09 -51.38 46.08
N ALA L 174 28.66 -52.41 45.36
CA ALA L 174 27.37 -53.05 45.58
C ALA L 174 27.62 -54.46 46.08
N ILE L 175 26.88 -54.86 47.12
CA ILE L 175 27.06 -56.16 47.74
C ILE L 175 25.72 -56.88 47.72
N LEU L 176 25.75 -58.17 47.41
CA LEU L 176 24.66 -59.09 47.72
C LEU L 176 25.19 -60.15 48.66
N ALA L 177 24.58 -60.26 49.84
CA ALA L 177 24.87 -61.34 50.78
C ALA L 177 23.65 -62.25 50.87
N SER L 178 23.90 -63.55 50.90
CA SER L 178 22.83 -64.53 50.87
C SER L 178 23.19 -65.72 51.73
N SER L 179 22.17 -66.27 52.40
CA SER L 179 22.26 -67.55 53.09
C SER L 179 21.24 -68.49 52.49
N THR L 180 21.67 -69.71 52.15
CA THR L 180 20.93 -70.59 51.27
C THR L 180 20.79 -71.96 51.93
N ASN L 181 19.60 -72.54 51.84
CA ASN L 181 19.36 -73.85 52.44
C ASN L 181 20.12 -74.89 51.61
N LYS L 182 21.27 -75.33 52.13
CA LYS L 182 22.16 -76.20 51.39
C LYS L 182 21.60 -77.62 51.22
N LEU L 183 20.53 -77.96 51.95
CA LEU L 183 19.89 -79.26 51.77
C LEU L 183 18.93 -79.31 50.59
N ARG L 184 18.49 -78.16 50.07
CA ARG L 184 17.36 -78.13 49.15
C ARG L 184 17.61 -77.35 47.87
N VAL L 185 18.57 -76.43 47.83
CA VAL L 185 18.95 -75.79 46.57
C VAL L 185 19.58 -76.80 45.61
N LYS L 186 19.33 -76.60 44.31
CA LYS L 186 19.94 -77.43 43.29
C LYS L 186 21.45 -77.42 43.38
N ARG L 187 22.05 -78.60 43.20
CA ARG L 187 23.49 -78.80 43.27
C ARG L 187 24.16 -78.87 41.90
N ASP L 188 23.46 -78.46 40.84
CA ASP L 188 24.07 -78.46 39.51
C ASP L 188 25.32 -77.60 39.45
N TYR L 189 25.35 -76.49 40.19
CA TYR L 189 26.51 -75.62 40.24
C TYR L 189 26.82 -75.26 41.69
N SER L 190 28.06 -74.86 41.93
CA SER L 190 28.41 -74.31 43.24
C SER L 190 27.62 -73.04 43.50
N VAL L 191 27.30 -72.82 44.78
CA VAL L 191 26.40 -71.74 45.12
C VAL L 191 27.03 -70.38 44.87
N SER L 192 28.36 -70.29 44.95
CA SER L 192 29.04 -69.07 44.54
C SER L 192 28.84 -68.76 43.07
N VAL L 193 28.68 -69.78 42.23
CA VAL L 193 28.44 -69.54 40.81
C VAL L 193 27.04 -68.97 40.58
N VAL L 194 26.04 -69.60 41.18
CA VAL L 194 24.67 -69.11 41.05
C VAL L 194 24.41 -67.88 41.91
N ALA L 195 25.16 -67.71 43.00
CA ALA L 195 25.15 -66.42 43.70
C ALA L 195 25.65 -65.29 42.81
N LYS L 196 26.83 -65.45 42.21
CA LYS L 196 27.36 -64.45 41.30
C LYS L 196 26.45 -64.25 40.09
N ALA L 197 25.96 -65.35 39.52
CA ALA L 197 25.09 -65.26 38.36
C ALA L 197 23.79 -64.54 38.68
N SER L 198 23.23 -64.78 39.87
CA SER L 198 22.02 -64.08 40.27
C SER L 198 22.29 -62.62 40.63
N TYR L 199 23.44 -62.34 41.25
CA TYR L 199 23.87 -60.95 41.41
C TYR L 199 23.97 -60.25 40.07
N GLU L 200 24.61 -60.89 39.08
CA GLU L 200 24.66 -60.34 37.73
C GLU L 200 23.27 -60.19 37.14
N GLY L 201 22.37 -61.13 37.44
CA GLY L 201 21.00 -61.00 36.99
C GLY L 201 20.29 -59.80 37.59
N LEU L 202 20.43 -59.61 38.91
CA LEU L 202 19.80 -58.48 39.57
C LEU L 202 20.34 -57.15 39.06
N THR L 203 21.64 -57.08 38.76
CA THR L 203 22.25 -55.87 38.23
C THR L 203 22.15 -55.78 36.70
N GLY L 204 21.65 -56.81 36.03
CA GLY L 204 21.55 -56.80 34.58
C GLY L 204 22.83 -57.14 33.85
N GLN L 205 23.89 -57.48 34.56
CA GLN L 205 25.17 -57.82 33.94
C GLN L 205 25.17 -59.21 33.33
N LEU L 206 24.19 -60.05 33.64
CA LEU L 206 24.13 -61.40 33.12
C LEU L 206 23.74 -61.38 31.64
N SER L 207 24.54 -62.04 30.81
CA SER L 207 24.29 -62.07 29.38
C SER L 207 23.12 -63.00 29.03
N ALA L 208 22.66 -62.82 27.78
CA ALA L 208 21.60 -63.65 27.20
C ALA L 208 21.86 -65.15 27.30
N GLU L 209 23.07 -65.59 26.93
CA GLU L 209 23.40 -67.01 27.07
C GLU L 209 23.59 -67.42 28.52
N ALA L 210 24.17 -66.56 29.36
CA ALA L 210 24.33 -66.92 30.76
C ALA L 210 22.99 -66.92 31.47
N LYS L 211 22.14 -65.95 31.11
CA LYS L 211 20.77 -65.88 31.61
C LYS L 211 19.97 -67.16 31.36
N ALA L 212 20.05 -67.71 30.14
CA ALA L 212 19.52 -69.05 29.91
C ALA L 212 20.20 -70.13 30.75
N LYS L 213 21.53 -70.18 30.73
CA LYS L 213 22.22 -71.27 31.42
C LYS L 213 21.99 -71.25 32.93
N TYR L 214 22.25 -70.11 33.56
CA TYR L 214 21.99 -69.91 34.99
C TYR L 214 20.51 -69.72 35.33
N GLY L 215 19.72 -69.21 34.40
CA GLY L 215 18.38 -68.75 34.73
C GLY L 215 17.51 -69.76 35.45
N GLU L 216 17.54 -71.02 35.04
CA GLU L 216 16.84 -72.04 35.81
C GLU L 216 17.50 -72.35 37.14
N SER L 217 18.83 -72.26 37.23
CA SER L 217 19.51 -72.52 38.50
C SER L 217 19.34 -71.38 39.51
N ILE L 218 19.24 -70.14 39.05
CA ILE L 218 19.14 -68.99 39.96
C ILE L 218 17.77 -68.89 40.63
N SER L 219 16.69 -69.33 39.96
CA SER L 219 15.40 -69.37 40.62
C SER L 219 15.38 -70.28 41.83
N SER L 220 15.97 -71.48 41.73
CA SER L 220 16.10 -72.34 42.89
C SER L 220 16.92 -71.66 43.99
N PHE L 221 18.05 -71.07 43.62
CA PHE L 221 18.83 -70.28 44.56
C PHE L 221 18.03 -69.12 45.15
N THR L 222 17.24 -68.44 44.31
CA THR L 222 16.51 -67.27 44.78
C THR L 222 15.47 -67.62 45.84
N GLN L 223 14.64 -68.63 45.58
CA GLN L 223 13.57 -68.97 46.52
C GLN L 223 14.10 -69.58 47.81
N TYR L 224 15.18 -70.34 47.76
CA TYR L 224 15.73 -70.99 48.94
C TYR L 224 16.81 -70.18 49.65
N SER L 225 16.88 -68.87 49.41
CA SER L 225 17.90 -68.07 50.07
C SER L 225 17.38 -66.68 50.38
N ASN L 226 17.96 -66.07 51.40
CA ASN L 226 17.61 -64.73 51.89
C ASN L 226 18.71 -63.76 51.46
N THR L 227 18.52 -63.13 50.31
CA THR L 227 19.53 -62.23 49.75
C THR L 227 19.38 -60.84 50.39
N HIS L 228 20.31 -60.52 51.29
CA HIS L 228 20.52 -59.12 51.69
C HIS L 228 21.24 -58.36 50.60
N GLN L 229 20.83 -57.13 50.37
CA GLN L 229 21.41 -56.25 49.36
C GLN L 229 21.79 -54.91 49.98
N GLU L 230 22.97 -54.42 49.65
CA GLU L 230 23.39 -53.09 50.06
C GLU L 230 24.31 -52.51 49.00
N VAL L 231 24.46 -51.19 49.04
CA VAL L 231 25.27 -50.45 48.09
C VAL L 231 25.89 -49.25 48.78
N ARG L 232 27.08 -48.87 48.34
CA ARG L 232 27.89 -47.88 49.03
C ARG L 232 28.66 -47.05 48.01
N GLY L 233 28.92 -45.80 48.37
CA GLY L 233 29.42 -44.83 47.41
C GLY L 233 28.43 -44.46 46.33
N GLY L 234 28.74 -43.40 45.59
CA GLY L 234 27.86 -42.88 44.57
C GLY L 234 26.68 -42.11 45.15
N ASP L 235 25.83 -41.64 44.23
CA ASP L 235 24.67 -40.86 44.61
C ASP L 235 23.62 -41.76 45.26
N GLY L 236 23.32 -41.50 46.54
CA GLY L 236 22.32 -42.27 47.25
C GLY L 236 20.93 -42.19 46.64
N ALA L 237 20.65 -41.15 45.86
CA ALA L 237 19.41 -41.10 45.10
C ALA L 237 19.39 -42.03 43.90
N LYS L 238 20.55 -42.53 43.47
CA LYS L 238 20.63 -43.51 42.39
C LYS L 238 21.12 -44.86 42.89
N ALA L 239 21.50 -44.97 44.16
CA ALA L 239 22.07 -46.21 44.67
C ALA L 239 21.05 -47.34 44.65
N HIS L 240 19.79 -47.04 44.97
CA HIS L 240 18.75 -48.05 44.99
C HIS L 240 18.41 -48.60 43.60
N GLY L 241 18.76 -47.87 42.55
CA GLY L 241 18.58 -48.34 41.18
C GLY L 241 19.51 -49.45 40.74
N VAL L 242 20.60 -49.70 41.47
CA VAL L 242 21.59 -50.65 40.97
C VAL L 242 21.02 -52.06 40.91
N PHE L 243 20.13 -52.42 41.82
CA PHE L 243 19.48 -53.73 41.78
C PHE L 243 18.14 -53.68 41.07
N SER L 244 17.91 -52.67 40.25
CA SER L 244 16.67 -52.48 39.51
C SER L 244 16.52 -53.45 38.34
N GLY L 245 17.48 -54.35 38.13
CA GLY L 245 17.43 -55.28 37.03
C GLY L 245 17.74 -54.69 35.67
N LYS L 246 18.14 -53.42 35.61
CA LYS L 246 18.28 -52.69 34.36
C LYS L 246 19.67 -52.07 34.31
N LYS L 247 20.39 -52.34 33.23
CA LYS L 247 21.77 -51.88 33.11
C LYS L 247 21.87 -50.36 33.15
N GLU L 248 20.90 -49.67 32.54
CA GLU L 248 20.95 -48.21 32.53
C GLU L 248 20.89 -47.63 33.94
N ASP L 249 20.15 -48.27 34.85
CA ASP L 249 20.12 -47.81 36.23
C ASP L 249 21.42 -48.11 36.96
N PHE L 250 21.98 -49.31 36.76
CA PHE L 250 23.28 -49.64 37.34
C PHE L 250 24.39 -48.72 36.84
N GLN L 251 24.46 -48.52 35.52
CA GLN L 251 25.47 -47.61 34.97
C GLN L 251 25.28 -46.18 35.45
N ALA L 252 24.03 -45.73 35.58
CA ALA L 252 23.76 -44.40 36.13
C ALA L 252 24.29 -44.25 37.55
N TRP L 253 24.29 -45.30 38.35
CA TRP L 253 24.97 -45.25 39.65
C TRP L 253 26.49 -45.21 39.50
N VAL L 254 27.05 -46.09 38.67
CA VAL L 254 28.48 -46.09 38.43
C VAL L 254 28.96 -44.72 37.98
N ASP L 255 28.21 -44.07 37.08
CA ASP L 255 28.55 -42.71 36.65
C ASP L 255 28.50 -41.69 37.78
N SER L 256 27.88 -42.01 38.91
CA SER L 256 27.90 -41.13 40.07
C SER L 256 28.96 -41.49 41.11
N VAL L 257 29.45 -42.72 41.12
CA VAL L 257 30.52 -43.10 42.04
C VAL L 257 31.76 -42.24 41.80
N SER L 258 32.05 -41.92 40.54
CA SER L 258 33.20 -41.09 40.22
C SER L 258 33.15 -39.73 40.88
N ALA L 259 31.96 -39.17 41.08
CA ALA L 259 31.86 -37.87 41.76
C ALA L 259 32.00 -37.98 43.27
N SER L 260 31.49 -39.04 43.89
CA SER L 260 31.36 -39.12 45.34
C SER L 260 31.78 -40.51 45.83
N PRO L 261 33.05 -40.84 45.73
CA PRO L 261 33.51 -42.17 46.13
C PRO L 261 33.62 -42.30 47.65
N ASP L 262 33.61 -43.55 48.10
CA ASP L 262 33.81 -43.90 49.50
C ASP L 262 34.89 -44.96 49.63
N PHE L 263 35.38 -45.12 50.86
CA PHE L 263 36.20 -46.27 51.23
C PHE L 263 35.46 -47.59 51.12
N VAL L 264 35.86 -48.41 50.14
CA VAL L 264 35.10 -49.59 49.74
C VAL L 264 35.94 -50.86 49.85
N ASP L 265 37.27 -50.73 49.75
CA ASP L 265 38.11 -51.92 49.75
C ASP L 265 39.52 -51.56 50.21
N PHE L 266 40.27 -52.60 50.57
CA PHE L 266 41.68 -52.49 50.92
C PHE L 266 42.57 -52.70 49.70
N VAL L 267 43.76 -52.10 49.75
CA VAL L 267 44.88 -52.48 48.88
C VAL L 267 45.50 -53.78 49.38
N PRO L 268 45.53 -54.85 48.57
CA PRO L 268 45.84 -56.17 49.12
C PRO L 268 47.21 -56.27 49.79
N THR L 269 48.18 -55.47 49.35
CA THR L 269 49.55 -55.64 49.82
C THR L 269 49.79 -55.04 51.20
N ILE L 270 49.11 -53.95 51.55
CA ILE L 270 49.46 -53.16 52.73
C ILE L 270 48.21 -52.57 53.36
N PRO L 271 47.21 -53.41 53.68
CA PRO L 271 45.90 -52.86 54.04
C PRO L 271 45.92 -52.01 55.31
N MET L 272 46.56 -52.49 56.38
CA MET L 272 46.65 -51.72 57.61
C MET L 272 47.89 -52.13 58.39
N GLN L 273 48.32 -51.23 59.29
CA GLN L 273 49.52 -51.40 60.08
C GLN L 273 49.15 -51.44 61.56
N GLU L 274 49.88 -52.24 62.33
CA GLU L 274 49.63 -52.32 63.77
C GLU L 274 49.95 -51.01 64.49
N ILE L 275 49.14 -50.72 65.50
CA ILE L 275 49.18 -49.43 66.20
C ILE L 275 50.50 -49.23 66.94
N TRP L 276 51.07 -50.29 67.50
CA TRP L 276 52.37 -50.21 68.16
C TRP L 276 53.54 -50.01 67.20
N THR L 277 53.30 -49.94 65.90
CA THR L 277 54.31 -49.40 64.99
C THR L 277 54.63 -47.94 65.32
N LEU L 278 53.66 -47.20 65.88
CA LEU L 278 53.82 -45.78 66.15
C LEU L 278 54.38 -45.45 67.53
N CYS L 279 54.40 -46.38 68.48
CA CYS L 279 54.91 -46.05 69.80
C CYS L 279 56.43 -45.95 69.78
N SER L 280 56.96 -45.02 70.55
CA SER L 280 58.38 -44.68 70.50
C SER L 280 59.28 -45.71 71.18
N SER L 281 58.77 -46.45 72.16
CA SER L 281 59.60 -47.39 72.91
C SER L 281 59.32 -48.82 72.49
N GLU L 282 60.39 -49.55 72.17
CA GLU L 282 60.27 -50.96 71.84
C GLU L 282 59.73 -51.77 73.02
N ALA L 283 60.06 -51.36 74.25
CA ALA L 283 59.48 -52.00 75.42
C ALA L 283 57.99 -51.74 75.54
N GLN L 284 57.52 -50.58 75.10
CA GLN L 284 56.08 -50.35 75.01
C GLN L 284 55.47 -51.20 73.90
N ALA L 285 56.13 -51.26 72.74
CA ALA L 285 55.62 -52.07 71.63
C ALA L 285 55.51 -53.53 72.03
N GLU L 286 56.51 -54.06 72.73
CA GLU L 286 56.46 -55.43 73.22
C GLU L 286 55.26 -55.68 74.12
N ALA L 287 55.01 -54.78 75.07
CA ALA L 287 53.84 -54.93 75.93
C ALA L 287 52.53 -54.85 75.16
N MET L 288 52.42 -53.88 74.25
CA MET L 288 51.20 -53.77 73.45
C MET L 288 51.00 -54.96 72.53
N ARG L 289 52.02 -55.33 71.77
CA ARG L 289 51.92 -56.51 70.91
C ARG L 289 51.63 -57.77 71.70
N LYS L 290 52.31 -57.96 72.82
CA LYS L 290 52.03 -59.12 73.68
C LYS L 290 50.60 -59.12 74.17
N HIS L 291 50.08 -57.98 74.62
CA HIS L 291 48.68 -57.91 75.01
C HIS L 291 47.74 -58.16 73.84
N TYR L 292 48.05 -57.61 72.66
CA TYR L 292 47.15 -57.71 71.52
C TYR L 292 46.83 -59.17 71.20
N ASP L 293 47.84 -60.03 71.15
CA ASP L 293 47.68 -61.39 70.67
C ASP L 293 47.55 -62.41 71.80
N ASP L 294 48.00 -62.07 73.00
CA ASP L 294 47.78 -62.93 74.16
C ASP L 294 46.39 -62.78 74.75
N VAL L 295 45.76 -61.61 74.62
CA VAL L 295 44.53 -61.34 75.34
C VAL L 295 43.46 -60.79 74.41
N TRP L 296 43.72 -59.63 73.81
CA TRP L 296 42.64 -58.85 73.20
C TRP L 296 42.13 -59.51 71.93
N ALA L 297 43.03 -59.84 70.99
CA ALA L 297 42.58 -60.49 69.76
C ALA L 297 41.95 -61.86 69.99
N PRO L 298 42.46 -62.72 70.89
CA PRO L 298 41.70 -63.92 71.26
C PRO L 298 40.29 -63.64 71.75
N ALA L 299 40.14 -62.76 72.75
CA ALA L 299 38.81 -62.45 73.28
C ALA L 299 37.90 -61.87 72.21
N GLN L 300 38.41 -60.94 71.40
CA GLN L 300 37.59 -60.39 70.32
C GLN L 300 37.18 -61.46 69.30
N SER L 301 38.10 -62.35 68.94
CA SER L 301 37.74 -63.41 68.01
C SER L 301 36.70 -64.35 68.60
N GLU L 302 36.84 -64.69 69.88
CA GLU L 302 35.87 -65.58 70.52
C GLU L 302 34.51 -64.93 70.65
N LYS L 303 34.47 -63.64 70.96
CA LYS L 303 33.21 -62.93 71.09
C LYS L 303 32.48 -62.76 69.77
N TYR L 304 33.05 -63.25 68.66
CA TYR L 304 32.39 -63.24 67.37
C TYR L 304 32.15 -64.66 66.85
N ARG L 305 32.33 -65.66 67.70
CA ARG L 305 32.06 -67.04 67.34
C ARG L 305 30.58 -67.33 67.54
N VAL L 306 29.96 -67.97 66.55
CA VAL L 306 28.52 -68.13 66.48
C VAL L 306 28.15 -69.59 66.75
N LYS L 307 27.28 -69.79 67.73
CA LYS L 307 26.71 -71.10 68.01
C LYS L 307 25.67 -71.46 66.94
N ALA L 308 25.44 -72.75 66.76
CA ALA L 308 24.26 -73.19 66.03
C ALA L 308 23.09 -73.44 66.99
N ASN L 309 21.88 -73.35 66.44
CA ASN L 309 20.70 -73.81 67.16
C ASN L 309 20.79 -75.31 67.41
N TYR L 310 20.12 -75.76 68.47
CA TYR L 310 20.14 -77.16 68.86
C TYR L 310 18.75 -77.63 69.28
N ILE L 311 18.54 -78.95 69.15
CA ILE L 311 17.29 -79.56 69.57
C ILE L 311 17.27 -79.69 71.08
N ASP L 312 16.20 -79.22 71.71
CA ASP L 312 16.00 -79.38 73.14
C ASP L 312 14.79 -80.23 73.52
N GLN L 313 13.85 -80.46 72.61
CA GLN L 313 12.66 -81.25 72.96
C GLN L 313 12.12 -81.92 71.70
N LEU L 314 11.67 -83.17 71.86
CA LEU L 314 11.03 -83.93 70.79
C LEU L 314 9.65 -84.38 71.23
N VAL L 315 8.72 -84.45 70.27
CA VAL L 315 7.39 -84.99 70.48
C VAL L 315 6.96 -85.74 69.22
N VAL L 316 6.00 -86.65 69.40
CA VAL L 316 5.39 -87.39 68.30
C VAL L 316 3.91 -87.08 68.26
N ILE L 317 3.37 -86.92 67.04
CA ILE L 317 1.96 -86.64 66.85
C ILE L 317 1.38 -87.67 65.89
N THR L 318 0.15 -88.08 66.17
CA THR L 318 -0.52 -89.17 65.48
C THR L 318 -1.92 -88.75 65.08
N GLY L 319 -2.36 -89.22 63.92
CA GLY L 319 -3.71 -88.94 63.48
C GLY L 319 -3.99 -89.56 62.12
N GLY L 320 -5.19 -89.27 61.64
CA GLY L 320 -5.81 -89.91 60.50
C GLY L 320 -5.54 -89.32 59.14
N SER L 321 -4.68 -88.32 59.01
CA SER L 321 -4.43 -87.73 57.70
C SER L 321 -3.02 -87.18 57.62
N SER L 322 -2.56 -86.98 56.38
CA SER L 322 -1.21 -86.52 56.14
C SER L 322 -0.96 -85.14 56.74
N THR L 323 -2.01 -84.35 56.92
CA THR L 323 -1.88 -82.93 57.21
C THR L 323 -2.02 -82.60 58.69
N ILE L 324 -2.03 -83.63 59.56
CA ILE L 324 -1.98 -83.39 60.99
C ILE L 324 -0.73 -82.58 61.32
N GLU L 325 -0.78 -81.85 62.42
CA GLU L 325 0.09 -80.69 62.61
C GLU L 325 0.51 -80.59 64.07
N PRO L 326 1.76 -80.24 64.35
CA PRO L 326 2.27 -80.32 65.71
C PRO L 326 1.68 -79.26 66.61
N PRO L 327 1.92 -79.36 67.92
CA PRO L 327 1.71 -78.20 68.80
C PRO L 327 2.56 -77.02 68.35
N VAL L 328 2.02 -75.82 68.56
CA VAL L 328 2.51 -74.63 67.87
C VAL L 328 4.00 -74.41 68.12
N GLY L 329 4.49 -74.80 69.29
CA GLY L 329 5.91 -74.61 69.60
C GLY L 329 6.85 -75.47 68.79
N TYR L 330 6.36 -76.55 68.17
CA TYR L 330 7.20 -77.52 67.48
C TYR L 330 7.07 -77.38 65.98
N SER L 331 8.02 -77.98 65.26
CA SER L 331 7.97 -78.13 63.82
C SER L 331 8.13 -79.59 63.45
N LYS L 332 7.58 -79.97 62.30
CA LYS L 332 7.33 -81.35 61.95
C LYS L 332 8.36 -81.87 60.97
N ILE L 333 8.87 -83.07 61.23
CA ILE L 333 9.60 -83.86 60.25
C ILE L 333 8.57 -84.56 59.36
N GLU L 334 8.52 -84.16 58.10
CA GLU L 334 7.44 -84.51 57.17
C GLU L 334 7.44 -85.98 56.72
N TYR L 335 8.20 -86.91 57.29
CA TYR L 335 8.21 -88.29 56.83
C TYR L 335 7.41 -89.15 57.82
N ASP L 336 6.40 -89.84 57.32
CA ASP L 336 5.49 -90.60 58.17
C ASP L 336 6.19 -91.83 58.72
N LEU L 337 6.21 -91.96 60.04
CA LEU L 337 6.77 -93.13 60.71
C LEU L 337 5.93 -94.39 60.55
N ASN L 338 4.86 -94.36 59.76
CA ASN L 338 4.20 -95.57 59.27
C ASN L 338 4.08 -95.56 57.75
N ALA L 339 4.95 -94.83 57.06
CA ALA L 339 4.90 -94.76 55.60
C ALA L 339 4.89 -96.15 54.99
N GLY L 340 3.81 -96.46 54.28
CA GLY L 340 3.60 -97.77 53.69
C GLY L 340 3.14 -98.84 54.66
N ALA L 341 3.12 -98.54 55.96
CA ALA L 341 2.70 -99.51 56.97
C ALA L 341 1.22 -99.39 57.32
N GLY L 342 0.50 -98.46 56.70
CA GLY L 342 -0.89 -98.24 57.04
C GLY L 342 -1.06 -97.74 58.46
N GLY L 343 -2.29 -97.89 58.95
CA GLY L 343 -2.63 -97.44 60.28
C GLY L 343 -2.79 -95.93 60.38
N ASP L 344 -2.41 -95.40 61.54
CA ASP L 344 -2.33 -93.96 61.73
C ASP L 344 -1.11 -93.38 61.03
N PHE L 345 -1.26 -92.16 60.53
CA PHE L 345 -0.10 -91.32 60.23
C PHE L 345 0.60 -90.92 61.53
N ILE L 346 1.92 -91.02 61.53
CA ILE L 346 2.74 -90.67 62.69
C ILE L 346 3.89 -89.79 62.22
N TYR L 347 4.12 -88.69 62.93
CA TYR L 347 5.21 -87.76 62.62
C TYR L 347 5.99 -87.43 63.87
N LEU L 348 7.31 -87.29 63.70
CA LEU L 348 8.20 -86.85 64.77
C LEU L 348 8.41 -85.35 64.66
N CYS L 349 8.33 -84.66 65.80
CA CYS L 349 8.40 -83.20 65.83
C CYS L 349 9.41 -82.77 66.88
N TYR L 350 10.01 -81.60 66.67
CA TYR L 350 11.11 -81.14 67.49
C TYR L 350 10.97 -79.64 67.77
N HIS L 351 11.64 -79.22 68.85
CA HIS L 351 11.89 -77.81 69.15
C HIS L 351 13.38 -77.56 69.05
N GLU L 352 13.76 -76.51 68.32
CA GLU L 352 15.15 -76.07 68.25
C GLU L 352 15.33 -74.79 69.06
N GLN L 353 16.27 -74.83 69.99
CA GLN L 353 16.46 -73.78 70.98
C GLN L 353 17.58 -72.84 70.56
N THR L 354 17.35 -71.54 70.67
CA THR L 354 18.41 -70.57 70.51
C THR L 354 19.31 -70.59 71.74
N TRP L 355 20.62 -70.69 71.51
CA TRP L 355 21.57 -70.66 72.62
C TRP L 355 21.62 -69.29 73.26
N GLN L 356 21.74 -69.28 74.59
CA GLN L 356 21.82 -68.07 75.39
C GLN L 356 22.96 -68.21 76.39
N ALA L 357 23.75 -67.15 76.52
CA ALA L 357 24.98 -67.23 77.31
C ALA L 357 24.68 -67.41 78.80
N ASP L 358 23.64 -66.77 79.30
CA ASP L 358 23.35 -66.78 80.73
C ASP L 358 22.37 -67.87 81.15
N ARG L 359 21.68 -68.50 80.20
CA ARG L 359 20.74 -69.56 80.55
C ARG L 359 20.59 -70.56 79.42
N PRO L 360 21.66 -71.27 79.05
CA PRO L 360 21.52 -72.40 78.13
C PRO L 360 20.64 -73.48 78.74
N LYS L 361 19.73 -74.02 77.94
CA LYS L 361 18.93 -75.15 78.34
C LYS L 361 19.76 -76.44 78.22
N ASP L 362 19.14 -77.57 78.53
CA ASP L 362 19.60 -78.84 77.98
C ASP L 362 19.39 -78.89 76.47
N ALA L 363 20.32 -79.52 75.78
CA ALA L 363 20.07 -80.10 74.47
C ALA L 363 19.68 -81.56 74.60
N VAL L 364 19.02 -82.08 73.58
CA VAL L 364 19.01 -83.51 73.33
C VAL L 364 20.42 -83.94 72.93
N THR L 365 20.91 -85.03 73.53
CA THR L 365 22.24 -85.52 73.22
C THR L 365 22.30 -86.99 72.82
N ASP L 366 21.27 -87.79 73.06
CA ASP L 366 21.21 -89.13 72.52
C ASP L 366 19.76 -89.54 72.30
N ILE L 367 19.57 -90.47 71.36
CA ILE L 367 18.24 -91.00 71.06
C ILE L 367 18.36 -92.51 70.93
N ARG L 368 17.36 -93.23 71.40
CA ARG L 368 17.32 -94.68 71.32
C ARG L 368 15.89 -95.12 71.03
N ILE L 369 15.76 -96.32 70.48
CA ILE L 369 14.48 -96.99 70.31
C ILE L 369 14.49 -98.28 71.12
N ILE L 370 13.45 -98.47 71.94
CA ILE L 370 13.45 -99.49 72.98
C ILE L 370 12.45 -100.61 72.70
N PHE L 371 11.54 -100.42 71.75
CA PHE L 371 10.56 -101.44 71.33
C PHE L 371 9.72 -101.93 72.51
N ASN L 372 9.29 -103.19 72.41
CA ASN L 372 8.06 -103.68 73.04
C ASN L 372 7.99 -103.43 74.55
N LYS L 373 8.91 -104.03 75.31
CA LYS L 373 8.81 -104.05 76.77
C LYS L 373 10.10 -103.70 77.50
N GLU L 374 11.19 -103.46 76.78
CA GLU L 374 12.44 -103.18 77.46
C GLU L 374 12.29 -101.91 78.30
N PRO L 375 12.82 -101.89 79.52
CA PRO L 375 12.73 -100.67 80.35
C PRO L 375 13.47 -99.51 79.73
N THR L 376 13.00 -98.31 80.04
CA THR L 376 13.64 -97.10 79.54
C THR L 376 15.07 -97.02 80.08
N PRO L 377 16.06 -96.78 79.22
CA PRO L 377 17.45 -96.75 79.68
C PRO L 377 17.68 -95.65 80.70
N PRO L 378 18.69 -95.82 81.55
CA PRO L 378 18.85 -94.94 82.72
C PRO L 378 18.96 -93.46 82.34
N GLY L 379 18.00 -92.67 82.83
CA GLY L 379 17.96 -91.24 82.60
C GLY L 379 17.40 -90.79 81.27
N TYR L 380 16.97 -91.70 80.41
CA TYR L 380 16.28 -91.32 79.19
C TYR L 380 14.81 -91.00 79.47
N THR L 381 14.28 -90.04 78.72
CA THR L 381 12.84 -89.87 78.61
C THR L 381 12.28 -90.80 77.53
N LYS L 382 10.98 -91.06 77.62
CA LYS L 382 10.28 -91.88 76.64
C LYS L 382 9.03 -91.16 76.16
N LEU L 383 8.81 -91.18 74.85
CA LEU L 383 7.56 -90.70 74.29
C LEU L 383 6.48 -91.77 74.38
N PRO L 384 5.26 -91.42 74.83
CA PRO L 384 4.25 -92.46 75.09
C PRO L 384 3.60 -93.04 73.85
N GLN L 385 3.64 -92.34 72.72
CA GLN L 385 3.01 -92.84 71.50
C GLN L 385 3.74 -94.05 70.97
N ASP L 386 2.97 -95.09 70.62
CA ASP L 386 3.49 -96.22 69.84
C ASP L 386 3.73 -95.79 68.40
N LEU L 387 4.96 -95.93 67.94
CA LEU L 387 5.32 -95.55 66.57
C LEU L 387 4.94 -96.60 65.54
N ASN L 388 4.12 -97.60 65.92
CA ASN L 388 3.36 -98.41 64.98
C ASN L 388 1.87 -98.36 65.27
N LYS L 389 1.41 -97.34 65.99
CA LYS L 389 -0.01 -97.20 66.29
C LYS L 389 -0.84 -97.33 65.02
N GLY L 390 -1.81 -98.26 65.05
CA GLY L 390 -2.61 -98.62 63.91
C GLY L 390 -1.91 -99.48 62.87
N ALA L 391 -0.59 -99.53 62.87
CA ALA L 391 0.14 -100.29 61.86
C ALA L 391 0.31 -101.76 62.24
N GLY L 392 -0.02 -102.13 63.47
CA GLY L 392 0.23 -103.45 63.97
C GLY L 392 1.69 -103.65 64.37
N GLY L 393 2.26 -104.78 63.99
CA GLY L 393 3.65 -105.06 64.30
C GLY L 393 3.92 -105.10 65.80
N ASP L 394 5.18 -104.87 66.12
CA ASP L 394 5.59 -104.71 67.51
C ASP L 394 5.37 -103.27 67.97
N ASP L 395 5.23 -103.11 69.29
CA ASP L 395 5.10 -101.77 69.86
C ASP L 395 6.45 -101.06 69.85
N VAL L 396 6.50 -99.89 69.22
CA VAL L 396 7.73 -99.13 69.02
C VAL L 396 7.64 -97.84 69.83
N PHE L 397 8.67 -97.57 70.62
CA PHE L 397 8.77 -96.33 71.38
C PHE L 397 10.16 -95.74 71.22
N LEU L 398 10.21 -94.43 71.06
CA LEU L 398 11.46 -93.69 70.93
C LEU L 398 11.80 -92.99 72.25
N CYS L 399 13.06 -93.11 72.66
CA CYS L 399 13.58 -92.52 73.89
C CYS L 399 14.74 -91.59 73.55
N TYR L 400 14.92 -90.56 74.36
CA TYR L 400 16.02 -89.63 74.16
C TYR L 400 16.52 -89.10 75.49
N LYS L 401 17.81 -88.78 75.52
CA LYS L 401 18.51 -88.26 76.69
C LYS L 401 18.83 -86.79 76.47
N THR L 402 18.66 -86.00 77.52
CA THR L 402 18.97 -84.57 77.49
C THR L 402 20.04 -84.26 78.53
N GLU L 403 20.92 -83.31 78.17
CA GLU L 403 22.06 -82.94 78.98
C GLU L 403 22.35 -81.47 78.76
N ALA L 404 23.01 -80.86 79.74
CA ALA L 404 23.35 -79.44 79.65
C ALA L 404 24.15 -79.16 78.38
N TYR L 405 23.90 -78.00 77.78
CA TYR L 405 24.40 -77.72 76.44
C TYR L 405 25.92 -77.82 76.37
N ASN L 406 26.39 -78.48 75.31
CA ASN L 406 27.80 -78.41 74.92
C ASN L 406 27.87 -78.50 73.40
N THR L 407 28.65 -77.62 72.79
CA THR L 407 28.76 -77.63 71.33
C THR L 407 29.28 -78.96 70.81
N ASP L 408 30.03 -79.70 71.63
CA ASP L 408 30.55 -81.00 71.19
C ASP L 408 29.47 -82.06 71.04
N THR L 409 28.29 -81.86 71.62
CA THR L 409 27.31 -82.94 71.74
C THR L 409 25.86 -82.51 71.57
N ALA L 410 25.53 -81.22 71.70
CA ALA L 410 24.16 -80.79 71.43
C ALA L 410 23.78 -81.11 70.00
N ILE L 411 22.75 -81.95 69.84
CA ILE L 411 22.28 -82.34 68.52
C ILE L 411 21.64 -81.13 67.85
N ASN L 412 22.12 -80.79 66.65
CA ASN L 412 21.60 -79.63 65.93
C ASN L 412 20.40 -79.97 65.06
N LYS L 413 20.39 -81.13 64.40
CA LYS L 413 19.28 -81.51 63.56
C LYS L 413 19.00 -83.00 63.68
N VAL L 414 17.75 -83.36 63.39
CA VAL L 414 17.33 -84.75 63.24
C VAL L 414 16.48 -84.87 61.99
N THR L 415 16.46 -86.07 61.42
CA THR L 415 15.56 -86.37 60.31
C THR L 415 15.23 -87.86 60.34
N VAL L 416 14.13 -88.22 59.67
CA VAL L 416 13.70 -89.60 59.53
C VAL L 416 13.79 -89.99 58.07
N ILE L 417 14.44 -91.12 57.79
CA ILE L 417 14.71 -91.62 56.45
C ILE L 417 14.17 -93.03 56.34
N GLY L 418 13.66 -93.39 55.17
CA GLY L 418 13.07 -94.71 55.01
C GLY L 418 13.03 -95.14 53.56
N GLY L 419 12.95 -96.45 53.38
CA GLY L 419 12.97 -97.03 52.06
C GLY L 419 12.82 -98.53 52.14
N ASN L 420 12.96 -99.19 50.98
CA ASN L 420 12.78 -100.64 50.94
C ASN L 420 13.97 -101.40 51.50
N ASN L 421 15.18 -100.85 51.40
CA ASN L 421 16.36 -101.53 51.89
C ASN L 421 16.48 -101.34 53.40
N ALA L 422 16.93 -102.38 54.10
CA ALA L 422 17.29 -102.23 55.50
C ALA L 422 18.58 -101.42 55.67
N ASP L 423 19.58 -101.69 54.85
CA ASP L 423 20.82 -100.92 54.83
C ASP L 423 20.67 -99.61 54.05
N ILE L 424 19.88 -98.68 54.57
CA ILE L 424 19.69 -97.42 53.88
C ILE L 424 20.69 -96.38 54.41
N ASN L 425 21.05 -95.44 53.54
CA ASN L 425 22.08 -94.45 53.85
C ASN L 425 21.46 -93.18 54.41
N ALA L 426 22.00 -92.73 55.54
CA ALA L 426 21.68 -91.42 56.07
C ALA L 426 22.35 -90.31 55.25
N PRO L 427 21.83 -89.08 55.33
CA PRO L 427 22.52 -87.94 54.73
C PRO L 427 23.92 -87.77 55.31
N TYR L 428 24.79 -87.14 54.53
CA TYR L 428 26.19 -87.02 54.91
C TYR L 428 26.32 -86.31 56.26
N GLY L 429 27.11 -86.91 57.14
CA GLY L 429 27.33 -86.38 58.48
C GLY L 429 26.26 -86.70 59.49
N TYR L 430 25.11 -87.20 59.06
CA TYR L 430 24.12 -87.70 60.00
C TYR L 430 24.49 -89.10 60.48
N LEU L 431 24.11 -89.41 61.71
CA LEU L 431 24.17 -90.75 62.26
C LEU L 431 22.75 -91.25 62.48
N LYS L 432 22.43 -92.42 61.93
CA LYS L 432 21.13 -93.03 62.15
C LYS L 432 21.17 -93.93 63.36
N VAL L 433 20.07 -93.95 64.11
CA VAL L 433 19.90 -94.84 65.26
C VAL L 433 19.61 -96.27 64.79
N PRO L 434 20.05 -97.28 65.54
CA PRO L 434 19.63 -98.65 65.23
C PRO L 434 18.17 -98.91 65.54
N GLY L 435 17.60 -99.88 64.84
CA GLY L 435 16.21 -100.25 65.01
C GLY L 435 15.25 -99.60 64.04
N ASP L 436 14.23 -100.35 63.62
CA ASP L 436 13.31 -99.92 62.58
C ASP L 436 12.02 -99.45 63.22
N LEU L 437 11.60 -98.22 62.88
CA LEU L 437 10.34 -97.67 63.36
C LEU L 437 9.12 -98.31 62.72
N ASN L 438 9.30 -99.31 61.85
CA ASN L 438 8.23 -100.21 61.44
C ASN L 438 8.54 -101.66 61.72
N ARG L 439 9.43 -101.95 62.68
CA ARG L 439 9.77 -103.33 63.01
C ARG L 439 8.51 -104.15 63.19
N GLY L 440 8.43 -105.26 62.46
CA GLY L 440 7.29 -106.15 62.49
C GLY L 440 6.09 -105.68 61.71
N ALA L 441 6.02 -104.39 61.36
CA ALA L 441 4.95 -103.90 60.50
C ALA L 441 5.35 -104.08 59.04
N GLY L 442 4.40 -103.83 58.14
CA GLY L 442 4.71 -103.77 56.73
C GLY L 442 5.46 -102.50 56.34
N GLY L 443 5.45 -102.21 55.05
CA GLY L 443 5.99 -100.98 54.50
C GLY L 443 7.50 -100.85 54.56
N ASN L 444 7.94 -99.59 54.52
CA ASN L 444 9.35 -99.26 54.49
C ASN L 444 10.05 -99.55 55.81
N PHE L 445 11.35 -99.77 55.73
CA PHE L 445 12.23 -99.54 56.87
C PHE L 445 12.36 -98.04 57.13
N ILE L 446 12.35 -97.65 58.40
CA ILE L 446 12.41 -96.24 58.78
C ILE L 446 13.35 -96.08 59.97
N TYR L 447 14.23 -95.07 59.89
CA TYR L 447 15.26 -94.85 60.90
C TYR L 447 15.35 -93.36 61.20
N ALA L 448 15.65 -93.03 62.45
CA ALA L 448 15.92 -91.66 62.86
C ALA L 448 17.40 -91.32 62.71
N CYS L 449 17.69 -90.26 61.97
CA CYS L 449 19.04 -89.74 61.76
C CYS L 449 19.28 -88.49 62.60
N THR L 450 20.48 -88.39 63.17
CA THR L 450 20.85 -87.30 64.05
C THR L 450 22.09 -86.62 63.50
N PHE L 451 22.17 -85.30 63.67
CA PHE L 451 23.30 -84.51 63.17
C PHE L 451 23.80 -83.57 64.27
N VAL L 452 25.12 -83.56 64.46
CA VAL L 452 25.77 -82.66 65.41
C VAL L 452 26.81 -81.86 64.64
N GLY L 453 26.75 -80.54 64.77
CA GLY L 453 27.66 -79.66 64.09
C GLY L 453 29.06 -79.60 64.70
N LYS L 454 29.14 -79.80 66.01
CA LYS L 454 30.38 -79.57 66.74
C LYS L 454 30.85 -78.14 66.55
N THR M 1 30.01 -21.28 58.84
CA THR M 1 28.89 -22.26 58.85
C THR M 1 29.36 -23.58 59.46
N VAL M 2 28.70 -24.00 60.52
CA VAL M 2 29.06 -25.22 61.23
C VAL M 2 28.36 -26.40 60.57
N LEU M 3 29.05 -27.54 60.53
CA LEU M 3 28.47 -28.75 59.98
C LEU M 3 27.31 -29.23 60.85
N PRO M 4 26.19 -29.61 60.26
CA PRO M 4 25.10 -30.20 61.06
C PRO M 4 25.59 -31.41 61.84
N GLY M 5 25.29 -31.43 63.14
CA GLY M 5 25.67 -32.51 64.02
C GLY M 5 26.72 -32.12 65.05
N VAL M 6 27.43 -31.01 64.82
CA VAL M 6 28.35 -30.49 65.83
C VAL M 6 27.61 -30.11 67.10
N GLU M 7 26.34 -29.72 66.99
CA GLU M 7 25.52 -29.49 68.17
C GLU M 7 25.20 -30.77 68.93
N ALA M 8 25.30 -31.94 68.29
CA ALA M 8 24.83 -33.19 68.86
C ALA M 8 25.93 -34.10 69.35
N ILE M 9 27.13 -34.02 68.77
CA ILE M 9 28.27 -34.71 69.36
C ILE M 9 28.57 -34.11 70.72
N GLY M 10 29.15 -34.92 71.60
CA GLY M 10 29.46 -34.50 72.95
C GLY M 10 28.26 -34.28 73.86
N LEU M 11 27.04 -34.38 73.33
CA LEU M 11 25.84 -34.28 74.14
C LEU M 11 25.81 -35.35 75.24
N GLY M 12 25.55 -34.93 76.46
CA GLY M 12 25.46 -35.87 77.57
C GLY M 12 24.20 -36.73 77.42
N TYR M 13 24.36 -38.03 77.56
CA TYR M 13 23.38 -39.00 77.06
C TYR M 13 23.01 -39.99 78.15
N ASN M 14 21.73 -40.39 78.18
CA ASN M 14 21.30 -41.47 79.05
C ASN M 14 20.98 -42.71 78.20
N PRO M 15 21.81 -43.75 78.25
CA PRO M 15 21.55 -44.95 77.43
C PRO M 15 20.15 -45.54 77.55
N PHE M 16 19.64 -45.62 78.77
CA PHE M 16 18.33 -46.23 79.02
C PHE M 16 17.16 -45.49 78.40
N ILE M 17 17.19 -44.16 78.35
CA ILE M 17 16.01 -43.44 77.88
C ILE M 17 15.66 -43.83 76.44
N SER M 18 16.64 -43.86 75.54
CA SER M 18 16.29 -44.21 74.17
C SER M 18 17.52 -44.59 73.37
N TYR M 19 17.26 -45.08 72.16
CA TYR M 19 18.30 -45.47 71.21
C TYR M 19 18.44 -44.39 70.14
N ALA M 20 19.66 -43.87 69.97
CA ALA M 20 20.00 -43.10 68.77
C ALA M 20 19.07 -41.91 68.58
N SER M 21 18.61 -41.34 69.69
CA SER M 21 17.77 -40.15 69.67
C SER M 21 18.36 -39.10 70.58
N VAL M 22 18.27 -37.84 70.16
CA VAL M 22 18.79 -36.73 70.96
C VAL M 22 17.92 -36.43 72.17
N ASN M 23 16.65 -36.85 72.15
CA ASN M 23 15.79 -36.71 73.31
C ASN M 23 16.33 -37.46 74.53
N SER M 24 17.22 -38.43 74.31
CA SER M 24 17.83 -39.17 75.40
C SER M 24 19.02 -38.45 76.03
N GLY M 25 19.45 -37.30 75.53
CA GLY M 25 20.54 -36.55 76.13
C GLY M 25 20.10 -35.20 76.68
N ALA M 26 20.69 -34.84 77.82
CA ALA M 26 20.39 -33.60 78.53
C ALA M 26 21.54 -32.59 78.42
N VAL M 27 21.44 -31.67 77.45
CA VAL M 27 22.33 -30.51 77.29
C VAL M 27 23.74 -30.90 76.85
N GLN M 28 24.43 -29.96 76.20
CA GLN M 28 25.74 -30.18 75.59
C GLN M 28 26.82 -29.81 76.60
N LEU M 29 27.70 -30.76 76.91
CA LEU M 29 28.82 -30.52 77.83
C LEU M 29 29.96 -29.70 77.26
N PHE M 30 30.21 -29.73 75.95
CA PHE M 30 31.38 -29.06 75.38
C PHE M 30 31.04 -27.78 74.63
N ASP M 31 31.94 -26.80 74.75
CA ASP M 31 31.78 -25.49 74.13
C ASP M 31 32.51 -25.52 72.80
N TRP M 32 31.77 -25.43 71.70
CA TRP M 32 32.39 -25.45 70.38
C TRP M 32 32.24 -24.14 69.60
N ALA M 33 31.65 -23.10 70.19
CA ALA M 33 31.66 -21.82 69.51
C ALA M 33 33.03 -21.17 69.64
N THR M 34 33.61 -21.22 70.84
CA THR M 34 34.93 -20.65 71.08
C THR M 34 36.03 -21.46 70.41
N ALA M 35 35.90 -22.78 70.38
CA ALA M 35 36.98 -23.64 69.94
C ALA M 35 37.40 -23.35 68.50
N LYS M 36 38.68 -23.59 68.23
CA LYS M 36 39.25 -23.47 66.90
C LYS M 36 38.55 -24.41 65.91
N LYS M 37 38.17 -23.87 64.75
CA LYS M 37 37.46 -24.61 63.73
C LYS M 37 38.41 -25.24 62.71
N ARG M 38 37.89 -26.26 62.03
CA ARG M 38 38.51 -26.87 60.85
C ARG M 38 37.46 -26.97 59.76
N GLU M 39 37.85 -26.73 58.52
CA GLU M 39 36.95 -26.94 57.40
C GLU M 39 36.80 -28.43 57.10
N VAL M 40 35.58 -28.83 56.75
CA VAL M 40 35.30 -30.24 56.45
C VAL M 40 35.83 -30.58 55.07
N PRO M 41 36.72 -31.57 54.94
CA PRO M 41 37.36 -31.81 53.64
C PRO M 41 36.38 -32.05 52.51
N PHE M 42 35.35 -32.86 52.75
CA PHE M 42 34.39 -33.23 51.71
C PHE M 42 33.24 -32.24 51.56
N LYS M 43 33.11 -31.27 52.47
CA LYS M 43 32.02 -30.28 52.41
C LYS M 43 32.63 -28.89 52.68
N ALA M 44 33.39 -28.41 51.70
CA ALA M 44 33.93 -27.06 51.75
C ALA M 44 32.81 -26.04 51.91
N GLY M 45 33.04 -25.08 52.80
CA GLY M 45 32.00 -24.18 53.28
C GLY M 45 31.34 -24.59 54.57
N TYR M 46 31.66 -25.76 55.12
CA TYR M 46 31.20 -26.15 56.44
C TYR M 46 32.41 -26.41 57.33
N PHE M 47 32.28 -26.10 58.61
CA PHE M 47 33.40 -26.17 59.54
C PHE M 47 33.01 -26.98 60.77
N VAL M 48 34.02 -27.54 61.40
CA VAL M 48 33.86 -28.29 62.65
C VAL M 48 34.97 -27.88 63.60
N PRO M 49 34.77 -28.04 64.91
CA PRO M 49 35.89 -27.90 65.83
C PRO M 49 36.99 -28.91 65.48
N GLU M 50 38.24 -28.47 65.61
CA GLU M 50 39.34 -29.28 65.11
C GLU M 50 39.49 -30.60 65.86
N ILE M 51 38.90 -30.69 67.06
CA ILE M 51 39.04 -31.91 67.85
C ILE M 51 38.30 -33.07 67.21
N VAL M 52 37.13 -32.79 66.61
CA VAL M 52 36.29 -33.87 66.11
C VAL M 52 36.82 -34.36 64.76
N ASP M 53 36.70 -35.66 64.54
CA ASP M 53 37.01 -36.30 63.27
C ASP M 53 35.70 -36.64 62.57
N VAL M 54 35.49 -36.06 61.39
CA VAL M 54 34.27 -36.31 60.62
C VAL M 54 34.63 -37.13 59.39
N GLN M 55 33.99 -38.29 59.28
CA GLN M 55 34.13 -39.17 58.12
C GLN M 55 32.82 -39.15 57.34
N GLN M 56 32.91 -38.96 56.03
CA GLN M 56 31.77 -39.28 55.18
C GLN M 56 31.56 -40.79 55.16
N ASN M 57 30.31 -41.22 55.23
CA ASN M 57 30.00 -42.65 55.15
C ASN M 57 28.63 -42.84 54.52
N ASP M 58 28.39 -42.17 53.39
CA ASP M 58 27.09 -42.22 52.74
C ASP M 58 26.71 -43.66 52.37
N SER M 59 25.75 -44.22 53.10
CA SER M 59 25.44 -45.64 53.01
C SER M 59 24.10 -45.89 53.70
N ALA M 60 23.08 -46.17 52.90
CA ALA M 60 21.82 -46.72 53.38
C ALA M 60 22.06 -48.10 53.99
N THR M 61 21.57 -48.30 55.22
CA THR M 61 22.02 -49.38 56.08
C THR M 61 20.85 -49.88 56.91
N TYR M 62 20.95 -51.12 57.38
CA TYR M 62 19.92 -51.75 58.18
C TYR M 62 20.44 -52.06 59.57
N THR M 63 19.61 -51.78 60.58
CA THR M 63 19.77 -52.34 61.91
C THR M 63 18.45 -53.01 62.28
N ASN M 64 18.50 -54.32 62.53
CA ASN M 64 17.30 -55.08 62.87
C ASN M 64 17.47 -55.78 64.21
N VAL M 65 16.43 -55.72 65.04
CA VAL M 65 16.42 -56.28 66.39
C VAL M 65 15.18 -57.14 66.50
N SER M 66 15.31 -58.32 67.08
CA SER M 66 14.17 -59.23 67.16
C SER M 66 14.32 -60.11 68.40
N GLY M 67 13.19 -60.65 68.84
CA GLY M 67 13.18 -61.60 69.93
C GLY M 67 11.85 -62.32 70.09
N ASN M 68 11.89 -63.61 70.43
CA ASN M 68 10.67 -64.36 70.62
C ASN M 68 9.90 -63.87 71.83
N THR M 69 10.57 -63.12 72.70
CA THR M 69 9.96 -62.57 73.92
C THR M 69 10.64 -61.26 74.25
N ILE M 70 9.94 -60.44 75.03
CA ILE M 70 10.43 -59.09 75.30
C ILE M 70 11.78 -59.14 75.99
N SER M 71 11.96 -60.03 76.95
CA SER M 71 13.23 -60.12 77.66
C SER M 71 14.35 -60.53 76.71
N GLU M 72 14.00 -61.23 75.64
CA GLU M 72 14.98 -61.49 74.58
C GLU M 72 15.19 -60.26 73.70
N TYR M 73 14.10 -59.62 73.28
CA TYR M 73 14.20 -58.40 72.50
C TYR M 73 14.97 -57.31 73.23
N GLN M 74 14.73 -57.19 74.53
CA GLN M 74 15.48 -56.21 75.33
C GLN M 74 16.97 -56.50 75.35
N ARG M 75 17.37 -57.77 75.24
CA ARG M 75 18.80 -58.08 75.21
C ARG M 75 19.39 -57.95 73.81
N SER M 76 18.66 -58.37 72.78
CA SER M 76 19.14 -58.13 71.42
C SER M 76 19.17 -56.65 71.08
N LEU M 77 18.28 -55.85 71.70
CA LEU M 77 18.39 -54.40 71.60
C LEU M 77 19.62 -53.88 72.34
N ALA M 78 19.78 -54.26 73.59
CA ALA M 78 20.90 -53.77 74.40
C ALA M 78 22.25 -54.10 73.76
N THR M 79 22.37 -55.30 73.20
CA THR M 79 23.61 -55.72 72.55
C THR M 79 23.77 -55.19 71.14
N SER M 80 22.84 -54.39 70.64
CA SER M 80 22.99 -53.79 69.31
C SER M 80 24.03 -52.67 69.30
N VAL M 81 24.58 -52.31 70.45
CA VAL M 81 25.58 -51.26 70.57
C VAL M 81 26.70 -51.77 71.46
N ALA M 82 27.93 -51.41 71.14
CA ALA M 82 29.07 -51.81 71.96
C ALA M 82 29.06 -50.99 73.25
N ILE M 83 28.50 -51.58 74.31
CA ILE M 83 28.35 -50.90 75.58
C ILE M 83 28.47 -51.95 76.69
N GLU M 84 28.95 -51.52 77.85
CA GLU M 84 29.32 -52.45 78.90
C GLU M 84 28.12 -52.83 79.76
N GLY M 85 28.09 -54.12 80.14
CA GLY M 85 27.12 -54.63 81.09
C GLY M 85 25.83 -55.13 80.47
N ARG M 86 25.09 -55.87 81.29
CA ARG M 86 23.87 -56.56 80.90
C ARG M 86 22.62 -55.70 81.07
N TYR M 87 22.78 -54.42 81.34
CA TYR M 87 21.64 -53.57 81.62
C TYR M 87 20.73 -53.41 80.41
N ASN M 88 19.46 -53.12 80.68
CA ASN M 88 18.43 -52.93 79.67
C ASN M 88 18.58 -51.57 78.98
N PHE M 89 19.72 -51.37 78.34
CA PHE M 89 19.95 -50.10 77.65
C PHE M 89 18.92 -49.89 76.54
N PHE M 90 18.66 -48.62 76.24
CA PHE M 90 17.69 -48.24 75.21
C PHE M 90 16.26 -48.70 75.49
N SER M 91 16.02 -49.31 76.65
CA SER M 91 14.76 -50.01 76.85
C SER M 91 13.57 -49.07 77.04
N GLY M 92 13.84 -47.79 77.31
CA GLY M 92 12.79 -46.78 77.31
C GLY M 92 12.08 -46.62 75.97
N SER M 93 12.72 -47.01 74.87
CA SER M 93 12.05 -46.97 73.57
C SER M 93 10.86 -47.91 73.50
N LEU M 94 10.81 -48.94 74.34
CA LEU M 94 9.67 -49.85 74.38
C LEU M 94 8.36 -49.09 74.57
N SER M 95 8.34 -48.14 75.50
CA SER M 95 7.12 -47.38 75.81
C SER M 95 6.54 -46.66 74.60
N THR M 96 7.31 -46.48 73.53
CA THR M 96 6.82 -45.79 72.34
C THR M 96 6.87 -46.63 71.07
N ASP M 97 7.67 -47.69 71.04
CA ASP M 97 7.65 -48.60 69.89
C ASP M 97 6.41 -49.50 69.90
N PHE M 98 5.99 -49.96 71.06
CA PHE M 98 4.99 -51.01 71.17
C PHE M 98 3.86 -50.58 72.09
N ASP M 99 2.67 -51.10 71.81
CA ASP M 99 1.53 -50.89 72.68
C ASP M 99 1.72 -51.60 74.02
N SER M 100 1.38 -50.91 75.10
CA SER M 100 1.78 -51.36 76.43
C SER M 100 1.18 -52.72 76.75
N ASN M 101 -0.08 -52.95 76.39
CA ASN M 101 -0.67 -54.28 76.52
C ASN M 101 0.13 -55.32 75.75
N SER M 102 0.67 -54.95 74.59
CA SER M 102 1.32 -55.91 73.73
C SER M 102 2.72 -56.27 74.23
N LEU M 103 3.34 -55.38 75.00
CA LEU M 103 4.52 -55.78 75.76
C LEU M 103 4.16 -56.77 76.86
N ARG M 104 3.04 -56.56 77.54
CA ARG M 104 2.60 -57.46 78.59
C ARG M 104 2.03 -58.77 78.05
N ASN M 105 1.54 -58.78 76.81
CA ASN M 105 0.97 -59.98 76.21
C ASN M 105 2.07 -60.97 75.84
N ALA M 106 2.13 -62.09 76.57
CA ALA M 106 3.13 -63.13 76.33
C ALA M 106 2.95 -63.89 75.01
N GLU M 107 1.85 -63.71 74.28
CA GLU M 107 1.74 -64.30 72.95
C GLU M 107 2.48 -63.52 71.87
N ASN M 108 3.08 -62.39 72.19
CA ASN M 108 3.73 -61.58 71.17
C ASN M 108 5.22 -61.86 71.08
N GLU M 109 5.75 -61.76 69.86
CA GLU M 109 7.17 -61.62 69.58
C GLU M 109 7.41 -60.35 68.78
N PHE M 110 8.61 -59.78 68.95
CA PHE M 110 8.86 -58.38 68.66
C PHE M 110 10.00 -58.25 67.65
N THR M 111 9.81 -57.35 66.68
CA THR M 111 10.82 -57.04 65.68
C THR M 111 10.85 -55.54 65.44
N ARG M 112 12.06 -54.97 65.37
CA ARG M 112 12.26 -53.59 64.98
C ARG M 112 13.19 -53.52 63.78
N ILE M 113 12.69 -52.97 62.66
CA ILE M 113 13.42 -52.88 61.41
C ILE M 113 13.73 -51.41 61.16
N GLN M 114 15.01 -51.05 61.23
CA GLN M 114 15.48 -49.67 61.02
C GLN M 114 16.36 -49.62 59.78
N GLN M 115 15.95 -48.83 58.78
CA GLN M 115 16.83 -48.44 57.67
C GLN M 115 17.43 -47.06 57.95
N SER M 116 18.69 -47.05 58.40
CA SER M 116 19.44 -45.82 58.53
C SER M 116 19.89 -45.30 57.16
N ILE M 117 19.60 -44.03 56.87
CA ILE M 117 20.14 -43.37 55.68
C ILE M 117 21.33 -42.51 56.07
N ASN M 118 22.50 -43.13 56.20
CA ASN M 118 23.69 -42.41 56.67
C ASN M 118 24.17 -41.39 55.64
N LEU M 119 24.69 -40.26 56.15
CA LEU M 119 25.39 -39.29 55.32
C LEU M 119 26.83 -39.09 55.76
N TRP M 120 27.06 -38.73 57.02
CA TRP M 120 28.40 -38.54 57.56
C TRP M 120 28.35 -38.92 59.03
N SER M 121 29.54 -39.07 59.63
CA SER M 121 29.60 -39.40 61.04
C SER M 121 30.72 -38.63 61.71
N LEU M 122 30.41 -38.08 62.88
CA LEU M 122 31.33 -37.27 63.66
C LEU M 122 31.88 -38.09 64.82
N ARG M 123 33.18 -38.03 65.03
CA ARG M 123 33.87 -38.81 66.04
C ARG M 123 34.64 -37.88 66.95
N LEU M 124 34.74 -38.24 68.22
CA LEU M 124 35.38 -37.40 69.23
C LEU M 124 36.35 -38.25 70.05
N PRO M 125 37.64 -37.95 70.05
CA PRO M 125 38.62 -38.83 70.70
C PRO M 125 38.64 -38.67 72.20
N SER M 126 39.02 -39.75 72.88
CA SER M 126 39.08 -39.82 74.33
C SER M 126 40.31 -39.13 74.91
N VAL M 127 40.83 -38.09 74.23
CA VAL M 127 42.05 -37.45 74.70
C VAL M 127 41.78 -36.65 75.97
N LYS M 128 42.83 -36.51 76.79
CA LYS M 128 42.75 -35.82 78.08
C LYS M 128 42.39 -34.35 77.94
N SER M 129 42.64 -33.72 76.80
CA SER M 129 42.29 -32.32 76.63
C SER M 129 40.80 -32.06 76.48
N LEU M 130 39.96 -33.10 76.44
CA LEU M 130 38.52 -32.87 76.38
C LEU M 130 38.05 -31.98 77.54
N ARG M 131 38.56 -32.23 78.74
CA ARG M 131 38.24 -31.41 79.90
C ARG M 131 38.39 -29.92 79.61
N GLU M 132 39.39 -29.54 78.82
CA GLU M 132 39.61 -28.13 78.52
C GLU M 132 38.50 -27.54 77.66
N LEU M 133 37.83 -28.35 76.86
CA LEU M 133 36.74 -27.87 76.02
C LEU M 133 35.37 -27.86 76.70
N MET M 134 35.21 -28.43 77.89
CA MET M 134 33.92 -28.35 78.56
C MET M 134 33.52 -26.89 78.80
N LEU M 135 32.22 -26.63 78.73
CA LEU M 135 31.69 -25.35 79.17
C LEU M 135 32.03 -25.12 80.64
N PRO M 136 32.38 -23.89 81.03
CA PRO M 136 32.85 -23.68 82.41
C PRO M 136 31.87 -24.08 83.50
N HIS M 137 30.58 -23.79 83.32
CA HIS M 137 29.60 -24.18 84.33
C HIS M 137 29.41 -25.68 84.39
N MET M 138 29.49 -26.37 83.25
CA MET M 138 29.43 -27.82 83.25
C MET M 138 30.63 -28.43 83.97
N ARG M 139 31.84 -27.93 83.66
CA ARG M 139 33.03 -28.37 84.37
C ARG M 139 32.95 -28.04 85.86
N GLN M 140 32.52 -26.82 86.20
CA GLN M 140 32.37 -26.44 87.59
C GLN M 140 31.39 -27.36 88.32
N GLN M 141 30.26 -27.67 87.69
CA GLN M 141 29.27 -28.55 88.31
C GLN M 141 29.84 -29.95 88.55
N LEU M 142 30.54 -30.50 87.55
CA LEU M 142 31.18 -31.80 87.71
C LEU M 142 32.29 -31.77 88.75
N ASP M 143 33.04 -30.68 88.82
CA ASP M 143 34.14 -30.59 89.77
C ASP M 143 33.65 -30.46 91.21
N GLU M 144 32.51 -29.83 91.43
CA GLU M 144 31.96 -29.66 92.76
C GLU M 144 30.99 -30.76 93.16
N LEU M 145 30.78 -31.77 92.32
CA LEU M 145 29.86 -32.85 92.64
C LEU M 145 30.29 -33.55 93.93
N ASN M 146 29.40 -33.55 94.92
CA ASN M 146 29.65 -34.17 96.22
C ASN M 146 29.46 -35.67 96.12
N VAL M 147 30.51 -36.35 95.64
CA VAL M 147 30.46 -37.80 95.48
C VAL M 147 30.39 -38.56 96.79
N ASN M 148 30.49 -37.86 97.92
CA ASN M 148 30.22 -38.45 99.23
C ASN M 148 28.74 -38.71 99.47
N ASP M 149 27.85 -38.16 98.65
CA ASP M 149 26.42 -38.46 98.76
C ASP M 149 25.96 -39.24 97.53
N PRO M 150 25.53 -40.49 97.68
CA PRO M 150 25.00 -41.23 96.52
C PRO M 150 23.87 -40.51 95.81
N LYS M 151 23.01 -39.80 96.56
CA LYS M 151 21.88 -39.12 95.93
C LYS M 151 22.35 -38.01 95.00
N ALA M 152 23.45 -37.34 95.34
CA ALA M 152 24.01 -36.32 94.46
C ALA M 152 24.50 -36.92 93.16
N ILE M 153 25.25 -38.03 93.23
CA ILE M 153 25.71 -38.70 92.03
C ILE M 153 24.52 -39.20 91.22
N SER M 154 23.56 -39.84 91.89
CA SER M 154 22.38 -40.35 91.21
C SER M 154 21.61 -39.23 90.52
N ARG M 155 21.44 -38.09 91.20
CA ARG M 155 20.84 -36.93 90.57
C ARG M 155 21.68 -36.40 89.42
N TYR M 156 23.00 -36.42 89.56
CA TYR M 156 23.85 -35.99 88.46
C TYR M 156 23.67 -36.88 87.23
N PHE M 157 23.74 -38.20 87.41
CA PHE M 157 23.49 -39.10 86.29
C PHE M 157 22.10 -38.92 85.70
N ASP M 158 21.09 -38.75 86.57
CA ASP M 158 19.75 -38.46 86.10
C ASP M 158 19.67 -37.12 85.37
N ARG M 159 20.21 -36.07 85.98
CA ARG M 159 20.02 -34.73 85.42
C ARG M 159 20.93 -34.45 84.24
N VAL M 160 22.15 -34.99 84.25
CA VAL M 160 23.13 -34.67 83.22
C VAL M 160 23.38 -35.83 82.26
N GLY M 161 22.97 -37.05 82.61
CA GLY M 161 23.33 -38.23 81.87
C GLY M 161 24.56 -38.92 82.45
N SER M 162 24.66 -40.22 82.20
CA SER M 162 25.79 -41.01 82.64
C SER M 162 26.92 -41.07 81.63
N HIS M 163 26.64 -40.82 80.36
CA HIS M 163 27.61 -40.89 79.28
C HIS M 163 27.54 -39.62 78.47
N PHE M 164 28.46 -39.47 77.53
CA PHE M 164 28.33 -38.44 76.51
C PHE M 164 28.69 -39.02 75.15
N LEU M 165 28.06 -38.47 74.13
CA LEU M 165 28.20 -38.99 72.77
C LEU M 165 29.60 -38.73 72.22
N THR M 166 30.24 -39.79 71.73
CA THR M 166 31.52 -39.68 71.03
C THR M 166 31.46 -40.19 69.60
N GLY M 167 30.41 -40.90 69.22
CA GLY M 167 30.23 -41.33 67.84
C GLY M 167 28.83 -41.00 67.37
N ILE M 168 28.73 -40.25 66.28
CA ILE M 168 27.45 -39.79 65.75
C ILE M 168 27.40 -40.11 64.27
N VAL M 169 26.28 -40.67 63.81
CA VAL M 169 26.00 -40.75 62.38
C VAL M 169 24.85 -39.80 62.10
N MET M 170 25.02 -38.90 61.14
CA MET M 170 23.97 -37.96 60.79
C MET M 170 23.31 -38.38 59.48
N GLY M 171 21.99 -38.49 59.51
CA GLY M 171 21.26 -38.81 58.29
C GLY M 171 19.76 -38.81 58.51
N GLY M 172 19.15 -39.91 58.06
CA GLY M 172 17.73 -40.14 58.27
C GLY M 172 17.54 -41.57 58.75
N ARG M 173 16.36 -41.86 59.27
CA ARG M 173 15.96 -43.25 59.44
C ARG M 173 14.46 -43.38 59.32
N ALA M 174 14.03 -44.49 58.73
CA ALA M 174 12.65 -44.96 58.82
C ALA M 174 12.64 -46.25 59.62
N ILE M 175 11.70 -46.37 60.55
CA ILE M 175 11.61 -47.53 61.42
C ILE M 175 10.21 -48.12 61.28
N LEU M 176 10.13 -49.44 61.22
CA LEU M 176 8.92 -50.18 61.48
C LEU M 176 9.13 -51.08 62.68
N ALA M 177 8.33 -50.90 63.72
CA ALA M 177 8.32 -51.77 64.88
C ALA M 177 7.01 -52.54 64.91
N SER M 178 7.08 -53.83 65.22
CA SER M 178 5.92 -54.70 65.16
C SER M 178 5.98 -55.71 66.28
N SER M 179 4.82 -56.03 66.84
CA SER M 179 4.63 -57.15 67.76
C SER M 179 3.61 -58.10 67.16
N THR M 180 3.95 -59.38 67.13
CA THR M 180 3.27 -60.36 66.31
C THR M 180 2.86 -61.55 67.16
N ASN M 181 1.63 -62.03 66.96
CA ASN M 181 1.13 -63.17 67.72
C ASN M 181 1.88 -64.42 67.26
N LYS M 182 2.86 -64.84 68.05
CA LYS M 182 3.76 -65.92 67.67
C LYS M 182 3.07 -67.27 67.67
N LEU M 183 1.87 -67.38 68.22
CA LEU M 183 1.11 -68.63 68.17
C LEU M 183 0.36 -68.82 66.86
N ARG M 184 0.16 -67.77 66.07
CA ARG M 184 -0.79 -67.83 64.97
C ARG M 184 -0.24 -67.35 63.63
N VAL M 185 0.82 -66.54 63.60
CA VAL M 185 1.49 -66.20 62.34
C VAL M 185 2.12 -67.44 61.72
N LYS M 186 2.14 -67.48 60.38
CA LYS M 186 2.79 -68.56 59.66
C LYS M 186 4.27 -68.66 60.03
N ARG M 187 4.74 -69.90 60.19
CA ARG M 187 6.10 -70.21 60.57
C ARG M 187 6.97 -70.61 59.38
N ASP M 188 6.52 -70.35 58.16
CA ASP M 188 7.35 -70.68 56.98
C ASP M 188 8.68 -69.96 57.01
N TYR M 189 8.72 -68.73 57.52
CA TYR M 189 9.96 -67.97 57.63
C TYR M 189 10.06 -67.37 59.01
N SER M 190 11.28 -67.02 59.41
CA SER M 190 11.47 -66.27 60.64
C SER M 190 10.81 -64.90 60.51
N VAL M 191 10.31 -64.40 61.64
CA VAL M 191 9.50 -63.19 61.61
C VAL M 191 10.33 -61.98 61.23
N SER M 192 11.63 -61.98 61.55
CA SER M 192 12.52 -60.94 61.06
C SER M 192 12.60 -60.91 59.53
N VAL M 193 12.46 -62.06 58.89
CA VAL M 193 12.50 -62.10 57.43
C VAL M 193 11.23 -61.48 56.85
N VAL M 194 10.06 -61.88 57.35
CA VAL M 194 8.81 -61.31 56.87
C VAL M 194 8.57 -59.90 57.43
N ALA M 195 9.14 -59.58 58.59
CA ALA M 195 9.17 -58.19 59.03
C ALA M 195 9.94 -57.31 58.05
N LYS M 196 11.18 -57.69 57.73
CA LYS M 196 11.97 -56.94 56.77
C LYS M 196 11.31 -56.91 55.40
N ALA M 197 10.80 -58.05 54.95
CA ALA M 197 10.14 -58.12 53.64
C ALA M 197 8.89 -57.24 53.58
N SER M 198 8.13 -57.19 54.68
CA SER M 198 6.97 -56.31 54.71
C SER M 198 7.35 -54.84 54.84
N TYR M 199 8.41 -54.54 55.61
CA TYR M 199 8.97 -53.21 55.58
C TYR M 199 9.38 -52.79 54.18
N GLU M 200 10.09 -53.67 53.47
CA GLU M 200 10.43 -53.40 52.07
C GLU M 200 9.18 -53.26 51.21
N GLY M 201 8.14 -54.05 51.50
CA GLY M 201 6.88 -53.89 50.79
C GLY M 201 6.25 -52.53 51.02
N LEU M 202 6.18 -52.09 52.28
CA LEU M 202 5.59 -50.80 52.59
C LEU M 202 6.37 -49.65 51.96
N THR M 203 7.69 -49.77 51.90
CA THR M 203 8.53 -48.75 51.27
C THR M 203 8.70 -48.94 49.77
N GLY M 204 8.21 -50.04 49.21
CA GLY M 204 8.35 -50.32 47.80
C GLY M 204 9.68 -50.91 47.39
N GLN M 205 10.56 -51.19 48.34
CA GLN M 205 11.87 -51.76 48.04
C GLN M 205 11.81 -53.25 47.70
N LEU M 206 10.68 -53.91 47.98
CA LEU M 206 10.55 -55.34 47.71
C LEU M 206 10.42 -55.57 46.21
N SER M 207 11.27 -56.46 45.68
CA SER M 207 11.25 -56.75 44.25
C SER M 207 10.06 -57.63 43.85
N ALA M 208 9.83 -57.66 42.54
CA ALA M 208 8.80 -58.49 41.93
C ALA M 208 8.86 -59.96 42.35
N GLU M 209 10.04 -60.58 42.30
CA GLU M 209 10.17 -61.95 42.76
C GLU M 209 10.06 -62.08 44.28
N ALA M 210 10.59 -61.12 45.04
CA ALA M 210 10.47 -61.21 46.47
C ALA M 210 9.03 -60.94 46.91
N LYS M 211 8.38 -60.00 46.23
CA LYS M 211 6.97 -59.71 46.45
C LYS M 211 6.08 -60.94 46.28
N ALA M 212 6.28 -61.72 45.22
CA ALA M 212 5.65 -63.03 45.14
C ALA M 212 6.04 -63.97 46.28
N LYS M 213 7.34 -64.14 46.53
CA LYS M 213 7.76 -65.14 47.51
C LYS M 213 7.28 -64.79 48.92
N TYR M 214 7.58 -63.57 49.37
CA TYR M 214 7.11 -63.06 50.67
C TYR M 214 5.63 -62.68 50.68
N GLY M 215 5.07 -62.30 49.53
CA GLY M 215 3.76 -61.68 49.52
C GLY M 215 2.66 -62.43 50.24
N GLU M 216 2.61 -63.75 50.08
CA GLU M 216 1.67 -64.54 50.88
C GLU M 216 2.06 -64.63 52.35
N SER M 217 3.36 -64.64 52.66
CA SER M 217 3.78 -64.69 54.06
C SER M 217 3.57 -63.37 54.80
N ILE M 218 3.70 -62.23 54.11
CA ILE M 218 3.60 -60.93 54.76
C ILE M 218 2.16 -60.56 55.12
N SER M 219 1.17 -61.04 54.36
CA SER M 219 -0.21 -60.83 54.77
C SER M 219 -0.55 -61.48 56.09
N SER M 220 -0.10 -62.72 56.32
CA SER M 220 -0.27 -63.33 57.64
C SER M 220 0.43 -62.52 58.72
N PHE M 221 1.67 -62.12 58.47
CA PHE M 221 2.38 -61.22 59.38
C PHE M 221 1.63 -59.91 59.58
N THR M 222 1.08 -59.34 58.51
CA THR M 222 0.43 -58.04 58.60
C THR M 222 -0.80 -58.08 59.50
N GLN M 223 -1.70 -59.04 59.27
CA GLN M 223 -2.94 -59.09 60.04
C GLN M 223 -2.72 -59.47 61.50
N TYR M 224 -1.74 -60.33 61.78
CA TYR M 224 -1.48 -60.77 63.15
C TYR M 224 -0.45 -59.92 63.89
N SER M 225 -0.18 -58.70 63.43
CA SER M 225 0.82 -57.88 64.11
C SER M 225 0.41 -56.41 64.06
N ASN M 226 0.89 -55.66 65.05
CA ASN M 226 0.63 -54.24 65.21
C ASN M 226 1.89 -53.46 64.83
N THR M 227 1.98 -53.06 63.56
CA THR M 227 3.17 -52.39 63.05
C THR M 227 3.09 -50.90 63.38
N HIS M 228 3.88 -50.47 64.37
CA HIS M 228 4.18 -49.06 64.54
C HIS M 228 5.17 -48.60 63.48
N GLN M 229 4.95 -47.39 62.95
CA GLN M 229 5.81 -46.80 61.94
C GLN M 229 6.23 -45.41 62.36
N GLU M 230 7.51 -45.10 62.17
CA GLU M 230 8.01 -43.75 62.40
C GLU M 230 9.15 -43.48 61.45
N VAL M 231 9.46 -42.19 61.27
CA VAL M 231 10.50 -41.73 60.37
C VAL M 231 11.14 -40.47 60.94
N ARG M 232 12.42 -40.30 60.67
CA ARG M 232 13.22 -39.26 61.31
C ARG M 232 14.24 -38.72 60.32
N GLY M 233 14.59 -37.45 60.48
CA GLY M 233 15.36 -36.75 59.47
C GLY M 233 14.62 -36.52 58.18
N GLY M 234 15.18 -35.66 57.33
CA GLY M 234 14.55 -35.27 56.08
C GLY M 234 13.39 -34.31 56.28
N ASP M 235 12.77 -33.96 55.15
CA ASP M 235 11.65 -33.02 55.15
C ASP M 235 10.42 -33.67 55.75
N GLY M 236 9.95 -33.14 56.88
CA GLY M 236 8.75 -33.66 57.52
C GLY M 236 7.50 -33.58 56.66
N ALA M 237 7.49 -32.71 55.65
CA ALA M 237 6.39 -32.70 54.69
C ALA M 237 6.47 -33.85 53.69
N LYS M 238 7.62 -34.52 53.59
CA LYS M 238 7.77 -35.70 52.74
C LYS M 238 7.98 -36.97 53.56
N ALA M 239 8.14 -36.85 54.88
CA ALA M 239 8.46 -38.00 55.70
C ALA M 239 7.33 -39.02 55.69
N HIS M 240 6.08 -38.55 55.70
CA HIS M 240 4.93 -39.46 55.72
C HIS M 240 4.77 -40.23 54.42
N GLY M 241 5.37 -39.76 53.33
CA GLY M 241 5.36 -40.48 52.07
C GLY M 241 6.22 -41.73 52.01
N VAL M 242 7.13 -41.92 52.97
CA VAL M 242 8.07 -43.03 52.86
C VAL M 242 7.35 -44.38 52.94
N PHE M 243 6.28 -44.47 53.71
CA PHE M 243 5.49 -45.69 53.80
C PHE M 243 4.30 -45.68 52.85
N SER M 244 4.34 -44.83 51.82
CA SER M 244 3.27 -44.69 50.84
C SER M 244 3.21 -45.86 49.87
N GLY M 245 4.07 -46.86 50.02
CA GLY M 245 4.09 -47.99 49.11
C GLY M 245 4.69 -47.70 47.75
N LYS M 246 5.24 -46.52 47.53
CA LYS M 246 5.68 -46.07 46.21
C LYS M 246 7.12 -45.59 46.32
N LYS M 247 7.99 -46.15 45.47
CA LYS M 247 9.42 -45.84 45.52
C LYS M 247 9.68 -44.36 45.30
N GLU M 248 8.93 -43.72 44.40
CA GLU M 248 9.14 -42.30 44.14
C GLU M 248 8.93 -41.44 45.38
N ASP M 249 7.97 -41.82 46.23
CA ASP M 249 7.76 -41.09 47.48
C ASP M 249 8.88 -41.35 48.48
N PHE M 250 9.32 -42.61 48.61
CA PHE M 250 10.45 -42.92 49.48
C PHE M 250 11.73 -42.23 49.03
N GLN M 251 12.05 -42.30 47.75
CA GLN M 251 13.24 -41.62 47.23
C GLN M 251 13.15 -40.11 47.39
N ALA M 252 11.95 -39.54 47.20
CA ALA M 252 11.76 -38.11 47.45
C ALA M 252 12.07 -37.72 48.88
N TRP M 253 11.80 -38.58 49.86
CA TRP M 253 12.25 -38.32 51.23
C TRP M 253 13.76 -38.45 51.36
N VAL M 254 14.34 -39.53 50.82
CA VAL M 254 15.79 -39.70 50.87
C VAL M 254 16.50 -38.49 50.27
N ASP M 255 15.99 -37.98 49.14
CA ASP M 255 16.56 -36.78 48.53
C ASP M 255 16.45 -35.54 49.43
N SER M 256 15.61 -35.58 50.47
CA SER M 256 15.56 -34.48 51.43
C SER M 256 16.37 -34.71 52.70
N VAL M 257 16.69 -35.96 53.02
CA VAL M 257 17.55 -36.24 54.18
C VAL M 257 18.90 -35.56 54.03
N SER M 258 19.42 -35.52 52.80
CA SER M 258 20.72 -34.88 52.56
C SER M 258 20.73 -33.40 52.94
N ALA M 259 19.59 -32.71 52.80
CA ALA M 259 19.54 -31.31 53.20
C ALA M 259 19.42 -31.12 54.71
N SER M 260 18.68 -31.99 55.40
CA SER M 260 18.30 -31.77 56.80
C SER M 260 18.45 -33.05 57.61
N PRO M 261 19.68 -33.52 57.80
CA PRO M 261 19.89 -34.77 58.53
C PRO M 261 19.73 -34.59 60.03
N ASP M 262 19.49 -35.72 60.70
CA ASP M 262 19.41 -35.80 62.14
C ASP M 262 20.32 -36.90 62.67
N PHE M 263 20.58 -36.85 63.97
CA PHE M 263 21.18 -37.97 64.70
C PHE M 263 20.31 -39.22 64.69
N VAL M 264 20.76 -40.25 63.97
CA VAL M 264 19.95 -41.42 63.67
C VAL M 264 20.60 -42.70 64.16
N ASP M 265 21.92 -42.72 64.28
CA ASP M 265 22.61 -43.95 64.66
C ASP M 265 23.95 -43.63 65.30
N PHE M 266 24.50 -44.64 65.98
CA PHE M 266 25.83 -44.57 66.56
C PHE M 266 26.89 -45.11 65.59
N VAL M 267 28.11 -44.62 65.75
CA VAL M 267 29.31 -45.26 65.20
C VAL M 267 29.67 -46.48 66.03
N PRO M 268 29.70 -47.69 65.45
CA PRO M 268 29.76 -48.90 66.28
C PRO M 268 30.96 -48.98 67.20
N THR M 269 32.08 -48.37 66.82
CA THR M 269 33.33 -48.55 67.55
C THR M 269 33.40 -47.72 68.83
N ILE M 270 32.81 -46.52 68.83
CA ILE M 270 33.07 -45.55 69.89
C ILE M 270 31.80 -44.75 70.16
N PRO M 271 30.67 -45.40 70.43
CA PRO M 271 29.38 -44.68 70.43
C PRO M 271 29.30 -43.60 71.51
N MET M 272 29.70 -43.91 72.74
CA MET M 272 29.66 -42.91 73.81
C MET M 272 30.70 -43.28 74.88
N GLN M 273 31.08 -42.26 75.65
CA GLN M 273 32.10 -42.37 76.68
C GLN M 273 31.48 -42.06 78.05
N GLU M 274 31.98 -42.75 79.07
CA GLU M 274 31.47 -42.52 80.43
C GLU M 274 31.82 -41.13 80.94
N ILE M 275 30.90 -40.56 81.72
CA ILE M 275 30.99 -39.18 82.15
C ILE M 275 32.18 -38.94 83.08
N TRP M 276 32.51 -39.91 83.93
CA TRP M 276 33.69 -39.82 84.79
C TRP M 276 35.01 -39.92 84.05
N THR M 277 35.01 -40.10 82.73
CA THR M 277 36.21 -39.83 81.96
C THR M 277 36.64 -38.36 82.06
N LEU M 278 35.69 -37.45 82.28
CA LEU M 278 35.97 -36.03 82.31
C LEU M 278 36.33 -35.47 83.69
N CYS M 279 36.08 -36.20 84.78
CA CYS M 279 36.39 -35.64 86.10
C CYS M 279 37.90 -35.70 86.34
N SER M 280 38.40 -34.67 87.03
CA SER M 280 39.84 -34.48 87.16
C SER M 280 40.49 -35.41 88.18
N SER M 281 39.73 -35.89 89.17
CA SER M 281 40.30 -36.73 90.22
C SER M 281 39.93 -38.19 90.02
N GLU M 282 40.94 -39.06 90.05
CA GLU M 282 40.69 -40.50 89.96
C GLU M 282 39.87 -41.00 91.14
N ALA M 283 40.04 -40.39 92.31
CA ALA M 283 39.20 -40.72 93.47
C ALA M 283 37.75 -40.31 93.24
N GLN M 284 37.51 -39.23 92.53
CA GLN M 284 36.15 -38.89 92.12
C GLN M 284 35.63 -39.90 91.10
N ALA M 285 36.45 -40.24 90.11
CA ALA M 285 36.05 -41.21 89.10
C ALA M 285 35.70 -42.55 89.72
N GLU M 286 36.49 -43.00 90.69
CA GLU M 286 36.20 -44.24 91.39
C GLU M 286 34.84 -44.20 92.08
N ALA M 287 34.55 -43.10 92.79
CA ALA M 287 33.25 -42.98 93.43
C ALA M 287 32.11 -42.94 92.42
N MET M 288 32.26 -42.17 91.34
CA MET M 288 31.21 -42.11 90.33
C MET M 288 31.02 -43.46 89.62
N ARG M 289 32.11 -44.06 89.15
CA ARG M 289 32.01 -45.36 88.51
C ARG M 289 31.43 -46.41 89.45
N LYS M 290 31.90 -46.43 90.70
CA LYS M 290 31.35 -47.37 91.68
C LYS M 290 29.85 -47.15 91.89
N HIS M 291 29.42 -45.89 92.01
CA HIS M 291 27.98 -45.64 92.12
C HIS M 291 27.23 -46.03 90.85
N TYR M 292 27.81 -45.76 89.68
CA TYR M 292 27.09 -46.01 88.43
C TYR M 292 26.65 -47.47 88.32
N ASP M 293 27.56 -48.39 88.61
CA ASP M 293 27.31 -49.81 88.38
C ASP M 293 26.87 -50.56 89.63
N ASP M 294 27.15 -50.02 90.81
CA ASP M 294 26.63 -50.62 92.04
C ASP M 294 25.19 -50.24 92.32
N VAL M 295 24.74 -49.07 91.86
CA VAL M 295 23.45 -48.54 92.28
C VAL M 295 22.63 -48.10 91.08
N TRP M 296 23.12 -47.11 90.34
CA TRP M 296 22.27 -46.39 89.41
C TRP M 296 21.90 -47.24 88.20
N ALA M 297 22.88 -47.82 87.52
CA ALA M 297 22.58 -48.67 86.37
C ALA M 297 21.77 -49.91 86.73
N PRO M 298 22.00 -50.60 87.84
CA PRO M 298 21.05 -51.63 88.29
C PRO M 298 19.62 -51.14 88.43
N ALA M 299 19.41 -50.08 89.22
CA ALA M 299 18.07 -49.55 89.42
C ALA M 299 17.42 -49.11 88.11
N GLN M 300 18.17 -48.42 87.25
CA GLN M 300 17.62 -48.03 85.96
C GLN M 300 17.26 -49.23 85.11
N SER M 301 18.11 -50.26 85.08
CA SER M 301 17.79 -51.46 84.31
C SER M 301 16.55 -52.15 84.85
N GLU M 302 16.43 -52.24 86.18
CA GLU M 302 15.28 -52.90 86.79
C GLU M 302 13.99 -52.12 86.52
N LYS M 303 14.06 -50.79 86.59
CA LYS M 303 12.89 -49.95 86.34
C LYS M 303 12.43 -50.00 84.90
N TYR M 304 13.10 -50.76 84.03
CA TYR M 304 12.67 -50.95 82.64
C TYR M 304 12.35 -52.41 82.36
N ARG M 305 12.28 -53.23 83.40
CA ARG M 305 11.90 -54.63 83.26
C ARG M 305 10.37 -54.75 83.21
N VAL M 306 9.86 -55.52 82.26
CA VAL M 306 8.44 -55.55 81.96
C VAL M 306 7.86 -56.89 82.42
N LYS M 307 6.82 -56.82 83.23
CA LYS M 307 6.05 -57.99 83.63
C LYS M 307 5.17 -58.46 82.48
N ALA M 308 4.82 -59.73 82.50
CA ALA M 308 3.74 -60.21 81.65
C ALA M 308 2.40 -60.16 82.40
N ASN M 309 1.32 -60.08 81.62
CA ASN M 309 -0.01 -60.28 82.18
C ASN M 309 -0.15 -61.70 82.72
N TYR M 310 -1.04 -61.86 83.69
CA TYR M 310 -1.25 -63.15 84.34
C TYR M 310 -2.74 -63.41 84.56
N ILE M 311 -3.09 -64.70 84.64
CA ILE M 311 -4.45 -65.11 84.91
C ILE M 311 -4.75 -64.94 86.39
N ASP M 312 -5.85 -64.25 86.71
CA ASP M 312 -6.30 -64.10 88.09
C ASP M 312 -7.65 -64.75 88.39
N GLN M 313 -8.45 -65.08 87.38
CA GLN M 313 -9.75 -65.68 87.63
C GLN M 313 -10.16 -66.53 86.44
N LEU M 314 -10.78 -67.67 86.73
CA LEU M 314 -11.32 -68.57 85.72
C LEU M 314 -12.80 -68.81 85.97
N VAL M 315 -13.54 -68.99 84.87
CA VAL M 315 -14.96 -69.36 84.93
C VAL M 315 -15.26 -70.30 83.77
N VAL M 316 -16.34 -71.07 83.93
CA VAL M 316 -16.83 -71.96 82.89
C VAL M 316 -18.25 -71.54 82.51
N ILE M 317 -18.55 -71.58 81.22
CA ILE M 317 -19.86 -71.23 80.70
C ILE M 317 -20.40 -72.37 79.86
N THR M 318 -21.71 -72.61 79.97
CA THR M 318 -22.37 -73.76 79.38
C THR M 318 -23.62 -73.30 78.65
N GLY M 319 -23.92 -73.96 77.53
CA GLY M 319 -25.13 -73.65 76.80
C GLY M 319 -25.26 -74.51 75.56
N GLY M 320 -26.32 -74.21 74.80
CA GLY M 320 -26.81 -75.02 73.71
C GLY M 320 -26.24 -74.74 72.34
N SER M 321 -25.25 -73.86 72.20
CA SER M 321 -24.72 -73.57 70.87
C SER M 321 -23.25 -73.18 70.96
N SER M 322 -22.58 -73.28 69.81
CA SER M 322 -21.15 -72.99 69.75
C SER M 322 -20.85 -71.54 70.13
N THR M 323 -21.81 -70.64 69.95
CA THR M 323 -21.55 -69.21 69.99
C THR M 323 -21.90 -68.59 71.34
N ILE M 324 -22.17 -69.41 72.37
CA ILE M 324 -22.34 -68.89 73.71
C ILE M 324 -21.07 -68.15 74.11
N GLU M 325 -21.22 -67.19 75.04
CA GLU M 325 -20.26 -66.11 75.18
C GLU M 325 -20.08 -65.75 76.65
N PRO M 326 -18.86 -65.47 77.09
CA PRO M 326 -18.59 -65.32 78.51
C PRO M 326 -19.20 -64.05 79.08
N PRO M 327 -19.20 -63.91 80.40
CA PRO M 327 -19.41 -62.57 81.00
C PRO M 327 -18.36 -61.60 80.51
N VAL M 328 -18.77 -60.33 80.39
CA VAL M 328 -18.03 -59.35 79.59
C VAL M 328 -16.59 -59.21 80.08
N GLY M 329 -16.35 -59.41 81.38
CA GLY M 329 -15.00 -59.29 81.90
C GLY M 329 -14.04 -60.37 81.45
N TYR M 330 -14.55 -61.50 80.96
CA TYR M 330 -13.73 -62.66 80.64
C TYR M 330 -13.59 -62.82 79.13
N SER M 331 -12.61 -63.62 78.73
CA SER M 331 -12.44 -64.05 77.35
C SER M 331 -12.40 -65.57 77.30
N LYS M 332 -12.79 -66.12 76.15
CA LYS M 332 -13.15 -67.52 76.02
C LYS M 332 -12.03 -68.32 75.36
N ILE M 333 -11.73 -69.47 75.94
CA ILE M 333 -10.94 -70.51 75.26
C ILE M 333 -11.89 -71.28 74.34
N GLU M 334 -11.68 -71.15 73.04
CA GLU M 334 -12.63 -71.58 72.01
C GLU M 334 -12.72 -73.09 71.84
N TYR M 335 -12.18 -73.96 72.70
CA TYR M 335 -12.28 -75.41 72.52
C TYR M 335 -13.32 -75.97 73.47
N ASP M 336 -14.32 -76.66 72.92
CA ASP M 336 -15.44 -77.13 73.71
C ASP M 336 -14.99 -78.30 74.59
N LEU M 337 -15.22 -78.16 75.90
CA LEU M 337 -14.92 -79.21 76.87
C LEU M 337 -15.86 -80.40 76.78
N ASN M 338 -16.78 -80.43 75.82
CA ASN M 338 -17.48 -81.65 75.43
C ASN M 338 -17.35 -81.95 73.95
N ALA M 339 -16.29 -81.45 73.31
CA ALA M 339 -16.10 -81.67 71.88
C ALA M 339 -16.18 -83.15 71.55
N GLY M 340 -17.15 -83.50 70.71
CA GLY M 340 -17.41 -84.88 70.35
C GLY M 340 -18.16 -85.67 71.39
N ALA M 341 -18.36 -85.13 72.59
CA ALA M 341 -19.05 -85.84 73.66
C ALA M 341 -20.54 -85.52 73.69
N GLY M 342 -21.02 -84.67 72.79
CA GLY M 342 -22.42 -84.28 72.82
C GLY M 342 -22.76 -83.48 74.06
N GLY M 343 -24.07 -83.42 74.34
CA GLY M 343 -24.57 -82.68 75.48
C GLY M 343 -24.55 -81.18 75.27
N ASP M 344 -24.32 -80.46 76.36
CA ASP M 344 -24.09 -79.02 76.29
C ASP M 344 -22.71 -78.71 75.74
N PHE M 345 -22.62 -77.60 75.00
CA PHE M 345 -21.33 -76.95 74.78
C PHE M 345 -20.82 -76.36 76.09
N ILE M 346 -19.54 -76.57 76.37
CA ILE M 346 -18.89 -76.07 77.57
C ILE M 346 -17.58 -75.40 77.18
N TYR M 347 -17.34 -74.20 77.71
CA TYR M 347 -16.12 -73.46 77.44
C TYR M 347 -15.51 -72.95 78.74
N LEU M 348 -14.18 -72.96 78.79
CA LEU M 348 -13.43 -72.40 79.91
C LEU M 348 -13.02 -70.97 79.57
N CYS M 349 -13.22 -70.05 80.52
CA CYS M 349 -12.97 -68.64 80.30
C CYS M 349 -12.10 -68.10 81.43
N TYR M 350 -11.35 -67.05 81.12
CA TYR M 350 -10.34 -66.53 82.03
C TYR M 350 -10.34 -65.00 82.01
N HIS M 351 -9.83 -64.43 83.09
CA HIS M 351 -9.46 -63.02 83.18
C HIS M 351 -7.94 -62.92 83.31
N GLU M 352 -7.33 -62.07 82.50
CA GLU M 352 -5.90 -61.78 82.60
C GLU M 352 -5.71 -60.39 83.18
N GLN M 353 -4.95 -60.32 84.27
CA GLN M 353 -4.80 -59.10 85.07
C GLN M 353 -3.52 -58.38 84.70
N THR M 354 -3.61 -57.06 84.53
CA THR M 354 -2.42 -56.24 84.40
C THR M 354 -1.75 -56.10 85.76
N TRP M 355 -0.44 -56.35 85.80
CA TRP M 355 0.32 -56.18 87.04
C TRP M 355 0.42 -54.71 87.42
N GLN M 356 0.32 -54.46 88.73
CA GLN M 356 0.41 -53.12 89.29
C GLN M 356 1.34 -53.15 90.49
N ALA M 357 2.22 -52.16 90.57
CA ALA M 357 3.29 -52.19 91.58
C ALA M 357 2.72 -52.05 92.99
N ASP M 358 1.69 -51.22 93.16
CA ASP M 358 1.17 -50.92 94.49
C ASP M 358 0.00 -51.81 94.92
N ARG M 359 -0.59 -52.56 93.99
CA ARG M 359 -1.70 -53.44 94.34
C ARG M 359 -1.78 -54.64 93.40
N PRO M 360 -0.76 -55.49 93.38
CA PRO M 360 -0.88 -56.76 92.66
C PRO M 360 -1.98 -57.62 93.29
N LYS M 361 -2.79 -58.22 92.44
CA LYS M 361 -3.78 -59.20 92.89
C LYS M 361 -3.10 -60.54 93.17
N ASP M 362 -3.91 -61.52 93.55
CA ASP M 362 -3.52 -62.91 93.34
C ASP M 362 -3.48 -63.24 91.86
N ALA M 363 -2.52 -64.08 91.47
CA ALA M 363 -2.62 -64.88 90.27
C ALA M 363 -3.21 -66.25 90.59
N VAL M 364 -3.75 -66.91 89.56
CA VAL M 364 -3.88 -68.36 89.60
C VAL M 364 -2.49 -68.97 89.55
N THR M 365 -2.24 -69.95 90.41
CA THR M 365 -0.95 -70.62 90.46
C THR M 365 -1.00 -72.13 90.34
N ASP M 366 -2.15 -72.77 90.53
CA ASP M 366 -2.28 -74.19 90.25
C ASP M 366 -3.70 -74.51 89.83
N ILE M 367 -3.86 -75.58 89.07
CA ILE M 367 -5.17 -76.05 88.62
C ILE M 367 -5.21 -77.56 88.79
N ARG M 368 -6.36 -78.08 89.20
CA ARG M 368 -6.56 -79.50 89.37
C ARG M 368 -7.96 -79.87 88.91
N ILE M 369 -8.15 -81.15 88.56
CA ILE M 369 -9.45 -81.72 88.29
C ILE M 369 -9.74 -82.81 89.30
N ILE M 370 -10.92 -82.74 89.93
CA ILE M 370 -11.22 -83.53 91.12
C ILE M 370 -12.29 -84.59 90.86
N PHE M 371 -12.99 -84.52 89.74
CA PHE M 371 -14.00 -85.51 89.34
C PHE M 371 -15.09 -85.68 90.42
N ASN M 372 -15.64 -86.89 90.47
CA ASN M 372 -17.00 -87.14 90.94
C ASN M 372 -17.30 -86.58 92.34
N LYS M 373 -16.60 -87.09 93.35
CA LYS M 373 -16.95 -86.82 94.74
C LYS M 373 -15.76 -86.43 95.62
N GLU M 374 -14.54 -86.44 95.10
CA GLU M 374 -13.40 -86.14 95.93
C GLU M 374 -13.53 -84.72 96.49
N PRO M 375 -13.21 -84.50 97.76
CA PRO M 375 -13.30 -83.15 98.31
C PRO M 375 -12.32 -82.19 97.64
N THR M 376 -12.70 -80.91 97.64
CA THR M 376 -11.84 -79.89 97.06
C THR M 376 -10.52 -79.83 97.83
N PRO M 377 -9.39 -79.86 97.14
CA PRO M 377 -8.09 -79.87 97.83
C PRO M 377 -7.91 -78.60 98.67
N PRO M 378 -7.07 -78.67 99.70
CA PRO M 378 -7.00 -77.59 100.70
C PRO M 378 -6.66 -76.25 100.09
N GLY M 379 -7.57 -75.29 100.24
CA GLY M 379 -7.41 -73.94 99.75
C GLY M 379 -7.68 -73.72 98.28
N TYR M 380 -8.07 -74.75 97.53
CA TYR M 380 -8.49 -74.54 96.15
C TYR M 380 -9.93 -74.06 96.09
N THR M 381 -10.21 -73.24 95.10
CA THR M 381 -11.58 -72.96 94.69
C THR M 381 -12.06 -74.04 93.71
N LYS M 382 -13.38 -74.16 93.59
CA LYS M 382 -13.99 -75.09 92.67
C LYS M 382 -15.05 -74.37 91.85
N LEU M 383 -15.05 -74.64 90.54
CA LEU M 383 -16.13 -74.17 89.67
C LEU M 383 -17.33 -75.11 89.76
N PRO M 384 -18.55 -74.58 89.90
CA PRO M 384 -19.71 -75.45 90.16
C PRO M 384 -20.21 -76.20 88.94
N GLN M 385 -19.90 -75.75 87.73
CA GLN M 385 -20.38 -76.43 86.53
C GLN M 385 -19.71 -77.80 86.36
N ASP M 386 -20.53 -78.80 86.08
CA ASP M 386 -20.03 -80.09 85.63
C ASP M 386 -19.51 -80.00 84.20
N LEU M 387 -18.24 -80.33 84.01
CA LEU M 387 -17.61 -80.27 82.70
C LEU M 387 -17.94 -81.47 81.82
N ASN M 388 -18.92 -82.29 82.21
CA ASN M 388 -19.61 -83.20 81.31
C ASN M 388 -21.12 -82.97 81.30
N LYS M 389 -21.57 -81.78 81.72
CA LYS M 389 -22.99 -81.46 81.72
C LYS M 389 -23.61 -81.78 80.36
N GLY M 390 -24.66 -82.59 80.38
CA GLY M 390 -25.30 -83.11 79.20
C GLY M 390 -24.56 -84.22 78.47
N ALA M 391 -23.26 -84.38 78.73
CA ALA M 391 -22.47 -85.38 78.03
C ALA M 391 -22.55 -86.76 78.71
N GLY M 392 -23.13 -86.83 79.90
CA GLY M 392 -23.12 -88.06 80.67
C GLY M 392 -21.79 -88.30 81.36
N GLY M 393 -21.30 -89.53 81.31
CA GLY M 393 -20.03 -89.85 81.92
C GLY M 393 -20.02 -89.63 83.42
N ASP M 394 -18.81 -89.43 83.94
CA ASP M 394 -18.62 -89.04 85.32
C ASP M 394 -18.74 -87.52 85.46
N ASP M 395 -19.08 -87.08 86.68
CA ASP M 395 -19.14 -85.65 86.96
C ASP M 395 -17.74 -85.09 87.07
N VAL M 396 -17.43 -84.07 86.27
CA VAL M 396 -16.11 -83.49 86.16
C VAL M 396 -16.17 -82.05 86.69
N PHE M 397 -15.26 -81.72 87.60
CA PHE M 397 -15.14 -80.36 88.12
C PHE M 397 -13.68 -79.94 88.12
N LEU M 398 -13.44 -78.69 87.73
CA LEU M 398 -12.11 -78.10 87.72
C LEU M 398 -11.90 -77.19 88.92
N CYS M 399 -10.76 -77.34 89.58
CA CYS M 399 -10.39 -76.56 90.75
C CYS M 399 -9.09 -75.83 90.48
N TYR M 400 -8.92 -74.66 91.10
CA TYR M 400 -7.69 -73.89 90.94
C TYR M 400 -7.36 -73.15 92.23
N LYS M 401 -6.06 -72.95 92.44
CA LYS M 401 -5.51 -72.28 93.60
C LYS M 401 -4.99 -70.91 93.19
N THR M 402 -5.24 -69.91 94.02
CA THR M 402 -4.75 -68.55 93.79
C THR M 402 -3.84 -68.12 94.94
N GLU M 403 -2.81 -67.36 94.59
CA GLU M 403 -1.78 -66.93 95.51
C GLU M 403 -1.28 -65.56 95.08
N ALA M 404 -0.72 -64.82 96.04
CA ALA M 404 -0.20 -63.49 95.76
C ALA M 404 0.83 -63.54 94.64
N TYR M 405 0.82 -62.52 93.80
CA TYR M 405 1.57 -62.54 92.55
C TYR M 405 3.06 -62.79 92.78
N ASN M 406 3.62 -63.69 91.97
CA ASN M 406 5.07 -63.82 91.85
C ASN M 406 5.38 -64.22 90.42
N THR M 407 6.35 -63.55 89.80
CA THR M 407 6.70 -63.87 88.42
C THR M 407 7.14 -65.33 88.26
N ASP M 408 7.64 -65.94 89.32
CA ASP M 408 8.07 -67.33 89.24
C ASP M 408 6.91 -68.31 89.07
N THR M 409 5.68 -67.89 89.39
CA THR M 409 4.58 -68.84 89.51
C THR M 409 3.24 -68.33 89.01
N ALA M 410 3.04 -67.03 88.83
CA ALA M 410 1.81 -66.54 88.23
C ALA M 410 1.63 -67.10 86.82
N ILE M 411 0.55 -67.86 86.64
CA ILE M 411 0.26 -68.46 85.34
C ILE M 411 -0.11 -67.36 84.36
N ASN M 412 0.61 -67.31 83.23
CA ASN M 412 0.37 -66.29 82.23
C ASN M 412 -0.70 -66.69 81.22
N LYS M 413 -0.74 -67.95 80.80
CA LYS M 413 -1.74 -68.39 79.85
C LYS M 413 -2.22 -69.80 80.18
N VAL M 414 -3.44 -70.10 79.73
CA VAL M 414 -3.99 -71.44 79.77
C VAL M 414 -4.63 -71.74 78.42
N THR M 415 -4.69 -73.03 78.08
CA THR M 415 -5.44 -73.47 76.91
C THR M 415 -5.94 -74.88 77.15
N VAL M 416 -6.94 -75.27 76.36
CA VAL M 416 -7.52 -76.61 76.38
C VAL M 416 -7.23 -77.30 75.06
N ILE M 417 -6.68 -78.51 75.13
CA ILE M 417 -6.25 -79.28 73.97
C ILE M 417 -6.93 -80.65 74.03
N GLY M 418 -7.29 -81.18 72.86
CA GLY M 418 -7.99 -82.45 72.83
C GLY M 418 -7.84 -83.16 71.52
N GLY M 419 -8.05 -84.48 71.56
CA GLY M 419 -7.88 -85.31 70.39
C GLY M 419 -8.23 -86.74 70.71
N ASN M 420 -7.97 -87.62 69.75
CA ASN M 420 -8.32 -89.03 69.94
C ASN M 420 -7.34 -89.76 70.84
N ASN M 421 -6.08 -89.35 70.87
CA ASN M 421 -5.08 -90.03 71.70
C ASN M 421 -5.20 -89.55 73.14
N ALA M 422 -5.00 -90.47 74.08
CA ALA M 422 -4.87 -90.05 75.48
C ALA M 422 -3.54 -89.35 75.74
N ASP M 423 -2.45 -89.86 75.18
CA ASP M 423 -1.14 -89.23 75.25
C ASP M 423 -0.99 -88.09 74.25
N ILE M 424 -1.75 -87.01 74.41
CA ILE M 424 -1.66 -85.89 73.48
C ILE M 424 -0.65 -84.87 73.99
N ASN M 425 -0.03 -84.15 73.05
CA ASN M 425 1.04 -83.22 73.36
C ASN M 425 0.50 -81.80 73.56
N ALA M 426 0.90 -81.19 74.67
CA ALA M 426 0.66 -79.77 74.87
C ALA M 426 1.58 -78.92 74.02
N PRO M 427 1.20 -77.66 73.77
CA PRO M 427 2.13 -76.74 73.11
C PRO M 427 3.42 -76.57 73.91
N TYR M 428 4.47 -76.19 73.18
CA TYR M 428 5.79 -76.11 73.80
C TYR M 428 5.78 -75.16 74.99
N GLY M 429 6.34 -75.63 76.10
CA GLY M 429 6.40 -74.87 77.33
C GLY M 429 5.15 -74.89 78.17
N TYR M 430 4.02 -75.36 77.63
CA TYR M 430 2.83 -75.58 78.44
C TYR M 430 2.96 -76.88 79.24
N LEU M 431 2.34 -76.90 80.41
CA LEU M 431 2.14 -78.10 81.19
C LEU M 431 0.65 -78.41 81.24
N LYS M 432 0.29 -79.64 80.86
CA LYS M 432 -1.10 -80.07 80.93
C LYS M 432 -1.38 -80.72 82.28
N VAL M 433 -2.58 -80.48 82.79
CA VAL M 433 -3.04 -81.11 84.04
C VAL M 433 -3.43 -82.57 83.79
N PRO M 434 -3.25 -83.45 84.77
CA PRO M 434 -3.77 -84.81 84.65
C PRO M 434 -5.29 -84.86 84.72
N GLY M 435 -5.84 -85.91 84.12
CA GLY M 435 -7.27 -86.12 84.09
C GLY M 435 -7.97 -85.59 82.85
N ASP M 436 -8.98 -86.32 82.40
CA ASP M 436 -9.66 -86.04 81.14
C ASP M 436 -10.98 -85.32 81.43
N LEU M 437 -11.18 -84.17 80.80
CA LEU M 437 -12.42 -83.42 80.93
C LEU M 437 -13.59 -84.07 80.20
N ASN M 438 -13.39 -85.23 79.58
CA ASN M 438 -14.47 -86.09 79.13
C ASN M 438 -14.39 -87.50 79.73
N ARG M 439 -13.72 -87.64 80.87
CA ARG M 439 -13.61 -88.96 81.51
C ARG M 439 -14.98 -89.63 81.60
N GLY M 440 -15.07 -90.85 81.08
CA GLY M 440 -16.30 -91.60 81.05
C GLY M 440 -17.28 -91.19 79.99
N ALA M 441 -17.13 -90.01 79.40
CA ALA M 441 -17.97 -89.61 78.29
C ALA M 441 -17.36 -90.11 76.99
N GLY M 442 -18.11 -89.96 75.90
CA GLY M 442 -17.56 -90.21 74.58
C GLY M 442 -16.63 -89.12 74.11
N GLY M 443 -16.37 -89.10 72.80
CA GLY M 443 -15.60 -88.05 72.16
C GLY M 443 -14.11 -88.05 72.48
N ASN M 444 -13.53 -86.86 72.29
CA ASN M 444 -12.09 -86.67 72.45
C ASN M 444 -11.68 -86.74 73.92
N PHE M 445 -10.41 -87.10 74.13
CA PHE M 445 -9.72 -86.71 75.36
C PHE M 445 -9.45 -85.21 75.35
N ILE M 446 -9.62 -84.58 76.51
CA ILE M 446 -9.46 -83.13 76.63
C ILE M 446 -8.71 -82.81 77.92
N TYR M 447 -7.72 -81.93 77.83
CA TYR M 447 -6.85 -81.59 78.95
C TYR M 447 -6.64 -80.08 78.99
N ALA M 448 -6.52 -79.54 80.20
CA ALA M 448 -6.14 -78.15 80.40
C ALA M 448 -4.63 -77.97 80.47
N CYS M 449 -4.09 -77.10 79.61
CA CYS M 449 -2.68 -76.77 79.56
C CYS M 449 -2.43 -75.40 80.19
N THR M 450 -1.34 -75.29 80.95
CA THR M 450 -0.99 -74.08 81.68
C THR M 450 0.40 -73.64 81.26
N PHE M 451 0.60 -72.33 81.18
CA PHE M 451 1.88 -71.75 80.78
C PHE M 451 2.30 -70.66 81.76
N VAL M 452 3.56 -70.73 82.19
CA VAL M 452 4.15 -69.71 83.05
C VAL M 452 5.40 -69.17 82.36
N GLY M 453 5.48 -67.85 82.24
CA GLY M 453 6.61 -67.21 81.60
C GLY M 453 7.86 -67.16 82.44
N LYS M 454 7.71 -67.08 83.75
CA LYS M 454 8.82 -66.84 84.65
C LYS M 454 9.49 -65.51 84.29
N THR N 1 16.92 -11.52 66.30
CA THR N 1 15.71 -12.38 66.29
C THR N 1 15.90 -13.58 67.20
N VAL N 2 15.02 -13.72 68.18
CA VAL N 2 15.10 -14.81 69.15
C VAL N 2 14.39 -16.02 68.60
N LEU N 3 14.93 -17.20 68.90
CA LEU N 3 14.32 -18.45 68.48
C LEU N 3 12.98 -18.64 69.19
N PRO N 4 11.93 -19.04 68.48
CA PRO N 4 10.67 -19.35 69.15
C PRO N 4 10.86 -20.42 70.22
N GLY N 5 10.35 -20.15 71.42
CA GLY N 5 10.45 -21.06 72.53
C GLY N 5 11.34 -20.56 73.65
N VAL N 6 12.21 -19.59 73.37
CA VAL N 6 13.01 -18.96 74.42
C VAL N 6 12.12 -18.26 75.44
N GLU N 7 10.93 -17.81 75.02
CA GLU N 7 9.97 -17.26 75.97
C GLU N 7 9.37 -18.33 76.88
N ALA N 8 9.43 -19.60 76.48
CA ALA N 8 8.71 -20.67 77.17
C ALA N 8 9.61 -21.56 78.02
N ILE N 9 10.89 -21.71 77.67
CA ILE N 9 11.82 -22.35 78.57
C ILE N 9 11.95 -21.52 79.84
N GLY N 10 12.27 -22.18 80.95
CA GLY N 10 12.41 -21.53 82.24
C GLY N 10 11.10 -21.03 82.85
N LEU N 11 10.00 -21.13 82.12
CA LEU N 11 8.69 -20.76 82.66
C LEU N 11 8.35 -21.58 83.91
N GLY N 12 7.95 -20.90 84.97
CA GLY N 12 7.56 -21.59 86.19
C GLY N 12 6.25 -22.34 85.96
N TYR N 13 6.22 -23.61 86.36
CA TYR N 13 5.23 -24.57 85.87
C TYR N 13 4.56 -25.28 87.04
N ASN N 14 3.26 -25.55 86.90
CA ASN N 14 2.55 -26.40 87.86
C ASN N 14 2.23 -27.74 87.20
N PRO N 15 2.91 -28.82 87.60
CA PRO N 15 2.65 -30.13 86.97
C PRO N 15 1.19 -30.56 86.93
N PHE N 16 0.47 -30.35 88.03
CA PHE N 16 -0.92 -30.79 88.15
C PHE N 16 -1.88 -30.08 87.19
N ILE N 17 -1.68 -28.80 86.90
CA ILE N 17 -2.66 -28.09 86.09
C ILE N 17 -2.81 -28.73 84.71
N SER N 18 -1.71 -29.02 84.03
CA SER N 18 -1.86 -29.61 82.70
C SER N 18 -0.57 -30.25 82.23
N TYR N 19 -0.67 -30.96 81.11
CA TYR N 19 0.45 -31.61 80.46
C TYR N 19 0.89 -30.79 79.25
N ALA N 20 2.18 -30.42 79.22
CA ALA N 20 2.81 -29.94 77.99
C ALA N 20 2.08 -28.74 77.41
N SER N 21 1.51 -27.92 78.29
CA SER N 21 0.84 -26.70 77.89
C SER N 21 1.40 -25.53 78.71
N VAL N 22 1.52 -24.38 78.04
CA VAL N 22 2.03 -23.19 78.71
C VAL N 22 1.01 -22.57 79.66
N ASN N 23 -0.27 -22.87 79.48
CA ASN N 23 -1.29 -22.42 80.42
C ASN N 23 -1.06 -22.96 81.83
N SER N 24 -0.27 -24.03 81.96
CA SER N 24 0.06 -24.59 83.26
C SER N 24 1.21 -23.86 83.97
N GLY N 25 1.84 -22.88 83.34
CA GLY N 25 2.91 -22.12 83.99
C GLY N 25 2.54 -20.66 84.19
N ALA N 26 2.97 -20.12 85.35
CA ALA N 26 2.72 -18.74 85.75
C ALA N 26 3.97 -17.88 85.67
N VAL N 27 4.15 -17.16 84.56
CA VAL N 27 5.20 -16.14 84.35
C VAL N 27 6.60 -16.73 84.26
N GLN N 28 7.50 -16.01 83.60
CA GLN N 28 8.85 -16.45 83.29
C GLN N 28 9.79 -15.98 84.40
N LEU N 29 10.49 -16.93 85.04
CA LEU N 29 11.45 -16.60 86.09
C LEU N 29 12.76 -16.01 85.60
N PHE N 30 13.22 -16.33 84.39
CA PHE N 30 14.55 -15.90 83.95
C PHE N 30 14.49 -14.77 82.93
N ASP N 31 15.47 -13.87 83.03
CA ASP N 31 15.58 -12.70 82.16
C ASP N 31 16.51 -13.06 81.02
N TRP N 32 15.99 -13.14 79.80
CA TRP N 32 16.81 -13.47 78.65
C TRP N 32 16.94 -12.34 77.63
N ALA N 33 16.40 -11.16 77.90
CA ALA N 33 16.68 -10.04 77.02
C ALA N 33 18.08 -9.50 77.27
N THR N 34 18.44 -9.36 78.55
CA THR N 34 19.76 -8.86 78.93
C THR N 34 20.85 -9.89 78.64
N ALA N 35 20.56 -11.17 78.82
CA ALA N 35 21.60 -12.19 78.75
C ALA N 35 22.27 -12.24 77.39
N LYS N 36 23.54 -12.64 77.42
CA LYS N 36 24.34 -12.83 76.21
C LYS N 36 23.71 -13.88 75.31
N LYS N 37 23.61 -13.56 74.02
CA LYS N 37 22.99 -14.43 73.03
C LYS N 37 24.01 -15.33 72.33
N ARG N 38 23.49 -16.42 71.77
CA ARG N 38 24.22 -17.31 70.86
C ARG N 38 23.35 -17.53 69.63
N GLU N 39 23.98 -17.59 68.47
CA GLU N 39 23.25 -17.93 67.26
C GLU N 39 22.99 -19.43 67.20
N VAL N 40 21.81 -19.79 66.71
CA VAL N 40 21.40 -21.19 66.62
C VAL N 40 22.12 -21.86 65.46
N PRO N 41 22.89 -22.94 65.69
CA PRO N 41 23.71 -23.48 64.60
C PRO N 41 22.91 -23.86 63.37
N PHE N 42 21.76 -24.52 63.55
CA PHE N 42 20.96 -25.00 62.43
C PHE N 42 19.98 -23.97 61.89
N LYS N 43 19.80 -22.82 62.56
CA LYS N 43 18.87 -21.77 62.12
C LYS N 43 19.59 -20.42 62.23
N ALA N 44 20.57 -20.21 61.36
CA ALA N 44 21.24 -18.93 61.25
C ALA N 44 20.24 -17.80 61.02
N GLY N 45 20.43 -16.71 61.74
CA GLY N 45 19.45 -15.65 61.84
C GLY N 45 18.54 -15.73 63.04
N TYR N 46 18.60 -16.78 63.84
CA TYR N 46 17.89 -16.86 65.11
C TYR N 46 18.90 -17.05 66.23
N PHE N 47 18.59 -16.46 67.39
CA PHE N 47 19.53 -16.44 68.50
C PHE N 47 18.84 -16.95 69.77
N VAL N 48 19.66 -17.47 70.68
CA VAL N 48 19.20 -17.93 71.99
C VAL N 48 20.18 -17.44 73.04
N PRO N 49 19.73 -17.31 74.29
CA PRO N 49 20.70 -17.08 75.36
C PRO N 49 21.71 -18.23 75.42
N GLU N 50 22.97 -17.89 75.69
CA GLU N 50 24.03 -18.88 75.56
C GLU N 50 23.88 -20.02 76.56
N ILE N 51 23.09 -19.81 77.62
CA ILE N 51 22.95 -20.86 78.64
C ILE N 51 22.19 -22.06 78.08
N VAL N 52 21.18 -21.80 77.25
CA VAL N 52 20.32 -22.89 76.79
C VAL N 52 21.00 -23.67 75.68
N ASP N 53 20.76 -24.98 75.69
CA ASP N 53 21.20 -25.89 74.64
C ASP N 53 19.99 -26.25 73.78
N VAL N 54 20.05 -25.91 72.50
CA VAL N 54 18.97 -26.19 71.57
C VAL N 54 19.43 -27.28 70.61
N GLN N 55 18.67 -28.38 70.58
CA GLN N 55 18.89 -29.48 69.65
C GLN N 55 17.75 -29.50 68.65
N GLN N 56 18.08 -29.58 67.36
CA GLN N 56 17.07 -29.97 66.39
C GLN N 56 16.69 -31.43 66.61
N ASN N 57 15.40 -31.73 66.52
CA ASN N 57 14.93 -33.11 66.65
C ASN N 57 13.67 -33.31 65.81
N ASP N 58 13.71 -32.86 64.56
CA ASP N 58 12.54 -32.94 63.69
C ASP N 58 12.06 -34.37 63.53
N SER N 59 10.92 -34.70 64.15
CA SER N 59 10.46 -36.07 64.26
C SER N 59 9.02 -36.05 64.73
N ALA N 60 8.11 -36.41 63.82
CA ALA N 60 6.73 -36.74 64.14
C ALA N 60 6.70 -37.98 65.02
N THR N 61 5.99 -37.88 66.15
CA THR N 61 6.16 -38.80 67.26
C THR N 61 4.81 -39.01 67.94
N TYR N 62 4.68 -40.15 68.64
CA TYR N 62 3.46 -40.52 69.33
C TYR N 62 3.68 -40.57 70.83
N THR N 63 2.74 -40.03 71.59
CA THR N 63 2.61 -40.31 73.02
C THR N 63 1.18 -40.79 73.24
N ASN N 64 1.03 -42.01 73.74
CA ASN N 64 -0.30 -42.58 73.97
C ASN N 64 -0.44 -43.01 75.43
N VAL N 65 -1.59 -42.69 76.02
CA VAL N 65 -1.89 -42.97 77.41
C VAL N 65 -3.23 -43.68 77.44
N SER N 66 -3.35 -44.73 78.26
CA SER N 66 -4.58 -45.50 78.29
C SER N 66 -4.75 -46.11 79.67
N GLY N 67 -6.00 -46.46 79.99
CA GLY N 67 -6.31 -47.17 81.21
C GLY N 67 -7.72 -47.71 81.24
N ASN N 68 -7.89 -48.91 81.81
CA ASN N 68 -9.21 -49.51 81.89
C ASN N 68 -10.11 -48.72 82.85
N THR N 69 -9.51 -47.85 83.67
CA THR N 69 -10.24 -47.03 84.62
C THR N 69 -9.47 -45.74 84.84
N ILE N 70 -10.19 -44.72 85.31
CA ILE N 70 -9.58 -43.39 85.41
C ILE N 70 -8.38 -43.41 86.33
N SER N 71 -8.49 -44.11 87.47
CA SER N 71 -7.37 -44.17 88.40
C SER N 71 -6.16 -44.85 87.78
N GLU N 72 -6.41 -45.73 86.80
CA GLU N 72 -5.31 -46.27 86.01
C GLU N 72 -4.81 -45.27 84.98
N TYR N 73 -5.73 -44.64 84.25
CA TYR N 73 -5.34 -43.61 83.28
C TYR N 73 -4.58 -42.47 83.95
N GLN N 74 -5.01 -42.07 85.14
CA GLN N 74 -4.31 -41.03 85.87
C GLN N 74 -2.88 -41.43 86.22
N ARG N 75 -2.63 -42.72 86.43
CA ARG N 75 -1.27 -43.16 86.72
C ARG N 75 -0.43 -43.37 85.45
N SER N 76 -1.02 -43.91 84.40
CA SER N 76 -0.30 -43.99 83.13
C SER N 76 -0.05 -42.62 82.54
N LEU N 77 -0.91 -41.64 82.82
CA LEU N 77 -0.62 -40.26 82.48
C LEU N 77 0.53 -39.71 83.33
N ALA N 78 0.43 -39.84 84.64
CA ALA N 78 1.45 -39.29 85.54
C ALA N 78 2.83 -39.86 85.24
N THR N 79 2.91 -41.15 84.94
CA THR N 79 4.17 -41.80 84.62
C THR N 79 4.64 -41.58 83.19
N SER N 80 3.91 -40.82 82.39
CA SER N 80 4.35 -40.52 81.03
C SER N 80 5.50 -39.52 81.00
N VAL N 81 5.89 -38.98 82.16
CA VAL N 81 6.98 -38.02 82.27
C VAL N 81 7.85 -38.44 83.43
N ALA N 82 9.16 -38.26 83.29
CA ALA N 82 10.09 -38.58 84.37
C ALA N 82 9.96 -37.53 85.46
N ILE N 83 9.17 -37.84 86.49
CA ILE N 83 8.89 -36.90 87.56
C ILE N 83 8.69 -37.70 88.84
N GLU N 84 9.02 -37.10 89.97
CA GLU N 84 9.09 -37.83 91.22
C GLU N 84 7.72 -37.93 91.91
N GLY N 85 7.48 -39.09 92.50
CA GLY N 85 6.31 -39.33 93.32
C GLY N 85 5.09 -39.83 92.57
N ARG N 86 4.14 -40.32 93.36
CA ARG N 86 2.92 -40.97 92.88
C ARG N 86 1.78 -39.99 92.65
N TYR N 87 2.05 -38.69 92.71
CA TYR N 87 0.99 -37.70 92.61
C TYR N 87 0.32 -37.72 91.24
N ASN N 88 -0.93 -37.27 91.21
CA ASN N 88 -1.75 -37.20 90.01
C ASN N 88 -1.32 -36.03 89.12
N PHE N 89 -0.07 -36.05 88.69
CA PHE N 89 0.42 -34.98 87.83
C PHE N 89 -0.38 -34.91 86.53
N PHE N 90 -0.43 -33.70 85.95
CA PHE N 90 -1.16 -33.45 84.71
C PHE N 90 -2.66 -33.72 84.79
N SER N 91 -3.17 -34.06 85.98
CA SER N 91 -4.51 -34.61 86.06
C SER N 91 -5.59 -33.54 85.85
N GLY N 92 -5.22 -32.26 85.93
CA GLY N 92 -6.12 -31.19 85.53
C GLY N 92 -6.57 -31.24 84.09
N SER N 93 -5.81 -31.89 83.22
CA SER N 93 -6.24 -32.06 81.83
C SER N 93 -7.52 -32.89 81.71
N LEU N 94 -7.82 -33.72 82.71
CA LEU N 94 -9.06 -34.49 82.69
C LEU N 94 -10.28 -33.61 82.49
N SER N 95 -10.34 -32.48 83.22
CA SER N 95 -11.49 -31.60 83.14
C SER N 95 -11.78 -31.08 81.74
N THR N 96 -10.81 -31.18 80.81
CA THR N 96 -11.02 -30.71 79.45
C THR N 96 -10.85 -31.78 78.38
N ASP N 97 -10.19 -32.90 78.70
CA ASP N 97 -10.13 -34.01 77.75
C ASP N 97 -11.44 -34.78 77.69
N PHE N 98 -12.12 -34.96 78.82
CA PHE N 98 -13.24 -35.88 78.92
C PHE N 98 -14.45 -35.17 79.53
N ASP N 99 -15.63 -35.63 79.12
CA ASP N 99 -16.87 -35.15 79.71
C ASP N 99 -16.98 -35.60 81.16
N SER N 100 -17.42 -34.66 82.02
CA SER N 100 -17.31 -34.87 83.46
C SER N 100 -18.11 -36.09 83.91
N ASN N 101 -19.31 -36.27 83.36
CA ASN N 101 -20.07 -37.49 83.63
C ASN N 101 -19.29 -38.74 83.22
N SER N 102 -18.52 -38.65 82.14
CA SER N 102 -17.84 -39.83 81.60
C SER N 102 -16.61 -40.20 82.41
N LEU N 103 -16.02 -39.23 83.11
CA LEU N 103 -15.05 -39.57 84.15
C LEU N 103 -15.70 -40.28 85.32
N ARG N 104 -16.90 -39.84 85.71
CA ARG N 104 -17.61 -40.46 86.82
C ARG N 104 -18.23 -41.80 86.42
N ASN N 105 -18.50 -42.02 85.14
CA ASN N 105 -19.11 -43.26 84.67
C ASN N 105 -18.09 -44.40 84.71
N ALA N 106 -18.28 -45.35 85.63
CA ALA N 106 -17.39 -46.50 85.76
C ALA N 106 -17.44 -47.49 84.60
N GLU N 107 -18.38 -47.37 83.66
CA GLU N 107 -18.34 -48.20 82.46
C GLU N 107 -17.33 -47.72 81.42
N ASN N 108 -16.66 -46.61 81.63
CA ASN N 108 -15.76 -46.07 80.61
C ASN N 108 -14.31 -46.50 80.87
N GLU N 109 -13.59 -46.69 79.77
CA GLU N 109 -12.13 -46.74 79.74
C GLU N 109 -11.60 -45.68 78.78
N PHE N 110 -10.39 -45.20 79.07
CA PHE N 110 -9.92 -43.91 78.57
C PHE N 110 -8.63 -44.08 77.79
N THR N 111 -8.54 -43.38 76.66
CA THR N 111 -7.34 -43.37 75.82
C THR N 111 -7.10 -41.95 75.33
N ARG N 112 -5.83 -41.53 75.38
CA ARG N 112 -5.40 -40.27 74.79
C ARG N 112 -4.27 -40.52 73.79
N ILE N 113 -4.52 -40.17 72.53
CA ILE N 113 -3.58 -40.40 71.43
C ILE N 113 -3.06 -39.04 70.99
N GLN N 114 -1.76 -38.79 71.22
CA GLN N 114 -1.11 -37.53 70.86
C GLN N 114 -0.03 -37.80 69.83
N GLN N 115 -0.17 -37.19 68.63
CA GLN N 115 0.92 -37.12 67.66
C GLN N 115 1.63 -35.78 67.79
N SER N 116 2.79 -35.78 68.46
CA SER N 116 3.65 -34.61 68.49
C SER N 116 4.38 -34.42 67.16
N ILE N 117 4.30 -33.22 66.60
CA ILE N 117 5.11 -32.86 65.43
C ILE N 117 6.31 -32.04 65.88
N ASN N 118 7.37 -32.71 66.35
CA ASN N 118 8.53 -32.03 66.88
C ASN N 118 9.30 -31.27 65.80
N LEU N 119 9.86 -30.13 66.17
CA LEU N 119 10.80 -29.40 65.33
C LEU N 119 12.16 -29.25 65.99
N TRP N 120 12.22 -28.65 67.17
CA TRP N 120 13.46 -28.48 67.92
C TRP N 120 13.12 -28.55 69.40
N SER N 121 14.16 -28.68 70.22
CA SER N 121 13.95 -28.73 71.65
C SER N 121 15.03 -27.92 72.38
N LEU N 122 14.59 -27.14 73.35
CA LEU N 122 15.46 -26.27 74.13
C LEU N 122 15.70 -26.88 75.49
N ARG N 123 16.95 -26.90 75.93
CA ARG N 123 17.36 -27.51 77.18
C ARG N 123 18.07 -26.47 78.03
N LEU N 124 17.91 -26.60 79.35
CA LEU N 124 18.48 -25.62 80.29
C LEU N 124 19.18 -26.37 81.41
N PRO N 125 20.48 -26.18 81.60
CA PRO N 125 21.21 -27.00 82.56
C PRO N 125 21.01 -26.53 84.00
N SER N 126 21.14 -27.49 84.91
CA SER N 126 20.95 -27.27 86.35
C SER N 126 22.14 -26.59 87.01
N VAL N 127 22.88 -25.76 86.27
CA VAL N 127 24.07 -25.14 86.83
C VAL N 127 23.70 -24.08 87.86
N LYS N 128 24.60 -23.89 88.82
CA LYS N 128 24.39 -22.95 89.92
C LYS N 128 24.24 -21.49 89.46
N SER N 129 24.75 -21.14 88.28
CA SER N 129 24.61 -19.77 87.80
C SER N 129 23.20 -19.42 87.32
N LEU N 130 22.26 -20.37 87.32
CA LEU N 130 20.88 -20.03 86.96
C LEU N 130 20.35 -18.89 87.81
N ARG N 131 20.62 -18.94 89.12
CA ARG N 131 20.21 -17.87 90.02
C ARG N 131 20.59 -16.48 89.51
N GLU N 132 21.74 -16.37 88.85
CA GLU N 132 22.18 -15.07 88.36
C GLU N 132 21.31 -14.57 87.21
N LEU N 133 20.69 -15.47 86.45
CA LEU N 133 19.81 -15.07 85.36
C LEU N 133 18.37 -14.80 85.76
N MET N 134 17.95 -15.11 86.97
CA MET N 134 16.57 -14.79 87.36
C MET N 134 16.33 -13.28 87.26
N LEU N 135 15.10 -12.92 86.89
CA LEU N 135 14.66 -11.55 86.98
C LEU N 135 14.77 -11.05 88.43
N PRO N 136 15.19 -9.81 88.64
CA PRO N 136 15.46 -9.35 90.02
C PRO N 136 14.27 -9.44 90.96
N HIS N 137 13.06 -9.08 90.49
CA HIS N 137 11.89 -9.18 91.35
C HIS N 137 11.51 -10.62 91.65
N MET N 138 11.70 -11.52 90.69
CA MET N 138 11.46 -12.93 90.95
C MET N 138 12.45 -13.48 91.98
N ARG N 139 13.73 -13.17 91.81
CA ARG N 139 14.73 -13.55 92.81
C ARG N 139 14.44 -12.92 94.16
N GLN N 140 14.10 -11.63 94.18
CA GLN N 140 13.77 -10.97 95.44
C GLN N 140 12.58 -11.63 96.13
N GLN N 141 11.54 -11.97 95.35
CA GLN N 141 10.37 -12.61 95.93
C GLN N 141 10.72 -13.98 96.52
N LEU N 142 11.51 -14.77 95.80
CA LEU N 142 11.93 -16.07 96.30
C LEU N 142 12.85 -15.92 97.51
N ASP N 143 13.72 -14.91 97.52
CA ASP N 143 14.65 -14.73 98.63
C ASP N 143 13.94 -14.27 99.91
N GLU N 144 12.86 -13.50 99.78
CA GLU N 144 12.12 -13.04 100.94
C GLU N 144 10.96 -13.95 101.34
N LEU N 145 10.78 -15.08 100.67
CA LEU N 145 9.69 -15.99 101.01
C LEU N 145 9.81 -16.45 102.45
N ASN N 146 8.78 -16.17 103.25
CA ASN N 146 8.74 -16.53 104.67
C ASN N 146 8.39 -18.00 104.81
N VAL N 147 9.40 -18.85 104.67
CA VAL N 147 9.21 -20.30 104.76
C VAL N 147 8.83 -20.77 106.15
N ASN N 148 8.82 -19.86 107.14
CA ASN N 148 8.27 -20.15 108.45
C ASN N 148 6.74 -20.22 108.47
N ASP N 149 6.07 -19.78 107.41
CA ASP N 149 4.62 -19.93 107.29
C ASP N 149 4.29 -20.89 106.16
N PRO N 150 3.69 -22.04 106.45
CA PRO N 150 3.27 -22.95 105.37
C PRO N 150 2.37 -22.29 104.34
N LYS N 151 1.49 -21.39 104.76
CA LYS N 151 0.59 -20.75 103.82
C LYS N 151 1.33 -19.89 102.81
N ALA N 152 2.43 -19.26 103.23
CA ALA N 152 3.24 -18.49 102.30
C ALA N 152 3.87 -19.39 101.24
N ILE N 153 4.46 -20.52 101.66
CA ILE N 153 5.03 -21.46 100.70
C ILE N 153 3.93 -22.00 99.79
N SER N 154 2.81 -22.41 100.38
CA SER N 154 1.71 -22.94 99.58
C SER N 154 1.21 -21.91 98.57
N ARG N 155 1.07 -20.66 99.00
CA ARG N 155 0.71 -19.60 98.06
C ARG N 155 1.79 -19.39 97.01
N TYR N 156 3.07 -19.48 97.39
CA TYR N 156 4.13 -19.37 96.40
C TYR N 156 4.06 -20.47 95.36
N PHE N 157 3.94 -21.73 95.78
CA PHE N 157 3.78 -22.81 94.82
C PHE N 157 2.53 -22.63 93.97
N ASP N 158 1.43 -22.21 94.58
CA ASP N 158 0.22 -21.90 93.82
C ASP N 158 0.42 -20.74 92.85
N ARG N 159 0.98 -19.63 93.34
CA ARG N 159 1.04 -18.42 92.54
C ARG N 159 2.18 -18.47 91.51
N VAL N 160 3.29 -19.10 91.85
CA VAL N 160 4.47 -19.08 90.99
C VAL N 160 4.73 -20.43 90.32
N GLY N 161 4.13 -21.51 90.80
CA GLY N 161 4.47 -22.84 90.37
C GLY N 161 5.49 -23.50 91.29
N SER N 162 5.46 -24.82 91.29
CA SER N 162 6.40 -25.61 92.09
C SER N 162 7.67 -25.98 91.33
N HIS N 163 7.64 -25.95 90.01
CA HIS N 163 8.76 -26.33 89.17
C HIS N 163 8.98 -25.24 88.13
N PHE N 164 10.07 -25.36 87.37
CA PHE N 164 10.23 -24.55 86.17
C PHE N 164 10.74 -25.42 85.04
N LEU N 165 10.36 -25.05 83.83
CA LEU N 165 10.66 -25.84 82.64
C LEU N 165 12.16 -25.82 82.33
N THR N 166 12.74 -27.00 82.17
CA THR N 166 14.11 -27.15 81.71
C THR N 166 14.23 -27.93 80.41
N GLY N 167 13.18 -28.61 79.98
CA GLY N 167 13.20 -29.28 78.70
C GLY N 167 11.94 -28.94 77.92
N ILE N 168 12.11 -28.42 76.71
CA ILE N 168 11.01 -27.97 75.87
C ILE N 168 11.17 -28.58 74.49
N VAL N 169 10.08 -29.11 73.94
CA VAL N 169 10.03 -29.46 72.53
C VAL N 169 9.07 -28.48 71.86
N MET N 170 9.52 -27.82 70.80
CA MET N 170 8.65 -26.88 70.10
C MET N 170 8.18 -27.50 68.79
N GLY N 171 6.87 -27.49 68.58
CA GLY N 171 6.32 -27.98 67.33
C GLY N 171 4.82 -27.81 67.26
N GLY N 172 4.16 -28.91 66.91
CA GLY N 172 2.71 -28.97 66.88
C GLY N 172 2.27 -30.25 67.58
N ARG N 173 0.99 -30.33 67.90
CA ARG N 173 0.41 -31.62 68.25
C ARG N 173 -1.06 -31.64 67.87
N ALA N 174 -1.52 -32.81 67.43
CA ALA N 174 -2.93 -33.13 67.34
C ALA N 174 -3.24 -34.22 68.35
N ILE N 175 -4.32 -34.07 69.09
CA ILE N 175 -4.70 -35.02 70.12
C ILE N 175 -6.12 -35.50 69.84
N LEU N 176 -6.34 -36.80 70.00
CA LEU N 176 -7.67 -37.36 70.16
C LEU N 176 -7.76 -38.02 71.53
N ALA N 177 -8.71 -37.56 72.35
CA ALA N 177 -9.02 -38.17 73.62
C ALA N 177 -10.40 -38.81 73.54
N SER N 178 -10.53 -40.01 74.10
CA SER N 178 -11.77 -40.76 73.98
C SER N 178 -12.02 -41.54 75.26
N SER N 179 -13.29 -41.63 75.64
CA SER N 179 -13.76 -42.52 76.69
C SER N 179 -14.78 -43.48 76.09
N THR N 180 -14.59 -44.77 76.36
CA THR N 180 -15.25 -45.84 75.61
C THR N 180 -15.93 -46.78 76.58
N ASN N 181 -17.16 -47.18 76.25
CA ASN N 181 -17.91 -48.10 77.09
C ASN N 181 -17.26 -49.47 77.02
N LYS N 182 -16.47 -49.81 78.05
CA LYS N 182 -15.67 -51.02 78.04
C LYS N 182 -16.50 -52.29 78.16
N LEU N 183 -17.79 -52.18 78.49
CA LEU N 183 -18.67 -53.33 78.52
C LEU N 183 -19.21 -53.72 77.16
N ARG N 184 -19.15 -52.84 76.16
CA ARG N 184 -19.89 -53.03 74.92
C ARG N 184 -19.07 -52.89 73.65
N VAL N 185 -17.93 -52.20 73.67
CA VAL N 185 -17.04 -52.17 72.53
C VAL N 185 -16.45 -53.56 72.27
N LYS N 186 -16.23 -53.87 70.99
CA LYS N 186 -15.58 -55.12 70.61
C LYS N 186 -14.22 -55.28 71.26
N ARG N 187 -13.94 -56.49 71.73
CA ARG N 187 -12.70 -56.83 72.41
C ARG N 187 -11.70 -57.54 71.51
N ASP N 188 -11.90 -57.50 70.19
CA ASP N 188 -10.95 -58.13 69.27
C ASP N 188 -9.55 -57.54 69.41
N TYR N 189 -9.45 -56.25 69.69
CA TYR N 189 -8.17 -55.59 69.89
C TYR N 189 -8.23 -54.72 71.14
N SER N 190 -7.05 -54.41 71.69
CA SER N 190 -6.98 -53.45 72.76
C SER N 190 -7.45 -52.08 72.27
N VAL N 191 -8.06 -51.31 73.18
CA VAL N 191 -8.70 -50.08 72.78
C VAL N 191 -7.68 -49.04 72.35
N SER N 192 -6.47 -49.10 72.90
CA SER N 192 -5.39 -48.25 72.40
C SER N 192 -5.05 -48.54 70.94
N VAL N 193 -5.21 -49.79 70.50
CA VAL N 193 -4.94 -50.11 69.10
C VAL N 193 -6.00 -49.52 68.19
N VAL N 194 -7.28 -49.71 68.52
CA VAL N 194 -8.35 -49.13 67.73
C VAL N 194 -8.51 -47.63 67.96
N ALA N 195 -8.11 -47.13 69.13
CA ALA N 195 -7.98 -45.69 69.31
C ALA N 195 -6.96 -45.10 68.35
N LYS N 196 -5.73 -45.64 68.34
CA LYS N 196 -4.71 -45.16 67.43
C LYS N 196 -5.13 -45.36 65.98
N ALA N 197 -5.70 -46.52 65.65
CA ALA N 197 -6.13 -46.79 64.29
C ALA N 197 -7.22 -45.85 63.83
N SER N 198 -8.15 -45.50 64.73
CA SER N 198 -9.19 -44.54 64.38
C SER N 198 -8.66 -43.11 64.32
N TYR N 199 -7.71 -42.76 65.20
CA TYR N 199 -7.00 -41.50 65.03
C TYR N 199 -6.31 -41.42 63.68
N GLU N 200 -5.60 -42.48 63.29
CA GLU N 200 -5.00 -42.53 61.96
C GLU N 200 -6.06 -42.46 60.87
N GLY N 201 -7.23 -43.08 61.10
CA GLY N 201 -8.31 -42.96 60.14
C GLY N 201 -8.82 -41.54 59.99
N LEU N 202 -9.03 -40.84 61.12
CA LEU N 202 -9.51 -39.46 61.06
C LEU N 202 -8.50 -38.54 60.40
N THR N 203 -7.21 -38.79 60.61
CA THR N 203 -6.17 -37.98 59.98
C THR N 203 -5.76 -38.49 58.60
N GLY N 204 -6.29 -39.64 58.17
CA GLY N 204 -5.95 -40.20 56.88
C GLY N 204 -4.65 -40.98 56.84
N GLN N 205 -3.98 -41.14 57.98
CA GLN N 205 -2.72 -41.86 58.04
C GLN N 205 -2.90 -43.37 57.97
N LEU N 206 -4.12 -43.87 58.15
CA LEU N 206 -4.38 -45.31 58.13
C LEU N 206 -4.29 -45.84 56.70
N SER N 207 -3.48 -46.88 56.51
CA SER N 207 -3.29 -47.44 55.18
C SER N 207 -4.50 -48.27 54.73
N ALA N 208 -4.50 -48.56 53.43
CA ALA N 208 -5.52 -49.40 52.80
C ALA N 208 -5.71 -50.76 53.48
N GLU N 209 -4.61 -51.46 53.76
CA GLU N 209 -4.74 -52.73 54.49
C GLU N 209 -5.11 -52.54 55.95
N ALA N 210 -4.60 -51.50 56.60
CA ALA N 210 -4.97 -51.28 58.00
C ALA N 210 -6.42 -50.80 58.09
N LYS N 211 -6.83 -49.96 57.14
CA LYS N 211 -8.21 -49.52 57.03
C LYS N 211 -9.21 -50.68 56.93
N ALA N 212 -8.92 -51.67 56.09
CA ALA N 212 -9.70 -52.92 56.13
C ALA N 212 -9.61 -53.63 57.47
N LYS N 213 -8.40 -53.86 57.98
CA LYS N 213 -8.28 -54.66 59.20
C LYS N 213 -8.93 -54.00 60.40
N TYR N 214 -8.57 -52.75 60.67
CA TYR N 214 -9.19 -51.96 61.74
C TYR N 214 -10.59 -51.46 61.41
N GLY N 215 -10.89 -51.27 60.13
CA GLY N 215 -12.11 -50.54 59.75
C GLY N 215 -13.39 -51.04 60.38
N GLU N 216 -13.57 -52.35 60.46
CA GLU N 216 -14.73 -52.88 61.19
C GLU N 216 -14.60 -52.71 62.70
N SER N 217 -13.38 -52.76 63.25
CA SER N 217 -13.21 -52.56 64.69
C SER N 217 -13.38 -51.11 65.12
N ILE N 218 -13.00 -50.15 64.27
CA ILE N 218 -13.05 -48.74 64.64
C ILE N 218 -14.48 -48.18 64.66
N SER N 219 -15.37 -48.72 63.82
CA SER N 219 -16.77 -48.31 63.91
C SER N 219 -17.40 -48.66 65.25
N SER N 220 -17.15 -49.85 65.78
CA SER N 220 -17.61 -50.17 67.12
C SER N 220 -17.01 -49.22 68.15
N PHE N 221 -15.70 -48.99 68.07
CA PHE N 221 -15.06 -47.99 68.92
C PHE N 221 -15.66 -46.61 68.73
N THR N 222 -15.95 -46.22 67.50
CA THR N 222 -16.45 -44.88 67.23
C THR N 222 -17.81 -44.62 67.86
N GLN N 223 -18.76 -45.53 67.66
CA GLN N 223 -20.11 -45.31 68.17
C GLN N 223 -20.19 -45.42 69.69
N TYR N 224 -19.38 -46.27 70.31
CA TYR N 224 -19.40 -46.46 71.74
C TYR N 224 -18.43 -45.57 72.51
N SER N 225 -17.93 -44.49 71.89
CA SER N 225 -16.97 -43.64 72.59
C SER N 225 -17.18 -42.19 72.19
N ASN N 226 -16.78 -41.30 73.10
CA ASN N 226 -16.89 -39.85 72.94
C ASN N 226 -15.51 -39.28 72.67
N THR N 227 -15.15 -39.15 71.40
CA THR N 227 -13.83 -38.70 71.00
C THR N 227 -13.78 -37.18 71.04
N HIS N 228 -13.12 -36.63 72.06
CA HIS N 228 -12.68 -35.24 72.02
C HIS N 228 -11.47 -35.09 71.10
N GLN N 229 -11.46 -34.00 70.33
CA GLN N 229 -10.38 -33.70 69.40
C GLN N 229 -9.87 -32.29 69.64
N GLU N 230 -8.54 -32.14 69.63
CA GLU N 230 -7.93 -30.82 69.71
C GLU N 230 -6.62 -30.84 68.95
N VAL N 231 -6.14 -29.65 68.60
CA VAL N 231 -4.91 -29.48 67.84
C VAL N 231 -4.23 -28.19 68.29
N ARG N 232 -2.91 -28.18 68.22
CA ARG N 232 -2.11 -27.11 68.81
C ARG N 232 -0.87 -26.88 67.95
N GLY N 233 -0.41 -25.64 67.94
CA GLY N 233 0.59 -25.22 66.98
C GLY N 233 0.12 -25.19 65.54
N GLY N 234 0.91 -24.57 64.68
CA GLY N 234 0.55 -24.40 63.29
C GLY N 234 -0.49 -23.32 63.08
N ASP N 235 -0.87 -23.15 61.82
CA ASP N 235 -1.84 -22.13 61.44
C ASP N 235 -3.24 -22.55 61.90
N GLY N 236 -3.82 -21.75 62.80
CA GLY N 236 -5.17 -22.02 63.29
C GLY N 236 -6.23 -22.02 62.21
N ALA N 237 -5.97 -21.36 61.08
CA ALA N 237 -6.86 -21.45 59.94
C ALA N 237 -6.76 -22.78 59.21
N LYS N 238 -5.71 -23.56 59.44
CA LYS N 238 -5.58 -24.89 58.87
C LYS N 238 -5.65 -25.98 59.93
N ALA N 239 -5.70 -25.61 61.21
CA ALA N 239 -5.67 -26.60 62.27
C ALA N 239 -6.90 -27.50 62.23
N HIS N 240 -8.07 -26.94 61.94
CA HIS N 240 -9.30 -27.70 61.89
C HIS N 240 -9.34 -28.72 60.75
N GLY N 241 -8.50 -28.53 59.73
CA GLY N 241 -8.39 -29.49 58.63
C GLY N 241 -7.69 -30.79 58.97
N VAL N 242 -6.99 -30.87 60.11
CA VAL N 242 -6.19 -32.06 60.37
C VAL N 242 -7.06 -33.29 60.56
N PHE N 243 -8.25 -33.13 61.13
CA PHE N 243 -9.19 -34.24 61.28
C PHE N 243 -10.19 -34.31 60.15
N SER N 244 -9.87 -33.70 59.01
CA SER N 244 -10.74 -33.66 57.84
C SER N 244 -10.78 -34.99 57.10
N GLY N 245 -10.08 -36.02 57.58
CA GLY N 245 -10.05 -37.30 56.91
C GLY N 245 -9.20 -37.35 55.66
N LYS N 246 -8.48 -36.28 55.34
CA LYS N 246 -7.77 -36.15 54.07
C LYS N 246 -6.32 -35.79 54.35
N LYS N 247 -5.41 -36.58 53.80
CA LYS N 247 -3.98 -36.38 54.06
C LYS N 247 -3.50 -35.01 53.62
N GLU N 248 -4.00 -34.50 52.51
CA GLU N 248 -3.58 -33.18 52.03
C GLU N 248 -3.90 -32.08 53.03
N ASP N 249 -5.02 -32.20 53.75
CA ASP N 249 -5.34 -31.22 54.77
C ASP N 249 -4.45 -31.37 56.00
N PHE N 250 -4.20 -32.60 56.44
CA PHE N 250 -3.28 -32.84 57.54
C PHE N 250 -1.86 -32.36 57.23
N GLN N 251 -1.34 -32.72 56.05
CA GLN N 251 -0.01 -32.26 55.67
C GLN N 251 0.05 -30.74 55.52
N ALA N 252 -1.01 -30.12 55.01
CA ALA N 252 -1.07 -28.67 54.96
C ALA N 252 -0.96 -28.00 56.32
N TRP N 253 -1.49 -28.64 57.37
CA TRP N 253 -1.25 -28.16 58.73
C TRP N 253 0.20 -28.38 59.16
N VAL N 254 0.72 -29.58 58.95
CA VAL N 254 2.12 -29.87 59.29
C VAL N 254 3.05 -28.87 58.63
N ASP N 255 2.80 -28.55 57.36
CA ASP N 255 3.61 -27.56 56.67
C ASP N 255 3.51 -26.17 57.29
N SER N 256 2.51 -25.92 58.14
CA SER N 256 2.42 -24.65 58.84
C SER N 256 2.97 -24.69 60.26
N VAL N 257 3.09 -25.87 60.87
CA VAL N 257 3.69 -25.97 62.20
C VAL N 257 5.12 -25.46 62.18
N SER N 258 5.85 -25.72 61.09
CA SER N 258 7.23 -25.25 60.98
C SER N 258 7.35 -23.73 61.08
N ALA N 259 6.35 -23.00 60.61
CA ALA N 259 6.40 -21.53 60.73
C ALA N 259 6.05 -21.04 62.12
N SER N 260 5.11 -21.68 62.81
CA SER N 260 4.53 -21.14 64.05
C SER N 260 4.39 -22.26 65.09
N PRO N 261 5.50 -22.77 65.59
CA PRO N 261 5.44 -23.86 66.57
C PRO N 261 5.05 -23.39 67.95
N ASP N 262 4.57 -24.32 68.75
CA ASP N 262 4.23 -24.10 70.15
C ASP N 262 4.90 -25.15 71.03
N PHE N 263 4.93 -24.87 72.32
CA PHE N 263 5.27 -25.85 73.35
C PHE N 263 4.27 -27.00 73.40
N VAL N 264 4.71 -28.20 72.98
CA VAL N 264 3.82 -29.32 72.75
C VAL N 264 4.22 -30.54 73.58
N ASP N 265 5.49 -30.64 73.95
CA ASP N 265 5.95 -31.83 74.66
C ASP N 265 7.18 -31.51 75.48
N PHE N 266 7.49 -32.39 76.42
CA PHE N 266 8.71 -32.33 77.22
C PHE N 266 9.83 -33.14 76.59
N VAL N 267 11.07 -32.74 76.89
CA VAL N 267 12.25 -33.58 76.68
C VAL N 267 12.32 -34.63 77.79
N PRO N 268 12.30 -35.93 77.45
CA PRO N 268 12.07 -36.95 78.49
C PRO N 268 13.09 -36.95 79.61
N THR N 269 14.32 -36.52 79.34
CA THR N 269 15.40 -36.66 80.32
C THR N 269 15.35 -35.59 81.42
N ILE N 270 14.91 -34.38 81.09
CA ILE N 270 15.11 -33.23 81.98
C ILE N 270 13.92 -32.29 81.85
N PRO N 271 12.68 -32.78 82.02
CA PRO N 271 11.52 -31.96 81.65
C PRO N 271 11.39 -30.68 82.47
N MET N 272 11.53 -30.77 83.79
CA MET N 272 11.45 -29.59 84.64
C MET N 272 12.23 -29.80 85.93
N GLN N 273 12.60 -28.68 86.56
CA GLN N 273 13.41 -28.67 87.77
C GLN N 273 12.61 -28.05 88.91
N GLU N 274 12.84 -28.56 90.12
CA GLU N 274 12.16 -28.03 91.29
C GLU N 274 12.58 -26.60 91.60
N ILE N 275 11.61 -25.80 92.07
CA ILE N 275 11.80 -24.37 92.26
C ILE N 275 12.82 -24.05 93.34
N TRP N 276 12.89 -24.86 94.39
CA TRP N 276 13.91 -24.69 95.42
C TRP N 276 15.32 -25.05 94.97
N THR N 277 15.51 -25.49 93.74
CA THR N 277 16.85 -25.50 93.16
C THR N 277 17.43 -24.09 93.08
N LEU N 278 16.58 -23.07 92.95
CA LEU N 278 17.02 -21.69 92.77
C LEU N 278 17.21 -20.91 94.06
N CYS N 279 16.69 -21.37 95.20
CA CYS N 279 16.85 -20.60 96.43
C CYS N 279 18.26 -20.73 96.96
N SER N 280 18.77 -19.63 97.53
CA SER N 280 20.18 -19.54 97.89
C SER N 280 20.52 -20.30 99.18
N SER N 281 19.57 -20.51 100.07
CA SER N 281 19.84 -21.16 101.35
C SER N 281 19.33 -22.60 101.35
N GLU N 282 20.21 -23.53 101.72
CA GLU N 282 19.82 -24.92 101.86
C GLU N 282 18.75 -25.10 102.94
N ALA N 283 18.79 -24.28 103.99
CA ALA N 283 17.74 -24.31 105.00
C ALA N 283 16.41 -23.82 104.44
N GLN N 284 16.43 -22.89 103.50
CA GLN N 284 15.20 -22.53 102.80
C GLN N 284 14.74 -23.66 101.89
N ALA N 285 15.68 -24.27 101.16
CA ALA N 285 15.33 -25.39 100.28
C ALA N 285 14.72 -26.54 101.06
N GLU N 286 15.28 -26.87 102.23
CA GLU N 286 14.72 -27.90 103.08
C GLU N 286 13.28 -27.60 103.48
N ALA N 287 13.01 -26.36 103.90
CA ALA N 287 11.64 -26.00 104.26
C ALA N 287 10.70 -26.07 103.06
N MET N 288 11.12 -25.55 101.91
CA MET N 288 10.28 -25.60 100.72
C MET N 288 10.05 -27.04 100.25
N ARG N 289 11.12 -27.81 100.11
CA ARG N 289 10.98 -29.22 99.71
C ARG N 289 10.13 -30.00 100.70
N LYS N 290 10.37 -29.81 102.00
CA LYS N 290 9.55 -30.47 103.01
C LYS N 290 8.08 -30.08 102.90
N HIS N 291 7.78 -28.80 102.70
CA HIS N 291 6.40 -28.40 102.49
C HIS N 291 5.83 -28.97 101.19
N TYR N 292 6.61 -28.99 100.12
CA TYR N 292 6.09 -29.43 98.83
C TYR N 292 5.51 -30.83 98.90
N ASP N 293 6.23 -31.76 99.53
CA ASP N 293 5.85 -33.17 99.51
C ASP N 293 5.12 -33.61 100.77
N ASP N 294 5.26 -32.87 101.87
CA ASP N 294 4.48 -33.16 103.07
C ASP N 294 3.07 -32.61 103.00
N VAL N 295 2.85 -31.52 102.26
CA VAL N 295 1.58 -30.81 102.32
C VAL N 295 1.03 -30.55 100.92
N TRP N 296 1.76 -29.78 100.13
CA TRP N 296 1.17 -29.19 98.93
C TRP N 296 0.90 -30.23 97.85
N ALA N 297 1.91 -31.02 97.49
CA ALA N 297 1.70 -32.05 96.48
C ALA N 297 0.70 -33.12 96.89
N PRO N 298 0.66 -33.59 98.14
CA PRO N 298 -0.48 -34.42 98.57
C PRO N 298 -1.84 -33.79 98.36
N ALA N 299 -2.04 -32.58 98.88
CA ALA N 299 -3.33 -31.90 98.73
C ALA N 299 -3.69 -31.69 97.26
N GLN N 300 -2.73 -31.25 96.46
CA GLN N 300 -3.01 -31.08 95.03
C GLN N 300 -3.36 -32.40 94.36
N SER N 301 -2.64 -33.47 94.68
CA SER N 301 -2.97 -34.77 94.09
C SER N 301 -4.37 -35.23 94.51
N GLU N 302 -4.71 -35.05 95.79
CA GLU N 302 -6.03 -35.46 96.27
C GLU N 302 -7.15 -34.64 95.64
N LYS N 303 -6.92 -33.34 95.47
CA LYS N 303 -7.92 -32.47 94.86
C LYS N 303 -8.14 -32.76 93.39
N TYR N 304 -7.43 -33.73 92.82
CA TYR N 304 -7.64 -34.17 91.43
C TYR N 304 -8.08 -35.63 91.36
N ARG N 305 -8.43 -36.21 92.51
CA ARG N 305 -8.95 -37.56 92.55
C ARG N 305 -10.44 -37.56 92.25
N VAL N 306 -10.88 -38.47 91.37
CA VAL N 306 -12.23 -38.43 90.81
C VAL N 306 -13.03 -39.59 91.39
N LYS N 307 -14.19 -39.27 91.98
CA LYS N 307 -15.14 -40.27 92.42
C LYS N 307 -15.86 -40.88 91.23
N ALA N 308 -16.37 -42.09 91.42
CA ALA N 308 -17.35 -42.63 90.49
C ALA N 308 -18.77 -42.32 90.94
N ASN N 309 -19.68 -42.29 89.99
CA ASN N 309 -21.11 -42.27 90.30
C ASN N 309 -21.50 -43.53 91.05
N TYR N 310 -22.57 -43.42 91.86
CA TYR N 310 -23.03 -44.53 92.67
C TYR N 310 -24.56 -44.61 92.66
N ILE N 311 -25.06 -45.81 92.90
CA ILE N 311 -26.50 -46.04 92.99
C ILE N 311 -27.01 -45.55 94.34
N ASP N 312 -28.05 -44.72 94.30
CA ASP N 312 -28.71 -44.27 95.52
C ASP N 312 -30.15 -44.71 95.67
N GLN N 313 -30.81 -45.16 94.60
CA GLN N 313 -32.21 -45.59 94.71
C GLN N 313 -32.51 -46.63 93.63
N LEU N 314 -33.30 -47.63 94.01
CA LEU N 314 -33.76 -48.67 93.11
C LEU N 314 -35.29 -48.72 93.10
N VAL N 315 -35.86 -49.06 91.94
CA VAL N 315 -37.29 -49.28 91.80
C VAL N 315 -37.51 -50.40 90.80
N VAL N 316 -38.68 -51.03 90.89
CA VAL N 316 -39.10 -52.07 89.96
C VAL N 316 -40.36 -51.61 89.25
N ILE N 317 -40.45 -51.88 87.95
CA ILE N 317 -41.61 -51.52 87.14
C ILE N 317 -42.13 -52.77 86.44
N THR N 318 -43.46 -52.87 86.34
CA THR N 318 -44.14 -54.04 85.86
C THR N 318 -45.19 -53.64 84.83
N GLY N 319 -45.38 -54.48 83.83
CA GLY N 319 -46.39 -54.22 82.82
C GLY N 319 -46.42 -55.29 81.77
N GLY N 320 -47.30 -55.07 80.78
CA GLY N 320 -47.68 -56.03 79.79
C GLY N 320 -46.87 -56.09 78.51
N SER N 321 -45.77 -55.35 78.40
CA SER N 321 -45.00 -55.37 77.16
C SER N 321 -43.53 -55.11 77.46
N SER N 322 -42.69 -55.48 76.50
CA SER N 322 -41.24 -55.34 76.65
C SER N 322 -40.83 -53.88 76.81
N THR N 323 -41.64 -52.95 76.30
CA THR N 323 -41.22 -51.57 76.13
C THR N 323 -41.71 -50.66 77.24
N ILE N 324 -42.25 -51.23 78.32
CA ILE N 324 -42.57 -50.44 79.50
C ILE N 324 -41.31 -49.74 79.99
N GLU N 325 -41.49 -48.62 80.68
CA GLU N 325 -40.44 -47.62 80.80
C GLU N 325 -40.47 -46.99 82.18
N PRO N 326 -39.32 -46.72 82.78
CA PRO N 326 -39.28 -46.31 84.19
C PRO N 326 -39.81 -44.91 84.39
N PRO N 327 -40.02 -44.50 85.63
CA PRO N 327 -40.16 -43.07 85.93
C PRO N 327 -38.93 -42.30 85.48
N VAL N 328 -39.16 -41.05 85.05
CA VAL N 328 -38.19 -40.32 84.25
C VAL N 328 -36.84 -40.21 84.96
N GLY N 329 -36.85 -40.16 86.30
CA GLY N 329 -35.60 -40.06 87.03
C GLY N 329 -34.72 -41.29 86.98
N TYR N 330 -35.27 -42.44 86.62
CA TYR N 330 -34.56 -43.71 86.67
C TYR N 330 -34.19 -44.18 85.27
N SER N 331 -33.26 -45.13 85.21
CA SER N 331 -32.91 -45.85 83.99
C SER N 331 -33.04 -47.35 84.23
N LYS N 332 -33.31 -48.07 83.14
CA LYS N 332 -33.80 -49.44 83.22
C LYS N 332 -32.70 -50.45 82.93
N ILE N 333 -32.63 -51.48 83.75
CA ILE N 333 -31.89 -52.70 83.44
C ILE N 333 -32.74 -53.55 82.51
N GLU N 334 -32.30 -53.70 81.27
CA GLU N 334 -33.11 -54.25 80.17
C GLU N 334 -33.36 -55.75 80.28
N TYR N 335 -33.09 -56.47 81.36
CA TYR N 335 -33.32 -57.91 81.43
C TYR N 335 -34.57 -58.18 82.26
N ASP N 336 -35.53 -58.88 81.67
CA ASP N 336 -36.83 -59.09 82.31
C ASP N 336 -36.68 -60.07 83.45
N LEU N 337 -37.10 -59.66 84.66
CA LEU N 337 -37.09 -60.52 85.84
C LEU N 337 -38.15 -61.62 85.79
N ASN N 338 -38.88 -61.76 84.69
CA ASN N 338 -39.66 -62.96 84.41
C ASN N 338 -39.32 -63.56 83.05
N ALA N 339 -38.12 -63.30 82.55
CA ALA N 339 -37.72 -63.82 81.24
C ALA N 339 -37.92 -65.32 81.18
N GLY N 340 -38.76 -65.75 80.25
CA GLY N 340 -39.14 -67.15 80.10
C GLY N 340 -40.13 -67.65 81.12
N ALA N 341 -40.47 -66.85 82.13
CA ALA N 341 -41.41 -67.27 83.17
C ALA N 341 -42.84 -66.83 82.86
N GLY N 342 -43.05 -66.14 81.75
CA GLY N 342 -44.37 -65.62 81.43
C GLY N 342 -44.82 -64.56 82.43
N GLY N 343 -46.14 -64.35 82.44
CA GLY N 343 -46.73 -63.35 83.31
C GLY N 343 -46.50 -61.93 82.83
N ASP N 344 -46.36 -61.02 83.80
CA ASP N 344 -45.95 -59.65 83.51
C ASP N 344 -44.47 -59.58 83.18
N PHE N 345 -44.13 -58.66 82.29
CA PHE N 345 -42.75 -58.18 82.20
C PHE N 345 -42.40 -57.38 83.46
N ILE N 346 -41.20 -57.64 84.00
CA ILE N 346 -40.72 -56.97 85.18
C ILE N 346 -39.30 -56.51 84.93
N TYR N 347 -39.00 -55.26 85.26
CA TYR N 347 -37.66 -54.69 85.11
C TYR N 347 -37.24 -53.98 86.38
N LEU N 348 -35.95 -54.10 86.69
CA LEU N 348 -35.31 -53.39 87.80
C LEU N 348 -34.69 -52.09 87.28
N CYS N 349 -34.93 -51.00 88.01
CA CYS N 349 -34.49 -49.68 87.58
C CYS N 349 -33.76 -49.00 88.72
N TYR N 350 -32.83 -48.10 88.37
CA TYR N 350 -31.95 -47.49 89.35
C TYR N 350 -31.76 -46.01 89.06
N HIS N 351 -31.36 -45.28 90.10
CA HIS N 351 -30.85 -43.92 89.99
C HIS N 351 -29.38 -43.93 90.39
N GLU N 352 -28.53 -43.32 89.55
CA GLU N 352 -27.12 -43.14 89.88
C GLU N 352 -26.85 -41.68 90.22
N GLN N 353 -26.28 -41.45 91.40
CA GLN N 353 -26.14 -40.12 91.98
C GLN N 353 -24.72 -39.60 91.72
N THR N 354 -24.63 -38.35 91.31
CA THR N 354 -23.34 -37.68 91.25
C THR N 354 -22.89 -37.32 92.67
N TRP N 355 -21.65 -37.67 93.00
CA TRP N 355 -21.11 -37.32 94.30
C TRP N 355 -20.89 -35.82 94.43
N GLN N 356 -21.18 -35.29 95.62
CA GLN N 356 -21.03 -33.88 95.94
C GLN N 356 -20.31 -33.75 97.28
N ALA N 357 -19.34 -32.84 97.34
CA ALA N 357 -18.48 -32.76 98.52
C ALA N 357 -19.25 -32.29 99.74
N ASP N 358 -20.19 -31.36 99.57
CA ASP N 358 -20.88 -30.75 100.69
C ASP N 358 -22.20 -31.44 101.04
N ARG N 359 -22.72 -32.31 100.18
CA ARG N 359 -23.97 -32.99 100.47
C ARG N 359 -24.02 -34.34 99.76
N PRO N 360 -23.13 -35.27 100.09
CA PRO N 360 -23.29 -36.64 99.61
C PRO N 360 -24.56 -37.26 100.18
N LYS N 361 -25.30 -37.95 99.30
CA LYS N 361 -26.45 -38.72 99.73
C LYS N 361 -26.00 -40.03 100.36
N ASP N 362 -26.98 -40.86 100.76
CA ASP N 362 -26.73 -42.27 100.89
C ASP N 362 -26.48 -42.91 99.53
N ALA N 363 -25.58 -43.88 99.49
CA ALA N 363 -25.58 -44.91 98.46
C ALA N 363 -26.37 -46.13 98.91
N VAL N 364 -26.80 -46.92 97.94
CA VAL N 364 -27.12 -48.31 98.21
C VAL N 364 -25.82 -49.06 98.52
N THR N 365 -25.84 -49.85 99.59
CA THR N 365 -24.67 -50.60 100.00
C THR N 365 -24.88 -52.10 100.16
N ASP N 366 -26.12 -52.59 100.24
CA ASP N 366 -26.37 -54.02 100.21
C ASP N 366 -27.73 -54.28 99.59
N ILE N 367 -27.89 -55.47 99.02
CA ILE N 367 -29.15 -55.91 98.44
C ILE N 367 -29.40 -57.35 98.86
N ARG N 368 -30.66 -57.67 99.13
CA ARG N 368 -31.05 -59.01 99.53
C ARG N 368 -32.40 -59.33 98.88
N ILE N 369 -32.66 -60.63 98.74
CA ILE N 369 -33.97 -61.13 98.34
C ILE N 369 -34.55 -61.97 99.46
N ILE N 370 -35.80 -61.67 99.84
CA ILE N 370 -36.40 -62.18 101.07
C ILE N 370 -37.53 -63.17 100.81
N PHE N 371 -38.02 -63.27 99.59
CA PHE N 371 -39.06 -64.22 99.20
C PHE N 371 -40.32 -64.08 100.06
N ASN N 372 -41.02 -65.20 100.23
CA ASN N 372 -42.46 -65.23 100.46
C ASN N 372 -42.91 -64.38 101.66
N LYS N 373 -42.46 -64.74 102.86
CA LYS N 373 -43.00 -64.16 104.08
C LYS N 373 -41.95 -63.70 105.09
N GLU N 374 -40.67 -63.92 104.81
CA GLU N 374 -39.65 -63.56 105.78
C GLU N 374 -39.70 -62.06 106.03
N PRO N 375 -39.57 -61.61 107.27
CA PRO N 375 -39.59 -60.17 107.55
C PRO N 375 -38.40 -59.45 106.91
N THR N 376 -38.61 -58.18 106.61
CA THR N 376 -37.56 -57.39 106.02
C THR N 376 -36.39 -57.28 106.99
N PRO N 377 -35.17 -57.54 106.55
CA PRO N 377 -34.01 -57.52 107.47
C PRO N 377 -33.81 -56.14 108.08
N PRO N 378 -33.18 -56.07 109.25
CA PRO N 378 -33.16 -54.82 110.02
C PRO N 378 -32.55 -53.66 109.26
N GLY N 379 -33.36 -52.61 109.05
CA GLY N 379 -32.95 -51.42 108.36
C GLY N 379 -32.94 -51.47 106.85
N TYR N 380 -33.32 -52.59 106.24
CA TYR N 380 -33.48 -52.63 104.80
C TYR N 380 -34.82 -52.05 104.39
N THR N 381 -34.83 -51.41 103.22
CA THR N 381 -36.06 -51.12 102.51
C THR N 381 -36.50 -52.32 101.68
N LYS N 382 -37.78 -52.35 101.34
CA LYS N 382 -38.35 -53.40 100.50
C LYS N 382 -39.16 -52.77 99.38
N LEU N 383 -38.97 -53.29 98.17
CA LEU N 383 -39.82 -52.92 97.04
C LEU N 383 -41.12 -53.71 97.07
N PRO N 384 -42.27 -53.06 96.88
CA PRO N 384 -43.56 -53.75 97.06
C PRO N 384 -43.94 -54.69 95.93
N GLN N 385 -43.37 -54.52 94.74
CA GLN N 385 -43.71 -55.38 93.61
C GLN N 385 -43.20 -56.80 93.83
N ASP N 386 -44.08 -57.77 93.58
CA ASP N 386 -43.67 -59.17 93.49
C ASP N 386 -42.92 -59.41 92.19
N LEU N 387 -41.69 -59.88 92.30
CA LEU N 387 -40.83 -60.14 91.14
C LEU N 387 -41.17 -61.47 90.45
N ASN N 388 -42.28 -62.10 90.80
CA ASN N 388 -42.92 -63.11 89.96
C ASN N 388 -44.36 -62.75 89.62
N LYS N 389 -44.72 -61.47 89.74
CA LYS N 389 -46.08 -61.05 89.40
C LYS N 389 -46.49 -61.57 88.03
N GLY N 390 -47.62 -62.27 88.01
CA GLY N 390 -48.12 -62.96 86.83
C GLY N 390 -47.40 -64.24 86.49
N ALA N 391 -46.20 -64.46 87.00
CA ALA N 391 -45.43 -65.65 86.66
C ALA N 391 -45.79 -66.85 87.55
N GLY N 392 -46.56 -66.63 88.60
CA GLY N 392 -46.84 -67.68 89.57
C GLY N 392 -45.68 -67.88 90.53
N GLY N 393 -45.34 -69.13 90.80
CA GLY N 393 -44.23 -69.44 91.68
C GLY N 393 -44.45 -68.92 93.09
N ASP N 394 -43.34 -68.73 93.79
CA ASP N 394 -43.34 -68.08 95.09
C ASP N 394 -43.29 -66.57 94.93
N ASP N 395 -43.76 -65.86 95.95
CA ASP N 395 -43.71 -64.40 95.95
C ASP N 395 -42.27 -63.95 96.22
N VAL N 396 -41.72 -63.15 95.31
CA VAL N 396 -40.34 -62.71 95.36
C VAL N 396 -40.31 -61.21 95.58
N PHE N 397 -39.55 -60.77 96.58
CA PHE N 397 -39.34 -59.35 96.86
C PHE N 397 -37.87 -59.06 97.06
N LEU N 398 -37.41 -57.94 96.50
CA LEU N 398 -36.03 -57.49 96.63
C LEU N 398 -35.92 -56.38 97.66
N CYS N 399 -34.94 -56.48 98.53
CA CYS N 399 -34.67 -55.52 99.60
C CYS N 399 -33.26 -54.98 99.44
N TYR N 400 -33.06 -53.72 99.86
CA TYR N 400 -31.75 -53.11 99.80
C TYR N 400 -31.54 -52.16 100.97
N LYS N 401 -30.28 -52.04 101.38
CA LYS N 401 -29.86 -51.19 102.48
C LYS N 401 -29.11 -49.99 101.93
N THR N 402 -29.37 -48.82 102.50
CA THR N 402 -28.69 -47.59 102.13
C THR N 402 -27.94 -47.01 103.33
N GLU N 403 -26.78 -46.43 103.04
CA GLU N 403 -25.88 -45.91 104.06
C GLU N 403 -25.14 -44.70 103.48
N ALA N 404 -24.67 -43.84 104.38
CA ALA N 404 -23.96 -42.64 103.96
C ALA N 404 -22.77 -43.02 103.08
N TYR N 405 -22.51 -42.17 102.08
CA TYR N 405 -21.57 -42.52 101.03
C TYR N 405 -20.20 -42.85 101.57
N ASN N 406 -19.60 -43.93 101.05
CA ASN N 406 -18.18 -44.21 101.23
C ASN N 406 -17.70 -44.92 99.99
N THR N 407 -16.55 -44.48 99.45
CA THR N 407 -16.01 -45.10 98.25
C THR N 407 -15.74 -46.58 98.43
N ASP N 408 -15.51 -47.02 99.67
CA ASP N 408 -15.24 -48.43 99.92
C ASP N 408 -16.47 -49.31 99.72
N THR N 409 -17.67 -48.74 99.71
CA THR N 409 -18.88 -49.54 99.80
C THR N 409 -20.05 -49.02 98.96
N ALA N 410 -20.05 -47.78 98.53
CA ALA N 410 -21.10 -47.31 97.63
C ALA N 410 -21.11 -48.12 96.35
N ILE N 411 -22.22 -48.80 96.09
CA ILE N 411 -22.36 -49.64 94.90
C ILE N 411 -22.42 -48.73 93.69
N ASN N 412 -21.53 -48.97 92.72
CA ASN N 412 -21.47 -48.15 91.52
C ASN N 412 -22.40 -48.65 90.42
N LYS N 413 -22.52 -49.96 90.24
CA LYS N 413 -23.40 -50.50 89.20
C LYS N 413 -24.09 -51.76 89.70
N VAL N 414 -25.24 -52.05 89.08
CA VAL N 414 -25.95 -53.30 89.27
C VAL N 414 -26.38 -53.81 87.90
N THR N 415 -26.55 -55.12 87.80
CA THR N 415 -27.13 -55.73 86.60
C THR N 415 -27.83 -57.02 87.00
N VAL N 416 -28.73 -57.47 86.11
CA VAL N 416 -29.46 -58.72 86.28
C VAL N 416 -29.04 -59.68 85.18
N ILE N 417 -28.66 -60.90 85.58
CA ILE N 417 -28.14 -61.93 84.68
C ILE N 417 -28.98 -63.19 84.85
N GLY N 418 -29.20 -63.91 83.77
CA GLY N 418 -30.04 -65.09 83.83
C GLY N 418 -29.76 -66.06 82.72
N GLY N 419 -30.12 -67.31 82.97
CA GLY N 419 -29.86 -68.38 82.02
C GLY N 419 -30.44 -69.68 82.53
N ASN N 420 -30.12 -70.76 81.80
CA ASN N 420 -30.67 -72.07 82.17
C ASN N 420 -29.96 -72.69 83.37
N ASN N 421 -28.68 -72.39 83.56
CA ASN N 421 -27.93 -72.96 84.66
C ASN N 421 -28.22 -72.20 85.94
N ALA N 422 -28.30 -72.92 87.07
CA ALA N 422 -28.35 -72.26 88.36
C ALA N 422 -27.01 -71.62 88.74
N ASP N 423 -25.91 -72.33 88.50
CA ASP N 423 -24.56 -71.81 88.70
C ASP N 423 -24.12 -70.92 87.54
N ILE N 424 -24.74 -69.76 87.36
CA ILE N 424 -24.37 -68.86 86.28
C ILE N 424 -23.34 -67.85 86.77
N ASN N 425 -22.49 -67.39 85.86
CA ASN N 425 -21.38 -66.52 86.18
C ASN N 425 -21.77 -65.06 86.01
N ALA N 426 -21.50 -64.26 87.04
CA ALA N 426 -21.60 -62.82 86.94
C ALA N 426 -20.44 -62.23 86.13
N PRO N 427 -20.61 -61.03 85.60
CA PRO N 427 -19.48 -60.33 84.96
C PRO N 427 -18.34 -60.12 85.93
N TYR N 428 -17.14 -59.99 85.38
CA TYR N 428 -15.94 -59.90 86.20
C TYR N 428 -16.04 -58.74 87.18
N GLY N 429 -15.74 -59.03 88.44
CA GLY N 429 -15.80 -58.03 89.50
C GLY N 429 -17.16 -57.78 90.08
N TYR N 430 -18.23 -58.24 89.44
CA TYR N 430 -19.55 -58.19 90.04
C TYR N 430 -19.72 -59.31 91.05
N LEU N 431 -20.53 -59.04 92.07
CA LEU N 431 -21.01 -60.04 93.02
C LEU N 431 -22.51 -60.21 92.83
N LYS N 432 -22.95 -61.45 92.62
CA LYS N 432 -24.37 -61.74 92.51
C LYS N 432 -24.94 -62.06 93.88
N VAL N 433 -26.18 -61.64 94.11
CA VAL N 433 -26.92 -61.96 95.33
C VAL N 433 -27.43 -63.40 95.29
N PRO N 434 -27.53 -64.07 96.43
CA PRO N 434 -28.17 -65.38 96.47
C PRO N 434 -29.67 -65.29 96.25
N GLY N 435 -30.24 -66.38 95.75
CA GLY N 435 -31.67 -66.47 95.50
C GLY N 435 -32.08 -66.14 94.08
N ASP N 436 -33.08 -66.85 93.57
CA ASP N 436 -33.50 -66.77 92.19
C ASP N 436 -34.75 -65.90 92.09
N LEU N 437 -34.70 -64.88 91.22
CA LEU N 437 -35.84 -64.03 90.99
C LEU N 437 -36.95 -64.70 90.17
N ASN N 438 -36.79 -65.98 89.84
CA ASN N 438 -37.88 -66.81 89.35
C ASN N 438 -38.06 -68.07 90.21
N ARG N 439 -37.63 -68.04 91.46
CA ARG N 439 -37.79 -69.20 92.33
C ARG N 439 -39.22 -69.71 92.29
N GLY N 440 -39.37 -71.01 91.99
CA GLY N 440 -40.65 -71.64 91.87
C GLY N 440 -41.39 -71.37 90.59
N ALA N 441 -41.00 -70.35 89.83
CA ALA N 441 -41.59 -70.10 88.53
C ALA N 441 -40.83 -70.92 87.47
N GLY N 442 -41.37 -70.92 86.26
CA GLY N 442 -40.64 -71.48 85.13
C GLY N 442 -39.51 -70.60 84.66
N GLY N 443 -39.04 -70.85 83.44
CA GLY N 443 -38.05 -70.03 82.77
C GLY N 443 -36.65 -70.10 83.35
N ASN N 444 -35.90 -69.03 83.08
CA ASN N 444 -34.50 -68.93 83.47
C ASN N 444 -34.35 -68.75 84.98
N PHE N 445 -33.19 -69.16 85.48
CA PHE N 445 -32.67 -68.59 86.73
C PHE N 445 -32.22 -67.15 86.49
N ILE N 446 -32.51 -66.28 87.46
CA ILE N 446 -32.20 -64.86 87.35
C ILE N 446 -31.64 -64.36 88.68
N TYR N 447 -30.55 -63.60 88.61
CA TYR N 447 -29.84 -63.12 89.80
C TYR N 447 -29.46 -61.66 89.60
N ALA N 448 -29.47 -60.90 90.69
CA ALA N 448 -28.97 -59.53 90.69
C ALA N 448 -27.49 -59.47 91.02
N CYS N 449 -26.71 -58.85 90.12
CA CYS N 449 -25.28 -58.65 90.29
C CYS N 449 -24.98 -57.20 90.69
N THR N 450 -24.02 -57.05 91.61
CA THR N 450 -23.66 -55.75 92.15
C THR N 450 -22.17 -55.52 91.92
N PHE N 451 -21.80 -54.28 91.66
CA PHE N 451 -20.41 -53.90 91.40
C PHE N 451 -20.03 -52.68 92.22
N VAL N 452 -18.88 -52.77 92.89
CA VAL N 452 -18.32 -51.65 93.66
C VAL N 452 -16.92 -51.38 93.13
N GLY N 453 -16.67 -50.11 92.78
CA GLY N 453 -15.38 -49.72 92.25
C GLY N 453 -14.28 -49.61 93.29
N LYS N 454 -14.65 -49.25 94.51
CA LYS N 454 -13.67 -48.92 95.55
C LYS N 454 -12.79 -47.77 95.08
N THR O 1 4.04 0.65 69.26
CA THR O 1 2.74 -0.09 69.17
C THR O 1 2.63 -1.10 70.32
N VAL O 2 1.59 -0.96 71.12
CA VAL O 2 1.38 -1.83 72.28
C VAL O 2 0.63 -3.06 71.83
N LEU O 3 0.96 -4.20 72.45
CA LEU O 3 0.28 -5.45 72.14
C LEU O 3 -1.17 -5.37 72.61
N PRO O 4 -2.13 -5.81 71.80
CA PRO O 4 -3.52 -5.88 72.28
C PRO O 4 -3.63 -6.72 73.53
N GLY O 5 -4.31 -6.18 74.54
CA GLY O 5 -4.51 -6.84 75.82
C GLY O 5 -3.76 -6.21 76.96
N VAL O 6 -2.74 -5.40 76.67
CA VAL O 6 -2.06 -4.64 77.72
C VAL O 6 -3.02 -3.68 78.41
N GLU O 7 -4.05 -3.21 77.70
CA GLU O 7 -5.09 -2.40 78.33
C GLU O 7 -5.95 -3.21 79.29
N ALA O 8 -5.98 -4.54 79.15
CA ALA O 8 -6.93 -5.38 79.88
C ALA O 8 -6.30 -6.16 81.03
N ILE O 9 -5.02 -6.47 80.95
CA ILE O 9 -4.33 -7.01 82.12
C ILE O 9 -4.32 -5.95 83.23
N GLY O 10 -4.27 -6.40 84.48
CA GLY O 10 -4.27 -5.52 85.62
C GLY O 10 -5.58 -4.80 85.87
N LEU O 11 -6.57 -4.94 84.99
CA LEU O 11 -7.89 -4.36 85.20
C LEU O 11 -8.53 -4.88 86.47
N GLY O 12 -9.02 -3.97 87.30
CA GLY O 12 -9.69 -4.36 88.53
C GLY O 12 -11.01 -5.02 88.20
N TYR O 13 -11.27 -6.18 88.81
CA TYR O 13 -12.27 -7.12 88.34
C TYR O 13 -13.21 -7.52 89.46
N ASN O 14 -14.50 -7.70 89.13
CA ASN O 14 -15.45 -8.28 90.08
C ASN O 14 -15.82 -9.68 89.64
N PRO O 15 -15.35 -10.73 90.33
CA PRO O 15 -15.67 -12.11 89.93
C PRO O 15 -17.14 -12.40 89.69
N PHE O 16 -18.00 -11.92 90.58
CA PHE O 16 -19.44 -12.19 90.51
C PHE O 16 -20.12 -11.62 89.27
N ILE O 17 -19.72 -10.44 88.80
CA ILE O 17 -20.47 -9.83 87.70
C ILE O 17 -20.45 -10.71 86.46
N SER O 18 -19.30 -11.24 86.07
CA SER O 18 -19.29 -12.06 84.87
C SER O 18 -18.03 -12.89 84.77
N TYR O 19 -18.04 -13.80 83.79
CA TYR O 19 -16.90 -14.66 83.49
C TYR O 19 -16.16 -14.15 82.26
N ALA O 20 -14.86 -13.91 82.41
CA ALA O 20 -13.97 -13.74 81.25
C ALA O 20 -14.46 -12.62 80.34
N SER O 21 -15.05 -11.60 80.93
CA SER O 21 -15.49 -10.42 80.20
C SER O 21 -14.94 -9.18 80.87
N VAL O 22 -14.57 -8.19 80.05
CA VAL O 22 -14.04 -6.93 80.57
C VAL O 22 -15.11 -6.05 81.18
N ASN O 23 -16.38 -6.28 80.82
CA ASN O 23 -17.48 -5.56 81.45
C ASN O 23 -17.55 -5.82 82.95
N SER O 24 -16.94 -6.90 83.43
CA SER O 24 -16.90 -7.21 84.85
C SER O 24 -15.81 -6.47 85.61
N GLY O 25 -14.96 -5.68 84.95
CA GLY O 25 -13.93 -4.91 85.64
C GLY O 25 -14.15 -3.41 85.50
N ALA O 26 -13.86 -2.69 86.59
CA ALA O 26 -14.00 -1.25 86.68
C ALA O 26 -12.65 -0.52 86.68
N VAL O 27 -12.20 -0.07 85.51
CA VAL O 27 -11.03 0.79 85.32
C VAL O 27 -9.71 0.08 85.61
N GLN O 28 -8.63 0.57 85.00
CA GLN O 28 -7.31 -0.04 85.05
C GLN O 28 -6.52 0.56 86.20
N LEU O 29 -6.06 -0.30 87.12
CA LEU O 29 -5.26 0.14 88.26
C LEU O 29 -3.81 0.50 87.93
N PHE O 30 -3.21 -0.09 86.91
CA PHE O 30 -1.78 0.13 86.65
C PHE O 30 -1.52 1.03 85.45
N ASP O 31 -0.47 1.84 85.57
CA ASP O 31 -0.09 2.80 84.54
C ASP O 31 0.98 2.14 83.67
N TRP O 32 0.66 1.87 82.41
CA TRP O 32 1.62 1.24 81.51
C TRP O 32 2.06 2.12 80.36
N ALA O 33 1.63 3.38 80.30
CA ALA O 33 2.19 4.27 79.29
C ALA O 33 3.58 4.72 79.71
N THR O 34 3.73 5.09 80.97
CA THR O 34 5.02 5.53 81.50
C THR O 34 6.02 4.38 81.61
N ALA O 35 5.54 3.19 81.97
CA ALA O 35 6.45 2.08 82.28
C ALA O 35 7.33 1.71 81.11
N LYS O 36 8.52 1.22 81.45
CA LYS O 36 9.47 0.71 80.47
C LYS O 36 8.88 -0.45 79.66
N LYS O 37 9.03 -0.38 78.35
CA LYS O 37 8.49 -1.37 77.43
C LYS O 37 9.49 -2.48 77.12
N ARG O 38 8.94 -3.61 76.67
CA ARG O 38 9.70 -4.72 76.10
C ARG O 38 9.03 -5.12 74.79
N GLU O 39 9.84 -5.46 73.79
CA GLU O 39 9.29 -5.97 72.55
C GLU O 39 8.85 -7.42 72.72
N VAL O 40 7.74 -7.78 72.09
CA VAL O 40 7.18 -9.13 72.19
C VAL O 40 8.00 -10.08 71.32
N PRO O 41 8.58 -11.14 71.88
CA PRO O 41 9.50 -11.97 71.09
C PRO O 41 8.88 -12.51 69.81
N PHE O 42 7.64 -13.01 69.88
CA PHE O 42 6.99 -13.64 68.75
C PHE O 42 6.25 -12.66 67.85
N LYS O 43 6.10 -11.39 68.26
CA LYS O 43 5.40 -10.37 67.46
C LYS O 43 6.24 -9.09 67.47
N ALA O 44 7.37 -9.16 66.77
CA ALA O 44 8.20 -7.99 66.56
C ALA O 44 7.40 -6.85 65.94
N GLY O 45 7.61 -5.64 66.47
CA GLY O 45 6.76 -4.51 66.19
C GLY O 45 5.64 -4.26 67.19
N TYR O 46 5.45 -5.14 68.17
CA TYR O 46 4.53 -4.89 69.27
C TYR O 46 5.30 -4.94 70.59
N PHE O 47 4.89 -4.10 71.53
CA PHE O 47 5.61 -3.94 72.78
C PHE O 47 4.68 -4.13 73.97
N VAL O 48 5.25 -4.52 75.09
CA VAL O 48 4.53 -4.66 76.35
C VAL O 48 5.37 -4.05 77.46
N PRO O 49 4.75 -3.65 78.56
CA PRO O 49 5.54 -3.29 79.74
C PRO O 49 6.37 -4.48 80.19
N GLU O 50 7.60 -4.20 80.63
CA GLU O 50 8.54 -5.29 80.88
C GLU O 50 8.08 -6.19 82.03
N ILE O 51 7.16 -5.71 82.87
CA ILE O 51 6.73 -6.51 84.01
C ILE O 51 5.93 -7.71 83.55
N VAL O 52 5.12 -7.56 82.51
CA VAL O 52 4.22 -8.63 82.11
C VAL O 52 4.98 -9.69 81.31
N ASP O 53 4.57 -10.94 81.51
CA ASP O 53 5.07 -12.08 80.75
C ASP O 53 3.99 -12.48 79.75
N VAL O 54 4.30 -12.42 78.46
CA VAL O 54 3.36 -12.79 77.42
C VAL O 54 3.84 -14.08 76.78
N GLN O 55 2.98 -15.09 76.80
CA GLN O 55 3.21 -16.38 76.15
C GLN O 55 2.26 -16.49 74.96
N GLN O 56 2.79 -16.87 73.80
CA GLN O 56 1.91 -17.35 72.75
C GLN O 56 1.33 -18.70 73.15
N ASN O 57 0.05 -18.90 72.88
CA ASN O 57 -0.61 -20.18 73.17
C ASN O 57 -1.72 -20.43 72.16
N ASP O 58 -1.42 -20.25 70.88
CA ASP O 58 -2.43 -20.39 69.82
C ASP O 58 -3.05 -21.79 69.85
N SER O 59 -4.30 -21.87 70.30
CA SER O 59 -4.94 -23.15 70.57
C SER O 59 -6.43 -22.91 70.74
N ALA O 60 -7.20 -23.37 69.75
CA ALA O 60 -8.65 -23.51 69.86
C ALA O 60 -8.99 -24.54 70.94
N THR O 61 -9.85 -24.15 71.88
CA THR O 61 -9.98 -24.84 73.15
C THR O 61 -11.44 -24.79 73.59
N TYR O 62 -11.83 -25.75 74.44
CA TYR O 62 -13.19 -25.86 74.94
C TYR O 62 -13.22 -25.63 76.45
N THR O 63 -14.20 -24.87 76.90
CA THR O 63 -14.61 -24.84 78.30
C THR O 63 -16.11 -25.14 78.35
N ASN O 64 -16.48 -26.22 79.02
CA ASN O 64 -17.89 -26.62 79.10
C ASN O 64 -18.32 -26.73 80.56
N VAL O 65 -19.50 -26.19 80.85
CA VAL O 65 -20.07 -26.17 82.20
C VAL O 65 -21.48 -26.73 82.10
N SER O 66 -21.85 -27.58 83.05
CA SER O 66 -23.16 -28.21 82.99
C SER O 66 -23.63 -28.52 84.41
N GLY O 67 -24.94 -28.68 84.54
CA GLY O 67 -25.54 -29.10 85.78
C GLY O 67 -26.99 -29.51 85.65
N ASN O 68 -27.40 -30.54 86.38
CA ASN O 68 -28.79 -30.99 86.33
C ASN O 68 -29.73 -29.95 86.93
N THR O 69 -29.17 -29.00 87.69
CA THR O 69 -29.95 -27.94 88.32
C THR O 69 -29.07 -26.71 88.43
N ILE O 70 -29.72 -25.55 88.57
CA ILE O 70 -28.99 -24.29 88.54
C ILE O 70 -27.97 -24.23 89.66
N SER O 71 -28.35 -24.67 90.86
CA SER O 71 -27.42 -24.63 91.98
C SER O 71 -26.21 -25.53 91.73
N GLU O 72 -26.39 -26.56 90.90
CA GLU O 72 -25.26 -27.35 90.45
C GLU O 72 -24.47 -26.63 89.36
N TYR O 73 -25.18 -26.07 88.37
CA TYR O 73 -24.52 -25.30 87.33
C TYR O 73 -23.73 -24.12 87.90
N GLN O 74 -24.31 -23.44 88.89
CA GLN O 74 -23.62 -22.34 89.54
C GLN O 74 -22.32 -22.79 90.22
N ARG O 75 -22.27 -24.04 90.70
CA ARG O 75 -21.04 -24.52 91.32
C ARG O 75 -20.04 -25.05 90.30
N SER O 76 -20.51 -25.74 89.26
CA SER O 76 -19.60 -26.15 88.19
C SER O 76 -19.08 -24.95 87.42
N LEU O 77 -19.86 -23.86 87.35
CA LEU O 77 -19.34 -22.61 86.83
C LEU O 77 -18.30 -22.00 87.76
N ALA O 78 -18.64 -21.85 89.03
CA ALA O 78 -17.72 -21.23 89.99
C ALA O 78 -16.39 -21.96 90.06
N THR O 79 -16.41 -23.29 90.02
CA THR O 79 -15.20 -24.10 90.07
C THR O 79 -14.48 -24.21 88.74
N SER O 80 -14.97 -23.57 87.68
CA SER O 80 -14.27 -23.59 86.41
C SER O 80 -13.03 -22.72 86.41
N VAL O 81 -12.77 -21.99 87.50
CA VAL O 81 -11.60 -21.13 87.64
C VAL O 81 -11.00 -21.37 89.00
N ALA O 82 -9.68 -21.34 89.08
CA ALA O 82 -8.98 -21.51 90.35
C ALA O 82 -9.17 -20.26 91.19
N ILE O 83 -10.14 -20.29 92.09
CA ILE O 83 -10.48 -19.14 92.91
C ILE O 83 -10.99 -19.65 94.25
N GLU O 84 -10.78 -18.85 95.29
CA GLU O 84 -11.02 -19.32 96.64
C GLU O 84 -12.48 -19.16 97.07
N GLY O 85 -12.96 -20.16 97.81
CA GLY O 85 -14.27 -20.12 98.42
C GLY O 85 -15.40 -20.65 97.55
N ARG O 86 -16.52 -20.89 98.24
CA ARG O 86 -17.71 -21.51 97.65
C ARG O 86 -18.67 -20.50 97.04
N TYR O 87 -18.25 -19.24 96.91
CA TYR O 87 -19.16 -18.20 96.44
C TYR O 87 -19.58 -18.45 94.99
N ASN O 88 -20.75 -17.91 94.65
CA ASN O 88 -21.34 -18.01 93.31
C ASN O 88 -20.63 -17.08 92.32
N PHE O 89 -19.34 -17.29 92.14
CA PHE O 89 -18.58 -16.47 91.21
C PHE O 89 -19.14 -16.59 89.80
N PHE O 90 -18.94 -15.53 89.01
CA PHE O 90 -19.42 -15.47 87.64
C PHE O 90 -20.93 -15.58 87.48
N SER O 91 -21.66 -15.64 88.59
CA SER O 91 -23.07 -16.02 88.52
C SER O 91 -23.95 -14.94 87.91
N GLY O 92 -23.45 -13.71 87.83
CA GLY O 92 -24.13 -12.65 87.09
C GLY O 92 -24.34 -12.96 85.61
N SER O 93 -23.53 -13.84 85.04
CA SER O 93 -23.74 -14.25 83.65
C SER O 93 -25.06 -14.96 83.44
N LEU O 94 -25.63 -15.55 84.50
CA LEU O 94 -26.94 -16.20 84.39
C LEU O 94 -27.98 -15.26 83.80
N SER O 95 -28.03 -14.02 84.28
CA SER O 95 -29.04 -13.07 83.83
C SER O 95 -29.01 -12.82 82.34
N THR O 96 -27.93 -13.19 81.64
CA THR O 96 -27.84 -12.99 80.20
C THR O 96 -27.63 -14.27 79.40
N ASP O 97 -27.17 -15.35 80.03
CA ASP O 97 -27.09 -16.62 79.33
C ASP O 97 -28.46 -17.28 79.16
N PHE O 98 -29.33 -17.17 80.17
CA PHE O 98 -30.56 -17.94 80.22
C PHE O 98 -31.76 -17.03 80.44
N ASP O 99 -32.90 -17.46 79.91
CA ASP O 99 -34.15 -16.76 80.16
C ASP O 99 -34.56 -16.89 81.63
N SER O 100 -35.02 -15.77 82.20
CA SER O 100 -35.18 -15.69 83.64
C SER O 100 -36.18 -16.72 84.15
N ASN O 101 -37.29 -16.90 83.43
CA ASN O 101 -38.22 -17.98 83.77
C ASN O 101 -37.54 -19.34 83.75
N SER O 102 -36.61 -19.54 82.84
CA SER O 102 -36.00 -20.85 82.66
C SER O 102 -34.97 -21.16 83.74
N LEU O 103 -34.39 -20.13 84.35
CA LEU O 103 -33.65 -20.32 85.59
C LEU O 103 -34.58 -20.74 86.72
N ARG O 104 -35.76 -20.11 86.81
CA ARG O 104 -36.72 -20.45 87.85
C ARG O 104 -37.42 -21.78 87.60
N ASN O 105 -37.50 -22.23 86.35
CA ASN O 105 -38.16 -23.48 86.00
C ASN O 105 -37.31 -24.67 86.44
N ALA O 106 -37.77 -25.39 87.46
CA ALA O 106 -37.07 -26.57 87.98
C ALA O 106 -37.04 -27.77 87.03
N GLU O 107 -37.79 -27.75 85.92
CA GLU O 107 -37.64 -28.81 84.92
C GLU O 107 -36.43 -28.64 84.02
N ASN O 108 -35.66 -27.56 84.15
CA ASN O 108 -34.55 -27.34 83.23
C ASN O 108 -33.23 -27.82 83.83
N GLU O 109 -32.36 -28.29 82.94
CA GLU O 109 -30.94 -28.47 83.19
C GLU O 109 -30.13 -27.69 82.18
N PHE O 110 -28.94 -27.25 82.59
CA PHE O 110 -28.24 -26.14 81.97
C PHE O 110 -26.86 -26.58 81.49
N THR O 111 -26.50 -26.13 80.29
CA THR O 111 -25.19 -26.40 79.70
C THR O 111 -24.68 -25.13 79.01
N ARG O 112 -23.41 -24.82 79.22
CA ARG O 112 -22.73 -23.73 78.51
C ARG O 112 -21.50 -24.29 77.80
N ILE O 113 -21.48 -24.18 76.46
CA ILE O 113 -20.41 -24.71 75.63
C ILE O 113 -19.65 -23.51 75.06
N GLN O 114 -18.40 -23.34 75.48
CA GLN O 114 -17.55 -22.24 75.02
C GLN O 114 -16.34 -22.80 74.28
N GLN O 115 -16.21 -22.45 72.99
CA GLN O 115 -14.97 -22.66 72.24
C GLN O 115 -14.13 -21.39 72.25
N SER O 116 -13.12 -21.36 73.12
CA SER O 116 -12.13 -20.28 73.10
C SER O 116 -11.17 -20.43 71.92
N ILE O 117 -11.00 -19.36 71.14
CA ILE O 117 -9.98 -19.32 70.10
C ILE O 117 -8.77 -18.53 70.60
N ASN O 118 -7.91 -19.19 71.38
CA ASN O 118 -6.77 -18.52 71.99
C ASN O 118 -5.75 -18.07 70.95
N LEU O 119 -5.12 -16.92 71.21
CA LEU O 119 -3.96 -16.46 70.44
C LEU O 119 -2.73 -16.31 71.30
N TRP O 120 -2.80 -15.49 72.35
CA TRP O 120 -1.69 -15.27 73.27
C TRP O 120 -2.27 -15.01 74.65
N SER O 121 -1.42 -15.07 75.66
CA SER O 121 -1.86 -14.81 77.02
C SER O 121 -0.84 -13.97 77.77
N LEU O 122 -1.34 -12.97 78.48
CA LEU O 122 -0.51 -12.04 79.23
C LEU O 122 -0.58 -12.39 80.72
N ARG O 123 0.57 -12.42 81.36
CA ARG O 123 0.68 -12.80 82.76
C ARG O 123 1.37 -11.68 83.53
N LEU O 124 0.98 -11.51 84.79
CA LEU O 124 1.49 -10.43 85.63
C LEU O 124 1.89 -11.00 86.99
N PRO O 125 3.17 -10.90 87.38
CA PRO O 125 3.62 -11.56 88.60
C PRO O 125 3.24 -10.80 89.85
N SER O 126 3.09 -11.56 90.94
CA SER O 126 2.69 -11.05 92.25
C SER O 126 3.83 -10.34 92.98
N VAL O 127 4.78 -9.75 92.25
CA VAL O 127 5.93 -9.14 92.90
C VAL O 127 5.52 -7.86 93.63
N LYS O 128 6.26 -7.55 94.70
CA LYS O 128 5.99 -6.40 95.54
C LYS O 128 6.10 -5.06 94.82
N SER O 129 6.85 -5.00 93.71
CA SER O 129 6.95 -3.75 92.96
C SER O 129 5.69 -3.39 92.18
N LEU O 130 4.66 -4.23 92.17
CA LEU O 130 3.42 -3.84 91.50
C LEU O 130 2.89 -2.51 92.01
N ARG O 131 2.93 -2.32 93.34
CA ARG O 131 2.51 -1.05 93.93
C ARG O 131 3.14 0.15 93.26
N GLU O 132 4.38 0.03 92.82
CA GLU O 132 5.06 1.16 92.19
C GLU O 132 4.46 1.49 90.83
N LEU O 133 3.86 0.52 90.15
CA LEU O 133 3.24 0.76 88.85
C LEU O 133 1.79 1.23 88.91
N MET O 134 1.13 1.21 90.07
CA MET O 134 -0.23 1.73 90.12
C MET O 134 -0.27 3.20 89.69
N LEU O 135 -1.37 3.57 89.05
CA LEU O 135 -1.64 4.98 88.81
C LEU O 135 -1.72 5.75 90.12
N PRO O 136 -1.18 6.97 90.19
CA PRO O 136 -1.11 7.66 91.49
C PRO O 136 -2.44 7.87 92.18
N HIS O 137 -3.49 8.22 91.44
CA HIS O 137 -4.79 8.41 92.07
C HIS O 137 -5.39 7.10 92.54
N MET O 138 -5.16 6.01 91.82
CA MET O 138 -5.61 4.70 92.28
C MET O 138 -4.88 4.29 93.56
N ARG O 139 -3.55 4.46 93.59
CA ARG O 139 -2.79 4.19 94.80
C ARG O 139 -3.24 5.10 95.95
N GLN O 140 -3.40 6.40 95.67
CA GLN O 140 -3.86 7.32 96.70
C GLN O 140 -5.22 6.92 97.25
N GLN O 141 -6.14 6.53 96.37
CA GLN O 141 -7.47 6.12 96.82
C GLN O 141 -7.39 4.88 97.71
N LEU O 142 -6.60 3.88 97.30
CA LEU O 142 -6.42 2.68 98.12
C LEU O 142 -5.71 2.99 99.43
N ASP O 143 -4.74 3.90 99.41
CA ASP O 143 -4.00 4.22 100.62
C ASP O 143 -4.85 4.99 101.64
N GLU O 144 -5.79 5.80 101.17
CA GLU O 144 -6.65 6.57 102.06
C GLU O 144 -7.96 5.86 102.40
N LEU O 145 -8.16 4.64 101.93
CA LEU O 145 -9.40 3.90 102.22
C LEU O 145 -9.58 3.74 103.72
N ASN O 146 -10.69 4.27 104.24
CA ASN O 146 -11.01 4.20 105.67
C ASN O 146 -11.56 2.82 106.00
N VAL O 147 -10.64 1.88 106.22
CA VAL O 147 -11.02 0.50 106.53
C VAL O 147 -11.69 0.36 107.90
N ASN O 148 -11.75 1.43 108.68
CA ASN O 148 -12.55 1.47 109.90
C ASN O 148 -14.05 1.54 109.62
N ASP O 149 -14.48 1.82 108.39
CA ASP O 149 -15.89 1.76 108.03
C ASP O 149 -16.14 0.63 107.06
N PRO O 150 -16.93 -0.38 107.45
CA PRO O 150 -17.26 -1.45 106.49
C PRO O 150 -17.89 -0.94 105.20
N LYS O 151 -18.71 0.11 105.29
CA LYS O 151 -19.37 0.63 104.09
C LYS O 151 -18.36 1.19 103.10
N ALA O 152 -17.28 1.79 103.58
CA ALA O 152 -16.23 2.29 102.70
C ALA O 152 -15.54 1.14 101.96
N ILE O 153 -15.19 0.08 102.69
CA ILE O 153 -14.58 -1.08 102.04
C ILE O 153 -15.56 -1.70 101.06
N SER O 154 -16.81 -1.88 101.48
CA SER O 154 -17.82 -2.47 100.61
C SER O 154 -18.01 -1.63 99.35
N ARG O 155 -18.07 -0.30 99.50
CA ARG O 155 -18.12 0.58 98.34
C ARG O 155 -16.86 0.48 97.49
N TYR O 156 -15.70 0.34 98.12
CA TYR O 156 -14.47 0.17 97.35
C TYR O 156 -14.51 -1.11 96.52
N PHE O 157 -14.85 -2.25 97.14
CA PHE O 157 -14.98 -3.48 96.38
C PHE O 157 -16.04 -3.37 95.29
N ASP O 158 -17.17 -2.74 95.59
CA ASP O 158 -18.18 -2.48 94.57
C ASP O 158 -17.68 -1.57 93.47
N ARG O 159 -17.08 -0.44 93.85
CA ARG O 159 -16.73 0.57 92.85
C ARG O 159 -15.46 0.23 92.09
N VAL O 160 -14.50 -0.41 92.74
CA VAL O 160 -13.20 -0.68 92.13
C VAL O 160 -12.99 -2.15 91.78
N GLY O 161 -13.81 -3.05 92.32
CA GLY O 161 -13.56 -4.47 92.22
C GLY O 161 -12.80 -5.02 93.41
N SER O 162 -12.99 -6.30 93.66
CA SER O 162 -12.29 -6.99 94.75
C SER O 162 -10.98 -7.61 94.32
N HIS O 163 -10.78 -7.85 93.03
CA HIS O 163 -9.58 -8.49 92.50
C HIS O 163 -9.07 -7.66 91.34
N PHE O 164 -7.89 -8.03 90.83
CA PHE O 164 -7.43 -7.48 89.57
C PHE O 164 -6.85 -8.61 88.72
N LEU O 165 -6.97 -8.45 87.41
CA LEU O 165 -6.58 -9.49 86.47
C LEU O 165 -5.06 -9.65 86.44
N THR O 166 -4.60 -10.90 86.62
CA THR O 166 -3.20 -11.26 86.46
C THR O 166 -2.96 -12.29 85.37
N GLY O 167 -4.00 -12.95 84.88
CA GLY O 167 -3.85 -13.87 83.77
C GLY O 167 -4.91 -13.57 82.73
N ILE O 168 -4.48 -13.32 81.49
CA ILE O 168 -5.36 -12.96 80.39
C ILE O 168 -5.05 -13.85 79.19
N VAL O 169 -6.08 -14.38 78.56
CA VAL O 169 -5.94 -15.01 77.25
C VAL O 169 -6.65 -14.10 76.25
N MET O 170 -5.96 -13.70 75.19
CA MET O 170 -6.56 -12.85 74.18
C MET O 170 -6.88 -13.67 72.94
N GLY O 171 -8.13 -13.60 72.49
CA GLY O 171 -8.52 -14.27 71.27
C GLY O 171 -9.95 -14.00 70.88
N GLY O 172 -10.68 -15.09 70.61
CA GLY O 172 -12.09 -15.03 70.34
C GLY O 172 -12.79 -16.10 71.17
N ARG O 173 -14.11 -15.99 71.24
CA ARG O 173 -14.89 -17.13 71.71
C ARG O 173 -16.28 -17.10 71.08
N ALA O 174 -16.79 -18.28 70.77
CA ALA O 174 -18.20 -18.49 70.48
C ALA O 174 -18.80 -19.33 71.59
N ILE O 175 -19.97 -18.94 72.07
CA ILE O 175 -20.64 -19.63 73.17
C ILE O 175 -22.02 -20.03 72.71
N LEU O 176 -22.43 -21.24 73.07
CA LEU O 176 -23.83 -21.64 73.08
C LEU O 176 -24.23 -22.00 74.49
N ALA O 177 -25.23 -21.30 75.03
CA ALA O 177 -25.82 -21.62 76.32
C ALA O 177 -27.23 -22.13 76.09
N SER O 178 -27.61 -23.18 76.83
CA SER O 178 -28.89 -23.84 76.61
C SER O 178 -29.45 -24.31 77.94
N SER O 179 -30.76 -24.21 78.09
CA SER O 179 -31.51 -24.83 79.17
C SER O 179 -32.51 -25.80 78.58
N THR O 180 -32.54 -27.02 79.11
CA THR O 180 -33.18 -28.15 78.46
C THR O 180 -34.14 -28.81 79.43
N ASN O 181 -35.32 -29.17 78.96
CA ASN O 181 -36.31 -29.83 79.81
C ASN O 181 -35.83 -31.24 80.10
N LYS O 182 -35.27 -31.43 81.30
CA LYS O 182 -34.63 -32.68 81.67
C LYS O 182 -35.63 -33.82 81.86
N LEU O 183 -36.93 -33.53 81.91
CA LEU O 183 -37.94 -34.57 81.99
C LEU O 183 -38.28 -35.19 80.64
N ARG O 184 -37.95 -34.54 79.53
CA ARG O 184 -38.50 -34.90 78.23
C ARG O 184 -37.46 -35.09 77.13
N VAL O 185 -36.27 -34.51 77.24
CA VAL O 185 -35.19 -34.80 76.31
C VAL O 185 -34.75 -36.26 76.42
N LYS O 186 -34.35 -36.84 75.28
CA LYS O 186 -33.81 -38.19 75.27
C LYS O 186 -32.61 -38.33 76.18
N ARG O 187 -32.56 -39.45 76.91
CA ARG O 187 -31.50 -39.75 77.86
C ARG O 187 -30.45 -40.71 77.29
N ASP O 188 -30.42 -40.92 75.98
CA ASP O 188 -29.42 -41.80 75.39
C ASP O 188 -28.00 -41.32 75.69
N TYR O 189 -27.79 -40.00 75.73
CA TYR O 189 -26.48 -39.43 76.05
C TYR O 189 -26.66 -38.33 77.09
N SER O 190 -25.56 -38.02 77.78
CA SER O 190 -25.55 -36.87 78.66
C SER O 190 -25.75 -35.60 77.84
N VAL O 191 -26.42 -34.61 78.47
CA VAL O 191 -26.83 -33.44 77.72
C VAL O 191 -25.62 -32.60 77.32
N SER O 192 -24.54 -32.65 78.09
CA SER O 192 -23.30 -32.02 77.66
C SER O 192 -22.75 -32.62 76.37
N VAL O 193 -22.99 -33.91 76.13
CA VAL O 193 -22.54 -34.54 74.90
C VAL O 193 -23.34 -34.04 73.71
N VAL O 194 -24.67 -34.05 73.83
CA VAL O 194 -25.52 -33.55 72.75
C VAL O 194 -25.53 -32.04 72.67
N ALA O 195 -25.28 -31.34 73.79
CA ALA O 195 -25.00 -29.91 73.71
C ALA O 195 -23.76 -29.61 72.88
N LYS O 196 -22.64 -30.25 73.20
CA LYS O 196 -21.42 -30.06 72.41
C LYS O 196 -21.61 -30.51 70.98
N ALA O 197 -22.25 -31.67 70.77
CA ALA O 197 -22.47 -32.16 69.43
C ALA O 197 -23.36 -31.23 68.60
N SER O 198 -24.38 -30.64 69.23
CA SER O 198 -25.22 -29.68 68.53
C SER O 198 -24.51 -28.35 68.30
N TYR O 199 -23.70 -27.90 69.26
CA TYR O 199 -22.81 -26.77 69.02
C TYR O 199 -21.90 -27.03 67.82
N GLU O 200 -21.28 -28.20 67.77
CA GLU O 200 -20.47 -28.57 66.61
C GLU O 200 -21.32 -28.63 65.34
N GLY O 201 -22.56 -29.08 65.45
CA GLY O 201 -23.45 -29.06 64.31
C GLY O 201 -23.74 -27.66 63.81
N LEU O 202 -24.06 -26.75 64.74
CA LEU O 202 -24.36 -25.37 64.34
C LEU O 202 -23.15 -24.69 63.72
N THR O 203 -21.94 -25.00 64.22
CA THR O 203 -20.72 -24.44 63.65
C THR O 203 -20.16 -25.25 62.49
N GLY O 204 -20.75 -26.40 62.18
CA GLY O 204 -20.27 -27.24 61.10
C GLY O 204 -19.09 -28.11 61.45
N GLN O 205 -18.64 -28.10 62.71
CA GLN O 205 -17.50 -28.92 63.13
C GLN O 205 -17.86 -30.39 63.32
N LEU O 206 -19.14 -30.72 63.34
CA LEU O 206 -19.56 -32.11 63.53
C LEU O 206 -19.30 -32.92 62.27
N SER O 207 -18.60 -34.04 62.42
CA SER O 207 -18.27 -34.88 61.28
C SER O 207 -19.47 -35.67 60.78
N ALA O 208 -19.29 -36.22 59.57
CA ALA O 208 -20.28 -37.08 58.92
C ALA O 208 -20.75 -38.24 59.80
N GLU O 209 -19.81 -38.97 60.40
CA GLU O 209 -20.21 -40.05 61.32
C GLU O 209 -20.79 -39.53 62.62
N ALA O 210 -20.27 -38.44 63.15
CA ALA O 210 -20.85 -37.91 64.38
C ALA O 210 -22.22 -37.30 64.11
N LYS O 211 -22.35 -36.64 62.97
CA LYS O 211 -23.63 -36.10 62.52
C LYS O 211 -24.74 -37.16 62.45
N ALA O 212 -24.43 -38.33 61.88
CA ALA O 212 -25.36 -39.47 62.00
C ALA O 212 -25.59 -39.90 63.44
N LYS O 213 -24.52 -40.13 64.20
CA LYS O 213 -24.69 -40.68 65.54
C LYS O 213 -25.46 -39.73 66.47
N TYR O 214 -24.99 -38.49 66.56
CA TYR O 214 -25.68 -37.45 67.33
C TYR O 214 -26.93 -36.90 66.65
N GLY O 215 -27.00 -36.94 65.33
CA GLY O 215 -28.02 -36.21 64.61
C GLY O 215 -29.45 -36.46 65.06
N GLU O 216 -29.80 -37.72 65.34
CA GLU O 216 -31.12 -37.97 65.93
C GLU O 216 -31.23 -37.51 67.37
N SER O 217 -30.14 -37.55 68.14
CA SER O 217 -30.19 -37.10 69.53
C SER O 217 -30.24 -35.56 69.65
N ILE O 218 -29.61 -34.84 68.73
CA ILE O 218 -29.55 -33.38 68.81
C ILE O 218 -30.88 -32.72 68.46
N SER O 219 -31.69 -33.33 67.58
CA SER O 219 -33.02 -32.79 67.33
C SER O 219 -33.90 -32.79 68.57
N SER O 220 -33.89 -33.89 69.34
CA SER O 220 -34.60 -33.88 70.61
C SER O 220 -34.08 -32.80 71.55
N PHE O 221 -32.75 -32.70 71.68
CA PHE O 221 -32.15 -31.62 72.43
C PHE O 221 -32.54 -30.25 71.88
N THR O 222 -32.56 -30.10 70.56
CA THR O 222 -32.84 -28.80 69.97
C THR O 222 -34.24 -28.31 70.28
N GLN O 223 -35.25 -29.15 70.07
CA GLN O 223 -36.63 -28.72 70.27
C GLN O 223 -36.97 -28.50 71.74
N TYR O 224 -36.39 -29.29 72.64
CA TYR O 224 -36.68 -29.17 74.06
C TYR O 224 -35.74 -28.23 74.82
N SER O 225 -35.02 -27.35 74.12
CA SER O 225 -34.10 -26.46 74.81
C SER O 225 -34.06 -25.11 74.13
N ASN O 226 -33.72 -24.09 74.92
CA ASN O 226 -33.62 -22.70 74.48
C ASN O 226 -32.14 -22.32 74.37
N THR O 227 -31.57 -22.49 73.18
CA THR O 227 -30.15 -22.24 72.98
C THR O 227 -29.93 -20.75 72.74
N HIS O 228 -29.38 -20.07 73.75
CA HIS O 228 -28.78 -18.76 73.55
C HIS O 228 -27.43 -18.90 72.85
N GLN O 229 -27.15 -18.01 71.92
CA GLN O 229 -25.90 -17.98 71.17
C GLN O 229 -25.27 -16.61 71.24
N GLU O 230 -23.95 -16.57 71.46
CA GLU O 230 -23.21 -15.33 71.40
C GLU O 230 -21.80 -15.62 70.92
N VAL O 231 -21.12 -14.57 70.47
CA VAL O 231 -19.77 -14.66 69.93
C VAL O 231 -19.02 -13.37 70.24
N ARG O 232 -17.72 -13.49 70.43
CA ARG O 232 -16.90 -12.40 70.96
C ARG O 232 -15.52 -12.45 70.31
N GLY O 233 -14.91 -11.28 70.17
CA GLY O 233 -13.72 -11.16 69.36
C GLY O 233 -13.94 -11.38 67.87
N GLY O 234 -12.94 -11.01 67.07
CA GLY O 234 -13.05 -11.09 65.64
C GLY O 234 -13.90 -9.99 65.04
N ASP O 235 -14.04 -10.05 63.72
CA ASP O 235 -14.80 -9.06 62.98
C ASP O 235 -16.29 -9.24 63.25
N GLY O 236 -16.92 -8.24 63.85
CA GLY O 236 -18.35 -8.28 64.12
C GLY O 236 -19.20 -8.40 62.88
N ALA O 237 -18.68 -8.01 61.72
CA ALA O 237 -19.38 -8.25 60.46
C ALA O 237 -19.32 -9.71 60.01
N LYS O 238 -18.42 -10.51 60.59
CA LYS O 238 -18.35 -11.94 60.30
C LYS O 238 -18.74 -12.79 61.51
N ALA O 239 -18.96 -12.16 62.66
CA ALA O 239 -19.24 -12.91 63.88
C ALA O 239 -20.53 -13.69 63.78
N HIS O 240 -21.56 -13.09 63.16
CA HIS O 240 -22.86 -13.75 63.03
C HIS O 240 -22.82 -14.96 62.10
N GLY O 241 -21.81 -15.06 61.24
CA GLY O 241 -21.64 -16.22 60.39
C GLY O 241 -21.17 -17.49 61.08
N VAL O 242 -20.68 -17.40 62.32
CA VAL O 242 -20.08 -18.57 62.94
C VAL O 242 -21.12 -19.65 63.19
N PHE O 243 -22.37 -19.28 63.48
CA PHE O 243 -23.44 -20.24 63.66
C PHE O 243 -24.25 -20.46 62.38
N SER O 244 -23.67 -20.12 61.23
CA SER O 244 -24.31 -20.25 59.93
C SER O 244 -24.39 -21.69 59.45
N GLY O 245 -23.91 -22.65 60.24
CA GLY O 245 -23.93 -24.05 59.84
C GLY O 245 -22.89 -24.42 58.81
N LYS O 246 -21.99 -23.50 58.43
CA LYS O 246 -21.08 -23.69 57.32
C LYS O 246 -19.66 -23.41 57.80
N LYS O 247 -18.77 -24.37 57.57
CA LYS O 247 -17.40 -24.25 58.06
C LYS O 247 -16.68 -23.04 57.48
N GLU O 248 -16.94 -22.73 56.21
CA GLU O 248 -16.28 -21.58 55.59
C GLU O 248 -16.61 -20.27 56.29
N ASP O 249 -17.85 -20.15 56.80
CA ASP O 249 -18.21 -18.95 57.55
C ASP O 249 -17.57 -18.93 58.93
N PHE O 250 -17.55 -20.07 59.62
CA PHE O 250 -16.86 -20.15 60.91
C PHE O 250 -15.37 -19.87 60.77
N GLN O 251 -14.70 -20.50 59.81
CA GLN O 251 -13.28 -20.25 59.60
C GLN O 251 -13.01 -18.80 59.21
N ALA O 252 -13.89 -18.21 58.39
CA ALA O 252 -13.76 -16.80 58.06
C ALA O 252 -13.80 -15.89 59.28
N TRP O 253 -14.57 -16.25 60.31
CA TRP O 253 -14.50 -15.52 61.58
C TRP O 253 -13.19 -15.78 62.31
N VAL O 254 -12.79 -17.05 62.42
CA VAL O 254 -11.52 -17.38 63.06
C VAL O 254 -10.36 -16.62 62.41
N ASP O 255 -10.36 -16.55 61.09
CA ASP O 255 -9.33 -15.78 60.38
C ASP O 255 -9.37 -14.29 60.71
N SER O 256 -10.45 -13.78 61.30
CA SER O 256 -10.51 -12.40 61.74
C SER O 256 -10.20 -12.20 63.22
N VAL O 257 -10.33 -13.24 64.04
CA VAL O 257 -9.98 -13.13 65.45
C VAL O 257 -8.51 -12.76 65.61
N SER O 258 -7.66 -13.28 64.74
CA SER O 258 -6.23 -12.98 64.82
C SER O 258 -5.94 -11.49 64.65
N ALA O 259 -6.75 -10.77 63.88
CA ALA O 259 -6.55 -9.34 63.74
C ALA O 259 -7.06 -8.53 64.93
N SER O 260 -8.18 -8.94 65.53
CA SER O 260 -8.89 -8.13 66.52
C SER O 260 -9.33 -8.98 67.70
N PRO O 261 -8.39 -9.48 68.49
CA PRO O 261 -8.76 -10.34 69.61
C PRO O 261 -9.30 -9.56 70.79
N ASP O 262 -10.03 -10.28 71.65
CA ASP O 262 -10.56 -9.75 72.90
C ASP O 262 -10.18 -10.66 74.06
N PHE O 263 -10.33 -10.12 75.27
CA PHE O 263 -10.29 -10.91 76.49
C PHE O 263 -11.43 -11.93 76.56
N VAL O 264 -11.06 -13.21 76.46
CA VAL O 264 -12.04 -14.28 76.27
C VAL O 264 -11.93 -15.34 77.36
N ASP O 265 -10.76 -15.47 77.99
CA ASP O 265 -10.58 -16.53 78.98
C ASP O 265 -9.46 -16.15 79.94
N PHE O 266 -9.44 -16.86 81.07
CA PHE O 266 -8.38 -16.74 82.06
C PHE O 266 -7.27 -17.76 81.80
N VAL O 267 -6.06 -17.41 82.25
CA VAL O 267 -4.97 -18.37 82.43
C VAL O 267 -5.22 -19.19 83.70
N PRO O 268 -5.34 -20.52 83.60
CA PRO O 268 -5.85 -21.29 84.75
C PRO O 268 -5.05 -21.15 86.03
N THR O 269 -3.75 -20.89 85.92
CA THR O 269 -2.88 -20.93 87.10
C THR O 269 -2.97 -19.66 87.95
N ILE O 270 -3.20 -18.50 87.33
CA ILE O 270 -3.01 -17.23 88.01
C ILE O 270 -4.05 -16.22 87.50
N PRO O 271 -5.34 -16.57 87.52
CA PRO O 271 -6.31 -15.73 86.79
C PRO O 271 -6.42 -14.31 87.32
N MET O 272 -6.51 -14.14 88.65
CA MET O 272 -6.60 -12.81 89.23
C MET O 272 -6.08 -12.83 90.66
N GLN O 273 -5.68 -11.64 91.14
CA GLN O 273 -5.09 -11.46 92.46
C GLN O 273 -5.99 -10.56 93.29
N GLU O 274 -6.04 -10.82 94.59
CA GLU O 274 -6.83 -10.01 95.49
C GLU O 274 -6.30 -8.58 95.62
N ILE O 275 -7.23 -7.64 95.75
CA ILE O 275 -6.90 -6.21 95.69
C ILE O 275 -6.03 -5.78 96.86
N TRP O 276 -6.24 -6.37 98.05
CA TRP O 276 -5.40 -6.08 99.21
C TRP O 276 -3.99 -6.65 99.12
N THR O 277 -3.65 -7.34 98.03
CA THR O 277 -2.24 -7.57 97.72
C THR O 277 -1.48 -6.26 97.50
N LEU O 278 -2.17 -5.23 97.02
CA LEU O 278 -1.53 -3.96 96.69
C LEU O 278 -1.49 -2.95 97.83
N CYS O 279 -2.23 -3.12 98.91
CA CYS O 279 -2.20 -2.14 99.98
C CYS O 279 -0.91 -2.29 100.79
N SER O 280 -0.37 -1.14 101.23
CA SER O 280 0.96 -1.10 101.84
C SER O 280 0.98 -1.62 103.26
N SER O 281 -0.13 -1.56 103.99
CA SER O 281 -0.16 -1.96 105.39
C SER O 281 -0.83 -3.31 105.56
N GLU O 282 -0.15 -4.22 106.27
CA GLU O 282 -0.73 -5.52 106.57
C GLU O 282 -1.97 -5.39 107.44
N ALA O 283 -2.00 -4.38 108.32
CA ALA O 283 -3.21 -4.10 109.09
C ALA O 283 -4.36 -3.64 108.22
N GLN O 284 -4.08 -2.91 107.15
CA GLN O 284 -5.11 -2.60 106.17
C GLN O 284 -5.54 -3.85 105.42
N ALA O 285 -4.58 -4.67 105.00
CA ALA O 285 -4.91 -5.90 104.28
C ALA O 285 -5.78 -6.82 105.14
N GLU O 286 -5.46 -6.94 106.42
CA GLU O 286 -6.28 -7.74 107.33
C GLU O 286 -7.72 -7.23 107.39
N ALA O 287 -7.90 -5.93 107.53
CA ALA O 287 -9.26 -5.38 107.55
C ALA O 287 -9.99 -5.60 106.23
N MET O 288 -9.31 -5.36 105.10
CA MET O 288 -9.95 -5.59 103.80
C MET O 288 -10.28 -7.06 103.57
N ARG O 289 -9.30 -7.94 103.78
CA ARG O 289 -9.54 -9.37 103.62
C ARG O 289 -10.63 -9.86 104.56
N LYS O 290 -10.60 -9.44 105.83
CA LYS O 290 -11.65 -9.81 106.77
C LYS O 290 -13.01 -9.33 106.30
N HIS O 291 -13.11 -8.08 105.83
CA HIS O 291 -14.38 -7.61 105.29
C HIS O 291 -14.80 -8.39 104.04
N TYR O 292 -13.85 -8.69 103.15
CA TYR O 292 -14.19 -9.34 101.88
C TYR O 292 -14.95 -10.63 102.11
N ASP O 293 -14.46 -11.48 103.01
CA ASP O 293 -15.00 -12.82 103.19
C ASP O 293 -15.98 -12.94 104.34
N ASP O 294 -15.94 -12.01 105.29
CA ASP O 294 -16.93 -11.98 106.35
C ASP O 294 -18.24 -11.33 105.91
N VAL O 295 -18.19 -10.39 104.97
CA VAL O 295 -19.37 -9.58 104.66
C VAL O 295 -19.64 -9.57 103.16
N TRP O 296 -18.69 -9.03 102.39
CA TRP O 296 -19.00 -8.64 101.01
C TRP O 296 -19.21 -9.85 100.12
N ALA O 297 -18.26 -10.78 100.10
CA ALA O 297 -18.42 -11.98 99.27
C ALA O 297 -19.60 -12.85 99.68
N PRO O 298 -19.91 -13.05 100.96
CA PRO O 298 -21.19 -13.68 101.32
C PRO O 298 -22.40 -12.98 100.74
N ALA O 299 -22.55 -11.68 100.99
CA ALA O 299 -23.69 -10.94 100.47
C ALA O 299 -23.77 -10.99 98.95
N GLN O 300 -22.65 -10.82 98.27
CA GLN O 300 -22.66 -10.90 96.81
C GLN O 300 -23.05 -12.30 96.34
N SER O 301 -22.54 -13.35 96.98
CA SER O 301 -22.93 -14.70 96.59
C SER O 301 -24.41 -14.96 96.82
N GLU O 302 -24.94 -14.48 97.95
CA GLU O 302 -26.36 -14.67 98.24
C GLU O 302 -27.25 -13.91 97.27
N LYS O 303 -26.84 -12.69 96.91
CA LYS O 303 -27.62 -11.87 95.98
C LYS O 303 -27.61 -12.44 94.57
N TYR O 304 -26.94 -13.56 94.32
CA TYR O 304 -26.98 -14.24 93.03
C TYR O 304 -27.58 -15.64 93.15
N ARG O 305 -28.18 -15.95 94.29
CA ARG O 305 -28.85 -17.22 94.48
C ARG O 305 -30.26 -17.15 93.91
N VAL O 306 -30.66 -18.16 93.15
CA VAL O 306 -31.87 -18.13 92.35
C VAL O 306 -32.90 -19.07 92.97
N LYS O 307 -34.08 -18.53 93.25
CA LYS O 307 -35.22 -19.34 93.69
C LYS O 307 -35.80 -20.12 92.51
N ALA O 308 -36.47 -21.21 92.81
CA ALA O 308 -37.34 -21.84 91.83
C ALA O 308 -38.77 -21.32 91.96
N ASN O 309 -39.50 -21.42 90.85
CA ASN O 309 -40.95 -21.20 90.88
C ASN O 309 -41.61 -22.24 91.77
N TYR O 310 -42.77 -21.89 92.32
CA TYR O 310 -43.50 -22.75 93.22
C TYR O 310 -44.99 -22.71 92.94
N ILE O 311 -45.68 -23.79 93.30
CA ILE O 311 -47.13 -23.86 93.15
C ILE O 311 -47.79 -23.08 94.27
N ASP O 312 -48.71 -22.18 93.89
CA ASP O 312 -49.50 -21.43 94.85
C ASP O 312 -51.00 -21.71 94.82
N GLN O 313 -51.52 -22.31 93.74
CA GLN O 313 -52.94 -22.58 93.66
C GLN O 313 -53.18 -23.78 92.76
N LEU O 314 -54.15 -24.62 93.15
CA LEU O 314 -54.58 -25.78 92.38
C LEU O 314 -56.08 -25.69 92.09
N VAL O 315 -56.48 -26.19 90.94
CA VAL O 315 -57.89 -26.33 90.57
C VAL O 315 -58.07 -27.60 89.76
N VAL O 316 -59.30 -28.10 89.74
CA VAL O 316 -59.69 -29.26 88.95
C VAL O 316 -60.75 -28.84 87.94
N ILE O 317 -60.65 -29.37 86.72
CA ILE O 317 -61.59 -29.07 85.66
C ILE O 317 -62.15 -30.39 85.12
N THR O 318 -63.43 -30.38 84.80
CA THR O 318 -64.18 -31.57 84.40
C THR O 318 -64.98 -31.29 83.14
N GLY O 319 -65.09 -32.30 82.29
CA GLY O 319 -65.89 -32.16 81.10
C GLY O 319 -65.87 -33.42 80.26
N GLY O 320 -66.53 -33.31 79.11
CA GLY O 320 -66.86 -34.43 78.25
C GLY O 320 -65.85 -34.81 77.18
N SER O 321 -64.68 -34.20 77.14
CA SER O 321 -63.71 -34.54 76.11
C SER O 321 -62.29 -34.34 76.62
N SER O 322 -61.35 -34.99 75.91
CA SER O 322 -59.96 -34.94 76.30
C SER O 322 -59.40 -33.53 76.27
N THR O 323 -59.98 -32.65 75.45
CA THR O 323 -59.38 -31.37 75.11
C THR O 323 -59.94 -30.22 75.94
N ILE O 324 -60.72 -30.51 76.99
CA ILE O 324 -61.13 -29.47 77.92
C ILE O 324 -59.89 -28.80 78.50
N GLU O 325 -60.05 -27.55 78.93
CA GLU O 325 -58.92 -26.64 79.06
C GLU O 325 -59.11 -25.75 80.27
N PRO O 326 -58.04 -25.47 81.02
CA PRO O 326 -58.19 -24.79 82.31
C PRO O 326 -58.57 -23.34 82.14
N PRO O 327 -58.93 -22.66 83.24
CA PRO O 327 -58.94 -21.20 83.23
C PRO O 327 -57.57 -20.64 82.88
N VAL O 328 -57.58 -19.50 82.20
CA VAL O 328 -56.39 -19.02 81.48
C VAL O 328 -55.19 -18.89 82.40
N GLY O 329 -55.41 -18.58 83.67
CA GLY O 329 -54.30 -18.43 84.60
C GLY O 329 -53.58 -19.72 84.94
N TYR O 330 -54.20 -20.87 84.70
CA TYR O 330 -53.66 -22.16 85.11
C TYR O 330 -53.12 -22.94 83.91
N SER O 331 -52.33 -23.96 84.21
CA SER O 331 -51.87 -24.92 83.23
C SER O 331 -52.22 -26.34 83.70
N LYS O 332 -52.39 -27.24 82.74
CA LYS O 332 -53.06 -28.51 82.97
C LYS O 332 -52.05 -29.65 83.08
N ILE O 333 -52.25 -30.50 84.08
CA ILE O 333 -51.61 -31.81 84.14
C ILE O 333 -52.40 -32.76 83.24
N GLU O 334 -51.78 -33.19 82.15
CA GLU O 334 -52.45 -33.88 81.04
C GLU O 334 -52.90 -35.30 81.36
N TYR O 335 -52.90 -35.80 82.60
CA TYR O 335 -53.32 -37.18 82.88
C TYR O 335 -54.71 -37.16 83.49
N ASP O 336 -55.64 -37.88 82.87
CA ASP O 336 -57.04 -37.85 83.28
C ASP O 336 -57.21 -38.59 84.60
N LEU O 337 -57.77 -37.91 85.60
CA LEU O 337 -58.07 -38.51 86.90
C LEU O 337 -59.23 -39.49 86.85
N ASN O 338 -59.78 -39.79 85.68
CA ASN O 338 -60.64 -40.96 85.49
C ASN O 338 -60.15 -41.85 84.35
N ALA O 339 -58.86 -41.79 84.04
CA ALA O 339 -58.31 -42.60 82.95
C ALA O 339 -58.68 -44.06 83.13
N GLY O 340 -59.40 -44.59 82.15
CA GLY O 340 -59.91 -45.94 82.19
C GLY O 340 -61.12 -46.15 83.08
N ALA O 341 -61.52 -45.14 83.85
CA ALA O 341 -62.66 -45.25 84.74
C ALA O 341 -63.95 -44.76 84.10
N GLY O 342 -63.89 -44.29 82.85
CA GLY O 342 -65.06 -43.74 82.21
C GLY O 342 -65.55 -42.47 82.89
N GLY O 343 -66.81 -42.14 82.61
CA GLY O 343 -67.42 -40.94 83.16
C GLY O 343 -66.93 -39.67 82.49
N ASP O 344 -66.85 -38.60 83.28
CA ASP O 344 -66.23 -37.36 82.83
C ASP O 344 -64.71 -37.48 82.78
N PHE O 345 -64.12 -36.79 81.81
CA PHE O 345 -62.71 -36.46 81.90
C PHE O 345 -62.47 -35.47 83.02
N ILE O 346 -61.43 -35.71 83.83
CA ILE O 346 -61.07 -34.86 84.94
C ILE O 346 -59.57 -34.58 84.88
N TYR O 347 -59.20 -33.32 85.03
CA TYR O 347 -57.79 -32.92 85.03
C TYR O 347 -57.49 -32.01 86.21
N LEU O 348 -56.29 -32.16 86.76
CA LEU O 348 -55.79 -31.31 87.83
C LEU O 348 -54.93 -30.20 87.21
N CYS O 349 -55.15 -28.97 87.66
CA CYS O 349 -54.49 -27.81 87.09
C CYS O 349 -53.87 -26.98 88.22
N TYR O 350 -52.81 -26.25 87.88
CA TYR O 350 -52.03 -25.55 88.89
C TYR O 350 -51.62 -24.17 88.37
N HIS O 351 -51.32 -23.28 89.31
CA HIS O 351 -50.62 -22.03 89.05
C HIS O 351 -49.26 -22.08 89.71
N GLU O 352 -48.21 -21.73 88.97
CA GLU O 352 -46.86 -21.61 89.50
C GLU O 352 -46.48 -20.14 89.62
N GLN O 353 -46.09 -19.73 90.82
CA GLN O 353 -45.87 -18.33 91.17
C GLN O 353 -44.40 -18.00 91.10
N THR O 354 -44.08 -16.87 90.47
CA THR O 354 -42.72 -16.33 90.55
C THR O 354 -42.49 -15.73 91.93
N TRP O 355 -41.38 -16.12 92.55
CA TRP O 355 -41.01 -15.56 93.84
C TRP O 355 -40.63 -14.09 93.73
N GLN O 356 -41.05 -13.32 94.73
CA GLN O 356 -40.78 -11.89 94.81
C GLN O 356 -40.29 -11.56 96.21
N ALA O 357 -39.24 -10.74 96.29
CA ALA O 357 -38.59 -10.50 97.57
C ALA O 357 -39.49 -9.73 98.53
N ASP O 358 -40.26 -8.77 98.02
CA ASP O 358 -41.06 -7.89 98.85
C ASP O 358 -42.49 -8.38 99.07
N ARG O 359 -42.96 -9.35 98.30
CA ARG O 359 -44.31 -9.86 98.46
C ARG O 359 -44.42 -11.31 98.02
N PRO O 360 -43.70 -12.22 98.68
CA PRO O 360 -43.96 -13.65 98.44
C PRO O 360 -45.36 -14.03 98.84
N LYS O 361 -46.03 -14.81 97.99
CA LYS O 361 -47.32 -15.37 98.33
C LYS O 361 -47.15 -16.57 99.27
N ASP O 362 -48.26 -17.20 99.62
CA ASP O 362 -48.22 -18.59 100.05
C ASP O 362 -47.83 -19.49 98.89
N ALA O 363 -47.06 -20.53 99.21
CA ALA O 363 -47.00 -21.73 98.40
C ALA O 363 -48.00 -22.77 98.91
N VAL O 364 -48.37 -23.70 98.03
CA VAL O 364 -48.89 -24.98 98.49
C VAL O 364 -47.77 -25.75 99.17
N THR O 365 -48.06 -26.31 100.34
CA THR O 365 -47.07 -27.07 101.10
C THR O 365 -47.49 -28.48 101.49
N ASP O 366 -48.77 -28.83 101.42
CA ASP O 366 -49.18 -30.21 101.59
C ASP O 366 -50.45 -30.47 100.80
N ILE O 367 -50.64 -31.74 100.43
CA ILE O 367 -51.84 -32.16 99.70
C ILE O 367 -52.33 -33.46 100.33
N ARG O 368 -53.65 -33.61 100.42
CA ARG O 368 -54.26 -34.80 100.97
C ARG O 368 -55.51 -35.13 100.15
N ILE O 369 -55.91 -36.40 100.21
CA ILE O 369 -57.18 -36.86 99.66
C ILE O 369 -58.04 -37.40 100.79
N ILE O 370 -59.28 -36.93 100.86
CA ILE O 370 -60.14 -37.12 102.03
C ILE O 370 -61.32 -38.04 101.75
N PHE O 371 -61.61 -38.34 100.50
CA PHE O 371 -62.68 -39.27 100.10
C PHE O 371 -64.04 -38.84 100.66
N ASN O 372 -64.89 -39.84 100.90
CA ASN O 372 -66.35 -39.68 100.86
C ASN O 372 -66.88 -38.58 101.77
N LYS O 373 -66.68 -38.72 103.08
CA LYS O 373 -67.35 -37.86 104.06
C LYS O 373 -66.43 -37.31 105.14
N GLU O 374 -65.15 -37.70 105.16
CA GLU O 374 -64.28 -37.24 106.23
C GLU O 374 -64.18 -35.71 106.17
N PRO O 375 -64.22 -35.04 107.33
CA PRO O 375 -64.10 -33.58 107.32
C PRO O 375 -62.75 -33.11 106.79
N THR O 376 -62.75 -31.91 106.23
CA THR O 376 -61.52 -31.34 105.71
C THR O 376 -60.52 -31.15 106.86
N PRO O 377 -59.28 -31.61 106.71
CA PRO O 377 -58.31 -31.49 107.81
C PRO O 377 -58.05 -30.04 108.18
N PRO O 378 -57.62 -29.79 109.41
CA PRO O 378 -57.58 -28.42 109.94
C PRO O 378 -56.70 -27.49 109.10
N GLY O 379 -57.34 -26.45 108.57
CA GLY O 379 -56.67 -25.45 107.75
C GLY O 379 -56.42 -25.81 106.31
N TYR O 380 -56.82 -26.99 105.85
CA TYR O 380 -56.74 -27.31 104.44
C TYR O 380 -57.91 -26.70 103.68
N THR O 381 -57.65 -26.32 102.44
CA THR O 381 -58.70 -26.07 101.47
C THR O 381 -59.13 -27.37 100.80
N LYS O 382 -60.34 -27.35 100.24
CA LYS O 382 -60.88 -28.49 99.51
C LYS O 382 -61.40 -28.03 98.16
N LEU O 383 -61.09 -28.80 97.13
CA LEU O 383 -61.68 -28.60 95.81
C LEU O 383 -63.06 -29.25 95.73
N PRO O 384 -64.07 -28.54 95.21
CA PRO O 384 -65.44 -29.07 95.28
C PRO O 384 -65.74 -30.19 94.28
N GLN O 385 -64.96 -30.32 93.21
CA GLN O 385 -65.21 -31.35 92.22
C GLN O 385 -64.93 -32.74 92.79
N ASP O 386 -65.86 -33.66 92.57
CA ASP O 386 -65.62 -35.07 92.80
C ASP O 386 -64.69 -35.64 91.73
N LEU O 387 -63.56 -36.19 92.16
CA LEU O 387 -62.57 -36.74 91.24
C LEU O 387 -62.93 -38.14 90.76
N ASN O 388 -64.17 -38.60 91.00
CA ASN O 388 -64.77 -39.69 90.26
C ASN O 388 -66.08 -39.28 89.59
N LYS O 389 -66.30 -37.98 89.40
CA LYS O 389 -67.52 -37.52 88.74
C LYS O 389 -67.76 -38.27 87.44
N GLY O 390 -68.95 -38.85 87.33
CA GLY O 390 -69.31 -39.72 86.23
C GLY O 390 -68.71 -41.11 86.27
N ALA O 391 -67.65 -41.33 87.03
CA ALA O 391 -66.99 -42.62 87.07
C ALA O 391 -67.62 -43.58 88.06
N GLY O 392 -68.53 -43.09 88.91
CA GLY O 392 -69.10 -43.89 89.98
C GLY O 392 -68.15 -43.99 91.16
N GLY O 393 -68.01 -45.19 91.71
CA GLY O 393 -67.11 -45.41 92.82
C GLY O 393 -67.51 -44.59 94.05
N ASP O 394 -66.51 -44.37 94.90
CA ASP O 394 -66.64 -43.48 96.03
C ASP O 394 -66.39 -42.03 95.60
N ASP O 395 -66.94 -41.09 96.38
CA ASP O 395 -66.70 -39.68 96.12
C ASP O 395 -65.29 -39.31 96.57
N VAL O 396 -64.50 -38.76 95.65
CA VAL O 396 -63.10 -38.44 95.88
C VAL O 396 -62.93 -36.93 95.82
N PHE O 397 -62.30 -36.37 96.85
CA PHE O 397 -61.97 -34.95 96.91
C PHE O 397 -60.52 -34.76 97.32
N LEU O 398 -59.84 -33.82 96.66
CA LEU O 398 -58.46 -33.48 96.96
C LEU O 398 -58.40 -32.18 97.77
N CYS O 399 -57.58 -32.20 98.82
CA CYS O 399 -57.40 -31.07 99.72
C CYS O 399 -55.92 -30.69 99.74
N TYR O 400 -55.65 -29.40 99.96
CA TYR O 400 -54.26 -28.94 100.03
C TYR O 400 -54.15 -27.79 101.02
N LYS O 401 -52.97 -27.69 101.63
CA LYS O 401 -52.64 -26.69 102.62
C LYS O 401 -51.66 -25.69 102.01
N THR O 402 -51.88 -24.40 102.30
CA THR O 402 -51.00 -23.34 101.84
C THR O 402 -50.39 -22.61 103.03
N GLU O 403 -49.14 -22.20 102.87
CA GLU O 403 -48.36 -21.57 103.92
C GLU O 403 -47.40 -20.57 103.29
N ALA O 404 -46.98 -19.59 104.09
CA ALA O 404 -46.07 -18.57 103.59
C ALA O 404 -44.80 -19.21 103.04
N TYR O 405 -44.28 -18.61 101.97
CA TYR O 405 -43.23 -19.24 101.19
C TYR O 405 -42.01 -19.58 102.04
N ASN O 406 -41.48 -20.78 101.84
CA ASN O 406 -40.15 -21.14 102.34
C ASN O 406 -39.55 -22.13 101.36
N THR O 407 -38.29 -21.91 100.98
CA THR O 407 -37.64 -22.79 100.02
C THR O 407 -37.58 -24.23 100.52
N ASP O 408 -37.61 -24.44 101.84
CA ASP O 408 -37.57 -25.78 102.41
C ASP O 408 -38.84 -26.58 102.14
N THR O 409 -39.95 -25.91 101.79
CA THR O 409 -41.25 -26.57 101.80
C THR O 409 -42.19 -26.13 100.69
N ALA O 410 -41.96 -25.01 100.02
CA ALA O 410 -42.78 -24.64 98.88
C ALA O 410 -42.68 -25.69 97.78
N ILE O 411 -43.81 -26.31 97.46
CA ILE O 411 -43.84 -27.35 96.43
C ILE O 411 -43.58 -26.71 95.08
N ASN O 412 -42.58 -27.21 94.36
CA ASN O 412 -42.23 -26.66 93.07
C ASN O 412 -43.01 -27.29 91.92
N LYS O 413 -43.26 -28.60 91.96
CA LYS O 413 -44.00 -29.25 90.90
C LYS O 413 -44.92 -30.33 91.47
N VAL O 414 -45.97 -30.63 90.72
CA VAL O 414 -46.86 -31.75 90.99
C VAL O 414 -47.11 -32.48 89.68
N THR O 415 -47.41 -33.77 89.79
CA THR O 415 -47.86 -34.55 88.64
C THR O 415 -48.77 -35.66 89.12
N VAL O 416 -49.55 -36.20 88.19
CA VAL O 416 -50.44 -37.33 88.44
C VAL O 416 -49.98 -38.53 87.63
N ILE O 417 -49.81 -39.67 88.30
CA ILE O 417 -49.29 -40.90 87.72
C ILE O 417 -50.29 -42.02 87.96
N GLY O 418 -50.41 -42.92 86.99
CA GLY O 418 -51.38 -43.99 87.12
C GLY O 418 -51.04 -45.19 86.28
N GLY O 419 -51.60 -46.33 86.67
CA GLY O 419 -51.31 -47.57 86.00
C GLY O 419 -52.11 -48.69 86.63
N ASN O 420 -51.83 -49.92 86.18
CA ASN O 420 -52.58 -51.07 86.68
C ASN O 420 -52.16 -51.50 88.08
N ASN O 421 -50.89 -51.29 88.45
CA ASN O 421 -50.42 -51.68 89.76
C ASN O 421 -50.82 -50.66 90.80
N ALA O 422 -51.18 -51.12 92.01
CA ALA O 422 -51.37 -50.21 93.12
C ALA O 422 -50.04 -49.63 93.62
N ASP O 423 -49.01 -50.47 93.73
CA ASP O 423 -47.66 -50.04 94.07
C ASP O 423 -46.93 -49.45 92.88
N ILE O 424 -47.37 -48.29 92.38
CA ILE O 424 -46.72 -47.68 91.24
C ILE O 424 -45.66 -46.68 91.73
N ASN O 425 -44.62 -46.48 90.92
CA ASN O 425 -43.48 -45.66 91.29
C ASN O 425 -43.66 -44.24 90.77
N ALA O 426 -43.47 -43.28 91.68
CA ALA O 426 -43.37 -41.88 91.30
C ALA O 426 -42.02 -41.57 90.63
N PRO O 427 -41.96 -40.49 89.85
CA PRO O 427 -40.67 -40.04 89.33
C PRO O 427 -39.69 -39.74 90.45
N TYR O 428 -38.41 -39.82 90.12
CA TYR O 428 -37.35 -39.68 91.11
C TYR O 428 -37.47 -38.34 91.83
N GLY O 429 -37.43 -38.39 93.16
CA GLY O 429 -37.54 -37.20 93.99
C GLY O 429 -38.95 -36.72 94.24
N TYR O 430 -39.94 -37.21 93.50
CA TYR O 430 -41.32 -36.92 93.82
C TYR O 430 -41.80 -37.79 94.98
N LEU O 431 -42.73 -37.26 95.76
CA LEU O 431 -43.47 -37.99 96.76
C LEU O 431 -44.93 -38.07 96.33
N LYS O 432 -45.48 -39.28 96.28
CA LYS O 432 -46.88 -39.46 95.95
C LYS O 432 -47.71 -39.46 97.23
N VAL O 433 -48.91 -38.88 97.13
CA VAL O 433 -49.87 -38.89 98.23
C VAL O 433 -50.54 -40.26 98.36
N PRO O 434 -50.91 -40.67 99.57
CA PRO O 434 -51.71 -41.88 99.72
C PRO O 434 -53.13 -41.71 99.21
N GLY O 435 -53.74 -42.82 98.83
CA GLY O 435 -55.11 -42.84 98.33
C GLY O 435 -55.23 -42.76 96.82
N ASP O 436 -56.21 -43.48 96.28
CA ASP O 436 -56.38 -43.63 94.84
C ASP O 436 -57.48 -42.71 94.36
N LEU O 437 -57.16 -41.89 93.34
CA LEU O 437 -58.13 -41.00 92.73
C LEU O 437 -59.17 -41.73 91.88
N ASN O 438 -59.10 -43.05 91.81
CA ASN O 438 -60.19 -43.87 91.29
C ASN O 438 -60.68 -44.91 92.31
N ARG O 439 -60.44 -44.67 93.60
CA ARG O 439 -60.89 -45.61 94.62
C ARG O 439 -62.35 -45.99 94.40
N GLY O 440 -62.60 -47.30 94.32
CA GLY O 440 -63.92 -47.83 94.09
C GLY O 440 -64.39 -47.76 92.65
N ALA O 441 -63.76 -46.95 91.81
CA ALA O 441 -64.08 -46.92 90.39
C ALA O 441 -63.27 -48.00 89.68
N GLY O 442 -63.59 -48.20 88.40
CA GLY O 442 -62.76 -49.03 87.56
C GLY O 442 -61.46 -48.37 87.14
N GLY O 443 -60.82 -48.91 86.11
CA GLY O 443 -59.65 -48.32 85.49
C GLY O 443 -58.38 -48.39 86.33
N ASN O 444 -57.47 -47.47 86.01
CA ASN O 444 -56.16 -47.42 86.63
C ASN O 444 -56.24 -46.95 88.09
N PHE O 445 -55.24 -47.35 88.87
CA PHE O 445 -54.88 -46.59 90.06
C PHE O 445 -54.22 -45.27 89.65
N ILE O 446 -54.56 -44.21 90.38
CA ILE O 446 -54.06 -42.87 90.07
C ILE O 446 -53.68 -42.15 91.37
N TYR O 447 -52.50 -41.52 91.37
CA TYR O 447 -51.95 -40.88 92.56
C TYR O 447 -51.37 -39.53 92.17
N ALA O 448 -51.47 -38.57 93.08
CA ALA O 448 -50.81 -37.27 92.92
C ALA O 448 -49.40 -37.29 93.52
N CYS O 449 -48.43 -36.92 92.69
CA CYS O 449 -47.03 -36.82 93.08
C CYS O 449 -46.61 -35.36 93.25
N THR O 450 -45.82 -35.10 94.29
CA THR O 450 -45.39 -33.75 94.65
C THR O 450 -43.87 -33.71 94.67
N PHE O 451 -43.32 -32.58 94.25
CA PHE O 451 -41.87 -32.39 94.20
C PHE O 451 -41.48 -31.07 94.84
N VAL O 452 -40.48 -31.11 95.72
CA VAL O 452 -39.93 -29.92 96.36
C VAL O 452 -38.44 -29.88 96.06
N GLY O 453 -37.97 -28.75 95.55
CA GLY O 453 -36.57 -28.58 95.20
C GLY O 453 -35.66 -28.36 96.39
N LYS O 454 -36.19 -27.73 97.44
CA LYS O 454 -35.36 -27.28 98.56
C LYS O 454 -34.29 -26.33 98.07
N THR P 1 -7.57 14.24 67.50
CA THR P 1 -8.91 13.62 67.30
C THR P 1 -9.33 12.86 68.56
N VAL P 2 -10.47 13.25 69.13
CA VAL P 2 -10.98 12.66 70.36
C VAL P 2 -11.79 11.42 70.01
N LEU P 3 -11.70 10.41 70.87
CA LEU P 3 -12.48 9.20 70.68
C LEU P 3 -13.96 9.49 70.84
N PRO P 4 -14.82 8.98 69.96
CA PRO P 4 -16.26 9.14 70.16
C PRO P 4 -16.69 8.57 71.51
N GLY P 5 -17.45 9.37 72.26
CA GLY P 5 -17.94 8.99 73.58
C GLY P 5 -17.33 9.78 74.71
N VAL P 6 -16.18 10.43 74.47
CA VAL P 6 -15.60 11.31 75.47
C VAL P 6 -16.54 12.47 75.78
N GLU P 7 -17.37 12.88 74.82
CA GLU P 7 -18.39 13.88 75.09
C GLU P 7 -19.50 13.36 76.00
N ALA P 8 -19.66 12.04 76.11
CA ALA P 8 -20.82 11.45 76.78
C ALA P 8 -20.49 10.87 78.14
N ILE P 9 -19.25 10.43 78.38
CA ILE P 9 -18.86 10.09 79.73
C ILE P 9 -18.89 11.34 80.60
N GLY P 10 -19.11 11.15 81.90
CA GLY P 10 -19.20 12.24 82.83
C GLY P 10 -20.43 13.11 82.71
N LEU P 11 -21.26 12.88 81.70
CA LEU P 11 -22.52 13.60 81.54
C LEU P 11 -23.42 13.40 82.75
N GLY P 12 -23.93 14.50 83.29
CA GLY P 12 -24.84 14.42 84.42
C GLY P 12 -26.17 13.83 83.97
N TYR P 13 -26.67 12.85 84.73
CA TYR P 13 -27.68 11.92 84.25
C TYR P 13 -28.84 11.84 85.23
N ASN P 14 -30.06 11.71 84.70
CA ASN P 14 -31.22 11.43 85.54
C ASN P 14 -31.67 9.98 85.30
N PRO P 15 -31.46 9.08 86.25
CA PRO P 15 -31.87 7.68 86.05
C PRO P 15 -33.31 7.47 85.60
N PHE P 16 -34.25 8.19 86.20
CA PHE P 16 -35.66 8.03 85.91
C PHE P 16 -36.06 8.41 84.49
N ILE P 17 -35.44 9.43 83.89
CA ILE P 17 -35.91 9.86 82.58
C ILE P 17 -35.80 8.75 81.55
N SER P 18 -34.66 8.06 81.48
CA SER P 18 -34.57 7.01 80.47
C SER P 18 -33.42 6.07 80.77
N TYR P 19 -33.37 5.00 79.99
CA TYR P 19 -32.31 3.99 80.08
C TYR P 19 -31.32 4.18 78.94
N ALA P 20 -30.04 4.33 79.27
CA ALA P 20 -28.96 4.18 78.30
C ALA P 20 -29.14 5.14 77.12
N SER P 21 -29.70 6.31 77.39
CA SER P 21 -29.86 7.34 76.39
C SER P 21 -29.29 8.65 76.92
N VAL P 22 -28.66 9.41 76.01
CA VAL P 22 -28.08 10.69 76.38
C VAL P 22 -29.12 11.77 76.61
N ASN P 23 -30.32 11.60 76.07
CA ASN P 23 -31.43 12.51 76.34
C ASN P 23 -31.78 12.57 77.82
N SER P 24 -31.39 11.56 78.59
CA SER P 24 -31.63 11.53 80.03
C SER P 24 -30.60 12.32 80.83
N GLY P 25 -29.56 12.88 80.22
CA GLY P 25 -28.58 13.69 80.93
C GLY P 25 -28.58 15.13 80.48
N ALA P 26 -28.39 16.02 81.46
CA ALA P 26 -28.37 17.47 81.24
C ALA P 26 -26.96 18.06 81.38
N VAL P 27 -26.27 18.22 80.24
CA VAL P 27 -24.99 18.93 80.13
C VAL P 27 -23.83 18.16 80.79
N GLN P 28 -22.62 18.43 80.31
CA GLN P 28 -21.40 17.73 80.73
C GLN P 28 -20.76 18.48 81.88
N LEU P 29 -20.56 17.78 83.00
CA LEU P 29 -19.92 18.38 84.17
C LEU P 29 -18.41 18.54 84.07
N PHE P 30 -17.70 17.70 83.30
CA PHE P 30 -16.25 17.74 83.27
C PHE P 30 -15.68 18.35 82.00
N ASP P 31 -14.58 19.08 82.16
CA ASP P 31 -13.91 19.77 81.06
C ASP P 31 -12.80 18.86 80.55
N TRP P 32 -12.93 18.36 79.33
CA TRP P 32 -11.92 17.48 78.75
C TRP P 32 -11.19 18.08 77.56
N ALA P 33 -11.44 19.33 77.19
CA ALA P 33 -10.62 19.95 76.16
C ALA P 33 -9.27 20.35 76.74
N THR P 34 -9.29 20.96 77.94
CA THR P 34 -8.06 21.38 78.60
C THR P 34 -7.26 20.19 79.11
N ALA P 35 -7.92 19.15 79.58
CA ALA P 35 -7.23 18.05 80.25
C ALA P 35 -6.21 17.37 79.35
N LYS P 36 -5.16 16.86 79.99
CA LYS P 36 -4.12 16.08 79.32
C LYS P 36 -4.72 14.85 78.65
N LYS P 37 -4.33 14.63 77.38
CA LYS P 37 -4.83 13.53 76.59
C LYS P 37 -3.94 12.30 76.67
N ARG P 38 -4.53 11.15 76.35
CA ARG P 38 -3.83 9.89 76.14
C ARG P 38 -4.31 9.29 74.82
N GLU P 39 -3.40 8.69 74.07
CA GLU P 39 -3.79 7.98 72.86
C GLU P 39 -4.43 6.64 73.21
N VAL P 40 -5.45 6.26 72.45
CA VAL P 40 -6.18 5.02 72.69
C VAL P 40 -5.34 3.85 72.18
N PRO P 41 -5.00 2.87 73.02
CA PRO P 41 -4.07 1.83 72.58
C PRO P 41 -4.54 1.08 71.34
N PHE P 42 -5.81 0.72 71.27
CA PHE P 42 -6.35 -0.07 70.16
C PHE P 42 -6.80 0.79 68.98
N LYS P 43 -6.86 2.12 69.11
CA LYS P 43 -7.29 3.01 68.03
C LYS P 43 -6.30 4.18 67.96
N ALA P 44 -5.09 3.88 67.50
CA ALA P 44 -4.10 4.91 67.25
C ALA P 44 -4.64 5.97 66.29
N GLY P 45 -4.38 7.23 66.63
CA GLY P 45 -5.03 8.36 65.99
C GLY P 45 -6.25 8.90 66.69
N TYR P 46 -6.70 8.25 67.76
CA TYR P 46 -7.77 8.79 68.61
C TYR P 46 -7.23 8.94 70.03
N PHE P 47 -7.70 9.99 70.71
CA PHE P 47 -7.18 10.33 72.03
C PHE P 47 -8.32 10.47 73.02
N VAL P 48 -7.99 10.27 74.29
CA VAL P 48 -8.93 10.44 75.39
C VAL P 48 -8.22 11.18 76.51
N PRO P 49 -8.96 11.86 77.38
CA PRO P 49 -8.34 12.37 78.60
C PRO P 49 -7.75 11.23 79.41
N GLU P 50 -6.59 11.48 80.02
CA GLU P 50 -5.84 10.39 80.64
C GLU P 50 -6.59 9.79 81.82
N ILE P 51 -7.58 10.50 82.38
CA ILE P 51 -8.28 9.99 83.54
C ILE P 51 -9.14 8.79 83.17
N VAL P 52 -9.74 8.81 81.97
CA VAL P 52 -10.69 7.76 81.62
C VAL P 52 -9.94 6.50 81.17
N ASP P 53 -10.51 5.35 81.53
CA ASP P 53 -10.04 4.04 81.09
C ASP P 53 -10.98 3.54 80.00
N VAL P 54 -10.45 3.32 78.81
CA VAL P 54 -11.25 2.83 77.68
C VAL P 54 -10.83 1.39 77.39
N GLN P 55 -11.79 0.50 77.43
CA GLN P 55 -11.61 -0.91 77.08
C GLN P 55 -12.37 -1.19 75.79
N GLN P 56 -11.70 -1.83 74.84
CA GLN P 56 -12.43 -2.44 73.74
C GLN P 56 -13.24 -3.62 74.26
N ASN P 57 -14.47 -3.76 73.80
CA ASN P 57 -15.32 -4.89 74.19
C ASN P 57 -16.26 -5.24 73.05
N ASP P 58 -15.73 -5.35 71.83
CA ASP P 58 -16.55 -5.61 70.66
C ASP P 58 -17.34 -6.92 70.81
N SER P 59 -18.65 -6.80 71.03
CA SER P 59 -19.47 -7.94 71.41
C SER P 59 -20.94 -7.55 71.25
N ALA P 60 -21.58 -8.11 70.23
CA ALA P 60 -23.03 -8.10 70.09
C ALA P 60 -23.67 -8.86 71.25
N THR P 61 -24.62 -8.22 71.92
CA THR P 61 -25.05 -8.63 73.25
C THR P 61 -26.55 -8.36 73.40
N TYR P 62 -27.18 -9.08 74.31
CA TYR P 62 -28.61 -8.98 74.57
C TYR P 62 -28.86 -8.45 75.97
N THR P 63 -29.82 -7.52 76.08
CA THR P 63 -30.44 -7.19 77.36
C THR P 63 -31.95 -7.33 77.16
N ASN P 64 -32.56 -8.21 77.94
CA ASN P 64 -34.00 -8.47 77.83
C ASN P 64 -34.68 -8.24 79.17
N VAL P 65 -35.82 -7.56 79.14
CA VAL P 65 -36.60 -7.21 80.32
C VAL P 65 -38.03 -7.66 80.06
N SER P 66 -38.65 -8.27 81.06
CA SER P 66 -40.00 -8.78 80.89
C SER P 66 -40.74 -8.77 82.21
N GLY P 67 -42.07 -8.78 82.12
CA GLY P 67 -42.91 -8.88 83.30
C GLY P 67 -44.36 -9.18 82.96
N ASN P 68 -45.01 -10.01 83.78
CA ASN P 68 -46.41 -10.33 83.55
C ASN P 68 -47.30 -9.11 83.77
N THR P 69 -46.77 -8.08 84.42
CA THR P 69 -47.51 -6.86 84.69
C THR P 69 -46.52 -5.70 84.74
N ILE P 70 -47.03 -4.50 84.55
CA ILE P 70 -46.17 -3.33 84.42
C ILE P 70 -45.34 -3.14 85.68
N SER P 71 -45.97 -3.29 86.85
CA SER P 71 -45.24 -3.11 88.10
C SER P 71 -44.13 -4.15 88.25
N GLU P 72 -44.30 -5.30 87.60
CA GLU P 72 -43.21 -6.26 87.53
C GLU P 72 -42.16 -5.84 86.49
N TYR P 73 -42.62 -5.43 85.30
CA TYR P 73 -41.70 -4.95 84.28
C TYR P 73 -40.90 -3.76 84.77
N GLN P 74 -41.54 -2.85 85.49
CA GLN P 74 -40.83 -1.70 86.04
C GLN P 74 -39.74 -2.11 87.02
N ARG P 75 -39.92 -3.24 87.73
CA ARG P 75 -38.88 -3.69 88.65
C ARG P 75 -37.80 -4.50 87.94
N SER P 76 -38.17 -5.35 86.98
CA SER P 76 -37.14 -6.04 86.19
C SER P 76 -36.36 -5.06 85.32
N LEU P 77 -36.97 -3.95 84.91
CA LEU P 77 -36.23 -2.87 84.28
C LEU P 77 -35.28 -2.19 85.27
N ALA P 78 -35.81 -1.75 86.41
CA ALA P 78 -35.00 -1.03 87.39
C ALA P 78 -33.80 -1.85 87.84
N THR P 79 -33.98 -3.15 88.04
CA THR P 79 -32.91 -4.04 88.47
C THR P 79 -31.99 -4.48 87.34
N SER P 80 -32.23 -4.02 86.11
CA SER P 80 -31.32 -4.36 85.01
C SER P 80 -30.00 -3.61 85.10
N VAL P 81 -29.84 -2.72 86.06
CA VAL P 81 -28.62 -1.95 86.25
C VAL P 81 -28.28 -1.96 87.73
N ALA P 82 -26.99 -2.03 88.05
CA ALA P 82 -26.54 -2.00 89.44
C ALA P 82 -26.72 -0.60 89.98
N ILE P 83 -27.84 -0.37 90.67
CA ILE P 83 -28.17 0.96 91.19
C ILE P 83 -28.95 0.77 92.48
N GLU P 84 -28.82 1.74 93.38
CA GLU P 84 -29.33 1.59 94.73
C GLU P 84 -30.81 1.95 94.83
N GLY P 85 -31.53 1.17 95.63
CA GLY P 85 -32.91 1.45 95.97
C GLY P 85 -33.94 0.85 95.03
N ARG P 86 -35.18 0.85 95.50
CA ARG P 86 -36.31 0.23 94.84
C ARG P 86 -37.02 1.18 93.89
N TYR P 87 -36.45 2.34 93.61
CA TYR P 87 -37.13 3.34 92.79
C TYR P 87 -37.32 2.85 91.36
N ASN P 88 -38.34 3.41 90.71
CA ASN P 88 -38.71 3.09 89.32
C ASN P 88 -37.74 3.74 88.33
N PHE P 89 -36.47 3.37 88.45
CA PHE P 89 -35.47 3.93 87.53
C PHE P 89 -35.79 3.58 86.09
N PHE P 90 -35.34 4.44 85.18
CA PHE P 90 -35.57 4.26 83.75
C PHE P 90 -37.03 4.25 83.33
N SER P 91 -37.95 4.48 84.27
CA SER P 91 -39.35 4.21 84.02
C SER P 91 -39.98 5.23 83.06
N GLY P 92 -39.32 6.37 82.85
CA GLY P 92 -39.75 7.29 81.82
C GLY P 92 -39.74 6.73 80.41
N SER P 93 -38.95 5.68 80.16
CA SER P 93 -38.97 5.03 78.86
C SER P 93 -40.33 4.40 78.54
N LEU P 94 -41.13 4.09 79.56
CA LEU P 94 -42.46 3.54 79.33
C LEU P 94 -43.28 4.44 78.40
N SER P 95 -43.25 5.75 78.62
CA SER P 95 -44.04 6.68 77.82
C SER P 95 -43.73 6.61 76.34
N THR P 96 -42.61 6.01 75.95
CA THR P 96 -42.26 5.92 74.54
C THR P 96 -42.07 4.49 74.03
N ASP P 97 -41.86 3.52 74.92
CA ASP P 97 -41.82 2.13 74.50
C ASP P 97 -43.22 1.58 74.20
N PHE P 98 -44.22 1.96 74.98
CA PHE P 98 -45.52 1.33 74.95
C PHE P 98 -46.62 2.36 74.76
N ASP P 99 -47.71 1.94 74.11
CA ASP P 99 -48.89 2.78 74.00
C ASP P 99 -49.54 2.99 75.35
N SER P 100 -49.95 4.23 75.61
CA SER P 100 -50.34 4.61 76.97
C SER P 100 -51.54 3.79 77.46
N ASN P 101 -52.52 3.57 76.58
CA ASN P 101 -53.62 2.68 76.93
C ASN P 101 -53.12 1.28 77.29
N SER P 102 -52.07 0.82 76.61
CA SER P 102 -51.60 -0.55 76.79
C SER P 102 -50.82 -0.72 78.09
N LEU P 103 -50.23 0.36 78.60
CA LEU P 103 -49.74 0.34 79.98
C LEU P 103 -50.89 0.25 80.97
N ARG P 104 -51.99 0.98 80.72
CA ARG P 104 -53.13 0.95 81.60
C ARG P 104 -53.94 -0.33 81.47
N ASN P 105 -53.86 -1.01 80.33
CA ASN P 105 -54.61 -2.25 80.10
C ASN P 105 -53.99 -3.40 80.90
N ALA P 106 -54.71 -3.87 81.93
CA ALA P 106 -54.25 -4.97 82.77
C ALA P 106 -54.20 -6.32 82.08
N GLU P 107 -54.75 -6.47 80.88
CA GLU P 107 -54.57 -7.71 80.12
C GLU P 107 -53.21 -7.84 79.44
N ASN P 108 -52.35 -6.84 79.53
CA ASN P 108 -51.08 -6.88 78.82
C ASN P 108 -49.95 -7.36 79.72
N GLU P 109 -49.00 -8.06 79.11
CA GLU P 109 -47.68 -8.31 79.67
C GLU P 109 -46.62 -7.83 78.69
N PHE P 110 -45.47 -7.43 79.24
CA PHE P 110 -44.55 -6.52 78.57
C PHE P 110 -43.17 -7.16 78.43
N THR P 111 -42.56 -7.01 77.26
CA THR P 111 -41.22 -7.49 77.00
C THR P 111 -40.46 -6.45 76.19
N ARG P 112 -39.21 -6.21 76.58
CA ARG P 112 -38.29 -5.36 75.81
C ARG P 112 -37.03 -6.14 75.47
N ILE P 113 -36.78 -6.31 74.17
CA ILE P 113 -35.65 -7.09 73.65
C ILE P 113 -34.66 -6.11 73.03
N GLN P 114 -33.49 -5.95 73.64
CA GLN P 114 -32.45 -5.05 73.16
C GLN P 114 -31.21 -5.86 72.77
N GLN P 115 -30.82 -5.76 71.49
CA GLN P 115 -29.51 -6.25 71.04
C GLN P 115 -28.54 -5.07 70.98
N SER P 116 -27.68 -4.96 72.00
CA SER P 116 -26.58 -4.00 71.97
C SER P 116 -25.47 -4.47 71.04
N ILE P 117 -25.05 -3.59 70.12
CA ILE P 117 -23.86 -3.85 69.31
C ILE P 117 -22.67 -3.09 69.87
N ASN P 118 -22.04 -3.65 70.90
CA ASN P 118 -20.94 -2.97 71.59
C ASN P 118 -19.72 -2.83 70.69
N LEU P 119 -19.01 -1.71 70.85
CA LEU P 119 -17.69 -1.52 70.24
C LEU P 119 -16.60 -1.30 71.28
N TRP P 120 -16.75 -0.29 72.13
CA TRP P 120 -15.79 0.00 73.19
C TRP P 120 -16.56 0.59 74.36
N SER P 121 -15.90 0.66 75.50
CA SER P 121 -16.53 1.24 76.68
C SER P 121 -15.56 2.11 77.45
N LEU P 122 -16.03 3.28 77.86
CA LEU P 122 -15.24 4.27 78.58
C LEU P 122 -15.60 4.23 80.05
N ARG P 123 -14.59 4.23 80.91
CA ARG P 123 -14.76 4.12 82.35
C ARG P 123 -14.08 5.31 83.01
N LEU P 124 -14.65 5.76 84.13
CA LEU P 124 -14.16 6.94 84.84
C LEU P 124 -14.07 6.63 86.31
N PRO P 125 -12.87 6.70 86.91
CA PRO P 125 -12.72 6.26 88.30
C PRO P 125 -13.20 7.29 89.30
N SER P 126 -13.63 6.78 90.46
CA SER P 126 -14.17 7.58 91.55
C SER P 126 -13.09 8.31 92.35
N VAL P 127 -11.97 8.66 91.72
CA VAL P 127 -10.88 9.28 92.46
C VAL P 127 -11.25 10.71 92.85
N LYS P 128 -10.67 11.16 93.96
CA LYS P 128 -10.93 12.49 94.51
C LYS P 128 -10.54 13.63 93.59
N SER P 129 -9.62 13.40 92.64
CA SER P 129 -9.24 14.47 91.72
C SER P 129 -10.29 14.77 90.65
N LEU P 130 -11.40 14.04 90.61
CA LEU P 130 -12.47 14.38 89.66
C LEU P 130 -12.90 15.83 89.82
N ARG P 131 -13.06 16.28 91.06
CA ARG P 131 -13.43 17.67 91.33
C ARG P 131 -12.54 18.67 90.57
N GLU P 132 -11.26 18.35 90.41
CA GLU P 132 -10.37 19.27 89.72
C GLU P 132 -10.67 19.37 88.23
N LEU P 133 -11.26 18.34 87.64
CA LEU P 133 -11.62 18.36 86.23
C LEU P 133 -13.00 18.96 85.92
N MET P 134 -13.84 19.23 86.93
CA MET P 134 -15.11 19.87 86.62
C MET P 134 -14.90 21.21 85.94
N LEU P 135 -15.83 21.55 85.04
CA LEU P 135 -15.88 22.90 84.49
C LEU P 135 -16.08 23.91 85.62
N PRO P 136 -15.42 25.08 85.55
CA PRO P 136 -15.47 26.00 86.69
C PRO P 136 -16.87 26.46 87.08
N HIS P 137 -17.74 26.75 86.10
CA HIS P 137 -19.09 27.18 86.43
C HIS P 137 -19.92 26.05 87.02
N MET P 138 -19.70 24.82 86.55
CA MET P 138 -20.37 23.66 87.16
C MET P 138 -19.93 23.46 88.60
N ARG P 139 -18.61 23.51 88.85
CA ARG P 139 -18.11 23.43 90.21
C ARG P 139 -18.62 24.59 91.06
N GLN P 140 -18.58 25.81 90.52
CA GLN P 140 -19.09 26.96 91.27
C GLN P 140 -20.56 26.80 91.62
N GLN P 141 -21.37 26.33 90.67
CA GLN P 141 -22.78 26.12 90.93
C GLN P 141 -23.01 25.09 92.03
N LEU P 142 -22.29 23.97 91.96
CA LEU P 142 -22.40 22.95 92.99
C LEU P 142 -21.89 23.45 94.35
N ASP P 143 -20.82 24.25 94.35
CA ASP P 143 -20.26 24.74 95.60
C ASP P 143 -21.16 25.76 96.27
N GLU P 144 -21.91 26.55 95.50
CA GLU P 144 -22.81 27.55 96.06
C GLU P 144 -24.24 27.04 96.27
N LEU P 145 -24.50 25.76 96.00
CA LEU P 145 -25.84 25.22 96.17
C LEU P 145 -26.30 25.38 97.62
N ASN P 146 -27.41 26.10 97.82
CA ASN P 146 -27.96 26.34 99.14
C ASN P 146 -28.73 25.12 99.63
N VAL P 147 -27.99 24.15 100.17
CA VAL P 147 -28.58 22.91 100.65
C VAL P 147 -29.47 23.11 101.87
N ASN P 148 -29.53 24.32 102.42
CA ASN P 148 -30.52 24.66 103.44
C ASN P 148 -31.93 24.80 102.89
N ASP P 149 -32.10 24.86 101.56
CA ASP P 149 -33.44 24.88 100.96
C ASP P 149 -33.66 23.59 100.17
N PRO P 150 -34.61 22.74 100.58
CA PRO P 150 -34.90 21.54 99.79
C PRO P 150 -35.25 21.83 98.34
N LYS P 151 -35.93 22.95 98.07
CA LYS P 151 -36.31 23.26 96.70
C LYS P 151 -35.09 23.53 95.83
N ALA P 152 -34.04 24.13 96.40
CA ALA P 152 -32.81 24.33 95.65
C ALA P 152 -32.15 23.01 95.28
N ILE P 153 -32.05 22.09 96.24
CA ILE P 153 -31.49 20.77 95.94
C ILE P 153 -32.36 20.05 94.92
N SER P 154 -33.68 20.07 95.13
CA SER P 154 -34.60 19.42 94.20
C SER P 154 -34.47 20.00 92.80
N ARG P 155 -34.39 21.33 92.69
CA ARG P 155 -34.14 21.95 91.39
C ARG P 155 -32.78 21.57 90.83
N TYR P 156 -31.76 21.47 91.68
CA TYR P 156 -30.46 21.04 91.20
C TYR P 156 -30.50 19.62 90.63
N PHE P 157 -31.09 18.68 91.37
CA PHE P 157 -31.23 17.32 90.83
C PHE P 157 -32.06 17.31 89.56
N ASP P 158 -33.14 18.09 89.52
CA ASP P 158 -33.94 18.21 88.30
C ASP P 158 -33.15 18.84 87.17
N ARG P 159 -32.49 19.97 87.44
CA ARG P 159 -31.86 20.73 86.36
C ARG P 159 -30.53 20.13 85.92
N VAL P 160 -29.77 19.54 86.85
CA VAL P 160 -28.44 19.05 86.55
C VAL P 160 -28.36 17.53 86.53
N GLY P 161 -29.35 16.83 87.07
CA GLY P 161 -29.27 15.40 87.27
C GLY P 161 -28.78 15.04 88.67
N SER P 162 -29.18 13.84 89.10
CA SER P 162 -28.76 13.34 90.41
C SER P 162 -27.47 12.53 90.36
N HIS P 163 -27.09 12.02 89.19
CA HIS P 163 -25.91 11.19 89.03
C HIS P 163 -25.11 11.73 87.85
N PHE P 164 -23.92 11.17 87.65
CA PHE P 164 -23.19 11.39 86.41
C PHE P 164 -22.61 10.07 85.92
N LEU P 165 -22.49 9.97 84.60
CA LEU P 165 -22.08 8.74 83.95
C LEU P 165 -20.61 8.44 84.25
N THR P 166 -20.35 7.22 84.73
CA THR P 166 -19.00 6.72 84.90
C THR P 166 -18.70 5.47 84.08
N GLY P 167 -19.72 4.82 83.54
CA GLY P 167 -19.50 3.68 82.65
C GLY P 167 -20.32 3.86 81.39
N ILE P 168 -19.66 3.81 80.24
CA ILE P 168 -20.29 4.01 78.95
C ILE P 168 -19.90 2.88 78.02
N VAL P 169 -20.86 2.33 77.30
CA VAL P 169 -20.58 1.44 76.18
C VAL P 169 -21.00 2.19 74.92
N MET P 170 -20.09 2.30 73.95
CA MET P 170 -20.41 2.97 72.70
C MET P 170 -20.62 1.95 71.60
N GLY P 171 -21.76 2.05 70.91
CA GLY P 171 -22.01 1.18 69.79
C GLY P 171 -23.32 1.49 69.10
N GLY P 172 -24.11 0.44 68.91
CA GLY P 172 -25.44 0.57 68.36
C GLY P 172 -26.40 -0.25 69.21
N ARG P 173 -27.69 -0.01 69.03
CA ARG P 173 -28.67 -0.96 69.53
C ARG P 173 -29.91 -0.94 68.65
N ALA P 174 -30.51 -2.11 68.48
CA ALA P 174 -31.87 -2.25 67.96
C ALA P 174 -32.74 -2.80 69.08
N ILE P 175 -33.93 -2.21 69.26
CA ILE P 175 -34.83 -2.60 70.32
C ILE P 175 -36.16 -2.96 69.69
N LEU P 176 -36.77 -4.03 70.18
CA LEU P 176 -38.19 -4.31 69.99
C LEU P 176 -38.86 -4.33 71.36
N ALA P 177 -39.85 -3.47 71.54
CA ALA P 177 -40.68 -3.47 72.74
C ALA P 177 -42.09 -3.88 72.35
N SER P 178 -42.70 -4.73 73.17
CA SER P 178 -44.00 -5.30 72.85
C SER P 178 -44.83 -5.45 74.12
N SER P 179 -46.13 -5.20 73.98
CA SER P 179 -47.11 -5.52 75.01
C SER P 179 -48.12 -6.50 74.43
N THR P 180 -48.39 -7.58 75.15
CA THR P 180 -49.04 -8.76 74.61
C THR P 180 -50.22 -9.13 75.50
N ASN P 181 -51.34 -9.47 74.87
CA ASN P 181 -52.53 -9.86 75.62
C ASN P 181 -52.29 -11.21 76.26
N LYS P 182 -51.97 -11.20 77.56
CA LYS P 182 -51.55 -12.41 78.27
C LYS P 182 -52.70 -13.39 78.46
N LEU P 183 -53.94 -12.99 78.22
CA LEU P 183 -55.07 -13.90 78.30
C LEU P 183 -55.25 -14.74 77.04
N ARG P 184 -54.66 -14.35 75.91
CA ARG P 184 -55.02 -14.93 74.62
C ARG P 184 -53.85 -15.42 73.79
N VAL P 185 -52.63 -14.94 74.02
CA VAL P 185 -51.46 -15.50 73.36
C VAL P 185 -51.23 -16.95 73.82
N LYS P 186 -50.71 -17.77 72.90
CA LYS P 186 -50.35 -19.15 73.24
C LYS P 186 -49.34 -19.20 74.38
N ARG P 187 -49.55 -20.14 75.29
CA ARG P 187 -48.71 -20.35 76.47
C ARG P 187 -47.71 -21.49 76.30
N ASP P 188 -47.50 -21.96 75.07
CA ASP P 188 -46.51 -23.02 74.84
C ASP P 188 -45.11 -22.61 75.30
N TYR P 189 -44.75 -21.34 75.16
CA TYR P 189 -43.47 -20.84 75.61
C TYR P 189 -43.67 -19.54 76.37
N SER P 190 -42.68 -19.20 77.18
CA SER P 190 -42.67 -17.89 77.83
C SER P 190 -42.58 -16.80 76.78
N VAL P 191 -43.21 -15.65 77.07
CA VAL P 191 -43.34 -14.62 76.06
C VAL P 191 -42.00 -13.98 75.74
N SER P 192 -41.07 -13.98 76.70
CA SER P 192 -39.71 -13.56 76.40
C SER P 192 -39.04 -14.46 75.37
N VAL P 193 -39.39 -15.74 75.34
CA VAL P 193 -38.81 -16.64 74.35
C VAL P 193 -39.33 -16.32 72.95
N VAL P 194 -40.65 -16.19 72.82
CA VAL P 194 -41.24 -15.86 71.53
C VAL P 194 -41.06 -14.38 71.18
N ALA P 195 -40.92 -13.51 72.17
CA ALA P 195 -40.46 -12.15 71.90
C ALA P 195 -39.07 -12.14 71.26
N LYS P 196 -38.10 -12.79 71.90
CA LYS P 196 -36.76 -12.87 71.34
C LYS P 196 -36.76 -13.58 70.00
N ALA P 197 -37.49 -14.69 69.89
CA ALA P 197 -37.54 -15.43 68.64
C ALA P 197 -38.15 -14.61 67.51
N SER P 198 -39.18 -13.81 67.81
CA SER P 198 -39.77 -12.95 66.79
C SER P 198 -38.88 -11.75 66.48
N TYR P 199 -38.19 -11.20 67.47
CA TYR P 199 -37.14 -10.22 67.20
C TYR P 199 -36.09 -10.79 66.26
N GLU P 200 -35.60 -12.00 66.55
CA GLU P 200 -34.67 -12.67 65.64
C GLU P 200 -35.28 -12.90 64.27
N GLY P 201 -36.58 -13.22 64.23
CA GLY P 201 -37.26 -13.35 62.95
C GLY P 201 -37.29 -12.05 62.16
N LEU P 202 -37.65 -10.95 62.83
CA LEU P 202 -37.69 -9.66 62.14
C LEU P 202 -36.32 -9.22 61.66
N THR P 203 -35.27 -9.53 62.41
CA THR P 203 -33.91 -9.20 61.99
C THR P 203 -33.27 -10.27 61.12
N GLY P 204 -33.92 -11.41 60.92
CA GLY P 204 -33.37 -12.49 60.12
C GLY P 204 -32.39 -13.38 60.85
N GLN P 205 -32.16 -13.15 62.14
CA GLN P 205 -31.22 -13.96 62.92
C GLN P 205 -31.78 -15.33 63.29
N LEU P 206 -33.08 -15.54 63.13
CA LEU P 206 -33.70 -16.82 63.50
C LEU P 206 -33.32 -17.88 62.48
N SER P 207 -32.81 -19.00 62.95
CA SER P 207 -32.39 -20.08 62.07
C SER P 207 -33.58 -20.86 61.50
N ALA P 208 -33.27 -21.65 60.47
CA ALA P 208 -34.23 -22.52 59.81
C ALA P 208 -34.98 -23.45 60.78
N GLU P 209 -34.25 -24.12 61.68
CA GLU P 209 -34.92 -24.95 62.68
C GLU P 209 -35.65 -24.14 63.73
N ALA P 210 -35.10 -23.00 64.15
CA ALA P 210 -35.81 -22.19 65.13
C ALA P 210 -37.03 -21.54 64.51
N LYS P 211 -36.89 -21.11 63.25
CA LYS P 211 -38.00 -20.56 62.48
C LYS P 211 -39.19 -21.51 62.39
N ALA P 212 -38.95 -22.79 62.11
CA ALA P 212 -40.00 -23.79 62.26
C ALA P 212 -40.51 -23.91 63.69
N LYS P 213 -39.64 -24.08 64.67
CA LYS P 213 -40.10 -24.33 66.03
C LYS P 213 -40.89 -23.15 66.60
N TYR P 214 -40.30 -21.95 66.55
CA TYR P 214 -40.97 -20.73 66.98
C TYR P 214 -42.01 -20.22 65.98
N GLY P 215 -41.86 -20.53 64.71
CA GLY P 215 -42.65 -19.86 63.68
C GLY P 215 -44.16 -19.89 63.91
N GLU P 216 -44.70 -21.03 64.33
CA GLU P 216 -46.11 -21.04 64.69
C GLU P 216 -46.41 -20.29 65.99
N SER P 217 -45.48 -20.28 66.94
CA SER P 217 -45.70 -19.55 68.19
C SER P 217 -45.59 -18.03 68.01
N ILE P 218 -44.73 -17.56 67.11
CA ILE P 218 -44.51 -16.12 66.94
C ILE P 218 -45.67 -15.44 66.23
N SER P 219 -46.39 -16.13 65.34
CA SER P 219 -47.58 -15.54 64.75
C SER P 219 -48.65 -15.22 65.78
N SER P 220 -48.90 -16.13 66.72
CA SER P 220 -49.82 -15.80 67.81
C SER P 220 -49.32 -14.61 68.62
N PHE P 221 -48.03 -14.61 68.97
CA PHE P 221 -47.44 -13.45 69.63
C PHE P 221 -47.56 -12.18 68.77
N THR P 222 -47.34 -12.31 67.46
CA THR P 222 -47.36 -11.13 66.59
C THR P 222 -48.73 -10.47 66.55
N GLN P 223 -49.78 -11.24 66.30
CA GLN P 223 -51.11 -10.66 66.16
C GLN P 223 -51.66 -10.13 67.47
N TYR P 224 -51.34 -10.77 68.60
CA TYR P 224 -51.85 -10.33 69.90
C TYR P 224 -50.94 -9.35 70.63
N SER P 225 -50.02 -8.70 69.94
CA SER P 225 -49.12 -7.77 70.62
C SER P 225 -48.80 -6.59 69.71
N ASN P 226 -48.47 -5.47 70.35
CA ASN P 226 -48.13 -4.21 69.69
C ASN P 226 -46.63 -3.98 69.81
N THR P 227 -45.89 -4.44 68.79
CA THR P 227 -44.43 -4.36 68.81
C THR P 227 -43.99 -2.97 68.36
N HIS P 228 -43.54 -2.16 69.31
CA HIS P 228 -42.76 -0.98 68.99
C HIS P 228 -41.33 -1.37 68.60
N GLN P 229 -40.80 -0.70 67.59
CA GLN P 229 -39.45 -0.95 67.10
C GLN P 229 -38.68 0.35 67.03
N GLU P 230 -37.42 0.32 67.48
CA GLU P 230 -36.53 1.46 67.34
C GLU P 230 -35.10 0.96 67.20
N VAL P 231 -34.24 1.83 66.69
CA VAL P 231 -32.84 1.51 66.44
C VAL P 231 -32.01 2.77 66.66
N ARG P 232 -30.77 2.57 67.11
CA ARG P 232 -29.94 3.67 67.56
C ARG P 232 -28.49 3.37 67.22
N GLY P 233 -27.72 4.43 66.97
CA GLY P 233 -26.40 4.29 66.39
C GLY P 233 -26.39 3.79 64.95
N GLY P 234 -25.24 3.89 64.31
CA GLY P 234 -25.11 3.54 62.91
C GLY P 234 -25.71 4.57 61.98
N ASP P 235 -25.63 4.26 60.69
CA ASP P 235 -26.14 5.16 59.66
C ASP P 235 -27.66 5.15 59.66
N GLY P 236 -28.25 6.31 59.95
CA GLY P 236 -29.69 6.44 59.94
C GLY P 236 -30.33 6.15 58.61
N ALA P 237 -29.58 6.26 57.51
CA ALA P 237 -30.10 5.83 56.22
C ALA P 237 -30.13 4.31 56.06
N LYS P 238 -29.45 3.57 56.93
CA LYS P 238 -29.51 2.11 56.93
C LYS P 238 -30.19 1.56 58.17
N ALA P 239 -30.52 2.42 59.13
CA ALA P 239 -31.09 1.95 60.39
C ALA P 239 -32.44 1.28 60.19
N HIS P 240 -33.27 1.84 59.30
CA HIS P 240 -34.59 1.28 59.04
C HIS P 240 -34.55 -0.09 58.38
N GLY P 241 -33.43 -0.45 57.76
CA GLY P 241 -33.25 -1.77 57.17
C GLY P 241 -33.07 -2.89 58.16
N VAL P 242 -32.79 -2.60 59.43
CA VAL P 242 -32.46 -3.68 60.35
C VAL P 242 -33.64 -4.60 60.59
N PHE P 243 -34.86 -4.06 60.57
CA PHE P 243 -36.06 -4.88 60.72
C PHE P 243 -36.66 -5.27 59.38
N SER P 244 -35.86 -5.23 58.31
CA SER P 244 -36.28 -5.55 56.96
C SER P 244 -36.46 -7.05 56.75
N GLY P 245 -36.25 -7.87 57.77
CA GLY P 245 -36.36 -9.30 57.63
C GLY P 245 -35.22 -9.98 56.90
N LYS P 246 -34.17 -9.23 56.54
CA LYS P 246 -33.11 -9.73 55.67
C LYS P 246 -31.77 -9.48 56.35
N LYS P 247 -30.97 -10.53 56.48
CA LYS P 247 -29.70 -10.44 57.18
C LYS P 247 -28.76 -9.44 56.54
N GLU P 248 -28.75 -9.36 55.21
CA GLU P 248 -27.86 -8.43 54.52
C GLU P 248 -28.15 -6.98 54.91
N ASP P 249 -29.43 -6.65 55.13
CA ASP P 249 -29.77 -5.30 55.57
C ASP P 249 -29.36 -5.06 57.02
N PHE P 250 -29.59 -6.04 57.90
CA PHE P 250 -29.15 -5.92 59.28
C PHE P 250 -27.64 -5.80 59.39
N GLN P 251 -26.90 -6.67 58.70
CA GLN P 251 -25.44 -6.58 58.72
C GLN P 251 -24.93 -5.28 58.12
N ALA P 252 -25.59 -4.79 57.07
CA ALA P 252 -25.23 -3.49 56.51
C ALA P 252 -25.36 -2.35 57.53
N TRP P 253 -26.33 -2.43 58.43
CA TRP P 253 -26.38 -1.47 59.53
C TRP P 253 -25.26 -1.69 60.54
N VAL P 254 -25.04 -2.94 60.95
CA VAL P 254 -23.95 -3.24 61.88
C VAL P 254 -22.62 -2.73 61.33
N ASP P 255 -22.38 -2.93 60.03
CA ASP P 255 -21.17 -2.41 59.41
C ASP P 255 -21.07 -0.89 59.44
N SER P 256 -22.17 -0.19 59.71
CA SER P 256 -22.13 1.27 59.87
C SER P 256 -22.06 1.72 61.32
N VAL P 257 -22.45 0.89 62.27
CA VAL P 257 -22.33 1.25 63.69
C VAL P 257 -20.88 1.51 64.06
N SER P 258 -19.95 0.75 63.47
CA SER P 258 -18.54 0.94 63.76
C SER P 258 -18.04 2.33 63.38
N ALA P 259 -18.62 2.96 62.34
CA ALA P 259 -18.21 4.31 61.99
C ALA P 259 -18.82 5.37 62.90
N SER P 260 -20.07 5.19 63.35
CA SER P 260 -20.82 6.25 64.01
C SER P 260 -21.56 5.70 65.22
N PRO P 261 -20.84 5.28 66.25
CA PRO P 261 -21.48 4.71 67.43
C PRO P 261 -22.13 5.75 68.32
N ASP P 262 -23.07 5.28 69.14
CA ASP P 262 -23.73 6.10 70.14
C ASP P 262 -23.66 5.42 71.50
N PHE P 263 -23.95 6.20 72.54
CA PHE P 263 -24.22 5.67 73.87
C PHE P 263 -25.45 4.79 73.93
N VAL P 264 -25.25 3.48 74.12
CA VAL P 264 -26.30 2.48 73.96
C VAL P 264 -26.51 1.66 75.22
N ASP P 265 -25.48 1.56 76.07
CA ASP P 265 -25.60 0.71 77.25
C ASP P 265 -24.62 1.17 78.32
N PHE P 266 -24.87 0.71 79.54
CA PHE P 266 -23.98 0.93 80.67
C PHE P 266 -22.98 -0.21 80.82
N VAL P 267 -21.83 0.11 81.42
CA VAL P 267 -20.92 -0.88 81.97
C VAL P 267 -21.47 -1.40 83.30
N PRO P 268 -21.73 -2.71 83.43
CA PRO P 268 -22.54 -3.19 84.58
C PRO P 268 -21.94 -2.85 85.93
N THR P 269 -20.62 -2.75 86.04
CA THR P 269 -19.97 -2.62 87.33
C THR P 269 -20.05 -1.21 87.91
N ILE P 270 -20.02 -0.19 87.06
CA ILE P 270 -19.81 1.18 87.52
C ILE P 270 -20.59 2.15 86.65
N PRO P 271 -21.91 1.94 86.49
CA PRO P 271 -22.64 2.69 85.45
C PRO P 271 -22.67 4.19 85.69
N MET P 272 -22.96 4.63 86.91
CA MET P 272 -22.97 6.05 87.22
C MET P 272 -22.70 6.28 88.70
N GLN P 273 -22.26 7.50 89.02
CA GLN P 273 -21.88 7.89 90.36
C GLN P 273 -22.77 9.02 90.84
N GLU P 274 -23.08 9.02 92.14
CA GLU P 274 -23.91 10.06 92.71
C GLU P 274 -23.23 11.43 92.66
N ILE P 275 -24.04 12.47 92.44
CA ILE P 275 -23.55 13.81 92.19
C ILE P 275 -22.84 14.40 93.41
N TRP P 276 -23.31 14.09 94.62
CA TRP P 276 -22.65 14.53 95.85
C TRP P 276 -21.32 13.82 96.12
N THR P 277 -20.89 12.90 95.27
CA THR P 277 -19.49 12.50 95.28
C THR P 277 -18.56 13.66 94.96
N LEU P 278 -19.02 14.64 94.19
CA LEU P 278 -18.19 15.75 93.76
C LEU P 278 -18.21 16.96 94.68
N CYS P 279 -19.14 17.07 95.62
CA CYS P 279 -19.16 18.25 96.47
C CYS P 279 -18.06 18.16 97.53
N SER P 280 -17.47 19.31 97.84
CA SER P 280 -16.27 19.36 98.66
C SER P 280 -16.54 19.14 100.15
N SER P 281 -17.74 19.44 100.63
CA SER P 281 -18.05 19.33 102.06
C SER P 281 -18.90 18.11 102.33
N GLU P 282 -18.46 17.30 103.30
CA GLU P 282 -19.25 16.14 103.73
C GLU P 282 -20.60 16.56 104.31
N ALA P 283 -20.65 17.72 104.96
CA ALA P 283 -21.92 18.25 105.44
C ALA P 283 -22.85 18.63 104.30
N GLN P 284 -22.29 19.10 103.18
CA GLN P 284 -23.10 19.30 101.99
C GLN P 284 -23.56 17.96 101.40
N ALA P 285 -22.65 16.99 101.33
CA ALA P 285 -22.99 15.67 100.81
C ALA P 285 -24.11 15.03 101.62
N GLU P 286 -24.02 15.14 102.95
CA GLU P 286 -25.08 14.61 103.82
C GLU P 286 -26.43 15.25 103.52
N ALA P 287 -26.48 16.58 103.38
CA ALA P 287 -27.74 17.22 103.04
C ALA P 287 -28.26 16.80 101.66
N MET P 288 -27.38 16.75 100.67
CA MET P 288 -27.81 16.33 99.34
C MET P 288 -28.26 14.87 99.31
N ARG P 289 -27.45 13.97 99.86
CA ARG P 289 -27.84 12.57 99.93
C ARG P 289 -29.13 12.37 100.71
N LYS P 290 -29.24 13.04 101.86
CA LYS P 290 -30.48 12.95 102.63
C LYS P 290 -31.68 13.45 101.84
N HIS P 291 -31.55 14.58 101.14
CA HIS P 291 -32.65 15.03 100.30
C HIS P 291 -32.93 14.07 99.15
N TYR P 292 -31.89 13.51 98.54
CA TYR P 292 -32.10 12.66 97.37
C TYR P 292 -33.03 11.49 97.68
N ASP P 293 -32.81 10.82 98.80
CA ASP P 293 -33.53 9.59 99.10
C ASP P 293 -34.70 9.79 100.05
N ASP P 294 -34.71 10.88 100.81
CA ASP P 294 -35.86 11.22 101.65
C ASP P 294 -36.97 11.88 100.87
N VAL P 295 -36.67 12.59 99.78
CA VAL P 295 -37.66 13.43 99.11
C VAL P 295 -37.67 13.16 97.61
N TRP P 296 -36.55 13.45 96.94
CA TRP P 296 -36.57 13.58 95.50
C TRP P 296 -36.77 12.23 94.81
N ALA P 297 -35.95 11.24 95.14
CA ALA P 297 -36.12 9.92 94.53
C ALA P 297 -37.45 9.25 94.86
N PRO P 298 -37.99 9.33 96.08
CA PRO P 298 -39.38 8.92 96.29
C PRO P 298 -40.39 9.59 95.38
N ALA P 299 -40.40 10.91 95.35
CA ALA P 299 -41.36 11.63 94.51
C ALA P 299 -41.18 11.28 93.03
N GLN P 300 -39.94 11.22 92.55
CA GLN P 300 -39.72 10.84 91.16
C GLN P 300 -40.19 9.42 90.88
N SER P 301 -39.93 8.47 91.79
CA SER P 301 -40.41 7.11 91.59
C SER P 301 -41.93 7.05 91.57
N GLU P 302 -42.58 7.77 92.48
CA GLU P 302 -44.05 7.77 92.53
C GLU P 302 -44.65 8.41 91.29
N LYS P 303 -44.05 9.49 90.79
CA LYS P 303 -44.54 10.16 89.60
C LYS P 303 -44.38 9.32 88.34
N TYR P 304 -43.82 8.12 88.43
CA TYR P 304 -43.71 7.20 87.31
C TYR P 304 -44.49 5.91 87.56
N ARG P 305 -45.31 5.89 88.61
CA ARG P 305 -46.16 4.75 88.89
C ARG P 305 -47.43 4.83 88.07
N VAL P 306 -47.81 3.72 87.45
CA VAL P 306 -48.87 3.70 86.44
C VAL P 306 -50.09 2.99 87.02
N LYS P 307 -51.23 3.67 86.97
CA LYS P 307 -52.51 3.08 87.32
C LYS P 307 -52.98 2.13 86.22
N ALA P 308 -53.83 1.19 86.58
CA ALA P 308 -54.58 0.44 85.59
C ALA P 308 -55.94 1.10 85.34
N ASN P 309 -56.49 0.86 84.15
CA ASN P 309 -57.87 1.19 83.87
C ASN P 309 -58.80 0.42 84.79
N TYR P 310 -59.98 0.98 85.04
CA TYR P 310 -60.95 0.37 85.93
C TYR P 310 -62.36 0.49 85.36
N ILE P 311 -63.23 -0.43 85.78
CA ILE P 311 -64.63 -0.41 85.37
C ILE P 311 -65.36 0.65 86.19
N ASP P 312 -66.10 1.52 85.49
CA ASP P 312 -66.93 2.53 86.13
C ASP P 312 -68.43 2.36 85.86
N GLN P 313 -68.83 1.61 84.84
CA GLN P 313 -70.24 1.45 84.54
C GLN P 313 -70.48 0.13 83.84
N LEU P 314 -71.58 -0.53 84.20
CA LEU P 314 -72.02 -1.77 83.59
C LEU P 314 -73.42 -1.61 83.01
N VAL P 315 -73.68 -2.31 81.90
CA VAL P 315 -75.01 -2.38 81.31
C VAL P 315 -75.21 -3.77 80.73
N VAL P 316 -76.48 -4.15 80.57
CA VAL P 316 -76.86 -5.41 79.95
C VAL P 316 -77.68 -5.11 78.70
N ILE P 317 -77.44 -5.89 77.64
CA ILE P 317 -78.16 -5.74 76.38
C ILE P 317 -78.76 -7.08 75.99
N THR P 318 -79.97 -7.02 75.43
CA THR P 318 -80.77 -8.21 75.14
C THR P 318 -81.31 -8.10 73.71
N GLY P 319 -81.41 -9.26 73.06
CA GLY P 319 -81.97 -9.30 71.72
C GLY P 319 -81.96 -10.69 71.15
N GLY P 320 -82.40 -10.77 69.90
CA GLY P 320 -82.72 -11.99 69.21
C GLY P 320 -81.60 -12.67 68.43
N SER P 321 -80.37 -12.18 68.51
CA SER P 321 -79.30 -12.81 67.76
C SER P 321 -77.97 -12.64 68.47
N SER P 322 -77.01 -13.49 68.09
CA SER P 322 -75.69 -13.49 68.73
C SER P 322 -74.97 -12.15 68.54
N THR P 323 -75.30 -11.42 67.49
CA THR P 323 -74.50 -10.29 67.03
C THR P 323 -75.05 -8.95 67.51
N ILE P 324 -76.01 -8.96 68.44
CA ILE P 324 -76.46 -7.72 69.06
C ILE P 324 -75.26 -7.06 69.75
N GLU P 325 -75.33 -5.74 69.89
CA GLU P 325 -74.14 -4.92 70.07
C GLU P 325 -74.41 -3.79 71.04
N PRO P 326 -73.46 -3.46 71.92
CA PRO P 326 -73.74 -2.53 73.01
C PRO P 326 -73.91 -1.10 72.50
N PRO P 327 -74.36 -0.20 73.36
CA PRO P 327 -74.19 1.23 73.09
C PRO P 327 -72.73 1.58 72.92
N VAL P 328 -72.48 2.57 72.04
CA VAL P 328 -71.14 2.77 71.49
C VAL P 328 -70.10 2.98 72.58
N GLY P 329 -70.50 3.57 73.71
CA GLY P 329 -69.54 3.79 74.79
C GLY P 329 -69.06 2.54 75.49
N TYR P 330 -69.77 1.43 75.34
CA TYR P 330 -69.46 0.20 76.08
C TYR P 330 -68.84 -0.84 75.17
N SER P 331 -68.22 -1.84 75.80
CA SER P 331 -67.73 -3.03 75.10
C SER P 331 -68.33 -4.27 75.75
N LYS P 332 -68.44 -5.33 74.96
CA LYS P 332 -69.28 -6.47 75.28
C LYS P 332 -68.45 -7.65 75.79
N ILE P 333 -68.92 -8.26 76.88
CA ILE P 333 -68.46 -9.59 77.28
C ILE P 333 -69.21 -10.62 76.44
N GLU P 334 -68.47 -11.32 75.59
CA GLU P 334 -69.02 -12.15 74.51
C GLU P 334 -69.69 -13.44 75.00
N TYR P 335 -69.96 -13.68 76.28
CA TYR P 335 -70.58 -14.92 76.73
C TYR P 335 -72.05 -14.67 77.06
N ASP P 336 -72.94 -15.41 76.40
CA ASP P 336 -74.37 -15.17 76.54
C ASP P 336 -74.85 -15.62 77.91
N LEU P 337 -75.47 -14.70 78.65
CA LEU P 337 -76.07 -14.99 79.95
C LEU P 337 -77.31 -15.87 79.88
N ASN P 338 -77.69 -16.35 78.69
CA ASN P 338 -78.64 -17.45 78.56
C ASN P 338 -78.08 -18.58 77.71
N ALA P 339 -76.75 -18.71 77.64
CA ALA P 339 -76.14 -19.75 76.85
C ALA P 339 -76.70 -21.12 77.21
N GLY P 340 -77.32 -21.77 76.22
CA GLY P 340 -77.98 -23.04 76.42
C GLY P 340 -79.34 -22.96 77.08
N ALA P 341 -79.74 -21.79 77.57
CA ALA P 341 -81.02 -21.62 78.24
C ALA P 341 -82.11 -21.15 77.29
N GLY P 342 -81.79 -20.95 76.01
CA GLY P 342 -82.77 -20.43 75.06
C GLY P 342 -83.19 -19.01 75.40
N GLY P 343 -84.34 -18.63 74.83
CA GLY P 343 -84.87 -17.30 75.04
C GLY P 343 -84.13 -16.24 74.24
N ASP P 344 -84.06 -15.05 74.83
CA ASP P 344 -83.23 -13.98 74.28
C ASP P 344 -81.76 -14.24 74.54
N PHE P 345 -80.92 -13.82 73.59
CA PHE P 345 -79.51 -13.60 73.88
C PHE P 345 -79.35 -12.42 74.83
N ILE P 346 -78.50 -12.60 75.84
CA ILE P 346 -78.23 -11.56 76.84
C ILE P 346 -76.72 -11.44 77.01
N TYR P 347 -76.21 -10.21 76.99
CA TYR P 347 -74.80 -9.95 77.18
C TYR P 347 -74.59 -8.85 78.21
N LEU P 348 -73.53 -9.00 79.00
CA LEU P 348 -73.11 -7.99 79.97
C LEU P 348 -72.04 -7.11 79.33
N CYS P 349 -72.17 -5.80 79.50
CA CYS P 349 -71.28 -4.83 78.87
C CYS P 349 -70.78 -3.85 79.92
N TYR P 350 -69.59 -3.30 79.67
CA TYR P 350 -68.90 -2.47 80.65
C TYR P 350 -68.25 -1.27 79.97
N HIS P 351 -68.01 -0.25 80.78
CA HIS P 351 -67.14 0.87 80.43
C HIS P 351 -65.90 0.83 81.34
N GLU P 352 -64.72 0.93 80.74
CA GLU P 352 -63.47 1.04 81.50
C GLU P 352 -62.94 2.47 81.41
N GLN P 353 -62.72 3.07 82.57
CA GLN P 353 -62.40 4.48 82.69
C GLN P 353 -60.89 4.67 82.84
N THR P 354 -60.34 5.62 82.10
CA THR P 354 -58.97 6.04 82.32
C THR P 354 -58.88 6.88 83.59
N TRP P 355 -57.95 6.53 84.47
CA TRP P 355 -57.74 7.30 85.68
C TRP P 355 -57.18 8.68 85.38
N GLN P 356 -57.65 9.67 86.13
CA GLN P 356 -57.24 11.06 86.00
C GLN P 356 -56.95 11.62 87.37
N ALA P 357 -55.84 12.34 87.50
CA ALA P 357 -55.38 12.78 88.82
C ALA P 357 -56.32 13.81 89.42
N ASP P 358 -56.88 14.70 88.61
CA ASP P 358 -57.69 15.80 89.12
C ASP P 358 -59.18 15.49 89.15
N ARG P 359 -59.64 14.43 88.48
CA ARG P 359 -61.06 14.08 88.49
C ARG P 359 -61.25 12.58 88.30
N PRO P 360 -60.78 11.76 89.24
CA PRO P 360 -61.16 10.34 89.21
C PRO P 360 -62.66 10.18 89.42
N LYS P 361 -63.25 9.31 88.61
CA LYS P 361 -64.65 8.94 88.79
C LYS P 361 -64.78 7.96 89.94
N ASP P 362 -66.01 7.50 90.20
CA ASP P 362 -66.21 6.23 90.87
C ASP P 362 -65.74 5.08 90.00
N ALA P 363 -65.16 4.06 90.63
CA ALA P 363 -65.12 2.71 90.08
C ALA P 363 -66.31 1.91 90.57
N VAL P 364 -66.64 0.84 89.83
CA VAL P 364 -67.38 -0.27 90.40
C VAL P 364 -66.49 -0.97 91.42
N THR P 365 -67.04 -1.27 92.59
CA THR P 365 -66.29 -1.94 93.65
C THR P 365 -66.94 -3.19 94.19
N ASP P 366 -68.22 -3.44 93.95
CA ASP P 366 -68.83 -4.72 94.30
C ASP P 366 -69.96 -5.02 93.34
N ILE P 367 -70.25 -6.32 93.18
CA ILE P 367 -71.35 -6.77 92.33
C ILE P 367 -72.09 -7.87 93.08
N ARG P 368 -73.41 -7.88 92.94
CA ARG P 368 -74.26 -8.89 93.57
C ARG P 368 -75.38 -9.26 92.61
N ILE P 369 -75.93 -10.45 92.82
CA ILE P 369 -77.14 -10.91 92.14
C ILE P 369 -78.23 -11.12 93.16
N ILE P 370 -79.41 -10.53 92.91
CA ILE P 370 -80.46 -10.41 93.92
C ILE P 370 -81.69 -11.26 93.60
N PHE P 371 -81.79 -11.78 92.38
CA PHE P 371 -82.88 -12.67 91.96
C PHE P 371 -84.26 -12.02 92.17
N ASN P 372 -85.25 -12.88 92.42
CA ASN P 372 -86.65 -12.62 92.08
C ASN P 372 -87.19 -11.31 92.67
N LYS P 373 -87.24 -11.19 94.00
CA LYS P 373 -87.94 -10.11 94.65
C LYS P 373 -87.16 -9.43 95.77
N GLU P 374 -85.97 -9.92 96.10
CA GLU P 374 -85.23 -9.33 97.20
C GLU P 374 -84.94 -7.86 96.89
N PRO P 375 -85.09 -6.97 97.87
CA PRO P 375 -84.78 -5.55 97.63
C PRO P 375 -83.33 -5.32 97.29
N THR P 376 -83.09 -4.26 96.53
CA THR P 376 -81.72 -3.92 96.16
C THR P 376 -80.92 -3.58 97.41
N PRO P 377 -79.73 -4.17 97.59
CA PRO P 377 -78.95 -3.92 98.81
C PRO P 377 -78.58 -2.45 98.95
N PRO P 378 -78.34 -2.00 100.18
CA PRO P 378 -78.21 -0.56 100.45
C PRO P 378 -77.11 0.10 99.64
N GLY P 379 -77.52 1.06 98.80
CA GLY P 379 -76.60 1.82 97.96
C GLY P 379 -76.16 1.16 96.68
N TYR P 380 -76.62 -0.05 96.38
CA TYR P 380 -76.34 -0.66 95.09
C TYR P 380 -77.29 -0.12 94.03
N THR P 381 -76.77 -0.02 92.80
CA THR P 381 -77.62 0.13 91.63
C THR P 381 -78.08 -1.24 91.14
N LYS P 382 -79.17 -1.23 90.37
CA LYS P 382 -79.71 -2.44 89.78
C LYS P 382 -79.94 -2.22 88.30
N LEU P 383 -79.55 -3.21 87.49
CA LEU P 383 -79.88 -3.22 86.07
C LEU P 383 -81.30 -3.75 85.86
N PRO P 384 -82.11 -3.09 85.04
CA PRO P 384 -83.53 -3.46 84.93
C PRO P 384 -83.79 -4.72 84.12
N GLN P 385 -82.86 -5.13 83.25
CA GLN P 385 -83.08 -6.32 82.44
C GLN P 385 -83.06 -7.58 83.30
N ASP P 386 -84.05 -8.45 83.07
CA ASP P 386 -84.02 -9.80 83.60
C ASP P 386 -83.01 -10.65 82.85
N LEU P 387 -82.04 -11.20 83.58
CA LEU P 387 -80.98 -12.01 82.98
C LEU P 387 -81.43 -13.43 82.70
N ASN P 388 -82.73 -13.73 82.78
CA ASN P 388 -83.33 -14.90 82.16
C ASN P 388 -84.45 -14.51 81.18
N LYS P 389 -84.48 -13.26 80.72
CA LYS P 389 -85.49 -12.83 79.78
C LYS P 389 -85.61 -13.81 78.61
N GLY P 390 -86.82 -14.30 78.39
CA GLY P 390 -87.10 -15.33 77.42
C GLY P 390 -86.69 -16.73 77.81
N ALA P 391 -85.81 -16.89 78.79
CA ALA P 391 -85.32 -18.20 79.19
C ALA P 391 -86.23 -18.88 80.21
N GLY P 392 -87.20 -18.15 80.75
CA GLY P 392 -88.03 -18.66 81.83
C GLY P 392 -87.31 -18.61 83.16
N GLY P 393 -87.42 -19.68 83.94
CA GLY P 393 -86.76 -19.74 85.22
C GLY P 393 -87.24 -18.67 86.19
N ASP P 394 -86.38 -18.37 87.16
CA ASP P 394 -86.59 -17.26 88.06
C ASP P 394 -86.09 -15.95 87.43
N ASP P 395 -86.65 -14.85 87.90
CA ASP P 395 -86.20 -13.53 87.45
C ASP P 395 -84.85 -13.20 88.08
N VAL P 396 -83.86 -12.92 87.24
CA VAL P 396 -82.49 -12.69 87.66
C VAL P 396 -82.13 -11.24 87.37
N PHE P 397 -81.61 -10.54 88.37
CA PHE P 397 -81.13 -9.18 88.22
C PHE P 397 -79.75 -9.03 88.86
N LEU P 398 -78.88 -8.30 88.19
CA LEU P 398 -77.53 -8.02 88.67
C LEU P 398 -77.44 -6.61 89.24
N CYS P 399 -76.83 -6.49 90.41
CA CYS P 399 -76.65 -5.22 91.10
C CYS P 399 -75.16 -4.97 91.33
N TYR P 400 -74.77 -3.70 91.35
CA TYR P 400 -73.38 -3.35 91.61
C TYR P 400 -73.29 -2.04 92.37
N LYS P 401 -72.24 -1.92 93.16
CA LYS P 401 -71.95 -0.77 94.00
C LYS P 401 -70.77 -0.01 93.41
N THR P 402 -70.87 1.32 93.41
CA THR P 402 -69.81 2.19 92.95
C THR P 402 -69.32 3.09 94.08
N GLU P 403 -68.01 3.35 94.07
CA GLU P 403 -67.36 4.11 95.13
C GLU P 403 -66.19 4.87 94.51
N ALA P 404 -65.80 5.96 95.19
CA ALA P 404 -64.69 6.77 94.69
C ALA P 404 -63.44 5.92 94.51
N TYR P 405 -62.68 6.24 93.47
CA TYR P 405 -61.59 5.38 93.03
C TYR P 405 -60.59 5.11 94.14
N ASN P 406 -60.19 3.86 94.27
CA ASN P 406 -59.02 3.49 95.07
C ASN P 406 -58.38 2.27 94.40
N THR P 407 -57.06 2.31 94.23
CA THR P 407 -56.36 1.19 93.60
C THR P 407 -56.57 -0.12 94.37
N ASP P 408 -56.85 -0.04 95.66
CA ASP P 408 -57.06 -1.25 96.46
C ASP P 408 -58.36 -1.96 96.11
N THR P 409 -59.31 -1.29 95.45
CA THR P 409 -60.65 -1.82 95.33
C THR P 409 -61.34 -1.54 94.00
N ALA P 410 -60.87 -0.59 93.19
CA ALA P 410 -61.43 -0.39 91.86
C ALA P 410 -61.27 -1.65 91.02
N ILE P 411 -62.40 -2.22 90.61
CA ILE P 411 -62.39 -3.43 89.80
C ILE P 411 -61.83 -3.10 88.43
N ASN P 412 -60.79 -3.82 88.02
CA ASN P 412 -60.16 -3.58 86.73
C ASN P 412 -60.81 -4.36 85.59
N LYS P 413 -61.22 -5.59 85.83
CA LYS P 413 -61.85 -6.38 84.78
C LYS P 413 -62.97 -7.25 85.36
N VAL P 414 -63.91 -7.59 84.48
CA VAL P 414 -64.96 -8.56 84.78
C VAL P 414 -65.08 -9.52 83.60
N THR P 415 -65.55 -10.73 83.88
CA THR P 415 -65.89 -11.68 82.84
C THR P 415 -67.00 -12.59 83.33
N VAL P 416 -67.68 -13.23 82.38
CA VAL P 416 -68.72 -14.20 82.67
C VAL P 416 -68.26 -15.58 82.19
N ILE P 417 -68.36 -16.56 83.07
CA ILE P 417 -67.91 -17.93 82.83
C ILE P 417 -69.07 -18.88 83.09
N GLY P 418 -69.13 -19.95 82.29
CA GLY P 418 -70.24 -20.88 82.43
C GLY P 418 -69.90 -22.25 81.90
N GLY P 419 -70.65 -23.23 82.38
CA GLY P 419 -70.41 -24.61 82.01
C GLY P 419 -71.44 -25.51 82.67
N ASN P 420 -71.23 -26.82 82.52
CA ASN P 420 -72.19 -27.78 83.07
C ASN P 420 -72.07 -27.95 84.57
N ASN P 421 -70.87 -27.78 85.13
CA ASN P 421 -70.67 -27.94 86.56
C ASN P 421 -71.12 -26.69 87.30
N ALA P 422 -71.72 -26.88 88.48
CA ALA P 422 -71.98 -25.74 89.35
C ALA P 422 -70.70 -25.20 89.98
N ASP P 423 -69.81 -26.09 90.42
CA ASP P 423 -68.50 -25.71 90.94
C ASP P 423 -67.51 -25.43 89.82
N ILE P 424 -67.71 -24.38 89.04
CA ILE P 424 -66.80 -24.05 87.96
C ILE P 424 -65.73 -23.08 88.44
N ASN P 425 -64.56 -23.15 87.82
CA ASN P 425 -63.41 -22.36 88.24
C ASN P 425 -63.32 -21.06 87.45
N ALA P 426 -63.17 -19.97 88.19
CA ALA P 426 -62.84 -18.68 87.59
C ALA P 426 -61.37 -18.64 87.14
N PRO P 427 -61.05 -17.74 86.20
CA PRO P 427 -59.65 -17.52 85.86
C PRO P 427 -58.84 -17.09 87.07
N TYR P 428 -57.53 -17.35 87.00
CA TYR P 428 -56.66 -17.09 88.13
C TYR P 428 -56.73 -15.63 88.56
N GLY P 429 -56.91 -15.41 89.86
CA GLY P 429 -57.01 -14.09 90.42
C GLY P 429 -58.37 -13.45 90.32
N TYR P 430 -59.27 -13.98 89.51
CA TYR P 430 -60.65 -13.52 89.50
C TYR P 430 -61.42 -14.09 90.69
N LEU P 431 -62.39 -13.33 91.16
CA LEU P 431 -63.38 -13.78 92.13
C LEU P 431 -64.74 -13.82 91.46
N LYS P 432 -65.42 -14.97 91.52
CA LYS P 432 -66.75 -15.08 90.97
C LYS P 432 -67.79 -14.75 92.05
N VAL P 433 -68.87 -14.11 91.63
CA VAL P 433 -70.00 -13.80 92.50
C VAL P 433 -70.84 -15.05 92.76
N PRO P 434 -71.46 -15.18 93.93
CA PRO P 434 -72.42 -16.27 94.14
C PRO P 434 -73.70 -16.07 93.35
N GLY P 435 -74.36 -17.18 93.07
CA GLY P 435 -75.61 -17.18 92.33
C GLY P 435 -75.47 -17.40 90.85
N ASP P 436 -76.43 -18.12 90.27
CA ASP P 436 -76.38 -18.55 88.87
C ASP P 436 -77.25 -17.64 88.02
N LEU P 437 -76.67 -17.08 86.96
CA LEU P 437 -77.41 -16.25 86.03
C LEU P 437 -78.37 -17.04 85.14
N ASN P 438 -78.45 -18.35 85.33
CA ASN P 438 -79.54 -19.16 84.78
C ASN P 438 -80.30 -19.93 85.85
N ARG P 439 -80.27 -19.45 87.10
CA ARG P 439 -80.98 -20.13 88.17
C ARG P 439 -82.43 -20.42 87.75
N GLY P 440 -82.82 -21.69 87.87
CA GLY P 440 -84.14 -22.14 87.48
C GLY P 440 -84.34 -22.31 86.00
N ALA P 441 -83.49 -21.74 85.16
CA ALA P 441 -83.56 -21.98 83.73
C ALA P 441 -82.77 -23.24 83.38
N GLY P 442 -82.90 -23.67 82.13
CA GLY P 442 -82.05 -24.72 81.62
C GLY P 442 -80.62 -24.26 81.36
N GLY P 443 -79.90 -25.06 80.56
CA GLY P 443 -78.58 -24.71 80.09
C GLY P 443 -77.49 -24.72 81.15
N ASN P 444 -76.43 -23.97 80.84
CA ASN P 444 -75.24 -23.91 81.68
C ASN P 444 -75.51 -23.15 82.98
N PHE P 445 -74.71 -23.47 84.00
CA PHE P 445 -74.45 -22.53 85.08
C PHE P 445 -73.59 -21.37 84.57
N ILE P 446 -73.91 -20.16 85.01
CA ILE P 446 -73.21 -18.96 84.57
C ILE P 446 -72.96 -18.04 85.75
N TYR P 447 -71.74 -17.52 85.87
CA TYR P 447 -71.32 -16.71 87.00
C TYR P 447 -70.51 -15.52 86.49
N ALA P 448 -70.65 -14.38 87.18
CA ALA P 448 -69.83 -13.21 86.92
C ALA P 448 -68.55 -13.22 87.75
N CYS P 449 -67.41 -13.12 87.07
CA CYS P 449 -66.10 -13.07 87.69
C CYS P 449 -65.55 -11.64 87.68
N THR P 450 -64.91 -11.25 88.77
CA THR P 450 -64.39 -9.90 88.96
C THR P 450 -62.90 -9.99 89.25
N PHE P 451 -62.14 -9.01 88.76
CA PHE P 451 -60.70 -8.97 88.94
C PHE P 451 -60.26 -7.58 89.39
N VAL P 452 -59.43 -7.54 90.43
CA VAL P 452 -58.86 -6.30 90.94
C VAL P 452 -57.35 -6.44 90.92
N GLY P 453 -56.67 -5.49 90.30
CA GLY P 453 -55.22 -5.51 90.20
C GLY P 453 -54.50 -5.13 91.48
N LYS P 454 -55.11 -4.27 92.28
CA LYS P 454 -54.44 -3.68 93.44
C LYS P 454 -53.19 -2.94 92.99
N THR Q 1 -16.98 28.13 61.12
CA THR Q 1 -18.32 27.60 60.79
C THR Q 1 -19.03 27.17 62.07
N VAL Q 2 -20.19 27.76 62.33
CA VAL Q 2 -20.97 27.47 63.52
C VAL Q 2 -21.87 26.27 63.27
N LEU Q 3 -22.04 25.44 64.30
CA LEU Q 3 -22.91 24.29 64.18
C LEU Q 3 -24.36 24.74 64.02
N PRO Q 4 -25.11 24.14 63.09
CA PRO Q 4 -26.54 24.45 63.00
C PRO Q 4 -27.25 24.21 64.32
N GLY Q 5 -28.02 25.21 64.76
CA GLY Q 5 -28.77 25.15 65.99
C GLY Q 5 -28.26 26.09 67.06
N VAL Q 6 -27.03 26.57 66.93
CA VAL Q 6 -26.52 27.59 67.84
C VAL Q 6 -27.34 28.86 67.76
N GLU Q 7 -27.95 29.14 66.60
CA GLU Q 7 -28.86 30.26 66.48
C GLU Q 7 -30.16 30.02 67.24
N ALA Q 8 -30.51 28.79 67.56
CA ALA Q 8 -31.82 28.44 68.10
C ALA Q 8 -31.81 28.12 69.58
N ILE Q 9 -30.68 27.64 70.13
CA ILE Q 9 -30.56 27.53 71.56
C ILE Q 9 -30.59 28.93 72.17
N GLY Q 10 -31.04 29.02 73.42
CA GLY Q 10 -31.15 30.29 74.11
C GLY Q 10 -32.23 31.22 73.59
N LEU Q 11 -32.90 30.86 72.50
CA LEU Q 11 -34.02 31.64 71.98
C LEU Q 11 -35.13 31.77 73.01
N GLY Q 12 -35.57 33.01 73.24
CA GLY Q 12 -36.68 33.23 74.17
C GLY Q 12 -37.97 32.68 73.60
N TYR Q 13 -38.70 31.91 74.42
CA TYR Q 13 -39.72 31.00 73.94
C TYR Q 13 -41.03 31.21 74.69
N ASN Q 14 -42.14 31.09 73.98
CA ASN Q 14 -43.46 31.08 74.61
C ASN Q 14 -44.04 29.67 74.56
N PRO Q 15 -44.11 28.96 75.68
CA PRO Q 15 -44.64 27.58 75.67
C PRO Q 15 -46.00 27.41 74.99
N PHE Q 16 -46.92 28.33 75.27
CA PHE Q 16 -48.29 28.24 74.76
C PHE Q 16 -48.39 28.35 73.25
N ILE Q 17 -47.57 29.17 72.60
CA ILE Q 17 -47.75 29.37 71.16
C ILE Q 17 -47.60 28.07 70.39
N SER Q 18 -46.57 27.28 70.66
CA SER Q 18 -46.42 26.05 69.89
C SER Q 18 -45.47 25.09 70.58
N TYR Q 19 -45.42 23.88 70.03
CA TYR Q 19 -44.52 22.82 70.50
C TYR Q 19 -43.34 22.70 69.54
N ALA Q 20 -42.13 22.80 70.08
CA ALA Q 20 -40.92 22.37 69.37
C ALA Q 20 -40.78 23.06 68.02
N SER Q 21 -41.24 24.31 67.96
CA SER Q 21 -41.10 25.14 66.78
C SER Q 21 -40.47 26.47 67.15
N VAL Q 22 -39.62 26.97 66.26
CA VAL Q 22 -38.95 28.25 66.50
C VAL Q 22 -39.88 29.44 66.32
N ASN Q 23 -40.99 29.27 65.60
CA ASN Q 23 -41.99 30.31 65.49
C ASN Q 23 -42.59 30.69 66.84
N SER Q 24 -42.45 29.82 67.85
CA SER Q 24 -42.92 30.12 69.20
C SER Q 24 -41.96 30.95 70.02
N GLY Q 25 -40.78 31.29 69.52
CA GLY Q 25 -39.84 32.13 70.24
C GLY Q 25 -39.58 33.45 69.55
N ALA Q 26 -39.45 34.50 70.36
CA ALA Q 26 -39.22 35.87 69.90
C ALA Q 26 -37.79 36.34 70.18
N VAL Q 27 -36.91 36.22 69.20
CA VAL Q 27 -35.55 36.77 69.19
C VAL Q 27 -34.62 36.06 70.18
N GLN Q 28 -33.31 36.12 69.90
CA GLN Q 28 -32.28 35.41 70.65
C GLN Q 28 -31.76 36.32 71.75
N LEU Q 29 -31.83 35.85 73.00
CA LEU Q 29 -31.33 36.61 74.14
C LEU Q 29 -29.81 36.62 74.30
N PHE Q 30 -29.10 35.59 73.83
CA PHE Q 30 -27.66 35.48 74.08
C PHE Q 30 -26.82 35.77 72.85
N ASP Q 31 -25.68 36.42 73.08
CA ASP Q 31 -24.76 36.82 72.02
C ASP Q 31 -23.70 35.73 71.90
N TRP Q 32 -23.69 35.01 70.78
CA TRP Q 32 -22.71 33.95 70.58
C TRP Q 32 -21.72 34.22 69.45
N ALA Q 33 -21.76 35.40 68.82
CA ALA Q 33 -20.70 35.72 67.87
C ALA Q 33 -19.43 36.12 68.61
N THR Q 34 -19.58 36.93 69.64
CA THR Q 34 -18.44 37.39 70.45
C THR Q 34 -17.87 36.25 71.30
N ALA Q 35 -18.73 35.38 71.83
CA ALA Q 35 -18.31 34.40 72.80
C ALA Q 35 -17.24 33.46 72.25
N LYS Q 36 -16.38 32.99 73.16
CA LYS Q 36 -15.35 32.02 72.85
C LYS Q 36 -15.97 30.73 72.30
N LYS Q 37 -15.41 30.22 71.21
CA LYS Q 37 -15.89 29.03 70.54
C LYS Q 37 -15.18 27.76 71.01
N ARG Q 38 -15.85 26.64 70.81
CA ARG Q 38 -15.28 25.31 70.96
C ARG Q 38 -15.61 24.49 69.70
N GLU Q 39 -14.66 23.68 69.26
CA GLU Q 39 -14.93 22.78 68.14
C GLU Q 39 -15.77 21.60 68.62
N VAL Q 40 -16.70 21.17 67.75
CA VAL Q 40 -17.59 20.06 68.07
C VAL Q 40 -16.85 18.74 67.95
N PRO Q 41 -16.76 17.94 69.01
CA PRO Q 41 -15.91 16.73 68.94
C PRO Q 41 -16.24 15.81 67.79
N PHE Q 42 -17.53 15.56 67.55
CA PHE Q 42 -17.96 14.61 66.53
C PHE Q 42 -18.10 15.23 65.14
N LYS Q 43 -18.02 16.57 65.02
CA LYS Q 43 -18.15 17.26 63.73
C LYS Q 43 -17.04 18.31 63.63
N ALA Q 44 -15.81 17.81 63.47
CA ALA Q 44 -14.66 18.69 63.23
C ALA Q 44 -14.90 19.56 62.01
N GLY Q 45 -14.56 20.84 62.15
CA GLY Q 45 -14.94 21.88 61.21
C GLY Q 45 -16.20 22.64 61.56
N TYR Q 46 -16.90 22.27 62.62
CA TYR Q 46 -18.01 23.06 63.15
C TYR Q 46 -17.70 23.46 64.58
N PHE Q 47 -18.15 24.64 64.98
CA PHE Q 47 -17.82 25.21 66.28
C PHE Q 47 -19.09 25.64 67.00
N VAL Q 48 -19.00 25.66 68.32
CA VAL Q 48 -20.08 26.14 69.18
C VAL Q 48 -19.47 27.02 70.26
N PRO Q 49 -20.27 27.93 70.83
CA PRO Q 49 -19.81 28.62 72.04
C PRO Q 49 -19.51 27.61 73.14
N GLU Q 50 -18.43 27.88 73.89
CA GLU Q 50 -17.94 26.88 74.83
C GLU Q 50 -18.94 26.59 75.95
N ILE Q 51 -19.92 27.49 76.16
CA ILE Q 51 -20.86 27.29 77.24
C ILE Q 51 -21.78 26.11 76.94
N VAL Q 52 -22.17 25.94 75.68
CA VAL Q 52 -23.17 24.93 75.35
C VAL Q 52 -22.52 23.55 75.28
N ASP Q 53 -23.27 22.55 75.73
CA ASP Q 53 -22.90 21.14 75.63
C ASP Q 53 -23.70 20.51 74.50
N VAL Q 54 -23.00 20.01 73.48
CA VAL Q 54 -23.65 19.38 72.34
C VAL Q 54 -23.37 17.88 72.40
N GLN Q 55 -24.43 17.09 72.43
CA GLN Q 55 -24.37 15.64 72.38
C GLN Q 55 -24.92 15.17 71.04
N GLN Q 56 -24.20 14.30 70.35
CA GLN Q 56 -24.81 13.55 69.27
C GLN Q 56 -25.82 12.57 69.85
N ASN Q 57 -26.97 12.45 69.19
CA ASN Q 57 -27.99 11.50 69.61
C ASN Q 57 -28.77 11.01 68.40
N ASP Q 58 -28.06 10.61 67.34
CA ASP Q 58 -28.71 10.19 66.11
C ASP Q 58 -29.66 9.02 66.34
N SER Q 59 -30.96 9.29 66.29
CA SER Q 59 -31.97 8.31 66.70
C SER Q 59 -33.33 8.81 66.20
N ALA Q 60 -33.85 8.10 65.20
CA ALA Q 60 -35.25 8.22 64.80
C ALA Q 60 -36.16 7.76 65.93
N THR Q 61 -37.13 8.60 66.29
CA THR Q 61 -37.82 8.51 67.56
C THR Q 61 -39.28 8.93 67.37
N TYR Q 62 -40.13 8.47 68.27
CA TYR Q 62 -41.57 8.74 68.23
C TYR Q 62 -41.98 9.56 69.43
N THR Q 63 -42.82 10.57 69.20
CA THR Q 63 -43.60 11.21 70.25
C THR Q 63 -45.06 11.16 69.81
N ASN Q 64 -45.90 10.50 70.61
CA ASN Q 64 -47.32 10.36 70.27
C ASN Q 64 -48.18 10.91 71.40
N VAL Q 65 -49.21 11.67 71.03
CA VAL Q 65 -50.13 12.32 71.96
C VAL Q 65 -51.54 11.96 71.53
N SER Q 66 -52.39 11.62 72.49
CA SER Q 66 -53.74 11.19 72.15
C SER Q 66 -54.68 11.56 73.29
N GLY Q 67 -55.96 11.63 72.96
CA GLY Q 67 -57.00 11.84 73.95
C GLY Q 67 -58.39 11.61 73.42
N ASN Q 68 -59.27 11.03 74.24
CA ASN Q 68 -60.64 10.78 73.81
C ASN Q 68 -61.40 12.09 73.63
N THR Q 69 -60.87 13.17 74.17
CA THR Q 69 -61.48 14.49 74.07
C THR Q 69 -60.38 15.55 74.10
N ILE Q 70 -60.72 16.73 73.59
CA ILE Q 70 -59.69 17.76 73.42
C ILE Q 70 -59.08 18.14 74.76
N SER Q 71 -59.90 18.27 75.80
CA SER Q 71 -59.38 18.64 77.10
C SER Q 71 -58.45 17.57 77.65
N GLU Q 72 -58.64 16.32 77.21
CA GLU Q 72 -57.67 15.27 77.51
C GLU Q 72 -56.43 15.38 76.63
N TYR Q 73 -56.63 15.58 75.32
CA TYR Q 73 -55.50 15.76 74.42
C TYR Q 73 -54.65 16.96 74.82
N GLN Q 74 -55.29 18.05 75.23
CA GLN Q 74 -54.55 19.22 75.69
C GLN Q 74 -53.70 18.92 76.92
N ARG Q 75 -54.13 17.98 77.77
CA ARG Q 75 -53.32 17.63 78.93
C ARG Q 75 -52.24 16.61 78.60
N SER Q 76 -52.54 15.60 77.77
CA SER Q 76 -51.50 14.69 77.31
C SER Q 76 -50.46 15.40 76.44
N LEU Q 77 -50.86 16.46 75.73
CA LEU Q 77 -49.90 17.32 75.06
C LEU Q 77 -49.05 18.10 76.06
N ALA Q 78 -49.71 18.80 76.99
CA ALA Q 78 -48.99 19.63 77.96
C ALA Q 78 -47.99 18.82 78.77
N THR Q 79 -48.36 17.61 79.16
CA THR Q 79 -47.48 16.74 79.94
C THR Q 79 -46.45 15.99 79.10
N SER Q 80 -46.42 16.22 77.78
CA SER Q 80 -45.40 15.59 76.96
C SER Q 80 -44.02 16.21 77.15
N VAL Q 81 -43.92 17.28 77.95
CA VAL Q 81 -42.66 17.96 78.22
C VAL Q 81 -42.59 18.21 79.72
N ALA Q 82 -41.39 18.08 80.28
CA ALA Q 82 -41.18 18.36 81.70
C ALA Q 82 -41.27 19.85 81.93
N ILE Q 83 -42.44 20.32 82.35
CA ILE Q 83 -42.70 21.74 82.54
C ILE Q 83 -43.70 21.88 83.67
N GLU Q 84 -43.60 23.00 84.39
CA GLU Q 84 -44.35 23.17 85.62
C GLU Q 84 -45.77 23.67 85.39
N GLY Q 85 -46.71 23.13 86.16
CA GLY Q 85 -48.07 23.60 86.18
C GLY Q 85 -48.99 22.91 85.18
N ARG Q 86 -50.29 23.11 85.41
CA ARG Q 86 -51.37 22.48 84.67
C ARG Q 86 -51.79 23.28 83.44
N TYR Q 87 -51.03 24.30 83.07
CA TYR Q 87 -51.44 25.17 81.98
C TYR Q 87 -51.45 24.42 80.65
N ASN Q 88 -52.28 24.92 79.73
CA ASN Q 88 -52.44 24.37 78.38
C ASN Q 88 -51.25 24.72 77.49
N PHE Q 89 -50.06 24.27 77.90
CA PHE Q 89 -48.87 24.54 77.11
C PHE Q 89 -48.98 23.94 75.72
N PHE Q 90 -48.28 24.54 74.77
CA PHE Q 90 -48.29 24.10 73.37
C PHE Q 90 -49.66 24.14 72.70
N SER Q 91 -50.68 24.65 73.39
CA SER Q 91 -52.05 24.44 72.93
C SER Q 91 -52.37 25.30 71.71
N GLY Q 92 -51.56 26.32 71.42
CA GLY Q 92 -51.68 27.05 70.17
C GLY Q 92 -51.51 26.21 68.92
N SER Q 93 -50.84 25.07 69.02
CA SER Q 93 -50.72 24.17 67.88
C SER Q 93 -52.06 23.62 67.43
N LEU Q 94 -53.05 23.58 68.32
CA LEU Q 94 -54.39 23.12 67.95
C LEU Q 94 -54.92 23.88 66.73
N SER Q 95 -54.78 25.20 66.72
CA SER Q 95 -55.30 26.02 65.63
C SER Q 95 -54.76 25.63 64.26
N THR Q 96 -53.66 24.86 64.19
CA THR Q 96 -53.09 24.46 62.92
C THR Q 96 -53.00 22.95 62.73
N ASP Q 97 -53.07 22.16 63.80
CA ASP Q 97 -53.13 20.71 63.66
C ASP Q 97 -54.50 20.24 63.21
N PHE Q 98 -55.56 20.86 63.70
CA PHE Q 98 -56.92 20.34 63.55
C PHE Q 98 -57.83 21.41 62.97
N ASP Q 99 -58.84 20.97 62.23
CA ASP Q 99 -59.87 21.87 61.73
C ASP Q 99 -60.72 22.40 62.88
N SER Q 100 -61.02 23.70 62.83
CA SER Q 100 -61.57 24.37 63.99
C SER Q 100 -62.92 23.79 64.39
N ASN Q 101 -63.76 23.47 63.41
CA ASN Q 101 -65.01 22.76 63.69
C ASN Q 101 -64.75 21.43 64.39
N SER Q 102 -63.66 20.75 64.02
CA SER Q 102 -63.41 19.42 64.53
C SER Q 102 -62.88 19.45 65.96
N LEU Q 103 -62.25 20.54 66.36
CA LEU Q 103 -62.00 20.77 67.79
C LEU Q 103 -63.31 20.99 68.55
N ARG Q 104 -64.24 21.73 67.96
CA ARG Q 104 -65.53 21.98 68.62
C ARG Q 104 -66.45 20.77 68.57
N ASN Q 105 -66.26 19.87 67.60
CA ASN Q 105 -67.11 18.69 67.47
C ASN Q 105 -66.78 17.67 68.56
N ALA Q 106 -67.70 17.49 69.51
CA ALA Q 106 -67.53 16.55 70.61
C ALA Q 106 -67.53 15.07 70.19
N GLU Q 107 -67.88 14.73 68.96
CA GLU Q 107 -67.73 13.35 68.49
C GLU Q 107 -66.30 12.98 68.12
N ASN Q 108 -65.35 13.91 68.17
CA ASN Q 108 -64.01 13.59 67.74
C ASN Q 108 -63.11 13.22 68.91
N GLU Q 109 -62.17 12.32 68.63
CA GLU Q 109 -60.99 12.07 69.45
C GLU Q 109 -59.73 12.26 68.61
N PHE Q 110 -58.65 12.67 69.29
CA PHE Q 110 -57.52 13.33 68.65
C PHE Q 110 -56.24 12.56 68.90
N THR Q 111 -55.42 12.42 67.85
CA THR Q 111 -54.11 11.78 67.94
C THR Q 111 -53.12 12.58 67.12
N ARG Q 112 -51.93 12.78 67.67
CA ARG Q 112 -50.80 13.37 66.96
C ARG Q 112 -49.60 12.42 67.00
N ILE Q 113 -49.17 11.97 65.83
CA ILE Q 113 -48.07 11.02 65.68
C ILE Q 113 -46.88 11.76 65.09
N GLN Q 114 -45.81 11.93 65.87
CA GLN Q 114 -44.60 12.62 65.43
C GLN Q 114 -43.43 11.65 65.44
N GLN Q 115 -42.82 11.44 64.26
CA GLN Q 115 -41.52 10.78 64.15
C GLN Q 115 -40.41 11.83 64.07
N SER Q 116 -39.74 12.07 65.18
CA SER Q 116 -38.54 12.90 65.19
C SER Q 116 -37.35 12.16 64.59
N ILE Q 117 -36.68 12.79 63.62
CA ILE Q 117 -35.41 12.27 63.11
C ILE Q 117 -34.25 13.02 63.74
N ASN Q 118 -33.87 12.63 64.95
CA ASN Q 118 -32.83 13.34 65.69
C ASN Q 118 -31.47 13.19 65.04
N LEU Q 119 -30.66 14.24 65.12
CA LEU Q 119 -29.25 14.19 64.74
C LEU Q 119 -28.33 14.53 65.91
N TRP Q 120 -28.49 15.69 66.52
CA TRP Q 120 -27.70 16.11 67.66
C TRP Q 120 -28.57 16.98 68.54
N SER Q 121 -28.12 17.23 69.76
CA SER Q 121 -28.86 18.08 70.68
C SER Q 121 -27.92 19.00 71.44
N LEU Q 122 -28.31 20.27 71.53
CA LEU Q 122 -27.53 21.30 72.20
C LEU Q 122 -28.15 21.60 73.55
N ARG Q 123 -27.30 21.68 74.57
CA ARG Q 123 -27.72 21.88 75.95
C ARG Q 123 -27.02 23.12 76.50
N LEU Q 124 -27.71 23.83 77.39
CA LEU Q 124 -27.20 25.08 77.94
C LEU Q 124 -27.39 25.06 79.45
N PRO Q 125 -26.32 25.15 80.24
CA PRO Q 125 -26.45 24.98 81.69
C PRO Q 125 -26.97 26.24 82.38
N SER Q 126 -27.64 26.01 83.50
CA SER Q 126 -28.26 27.06 84.31
C SER Q 126 -27.25 27.83 85.15
N VAL Q 127 -26.00 27.95 84.68
CA VAL Q 127 -24.98 28.61 85.48
C VAL Q 127 -25.23 30.12 85.53
N LYS Q 128 -24.79 30.72 86.63
CA LYS Q 128 -24.99 32.15 86.88
C LYS Q 128 -24.31 33.06 85.85
N SER Q 129 -23.28 32.57 85.16
CA SER Q 129 -22.62 33.38 84.14
C SER Q 129 -23.44 33.56 82.86
N LEU Q 130 -24.60 32.93 82.74
CA LEU Q 130 -25.44 33.16 81.57
C LEU Q 130 -25.72 34.65 81.36
N ARG Q 131 -26.03 35.36 82.46
CA ARG Q 131 -26.26 36.80 82.40
C ARG Q 131 -25.15 37.53 81.65
N GLU Q 132 -23.91 37.08 81.79
CA GLU Q 132 -22.80 37.76 81.12
C GLU Q 132 -22.84 37.59 79.61
N LEU Q 133 -23.44 36.51 79.12
CA LEU Q 133 -23.56 36.28 77.69
C LEU Q 133 -24.78 36.92 77.02
N MET Q 134 -25.74 37.46 77.78
CA MET Q 134 -26.86 38.14 77.14
C MET Q 134 -26.38 39.30 76.27
N LEU Q 135 -27.09 39.52 75.17
CA LEU Q 135 -26.88 40.73 74.39
C LEU Q 135 -27.15 41.97 75.25
N PRO Q 136 -26.35 43.03 75.10
CA PRO Q 136 -26.47 44.17 76.03
C PRO Q 136 -27.85 44.81 76.04
N HIS Q 137 -28.49 44.97 74.89
CA HIS Q 137 -29.83 45.57 74.87
C HIS Q 137 -30.87 44.66 75.49
N MET Q 138 -30.73 43.34 75.31
CA MET Q 138 -31.63 42.41 75.97
C MET Q 138 -31.46 42.46 77.49
N ARG Q 139 -30.21 42.44 77.96
CA ARG Q 139 -29.96 42.60 79.39
C ARG Q 139 -30.45 43.94 79.91
N GLN Q 140 -30.18 45.02 79.18
CA GLN Q 140 -30.65 46.34 79.58
C GLN Q 140 -32.18 46.38 79.68
N GLN Q 141 -32.87 45.80 78.70
CA GLN Q 141 -34.32 45.77 78.72
C GLN Q 141 -34.85 45.00 79.92
N LEU Q 142 -34.27 43.84 80.19
CA LEU Q 142 -34.67 43.05 81.37
C LEU Q 142 -34.34 43.77 82.67
N ASP Q 143 -33.20 44.46 82.72
CA ASP Q 143 -32.80 45.14 83.95
C ASP Q 143 -33.67 46.35 84.24
N GLU Q 144 -34.18 47.03 83.21
CA GLU Q 144 -35.03 48.20 83.40
C GLU Q 144 -36.52 47.87 83.43
N LEU Q 145 -36.88 46.59 83.35
CA LEU Q 145 -38.30 46.21 83.37
C LEU Q 145 -38.97 46.70 84.64
N ASN Q 146 -40.00 47.53 84.50
CA ASN Q 146 -40.74 48.09 85.63
C ASN Q 146 -41.71 47.05 86.18
N VAL Q 147 -41.19 46.17 87.03
CA VAL Q 147 -42.01 45.10 87.60
C VAL Q 147 -43.06 45.60 88.57
N ASN Q 148 -43.06 46.91 88.86
CA ASN Q 148 -44.15 47.55 89.60
C ASN Q 148 -45.43 47.69 88.77
N ASP Q 149 -45.37 47.50 87.46
CA ASP Q 149 -46.57 47.50 86.63
C ASP Q 149 -46.81 46.11 86.07
N PRO Q 150 -47.92 45.45 86.43
CA PRO Q 150 -48.22 44.14 85.83
C PRO Q 150 -48.27 44.17 84.31
N LYS Q 151 -48.77 45.26 83.72
CA LYS Q 151 -48.86 45.33 82.27
C LYS Q 151 -47.50 45.30 81.61
N ALA Q 152 -46.49 45.90 82.25
CA ALA Q 152 -45.14 45.86 81.72
C ALA Q 152 -44.59 44.43 81.72
N ILE Q 153 -44.77 43.71 82.83
CA ILE Q 153 -44.33 42.32 82.89
C ILE Q 153 -45.10 41.49 81.88
N SER Q 154 -46.42 41.66 81.83
CA SER Q 154 -47.23 40.91 80.88
C SER Q 154 -46.81 41.19 79.44
N ARG Q 155 -46.56 42.46 79.11
CA ARG Q 155 -46.02 42.79 77.80
C ARG Q 155 -44.63 42.19 77.57
N TYR Q 156 -43.80 42.17 78.61
CA TYR Q 156 -42.49 41.53 78.46
C TYR Q 156 -42.61 40.04 78.16
N PHE Q 157 -43.42 39.32 78.94
CA PHE Q 157 -43.64 37.90 78.64
C PHE Q 157 -44.24 37.70 77.26
N ASP Q 158 -45.21 38.56 76.88
CA ASP Q 158 -45.76 38.50 75.53
C ASP Q 158 -44.71 38.82 74.47
N ARG Q 159 -43.97 39.92 74.65
CA ARG Q 159 -43.09 40.38 73.59
C ARG Q 159 -41.79 39.60 73.53
N VAL Q 160 -41.27 39.14 74.67
CA VAL Q 160 -39.98 38.49 74.72
C VAL Q 160 -40.08 36.99 74.98
N GLY Q 161 -41.23 36.50 75.45
CA GLY Q 161 -41.36 35.14 75.92
C GLY Q 161 -41.16 35.02 77.42
N SER Q 162 -41.75 33.98 77.99
CA SER Q 162 -41.63 33.71 79.41
C SER Q 162 -40.47 32.81 79.75
N HIS Q 163 -39.96 32.04 78.79
CA HIS Q 163 -38.89 31.09 79.02
C HIS Q 163 -37.83 31.30 77.93
N PHE Q 164 -36.70 30.61 78.06
CA PHE Q 164 -35.75 30.53 76.96
C PHE Q 164 -35.27 29.09 76.83
N LEU Q 165 -34.94 28.72 75.60
CA LEU Q 165 -34.58 27.35 75.29
C LEU Q 165 -33.23 26.98 75.89
N THR Q 166 -33.20 25.87 76.63
CA THR Q 166 -31.97 25.30 77.14
C THR Q 166 -31.70 23.89 76.65
N GLY Q 167 -32.68 23.23 76.03
CA GLY Q 167 -32.46 21.93 75.43
C GLY Q 167 -33.03 21.91 74.03
N ILE Q 168 -32.19 21.57 73.05
CA ILE Q 168 -32.57 21.57 71.64
C ILE Q 168 -32.17 20.25 71.03
N VAL Q 169 -33.06 19.65 70.26
CA VAL Q 169 -32.71 18.53 69.39
C VAL Q 169 -32.81 19.05 67.96
N MET Q 170 -31.76 18.88 67.18
CA MET Q 170 -31.77 19.31 65.79
C MET Q 170 -31.92 18.12 64.87
N GLY Q 171 -32.91 18.17 63.98
CA GLY Q 171 -33.07 17.11 63.00
C GLY Q 171 -34.20 17.39 62.04
N GLY Q 172 -35.07 16.40 61.90
CA GLY Q 172 -36.26 16.54 61.09
C GLY Q 172 -37.44 15.99 61.88
N ARG Q 173 -38.64 16.29 61.42
CA ARG Q 173 -39.80 15.55 61.89
C ARG Q 173 -40.87 15.50 60.81
N ALA Q 174 -41.57 14.38 60.74
CA ALA Q 174 -42.82 14.26 60.02
C ALA Q 174 -43.94 14.03 61.03
N ILE Q 175 -45.05 14.74 60.88
CA ILE Q 175 -46.16 14.65 61.80
C ILE Q 175 -47.41 14.29 61.01
N LEU Q 176 -48.21 13.39 61.57
CA LEU Q 176 -49.61 13.21 61.16
C LEU Q 176 -50.49 13.52 62.36
N ALA Q 177 -51.38 14.50 62.21
CA ALA Q 177 -52.40 14.80 63.20
C ALA Q 177 -53.76 14.44 62.63
N SER Q 178 -54.60 13.84 63.46
CA SER Q 178 -55.89 13.33 63.01
C SER Q 178 -56.93 13.51 64.10
N SER Q 179 -58.15 13.83 63.69
CA SER Q 179 -59.32 13.81 64.55
C SER Q 179 -60.33 12.83 63.98
N THR Q 180 -60.84 11.95 64.83
CA THR Q 180 -61.53 10.75 64.40
C THR Q 180 -62.88 10.66 65.10
N ASN Q 181 -63.92 10.31 64.35
CA ASN Q 181 -65.25 10.18 64.93
C ASN Q 181 -65.29 8.97 65.83
N LYS Q 182 -65.18 9.21 67.14
CA LYS Q 182 -65.05 8.14 68.12
C LYS Q 182 -66.32 7.31 68.28
N LEU Q 183 -67.45 7.77 67.74
CA LEU Q 183 -68.68 6.99 67.76
C LEU Q 183 -68.75 5.94 66.67
N ARG Q 184 -67.93 6.03 65.62
CA ARG Q 184 -68.14 5.24 64.41
C ARG Q 184 -66.92 4.49 63.92
N VAL Q 185 -65.70 4.90 64.28
CA VAL Q 185 -64.51 4.12 63.97
C VAL Q 185 -64.53 2.79 64.73
N LYS Q 186 -63.98 1.75 64.09
CA LYS Q 186 -63.84 0.45 64.73
C LYS Q 186 -63.06 0.54 66.02
N ARG Q 187 -63.53 -0.19 67.04
CA ARG Q 187 -62.93 -0.22 68.36
C ARG Q 187 -62.07 -1.45 68.60
N ASP Q 188 -61.70 -2.18 67.54
CA ASP Q 188 -60.84 -3.34 67.70
C ASP Q 188 -59.50 -2.97 68.33
N TYR Q 189 -58.97 -1.80 68.03
CA TYR Q 189 -57.72 -1.33 68.61
C TYR Q 189 -57.89 0.11 69.07
N SER Q 190 -57.01 0.53 69.99
CA SER Q 190 -56.95 1.93 70.37
C SER Q 190 -56.56 2.77 69.17
N VAL Q 191 -57.08 4.00 69.12
CA VAL Q 191 -56.92 4.83 67.94
C VAL Q 191 -55.47 5.26 67.77
N SER Q 192 -54.72 5.38 68.86
CA SER Q 192 -53.29 5.61 68.75
C SER Q 192 -52.56 4.47 68.05
N VAL Q 193 -53.06 3.24 68.18
CA VAL Q 193 -52.43 2.11 67.50
C VAL Q 193 -52.68 2.18 66.00
N VAL Q 194 -53.93 2.40 65.60
CA VAL Q 194 -54.26 2.53 64.18
C VAL Q 194 -53.84 3.87 63.61
N ALA Q 195 -53.75 4.92 64.44
CA ALA Q 195 -53.10 6.14 64.01
C ALA Q 195 -51.63 5.91 63.66
N LYS Q 196 -50.87 5.31 64.58
CA LYS Q 196 -49.47 5.01 64.30
C LYS Q 196 -49.33 4.04 63.12
N ALA Q 197 -50.16 3.00 63.10
CA ALA Q 197 -50.10 2.04 62.01
C ALA Q 197 -50.41 2.66 60.65
N SER Q 198 -51.37 3.59 60.61
CA SER Q 198 -51.67 4.28 59.37
C SER Q 198 -50.60 5.30 59.00
N TYR Q 199 -50.02 5.98 59.99
CA TYR Q 199 -48.83 6.79 59.74
C TYR Q 199 -47.71 5.95 59.14
N GLU Q 200 -47.43 4.79 59.73
CA GLU Q 200 -46.45 3.87 59.16
C GLU Q 200 -46.86 3.43 57.76
N GLY Q 201 -48.15 3.22 57.53
CA GLY Q 201 -48.62 2.89 56.19
C GLY Q 201 -48.36 4.01 55.19
N LEU Q 202 -48.68 5.24 55.56
CA LEU Q 202 -48.46 6.37 54.66
C LEU Q 202 -46.97 6.57 54.36
N THR Q 203 -46.11 6.33 55.34
CA THR Q 203 -44.67 6.46 55.13
C THR Q 203 -44.03 5.17 54.62
N GLY Q 204 -44.78 4.08 54.51
CA GLY Q 204 -44.24 2.83 54.04
C GLY Q 204 -43.50 2.02 55.08
N GLN Q 205 -43.46 2.47 56.33
CA GLN Q 205 -42.77 1.77 57.40
C GLN Q 205 -43.55 0.55 57.90
N LEU Q 206 -44.83 0.43 57.56
CA LEU Q 206 -45.65 -0.69 58.02
C LEU Q 206 -45.24 -1.96 57.30
N SER Q 207 -44.94 -3.01 58.06
CA SER Q 207 -44.52 -4.28 57.48
C SER Q 207 -45.69 -5.05 56.85
N ALA Q 208 -45.31 -6.05 56.05
CA ALA Q 208 -46.25 -6.95 55.40
C ALA Q 208 -47.25 -7.60 56.37
N GLU Q 209 -46.77 -8.14 57.49
CA GLU Q 209 -47.69 -8.69 58.48
C GLU Q 209 -48.49 -7.62 59.21
N ALA Q 210 -47.88 -6.48 59.51
CA ALA Q 210 -48.64 -5.42 60.18
C ALA Q 210 -49.65 -4.80 59.22
N LYS Q 211 -49.25 -4.65 57.97
CA LYS Q 211 -50.14 -4.17 56.91
C LYS Q 211 -51.40 -5.01 56.78
N ALA Q 212 -51.28 -6.34 56.79
CA ALA Q 212 -52.45 -7.20 56.91
C ALA Q 212 -53.21 -6.98 58.22
N LYS Q 213 -52.54 -7.02 59.36
CA LYS Q 213 -53.25 -6.95 60.63
C LYS Q 213 -53.97 -5.61 60.82
N TYR Q 214 -53.24 -4.51 60.66
CA TYR Q 214 -53.82 -3.18 60.73
C TYR Q 214 -54.62 -2.79 59.49
N GLY Q 215 -54.28 -3.35 58.32
CA GLY Q 215 -54.81 -2.84 57.07
C GLY Q 215 -56.32 -2.69 57.01
N GLU Q 216 -57.06 -3.67 57.53
CA GLU Q 216 -58.51 -3.49 57.61
C GLU Q 216 -58.92 -2.48 58.67
N SER Q 217 -58.17 -2.35 59.77
CA SER Q 217 -58.51 -1.37 60.79
C SER Q 217 -58.19 0.07 60.37
N ILE Q 218 -57.13 0.27 59.58
CA ILE Q 218 -56.72 1.62 59.19
C ILE Q 218 -57.65 2.25 58.15
N SER Q 219 -58.28 1.46 57.30
CA SER Q 219 -59.28 2.02 56.38
C SER Q 219 -60.46 2.63 57.13
N SER Q 220 -60.97 1.95 58.16
CA SER Q 220 -62.02 2.57 58.98
C SER Q 220 -61.52 3.85 59.63
N PHE Q 221 -60.32 3.82 60.22
CA PHE Q 221 -59.70 5.02 60.74
C PHE Q 221 -59.52 6.10 59.67
N THR Q 222 -59.11 5.70 58.47
CA THR Q 222 -58.84 6.67 57.41
C THR Q 222 -60.09 7.43 56.99
N GLN Q 223 -61.17 6.71 56.69
CA GLN Q 223 -62.38 7.37 56.21
C GLN Q 223 -63.07 8.20 57.27
N TYR Q 224 -63.02 7.79 58.53
CA TYR Q 224 -63.68 8.50 59.61
C TYR Q 224 -62.80 9.53 60.31
N SER Q 225 -61.70 9.95 59.69
CA SER Q 225 -60.83 10.91 60.34
C SER Q 225 -60.22 11.86 59.32
N ASN Q 226 -59.86 13.05 59.79
CA ASN Q 226 -59.27 14.12 59.00
C ASN Q 226 -57.78 14.22 59.34
N THR Q 227 -56.95 13.51 58.59
CA THR Q 227 -55.51 13.47 58.86
C THR Q 227 -54.84 14.69 58.25
N HIS Q 228 -54.47 15.64 59.11
CA HIS Q 228 -53.50 16.66 58.73
C HIS Q 228 -52.09 16.07 58.70
N GLN Q 229 -51.31 16.48 57.69
CA GLN Q 229 -49.94 16.02 57.52
C GLN Q 229 -49.02 17.21 57.36
N GLU Q 230 -47.87 17.15 58.04
CA GLU Q 230 -46.83 18.16 57.87
C GLU Q 230 -45.47 17.52 58.09
N VAL Q 231 -44.44 18.19 57.60
CA VAL Q 231 -43.06 17.71 57.68
C VAL Q 231 -42.13 18.90 57.82
N ARG Q 232 -41.02 18.70 58.52
CA ARG Q 232 -40.14 19.79 58.91
C ARG Q 232 -38.71 19.30 58.91
N GLY Q 233 -37.79 20.22 58.63
CA GLY Q 233 -36.41 19.84 58.33
C GLY Q 233 -36.24 19.08 57.04
N GLY Q 234 -34.98 18.94 56.62
CA GLY Q 234 -34.66 18.30 55.36
C GLY Q 234 -34.98 19.18 54.15
N ASP Q 235 -34.71 18.60 52.98
CA ASP Q 235 -34.93 19.31 51.73
C ASP Q 235 -36.42 19.44 51.44
N GLY Q 236 -36.90 20.68 51.40
CA GLY Q 236 -38.30 20.94 51.10
C GLY Q 236 -38.75 20.44 49.74
N ALA Q 237 -37.81 20.26 48.81
CA ALA Q 237 -38.14 19.63 47.54
C ALA Q 237 -38.34 18.12 47.66
N LYS Q 238 -37.91 17.50 48.76
CA LYS Q 238 -38.15 16.09 49.02
C LYS Q 238 -39.08 15.86 50.19
N ALA Q 239 -39.47 16.93 50.89
CA ALA Q 239 -40.28 16.77 52.09
C ALA Q 239 -41.66 16.20 51.77
N HIS Q 240 -42.25 16.62 50.64
CA HIS Q 240 -43.57 16.15 50.25
C HIS Q 240 -43.59 14.67 49.87
N GLY Q 241 -42.43 14.10 49.54
CA GLY Q 241 -42.32 12.68 49.25
C GLY Q 241 -42.44 11.76 50.44
N VAL Q 242 -42.34 12.28 51.68
CA VAL Q 242 -42.31 11.39 52.83
C VAL Q 242 -43.62 10.64 53.00
N PHE Q 243 -44.75 11.27 52.66
CA PHE Q 243 -46.04 10.60 52.72
C PHE Q 243 -46.44 10.00 51.39
N SER Q 244 -45.48 9.77 50.50
CA SER Q 244 -45.71 9.21 49.17
C SER Q 244 -46.03 7.72 49.20
N GLY Q 245 -46.09 7.11 50.38
CA GLY Q 245 -46.35 5.69 50.48
C GLY Q 245 -45.20 4.79 50.12
N LYS Q 246 -44.02 5.35 49.83
CA LYS Q 246 -42.90 4.60 49.29
C LYS Q 246 -41.67 4.86 50.14
N LYS Q 247 -41.04 3.79 50.60
CA LYS Q 247 -39.91 3.91 51.51
C LYS Q 247 -38.75 4.68 50.88
N GLU Q 248 -38.51 4.48 49.59
CA GLU Q 248 -37.41 5.18 48.92
C GLU Q 248 -37.59 6.69 48.97
N ASP Q 249 -38.83 7.18 48.89
CA ASP Q 249 -39.08 8.61 49.00
C ASP Q 249 -38.89 9.10 50.44
N PHE Q 250 -39.38 8.35 51.42
CA PHE Q 250 -39.17 8.70 52.82
C PHE Q 250 -37.68 8.71 53.18
N GLN Q 251 -36.96 7.65 52.82
CA GLN Q 251 -35.52 7.62 53.09
C GLN Q 251 -34.77 8.72 52.37
N ALA Q 252 -35.17 9.05 51.14
CA ALA Q 252 -34.56 10.17 50.43
C ALA Q 252 -34.72 11.49 51.18
N TRP Q 253 -35.84 11.69 51.88
CA TRP Q 253 -35.97 12.85 52.76
C TRP Q 253 -35.06 12.74 53.98
N VAL Q 254 -35.06 11.59 54.65
CA VAL Q 254 -34.18 11.38 55.81
C VAL Q 254 -32.73 11.65 55.44
N ASP Q 255 -32.30 11.18 54.26
CA ASP Q 255 -30.95 11.45 53.80
C ASP Q 255 -30.68 12.93 53.57
N SER Q 256 -31.71 13.77 53.49
CA SER Q 256 -31.52 15.21 53.39
C SER Q 256 -31.64 15.95 54.72
N VAL Q 257 -32.28 15.35 55.72
CA VAL Q 257 -32.35 15.98 57.04
C VAL Q 257 -30.96 16.20 57.61
N SER Q 258 -30.05 15.25 57.37
CA SER Q 258 -28.69 15.36 57.88
C SER Q 258 -27.97 16.61 57.35
N ALA Q 259 -28.29 17.05 56.13
CA ALA Q 259 -27.67 18.27 55.62
C ALA Q 259 -28.29 19.54 56.18
N SER Q 260 -29.59 19.56 56.42
CA SER Q 260 -30.32 20.80 56.72
C SER Q 260 -31.32 20.56 57.85
N PRO Q 261 -30.83 20.30 59.06
CA PRO Q 261 -31.73 20.03 60.18
C PRO Q 261 -32.39 21.29 60.73
N ASP Q 262 -33.49 21.08 61.43
CA ASP Q 262 -34.21 22.14 62.13
C ASP Q 262 -34.45 21.74 63.58
N PHE Q 263 -34.82 22.74 64.38
CA PHE Q 263 -35.37 22.51 65.72
C PHE Q 263 -36.69 21.77 65.69
N VAL Q 264 -36.68 20.52 66.16
CA VAL Q 264 -37.80 19.60 65.98
C VAL Q 264 -38.32 19.08 67.32
N ASP Q 265 -37.46 19.05 68.34
CA ASP Q 265 -37.89 18.47 69.62
C ASP Q 265 -37.05 19.05 70.75
N PHE Q 266 -37.56 18.87 71.97
CA PHE Q 266 -36.85 19.23 73.19
C PHE Q 266 -36.03 18.07 73.73
N VAL Q 267 -34.97 18.40 74.46
CA VAL Q 267 -34.29 17.46 75.35
C VAL Q 267 -35.11 17.27 76.61
N PRO Q 268 -35.56 16.04 76.93
CA PRO Q 268 -36.58 15.88 77.98
C PRO Q 268 -36.19 16.42 79.34
N THR Q 269 -34.90 16.43 79.67
CA THR Q 269 -34.46 16.77 81.02
C THR Q 269 -34.46 18.26 81.30
N ILE Q 270 -34.18 19.09 80.30
CA ILE Q 270 -33.87 20.50 80.54
C ILE Q 270 -34.39 21.33 79.36
N PRO Q 271 -35.67 21.21 79.00
CA PRO Q 271 -36.12 21.79 77.73
C PRO Q 271 -36.00 23.31 77.68
N MET Q 272 -36.43 24.01 78.73
CA MET Q 272 -36.33 25.46 78.75
C MET Q 272 -36.28 25.96 80.19
N GLN Q 273 -35.75 27.17 80.36
CA GLN Q 273 -35.55 27.79 81.66
C GLN Q 273 -36.38 29.06 81.75
N GLU Q 274 -36.89 29.35 82.95
CA GLU Q 274 -37.67 30.57 83.14
C GLU Q 274 -36.84 31.82 82.99
N ILE Q 275 -37.47 32.87 82.42
CA ILE Q 275 -36.77 34.08 82.03
C ILE Q 275 -36.22 34.84 83.24
N TRP Q 276 -36.92 34.82 84.38
CA TRP Q 276 -36.43 35.44 85.60
C TRP Q 276 -35.25 34.69 86.24
N THR Q 277 -34.80 33.58 85.67
CA THR Q 277 -33.49 33.06 86.02
C THR Q 277 -32.38 34.06 85.68
N LEU Q 278 -32.59 34.90 84.66
CA LEU Q 278 -31.56 35.83 84.19
C LEU Q 278 -31.58 37.19 84.85
N CYS Q 279 -32.65 37.57 85.57
CA CYS Q 279 -32.66 38.89 86.18
C CYS Q 279 -31.77 38.91 87.42
N SER Q 280 -31.10 40.05 87.62
CA SER Q 280 -30.06 40.16 88.65
C SER Q 280 -30.61 40.27 90.06
N SER Q 281 -31.82 40.76 90.24
CA SER Q 281 -32.38 40.97 91.57
C SER Q 281 -33.41 39.91 91.91
N GLU Q 282 -33.24 39.28 93.08
CA GLU Q 282 -34.21 38.30 93.55
C GLU Q 282 -35.58 38.94 93.78
N ALA Q 283 -35.61 40.21 94.19
CA ALA Q 283 -36.86 40.94 94.32
C ALA Q 283 -37.53 41.16 92.96
N GLN Q 284 -36.75 41.34 91.91
CA GLN Q 284 -37.31 41.37 90.57
C GLN Q 284 -37.82 39.99 90.17
N ALA Q 285 -37.04 38.94 90.44
CA ALA Q 285 -37.46 37.58 90.12
C ALA Q 285 -38.76 37.22 90.81
N GLU Q 286 -38.88 37.58 92.09
CA GLU Q 286 -40.12 37.34 92.83
C GLU Q 286 -41.32 38.01 92.17
N ALA Q 287 -41.18 39.28 91.77
CA ALA Q 287 -42.27 39.96 91.10
C ALA Q 287 -42.61 39.32 89.75
N MET Q 288 -41.59 38.98 88.96
CA MET Q 288 -41.83 38.35 87.67
C MET Q 288 -42.45 36.96 87.82
N ARG Q 289 -41.86 36.12 88.67
CA ARG Q 289 -42.42 34.79 88.92
C ARG Q 289 -43.83 34.87 89.48
N LYS Q 290 -44.07 35.77 90.44
CA LYS Q 290 -45.41 35.95 90.98
C LYS Q 290 -46.39 36.38 89.89
N HIS Q 291 -46.01 37.33 89.04
CA HIS Q 291 -46.89 37.70 87.93
C HIS Q 291 -47.09 36.55 86.95
N TYR Q 292 -46.04 35.79 86.64
CA TYR Q 292 -46.15 34.74 85.64
C TYR Q 292 -47.25 33.75 85.97
N ASP Q 293 -47.31 33.29 87.21
CA ASP Q 293 -48.21 32.21 87.60
C ASP Q 293 -49.49 32.72 88.26
N ASP Q 294 -49.49 33.94 88.80
CA ASP Q 294 -50.71 34.52 89.32
C ASP Q 294 -51.61 35.11 88.24
N VAL Q 295 -51.03 35.56 87.12
CA VAL Q 295 -51.79 36.33 86.14
C VAL Q 295 -51.58 35.77 84.74
N TRP Q 296 -50.34 35.81 84.25
CA TRP Q 296 -50.10 35.65 82.82
C TRP Q 296 -50.35 34.22 82.37
N ALA Q 297 -49.73 33.24 83.02
CA ALA Q 297 -49.94 31.85 82.64
C ALA Q 297 -51.37 31.38 82.83
N PRO Q 298 -52.10 31.76 83.90
CA PRO Q 298 -53.55 31.51 83.92
C PRO Q 298 -54.31 32.06 82.72
N ALA Q 299 -54.16 33.36 82.45
CA ALA Q 299 -54.85 33.98 81.33
C ALA Q 299 -54.48 33.31 80.00
N GLN Q 300 -53.19 33.05 79.77
CA GLN Q 300 -52.79 32.38 78.55
C GLN Q 300 -53.38 30.98 78.45
N SER Q 301 -53.39 30.23 79.55
CA SER Q 301 -53.99 28.89 79.51
C SER Q 301 -55.49 28.96 79.23
N GLU Q 302 -56.18 29.91 79.85
CA GLU Q 302 -57.62 30.04 79.62
C GLU Q 302 -57.94 30.47 78.19
N LYS Q 303 -57.12 31.37 77.63
CA LYS Q 303 -57.34 31.83 76.26
C LYS Q 303 -57.06 30.74 75.22
N TYR Q 304 -56.67 29.54 75.64
CA TYR Q 304 -56.50 28.41 74.75
C TYR Q 304 -57.45 27.26 75.08
N ARG Q 305 -58.44 27.53 75.94
CA ARG Q 305 -59.46 26.55 76.27
C ARG Q 305 -60.55 26.57 75.20
N VAL Q 306 -60.95 25.39 74.74
CA VAL Q 306 -61.83 25.26 73.58
C VAL Q 306 -63.20 24.80 74.03
N LYS Q 307 -64.22 25.55 73.65
CA LYS Q 307 -65.61 25.15 73.85
C LYS Q 307 -65.99 24.05 72.87
N ALA Q 308 -67.00 23.28 73.24
CA ALA Q 308 -67.67 22.41 72.27
C ALA Q 308 -68.87 23.12 71.66
N ASN Q 309 -69.23 22.70 70.46
CA ASN Q 309 -70.51 23.09 69.87
C ASN Q 309 -71.66 22.60 70.72
N TYR Q 310 -72.79 23.29 70.64
CA TYR Q 310 -73.96 22.97 71.43
C TYR Q 310 -75.24 23.09 70.59
N ILE Q 311 -76.26 22.35 71.00
CA ILE Q 311 -77.56 22.42 70.35
C ILE Q 311 -78.29 23.68 70.79
N ASP Q 312 -78.78 24.45 69.83
CA ASP Q 312 -79.59 25.62 70.11
C ASP Q 312 -81.02 25.55 69.60
N GLN Q 313 -81.33 24.64 68.67
CA GLN Q 313 -82.69 24.56 68.15
C GLN Q 313 -82.96 23.14 67.67
N LEU Q 314 -84.19 22.66 67.92
CA LEU Q 314 -84.66 21.36 67.48
C LEU Q 314 -85.92 21.53 66.63
N VAL Q 315 -86.08 20.65 65.64
CA VAL Q 315 -87.29 20.57 64.83
C VAL Q 315 -87.56 19.11 64.49
N VAL Q 316 -88.82 18.83 64.16
CA VAL Q 316 -89.24 17.50 63.72
C VAL Q 316 -89.80 17.62 62.31
N ILE Q 317 -89.48 16.63 61.47
CA ILE Q 317 -89.95 16.59 60.09
C ILE Q 317 -90.64 15.26 59.85
N THR Q 318 -91.72 15.31 59.07
CA THR Q 318 -92.60 14.16 58.86
C THR Q 318 -92.88 14.01 57.36
N GLY Q 319 -93.00 12.77 56.92
CA GLY Q 319 -93.33 12.52 55.54
C GLY Q 319 -93.40 11.03 55.24
N GLY Q 320 -93.63 10.75 53.96
CA GLY Q 320 -93.97 9.44 53.46
C GLY Q 320 -92.83 8.53 53.04
N SER Q 321 -91.58 8.90 53.26
CA SER Q 321 -90.48 8.05 52.85
C SER Q 321 -89.28 8.25 53.76
N SER Q 322 -88.38 7.26 53.73
CA SER Q 322 -87.21 7.27 54.58
C SER Q 322 -86.31 8.47 54.30
N THR Q 323 -86.36 9.00 53.07
CA THR Q 323 -85.37 9.94 52.59
C THR Q 323 -85.81 11.40 52.71
N ILE Q 324 -86.92 11.66 53.42
CA ILE Q 324 -87.29 13.02 53.71
C ILE Q 324 -86.16 13.70 54.47
N GLU Q 325 -86.10 15.03 54.37
CA GLU Q 325 -84.86 15.75 54.61
C GLU Q 325 -85.15 17.08 55.28
N PRO Q 326 -84.33 17.49 56.25
CA PRO Q 326 -84.66 18.65 57.08
C PRO Q 326 -84.58 19.96 56.30
N PRO Q 327 -85.05 21.05 56.89
CA PRO Q 327 -84.67 22.38 56.39
C PRO Q 327 -83.16 22.56 56.44
N VAL Q 328 -82.65 23.33 55.46
CA VAL Q 328 -81.23 23.30 55.14
C VAL Q 328 -80.37 23.62 56.35
N GLY Q 329 -80.87 24.47 57.26
CA GLY Q 329 -80.09 24.82 58.44
C GLY Q 329 -79.88 23.70 59.43
N TYR Q 330 -80.69 22.63 59.37
CA TYR Q 330 -80.66 21.57 60.35
C TYR Q 330 -80.02 20.31 59.78
N SER Q 331 -79.66 19.40 60.69
CA SER Q 331 -79.20 18.06 60.33
C SER Q 331 -80.04 17.03 61.06
N LYS Q 332 -80.15 15.85 60.48
CA LYS Q 332 -81.17 14.87 60.84
C LYS Q 332 -80.59 13.75 61.69
N ILE Q 333 -81.30 13.42 62.76
CA ILE Q 333 -81.08 12.17 63.49
C ILE Q 333 -81.79 11.06 62.72
N GLU Q 334 -81.02 10.14 62.17
CA GLU Q 334 -81.48 9.16 61.17
C GLU Q 334 -82.37 8.06 61.76
N TYR Q 335 -82.88 8.10 62.99
CA TYR Q 335 -83.71 7.03 63.52
C TYR Q 335 -85.17 7.48 63.53
N ASP Q 336 -86.02 6.70 62.86
CA ASP Q 336 -87.42 7.08 62.67
C ASP Q 336 -88.17 6.97 64.00
N LEU Q 337 -88.80 8.06 64.42
CA LEU Q 337 -89.63 8.09 65.63
C LEU Q 337 -90.94 7.33 65.48
N ASN Q 338 -91.17 6.66 64.35
CA ASN Q 338 -92.21 5.64 64.24
C ASN Q 338 -91.65 4.31 63.73
N ALA Q 339 -90.37 4.06 63.94
CA ALA Q 339 -89.75 2.82 63.48
C ALA Q 339 -90.54 1.62 63.97
N GLY Q 340 -91.05 0.84 63.02
CA GLY Q 340 -91.89 -0.31 63.32
C GLY Q 340 -93.32 0.03 63.69
N ALA Q 341 -93.64 1.31 63.87
CA ALA Q 341 -94.99 1.72 64.25
C ALA Q 341 -95.85 2.07 63.04
N GLY Q 342 -95.29 1.99 61.83
CA GLY Q 342 -96.03 2.39 60.64
C GLY Q 342 -96.32 3.88 60.62
N GLY Q 343 -97.31 4.23 59.79
CA GLY Q 343 -97.70 5.61 59.64
C GLY Q 343 -96.72 6.43 58.82
N ASP Q 344 -96.60 7.70 59.19
CA ASP Q 344 -95.57 8.56 58.63
C ASP Q 344 -94.20 8.23 59.19
N PHE Q 345 -93.17 8.38 58.36
CA PHE Q 345 -91.82 8.53 58.86
C PHE Q 345 -91.67 9.86 59.60
N ILE Q 346 -91.02 9.81 60.76
CA ILE Q 346 -90.80 11.00 61.58
C ILE Q 346 -89.34 11.02 62.01
N TYR Q 347 -88.69 12.17 61.87
CA TYR Q 347 -87.30 12.35 62.26
C TYR Q 347 -87.14 13.61 63.09
N LEU Q 348 -86.25 13.54 64.09
CA LEU Q 348 -85.88 14.67 64.92
C LEU Q 348 -84.62 15.31 64.35
N CYS Q 349 -84.62 16.64 64.24
CA CYS Q 349 -83.53 17.36 63.62
C CYS Q 349 -83.08 18.50 64.54
N TYR Q 350 -81.82 18.88 64.43
CA TYR Q 350 -81.21 19.82 65.36
C TYR Q 350 -80.32 20.79 64.61
N HIS Q 351 -80.08 21.94 65.24
CA HIS Q 351 -79.03 22.89 64.87
C HIS Q 351 -77.99 22.92 65.98
N GLU Q 352 -76.72 22.80 65.61
CA GLU Q 352 -75.62 22.95 66.56
C GLU Q 352 -74.90 24.27 66.31
N GLN Q 353 -74.80 25.08 67.36
CA GLN Q 353 -74.33 26.46 67.28
C GLN Q 353 -72.87 26.53 67.67
N THR Q 354 -72.08 27.26 66.88
CA THR Q 354 -70.72 27.60 67.28
C THR Q 354 -70.76 28.66 68.37
N TRP Q 355 -70.03 28.42 69.46
CA TRP Q 355 -69.94 29.40 70.53
C TRP Q 355 -69.16 30.63 70.09
N GLN Q 356 -69.65 31.80 70.54
CA GLN Q 356 -69.03 33.09 70.24
C GLN Q 356 -68.92 33.89 71.53
N ALA Q 357 -67.76 34.52 71.72
CA ALA Q 357 -67.49 35.17 73.00
C ALA Q 357 -68.39 36.37 73.22
N ASP Q 358 -68.68 37.13 72.17
CA ASP Q 358 -69.43 38.38 72.30
C ASP Q 358 -70.94 38.22 72.10
N ARG Q 359 -71.39 37.08 71.57
CA ARG Q 359 -72.82 36.87 71.37
C ARG Q 359 -73.17 35.39 71.43
N PRO Q 360 -72.96 34.74 72.57
CA PRO Q 360 -73.50 33.39 72.73
C PRO Q 360 -75.02 33.40 72.68
N LYS Q 361 -75.58 32.42 71.96
CA LYS Q 361 -77.02 32.23 71.93
C LYS Q 361 -77.46 31.51 73.20
N ASP Q 362 -78.75 31.23 73.30
CA ASP Q 362 -79.22 30.14 74.14
C ASP Q 362 -78.75 28.78 73.60
N ALA Q 363 -78.42 27.88 74.50
CA ALA Q 363 -78.46 26.45 74.22
C ALA Q 363 -79.80 25.86 74.62
N VAL Q 364 -80.12 24.71 74.03
CA VAL Q 364 -81.07 23.80 74.66
C VAL Q 364 -80.47 23.24 75.93
N THR Q 365 -81.25 23.24 77.01
CA THR Q 365 -80.76 22.73 78.30
C THR Q 365 -81.64 21.67 78.93
N ASP Q 366 -82.89 21.50 78.50
CA ASP Q 366 -83.69 20.38 78.96
C ASP Q 366 -84.68 19.97 77.87
N ILE Q 367 -85.08 18.72 77.89
CA ILE Q 367 -86.07 18.19 76.96
C ILE Q 367 -87.06 17.34 77.75
N ARG Q 368 -88.34 17.41 77.36
CA ARG Q 368 -89.39 16.63 78.00
C ARG Q 368 -90.36 16.17 76.92
N ILE Q 369 -91.09 15.10 77.23
CA ILE Q 369 -92.21 14.63 76.43
C ILE Q 369 -93.49 14.72 77.26
N ILE Q 370 -94.52 15.34 76.69
CA ILE Q 370 -95.70 15.75 77.44
C ILE Q 370 -96.95 14.97 77.06
N PHE Q 371 -96.91 14.22 75.96
CA PHE Q 371 -98.01 13.37 75.51
C PHE Q 371 -99.32 14.16 75.35
N ASN Q 372 -100.44 13.46 75.55
CA ASN Q 372 -101.72 13.77 74.92
C ASN Q 372 -102.18 15.22 75.14
N LYS Q 373 -102.44 15.60 76.40
CA LYS Q 373 -103.11 16.86 76.69
C LYS Q 373 -102.44 17.66 77.80
N GLU Q 374 -101.39 17.16 78.42
CA GLU Q 374 -100.79 17.89 79.51
C GLU Q 374 -100.27 19.24 79.00
N PRO Q 375 -100.47 20.31 79.76
CA PRO Q 375 -99.96 21.63 79.33
C PRO Q 375 -98.45 21.65 79.23
N THR Q 376 -97.95 22.51 78.35
CA THR Q 376 -96.52 22.65 78.19
C THR Q 376 -95.89 23.16 79.48
N PRO Q 377 -94.84 22.53 79.99
CA PRO Q 377 -94.25 22.94 81.26
C PRO Q 377 -93.73 24.37 81.20
N PRO Q 378 -93.64 25.04 82.35
CA PRO Q 378 -93.39 26.48 82.37
C PRO Q 378 -92.10 26.88 81.67
N GLY Q 379 -92.24 27.68 80.62
CA GLY Q 379 -91.11 28.17 79.85
C GLY Q 379 -90.54 27.22 78.81
N TYR Q 380 -91.09 26.03 78.66
CA TYR Q 380 -90.68 25.15 77.57
C TYR Q 380 -91.36 25.55 76.27
N THR Q 381 -90.64 25.35 75.16
CA THR Q 381 -91.25 25.33 73.85
C THR Q 381 -91.78 23.94 73.54
N LYS Q 382 -92.72 23.88 72.59
CA LYS Q 382 -93.31 22.63 72.14
C LYS Q 382 -93.25 22.57 70.61
N LEU Q 383 -92.85 21.41 70.10
CA LEU Q 383 -92.94 21.14 68.67
C LEU Q 383 -94.36 20.71 68.29
N PRO Q 384 -94.94 21.27 67.22
CA PRO Q 384 -96.36 20.99 66.93
C PRO Q 384 -96.63 19.62 66.33
N GLN Q 385 -95.63 18.97 65.74
CA GLN Q 385 -95.84 17.67 65.13
C GLN Q 385 -96.12 16.61 66.18
N ASP Q 386 -97.16 15.80 65.94
CA ASP Q 386 -97.39 14.59 66.71
C ASP Q 386 -96.37 13.53 66.32
N LEU Q 387 -95.61 13.05 67.30
CA LEU Q 387 -94.58 12.05 67.09
C LEU Q 387 -95.14 10.62 66.98
N ASN Q 388 -96.47 10.48 66.88
CA ASN Q 388 -97.09 9.27 66.37
C ASN Q 388 -97.97 9.54 65.15
N LYS Q 389 -97.76 10.67 64.47
CA LYS Q 389 -98.55 10.98 63.29
C LYS Q 389 -98.58 9.81 62.32
N GLY Q 390 -99.80 9.39 61.97
CA GLY Q 390 -100.04 8.21 61.16
C GLY Q 390 -99.87 6.89 61.89
N ALA Q 391 -99.19 6.86 63.02
CA ALA Q 391 -98.94 5.61 63.73
C ALA Q 391 -100.09 5.24 64.67
N GLY Q 392 -101.04 6.15 64.89
CA GLY Q 392 -102.09 5.94 65.86
C GLY Q 392 -101.61 6.19 67.27
N GLY Q 393 -101.97 5.31 68.20
CA GLY Q 393 -101.54 5.45 69.57
C GLY Q 393 -102.05 6.73 70.22
N ASP Q 394 -101.33 7.14 71.25
CA ASP Q 394 -101.55 8.43 71.88
C ASP Q 394 -100.81 9.53 71.14
N ASP Q 395 -101.29 10.76 71.28
CA ASP Q 395 -100.61 11.90 70.69
C ASP Q 395 -99.36 12.24 71.49
N VAL Q 396 -98.21 12.26 70.81
CA VAL Q 396 -96.92 12.45 71.44
C VAL Q 396 -96.34 13.78 70.96
N PHE Q 397 -95.91 14.62 71.90
CA PHE Q 397 -95.25 15.87 71.60
C PHE Q 397 -94.00 16.03 72.45
N LEU Q 398 -92.93 16.52 71.83
CA LEU Q 398 -91.66 16.78 72.49
C LEU Q 398 -91.50 18.25 72.79
N CYS Q 399 -91.08 18.56 74.02
CA CYS Q 399 -90.87 19.92 74.49
C CYS Q 399 -89.42 20.08 74.95
N TYR Q 400 -88.90 21.29 74.81
CA TYR Q 400 -87.53 21.56 75.24
C TYR Q 400 -87.42 22.98 75.76
N LYS Q 401 -86.49 23.16 76.71
CA LYS Q 401 -86.21 24.43 77.36
C LYS Q 401 -84.86 24.96 76.87
N THR Q 402 -84.81 26.27 76.62
CA THR Q 402 -83.58 26.93 76.21
C THR Q 402 -83.18 28.00 77.22
N GLU Q 403 -81.88 28.13 77.42
CA GLU Q 403 -81.31 29.03 78.43
C GLU Q 403 -79.97 29.55 77.91
N ALA Q 404 -79.57 30.70 78.43
CA ALA Q 404 -78.31 31.31 78.01
C ALA Q 404 -77.16 30.33 78.23
N TYR Q 405 -76.20 30.37 77.31
CA TYR Q 405 -75.17 29.34 77.25
C TYR Q 405 -74.40 29.22 78.55
N ASN Q 406 -74.18 27.98 78.99
CA ASN Q 406 -73.21 27.68 80.04
C ASN Q 406 -72.64 26.31 79.75
N THR Q 407 -71.31 26.19 79.83
CA THR Q 407 -70.67 24.91 79.54
C THR Q 407 -71.15 23.81 80.47
N ASP Q 408 -71.62 24.16 81.67
CA ASP Q 408 -72.12 23.16 82.61
C ASP Q 408 -73.42 22.52 82.16
N THR Q 409 -74.14 23.12 81.23
CA THR Q 409 -75.52 22.69 80.95
C THR Q 409 -75.91 22.76 79.48
N ALA Q 410 -75.21 23.49 78.63
CA ALA Q 410 -75.51 23.46 77.20
C ALA Q 410 -75.37 22.05 76.65
N ILE Q 411 -76.47 21.51 76.15
CA ILE Q 411 -76.48 20.16 75.59
C ILE Q 411 -75.66 20.16 74.30
N ASN Q 412 -74.67 19.29 74.24
CA ASN Q 412 -73.80 19.20 73.06
C ASN Q 412 -74.34 18.28 71.99
N LYS Q 413 -74.94 17.15 72.36
CA LYS Q 413 -75.48 16.22 71.38
C LYS Q 413 -76.77 15.60 71.88
N VAL Q 414 -77.59 15.16 70.93
CA VAL Q 414 -78.78 14.38 71.19
C VAL Q 414 -78.81 13.21 70.21
N THR Q 415 -79.47 12.13 70.61
CA THR Q 415 -79.74 11.03 69.71
C THR Q 415 -81.02 10.33 70.15
N VAL Q 416 -81.60 9.57 69.22
CA VAL Q 416 -82.80 8.77 69.47
C VAL Q 416 -82.44 7.29 69.35
N ILE Q 417 -82.81 6.52 70.37
CA ILE Q 417 -82.48 5.10 70.47
C ILE Q 417 -83.77 4.32 70.67
N GLY Q 418 -83.83 3.12 70.09
CA GLY Q 418 -85.05 2.34 70.19
C GLY Q 418 -84.81 0.87 69.98
N GLY Q 419 -85.74 0.07 70.49
CA GLY Q 419 -85.61 -1.37 70.43
C GLY Q 419 -86.83 -2.02 71.03
N ASN Q 420 -86.77 -3.35 71.16
CA ASN Q 420 -87.92 -4.09 71.69
C ASN Q 420 -88.06 -3.96 73.20
N ASN Q 421 -86.96 -3.79 73.93
CA ASN Q 421 -87.03 -3.68 75.38
C ASN Q 421 -87.44 -2.27 75.77
N ALA Q 422 -88.25 -2.17 76.83
CA ALA Q 422 -88.51 -0.86 77.43
C ALA Q 422 -87.30 -0.32 78.17
N ASP Q 423 -86.61 -1.17 78.93
CA ASP Q 423 -85.36 -0.81 79.61
C ASP Q 423 -84.17 -0.86 78.66
N ILE Q 424 -84.11 0.04 77.67
CA ILE Q 424 -83.01 0.05 76.73
C ILE Q 424 -81.93 1.01 77.22
N ASN Q 425 -80.68 0.71 76.86
CA ASN Q 425 -79.52 1.46 77.34
C ASN Q 425 -79.14 2.57 76.36
N ALA Q 426 -78.99 3.78 76.90
CA ALA Q 426 -78.40 4.87 76.14
C ALA Q 426 -76.91 4.70 75.97
N PRO Q 427 -76.31 5.36 74.98
CA PRO Q 427 -74.85 5.38 74.86
C PRO Q 427 -74.21 5.98 76.10
N TYR Q 428 -72.95 5.60 76.33
CA TYR Q 428 -72.26 5.99 77.54
C TYR Q 428 -72.22 7.52 77.68
N GLY Q 429 -72.59 8.00 78.86
CA GLY Q 429 -72.62 9.42 79.14
C GLY Q 429 -73.85 10.15 78.66
N TYR Q 430 -74.67 9.53 77.81
CA TYR Q 430 -75.96 10.11 77.47
C TYR Q 430 -76.98 9.86 78.57
N LEU Q 431 -77.91 10.78 78.70
CA LEU Q 431 -79.10 10.62 79.54
C LEU Q 431 -80.32 10.57 78.64
N LYS Q 432 -81.14 9.53 78.78
CA LYS Q 432 -82.37 9.42 78.02
C LYS Q 432 -83.52 10.04 78.81
N VAL Q 433 -84.42 10.69 78.07
CA VAL Q 433 -85.64 11.25 78.67
C VAL Q 433 -86.65 10.16 78.97
N PRO Q 434 -87.47 10.32 80.01
CA PRO Q 434 -88.58 9.39 80.23
C PRO Q 434 -89.68 9.53 79.20
N GLY Q 435 -90.42 8.44 78.99
CA GLY Q 435 -91.51 8.41 78.06
C GLY Q 435 -91.16 7.88 76.69
N ASP Q 436 -92.08 7.15 76.08
CA ASP Q 436 -91.85 6.44 74.83
C ASP Q 436 -92.46 7.24 73.68
N LEU Q 437 -91.64 7.52 72.67
CA LEU Q 437 -92.11 8.22 71.46
C LEU Q 437 -92.98 7.34 70.57
N ASN Q 438 -93.27 6.10 70.98
CA ASN Q 438 -94.33 5.29 70.38
C ASN Q 438 -95.36 4.84 71.42
N ARG Q 439 -95.48 5.55 72.54
CA ARG Q 439 -96.44 5.16 73.57
C ARG Q 439 -97.81 4.92 72.95
N GLY Q 440 -98.37 3.75 73.22
CA GLY Q 440 -99.65 3.35 72.68
C GLY Q 440 -99.62 2.89 71.25
N ALA Q 441 -98.58 3.20 70.49
CA ALA Q 441 -98.44 2.69 69.15
C ALA Q 441 -97.77 1.32 69.17
N GLY Q 442 -97.73 0.66 68.02
CA GLY Q 442 -96.94 -0.55 67.89
C GLY Q 442 -95.45 -0.28 67.80
N GLY Q 443 -94.71 -1.27 67.33
CA GLY Q 443 -93.28 -1.15 67.06
C GLY Q 443 -92.40 -1.04 68.28
N ASN Q 444 -91.22 -0.45 68.06
CA ASN Q 444 -90.20 -0.32 69.07
C ASN Q 444 -90.58 0.69 70.14
N PHE Q 445 -90.01 0.52 71.33
CA PHE Q 445 -89.82 1.64 72.25
C PHE Q 445 -88.76 2.58 71.71
N ILE Q 446 -88.99 3.88 71.86
CA ILE Q 446 -88.08 4.91 71.33
C ILE Q 446 -87.93 6.02 72.37
N TYR Q 447 -86.68 6.44 72.60
CA TYR Q 447 -86.37 7.43 73.63
C TYR Q 447 -85.36 8.41 73.07
N ALA Q 448 -85.47 9.67 73.50
CA ALA Q 448 -84.47 10.69 73.19
C ALA Q 448 -83.36 10.73 74.23
N CYS Q 449 -82.12 10.60 73.77
CA CYS Q 449 -80.93 10.66 74.61
C CYS Q 449 -80.22 11.99 74.44
N THR Q 450 -79.73 12.54 75.54
CA THR Q 450 -79.08 13.85 75.58
C THR Q 450 -77.69 13.70 76.16
N PHE Q 451 -76.75 14.47 75.65
CA PHE Q 451 -75.36 14.43 76.08
C PHE Q 451 -74.84 15.84 76.34
N VAL Q 452 -74.20 16.03 77.49
CA VAL Q 452 -73.57 17.29 77.86
C VAL Q 452 -72.10 17.00 78.16
N GLY Q 453 -71.21 17.76 77.52
CA GLY Q 453 -69.79 17.59 77.70
C GLY Q 453 -69.26 18.15 79.01
N LYS Q 454 -69.87 19.21 79.50
CA LYS Q 454 -69.34 19.95 80.64
C LYS Q 454 -67.96 20.49 80.30
N THR R 1 -23.40 41.24 50.66
CA THR R 1 -24.74 40.77 50.20
C THR R 1 -25.71 40.67 51.37
N VAL R 2 -26.81 41.40 51.29
CA VAL R 2 -27.81 41.43 52.36
C VAL R 2 -28.78 40.28 52.16
N LEU R 3 -29.23 39.70 53.26
CA LEU R 3 -30.20 38.63 53.21
C LEU R 3 -31.54 39.15 52.69
N PRO R 4 -32.19 38.45 51.77
CA PRO R 4 -33.53 38.86 51.35
C PRO R 4 -34.49 38.96 52.53
N GLY R 5 -35.19 40.09 52.62
CA GLY R 5 -36.13 40.33 53.69
C GLY R 5 -35.70 41.43 54.65
N VAL R 6 -34.42 41.77 54.66
CA VAL R 6 -33.94 42.89 55.46
C VAL R 6 -34.58 44.20 54.98
N GLU R 7 -34.94 44.28 53.70
CA GLU R 7 -35.68 45.43 53.21
C GLU R 7 -37.12 45.48 53.74
N ALA R 8 -37.65 44.35 54.21
CA ALA R 8 -39.07 44.24 54.55
C ALA R 8 -39.34 44.23 56.04
N ILE R 9 -38.39 43.77 56.86
CA ILE R 9 -38.53 43.94 58.30
C ILE R 9 -38.49 45.43 58.62
N GLY R 10 -39.13 45.81 59.73
CA GLY R 10 -39.20 47.20 60.14
C GLY R 10 -40.05 48.09 59.27
N LEU R 11 -40.57 47.58 58.15
CA LEU R 11 -41.48 48.33 57.31
C LEU R 11 -42.72 48.78 58.07
N GLY R 12 -43.05 50.05 57.98
CA GLY R 12 -44.25 50.56 58.63
C GLY R 12 -45.49 50.02 57.93
N TYR R 13 -46.44 49.51 58.72
CA TYR R 13 -47.46 48.60 58.23
C TYR R 13 -48.84 49.08 58.67
N ASN R 14 -49.83 48.91 57.79
CA ASN R 14 -51.23 49.14 58.16
C ASN R 14 -51.96 47.81 58.26
N PRO R 15 -52.30 47.35 59.46
CA PRO R 15 -52.99 46.05 59.60
C PRO R 15 -54.22 45.86 58.73
N PHE R 16 -55.06 46.89 58.65
CA PHE R 16 -56.32 46.82 57.91
C PHE R 16 -56.16 46.64 56.41
N ILE R 17 -55.14 47.23 55.79
CA ILE R 17 -55.05 47.16 54.34
C ILE R 17 -54.94 45.72 53.85
N SER R 18 -54.06 44.92 54.46
CA SER R 18 -53.95 43.55 53.97
C SER R 18 -53.24 42.67 54.98
N TYR R 19 -53.26 41.37 54.68
CA TYR R 19 -52.58 40.35 55.49
C TYR R 19 -51.28 39.93 54.82
N ALA R 20 -50.17 40.03 55.55
CA ALA R 20 -48.93 39.37 55.17
C ALA R 20 -48.48 39.77 53.76
N SER R 21 -48.76 41.01 53.40
CA SER R 21 -48.33 41.57 52.12
C SER R 21 -47.61 42.88 52.37
N VAL R 22 -46.56 43.13 51.58
CA VAL R 22 -45.80 44.36 51.70
C VAL R 22 -46.53 45.56 51.14
N ASN R 23 -47.51 45.34 50.26
CA ASN R 23 -48.35 46.43 49.78
C ASN R 23 -49.11 47.13 50.91
N SER R 24 -49.26 46.47 52.05
CA SER R 24 -49.91 47.06 53.21
C SER R 24 -49.00 47.96 54.04
N GLY R 25 -47.72 48.08 53.72
CA GLY R 25 -46.82 48.97 54.43
C GLY R 25 -46.29 50.10 53.57
N ALA R 26 -46.17 51.28 54.19
CA ALA R 26 -45.70 52.50 53.54
C ALA R 26 -44.30 52.90 54.00
N VAL R 27 -43.27 52.49 53.23
CA VAL R 27 -41.87 52.92 53.39
C VAL R 27 -41.22 52.34 54.65
N GLN R 28 -39.90 52.23 54.61
CA GLN R 28 -39.10 51.60 55.66
C GLN R 28 -38.65 52.66 56.66
N LEU R 29 -38.99 52.46 57.92
CA LEU R 29 -38.60 53.39 58.98
C LEU R 29 -37.14 53.29 59.42
N PHE R 30 -36.49 52.12 59.30
CA PHE R 30 -35.15 51.95 59.82
C PHE R 30 -34.08 51.91 58.73
N ASP R 31 -32.92 52.49 59.06
CA ASP R 31 -31.78 52.59 58.13
C ASP R 31 -30.87 51.41 58.42
N TRP R 32 -30.76 50.48 57.47
CA TRP R 32 -29.90 49.32 57.64
C TRP R 32 -28.71 49.27 56.70
N ALA R 33 -28.50 50.30 55.87
CA ALA R 33 -27.27 50.33 55.09
C ALA R 33 -26.10 50.75 55.97
N THR R 34 -26.31 51.78 56.80
CA THR R 34 -25.28 52.27 57.70
C THR R 34 -25.00 51.29 58.84
N ALA R 35 -26.04 50.63 59.34
CA ALA R 35 -25.90 49.81 60.54
C ALA R 35 -24.88 48.69 60.38
N LYS R 36 -24.25 48.35 61.50
CA LYS R 36 -23.32 47.24 61.58
C LYS R 36 -23.98 45.92 61.17
N LYS R 37 -23.31 45.18 60.30
CA LYS R 37 -23.83 43.91 59.79
C LYS R 37 -23.36 42.72 60.61
N ARG R 38 -24.12 41.63 60.49
CA ARG R 38 -23.76 40.31 60.98
C ARG R 38 -23.96 39.30 59.86
N GLU R 39 -23.06 38.34 59.76
CA GLU R 39 -23.25 37.26 58.80
C GLU R 39 -24.29 36.27 59.31
N VAL R 40 -25.11 35.76 58.39
CA VAL R 40 -26.17 34.83 58.73
C VAL R 40 -25.57 33.44 58.99
N PRO R 41 -25.78 32.86 60.17
CA PRO R 41 -25.07 31.61 60.49
C PRO R 41 -25.32 30.49 59.48
N PHE R 42 -26.57 30.31 59.06
CA PHE R 42 -26.93 29.22 58.15
C PHE R 42 -26.76 29.57 56.68
N LYS R 43 -26.50 30.83 56.34
CA LYS R 43 -26.33 31.27 54.94
C LYS R 43 -25.09 32.16 54.86
N ALA R 44 -23.92 31.54 55.04
CA ALA R 44 -22.66 32.24 54.85
C ALA R 44 -22.58 32.88 53.47
N GLY R 45 -22.11 34.12 53.44
CA GLY R 45 -22.21 34.97 52.27
C GLY R 45 -23.40 35.91 52.23
N TYR R 46 -24.31 35.82 53.19
CA TYR R 46 -25.38 36.78 53.35
C TYR R 46 -25.27 37.44 54.72
N PHE R 47 -25.64 38.72 54.79
CA PHE R 47 -25.47 39.49 56.01
C PHE R 47 -26.77 40.18 56.39
N VAL R 48 -26.90 40.46 57.69
CA VAL R 48 -28.04 41.19 58.22
C VAL R 48 -27.52 42.22 59.21
N PRO R 49 -28.29 43.29 59.45
CA PRO R 49 -27.96 44.16 60.58
C PRO R 49 -27.96 43.37 61.88
N GLU R 50 -27.01 43.69 62.77
CA GLU R 50 -26.81 42.86 63.94
C GLU R 50 -28.01 42.89 64.87
N ILE R 51 -28.89 43.89 64.74
CA ILE R 51 -30.03 44.00 65.65
C ILE R 51 -31.02 42.86 65.39
N VAL R 52 -31.20 42.49 64.13
CA VAL R 52 -32.24 41.52 63.81
C VAL R 52 -31.77 40.10 64.13
N ASP R 53 -32.71 39.28 64.59
CA ASP R 53 -32.49 37.86 64.83
C ASP R 53 -33.17 37.08 63.70
N VAL R 54 -32.38 36.33 62.95
CA VAL R 54 -32.90 35.54 61.83
C VAL R 54 -32.81 34.07 62.21
N GLN R 55 -33.96 33.39 62.18
CA GLN R 55 -34.06 31.96 62.41
C GLN R 55 -34.43 31.29 61.10
N GLN R 56 -33.71 30.23 60.74
CA GLN R 56 -34.22 29.33 59.72
C GLN R 56 -35.43 28.58 60.25
N ASN R 57 -36.45 28.44 59.43
CA ASN R 57 -37.64 27.69 59.81
C ASN R 57 -38.27 27.02 58.58
N ASP R 58 -37.44 26.37 57.78
CA ASP R 58 -37.92 25.76 56.54
C ASP R 58 -39.02 24.75 56.80
N SER R 59 -40.26 25.11 56.46
CA SER R 59 -41.44 24.34 56.84
C SER R 59 -42.62 24.84 56.01
N ALA R 60 -43.06 23.99 55.07
CA ALA R 60 -44.35 24.14 54.40
C ALA R 60 -45.48 24.01 55.41
N THR R 61 -46.38 24.98 55.42
CA THR R 61 -47.28 25.22 56.53
C THR R 61 -48.62 25.71 56.00
N TYR R 62 -49.68 25.51 56.79
CA TYR R 62 -51.03 25.90 56.43
C TYR R 62 -51.54 26.98 57.37
N THR R 63 -52.20 27.99 56.80
CA THR R 63 -53.06 28.90 57.55
C THR R 63 -54.42 28.88 56.86
N ASN R 64 -55.46 28.48 57.58
CA ASN R 64 -56.80 28.40 57.02
C ASN R 64 -57.77 29.24 57.85
N VAL R 65 -58.62 29.99 57.17
CA VAL R 65 -59.59 30.89 57.77
C VAL R 65 -60.94 30.57 57.16
N SER R 66 -61.98 30.51 57.99
CA SER R 66 -63.30 30.15 57.49
C SER R 66 -64.37 30.80 58.34
N GLY R 67 -65.56 30.93 57.77
CA GLY R 67 -66.71 31.43 58.48
C GLY R 67 -68.01 31.22 57.75
N ASN R 68 -69.08 30.89 58.48
CA ASN R 68 -70.38 30.69 57.85
C ASN R 68 -70.93 31.99 57.30
N THR R 69 -70.37 33.11 57.72
CA THR R 69 -70.79 34.43 57.27
C THR R 69 -69.59 35.36 57.31
N ILE R 70 -69.68 36.45 56.55
CA ILE R 70 -68.53 37.34 56.38
C ILE R 70 -68.11 37.91 57.73
N SER R 71 -69.07 38.32 58.55
CA SER R 71 -68.74 38.90 59.84
C SER R 71 -68.04 37.88 60.73
N GLU R 72 -68.31 36.60 60.50
CA GLU R 72 -67.55 35.54 61.16
C GLU R 72 -66.18 35.37 60.53
N TYR R 73 -66.12 35.32 59.19
CA TYR R 73 -64.84 35.21 58.50
C TYR R 73 -63.93 36.39 58.84
N GLN R 74 -64.49 37.59 58.90
CA GLN R 74 -63.70 38.75 59.28
C GLN R 74 -63.11 38.64 60.68
N ARG R 75 -63.79 37.93 61.59
CA ARG R 75 -63.23 37.75 62.93
C ARG R 75 -62.25 36.59 63.01
N SER R 76 -62.53 35.48 62.31
CA SER R 76 -61.54 34.41 62.24
C SER R 76 -60.30 34.83 61.47
N LEU R 77 -60.44 35.75 60.52
CA LEU R 77 -59.27 36.37 59.89
C LEU R 77 -58.53 37.27 60.88
N ALA R 78 -59.24 38.19 61.52
CA ALA R 78 -58.59 39.13 62.44
C ALA R 78 -57.85 38.41 63.56
N THR R 79 -58.42 37.34 64.09
CA THR R 79 -57.81 36.57 65.16
C THR R 79 -56.75 35.59 64.68
N SER R 80 -56.47 35.54 63.38
CA SER R 80 -55.41 34.68 62.89
C SER R 80 -54.01 35.20 63.22
N VAL R 81 -53.92 36.38 63.81
CA VAL R 81 -52.65 37.00 64.19
C VAL R 81 -52.80 37.54 65.61
N ALA R 82 -51.73 37.43 66.39
CA ALA R 82 -51.73 37.96 67.75
C ALA R 82 -51.67 39.47 67.69
N ILE R 83 -52.84 40.11 67.78
CA ILE R 83 -52.95 41.56 67.66
C ILE R 83 -54.10 42.02 68.54
N GLU R 84 -53.99 43.24 69.05
CA GLU R 84 -54.91 43.72 70.07
C GLU R 84 -56.19 44.28 69.47
N GLY R 85 -57.31 44.00 70.15
CA GLY R 85 -58.59 44.57 69.83
C GLY R 85 -59.41 43.78 68.82
N ARG R 86 -60.69 44.14 68.76
CA ARG R 86 -61.70 43.47 67.95
C ARG R 86 -61.80 44.03 66.54
N TYR R 87 -60.87 44.90 66.14
CA TYR R 87 -60.99 45.56 64.85
C TYR R 87 -60.87 44.55 63.70
N ASN R 88 -61.46 44.94 62.56
CA ASN R 88 -61.46 44.14 61.34
C ASN R 88 -60.10 44.19 60.64
N PHE R 89 -59.07 43.74 61.33
CA PHE R 89 -57.73 43.74 60.75
C PHE R 89 -57.68 42.88 59.49
N PHE R 90 -56.77 43.23 58.59
CA PHE R 90 -56.59 42.51 57.33
C PHE R 90 -57.82 42.53 56.41
N SER R 91 -58.87 43.25 56.80
CA SER R 91 -60.15 43.08 56.13
C SER R 91 -60.16 43.71 54.74
N GLY R 92 -59.19 44.57 54.43
CA GLY R 92 -59.02 45.04 53.06
C GLY R 92 -58.74 43.95 52.04
N SER R 93 -58.23 42.81 52.48
CA SER R 93 -58.04 41.68 51.55
C SER R 93 -59.35 41.17 50.97
N LEU R 94 -60.46 41.41 51.65
CA LEU R 94 -61.76 41.00 51.12
C LEU R 94 -62.00 41.53 49.71
N SER R 95 -61.68 42.81 49.49
CA SER R 95 -61.92 43.43 48.19
C SER R 95 -61.21 42.73 47.04
N THR R 96 -60.22 41.88 47.32
CA THR R 96 -59.50 41.17 46.28
C THR R 96 -59.56 39.66 46.39
N ASP R 97 -59.90 39.11 47.56
CA ASP R 97 -60.12 37.67 47.66
C ASP R 97 -61.44 37.24 47.06
N PHE R 98 -62.49 38.04 47.22
CA PHE R 98 -63.85 37.61 46.90
C PHE R 98 -64.52 38.63 45.98
N ASP R 99 -65.43 38.13 45.15
CA ASP R 99 -66.25 39.00 44.33
C ASP R 99 -67.21 39.82 45.18
N SER R 100 -67.32 41.10 44.84
CA SER R 100 -67.97 42.05 45.73
C SER R 100 -69.44 41.67 45.97
N ASN R 101 -70.14 41.24 44.92
CA ASN R 101 -71.49 40.72 45.08
C ASN R 101 -71.51 39.54 46.04
N SER R 102 -70.47 38.71 46.02
CA SER R 102 -70.48 37.48 46.81
C SER R 102 -70.19 37.75 48.28
N LEU R 103 -69.51 38.85 48.58
CA LEU R 103 -69.48 39.33 49.97
C LEU R 103 -70.85 39.81 50.41
N ARG R 104 -71.58 40.50 49.54
CA ARG R 104 -72.92 40.99 49.88
C ARG R 104 -73.96 39.87 49.88
N ASN R 105 -73.72 38.80 49.15
CA ASN R 105 -74.67 37.69 49.08
C ASN R 105 -74.65 36.89 50.38
N ALA R 106 -75.75 36.98 51.16
CA ALA R 106 -75.87 36.26 52.42
C ALA R 106 -76.00 34.74 52.29
N GLU R 107 -76.16 34.19 51.08
CA GLU R 107 -76.11 32.75 50.92
C GLU R 107 -74.70 32.18 50.90
N ASN R 108 -73.66 33.01 50.96
CA ASN R 108 -72.30 32.50 50.85
C ASN R 108 -71.67 32.29 52.22
N GLU R 109 -70.81 31.28 52.29
CA GLU R 109 -69.83 31.10 53.35
C GLU R 109 -68.44 31.00 52.75
N PHE R 110 -67.44 31.44 53.52
CA PHE R 110 -66.15 31.86 52.99
C PHE R 110 -65.03 31.04 53.62
N THR R 111 -64.07 30.62 52.79
CA THR R 111 -62.89 29.90 53.23
C THR R 111 -61.67 30.43 52.48
N ARG R 112 -60.58 30.63 53.21
CA ARG R 112 -59.28 30.97 52.63
C ARG R 112 -58.24 29.95 53.06
N ILE R 113 -57.66 29.23 52.09
CA ILE R 113 -56.69 28.18 52.33
C ILE R 113 -55.33 28.68 51.85
N GLN R 114 -54.40 28.90 52.77
CA GLN R 114 -53.06 29.39 52.45
C GLN R 114 -52.03 28.34 52.85
N GLN R 115 -51.27 27.84 51.87
CA GLN R 115 -50.06 27.07 52.13
C GLN R 115 -48.83 27.97 52.06
N SER R 116 -48.32 28.37 53.23
CA SER R 116 -47.05 29.08 53.31
C SER R 116 -45.87 28.13 53.09
N ILE R 117 -44.98 28.50 52.17
CA ILE R 117 -43.73 27.77 51.99
C ILE R 117 -42.60 28.54 52.70
N ASN R 118 -42.48 28.36 54.01
CA ASN R 118 -41.50 29.11 54.79
C ASN R 118 -40.07 28.71 54.44
N LEU R 119 -39.17 29.70 54.48
CA LEU R 119 -37.72 29.44 54.39
C LEU R 119 -36.99 29.92 55.63
N TRP R 120 -37.10 31.20 55.97
CA TRP R 120 -36.47 31.77 57.15
C TRP R 120 -37.36 32.87 57.67
N SER R 121 -37.09 33.32 58.89
CA SER R 121 -37.87 34.40 59.49
C SER R 121 -36.96 35.36 60.22
N LEU R 122 -37.22 36.65 60.01
CA LEU R 122 -36.44 37.72 60.61
C LEU R 122 -37.22 38.34 61.76
N ARG R 123 -36.55 38.55 62.88
CA ARG R 123 -37.17 39.06 64.09
C ARG R 123 -36.43 40.32 64.53
N LEU R 124 -37.17 41.25 65.12
CA LEU R 124 -36.62 42.54 65.53
C LEU R 124 -37.05 42.85 66.96
N PRO R 125 -36.12 42.98 67.90
CA PRO R 125 -36.51 43.13 69.30
C PRO R 125 -36.99 44.54 69.64
N SER R 126 -37.86 44.60 70.64
CA SER R 126 -38.47 45.84 71.12
C SER R 126 -37.53 46.69 71.98
N VAL R 127 -36.21 46.60 71.74
CA VAL R 127 -35.27 47.31 72.59
C VAL R 127 -35.35 48.81 72.31
N LYS R 128 -35.02 49.59 73.34
CA LYS R 128 -35.08 51.05 73.28
C LYS R 128 -34.12 51.66 72.26
N SER R 129 -33.07 50.95 71.87
CA SER R 129 -32.15 51.49 70.86
C SER R 129 -32.71 51.47 69.44
N LEU R 130 -33.91 50.94 69.22
CA LEU R 130 -34.50 51.01 67.89
C LEU R 130 -34.56 52.43 67.38
N ARG R 131 -34.96 53.37 68.23
CA ARG R 131 -35.00 54.78 67.87
C ARG R 131 -33.70 55.26 67.23
N GLU R 132 -32.57 54.74 67.67
CA GLU R 132 -31.29 55.17 67.13
C GLU R 132 -31.10 54.70 65.68
N LEU R 133 -31.73 53.60 65.30
CA LEU R 133 -31.64 53.10 63.92
C LEU R 133 -32.64 53.70 62.94
N MET R 134 -33.64 54.46 63.40
CA MET R 134 -34.54 55.08 62.44
C MET R 134 -33.78 55.99 61.48
N LEU R 135 -34.27 56.06 60.25
CA LEU R 135 -33.79 57.06 59.31
C LEU R 135 -34.03 58.47 59.87
N PRO R 136 -33.11 59.40 59.68
CA PRO R 136 -33.24 60.71 60.34
C PRO R 136 -34.51 61.47 59.98
N HIS R 137 -34.93 61.45 58.72
CA HIS R 137 -36.16 62.14 58.34
C HIS R 137 -37.40 61.47 58.90
N MET R 138 -37.39 60.14 59.00
CA MET R 138 -38.50 59.44 59.64
C MET R 138 -38.57 59.78 61.12
N ARG R 139 -37.43 59.74 61.82
CA ARG R 139 -37.40 60.17 63.22
C ARG R 139 -37.81 61.62 63.38
N GLN R 140 -37.29 62.50 62.52
CA GLN R 140 -37.67 63.91 62.59
C GLN R 140 -39.16 64.11 62.39
N GLN R 141 -39.75 63.39 61.42
CA GLN R 141 -41.17 63.51 61.17
C GLN R 141 -42.00 63.04 62.37
N LEU R 142 -41.62 61.91 62.96
CA LEU R 142 -42.30 61.42 64.15
C LEU R 142 -42.11 62.35 65.34
N ASP R 143 -40.91 62.93 65.48
CA ASP R 143 -40.64 63.81 66.62
C ASP R 143 -41.40 65.13 66.51
N GLU R 144 -41.64 65.62 65.31
CA GLU R 144 -42.36 66.88 65.11
C GLU R 144 -43.86 66.70 64.92
N LEU R 145 -44.36 65.46 65.00
CA LEU R 145 -45.79 65.22 64.82
C LEU R 145 -46.60 66.02 65.85
N ASN R 146 -47.48 66.88 65.37
CA ASN R 146 -48.32 67.72 66.21
C ASN R 146 -49.50 66.90 66.73
N VAL R 147 -49.24 66.16 67.82
CA VAL R 147 -50.27 65.31 68.42
C VAL R 147 -51.39 66.10 69.06
N ASN R 148 -51.29 67.43 69.12
CA ASN R 148 -52.41 68.28 69.50
C ASN R 148 -53.50 68.37 68.44
N ASP R 149 -53.24 67.92 67.21
CA ASP R 149 -54.27 67.85 66.19
C ASP R 149 -54.59 66.41 65.84
N PRO R 150 -55.81 65.93 66.12
CA PRO R 150 -56.16 64.57 65.71
C PRO R 150 -55.96 64.29 64.23
N LYS R 151 -56.21 65.28 63.37
CA LYS R 151 -56.06 65.06 61.94
C LYS R 151 -54.61 64.79 61.57
N ALA R 152 -53.66 65.42 62.26
CA ALA R 152 -52.25 65.13 62.01
C ALA R 152 -51.89 63.70 62.39
N ILE R 153 -52.34 63.24 63.55
CA ILE R 153 -52.09 61.85 63.95
C ILE R 153 -52.77 60.90 62.97
N SER R 154 -54.04 61.18 62.65
CA SER R 154 -54.77 60.33 61.71
C SER R 154 -54.07 60.28 60.35
N ARG R 155 -53.61 61.43 59.86
CA ARG R 155 -52.83 61.43 58.63
C ARG R 155 -51.51 60.68 58.78
N TYR R 156 -50.87 60.79 59.94
CA TYR R 156 -49.64 60.03 60.16
C TYR R 156 -49.89 58.53 60.12
N PHE R 157 -50.91 58.05 60.84
CA PHE R 157 -51.24 56.62 60.77
C PHE R 157 -51.63 56.21 59.36
N ASP R 158 -52.39 57.05 58.67
CA ASP R 158 -52.72 56.77 57.27
C ASP R 158 -51.49 56.78 56.38
N ARG R 159 -50.66 57.82 56.49
CA ARG R 159 -49.55 57.99 55.55
C ARG R 159 -48.37 57.09 55.88
N VAL R 160 -48.11 56.83 57.16
CA VAL R 160 -46.93 56.09 57.57
C VAL R 160 -47.26 54.69 58.08
N GLY R 161 -48.52 54.41 58.41
CA GLY R 161 -48.89 53.18 59.08
C GLY R 161 -48.97 53.36 60.59
N SER R 162 -49.77 52.51 61.22
CA SER R 162 -49.92 52.52 62.67
C SER R 162 -48.94 51.61 63.38
N HIS R 163 -48.39 50.61 62.69
CA HIS R 163 -47.48 49.64 63.27
C HIS R 163 -46.25 49.54 62.38
N PHE R 164 -45.25 48.79 62.85
CA PHE R 164 -44.15 48.41 61.99
C PHE R 164 -43.83 46.94 62.21
N LEU R 165 -43.35 46.30 61.15
CA LEU R 165 -43.10 44.86 61.16
C LEU R 165 -41.93 44.50 62.07
N THR R 166 -42.16 43.57 62.99
CA THR R 166 -41.12 43.01 63.82
C THR R 166 -40.94 41.51 63.65
N GLY R 167 -41.88 40.83 63.00
CA GLY R 167 -41.72 39.42 62.69
C GLY R 167 -42.05 39.17 61.23
N ILE R 168 -41.10 38.57 60.51
CA ILE R 168 -41.24 38.32 59.08
C ILE R 168 -40.90 36.87 58.80
N VAL R 169 -41.72 36.21 58.00
CA VAL R 169 -41.37 34.91 57.43
C VAL R 169 -41.16 35.14 55.94
N MET R 170 -40.02 34.72 55.41
CA MET R 170 -39.74 34.87 53.99
C MET R 170 -39.88 33.52 53.30
N GLY R 171 -40.69 33.48 52.24
CA GLY R 171 -40.82 32.28 51.45
C GLY R 171 -41.73 32.45 50.26
N GLY R 172 -42.68 31.52 50.14
CA GLY R 172 -43.69 31.60 49.12
C GLY R 172 -45.04 31.34 49.76
N ARG R 173 -46.10 31.64 49.03
CA ARG R 173 -47.41 31.12 49.40
C ARG R 173 -48.28 30.95 48.17
N ALA R 174 -49.09 29.90 48.18
CA ALA R 174 -50.21 29.75 47.26
C ALA R 174 -51.50 29.82 48.07
N ILE R 175 -52.47 30.57 47.58
CA ILE R 175 -53.73 30.77 48.29
C ILE R 175 -54.86 30.37 47.35
N LEU R 176 -55.85 29.68 47.90
CA LEU R 176 -57.16 29.54 47.29
C LEU R 176 -58.19 30.17 48.22
N ALA R 177 -58.91 31.16 47.72
CA ALA R 177 -60.04 31.75 48.43
C ALA R 177 -61.32 31.40 47.69
N SER R 178 -62.36 31.05 48.45
CA SER R 178 -63.60 30.59 47.86
C SER R 178 -64.78 31.07 48.70
N SER R 179 -65.87 31.40 48.00
CA SER R 179 -67.16 31.66 48.62
C SER R 179 -68.17 30.68 48.06
N THR R 180 -68.92 30.03 48.94
CA THR R 180 -69.68 28.83 48.61
C THR R 180 -71.12 29.01 49.05
N ASN R 181 -72.05 28.60 48.19
CA ASN R 181 -73.47 28.72 48.52
C ASN R 181 -73.81 27.71 49.62
N LYS R 182 -73.89 28.20 50.85
CA LYS R 182 -74.06 27.34 52.02
C LYS R 182 -75.43 26.68 52.08
N LEU R 183 -76.38 27.12 51.26
CA LEU R 183 -77.69 26.47 51.19
C LEU R 183 -77.71 25.23 50.32
N ARG R 184 -76.72 25.04 49.44
CA ARG R 184 -76.82 24.04 48.39
C ARG R 184 -75.62 23.10 48.28
N VAL R 185 -74.45 23.48 48.78
CA VAL R 185 -73.33 22.54 48.85
C VAL R 185 -73.63 21.40 49.81
N LYS R 186 -73.12 20.21 49.49
CA LYS R 186 -73.25 19.06 50.37
C LYS R 186 -72.68 19.33 51.75
N ARG R 187 -73.40 18.87 52.77
CA ARG R 187 -73.05 19.06 54.17
C ARG R 187 -72.39 17.83 54.78
N ASP R 188 -71.95 16.86 53.96
CA ASP R 188 -71.27 15.69 54.50
C ASP R 188 -70.02 16.06 55.29
N TYR R 189 -69.30 17.10 54.88
CA TYR R 189 -68.13 17.56 55.59
C TYR R 189 -68.19 19.08 55.75
N SER R 190 -67.44 19.58 56.71
CA SER R 190 -67.28 21.02 56.83
C SER R 190 -66.58 21.58 55.60
N VAL R 191 -66.94 22.81 55.24
CA VAL R 191 -66.47 23.36 53.97
C VAL R 191 -64.98 23.63 54.00
N SER R 192 -64.42 23.90 55.18
CA SER R 192 -62.96 23.97 55.29
C SER R 192 -62.28 22.65 54.96
N VAL R 193 -62.94 21.53 55.23
CA VAL R 193 -62.35 20.24 54.89
C VAL R 193 -62.33 20.02 53.38
N VAL R 194 -63.47 20.27 52.71
CA VAL R 194 -63.53 20.13 51.27
C VAL R 194 -62.86 21.29 50.55
N ALA R 195 -62.78 22.46 51.17
CA ALA R 195 -61.92 23.53 50.66
C ALA R 195 -60.45 23.10 50.64
N LYS R 196 -59.94 22.64 51.78
CA LYS R 196 -58.56 22.16 51.83
C LYS R 196 -58.34 20.97 50.90
N ALA R 197 -59.29 20.02 50.90
CA ALA R 197 -59.14 18.85 50.04
C ALA R 197 -59.15 19.22 48.56
N SER R 198 -59.97 20.20 48.17
CA SER R 198 -59.97 20.65 46.78
C SER R 198 -58.74 21.47 46.45
N TYR R 199 -58.25 22.29 47.39
CA TYR R 199 -56.95 22.92 47.23
C TYR R 199 -55.86 21.89 47.01
N GLU R 200 -55.83 20.84 47.84
CA GLU R 200 -54.88 19.75 47.63
C GLU R 200 -55.10 19.07 46.29
N GLY R 201 -56.36 18.94 45.87
CA GLY R 201 -56.63 18.39 44.55
C GLY R 201 -56.07 19.24 43.43
N LEU R 202 -56.30 20.56 43.50
CA LEU R 202 -55.79 21.46 42.46
C LEU R 202 -54.26 21.47 42.42
N THR R 203 -53.61 21.36 43.58
CA THR R 203 -52.16 21.31 43.62
C THR R 203 -51.59 19.90 43.48
N GLY R 204 -52.45 18.88 43.42
CA GLY R 204 -52.00 17.50 43.30
C GLY R 204 -51.55 16.86 44.60
N GLN R 205 -51.67 17.56 45.73
CA GLN R 205 -51.26 17.02 47.03
C GLN R 205 -52.24 16.01 47.59
N LEU R 206 -53.45 15.93 47.03
CA LEU R 206 -54.46 15.00 47.53
C LEU R 206 -54.10 13.57 47.13
N SER R 207 -54.07 12.68 48.12
CA SER R 207 -53.72 11.30 47.87
C SER R 207 -54.84 10.52 47.19
N ALA R 208 -54.46 9.35 46.67
CA ALA R 208 -55.39 8.42 46.03
C ALA R 208 -56.60 8.07 46.89
N GLU R 209 -56.38 7.73 48.16
CA GLU R 209 -57.52 7.47 49.04
C GLU R 209 -58.30 8.73 49.41
N ALA R 210 -57.61 9.86 49.59
CA ALA R 210 -58.33 11.08 49.91
C ALA R 210 -59.08 11.59 48.69
N LYS R 211 -58.47 11.44 47.51
CA LYS R 211 -59.10 11.77 46.25
C LYS R 211 -60.42 11.03 46.03
N ALA R 212 -60.45 9.73 46.31
CA ALA R 212 -61.73 9.02 46.36
C ALA R 212 -62.68 9.56 47.44
N LYS R 213 -62.20 9.70 48.67
CA LYS R 213 -63.10 10.09 49.76
C LYS R 213 -63.67 11.48 49.57
N TYR R 214 -62.81 12.47 49.35
CA TYR R 214 -63.22 13.84 49.06
C TYR R 214 -63.74 14.04 47.64
N GLY R 215 -63.29 13.23 46.69
CA GLY R 215 -63.53 13.52 45.28
C GLY R 215 -64.99 13.77 44.91
N GLU R 216 -65.91 12.99 45.45
CA GLU R 216 -67.32 13.31 45.22
C GLU R 216 -67.78 14.55 45.98
N SER R 217 -67.21 14.83 47.16
CA SER R 217 -67.59 16.03 47.90
C SER R 217 -67.03 17.31 47.29
N ILE R 218 -65.84 17.26 46.69
CA ILE R 218 -65.21 18.46 46.15
C ILE R 218 -65.87 18.95 44.87
N SER R 219 -66.45 18.05 44.06
CA SER R 219 -67.20 18.50 42.90
C SER R 219 -68.40 19.36 43.28
N SER R 220 -69.16 18.96 44.30
CA SER R 220 -70.24 19.81 44.78
C SER R 220 -69.71 21.15 45.27
N PHE R 221 -68.64 21.13 46.06
CA PHE R 221 -67.97 22.36 46.47
C PHE R 221 -67.49 23.17 45.27
N THR R 222 -66.93 22.50 44.26
CA THR R 222 -66.36 23.22 43.12
C THR R 222 -67.43 23.98 42.33
N GLN R 223 -68.53 23.31 41.98
CA GLN R 223 -69.54 23.96 41.15
C GLN R 223 -70.30 25.05 41.90
N TYR R 224 -70.51 24.89 43.21
CA TYR R 224 -71.26 25.87 44.00
C TYR R 224 -70.38 26.93 44.65
N SER R 225 -69.15 27.12 44.18
CA SER R 225 -68.29 28.12 44.80
C SER R 225 -67.40 28.79 43.76
N ASN R 226 -66.99 30.00 44.06
CA ASN R 226 -66.14 30.84 43.21
C ASN R 226 -64.73 30.87 43.80
N THR R 227 -63.88 29.96 43.36
CA THR R 227 -62.53 29.84 43.90
C THR R 227 -61.62 30.86 43.23
N HIS R 228 -61.28 31.92 43.95
CA HIS R 228 -60.14 32.76 43.58
C HIS R 228 -58.83 32.06 43.91
N GLN R 229 -57.86 32.18 43.02
CA GLN R 229 -56.54 31.58 43.19
C GLN R 229 -55.45 32.63 43.00
N GLU R 230 -54.46 32.60 43.88
CA GLU R 230 -53.30 33.47 43.72
C GLU R 230 -52.09 32.76 44.31
N VAL R 231 -50.90 33.23 43.91
CA VAL R 231 -49.63 32.66 44.33
C VAL R 231 -48.60 33.77 44.42
N ARG R 232 -47.66 33.62 45.35
CA ARG R 232 -46.73 34.68 45.69
C ARG R 232 -45.38 34.08 46.04
N GLY R 233 -44.33 34.84 45.78
CA GLY R 233 -42.98 34.29 45.82
C GLY R 233 -42.68 33.26 44.75
N GLY R 234 -41.40 32.94 44.60
CA GLY R 234 -40.95 32.04 43.56
C GLY R 234 -40.95 32.67 42.18
N ASP R 235 -40.57 31.85 41.20
CA ASP R 235 -40.48 32.31 39.83
C ASP R 235 -41.87 32.51 39.24
N GLY R 236 -42.19 33.76 38.88
CA GLY R 236 -43.47 34.07 38.30
C GLY R 236 -43.74 33.35 36.99
N ALA R 237 -42.70 32.90 36.30
CA ALA R 237 -42.89 32.06 35.12
C ALA R 237 -43.28 30.62 35.48
N LYS R 238 -43.12 30.21 36.73
CA LYS R 238 -43.57 28.91 37.20
C LYS R 238 -44.71 29.01 38.18
N ALA R 239 -45.07 30.21 38.60
CA ALA R 239 -46.09 30.38 39.63
C ALA R 239 -47.45 29.87 39.16
N HIS R 240 -47.79 30.12 37.90
CA HIS R 240 -49.07 29.68 37.36
C HIS R 240 -49.20 28.18 37.25
N GLY R 241 -48.09 27.44 37.26
CA GLY R 241 -48.11 25.99 37.25
C GLY R 241 -48.54 25.35 38.56
N VAL R 242 -48.58 26.09 39.66
CA VAL R 242 -48.85 25.44 40.95
C VAL R 242 -50.25 24.87 41.00
N PHE R 243 -51.22 25.51 40.34
CA PHE R 243 -52.58 24.99 40.29
C PHE R 243 -52.83 24.17 39.02
N SER R 244 -51.77 23.68 38.40
CA SER R 244 -51.83 22.88 37.17
C SER R 244 -52.33 21.47 37.42
N GLY R 245 -52.67 21.11 38.66
CA GLY R 245 -53.11 19.77 38.97
C GLY R 245 -52.03 18.72 38.98
N LYS R 246 -50.77 19.11 38.84
CA LYS R 246 -49.67 18.17 38.65
C LYS R 246 -48.57 18.49 39.66
N LYS R 247 -48.17 17.48 40.42
CA LYS R 247 -47.20 17.68 41.49
C LYS R 247 -45.86 18.20 40.96
N GLU R 248 -45.43 17.73 39.79
CA GLU R 248 -44.17 18.18 39.23
C GLU R 248 -44.16 19.68 38.96
N ASP R 249 -45.30 20.24 38.57
CA ASP R 249 -45.39 21.68 38.37
C ASP R 249 -45.39 22.44 39.70
N PHE R 250 -46.13 21.94 40.69
CA PHE R 250 -46.11 22.55 42.02
C PHE R 250 -44.72 22.50 42.65
N GLN R 251 -44.07 21.33 42.62
CA GLN R 251 -42.73 21.22 43.16
C GLN R 251 -41.73 22.09 42.41
N ALA R 252 -41.87 22.20 41.08
CA ALA R 252 -41.02 23.11 40.31
C ALA R 252 -41.14 24.56 40.76
N TRP R 253 -42.33 25.00 41.20
CA TRP R 253 -42.46 26.31 41.81
C TRP R 253 -41.79 26.37 43.18
N VAL R 254 -42.04 25.38 44.03
CA VAL R 254 -41.40 25.33 45.35
C VAL R 254 -39.89 25.38 45.21
N ASP R 255 -39.33 24.66 44.26
CA ASP R 255 -37.89 24.71 44.01
C ASP R 255 -37.41 26.09 43.56
N SER R 256 -38.30 26.98 43.15
CA SER R 256 -37.92 28.35 42.83
C SER R 256 -38.17 29.34 43.95
N VAL R 257 -39.04 29.02 44.91
CA VAL R 257 -39.26 29.91 46.04
C VAL R 257 -37.96 30.11 46.83
N SER R 258 -37.15 29.06 46.94
CA SER R 258 -35.89 29.15 47.65
C SER R 258 -34.95 30.20 47.05
N ALA R 259 -35.00 30.41 45.74
CA ALA R 259 -34.16 31.45 45.13
C ALA R 259 -34.70 32.86 45.33
N SER R 260 -36.02 33.04 45.31
CA SER R 260 -36.63 34.37 45.25
C SER R 260 -37.82 34.45 46.19
N PRO R 261 -37.58 34.40 47.50
CA PRO R 261 -38.68 34.44 48.45
C PRO R 261 -39.26 35.83 48.63
N ASP R 262 -40.49 35.86 49.14
CA ASP R 262 -41.18 37.10 49.49
C ASP R 262 -41.70 37.02 50.91
N PHE R 263 -42.07 38.19 51.44
CA PHE R 263 -42.86 38.28 52.67
C PHE R 263 -44.24 37.67 52.52
N VAL R 264 -44.47 36.55 53.21
CA VAL R 264 -45.64 35.71 52.99
C VAL R 264 -46.44 35.51 54.27
N ASP R 265 -45.78 35.62 55.43
CA ASP R 265 -46.48 35.36 56.68
C ASP R 265 -45.77 36.07 57.83
N PHE R 266 -46.50 36.19 58.95
CA PHE R 266 -45.96 36.71 60.19
C PHE R 266 -45.40 35.62 61.08
N VAL R 267 -44.44 36.00 61.93
CA VAL R 267 -44.04 35.20 63.08
C VAL R 267 -45.08 35.34 64.18
N PRO R 268 -45.71 34.24 64.63
CA PRO R 268 -46.91 34.38 65.47
C PRO R 268 -46.69 35.16 66.76
N THR R 269 -45.49 35.12 67.32
CA THR R 269 -45.25 35.68 68.65
C THR R 269 -45.11 37.20 68.64
N ILE R 270 -44.56 37.78 67.58
CA ILE R 270 -44.13 39.18 67.60
C ILE R 270 -44.34 39.80 66.23
N PRO R 271 -45.54 39.71 65.67
CA PRO R 271 -45.70 40.07 64.25
C PRO R 271 -45.39 41.53 63.94
N MET R 272 -45.91 42.46 64.74
CA MET R 272 -45.63 43.87 64.52
C MET R 272 -45.76 44.64 65.84
N GLN R 273 -45.12 45.81 65.87
CA GLN R 273 -45.07 46.66 67.06
C GLN R 273 -45.74 48.00 66.75
N GLU R 274 -46.41 48.56 67.76
CA GLU R 274 -47.05 49.86 67.58
C GLU R 274 -46.06 50.98 67.35
N ILE R 275 -46.45 51.93 66.51
CA ILE R 275 -45.56 52.99 66.04
C ILE R 275 -45.12 53.92 67.16
N TRP R 276 -46.00 54.18 68.13
CA TRP R 276 -45.65 54.99 69.30
C TRP R 276 -44.70 54.30 70.27
N THR R 277 -44.30 53.05 70.01
CA THR R 277 -43.14 52.50 70.69
C THR R 277 -41.88 53.30 70.39
N LEU R 278 -41.80 53.94 69.21
CA LEU R 278 -40.61 54.66 68.79
C LEU R 278 -40.58 56.13 69.18
N CYS R 279 -41.69 56.74 69.59
CA CYS R 279 -41.65 58.15 69.94
C CYS R 279 -40.98 58.34 71.29
N SER R 280 -40.22 59.44 71.41
CA SER R 280 -39.37 59.65 72.57
C SER R 280 -40.12 60.09 73.82
N SER R 281 -41.28 60.72 73.67
CA SER R 281 -42.01 61.24 74.82
C SER R 281 -43.21 60.36 75.14
N GLU R 282 -43.32 59.96 76.42
CA GLU R 282 -44.47 59.20 76.86
C GLU R 282 -45.77 59.99 76.72
N ALA R 283 -45.71 61.31 76.87
CA ALA R 283 -46.87 62.16 76.63
C ALA R 283 -47.27 62.15 75.16
N GLN R 284 -46.30 62.05 74.24
CA GLN R 284 -46.63 61.85 72.85
C GLN R 284 -47.22 60.47 72.62
N ALA R 285 -46.64 59.44 73.22
CA ALA R 285 -47.15 58.09 73.07
C ALA R 285 -48.59 57.98 73.57
N GLU R 286 -48.88 58.61 74.70
CA GLU R 286 -50.24 58.63 75.23
C GLU R 286 -51.22 59.25 74.24
N ALA R 287 -50.87 60.40 73.67
CA ALA R 287 -51.74 61.02 72.68
C ALA R 287 -51.92 60.15 71.44
N MET R 288 -50.83 59.58 70.92
CA MET R 288 -50.94 58.72 69.75
C MET R 288 -51.74 57.45 70.04
N ARG R 289 -51.40 56.75 71.12
CA ARG R 289 -52.15 55.56 71.49
C ARG R 289 -53.62 55.87 71.75
N LYS R 290 -53.90 56.96 72.47
CA LYS R 290 -55.27 57.36 72.70
C LYS R 290 -56.01 57.65 71.39
N HIS R 291 -55.37 58.36 70.46
CA HIS R 291 -56.00 58.58 69.17
C HIS R 291 -56.17 57.28 68.39
N TYR R 292 -55.19 56.39 68.43
CA TYR R 292 -55.26 55.17 67.63
C TYR R 292 -56.51 54.37 67.93
N ASP R 293 -56.83 54.17 69.20
CA ASP R 293 -57.92 53.29 69.60
C ASP R 293 -59.22 54.02 69.91
N ASP R 294 -59.15 55.31 70.20
CA ASP R 294 -60.36 56.09 70.37
C ASP R 294 -60.98 56.53 69.04
N VAL R 295 -60.18 56.70 68.01
CA VAL R 295 -60.66 57.31 66.76
C VAL R 295 -60.29 56.47 65.55
N TRP R 296 -58.99 56.30 65.31
CA TRP R 296 -58.54 55.83 64.01
C TRP R 296 -58.87 54.37 63.78
N ALA R 297 -58.49 53.49 64.70
CA ALA R 297 -58.82 52.08 64.56
C ALA R 297 -60.31 51.78 64.56
N PRO R 298 -61.14 52.43 65.37
CA PRO R 298 -62.60 52.31 65.16
C PRO R 298 -63.07 52.69 63.78
N ALA R 299 -62.72 53.88 63.30
CA ALA R 299 -63.14 54.32 61.97
C ALA R 299 -62.63 53.37 60.89
N GLN R 300 -61.37 52.96 60.96
CA GLN R 300 -60.85 52.03 59.97
C GLN R 300 -61.59 50.68 60.02
N SER R 301 -61.87 50.18 61.21
CA SER R 301 -62.61 48.92 61.31
C SER R 301 -64.02 49.05 60.74
N GLU R 302 -64.69 50.17 61.03
CA GLU R 302 -66.05 50.38 60.52
C GLU R 302 -66.06 50.54 59.01
N LYS R 303 -65.07 51.23 58.45
CA LYS R 303 -64.98 51.41 57.01
C LYS R 303 -64.67 50.12 56.26
N TYR R 304 -64.51 49.00 56.96
CA TYR R 304 -64.33 47.70 56.32
C TYR R 304 -65.46 46.75 56.68
N ARG R 305 -66.53 47.26 57.27
CA ARG R 305 -67.71 46.45 57.58
C ARG R 305 -68.59 46.36 56.34
N VAL R 306 -69.05 45.16 56.03
CA VAL R 306 -69.72 44.87 54.77
C VAL R 306 -71.21 44.62 55.03
N LYS R 307 -72.05 45.37 54.34
CA LYS R 307 -73.50 45.15 54.35
C LYS R 307 -73.84 43.90 53.53
N ALA R 308 -74.98 43.31 53.84
CA ALA R 308 -75.57 42.34 52.93
C ALA R 308 -76.56 43.02 51.98
N ASN R 309 -76.77 42.38 50.83
CA ASN R 309 -77.86 42.76 49.96
C ASN R 309 -79.20 42.55 50.64
N TYR R 310 -80.20 43.31 50.23
CA TYR R 310 -81.53 43.26 50.83
C TYR R 310 -82.61 43.33 49.76
N ILE R 311 -83.77 42.77 50.09
CA ILE R 311 -84.93 42.82 49.21
C ILE R 311 -85.56 44.20 49.28
N ASP R 312 -85.78 44.81 48.12
CA ASP R 312 -86.48 46.07 48.02
C ASP R 312 -87.80 46.03 47.27
N GLN R 313 -88.07 44.99 46.48
CA GLN R 313 -89.32 44.91 45.73
C GLN R 313 -89.68 43.45 45.48
N LEU R 314 -90.97 43.15 45.58
CA LEU R 314 -91.52 41.83 45.30
C LEU R 314 -92.59 41.94 44.22
N VAL R 315 -92.68 40.88 43.39
CA VAL R 315 -93.75 40.76 42.40
C VAL R 315 -94.12 39.29 42.28
N VAL R 316 -95.33 39.05 41.78
CA VAL R 316 -95.84 37.71 41.52
C VAL R 316 -96.14 37.58 40.04
N ILE R 317 -95.80 36.43 39.45
CA ILE R 317 -96.04 36.15 38.05
C ILE R 317 -96.83 34.86 37.92
N THR R 318 -97.76 34.85 36.96
CA THR R 318 -98.72 33.77 36.79
C THR R 318 -98.76 33.35 35.33
N GLY R 319 -98.95 32.05 35.11
CA GLY R 319 -99.08 31.56 33.75
C GLY R 319 -99.28 30.06 33.72
N GLY R 320 -99.32 29.54 32.50
CA GLY R 320 -99.74 28.20 32.18
C GLY R 320 -98.67 27.13 32.17
N SER R 321 -97.43 27.42 32.55
CA SER R 321 -96.38 26.41 32.52
C SER R 321 -95.34 26.68 33.58
N SER R 322 -94.58 25.63 33.89
CA SER R 322 -93.57 25.71 34.95
C SER R 322 -92.50 26.74 34.62
N THR R 323 -92.28 27.03 33.34
CA THR R 323 -91.10 27.75 32.88
C THR R 323 -91.38 29.24 32.65
N ILE R 324 -92.55 29.72 33.07
CA ILE R 324 -92.80 31.16 33.04
C ILE R 324 -91.74 31.87 33.86
N GLU R 325 -91.50 33.14 33.53
CA GLU R 325 -90.24 33.79 33.86
C GLU R 325 -90.48 35.25 34.22
N PRO R 326 -89.79 35.77 35.23
CA PRO R 326 -90.11 37.10 35.76
C PRO R 326 -89.74 38.20 34.79
N PRO R 327 -90.16 39.44 35.06
CA PRO R 327 -89.55 40.59 34.42
C PRO R 327 -88.06 40.65 34.71
N VAL R 328 -87.30 41.15 33.73
CA VAL R 328 -85.86 40.93 33.69
C VAL R 328 -85.18 41.43 34.95
N GLY R 329 -85.72 42.47 35.59
CA GLY R 329 -85.12 42.99 36.81
C GLY R 329 -85.21 42.07 38.00
N TYR R 330 -86.11 41.09 37.98
CA TYR R 330 -86.39 40.25 39.14
C TYR R 330 -85.82 38.85 38.94
N SER R 331 -85.72 38.11 40.04
CA SER R 331 -85.39 36.70 40.02
C SER R 331 -86.45 35.91 40.76
N LYS R 332 -86.60 34.64 40.39
CA LYS R 332 -87.78 33.86 40.73
C LYS R 332 -87.49 32.89 41.86
N ILE R 333 -88.41 32.83 42.82
CA ILE R 333 -88.48 31.74 43.80
C ILE R 333 -89.18 30.57 43.12
N GLU R 334 -88.43 29.49 42.90
CA GLU R 334 -88.84 28.38 42.04
C GLU R 334 -89.95 27.50 42.63
N TYR R 335 -90.64 27.84 43.71
CA TYR R 335 -91.67 26.98 44.27
C TYR R 335 -93.05 27.53 43.92
N ASP R 336 -93.87 26.72 43.26
CA ASP R 336 -95.15 27.17 42.75
C ASP R 336 -96.13 27.39 43.90
N LEU R 337 -96.68 28.61 44.00
CA LEU R 337 -97.69 28.94 45.00
C LEU R 337 -99.04 28.29 44.74
N ASN R 338 -99.16 27.42 43.73
CA ASN R 338 -100.29 26.50 43.62
C ASN R 338 -99.82 25.05 43.47
N ALA R 339 -98.62 24.74 43.96
CA ALA R 339 -98.10 23.39 43.86
C ALA R 339 -99.09 22.38 44.41
N GLY R 340 -99.53 21.47 43.54
CA GLY R 340 -100.54 20.49 43.87
C GLY R 340 -101.96 21.02 43.90
N ALA R 341 -102.16 22.33 43.78
CA ALA R 341 -103.49 22.92 43.81
C ALA R 341 -104.08 23.10 42.42
N GLY R 342 -103.34 22.72 41.38
CA GLY R 342 -103.81 22.93 40.02
C GLY R 342 -103.92 24.41 39.68
N GLY R 343 -104.70 24.68 38.63
CA GLY R 343 -104.89 26.03 38.15
C GLY R 343 -103.68 26.57 37.40
N ASP R 344 -103.48 27.88 37.54
CA ASP R 344 -102.27 28.51 37.03
C ASP R 344 -101.06 28.18 37.90
N PHE R 345 -99.90 28.07 37.26
CA PHE R 345 -98.64 28.20 37.98
C PHE R 345 -98.46 29.64 38.47
N ILE R 346 -98.03 29.77 39.72
CA ILE R 346 -97.81 31.08 40.34
C ILE R 346 -96.44 31.04 41.03
N TYR R 347 -95.65 32.09 40.80
CA TYR R 347 -94.33 32.22 41.41
C TYR R 347 -94.16 33.61 42.01
N LEU R 348 -93.47 33.65 43.15
CA LEU R 348 -93.10 34.90 43.81
C LEU R 348 -91.70 35.29 43.38
N CYS R 349 -91.51 36.56 43.04
CA CYS R 349 -90.25 37.06 42.51
C CYS R 349 -89.84 38.31 43.28
N TYR R 350 -88.53 38.54 43.35
CA TYR R 350 -87.98 39.60 44.18
C TYR R 350 -86.85 40.32 43.45
N HIS R 351 -86.59 41.55 43.90
CA HIS R 351 -85.39 42.31 43.56
C HIS R 351 -84.55 42.47 44.82
N GLU R 352 -83.26 42.16 44.73
CA GLU R 352 -82.32 42.40 45.82
C GLU R 352 -81.42 43.58 45.48
N GLN R 353 -81.40 44.57 46.37
CA GLN R 353 -80.77 45.86 46.13
C GLN R 353 -79.38 45.89 46.77
N THR R 354 -78.39 46.36 46.02
CA THR R 354 -77.09 46.65 46.59
C THR R 354 -77.17 47.92 47.45
N TRP R 355 -76.68 47.83 48.68
CA TRP R 355 -76.64 48.99 49.55
C TRP R 355 -75.67 50.05 49.05
N GLN R 356 -76.06 51.31 49.18
CA GLN R 356 -75.27 52.45 48.77
C GLN R 356 -75.27 53.49 49.88
N ALA R 357 -74.09 54.05 50.18
CA ALA R 357 -73.95 54.91 51.35
C ALA R 357 -74.73 56.21 51.17
N ASP R 358 -74.74 56.76 49.96
CA ASP R 358 -75.35 58.07 49.72
C ASP R 358 -76.81 58.00 49.28
N ARG R 359 -77.31 56.83 48.89
CA ARG R 359 -78.69 56.71 48.46
C ARG R 359 -79.22 55.31 48.72
N PRO R 360 -79.30 54.88 49.98
CA PRO R 360 -80.02 53.65 50.28
C PRO R 360 -81.49 53.77 49.94
N LYS R 361 -82.03 52.73 49.32
CA LYS R 361 -83.46 52.66 49.06
C LYS R 361 -84.20 52.25 50.34
N ASP R 362 -85.51 52.10 50.23
CA ASP R 362 -86.25 51.25 51.16
C ASP R 362 -85.85 49.79 50.96
N ALA R 363 -85.80 49.05 52.06
CA ALA R 363 -85.95 47.61 52.04
C ALA R 363 -87.41 47.23 52.29
N VAL R 364 -87.76 46.02 51.88
CA VAL R 364 -88.92 45.34 52.45
C VAL R 364 -88.60 45.00 53.90
N THR R 365 -89.55 45.29 54.81
CA THR R 365 -89.36 45.01 56.22
C THR R 365 -90.45 44.18 56.87
N ASP R 366 -91.62 44.02 56.25
CA ASP R 366 -92.62 43.09 56.73
C ASP R 366 -93.45 42.58 55.58
N ILE R 367 -94.01 41.38 55.76
CA ILE R 367 -94.88 40.77 54.76
C ILE R 367 -96.08 40.18 55.49
N ARG R 368 -97.25 40.29 54.86
CA ARG R 368 -98.48 39.75 55.42
C ARG R 368 -99.32 39.16 54.29
N ILE R 369 -100.21 38.25 54.65
CA ILE R 369 -101.23 37.72 53.75
C ILE R 369 -102.61 38.09 54.29
N ILE R 370 -103.44 38.67 53.44
CA ILE R 370 -104.68 39.33 53.86
C ILE R 370 -105.92 38.59 53.40
N PHE R 371 -105.80 37.64 52.48
CA PHE R 371 -106.91 36.81 51.99
C PHE R 371 -108.06 37.67 51.44
N ASN R 372 -109.27 37.13 51.56
CA ASN R 372 -110.38 37.42 50.65
C ASN R 372 -110.70 38.91 50.51
N LYS R 373 -111.11 39.55 51.60
CA LYS R 373 -111.67 40.90 51.54
C LYS R 373 -111.09 41.85 52.58
N GLU R 374 -110.24 41.40 53.48
CA GLU R 374 -109.73 42.27 54.52
C GLU R 374 -108.98 43.44 53.87
N PRO R 375 -109.17 44.67 54.38
CA PRO R 375 -108.45 45.80 53.81
C PRO R 375 -106.94 45.68 54.00
N THR R 376 -106.20 46.30 53.08
CA THR R 376 -104.76 46.29 53.17
C THR R 376 -104.30 46.98 54.44
N PRO R 377 -103.43 46.38 55.24
CA PRO R 377 -103.02 46.98 56.51
C PRO R 377 -102.33 48.32 56.29
N PRO R 378 -102.36 49.19 57.30
CA PRO R 378 -101.93 50.59 57.10
C PRO R 378 -100.51 50.71 56.59
N GLY R 379 -100.36 51.30 55.40
CA GLY R 379 -99.07 51.52 54.78
C GLY R 379 -98.46 50.34 54.06
N TYR R 380 -99.12 49.19 54.02
CA TYR R 380 -98.64 48.08 53.22
C TYR R 380 -99.04 48.26 51.76
N THR R 381 -98.18 47.79 50.86
CA THR R 381 -98.55 47.56 49.48
C THR R 381 -99.19 46.19 49.34
N LYS R 382 -99.95 46.02 48.25
CA LYS R 382 -100.60 44.76 47.94
C LYS R 382 -100.31 44.39 46.49
N LEU R 383 -99.97 43.12 46.28
CA LEU R 383 -99.84 42.58 44.93
C LEU R 383 -101.22 42.20 44.38
N PRO R 384 -101.54 42.58 43.13
CA PRO R 384 -102.92 42.38 42.64
C PRO R 384 -103.25 40.95 42.25
N GLN R 385 -102.25 40.11 41.99
CA GLN R 385 -102.52 38.73 41.59
C GLN R 385 -103.09 37.93 42.76
N ASP R 386 -104.18 37.19 42.48
CA ASP R 386 -104.67 36.18 43.39
C ASP R 386 -103.73 34.98 43.41
N LEU R 387 -103.22 34.65 44.58
CA LEU R 387 -102.30 33.52 44.75
C LEU R 387 -103.00 32.18 44.81
N ASN R 388 -104.30 32.12 44.47
CA ASN R 388 -104.98 30.89 44.09
C ASN R 388 -105.61 30.99 42.70
N LYS R 389 -105.15 31.93 41.89
CA LYS R 389 -105.68 32.08 40.53
C LYS R 389 -105.69 30.74 39.81
N GLY R 390 -106.87 30.36 39.31
CA GLY R 390 -107.11 29.07 38.71
C GLY R 390 -107.23 27.92 39.67
N ALA R 391 -106.75 28.06 40.91
CA ALA R 391 -106.79 26.96 41.87
C ALA R 391 -108.11 26.88 42.63
N GLY R 392 -108.97 27.89 42.49
CA GLY R 392 -110.18 27.98 43.27
C GLY R 392 -109.92 28.47 44.67
N GLY R 393 -110.54 27.83 45.66
CA GLY R 393 -110.33 28.20 47.04
C GLY R 393 -110.78 29.63 47.34
N ASP R 394 -110.20 30.17 48.40
CA ASP R 394 -110.37 31.57 48.73
C ASP R 394 -109.37 32.43 47.95
N ASP R 395 -109.72 33.70 47.78
CA ASP R 395 -108.83 34.65 47.12
C ASP R 395 -107.69 35.03 48.07
N VAL R 396 -106.45 34.81 47.62
CA VAL R 396 -105.25 35.01 48.44
C VAL R 396 -104.45 36.15 47.84
N PHE R 397 -104.09 37.12 48.68
CA PHE R 397 -103.24 38.23 48.28
C PHE R 397 -102.15 38.44 49.31
N LEU R 398 -100.93 38.70 48.82
CA LEU R 398 -99.77 38.97 49.66
C LEU R 398 -99.48 40.47 49.71
N CYS R 399 -99.24 40.97 50.92
CA CYS R 399 -98.95 42.38 51.16
C CYS R 399 -97.59 42.49 51.84
N TYR R 400 -96.90 43.61 51.59
CA TYR R 400 -95.61 43.84 52.22
C TYR R 400 -95.41 45.32 52.48
N LYS R 401 -94.64 45.60 53.53
CA LYS R 401 -94.32 46.95 53.97
C LYS R 401 -92.86 47.25 53.67
N THR R 402 -92.60 48.47 53.19
CA THR R 402 -91.24 48.92 52.91
C THR R 402 -90.90 50.13 53.77
N GLU R 403 -89.63 50.19 54.19
CA GLU R 403 -89.14 51.22 55.09
C GLU R 403 -87.69 51.50 54.75
N ALA R 404 -87.23 52.70 55.12
CA ALA R 404 -85.86 53.10 54.85
C ALA R 404 -84.88 52.09 55.45
N TYR R 405 -83.78 51.86 54.74
CA TYR R 405 -82.90 50.75 55.06
C TYR R 405 -82.38 50.83 56.50
N ASN R 406 -82.39 49.69 57.17
CA ASN R 406 -81.66 49.52 58.42
C ASN R 406 -81.21 48.07 58.50
N THR R 407 -79.93 47.86 58.84
CA THR R 407 -79.42 46.50 58.93
C THR R 407 -80.18 45.66 59.94
N ASP R 408 -80.80 46.28 60.94
CA ASP R 408 -81.56 45.54 61.94
C ASP R 408 -82.84 44.92 61.38
N THR R 409 -83.32 45.39 60.23
CA THR R 409 -84.66 45.04 59.78
C THR R 409 -84.81 44.85 58.27
N ALA R 410 -83.89 45.32 57.45
CA ALA R 410 -83.94 45.04 56.02
C ALA R 410 -83.88 43.54 55.77
N ILE R 411 -84.94 43.00 55.17
CA ILE R 411 -85.02 41.57 54.88
C ILE R 411 -84.01 41.25 53.80
N ASN R 412 -83.13 40.29 54.09
CA ASN R 412 -82.10 39.91 53.13
C ASN R 412 -82.56 38.82 52.16
N LYS R 413 -83.34 37.85 52.61
CA LYS R 413 -83.81 36.80 51.73
C LYS R 413 -85.24 36.41 52.08
N VAL R 414 -85.94 35.86 51.08
CA VAL R 414 -87.25 35.25 51.26
C VAL R 414 -87.26 33.92 50.52
N THR R 415 -88.10 33.00 50.99
CA THR R 415 -88.35 31.76 50.26
C THR R 415 -89.76 31.29 50.57
N VAL R 416 -90.27 30.41 49.70
CA VAL R 416 -91.57 29.78 49.87
C VAL R 416 -91.38 28.28 50.08
N ILE R 417 -92.00 27.76 51.14
CA ILE R 417 -91.88 26.38 51.56
C ILE R 417 -93.27 25.77 51.64
N GLY R 418 -93.38 24.49 51.30
CA GLY R 418 -94.68 23.85 51.31
C GLY R 418 -94.59 22.35 51.42
N GLY R 419 -95.68 21.76 51.88
CA GLY R 419 -95.73 20.33 52.11
C GLY R 419 -97.10 19.92 52.59
N ASN R 420 -97.22 18.64 52.97
CA ASN R 420 -98.52 18.13 53.39
C ASN R 420 -98.90 18.57 54.80
N ASN R 421 -97.92 18.79 55.68
CA ASN R 421 -98.22 19.20 57.04
C ASN R 421 -98.51 20.69 57.09
N ALA R 422 -99.47 21.07 57.93
CA ALA R 422 -99.67 22.49 58.22
C ALA R 422 -98.54 23.06 59.06
N ASP R 423 -98.10 22.33 60.09
CA ASP R 423 -96.95 22.70 60.90
C ASP R 423 -95.63 22.36 60.24
N ILE R 424 -95.31 23.04 59.12
CA ILE R 424 -94.05 22.76 58.43
C ILE R 424 -92.97 23.70 58.93
N ASN R 425 -91.72 23.23 58.87
CA ASN R 425 -90.58 23.95 59.41
C ASN R 425 -89.91 24.80 58.33
N ALA R 426 -89.70 26.07 58.66
CA ALA R 426 -88.87 26.95 57.84
C ALA R 426 -87.39 26.61 57.99
N PRO R 427 -86.57 27.00 57.01
CA PRO R 427 -85.12 26.87 57.18
C PRO R 427 -84.62 27.65 58.39
N TYR R 428 -83.47 27.21 58.92
CA TYR R 428 -82.96 27.78 60.15
C TYR R 428 -82.75 29.28 60.00
N GLY R 429 -83.25 30.03 60.99
CA GLY R 429 -83.16 31.48 61.00
C GLY R 429 -84.20 32.20 60.16
N TYR R 430 -84.93 31.50 59.30
CA TYR R 430 -86.06 32.10 58.62
C TYR R 430 -87.27 32.16 59.54
N LEU R 431 -88.09 33.18 59.32
CA LEU R 431 -89.41 33.29 59.94
C LEU R 431 -90.46 33.17 58.85
N LYS R 432 -91.41 32.24 59.02
CA LYS R 432 -92.51 32.10 58.08
C LYS R 432 -93.69 32.96 58.51
N VAL R 433 -94.37 33.52 57.52
CA VAL R 433 -95.59 34.31 57.75
C VAL R 433 -96.77 33.38 58.06
N PRO R 434 -97.72 33.82 58.87
CA PRO R 434 -98.95 33.05 59.05
C PRO R 434 -99.84 33.09 57.82
N GLY R 435 -100.66 32.05 57.69
CA GLY R 435 -101.58 31.92 56.58
C GLY R 435 -101.07 31.10 55.42
N ASP R 436 -101.96 30.35 54.79
CA ASP R 436 -101.61 29.38 53.76
C ASP R 436 -101.91 29.98 52.39
N LEU R 437 -100.91 29.98 51.51
CA LEU R 437 -101.09 30.45 50.14
C LEU R 437 -101.90 29.50 49.27
N ASN R 438 -102.39 28.40 49.84
CA ASN R 438 -103.43 27.59 49.21
C ASN R 438 -104.67 27.43 50.10
N ARG R 439 -104.88 28.37 51.03
CA ARG R 439 -106.04 28.29 51.91
C ARG R 439 -107.31 28.04 51.10
N GLY R 440 -108.04 27.00 51.47
CA GLY R 440 -109.25 26.61 50.79
C GLY R 440 -109.05 25.87 49.48
N ALA R 441 -107.86 25.93 48.90
CA ALA R 441 -107.56 25.15 47.71
C ALA R 441 -107.07 23.76 48.12
N GLY R 442 -106.93 22.89 47.14
CA GLY R 442 -106.28 21.61 47.38
C GLY R 442 -104.77 21.73 47.52
N GLY R 443 -104.09 20.60 47.39
CA GLY R 443 -102.64 20.54 47.37
C GLY R 443 -101.96 20.82 48.70
N ASN R 444 -100.70 21.23 48.59
CA ASN R 444 -99.86 21.48 49.75
C ASN R 444 -100.28 22.72 50.51
N PHE R 445 -99.94 22.74 51.80
CA PHE R 445 -99.78 24.00 52.53
C PHE R 445 -98.53 24.71 52.03
N ILE R 446 -98.62 26.03 51.90
CA ILE R 446 -97.52 26.85 51.37
C ILE R 446 -97.41 28.13 52.20
N TYR R 447 -96.18 28.47 52.58
CA TYR R 447 -95.93 29.63 53.45
C TYR R 447 -94.72 30.39 52.92
N ALA R 448 -94.74 31.70 53.08
CA ALA R 448 -93.60 32.55 52.79
C ALA R 448 -92.68 32.70 54.00
N CYS R 449 -91.40 32.37 53.82
CA CYS R 449 -90.37 32.49 54.84
C CYS R 449 -89.48 33.71 54.56
N THR R 450 -89.13 34.43 55.62
CA THR R 450 -88.34 35.64 55.53
C THR R 450 -87.10 35.49 56.39
N PHE R 451 -85.98 36.06 55.92
CA PHE R 451 -84.70 35.99 56.61
C PHE R 451 -84.07 37.37 56.71
N VAL R 452 -83.62 37.72 57.91
CA VAL R 452 -82.90 38.98 58.16
C VAL R 452 -81.55 38.63 58.77
N GLY R 453 -80.49 39.16 58.18
CA GLY R 453 -79.15 38.91 58.65
C GLY R 453 -78.77 39.67 59.90
N LYS R 454 -79.34 40.86 60.08
CA LYS R 454 -78.92 41.77 61.14
C LYS R 454 -77.43 42.09 60.98
N THR S 1 -26.36 52.50 36.95
CA THR S 1 -27.64 52.06 36.33
C THR S 1 -28.80 52.28 37.30
N VAL S 2 -29.77 53.07 36.89
CA VAL S 2 -30.92 53.40 37.72
C VAL S 2 -31.98 52.33 37.55
N LEU S 3 -32.68 52.02 38.65
CA LEU S 3 -33.76 51.05 38.61
C LEU S 3 -34.90 51.57 37.76
N PRO S 4 -35.47 50.76 36.88
CA PRO S 4 -36.67 51.20 36.14
C PRO S 4 -37.79 51.61 37.09
N GLY S 5 -38.35 52.79 36.85
CA GLY S 5 -39.42 53.33 37.65
C GLY S 5 -39.03 54.56 38.45
N VAL S 6 -37.73 54.78 38.65
CA VAL S 6 -37.26 56.00 39.29
C VAL S 6 -37.65 57.22 38.48
N GLU S 7 -37.78 57.08 37.16
CA GLU S 7 -38.29 58.17 36.33
C GLU S 7 -39.77 58.44 36.58
N ALA S 8 -40.51 57.49 37.14
CA ALA S 8 -41.97 57.57 37.22
C ALA S 8 -42.48 57.88 38.61
N ILE S 9 -41.75 57.51 39.66
CA ILE S 9 -42.09 57.99 40.99
C ILE S 9 -41.93 59.50 41.03
N GLY S 10 -42.69 60.16 41.91
CA GLY S 10 -42.66 61.59 42.04
C GLY S 10 -43.25 62.37 40.88
N LEU S 11 -43.63 61.68 39.79
CA LEU S 11 -44.28 62.33 38.66
C LEU S 11 -45.57 63.02 39.09
N GLY S 12 -45.72 64.29 38.70
CA GLY S 12 -46.94 65.01 39.02
C GLY S 12 -48.11 64.45 38.22
N TYR S 13 -49.23 64.19 38.89
CA TYR S 13 -50.26 63.30 38.39
C TYR S 13 -51.62 63.97 38.47
N ASN S 14 -52.47 63.72 37.47
CA ASN S 14 -53.86 64.14 37.52
C ASN S 14 -54.75 62.92 37.72
N PRO S 15 -55.35 62.74 38.90
CA PRO S 15 -56.20 61.56 39.14
C PRO S 15 -57.29 61.32 38.10
N PHE S 16 -57.97 62.38 37.68
CA PHE S 16 -59.10 62.27 36.74
C PHE S 16 -58.70 61.77 35.36
N ILE S 17 -57.53 62.14 34.84
CA ILE S 17 -57.21 61.77 33.47
C ILE S 17 -57.20 60.25 33.29
N SER S 18 -56.54 59.52 34.18
CA SER S 18 -56.51 58.07 33.99
C SER S 18 -56.09 57.35 35.25
N TYR S 19 -56.22 56.03 35.21
CA TYR S 19 -55.82 55.15 36.29
C TYR S 19 -54.49 54.49 35.96
N ALA S 20 -53.51 54.64 36.86
CA ALA S 20 -52.31 53.80 36.85
C ALA S 20 -51.59 53.87 35.50
N SER S 21 -51.65 55.03 34.87
CA SER S 21 -50.95 55.28 33.62
C SER S 21 -50.12 56.54 33.75
N VAL S 22 -48.93 56.54 33.14
CA VAL S 22 -48.06 57.70 33.17
C VAL S 22 -48.53 58.82 32.28
N ASN S 23 -49.37 58.52 31.29
CA ASN S 23 -49.99 59.55 30.46
C ASN S 23 -50.83 60.52 31.28
N SER S 24 -51.24 60.13 32.48
CA SER S 24 -52.00 61.00 33.37
C SER S 24 -51.15 61.97 34.17
N GLY S 25 -49.82 61.90 34.07
CA GLY S 25 -48.95 62.83 34.79
C GLY S 25 -48.15 63.72 33.84
N ALA S 26 -48.00 64.98 34.24
CA ALA S 26 -47.27 66.00 33.48
C ALA S 26 -45.93 66.36 34.11
N VAL S 27 -44.85 65.73 33.63
CA VAL S 27 -43.46 66.04 33.97
C VAL S 27 -43.10 65.67 35.41
N GLN S 28 -41.81 65.45 35.65
CA GLN S 28 -41.28 64.97 36.93
C GLN S 28 -40.88 66.17 37.78
N LEU S 29 -41.45 66.27 38.97
CA LEU S 29 -41.13 67.35 39.91
C LEU S 29 -39.79 67.21 40.61
N PHE S 30 -39.28 66.00 40.83
CA PHE S 30 -38.07 65.81 41.62
C PHE S 30 -36.85 65.46 40.78
N ASP S 31 -35.69 65.99 41.21
CA ASP S 31 -34.43 65.81 40.52
C ASP S 31 -33.72 64.63 41.17
N TRP S 32 -33.56 63.52 40.44
CA TRP S 32 -32.90 62.35 40.99
C TRP S 32 -31.58 62.01 40.31
N ALA S 33 -31.11 62.82 39.36
CA ALA S 33 -29.77 62.59 38.84
C ALA S 33 -28.72 63.07 39.83
N THR S 34 -28.94 64.27 40.39
CA THR S 34 -28.02 64.84 41.38
C THR S 34 -28.07 64.09 42.70
N ALA S 35 -29.24 63.63 43.11
CA ALA S 35 -29.41 63.07 44.44
C ALA S 35 -28.52 61.86 44.68
N LYS S 36 -28.13 61.69 45.95
CA LYS S 36 -27.36 60.54 46.40
C LYS S 36 -28.10 59.24 46.13
N LYS S 37 -27.40 58.27 45.55
CA LYS S 37 -27.97 56.99 45.19
C LYS S 37 -27.80 55.95 46.29
N ARG S 38 -28.65 54.92 46.23
CA ARG S 38 -28.53 53.70 47.01
C ARG S 38 -28.67 52.51 46.08
N GLU S 39 -27.90 51.47 46.33
CA GLU S 39 -28.05 50.24 45.56
C GLU S 39 -29.28 49.47 46.04
N VAL S 40 -29.97 48.86 45.09
CA VAL S 40 -31.19 48.10 45.39
C VAL S 40 -30.82 46.76 46.01
N PRO S 41 -31.29 46.44 47.22
CA PRO S 41 -30.80 45.23 47.88
C PRO S 41 -31.02 43.96 47.07
N PHE S 42 -32.19 43.81 46.46
CA PHE S 42 -32.53 42.59 45.72
C PHE S 42 -32.07 42.62 44.27
N LYS S 43 -31.60 43.77 43.75
CA LYS S 43 -31.15 43.88 42.36
C LYS S 43 -29.81 44.64 42.35
N ALA S 44 -28.78 43.98 42.85
CA ALA S 44 -27.42 44.50 42.79
C ALA S 44 -27.04 44.84 41.34
N GLY S 45 -26.43 46.00 41.17
CA GLY S 45 -26.22 46.60 39.88
C GLY S 45 -27.25 47.61 39.45
N TYR S 46 -28.32 47.80 40.22
CA TYR S 46 -29.28 48.86 39.99
C TYR S 46 -29.33 49.77 41.21
N PHE S 47 -29.53 51.06 40.98
CA PHE S 47 -29.48 52.05 42.05
C PHE S 47 -30.74 52.90 42.04
N VAL S 48 -31.05 53.46 43.21
CA VAL S 48 -32.17 54.37 43.38
C VAL S 48 -31.70 55.54 44.24
N PRO S 49 -32.36 56.69 44.15
CA PRO S 49 -32.11 57.74 45.13
C PRO S 49 -32.43 57.23 46.53
N GLU S 50 -31.62 57.65 47.49
CA GLU S 50 -31.71 57.05 48.83
C GLU S 50 -33.04 57.38 49.50
N ILE S 51 -33.74 58.40 49.03
CA ILE S 51 -35.00 58.79 49.66
C ILE S 51 -36.07 57.72 49.44
N VAL S 52 -36.09 57.10 48.26
CA VAL S 52 -37.17 56.18 47.93
C VAL S 52 -36.92 54.83 48.59
N ASP S 53 -38.02 54.20 49.01
CA ASP S 53 -38.04 52.85 49.53
C ASP S 53 -38.59 51.92 48.46
N VAL S 54 -37.79 50.97 48.01
CA VAL S 54 -38.20 50.02 46.99
C VAL S 54 -38.36 48.65 47.64
N GLN S 55 -39.56 48.09 47.52
CA GLN S 55 -39.88 46.74 47.99
C GLN S 55 -40.10 45.85 46.77
N GLN S 56 -39.47 44.69 46.76
CA GLN S 56 -39.90 43.65 45.83
C GLN S 56 -41.27 43.13 46.27
N ASN S 57 -42.15 42.91 45.30
CA ASN S 57 -43.47 42.36 45.59
C ASN S 57 -43.95 41.52 44.41
N ASP S 58 -43.10 40.64 43.90
CA ASP S 58 -43.42 39.84 42.73
C ASP S 58 -44.68 39.01 42.96
N SER S 59 -45.79 39.40 42.32
CA SER S 59 -47.09 38.83 42.61
C SER S 59 -48.05 39.24 41.50
N ALA S 60 -48.42 38.27 40.68
CA ALA S 60 -49.55 38.40 39.76
C ALA S 60 -50.84 38.57 40.54
N THR S 61 -51.61 39.60 40.19
CA THR S 61 -52.65 40.12 41.06
C THR S 61 -53.82 40.61 40.21
N TYR S 62 -55.00 40.68 40.81
CA TYR S 62 -56.21 41.10 40.14
C TYR S 62 -56.74 42.39 40.75
N THR S 63 -57.16 43.32 39.89
CA THR S 63 -58.03 44.42 40.29
C THR S 63 -59.24 44.40 39.37
N ASN S 64 -60.43 44.23 39.94
CA ASN S 64 -61.66 44.16 39.16
C ASN S 64 -62.64 45.22 39.62
N VAL S 65 -63.27 45.90 38.67
CA VAL S 65 -64.20 46.98 38.91
C VAL S 65 -65.46 46.67 38.12
N SER S 66 -66.63 46.87 38.74
CA SER S 66 -67.88 46.52 38.06
C SER S 66 -68.99 47.43 38.57
N GLY S 67 -70.04 47.54 37.77
CA GLY S 67 -71.22 48.27 38.17
C GLY S 67 -72.41 48.03 37.25
N ASN S 68 -73.61 47.94 37.81
CA ASN S 68 -74.81 47.73 37.00
C ASN S 68 -75.09 48.95 36.13
N THR S 69 -74.47 50.09 36.43
CA THR S 69 -74.65 51.31 35.68
C THR S 69 -73.37 52.12 35.77
N ILE S 70 -73.19 53.04 34.81
CA ILE S 70 -71.94 53.77 34.71
C ILE S 70 -71.68 54.56 35.98
N SER S 71 -72.71 55.22 36.52
CA SER S 71 -72.53 56.01 37.72
C SER S 71 -72.12 55.13 38.90
N GLU S 72 -72.50 53.86 38.86
CA GLU S 72 -71.99 52.90 39.83
C GLU S 72 -70.56 52.48 39.51
N TYR S 73 -70.30 52.15 38.25
CA TYR S 73 -68.94 51.80 37.84
C TYR S 73 -67.96 52.94 38.11
N GLN S 74 -68.38 54.17 37.85
CA GLN S 74 -67.52 55.33 38.15
C GLN S 74 -67.20 55.43 39.64
N ARG S 75 -68.10 54.98 40.52
CA ARG S 75 -67.80 55.04 41.94
C ARG S 75 -66.99 53.83 42.41
N SER S 76 -67.28 52.64 41.90
CA SER S 76 -66.43 51.49 42.21
C SER S 76 -65.04 51.63 41.63
N LEU S 77 -64.91 52.35 40.51
CA LEU S 77 -63.58 52.73 40.01
C LEU S 77 -62.91 53.73 40.94
N ALA S 78 -63.60 54.82 41.26
CA ALA S 78 -63.01 55.87 42.08
C ALA S 78 -62.56 55.34 43.44
N THR S 79 -63.34 54.45 44.04
CA THR S 79 -63.01 53.86 45.34
C THR S 79 -62.02 52.72 45.24
N SER S 80 -61.52 52.38 44.05
CA SER S 80 -60.51 51.34 43.94
C SER S 80 -59.15 51.80 44.42
N VAL S 81 -59.00 53.07 44.79
CA VAL S 81 -57.75 53.63 45.29
C VAL S 81 -58.06 54.46 46.52
N ALA S 82 -57.16 54.42 47.51
CA ALA S 82 -57.33 55.20 48.72
C ALA S 82 -57.08 56.67 48.39
N ILE S 83 -58.16 57.42 48.14
CA ILE S 83 -58.06 58.81 47.75
C ILE S 83 -59.28 59.54 48.30
N GLU S 84 -59.11 60.83 48.57
CA GLU S 84 -60.13 61.57 49.31
C GLU S 84 -61.21 62.11 48.38
N GLY S 85 -62.44 62.07 48.88
CA GLY S 85 -63.58 62.68 48.22
C GLY S 85 -64.31 61.77 47.24
N ARG S 86 -65.50 62.23 46.88
CA ARG S 86 -66.43 61.49 46.04
C ARG S 86 -66.24 61.76 44.55
N TYR S 87 -65.16 62.45 44.18
CA TYR S 87 -64.97 62.84 42.79
C TYR S 87 -64.78 61.63 41.89
N ASN S 88 -65.13 61.82 40.61
CA ASN S 88 -65.02 60.79 39.58
C ASN S 88 -63.56 60.58 39.13
N PHE S 89 -62.72 60.19 40.09
CA PHE S 89 -61.32 59.96 39.78
C PHE S 89 -61.17 58.86 38.73
N PHE S 90 -60.08 58.94 37.97
CA PHE S 90 -59.79 57.97 36.92
C PHE S 90 -60.83 57.91 35.80
N SER S 91 -61.83 58.78 35.85
CA SER S 91 -62.99 58.59 34.98
C SER S 91 -62.70 58.92 33.53
N GLY S 92 -61.60 59.61 33.25
CA GLY S 92 -61.14 59.79 31.89
C GLY S 92 -60.83 58.49 31.15
N SER S 93 -60.54 57.42 31.87
CA SER S 93 -60.33 56.12 31.23
C SER S 93 -61.58 55.62 30.52
N LEU S 94 -62.77 56.08 30.91
CA LEU S 94 -63.99 55.69 30.24
C LEU S 94 -63.91 55.94 28.73
N SER S 95 -63.42 57.12 28.34
CA SER S 95 -63.36 57.49 26.93
C SER S 95 -62.55 56.50 26.09
N THR S 96 -61.74 55.64 26.70
CA THR S 96 -60.94 54.68 25.95
C THR S 96 -61.21 53.23 26.32
N ASP S 97 -61.80 52.96 27.49
CA ASP S 97 -62.20 51.60 27.81
C ASP S 97 -63.45 51.17 27.06
N PHE S 98 -64.41 52.08 26.88
CA PHE S 98 -65.73 51.72 26.39
C PHE S 98 -66.11 52.58 25.20
N ASP S 99 -66.92 52.01 24.31
CA ASP S 99 -67.48 52.76 23.20
C ASP S 99 -68.46 53.81 23.69
N SER S 100 -68.36 55.00 23.11
CA SER S 100 -69.04 56.17 23.67
C SER S 100 -70.55 55.97 23.70
N ASN S 101 -71.11 55.40 22.63
CA ASN S 101 -72.53 55.04 22.64
C ASN S 101 -72.86 54.09 23.77
N SER S 102 -71.94 53.18 24.10
CA SER S 102 -72.22 52.14 25.08
C SER S 102 -72.16 52.68 26.51
N LEU S 103 -71.41 53.76 26.73
CA LEU S 103 -71.55 54.50 27.98
C LEU S 103 -72.91 55.18 28.07
N ARG S 104 -73.39 55.75 26.95
CA ARG S 104 -74.70 56.40 26.94
C ARG S 104 -75.85 55.41 26.96
N ASN S 105 -75.63 54.18 26.49
CA ASN S 105 -76.69 53.17 26.44
C ASN S 105 -76.99 52.65 27.85
N ALA S 106 -78.16 52.99 28.38
CA ALA S 106 -78.59 52.56 29.71
C ALA S 106 -78.87 51.06 29.84
N GLU S 107 -78.91 50.30 28.75
CA GLU S 107 -79.00 48.85 28.86
C GLU S 107 -77.68 48.17 29.20
N ASN S 108 -76.58 48.90 29.30
CA ASN S 108 -75.28 48.26 29.54
C ASN S 108 -74.93 48.28 31.02
N GLU S 109 -74.22 47.23 31.44
CA GLU S 109 -73.46 47.18 32.67
C GLU S 109 -72.00 46.85 32.38
N PHE S 110 -71.11 47.34 33.24
CA PHE S 110 -69.71 47.53 32.89
C PHE S 110 -68.81 46.77 33.86
N THR S 111 -67.80 46.11 33.31
CA THR S 111 -66.80 45.39 34.09
C THR S 111 -65.42 45.65 33.50
N ARG S 112 -64.44 45.90 34.37
CA ARG S 112 -63.04 45.99 33.99
C ARG S 112 -62.22 45.00 34.79
N ILE S 113 -61.58 44.05 34.09
CA ILE S 113 -60.78 42.99 34.71
C ILE S 113 -59.32 43.26 34.39
N GLN S 114 -58.54 43.59 35.42
CA GLN S 114 -57.11 43.87 35.28
C GLN S 114 -56.30 42.84 36.05
N GLN S 115 -55.45 42.10 35.33
CA GLN S 115 -54.40 41.29 35.95
C GLN S 115 -53.08 42.05 35.95
N SER S 116 -52.73 42.63 37.11
CA SER S 116 -51.41 43.22 37.29
C SER S 116 -50.35 42.15 37.47
N ILE S 117 -49.27 42.25 36.68
CA ILE S 117 -48.09 41.39 36.89
C ILE S 117 -47.03 42.19 37.63
N ASN S 118 -47.15 42.26 38.95
CA ASN S 118 -46.23 43.06 39.76
C ASN S 118 -44.82 42.48 39.76
N LEU S 119 -43.82 43.37 39.79
CA LEU S 119 -42.43 42.98 40.02
C LEU S 119 -41.85 43.64 41.26
N TRP S 120 -41.88 44.96 41.34
CA TRP S 120 -41.37 45.71 42.50
C TRP S 120 -42.20 46.96 42.62
N SER S 121 -42.09 47.62 43.78
CA SER S 121 -42.82 48.86 44.00
C SER S 121 -41.94 49.87 44.71
N LEU S 122 -41.99 51.11 44.22
CA LEU S 122 -41.19 52.21 44.74
C LEU S 122 -42.08 53.11 45.60
N ARG S 123 -41.58 53.48 46.77
CA ARG S 123 -42.33 54.29 47.72
C ARG S 123 -41.53 55.53 48.05
N LEU S 124 -42.24 56.63 48.32
CA LEU S 124 -41.61 57.92 48.58
C LEU S 124 -42.23 58.54 49.82
N PRO S 125 -41.47 58.79 50.87
CA PRO S 125 -42.07 59.25 52.13
C PRO S 125 -42.42 60.73 52.11
N SER S 126 -43.43 61.07 52.90
CA SER S 126 -43.96 62.42 53.02
C SER S 126 -43.08 63.33 53.87
N VAL S 127 -41.77 63.09 53.90
CA VAL S 127 -40.90 63.88 54.77
C VAL S 127 -40.74 65.29 54.21
N LYS S 128 -40.49 66.23 55.13
CA LYS S 128 -40.36 67.65 54.79
C LYS S 128 -39.19 67.95 53.86
N SER S 129 -38.17 67.09 53.82
CA SER S 129 -37.04 67.33 52.93
C SER S 129 -37.35 67.08 51.46
N LEU S 130 -38.56 66.62 51.11
CA LEU S 130 -38.90 66.46 49.70
C LEU S 130 -38.70 67.76 48.93
N ARG S 131 -39.12 68.88 49.52
CA ARG S 131 -38.93 70.19 48.90
C ARG S 131 -37.49 70.41 48.43
N GLU S 132 -36.52 69.89 49.18
CA GLU S 132 -35.13 70.09 48.80
C GLU S 132 -34.76 69.33 47.54
N LEU S 133 -35.45 68.24 47.24
CA LEU S 133 -35.18 67.46 46.04
C LEU S 133 -35.93 67.93 44.79
N MET S 134 -36.88 68.85 44.89
CA MET S 134 -37.54 69.34 43.69
C MET S 134 -36.52 69.98 42.74
N LEU S 135 -36.78 69.83 41.44
CA LEU S 135 -36.03 70.58 40.45
C LEU S 135 -36.20 72.08 40.68
N PRO S 136 -35.14 72.88 40.51
CA PRO S 136 -35.22 74.30 40.88
C PRO S 136 -36.32 75.08 40.15
N HIS S 137 -36.52 74.84 38.86
CA HIS S 137 -37.57 75.55 38.14
C HIS S 137 -38.96 75.11 38.57
N MET S 138 -39.13 73.83 38.91
CA MET S 138 -40.40 73.38 39.45
C MET S 138 -40.69 74.01 40.81
N ARG S 139 -39.70 74.03 41.69
CA ARG S 139 -39.84 74.70 42.98
C ARG S 139 -40.10 76.20 42.78
N GLN S 140 -39.34 76.84 41.90
CA GLN S 140 -39.53 78.26 41.64
C GLN S 140 -40.94 78.53 41.12
N GLN S 141 -41.44 77.70 40.21
CA GLN S 141 -42.79 77.89 39.68
C GLN S 141 -43.84 77.75 40.77
N LEU S 142 -43.71 76.73 41.62
CA LEU S 142 -44.64 76.55 42.73
C LEU S 142 -44.53 77.68 43.74
N ASP S 143 -43.32 78.17 43.99
CA ASP S 143 -43.13 79.23 44.98
C ASP S 143 -43.70 80.56 44.50
N GLU S 144 -43.67 80.83 43.20
CA GLU S 144 -44.19 82.07 42.65
C GLU S 144 -45.65 81.99 42.21
N LEU S 145 -46.31 80.85 42.42
CA LEU S 145 -47.70 80.70 42.03
C LEU S 145 -48.57 81.75 42.72
N ASN S 146 -49.25 82.57 41.92
CA ASN S 146 -50.11 83.64 42.43
C ASN S 146 -51.45 83.05 42.87
N VAL S 147 -51.46 82.52 44.09
CA VAL S 147 -52.67 81.90 44.64
C VAL S 147 -53.79 82.89 44.90
N ASN S 148 -53.53 84.19 44.72
CA ASN S 148 -54.58 85.20 44.73
C ASN S 148 -55.46 85.17 43.49
N ASP S 149 -55.06 84.46 42.44
CA ASP S 149 -55.91 84.27 41.26
C ASP S 149 -56.33 82.83 41.14
N PRO S 150 -57.63 82.53 41.26
CA PRO S 150 -58.08 81.14 41.05
C PRO S 150 -57.66 80.55 39.72
N LYS S 151 -57.65 81.36 38.66
CA LYS S 151 -57.28 80.85 37.35
C LYS S 151 -55.83 80.37 37.30
N ALA S 152 -54.95 81.05 38.04
CA ALA S 152 -53.56 80.61 38.12
C ALA S 152 -53.45 79.25 38.80
N ILE S 153 -54.14 79.08 39.93
CA ILE S 153 -54.13 77.78 40.60
C ILE S 153 -54.74 76.71 39.71
N SER S 154 -55.89 77.03 39.11
CA SER S 154 -56.56 76.08 38.23
C SER S 154 -55.66 75.69 37.06
N ARG S 155 -54.99 76.67 36.45
CA ARG S 155 -54.01 76.36 35.41
C ARG S 155 -52.84 75.54 35.95
N TYR S 156 -52.39 75.84 37.16
CA TYR S 156 -51.33 75.04 37.75
C TYR S 156 -51.75 73.57 37.94
N PHE S 157 -52.92 73.34 38.54
CA PHE S 157 -53.41 71.97 38.66
C PHE S 157 -53.59 71.31 37.30
N ASP S 158 -54.13 72.05 36.33
CA ASP S 158 -54.25 71.53 34.98
C ASP S 158 -52.89 71.25 34.36
N ARG S 159 -51.97 72.22 34.43
CA ARG S 159 -50.71 72.10 33.69
C ARG S 159 -49.72 71.18 34.40
N VAL S 160 -49.72 71.17 35.73
CA VAL S 160 -48.71 70.42 36.49
C VAL S 160 -49.30 69.19 37.17
N GLY S 161 -50.62 69.08 37.30
CA GLY S 161 -51.24 68.07 38.10
C GLY S 161 -51.55 68.55 39.51
N SER S 162 -52.54 67.91 40.12
CA SER S 162 -52.93 68.23 41.49
C SER S 162 -52.20 67.40 42.53
N HIS S 163 -51.67 66.24 42.15
CA HIS S 163 -51.00 65.33 43.06
C HIS S 163 -49.66 64.95 42.45
N PHE S 164 -48.85 64.22 43.22
CA PHE S 164 -47.67 63.58 42.67
C PHE S 164 -47.58 62.16 43.21
N LEU S 165 -47.01 61.28 42.40
CA LEU S 165 -46.95 59.87 42.72
C LEU S 165 -45.99 59.60 43.88
N THR S 166 -46.49 58.89 44.89
CA THR S 166 -45.67 58.42 46.00
C THR S 166 -45.64 56.91 46.14
N GLY S 167 -46.54 56.19 45.46
CA GLY S 167 -46.51 54.74 45.46
C GLY S 167 -46.61 54.23 44.03
N ILE S 168 -45.64 53.43 43.62
CA ILE S 168 -45.57 52.90 42.26
C ILE S 168 -45.36 51.40 42.32
N VAL S 169 -46.11 50.66 41.51
CA VAL S 169 -45.83 49.26 41.27
C VAL S 169 -45.35 49.15 39.83
N MET S 170 -44.20 48.55 39.61
CA MET S 170 -43.68 48.37 38.26
C MET S 170 -43.86 46.93 37.81
N GLY S 171 -44.48 46.76 36.65
CA GLY S 171 -44.62 45.42 36.09
C GLY S 171 -45.28 45.44 34.73
N GLY S 172 -46.30 44.59 34.60
CA GLY S 172 -47.12 44.54 33.42
C GLY S 172 -48.59 44.53 33.83
N ARG S 173 -49.46 44.78 32.87
CA ARG S 173 -50.86 44.46 33.08
C ARG S 173 -51.53 44.11 31.75
N ALA S 174 -52.45 43.16 31.80
CA ALA S 174 -53.42 42.93 30.74
C ALA S 174 -54.79 43.28 31.27
N ILE S 175 -55.58 44.00 30.47
CA ILE S 175 -56.90 44.44 30.87
C ILE S 175 -57.90 43.96 29.83
N LEU S 176 -59.05 43.48 30.31
CA LEU S 176 -60.25 43.34 29.49
C LEU S 176 -61.33 44.23 30.08
N ALA S 177 -61.84 45.16 29.29
CA ALA S 177 -62.98 45.98 29.65
C ALA S 177 -64.16 45.59 28.77
N SER S 178 -65.34 45.50 29.37
CA SER S 178 -66.51 45.04 28.65
C SER S 178 -67.75 45.78 29.15
N SER S 179 -68.65 46.06 28.20
CA SER S 179 -69.99 46.54 28.52
C SER S 179 -71.00 45.56 27.97
N THR S 180 -71.97 45.17 28.79
CA THR S 180 -72.80 44.00 28.55
C THR S 180 -74.26 44.39 28.67
N ASN S 181 -75.08 43.90 27.75
CA ASN S 181 -76.51 44.20 27.78
C ASN S 181 -77.13 43.47 28.95
N LYS S 182 -77.38 44.21 30.04
CA LYS S 182 -77.83 43.62 31.29
C LYS S 182 -79.26 43.11 31.21
N LEU S 183 -80.00 43.45 30.16
CA LEU S 183 -81.35 42.91 29.97
C LEU S 183 -81.37 41.52 29.35
N ARG S 184 -80.29 41.09 28.73
CA ARG S 184 -80.33 39.91 27.86
C ARG S 184 -79.25 38.86 28.16
N VAL S 185 -78.14 39.22 28.79
CA VAL S 185 -77.17 38.22 29.25
C VAL S 185 -77.78 37.34 30.32
N LYS S 186 -77.35 36.07 30.33
CA LYS S 186 -77.78 35.13 31.36
C LYS S 186 -77.41 35.63 32.76
N ARG S 187 -78.35 35.44 33.69
CA ARG S 187 -78.22 35.88 35.07
C ARG S 187 -77.82 34.74 36.01
N ASP S 188 -77.36 33.61 35.47
CA ASP S 188 -76.94 32.51 36.34
C ASP S 188 -75.80 32.93 37.27
N TYR S 189 -74.90 33.79 36.82
CA TYR S 189 -73.82 34.29 37.64
C TYR S 189 -73.72 35.80 37.50
N SER S 190 -73.09 36.43 38.48
CA SER S 190 -72.78 37.84 38.37
C SER S 190 -71.81 38.07 37.21
N VAL S 191 -71.96 39.23 36.56
CA VAL S 191 -71.23 39.48 35.33
C VAL S 191 -69.74 39.60 35.59
N SER S 192 -69.35 40.05 36.78
CA SER S 192 -67.94 40.03 37.15
C SER S 192 -67.37 38.62 37.20
N VAL S 193 -68.20 37.63 37.54
CA VAL S 193 -67.72 36.25 37.56
C VAL S 193 -67.49 35.73 36.15
N VAL S 194 -68.45 35.94 35.25
CA VAL S 194 -68.28 35.51 33.86
C VAL S 194 -67.36 36.45 33.08
N ALA S 195 -67.25 37.71 33.49
CA ALA S 195 -66.19 38.56 32.95
C ALA S 195 -64.81 38.02 33.29
N LYS S 196 -64.56 37.75 34.57
CA LYS S 196 -63.27 37.17 34.97
C LYS S 196 -63.05 35.81 34.33
N ALA S 197 -64.08 34.97 34.32
CA ALA S 197 -63.95 33.63 33.74
C ALA S 197 -63.66 33.70 32.23
N SER S 198 -64.28 34.65 31.53
CA SER S 198 -63.99 34.81 30.11
C SER S 198 -62.63 35.44 29.86
N TYR S 199 -62.22 36.38 30.71
CA TYR S 199 -60.84 36.85 30.68
C TYR S 199 -59.85 35.71 30.87
N GLU S 200 -60.09 34.86 31.87
CA GLU S 200 -59.26 33.67 32.05
C GLU S 200 -59.33 32.75 30.84
N GLY S 201 -60.51 32.64 30.22
CA GLY S 201 -60.62 31.86 28.99
C GLY S 201 -59.79 32.42 27.86
N LEU S 202 -59.86 33.73 27.65
CA LEU S 202 -59.08 34.36 26.58
C LEU S 202 -57.58 34.23 26.82
N THR S 203 -57.15 34.30 28.08
CA THR S 203 -55.73 34.13 28.40
C THR S 203 -55.33 32.68 28.62
N GLY S 204 -56.28 31.75 28.61
CA GLY S 204 -55.99 30.35 28.83
C GLY S 204 -55.84 29.94 30.28
N GLN S 205 -56.06 30.86 31.22
CA GLN S 205 -55.94 30.56 32.64
C GLN S 205 -57.13 29.76 33.18
N LEU S 206 -58.23 29.69 32.44
CA LEU S 206 -59.41 28.96 32.89
C LEU S 206 -59.16 27.46 32.85
N SER S 207 -59.41 26.79 33.97
CA SER S 207 -59.20 25.35 34.05
C SER S 207 -60.28 24.56 33.31
N ALA S 208 -59.95 23.28 33.10
CA ALA S 208 -60.86 22.32 32.48
C ALA S 208 -62.25 22.27 33.14
N GLU S 209 -62.29 22.17 34.48
CA GLU S 209 -63.59 22.19 35.16
C GLU S 209 -64.24 23.56 35.14
N ALA S 210 -63.46 24.64 35.25
CA ALA S 210 -64.07 25.96 35.19
C ALA S 210 -64.54 26.28 33.77
N LYS S 211 -63.76 25.84 32.79
CA LYS S 211 -64.13 25.96 31.38
C LYS S 211 -65.48 25.31 31.06
N ALA S 212 -65.71 24.10 31.55
CA ALA S 212 -67.06 23.54 31.50
C ALA S 212 -68.10 24.36 32.27
N LYS S 213 -67.82 24.70 33.52
CA LYS S 213 -68.84 25.38 34.33
C LYS S 213 -69.19 26.75 33.78
N TYR S 214 -68.19 27.59 33.55
CA TYR S 214 -68.37 28.90 32.94
C TYR S 214 -68.62 28.86 31.44
N GLY S 215 -68.13 27.83 30.75
CA GLY S 215 -68.10 27.86 29.29
C GLY S 215 -69.41 28.15 28.62
N GLU S 216 -70.51 27.58 29.10
CA GLU S 216 -71.82 27.97 28.57
C GLU S 216 -72.23 29.38 28.99
N SER S 217 -71.85 29.83 30.18
CA SER S 217 -72.20 31.18 30.60
C SER S 217 -71.40 32.27 29.89
N ILE S 218 -70.14 31.99 29.54
CA ILE S 218 -69.27 32.99 28.91
C ILE S 218 -69.65 33.27 27.46
N SER S 219 -70.18 32.29 26.74
CA SER S 219 -70.68 32.56 25.39
C SER S 219 -71.81 33.57 25.38
N SER S 220 -72.77 33.45 26.29
CA SER S 220 -73.80 34.47 26.40
C SER S 220 -73.21 35.83 26.73
N PHE S 221 -72.29 35.88 27.70
CA PHE S 221 -71.55 37.11 27.99
C PHE S 221 -70.79 37.61 26.78
N THR S 222 -70.15 36.70 26.03
CA THR S 222 -69.32 37.13 24.90
C THR S 222 -70.13 37.80 23.81
N GLN S 223 -71.23 37.17 23.38
CA GLN S 223 -72.01 37.74 22.28
C GLN S 223 -72.74 39.01 22.66
N TYR S 224 -73.19 39.14 23.90
CA TYR S 224 -73.92 40.31 24.35
C TYR S 224 -73.05 41.41 24.94
N SER S 225 -71.74 41.39 24.69
CA SER S 225 -70.88 42.41 25.27
C SER S 225 -69.76 42.78 24.31
N ASN S 226 -69.26 43.99 24.45
CA ASN S 226 -68.19 44.55 23.63
C ASN S 226 -66.91 44.59 24.47
N THR S 227 -66.11 43.54 24.36
CA THR S 227 -64.90 43.42 25.17
C THR S 227 -63.76 44.20 24.50
N HIS S 228 -63.42 45.35 25.06
CA HIS S 228 -62.14 45.99 24.77
C HIS S 228 -61.01 45.26 25.47
N GLN S 229 -59.88 45.11 24.76
CA GLN S 229 -58.70 44.44 25.29
C GLN S 229 -57.48 45.33 25.12
N GLU S 230 -56.66 45.41 26.16
CA GLU S 230 -55.38 46.11 26.07
C GLU S 230 -54.38 45.44 26.98
N VAL S 231 -53.11 45.72 26.73
CA VAL S 231 -52.00 45.13 27.49
C VAL S 231 -50.87 46.14 27.56
N ARG S 232 -50.12 46.09 28.66
CA ARG S 232 -49.14 47.12 28.97
C ARG S 232 -47.96 46.49 29.68
N GLY S 233 -46.78 47.08 29.48
CA GLY S 233 -45.54 46.45 29.88
C GLY S 233 -45.19 45.20 29.08
N GLY S 234 -43.96 44.75 29.24
CA GLY S 234 -43.46 43.61 28.49
C GLY S 234 -43.15 43.95 27.05
N ASP S 235 -42.71 42.92 26.32
CA ASP S 235 -42.33 43.08 24.92
C ASP S 235 -43.57 43.29 24.06
N GLY S 236 -43.68 44.46 23.43
CA GLY S 236 -44.80 44.75 22.56
C GLY S 236 -44.93 43.80 21.38
N ALA S 237 -43.85 43.13 20.99
CA ALA S 237 -43.93 42.09 19.98
C ALA S 237 -44.55 40.80 20.51
N LYS S 238 -44.66 40.64 21.82
CA LYS S 238 -45.33 39.49 22.42
C LYS S 238 -46.61 39.90 23.15
N ALA S 239 -46.88 41.19 23.26
CA ALA S 239 -48.03 41.65 24.03
C ALA S 239 -49.34 41.17 23.42
N HIS S 240 -49.43 41.18 22.09
CA HIS S 240 -50.65 40.77 21.40
C HIS S 240 -50.95 39.28 21.55
N GLY S 241 -49.94 38.48 21.90
CA GLY S 241 -50.14 37.06 22.16
C GLY S 241 -50.86 36.73 23.45
N VAL S 242 -50.99 37.68 24.38
CA VAL S 242 -51.55 37.34 25.68
C VAL S 242 -53.00 36.91 25.58
N PHE S 243 -53.76 37.48 24.65
CA PHE S 243 -55.14 37.08 24.43
C PHE S 243 -55.27 36.05 23.32
N SER S 244 -54.19 35.35 23.00
CA SER S 244 -54.15 34.34 21.95
C SER S 244 -54.84 33.05 22.36
N GLY S 245 -55.43 32.98 23.55
CA GLY S 245 -56.08 31.77 24.02
C GLY S 245 -55.16 30.66 24.43
N LYS S 246 -53.84 30.89 24.45
CA LYS S 246 -52.85 29.85 24.64
C LYS S 246 -51.92 30.27 25.77
N LYS S 247 -51.76 29.40 26.77
CA LYS S 247 -50.96 29.73 27.95
C LYS S 247 -49.52 30.02 27.58
N GLU S 248 -48.96 29.29 26.62
CA GLU S 248 -47.57 29.50 26.23
C GLU S 248 -47.33 30.90 25.71
N ASP S 249 -48.32 31.48 25.01
CA ASP S 249 -48.19 32.85 24.54
C ASP S 249 -48.32 33.85 25.69
N PHE S 250 -49.27 33.63 26.59
CA PHE S 250 -49.40 34.50 27.76
C PHE S 250 -48.15 34.45 28.64
N GLN S 251 -47.66 33.24 28.95
CA GLN S 251 -46.44 33.14 29.75
C GLN S 251 -45.23 33.74 29.04
N ALA S 252 -45.14 33.59 27.72
CA ALA S 252 -44.07 34.25 26.97
C ALA S 252 -44.09 35.77 27.12
N TRP S 253 -45.27 36.38 27.24
CA TRP S 253 -45.33 37.80 27.56
C TRP S 253 -44.90 38.08 29.00
N VAL S 254 -45.41 37.30 29.95
CA VAL S 254 -45.01 37.47 31.35
C VAL S 254 -43.50 37.37 31.50
N ASP S 255 -42.88 36.41 30.81
CA ASP S 255 -41.43 36.29 30.83
C ASP S 255 -40.71 37.50 30.25
N SER S 256 -41.41 38.36 29.50
CA SER S 256 -40.81 39.60 29.02
C SER S 256 -41.13 40.82 29.88
N VAL S 257 -42.18 40.78 30.69
CA VAL S 257 -42.47 41.90 31.59
C VAL S 257 -41.32 42.13 32.55
N SER S 258 -40.67 41.05 33.00
CA SER S 258 -39.54 41.18 33.91
C SER S 258 -38.39 42.01 33.32
N ALA S 259 -38.20 41.95 32.00
CA ALA S 259 -37.15 42.76 31.39
C ALA S 259 -37.54 44.22 31.22
N SER S 260 -38.81 44.52 30.91
CA SER S 260 -39.23 45.85 30.50
C SER S 260 -40.54 46.22 31.17
N PRO S 261 -40.52 46.41 32.48
CA PRO S 261 -41.76 46.74 33.20
C PRO S 261 -42.19 48.19 33.00
N ASP S 262 -43.47 48.42 33.26
CA ASP S 262 -44.04 49.76 33.23
C ASP S 262 -44.82 50.03 34.53
N PHE S 263 -45.12 51.30 34.75
CA PHE S 263 -46.08 51.71 35.77
C PHE S 263 -47.49 51.20 35.48
N VAL S 264 -47.96 50.26 36.31
CA VAL S 264 -49.18 49.51 36.03
C VAL S 264 -50.18 49.64 37.16
N ASP S 265 -49.73 49.92 38.38
CA ASP S 265 -50.65 49.98 39.51
C ASP S 265 -50.07 50.85 40.62
N PHE S 266 -50.95 51.24 41.54
CA PHE S 266 -50.57 51.98 42.74
C PHE S 266 -50.30 51.03 43.90
N VAL S 267 -49.46 51.48 44.83
CA VAL S 267 -49.36 50.90 46.17
C VAL S 267 -50.55 51.36 47.01
N PRO S 268 -51.37 50.44 47.52
CA PRO S 268 -52.67 50.85 48.08
C PRO S 268 -52.58 51.83 49.23
N THR S 269 -51.49 51.81 50.00
CA THR S 269 -51.42 52.61 51.22
C THR S 269 -51.09 54.07 50.96
N ILE S 270 -50.30 54.38 49.94
CA ILE S 270 -49.72 55.71 49.79
C ILE S 270 -49.61 56.05 48.31
N PRO S 271 -50.70 55.96 47.55
CA PRO S 271 -50.58 56.03 46.08
C PRO S 271 -50.06 57.37 45.59
N MET S 272 -50.57 58.49 46.09
CA MET S 272 -50.09 59.80 45.68
C MET S 272 -50.36 60.82 46.77
N GLN S 273 -49.59 61.91 46.72
CA GLN S 273 -49.64 62.98 47.71
C GLN S 273 -50.08 64.28 47.05
N GLU S 274 -50.82 65.09 47.79
CA GLU S 274 -51.28 66.37 47.26
C GLU S 274 -50.12 67.34 47.02
N ILE S 275 -50.26 68.13 45.96
CA ILE S 275 -49.17 68.99 45.47
C ILE S 275 -48.82 70.08 46.47
N TRP S 276 -49.81 70.62 47.19
CA TRP S 276 -49.56 71.61 48.25
C TRP S 276 -48.89 71.05 49.48
N THR S 277 -48.60 69.74 49.52
CA THR S 277 -47.63 69.25 50.51
C THR S 277 -46.25 69.86 50.31
N LEU S 278 -45.91 70.23 49.07
CA LEU S 278 -44.59 70.74 48.76
C LEU S 278 -44.44 72.26 48.87
N CYS S 279 -45.52 73.03 48.95
CA CYS S 279 -45.37 74.47 49.03
C CYS S 279 -44.91 74.88 50.43
N SER S 280 -44.05 75.90 50.49
CA SER S 280 -43.38 76.27 51.72
C SER S 280 -44.28 77.02 52.71
N SER S 281 -45.31 77.71 52.23
CA SER S 281 -46.17 78.50 53.10
C SER S 281 -47.50 77.81 53.36
N GLU S 282 -47.87 77.69 54.63
CA GLU S 282 -49.16 77.14 55.00
C GLU S 282 -50.31 77.99 54.47
N ALA S 283 -50.11 79.31 54.39
CA ALA S 283 -51.11 80.18 53.77
C ALA S 283 -51.25 79.92 52.28
N GLN S 284 -50.16 79.54 51.61
CA GLN S 284 -50.28 79.10 50.22
C GLN S 284 -50.99 77.76 50.15
N ALA S 285 -50.63 76.83 51.02
CA ALA S 285 -51.29 75.52 51.03
C ALA S 285 -52.78 75.65 51.26
N GLU S 286 -53.18 76.52 52.20
CA GLU S 286 -54.60 76.75 52.44
C GLU S 286 -55.32 77.25 51.19
N ALA S 287 -54.74 78.22 50.49
CA ALA S 287 -55.36 78.71 49.26
C ALA S 287 -55.42 77.62 48.18
N MET S 288 -54.34 76.87 48.00
CA MET S 288 -54.35 75.80 46.99
C MET S 288 -55.33 74.69 47.36
N ARG S 289 -55.27 74.19 48.60
CA ARG S 289 -56.22 73.17 49.03
C ARG S 289 -57.66 73.66 48.94
N LYS S 290 -57.92 74.88 49.39
CA LYS S 290 -59.26 75.45 49.27
C LYS S 290 -59.73 75.53 47.83
N HIS S 291 -58.86 75.98 46.93
CA HIS S 291 -59.23 75.99 45.51
C HIS S 291 -59.43 74.57 44.97
N TYR S 292 -58.58 73.63 45.36
CA TYR S 292 -58.65 72.29 44.79
C TYR S 292 -60.03 71.67 44.98
N ASP S 293 -60.58 71.76 46.20
CA ASP S 293 -61.82 71.07 46.53
C ASP S 293 -63.05 71.95 46.46
N ASP S 294 -62.88 73.28 46.51
CA ASP S 294 -64.00 74.18 46.31
C ASP S 294 -64.33 74.39 44.84
N VAL S 295 -63.35 74.27 43.95
CA VAL S 295 -63.53 74.67 42.55
C VAL S 295 -63.08 73.57 41.61
N TRP S 296 -61.79 73.24 41.65
CA TRP S 296 -61.18 72.48 40.56
C TRP S 296 -61.65 71.04 40.54
N ALA S 297 -61.55 70.34 41.68
CA ALA S 297 -62.00 68.96 41.73
C ALA S 297 -63.50 68.80 41.49
N PRO S 298 -64.38 69.67 42.01
CA PRO S 298 -65.78 69.64 41.56
C PRO S 298 -65.96 69.76 40.06
N ALA S 299 -65.40 70.80 39.45
CA ALA S 299 -65.52 70.99 38.01
C ALA S 299 -64.96 69.81 37.22
N GLN S 300 -63.80 69.31 37.61
CA GLN S 300 -63.23 68.15 36.93
C GLN S 300 -64.13 66.92 37.08
N SER S 301 -64.66 66.68 38.27
CA SER S 301 -65.56 65.55 38.46
C SER S 301 -66.82 65.68 37.62
N GLU S 302 -67.39 66.89 37.57
CA GLU S 302 -68.60 67.11 36.78
C GLU S 302 -68.35 66.95 35.29
N LYS S 303 -67.20 67.43 34.82
CA LYS S 303 -66.85 67.32 33.40
C LYS S 303 -66.59 65.89 32.98
N TYR S 304 -66.68 64.91 33.89
CA TYR S 304 -66.55 63.50 33.54
C TYR S 304 -67.83 62.74 33.85
N ARG S 305 -68.92 63.45 34.13
CA ARG S 305 -70.22 62.83 34.36
C ARG S 305 -70.89 62.57 33.01
N VAL S 306 -71.44 61.36 32.84
CA VAL S 306 -71.92 60.90 31.56
C VAL S 306 -73.44 60.83 31.58
N LYS S 307 -74.06 61.50 30.60
CA LYS S 307 -75.50 61.41 30.38
C LYS S 307 -75.85 60.07 29.76
N ALA S 308 -77.09 59.65 29.95
CA ALA S 308 -77.63 58.57 29.15
C ALA S 308 -78.36 59.12 27.93
N ASN S 309 -78.45 58.29 26.89
CA ASN S 309 -79.32 58.58 25.76
C ASN S 309 -80.77 58.62 26.22
N TYR S 310 -81.60 59.37 25.49
CA TYR S 310 -83.00 59.56 25.83
C TYR S 310 -83.87 59.50 24.58
N ILE S 311 -85.13 59.13 24.79
CA ILE S 311 -86.11 59.09 23.71
C ILE S 311 -86.57 60.50 23.40
N ASP S 312 -86.52 60.88 22.12
CA ASP S 312 -87.03 62.16 21.66
C ASP S 312 -88.21 62.08 20.71
N GLN S 313 -88.46 60.92 20.09
CA GLN S 313 -89.56 60.82 19.14
C GLN S 313 -90.06 59.38 19.10
N LEU S 314 -91.38 59.21 19.01
CA LEU S 314 -92.03 57.92 18.87
C LEU S 314 -92.88 57.89 17.61
N VAL S 315 -92.96 56.71 16.99
CA VAL S 315 -93.85 56.47 15.85
C VAL S 315 -94.38 55.05 15.93
N VAL S 316 -95.52 54.83 15.27
CA VAL S 316 -96.12 53.50 15.17
C VAL S 316 -96.17 53.10 13.70
N ILE S 317 -95.90 51.83 13.42
CA ILE S 317 -95.92 51.30 12.07
C ILE S 317 -96.85 50.09 12.03
N THR S 318 -97.58 49.96 10.94
CA THR S 318 -98.63 48.95 10.79
C THR S 318 -98.48 48.25 9.45
N GLY S 319 -98.79 46.96 9.43
CA GLY S 319 -98.75 46.22 8.19
C GLY S 319 -99.11 44.76 8.40
N GLY S 320 -99.02 44.03 7.30
CA GLY S 320 -99.53 42.67 7.17
C GLY S 320 -98.61 41.54 7.56
N SER S 321 -97.43 41.80 8.10
CA SER S 321 -96.53 40.71 8.44
C SER S 321 -95.65 41.10 9.63
N SER S 322 -95.09 40.07 10.26
CA SER S 322 -94.26 40.27 11.44
C SER S 322 -93.04 41.12 11.14
N THR S 323 -92.57 41.12 9.89
CA THR S 323 -91.26 41.64 9.54
C THR S 323 -91.31 43.06 9.00
N ILE S 324 -92.47 43.72 9.10
CA ILE S 324 -92.53 45.14 8.75
C ILE S 324 -91.55 45.91 9.62
N GLU S 325 -91.10 47.06 9.11
CA GLU S 325 -89.84 47.64 9.55
C GLU S 325 -89.96 49.17 9.58
N PRO S 326 -89.38 49.82 10.59
CA PRO S 326 -89.63 51.25 10.80
C PRO S 326 -88.97 52.10 9.73
N PRO S 327 -89.28 53.39 9.69
CA PRO S 327 -88.43 54.34 8.97
C PRO S 327 -87.01 54.32 9.52
N VAL S 328 -86.04 54.55 8.62
CA VAL S 328 -84.65 54.20 8.90
C VAL S 328 -84.15 54.88 10.16
N GLY S 329 -84.64 56.07 10.48
CA GLY S 329 -84.19 56.77 11.67
C GLY S 329 -84.60 56.12 12.98
N TYR S 330 -85.61 55.25 12.97
CA TYR S 330 -86.17 54.68 14.18
C TYR S 330 -85.75 53.23 14.34
N SER S 331 -85.93 52.72 15.56
CA SER S 331 -85.77 51.31 15.88
C SER S 331 -87.04 50.78 16.54
N LYS S 332 -87.27 49.49 16.38
CA LYS S 332 -88.58 48.88 16.63
C LYS S 332 -88.60 48.15 17.95
N ILE S 333 -89.67 48.37 18.72
CA ILE S 333 -90.03 47.51 19.84
C ILE S 333 -90.74 46.28 19.28
N GLU S 334 -90.11 45.13 19.39
CA GLU S 334 -90.50 43.90 18.70
C GLU S 334 -91.78 43.26 19.22
N TYR S 335 -92.61 43.87 20.08
CA TYR S 335 -93.82 43.23 20.57
C TYR S 335 -95.04 43.83 19.87
N ASP S 336 -95.83 42.96 19.23
CA ASP S 336 -96.95 43.42 18.41
C ASP S 336 -98.06 43.95 19.30
N LEU S 337 -98.47 45.20 19.07
CA LEU S 337 -99.58 45.82 19.78
C LEU S 337 -100.94 45.25 19.40
N ASN S 338 -100.99 44.21 18.56
CA ASN S 338 -102.19 43.39 18.41
C ASN S 338 -101.89 41.90 18.63
N ALA S 339 -100.84 41.59 19.39
CA ALA S 339 -100.48 40.20 19.63
C ALA S 339 -101.66 39.42 20.15
N GLY S 340 -102.05 38.40 19.40
CA GLY S 340 -103.22 37.60 19.71
C GLY S 340 -104.55 38.24 19.37
N ALA S 341 -104.56 39.50 18.98
CA ALA S 341 -105.79 40.20 18.65
C ALA S 341 -106.11 40.16 17.17
N GLY S 342 -105.27 39.51 16.37
CA GLY S 342 -105.47 39.48 14.93
C GLY S 342 -105.34 40.87 14.30
N GLY S 343 -105.90 40.98 13.10
CA GLY S 343 -105.84 42.22 12.35
C GLY S 343 -104.47 42.49 11.76
N ASP S 344 -104.13 43.78 11.70
CA ASP S 344 -102.78 44.19 11.31
C ASP S 344 -101.78 43.94 12.45
N PHE S 345 -100.56 43.60 12.06
CA PHE S 345 -99.43 43.76 12.97
C PHE S 345 -99.16 45.23 13.21
N ILE S 346 -98.94 45.59 14.48
CA ILE S 346 -98.66 46.96 14.88
C ILE S 346 -97.44 46.96 15.80
N TYR S 347 -96.50 47.86 15.54
CA TYR S 347 -95.30 48.00 16.36
C TYR S 347 -95.05 49.45 16.72
N LEU S 348 -94.57 49.67 17.94
CA LEU S 348 -94.17 50.99 18.41
C LEU S 348 -92.67 51.16 18.20
N CYS S 349 -92.28 52.32 17.66
CA CYS S 349 -90.91 52.59 17.30
C CYS S 349 -90.47 53.93 17.89
N TYR S 350 -89.17 54.05 18.15
CA TYR S 350 -88.65 55.20 18.86
C TYR S 350 -87.33 55.67 18.24
N HIS S 351 -87.01 56.93 18.50
CA HIS S 351 -85.68 57.49 18.27
C HIS S 351 -85.06 57.83 19.61
N GLU S 352 -83.81 57.41 19.82
CA GLU S 352 -83.04 57.77 21.00
C GLU S 352 -81.96 58.78 20.62
N GLN S 353 -81.97 59.92 21.30
CA GLN S 353 -81.15 61.07 20.96
C GLN S 353 -79.90 61.10 21.82
N THR S 354 -78.76 61.34 21.20
CA THR S 354 -77.54 61.63 21.95
C THR S 354 -77.61 63.04 22.53
N TRP S 355 -77.34 63.16 23.82
CA TRP S 355 -77.31 64.46 24.46
C TRP S 355 -76.14 65.31 23.96
N GLN S 356 -76.40 66.60 23.79
CA GLN S 356 -75.41 67.57 23.33
C GLN S 356 -75.47 68.80 24.22
N ALA S 357 -74.30 69.30 24.62
CA ALA S 357 -74.26 70.36 25.61
C ALA S 357 -74.83 71.66 25.06
N ASP S 358 -74.58 71.97 23.79
CA ASP S 358 -74.97 73.24 23.21
C ASP S 358 -76.33 73.22 22.51
N ARG S 359 -76.89 72.04 22.27
CA ARG S 359 -78.19 71.95 21.61
C ARG S 359 -78.92 70.68 22.02
N PRO S 360 -79.26 70.53 23.30
CA PRO S 360 -80.17 69.44 23.69
C PRO S 360 -81.53 69.62 23.06
N LYS S 361 -82.09 68.53 22.53
CA LYS S 361 -83.44 68.53 22.03
C LYS S 361 -84.43 68.46 23.20
N ASP S 362 -85.72 68.42 22.88
CA ASP S 362 -86.69 67.83 23.79
C ASP S 362 -86.46 66.33 23.94
N ALA S 363 -86.68 65.83 25.15
CA ALA S 363 -87.01 64.44 25.38
C ALA S 363 -88.52 64.23 25.40
N VAL S 364 -88.94 63.00 25.16
CA VAL S 364 -90.25 62.56 25.63
C VAL S 364 -90.23 62.49 27.14
N THR S 365 -91.26 63.04 27.79
CA THR S 365 -91.35 63.03 29.24
C THR S 365 -92.62 62.44 29.81
N ASP S 366 -93.68 62.28 29.02
CA ASP S 366 -94.85 61.55 29.48
C ASP S 366 -95.54 60.88 28.29
N ILE S 367 -96.26 59.80 28.58
CA ILE S 367 -97.02 59.08 27.57
C ILE S 367 -98.40 58.77 28.15
N ARG S 368 -99.43 58.83 27.31
CA ARG S 368 -100.79 58.53 27.71
C ARG S 368 -101.49 57.82 26.58
N ILE S 369 -102.53 57.06 26.92
CA ILE S 369 -103.44 56.46 25.95
C ILE S 369 -104.83 57.05 26.16
N ILE S 370 -105.43 57.51 25.07
CA ILE S 370 -106.63 58.34 25.12
C ILE S 370 -107.87 57.64 24.58
N PHE S 371 -107.71 56.52 23.89
CA PHE S 371 -108.81 55.71 23.37
C PHE S 371 -109.74 56.53 22.46
N ASN S 372 -111.02 56.13 22.44
CA ASN S 372 -111.92 56.33 21.30
C ASN S 372 -112.01 57.78 20.84
N LYS S 373 -112.53 58.67 21.70
CA LYS S 373 -112.89 60.02 21.29
C LYS S 373 -112.40 61.11 22.22
N GLU S 374 -111.76 60.77 23.34
CA GLU S 374 -111.33 61.80 24.27
C GLU S 374 -110.34 62.74 23.58
N PRO S 375 -110.46 64.05 23.80
CA PRO S 375 -109.52 64.99 23.18
C PRO S 375 -108.10 64.76 23.67
N THR S 376 -107.15 65.13 22.82
CA THR S 376 -105.75 64.99 23.17
C THR S 376 -105.44 65.90 24.36
N PRO S 377 -104.79 65.39 25.40
CA PRO S 377 -104.52 66.20 26.59
C PRO S 377 -103.65 67.40 26.26
N PRO S 378 -103.73 68.46 27.06
CA PRO S 378 -103.12 69.75 26.70
C PRO S 378 -101.62 69.64 26.46
N GLY S 379 -101.21 69.96 25.23
CA GLY S 379 -99.82 69.94 24.83
C GLY S 379 -99.24 68.59 24.47
N TYR S 380 -100.02 67.52 24.52
CA TYR S 380 -99.55 66.23 24.04
C TYR S 380 -99.67 66.15 22.52
N THR S 381 -98.74 65.44 21.91
CA THR S 381 -98.91 64.96 20.55
C THR S 381 -99.68 63.65 20.54
N LYS S 382 -100.26 63.34 19.38
CA LYS S 382 -100.99 62.10 19.17
C LYS S 382 -100.51 61.41 17.91
N LEU S 383 -100.30 60.10 18.00
CA LEU S 383 -100.02 59.29 16.82
C LEU S 383 -101.32 58.94 16.09
N PRO S 384 -101.38 59.08 14.77
CA PRO S 384 -102.67 58.91 14.06
C PRO S 384 -103.10 57.46 13.89
N GLN S 385 -102.18 56.50 13.98
CA GLN S 385 -102.54 55.10 13.80
C GLN S 385 -103.41 54.61 14.97
N ASP S 386 -104.49 53.92 14.62
CA ASP S 386 -105.26 53.16 15.60
C ASP S 386 -104.50 51.91 16.01
N LEU S 387 -104.23 51.77 17.30
CA LEU S 387 -103.49 50.64 17.84
C LEU S 387 -104.35 49.40 18.02
N ASN S 388 -105.57 49.39 17.46
CA ASN S 388 -106.31 48.17 17.19
C ASN S 388 -106.69 48.04 15.71
N LYS S 389 -105.99 48.76 14.83
CA LYS S 389 -106.27 48.67 13.40
C LYS S 389 -106.33 47.22 12.95
N GLY S 390 -107.44 46.86 12.31
CA GLY S 390 -107.73 45.50 11.92
C GLY S 390 -108.16 44.57 13.04
N ALA S 391 -107.88 44.92 14.29
CA ALA S 391 -108.20 44.05 15.42
C ALA S 391 -109.63 44.24 15.92
N GLY S 392 -110.32 45.27 15.44
CA GLY S 392 -111.64 45.61 15.95
C GLY S 392 -111.55 46.35 17.27
N GLY S 393 -112.40 45.98 18.22
CA GLY S 393 -112.38 46.61 19.52
C GLY S 393 -112.69 48.09 19.46
N ASP S 394 -112.24 48.79 20.50
CA ASP S 394 -112.29 50.24 20.52
C ASP S 394 -111.08 50.84 19.80
N ASP S 395 -111.24 52.07 19.33
CA ASP S 395 -110.13 52.78 18.70
C ASP S 395 -109.14 53.24 19.75
N VAL S 396 -107.88 52.83 19.60
CA VAL S 396 -106.83 53.08 20.58
C VAL S 396 -105.80 54.01 19.94
N PHE S 397 -105.47 55.10 20.64
CA PHE S 397 -104.43 56.02 20.20
C PHE S 397 -103.50 56.34 21.37
N LEU S 398 -102.20 56.40 21.08
CA LEU S 398 -101.17 56.73 22.05
C LEU S 398 -100.72 58.17 21.89
N CYS S 399 -100.62 58.89 23.00
CA CYS S 399 -100.20 60.28 23.04
C CYS S 399 -98.97 60.41 23.93
N TYR S 400 -98.13 61.39 23.61
CA TYR S 400 -96.94 61.62 24.42
C TYR S 400 -96.60 63.11 24.44
N LYS S 401 -95.99 63.53 25.55
CA LYS S 401 -95.59 64.91 25.79
C LYS S 401 -94.07 65.01 25.71
N THR S 402 -93.59 66.07 25.08
CA THR S 402 -92.16 66.34 24.97
C THR S 402 -91.82 67.67 25.64
N GLU S 403 -90.65 67.70 26.28
CA GLU S 403 -90.19 68.84 27.05
C GLU S 403 -88.67 68.93 26.95
N ALA S 404 -88.15 70.13 27.18
CA ALA S 404 -86.71 70.34 27.10
C ALA S 404 -85.99 69.39 28.04
N TYR S 405 -84.82 68.92 27.61
CA TYR S 405 -84.13 67.84 28.28
C TYR S 405 -83.86 68.16 29.74
N ASN S 406 -84.12 67.18 30.61
CA ASN S 406 -83.63 67.21 31.99
C ASN S 406 -83.39 65.77 32.41
N THR S 407 -82.22 65.52 33.02
CA THR S 407 -81.89 64.17 33.45
C THR S 407 -82.92 63.60 34.43
N ASP S 408 -83.61 64.47 35.17
CA ASP S 408 -84.61 64.03 36.12
C ASP S 408 -85.85 63.42 35.45
N THR S 409 -86.07 63.69 34.16
CA THR S 409 -87.35 63.37 33.55
C THR S 409 -87.26 62.89 32.11
N ALA S 410 -86.16 63.11 31.39
CA ALA S 410 -86.02 62.55 30.06
C ALA S 410 -86.10 61.02 30.11
N ILE S 411 -87.11 60.48 29.43
CA ILE S 411 -87.30 59.04 29.39
C ILE S 411 -86.17 58.41 28.60
N ASN S 412 -85.47 57.45 29.21
CA ASN S 412 -84.35 56.80 28.55
C ASN S 412 -84.77 55.59 27.73
N LYS S 413 -85.73 54.80 28.19
CA LYS S 413 -86.17 53.63 27.45
C LYS S 413 -87.68 53.45 27.59
N VAL S 414 -88.26 52.77 26.60
CA VAL S 414 -89.65 52.33 26.64
C VAL S 414 -89.70 50.88 26.16
N THR S 415 -90.70 50.15 26.62
CA THR S 415 -90.98 48.82 26.10
C THR S 415 -92.47 48.53 26.22
N VAL S 416 -92.93 47.55 25.45
CA VAL S 416 -94.31 47.09 25.49
C VAL S 416 -94.34 45.65 26.00
N ILE S 417 -95.19 45.41 26.99
CA ILE S 417 -95.31 44.13 27.67
C ILE S 417 -96.75 43.68 27.61
N GLY S 418 -96.96 42.37 27.49
CA GLY S 418 -98.32 41.86 27.36
C GLY S 418 -98.43 40.41 27.78
N GLY S 419 -99.65 40.02 28.12
CA GLY S 419 -99.90 38.68 28.60
C GLY S 419 -101.38 38.50 28.87
N ASN S 420 -101.71 37.33 29.44
CA ASN S 420 -103.12 37.03 29.70
C ASN S 420 -103.67 37.78 30.91
N ASN S 421 -102.84 38.09 31.90
CA ASN S 421 -103.31 38.78 33.09
C ASN S 421 -103.42 40.28 32.81
N ALA S 422 -104.45 40.91 33.37
CA ALA S 422 -104.52 42.36 33.35
C ALA S 422 -103.48 42.99 34.28
N ASP S 423 -103.31 42.45 35.48
CA ASP S 423 -102.28 42.87 36.42
C ASP S 423 -100.92 42.29 36.08
N ILE S 424 -100.33 42.70 34.95
CA ILE S 424 -99.03 42.18 34.55
C ILE S 424 -97.93 43.10 35.08
N ASN S 425 -96.76 42.53 35.33
CA ASN S 425 -95.65 43.24 35.94
C ASN S 425 -94.71 43.79 34.86
N ALA S 426 -94.40 45.08 35.00
CA ALA S 426 -93.35 45.70 34.20
C ALA S 426 -91.96 45.27 34.69
N PRO S 427 -90.95 45.38 33.83
CA PRO S 427 -89.57 45.16 34.29
C PRO S 427 -89.20 46.12 35.40
N TYR S 428 -88.22 45.70 36.21
CA TYR S 428 -87.84 46.47 37.38
C TYR S 428 -87.44 47.88 37.01
N GLY S 429 -88.00 48.85 37.72
CA GLY S 429 -87.74 50.25 37.49
C GLY S 429 -88.52 50.88 36.35
N TYR S 430 -89.18 50.08 35.52
CA TYR S 430 -90.10 50.64 34.54
C TYR S 430 -91.43 50.99 35.18
N LEU S 431 -92.08 52.01 34.64
CA LEU S 431 -93.46 52.36 34.96
C LEU S 431 -94.32 52.10 33.74
N LYS S 432 -95.38 51.32 33.90
CA LYS S 432 -96.32 51.09 32.81
C LYS S 432 -97.43 52.12 32.84
N VAL S 433 -97.87 52.52 31.65
CA VAL S 433 -99.00 53.44 31.50
C VAL S 433 -100.32 52.71 31.74
N PRO S 434 -101.34 53.38 32.28
CA PRO S 434 -102.67 52.78 32.36
C PRO S 434 -103.32 52.63 30.99
N GLY S 435 -104.23 51.67 30.91
CA GLY S 435 -104.96 51.41 29.68
C GLY S 435 -104.37 50.32 28.81
N ASP S 436 -105.23 49.54 28.18
CA ASP S 436 -104.83 48.36 27.41
C ASP S 436 -104.82 48.69 25.93
N LEU S 437 -103.69 48.42 25.27
CA LEU S 437 -103.58 48.62 23.84
C LEU S 437 -104.35 47.59 23.02
N ASN S 438 -105.06 46.67 23.67
CA ASN S 438 -106.07 45.85 23.02
C ASN S 438 -107.45 45.99 23.67
N ARG S 439 -107.69 47.10 24.37
CA ARG S 439 -108.99 47.30 25.01
C ARG S 439 -110.13 47.01 24.03
N GLY S 440 -111.03 46.13 24.44
CA GLY S 440 -112.16 45.71 23.62
C GLY S 440 -111.82 44.72 22.54
N ALA S 441 -110.55 44.55 22.19
CA ALA S 441 -110.16 43.53 21.24
C ALA S 441 -109.93 42.22 21.99
N GLY S 442 -109.72 41.15 21.22
CA GLY S 442 -109.28 39.89 21.81
C GLY S 442 -107.81 39.90 22.21
N GLY S 443 -107.26 38.72 22.42
CA GLY S 443 -105.84 38.53 22.68
C GLY S 443 -105.38 39.01 24.05
N ASN S 444 -104.07 39.28 24.10
CA ASN S 444 -103.41 39.68 25.32
C ASN S 444 -103.80 41.09 25.77
N PHE S 445 -103.68 41.33 27.07
CA PHE S 445 -103.49 42.69 27.56
C PHE S 445 -102.09 43.19 27.19
N ILE S 446 -102.01 44.45 26.80
CA ILE S 446 -100.74 45.05 26.35
C ILE S 446 -100.61 46.45 26.93
N TYR S 447 -99.43 46.76 27.47
CA TYR S 447 -99.19 48.04 28.15
C TYR S 447 -97.82 48.57 27.72
N ALA S 448 -97.72 49.89 27.64
CA ALA S 448 -96.44 50.55 27.42
C ALA S 448 -95.73 50.87 28.72
N CYS S 449 -94.49 50.39 28.85
CA CYS S 449 -93.64 50.64 30.00
C CYS S 449 -92.57 51.68 29.68
N THR S 450 -92.31 52.57 30.64
CA THR S 450 -91.38 53.67 30.48
C THR S 450 -90.32 53.58 31.57
N PHE S 451 -89.09 53.95 31.21
CA PHE S 451 -87.96 53.91 32.14
C PHE S 451 -87.19 55.22 32.09
N VAL S 452 -86.91 55.77 33.27
CA VAL S 452 -86.10 56.98 33.42
C VAL S 452 -84.92 56.64 34.33
N GLY S 453 -83.72 56.95 33.86
CA GLY S 453 -82.51 56.68 34.62
C GLY S 453 -82.26 57.64 35.76
N LYS S 454 -82.70 58.89 35.60
CA LYS S 454 -82.35 59.96 36.54
C LYS S 454 -80.83 60.11 36.60
N THR T 1 -25.58 60.95 21.14
CA THR T 1 -26.78 60.51 20.39
C THR T 1 -28.04 61.02 21.06
N VAL T 2 -28.83 61.80 20.33
CA VAL T 2 -30.06 62.39 20.86
C VAL T 2 -31.20 61.40 20.70
N LEU T 3 -32.10 61.38 21.67
CA LEU T 3 -33.26 60.52 21.61
C LEU T 3 -34.19 60.96 20.48
N PRO T 4 -34.69 60.03 19.68
CA PRO T 4 -35.69 60.42 18.66
C PRO T 4 -36.89 61.11 19.29
N GLY T 5 -37.25 62.26 18.73
CA GLY T 5 -38.37 63.04 19.21
C GLY T 5 -37.96 64.36 19.83
N VAL T 6 -36.71 64.50 20.23
CA VAL T 6 -36.21 65.78 20.71
C VAL T 6 -36.31 66.85 19.64
N GLU T 7 -36.23 66.45 18.36
CA GLU T 7 -36.45 67.40 17.28
C GLU T 7 -37.91 67.85 17.18
N ALA T 8 -38.84 67.09 17.75
CA ALA T 8 -40.26 67.31 17.53
C ALA T 8 -40.96 67.94 18.72
N ILE T 9 -40.47 67.74 19.94
CA ILE T 9 -40.97 68.49 21.08
C ILE T 9 -40.63 69.96 20.87
N GLY T 10 -41.45 70.84 21.45
CA GLY T 10 -41.26 72.27 21.33
C GLY T 10 -41.55 72.84 19.95
N LEU T 11 -41.83 71.99 18.97
CA LEU T 11 -42.20 72.45 17.64
C LEU T 11 -43.45 73.31 17.67
N GLY T 12 -43.37 74.49 17.04
CA GLY T 12 -44.54 75.37 16.99
C GLY T 12 -45.60 74.76 16.10
N TYR T 13 -46.84 74.74 16.58
CA TYR T 13 -47.88 73.87 16.07
C TYR T 13 -49.15 74.65 15.76
N ASN T 14 -49.83 74.28 14.69
CA ASN T 14 -51.16 74.82 14.40
C ASN T 14 -52.21 73.75 14.64
N PRO T 15 -53.01 73.87 15.70
CA PRO T 15 -54.04 72.84 15.99
C PRO T 15 -54.95 72.48 14.83
N PHE T 16 -55.42 73.49 14.11
CA PHE T 16 -56.37 73.29 13.01
C PHE T 16 -55.82 72.50 11.84
N ILE T 17 -54.54 72.65 11.49
CA ILE T 17 -54.05 71.98 10.29
C ILE T 17 -54.19 70.47 10.40
N SER T 18 -53.78 69.87 11.51
CA SER T 18 -53.89 68.42 11.59
C SER T 18 -53.79 67.94 13.03
N TYR T 19 -54.07 66.65 13.20
CA TYR T 19 -53.96 65.97 14.49
C TYR T 19 -52.68 65.14 14.55
N ALA T 20 -51.86 65.38 15.56
CA ALA T 20 -50.79 64.46 15.93
C ALA T 20 -49.85 64.19 14.76
N SER T 21 -49.66 65.21 13.92
CA SER T 21 -48.74 65.14 12.80
C SER T 21 -47.79 66.33 12.85
N VAL T 22 -46.53 66.09 12.48
CA VAL T 22 -45.54 67.15 12.47
C VAL T 22 -45.72 68.11 11.31
N ASN T 23 -46.41 67.69 10.26
CA ASN T 23 -46.74 68.59 9.15
C ASN T 23 -47.59 69.77 9.60
N SER T 24 -48.24 69.67 10.76
CA SER T 24 -49.02 70.76 11.32
C SER T 24 -48.20 71.79 12.07
N GLY T 25 -46.90 71.60 12.24
CA GLY T 25 -46.05 72.57 12.92
C GLY T 25 -45.01 73.18 12.00
N ALA T 26 -44.77 74.47 12.18
CA ALA T 26 -43.82 75.25 11.40
C ALA T 26 -42.56 75.60 12.20
N VAL T 27 -41.50 74.79 12.05
CA VAL T 27 -40.16 75.05 12.59
C VAL T 27 -40.09 74.95 14.11
N GLN T 28 -38.89 74.67 14.63
CA GLN T 28 -38.64 74.41 16.04
C GLN T 28 -38.25 75.72 16.71
N LEU T 29 -39.00 76.11 17.75
CA LEU T 29 -38.72 77.32 18.51
C LEU T 29 -37.53 77.21 19.48
N PHE T 30 -37.22 76.03 19.99
CA PHE T 30 -36.19 75.90 21.01
C PHE T 30 -34.90 75.28 20.50
N ASP T 31 -33.77 75.79 21.03
CA ASP T 31 -32.45 75.35 20.63
C ASP T 31 -32.00 74.28 21.62
N TRP T 32 -31.86 73.04 21.15
CA TRP T 32 -31.44 71.95 22.02
C TRP T 32 -30.08 71.36 21.67
N ALA T 33 -29.36 71.92 20.70
CA ALA T 33 -27.99 71.47 20.48
C ALA T 33 -27.08 72.06 21.54
N THR T 34 -27.25 73.35 21.83
CA THR T 34 -26.44 74.02 22.85
C THR T 34 -26.79 73.56 24.26
N ALA T 35 -28.07 73.30 24.51
CA ALA T 35 -28.53 73.04 25.88
C ALA T 35 -27.84 71.83 26.49
N LYS T 36 -27.70 71.89 27.81
CA LYS T 36 -27.16 70.80 28.61
C LYS T 36 -28.00 69.53 28.44
N LYS T 37 -27.33 68.41 28.19
CA LYS T 37 -27.98 67.13 27.97
C LYS T 37 -28.12 66.32 29.26
N ARG T 38 -29.07 65.38 29.22
CA ARG T 38 -29.24 64.34 30.23
C ARG T 38 -29.36 63.00 29.52
N GLU T 39 -28.77 61.97 30.09
CA GLU T 39 -28.95 60.62 29.55
C GLU T 39 -30.32 60.08 29.92
N VAL T 40 -30.93 59.35 28.98
CA VAL T 40 -32.25 58.78 29.18
C VAL T 40 -32.15 57.56 30.09
N PRO T 41 -32.85 57.55 31.22
CA PRO T 41 -32.64 56.44 32.18
C PRO T 41 -32.86 55.06 31.59
N PHE T 42 -33.93 54.89 30.81
CA PHE T 42 -34.29 53.59 30.25
C PHE T 42 -33.60 53.28 28.93
N LYS T 43 -32.91 54.25 28.31
CA LYS T 43 -32.22 54.05 27.03
C LYS T 43 -30.82 54.67 27.13
N ALA T 44 -29.97 54.02 27.93
CA ALA T 44 -28.57 54.41 28.03
C ALA T 44 -27.91 54.42 26.65
N GLY T 45 -27.14 55.47 26.39
CA GLY T 45 -26.64 55.77 25.07
C GLY T 45 -27.47 56.76 24.27
N TYR T 46 -28.62 57.19 24.78
CA TYR T 46 -29.39 58.28 24.18
C TYR T 46 -29.53 59.40 25.20
N PHE T 47 -29.53 60.63 24.70
CA PHE T 47 -29.53 61.81 25.56
C PHE T 47 -30.66 62.75 25.16
N VAL T 48 -31.09 63.56 26.13
CA VAL T 48 -32.10 64.58 25.92
C VAL T 48 -31.65 65.85 26.63
N PRO T 49 -32.14 67.01 26.19
CA PRO T 49 -31.93 68.21 26.99
C PRO T 49 -32.54 68.03 28.38
N GLU T 50 -31.85 68.55 29.39
CA GLU T 50 -32.25 68.26 30.77
C GLU T 50 -33.62 68.83 31.10
N ILE T 51 -34.11 69.79 30.33
CA ILE T 51 -35.40 70.40 30.64
C ILE T 51 -36.53 69.41 30.42
N VAL T 52 -36.42 68.57 29.38
CA VAL T 52 -37.54 67.70 29.03
C VAL T 52 -37.58 66.49 29.96
N ASP T 53 -38.79 66.06 30.27
CA ASP T 53 -39.06 64.84 31.03
C ASP T 53 -39.54 63.77 30.06
N VAL T 54 -38.79 62.68 29.95
CA VAL T 54 -39.15 61.58 29.05
C VAL T 54 -39.57 60.40 29.90
N GLN T 55 -40.80 59.93 29.67
CA GLN T 55 -41.35 58.74 30.30
C GLN T 55 -41.48 57.64 29.25
N GLN T 56 -40.99 56.45 29.56
CA GLN T 56 -41.39 55.28 28.79
C GLN T 56 -42.86 54.99 29.04
N ASN T 57 -43.58 54.65 27.98
CA ASN T 57 -44.99 54.29 28.11
C ASN T 57 -45.37 53.28 27.03
N ASP T 58 -44.56 52.24 26.86
CA ASP T 58 -44.78 51.25 25.82
C ASP T 58 -46.15 50.59 25.96
N SER T 59 -47.07 50.94 25.07
CA SER T 59 -48.47 50.56 25.20
C SER T 59 -49.18 50.82 23.88
N ALA T 60 -49.52 49.74 23.18
CA ALA T 60 -50.45 49.78 22.06
C ALA T 60 -51.82 50.22 22.54
N THR T 61 -52.39 51.22 21.88
CA THR T 61 -53.50 52.00 22.43
C THR T 61 -54.43 52.41 21.29
N TYR T 62 -55.68 52.69 21.64
CA TYR T 62 -56.71 53.07 20.68
C TYR T 62 -57.17 54.50 20.94
N THR T 63 -57.33 55.27 19.87
CA THR T 63 -58.10 56.50 19.89
C THR T 63 -59.13 56.40 18.78
N ASN T 64 -60.42 56.46 19.14
CA ASN T 64 -61.50 56.34 18.16
C ASN T 64 -62.41 57.56 18.23
N VAL T 65 -62.78 58.07 17.06
CA VAL T 65 -63.60 59.27 16.93
C VAL T 65 -64.75 58.91 15.98
N SER T 66 -65.95 59.33 16.32
CA SER T 66 -67.11 58.96 15.51
C SER T 66 -68.17 60.05 15.63
N GLY T 67 -69.05 60.09 14.63
CA GLY T 67 -70.19 60.98 14.65
C GLY T 67 -71.22 60.66 13.59
N ASN T 68 -72.50 60.80 13.93
CA ASN T 68 -73.56 60.54 12.95
C ASN T 68 -73.55 61.56 11.84
N THR T 69 -72.85 62.68 12.04
CA THR T 69 -72.75 63.74 11.05
C THR T 69 -71.41 64.44 11.24
N ILE T 70 -70.97 65.12 10.18
CA ILE T 70 -69.63 65.71 10.19
C ILE T 70 -69.50 66.72 11.31
N SER T 71 -70.52 67.56 11.51
CA SER T 71 -70.44 68.56 12.57
C SER T 71 -70.35 67.90 13.94
N GLU T 72 -70.87 66.68 14.06
CA GLU T 72 -70.65 65.90 15.28
C GLU T 72 -69.25 65.30 15.31
N TYR T 73 -68.82 64.70 14.19
CA TYR T 73 -67.47 64.16 14.11
C TYR T 73 -66.41 65.24 14.37
N GLN T 74 -66.63 66.43 13.81
CA GLN T 74 -65.71 67.53 14.05
C GLN T 74 -65.62 67.91 15.53
N ARG T 75 -66.70 67.73 16.29
CA ARG T 75 -66.65 68.04 17.71
C ARG T 75 -66.07 66.89 18.53
N SER T 76 -66.42 65.65 18.20
CA SER T 76 -65.79 64.52 18.88
C SER T 76 -64.30 64.42 18.54
N LEU T 77 -63.90 64.88 17.36
CA LEU T 77 -62.47 65.04 17.06
C LEU T 77 -61.85 66.14 17.90
N ALA T 78 -62.45 67.33 17.88
CA ALA T 78 -61.88 68.47 18.60
C ALA T 78 -61.73 68.18 20.09
N THR T 79 -62.71 67.50 20.68
CA THR T 79 -62.66 67.17 22.10
C THR T 79 -61.82 65.94 22.41
N SER T 80 -61.18 65.33 21.42
CA SER T 80 -60.29 64.20 21.68
C SER T 80 -58.98 64.63 22.32
N VAL T 81 -58.75 65.93 22.48
CA VAL T 81 -57.54 66.47 23.08
C VAL T 81 -57.95 67.55 24.07
N ALA T 82 -57.24 67.63 25.18
CA ALA T 82 -57.51 68.66 26.18
C ALA T 82 -57.04 70.00 25.65
N ILE T 83 -57.96 70.78 25.07
CA ILE T 83 -57.62 72.04 24.46
C ILE T 83 -58.82 72.97 24.62
N GLU T 84 -58.55 74.27 24.69
CA GLU T 84 -59.57 75.23 25.07
C GLU T 84 -60.41 75.67 23.88
N GLY T 85 -61.70 75.84 24.13
CA GLY T 85 -62.63 76.39 23.17
C GLY T 85 -63.29 75.38 22.25
N ARG T 86 -64.34 75.85 21.60
CA ARG T 86 -65.21 75.05 20.73
C ARG T 86 -64.73 75.00 19.29
N TYR T 87 -63.53 75.50 19.01
CA TYR T 87 -63.07 75.59 17.64
C TYR T 87 -62.89 74.19 17.02
N ASN T 88 -62.97 74.15 15.68
CA ASN T 88 -62.82 72.94 14.90
C ASN T 88 -61.35 72.52 14.79
N PHE T 89 -60.74 72.26 15.94
CA PHE T 89 -59.35 71.85 15.94
C PHE T 89 -59.16 70.55 15.16
N PHE T 90 -57.95 70.38 14.62
CA PHE T 90 -57.61 69.20 13.83
C PHE T 90 -58.44 69.00 12.57
N SER T 91 -59.33 69.95 12.27
CA SER T 91 -60.35 69.69 11.26
C SER T 91 -59.77 69.69 9.84
N GLY T 92 -58.56 70.22 9.65
CA GLY T 92 -57.86 70.08 8.38
C GLY T 92 -57.59 68.63 7.97
N SER T 93 -57.57 67.70 8.92
CA SER T 93 -57.41 66.29 8.57
C SER T 93 -58.57 65.77 7.75
N LEU T 94 -59.74 66.40 7.82
CA LEU T 94 -60.88 65.99 7.00
C LEU T 94 -60.52 65.93 5.53
N SER T 95 -59.84 66.96 5.03
CA SER T 95 -59.48 67.02 3.61
C SER T 95 -58.67 65.82 3.12
N THR T 96 -58.09 65.04 4.02
CA THR T 96 -57.30 63.88 3.63
C THR T 96 -57.80 62.56 4.21
N ASP T 97 -58.61 62.59 5.26
CA ASP T 97 -59.22 61.37 5.75
C ASP T 97 -60.36 60.90 4.87
N PHE T 98 -61.16 61.83 4.35
CA PHE T 98 -62.42 61.50 3.69
C PHE T 98 -62.48 62.13 2.31
N ASP T 99 -63.20 61.47 1.41
CA ASP T 99 -63.47 62.02 0.10
C ASP T 99 -64.38 63.23 0.20
N SER T 100 -64.05 64.27 -0.57
CA SER T 100 -64.66 65.58 -0.36
C SER T 100 -66.17 65.53 -0.58
N ASN T 101 -66.60 64.80 -1.62
CA ASN T 101 -68.04 64.57 -1.81
C ASN T 101 -68.66 63.91 -0.61
N SER T 102 -67.93 63.00 0.05
CA SER T 102 -68.50 62.21 1.13
C SER T 102 -68.60 63.01 2.42
N LEU T 103 -67.78 64.05 2.58
CA LEU T 103 -68.04 65.04 3.63
C LEU T 103 -69.30 65.84 3.33
N ARG T 104 -69.52 66.20 2.07
CA ARG T 104 -70.71 66.95 1.69
C ARG T 104 -71.96 66.09 1.66
N ASN T 105 -71.83 64.78 1.48
CA ASN T 105 -72.97 63.87 1.43
C ASN T 105 -73.56 63.68 2.81
N ALA T 106 -74.76 64.22 3.04
CA ALA T 106 -75.45 64.10 4.33
C ALA T 106 -75.93 62.69 4.67
N GLU T 107 -75.87 61.73 3.74
CA GLU T 107 -76.16 60.34 4.11
C GLU T 107 -75.02 59.64 4.82
N ASN T 108 -73.86 60.27 4.98
CA ASN T 108 -72.73 59.59 5.57
C ASN T 108 -72.62 59.87 7.07
N GLU T 109 -72.11 58.87 7.78
CA GLU T 109 -71.59 59.01 9.13
C GLU T 109 -70.15 58.50 9.18
N PHE T 110 -69.36 59.07 10.09
CA PHE T 110 -67.91 59.07 9.98
C PHE T 110 -67.29 58.43 11.22
N THR T 111 -66.28 57.60 11.01
CA THR T 111 -65.53 56.97 12.09
C THR T 111 -64.04 56.97 11.73
N ARG T 112 -63.21 57.31 12.70
CA ARG T 112 -61.76 57.20 12.58
C ARG T 112 -61.20 56.32 13.68
N ILE T 113 -60.58 55.21 13.30
CA ILE T 113 -60.05 54.22 14.24
C ILE T 113 -58.52 54.30 14.17
N GLN T 114 -57.88 54.75 15.24
CA GLN T 114 -56.43 54.88 15.32
C GLN T 114 -55.89 53.96 16.40
N GLN T 115 -55.03 53.02 16.01
CA GLN T 115 -54.21 52.25 16.96
C GLN T 115 -52.83 52.89 17.08
N SER T 116 -52.60 53.66 18.13
CA SER T 116 -51.27 54.16 18.45
C SER T 116 -50.39 53.05 19.02
N ILE T 117 -49.20 52.89 18.45
CA ILE T 117 -48.18 52.00 19.02
C ILE T 117 -47.16 52.82 19.80
N ASN T 118 -47.50 53.19 21.03
CA ASN T 118 -46.63 54.05 21.83
C ASN T 118 -45.32 53.35 22.21
N LEU T 119 -44.25 54.14 22.26
CA LEU T 119 -42.97 53.69 22.81
C LEU T 119 -42.54 54.53 24.01
N TRP T 120 -42.41 55.84 23.83
CA TRP T 120 -42.02 56.74 24.91
C TRP T 120 -42.70 58.07 24.65
N SER T 121 -42.71 58.94 25.66
CA SER T 121 -43.30 60.25 25.52
C SER T 121 -42.44 61.31 26.18
N LEU T 122 -42.25 62.42 25.48
CA LEU T 122 -41.43 63.53 25.92
C LEU T 122 -42.33 64.65 26.41
N ARG T 123 -41.99 65.22 27.57
CA ARG T 123 -42.78 66.25 28.21
C ARG T 123 -41.91 67.46 28.45
N LEU T 124 -42.51 68.65 28.38
CA LEU T 124 -41.78 69.91 28.51
C LEU T 124 -42.52 70.82 29.47
N PRO T 125 -41.92 71.21 30.60
CA PRO T 125 -42.67 71.96 31.60
C PRO T 125 -42.83 73.43 31.26
N SER T 126 -43.91 74.01 31.77
CA SER T 126 -44.28 75.40 31.54
C SER T 126 -43.44 76.39 32.35
N VAL T 127 -42.19 76.04 32.67
CA VAL T 127 -41.40 76.91 33.53
C VAL T 127 -40.97 78.16 32.77
N LYS T 128 -40.77 79.25 33.52
CA LYS T 128 -40.42 80.54 32.96
C LYS T 128 -39.07 80.55 32.24
N SER T 129 -38.17 79.62 32.54
CA SER T 129 -36.90 79.57 31.84
C SER T 129 -36.98 79.06 30.41
N LEU T 130 -38.16 78.64 29.94
CA LEU T 130 -38.28 78.23 28.54
C LEU T 130 -37.80 79.33 27.60
N ARG T 131 -38.17 80.58 27.89
CA ARG T 131 -37.71 81.71 27.09
C ARG T 131 -36.21 81.71 26.86
N GLU T 132 -35.45 81.27 27.86
CA GLU T 132 -33.99 81.27 27.72
C GLU T 132 -33.51 80.23 26.71
N LEU T 133 -34.27 79.17 26.50
CA LEU T 133 -33.91 78.14 25.52
C LEU T 133 -34.37 78.42 24.09
N MET T 134 -35.21 79.43 23.85
CA MET T 134 -35.58 79.72 22.47
C MET T 134 -34.36 80.06 21.63
N LEU T 135 -34.41 79.67 20.36
CA LEU T 135 -33.42 80.14 19.40
C LEU T 135 -33.44 81.66 19.32
N PRO T 136 -32.27 82.31 19.21
CA PRO T 136 -32.25 83.79 19.29
C PRO T 136 -33.10 84.49 18.24
N HIS T 137 -33.11 84.01 17.00
CA HIS T 137 -33.93 84.66 15.97
C HIS T 137 -35.41 84.43 16.22
N MET T 138 -35.79 83.27 16.74
CA MET T 138 -37.19 83.04 17.11
C MET T 138 -37.61 83.97 18.25
N ARG T 139 -36.79 84.07 19.29
CA ARG T 139 -37.07 85.01 20.38
C ARG T 139 -37.10 86.44 19.87
N GLN T 140 -36.12 86.83 19.03
CA GLN T 140 -36.11 88.18 18.48
C GLN T 140 -37.37 88.47 17.68
N GLN T 141 -37.80 87.51 16.86
CA GLN T 141 -39.01 87.70 16.06
C GLN T 141 -40.24 87.88 16.94
N LEU T 142 -40.37 87.04 17.96
CA LEU T 142 -41.49 87.17 18.90
C LEU T 142 -41.42 88.47 19.69
N ASP T 143 -40.22 88.90 20.07
CA ASP T 143 -40.07 90.12 20.85
C ASP T 143 -40.38 91.37 20.04
N GLU T 144 -40.10 91.36 18.75
CA GLU T 144 -40.36 92.50 17.89
C GLU T 144 -41.73 92.47 17.21
N LEU T 145 -42.55 91.45 17.50
CA LEU T 145 -43.87 91.35 16.89
C LEU T 145 -44.70 92.59 17.20
N ASN T 146 -45.13 93.29 16.15
CA ASN T 146 -45.93 94.50 16.28
C ASN T 146 -47.38 94.13 16.57
N VAL T 147 -47.67 93.87 17.85
CA VAL T 147 -49.02 93.48 18.25
C VAL T 147 -50.04 94.60 18.12
N ASN T 148 -49.59 95.80 17.76
CA ASN T 148 -50.50 96.89 17.39
C ASN T 148 -51.16 96.68 16.02
N ASP T 149 -50.68 95.74 15.22
CA ASP T 149 -51.33 95.40 13.96
C ASP T 149 -51.90 94.00 14.02
N PRO T 150 -53.23 93.84 13.94
CA PRO T 150 -53.80 92.48 13.92
C PRO T 150 -53.24 91.60 12.81
N LYS T 151 -52.95 92.18 11.65
CA LYS T 151 -52.43 91.38 10.54
C LYS T 151 -51.07 90.79 10.86
N ALA T 152 -50.25 91.52 11.61
CA ALA T 152 -48.95 90.98 12.03
C ALA T 152 -49.13 89.78 12.96
N ILE T 153 -50.01 89.90 13.95
CA ILE T 153 -50.28 88.78 14.84
C ILE T 153 -50.85 87.61 14.06
N SER T 154 -51.84 87.90 13.20
CA SER T 154 -52.46 86.85 12.39
C SER T 154 -51.43 86.15 11.51
N ARG T 155 -50.55 86.92 10.87
CA ARG T 155 -49.46 86.33 10.11
C ARG T 155 -48.50 85.54 10.99
N TYR T 156 -48.24 86.03 12.20
CA TYR T 156 -47.38 85.27 13.11
C TYR T 156 -48.00 83.92 13.48
N PHE T 157 -49.28 83.92 13.88
CA PHE T 157 -49.94 82.65 14.16
C PHE T 157 -49.99 81.75 12.94
N ASP T 158 -50.26 82.32 11.76
CA ASP T 158 -50.21 81.56 10.53
C ASP T 158 -48.81 81.04 10.23
N ARG T 159 -47.81 81.91 10.29
CA ARG T 159 -46.47 81.54 9.84
C ARG T 159 -45.72 80.71 10.88
N VAL T 160 -45.94 80.95 12.17
CA VAL T 160 -45.19 80.30 13.22
C VAL T 160 -46.01 79.28 14.00
N GLY T 161 -47.34 79.32 13.89
CA GLY T 161 -48.21 78.54 14.74
C GLY T 161 -48.68 79.32 15.95
N SER T 162 -49.84 78.91 16.47
CA SER T 162 -50.41 79.53 17.66
C SER T 162 -49.97 78.87 18.95
N HIS T 163 -49.53 77.61 18.89
CA HIS T 163 -49.13 76.85 20.06
C HIS T 163 -47.77 76.24 19.80
N PHE T 164 -47.20 75.62 20.83
CA PHE T 164 -46.03 74.77 20.64
C PHE T 164 -46.21 73.49 21.44
N LEU T 165 -45.62 72.42 20.92
CA LEU T 165 -45.79 71.10 21.50
C LEU T 165 -45.08 70.98 22.85
N THR T 166 -45.83 70.54 23.86
CA THR T 166 -45.26 70.24 25.17
C THR T 166 -45.45 68.78 25.57
N GLY T 167 -46.30 68.03 24.89
CA GLY T 167 -46.44 66.61 25.15
C GLY T 167 -46.36 65.83 23.85
N ILE T 168 -45.44 64.88 23.79
CA ILE T 168 -45.21 64.09 22.58
C ILE T 168 -45.20 62.62 22.95
N VAL T 169 -45.89 61.80 22.17
CA VAL T 169 -45.74 60.35 22.24
C VAL T 169 -45.05 59.92 20.96
N MET T 170 -43.95 59.18 21.08
CA MET T 170 -43.24 58.70 19.90
C MET T 170 -43.52 57.22 19.70
N GLY T 171 -43.95 56.86 18.49
CA GLY T 171 -44.16 55.47 18.17
C GLY T 171 -44.58 55.27 16.73
N GLY T 172 -45.65 54.50 16.57
CA GLY T 172 -46.27 54.30 15.28
C GLY T 172 -47.76 54.49 15.40
N ARG T 173 -48.44 54.61 14.27
CA ARG T 173 -49.88 54.47 14.27
C ARG T 173 -50.35 53.92 12.93
N ALA T 174 -51.37 53.08 12.98
CA ALA T 174 -52.17 52.72 11.81
C ALA T 174 -53.57 53.28 12.00
N ILE T 175 -54.12 53.90 10.96
CA ILE T 175 -55.42 54.53 11.01
C ILE T 175 -56.28 53.94 9.91
N LEU T 176 -57.54 53.66 10.23
CA LEU T 176 -58.60 53.47 9.24
C LEU T 176 -59.65 54.54 9.46
N ALA T 177 -59.89 55.34 8.42
CA ALA T 177 -60.98 56.31 8.41
C ALA T 177 -62.03 55.86 7.40
N SER T 178 -63.29 56.00 7.77
CA SER T 178 -64.38 55.49 6.95
C SER T 178 -65.59 56.43 7.05
N SER T 179 -66.28 56.60 5.93
CA SER T 179 -67.57 57.24 5.89
C SER T 179 -68.60 56.26 5.34
N THR T 180 -69.72 56.14 6.03
CA THR T 180 -70.63 55.02 5.86
C THR T 180 -72.04 55.55 5.63
N ASN T 181 -72.74 54.95 4.67
CA ASN T 181 -74.11 55.38 4.37
C ASN T 181 -75.02 54.96 5.53
N LYS T 182 -75.34 55.92 6.40
CA LYS T 182 -76.06 55.63 7.62
C LYS T 182 -77.52 55.24 7.38
N LEU T 183 -78.03 55.43 6.16
CA LEU T 183 -79.38 54.99 5.82
C LEU T 183 -79.47 53.52 5.47
N ARG T 184 -78.34 52.86 5.15
CA ARG T 184 -78.39 51.54 4.53
C ARG T 184 -77.52 50.49 5.21
N VAL T 185 -76.49 50.87 5.97
CA VAL T 185 -75.74 49.90 6.76
C VAL T 185 -76.61 49.30 7.85
N LYS T 186 -76.36 48.03 8.16
CA LYS T 186 -77.06 47.36 9.26
C LYS T 186 -76.88 48.10 10.57
N ARG T 187 -77.97 48.19 11.33
CA ARG T 187 -78.02 48.88 12.62
C ARG T 187 -77.93 47.93 13.80
N ASP T 188 -77.54 46.67 13.59
CA ASP T 188 -77.39 45.73 14.70
C ASP T 188 -76.40 46.22 15.74
N TYR T 189 -75.33 46.90 15.30
CA TYR T 189 -74.34 47.46 16.22
C TYR T 189 -74.04 48.89 15.81
N SER T 190 -73.50 49.65 16.77
CA SER T 190 -73.01 50.98 16.46
C SER T 190 -71.84 50.89 15.48
N VAL T 191 -71.74 51.90 14.62
CA VAL T 191 -70.79 51.82 13.52
C VAL T 191 -69.35 51.88 14.03
N SER T 192 -69.12 52.52 15.17
CA SER T 192 -67.80 52.45 15.80
C SER T 192 -67.44 51.04 16.21
N VAL T 193 -68.42 50.21 16.56
CA VAL T 193 -68.12 48.83 16.92
C VAL T 193 -67.71 48.02 15.69
N VAL T 194 -68.49 48.12 14.61
CA VAL T 194 -68.14 47.41 13.38
C VAL T 194 -67.00 48.09 12.63
N ALA T 195 -66.80 49.40 12.81
CA ALA T 195 -65.58 50.03 12.34
C ALA T 195 -64.34 49.43 13.03
N LYS T 196 -64.34 49.41 14.36
CA LYS T 196 -63.22 48.82 15.08
C LYS T 196 -63.07 47.33 14.76
N ALA T 197 -64.18 46.61 14.72
CA ALA T 197 -64.12 45.18 14.42
C ALA T 197 -63.57 44.91 13.02
N SER T 198 -63.95 45.74 12.04
CA SER T 198 -63.41 45.59 10.69
C SER T 198 -61.95 46.04 10.60
N TYR T 199 -61.58 47.09 11.32
CA TYR T 199 -60.16 47.43 11.47
C TYR T 199 -59.37 46.26 12.05
N GLU T 200 -59.87 45.65 13.12
CA GLU T 200 -59.25 44.45 13.67
C GLU T 200 -59.22 43.32 12.65
N GLY T 201 -60.28 43.20 11.85
CA GLY T 201 -60.28 42.20 10.79
C GLY T 201 -59.20 42.45 9.75
N LEU T 202 -59.08 43.69 9.29
CA LEU T 202 -58.06 44.02 8.29
C LEU T 202 -56.65 43.81 8.83
N THR T 203 -56.43 44.08 10.11
CA THR T 203 -55.12 43.87 10.72
C THR T 203 -54.94 42.46 11.28
N GLY T 204 -55.98 41.63 11.25
CA GLY T 204 -55.90 40.28 11.78
C GLY T 204 -56.05 40.17 13.28
N GLN T 205 -56.32 41.28 13.98
CA GLN T 205 -56.47 41.26 15.42
C GLN T 205 -57.82 40.70 15.87
N LEU T 206 -58.78 40.56 14.96
CA LEU T 206 -60.11 40.06 15.30
C LEU T 206 -60.03 38.56 15.59
N SER T 207 -60.55 38.15 16.74
CA SER T 207 -60.53 36.75 17.12
C SER T 207 -61.55 35.92 16.35
N ALA T 208 -61.36 34.60 16.44
CA ALA T 208 -62.26 33.61 15.85
C ALA T 208 -63.73 33.81 16.23
N GLU T 209 -64.00 34.00 17.53
CA GLU T 209 -65.39 34.27 17.94
C GLU T 209 -65.85 35.66 17.54
N ALA T 210 -64.98 36.66 17.60
CA ALA T 210 -65.40 37.99 17.20
C ALA T 210 -65.60 38.05 15.68
N LYS T 211 -64.72 37.36 14.95
CA LYS T 211 -64.83 37.23 13.51
C LYS T 211 -66.17 36.65 13.07
N ALA T 212 -66.64 35.59 13.72
CA ALA T 212 -68.01 35.14 13.52
C ALA T 212 -69.05 36.20 13.91
N LYS T 213 -68.95 36.75 15.11
CA LYS T 213 -70.00 37.65 15.57
C LYS T 213 -70.09 38.92 14.72
N TYR T 214 -68.96 39.61 14.54
CA TYR T 214 -68.89 40.78 13.68
C TYR T 214 -68.88 40.46 12.19
N GLY T 215 -68.41 39.28 11.80
CA GLY T 215 -68.13 39.00 10.40
C GLY T 215 -69.27 39.28 9.44
N GLU T 216 -70.50 38.91 9.82
CA GLU T 216 -71.63 39.30 8.98
C GLU T 216 -71.94 40.79 9.05
N SER T 217 -71.71 41.44 10.20
CA SER T 217 -71.96 42.88 10.29
C SER T 217 -70.92 43.72 9.56
N ILE T 218 -69.66 43.26 9.51
CA ILE T 218 -68.60 44.05 8.88
C ILE T 218 -68.68 44.05 7.36
N SER T 219 -69.20 43.00 6.75
CA SER T 219 -69.42 43.03 5.29
C SER T 219 -70.41 44.11 4.88
N SER T 220 -71.52 44.26 5.61
CA SER T 220 -72.42 45.38 5.33
C SER T 220 -71.73 46.72 5.51
N PHE T 221 -70.98 46.87 6.61
CA PHE T 221 -70.17 48.06 6.81
C PHE T 221 -69.15 48.25 5.69
N THR T 222 -68.52 47.16 5.25
CA THR T 222 -67.46 47.28 4.25
C THR T 222 -67.99 47.78 2.91
N GLN T 223 -69.07 47.18 2.40
CA GLN T 223 -69.58 47.57 1.10
C GLN T 223 -70.20 48.96 1.09
N TYR T 224 -70.83 49.38 2.18
CA TYR T 224 -71.48 50.67 2.26
C TYR T 224 -70.59 51.78 2.80
N SER T 225 -69.27 51.60 2.81
CA SER T 225 -68.41 52.64 3.34
C SER T 225 -67.11 52.70 2.56
N ASN T 226 -66.49 53.88 2.57
CA ASN T 226 -65.24 54.17 1.87
C ASN T 226 -64.12 54.26 2.92
N THR T 227 -63.45 53.14 3.16
CA THR T 227 -62.41 53.08 4.18
C THR T 227 -61.09 53.60 3.61
N HIS T 228 -60.71 54.81 4.01
CA HIS T 228 -59.34 55.26 3.84
C HIS T 228 -58.43 54.60 4.87
N GLN T 229 -57.23 54.21 4.42
CA GLN T 229 -56.24 53.56 5.28
C GLN T 229 -54.92 54.28 5.17
N GLU T 230 -54.27 54.50 6.32
CA GLU T 230 -52.93 55.06 6.35
C GLU T 230 -52.18 54.49 7.55
N VAL T 231 -50.86 54.61 7.49
CA VAL T 231 -49.98 54.09 8.53
C VAL T 231 -48.76 55.00 8.63
N ARG T 232 -48.22 55.11 9.84
CA ARG T 232 -47.18 56.09 10.14
C ARG T 232 -46.22 55.51 11.16
N GLY T 233 -44.97 55.94 11.09
CA GLY T 233 -43.90 55.29 11.81
C GLY T 233 -43.58 53.89 11.34
N GLY T 234 -42.45 53.36 11.81
CA GLY T 234 -41.97 52.07 11.38
C GLY T 234 -41.38 52.08 9.99
N ASP T 235 -40.96 50.90 9.55
CA ASP T 235 -40.34 50.74 8.25
C ASP T 235 -41.38 50.87 7.15
N GLY T 236 -41.23 51.89 6.31
CA GLY T 236 -42.15 52.10 5.20
C GLY T 236 -42.19 50.95 4.21
N ALA T 237 -41.15 50.13 4.15
CA ALA T 237 -41.20 48.92 3.36
C ALA T 237 -42.05 47.82 3.99
N LYS T 238 -42.39 47.93 5.26
CA LYS T 238 -43.29 46.99 5.92
C LYS T 238 -44.60 47.64 6.32
N ALA T 239 -44.74 48.96 6.13
CA ALA T 239 -45.93 49.65 6.59
C ALA T 239 -47.17 49.18 5.83
N HIS T 240 -47.04 48.93 4.52
CA HIS T 240 -48.17 48.50 3.71
C HIS T 240 -48.66 47.09 4.07
N GLY T 241 -47.84 46.30 4.74
CA GLY T 241 -48.24 44.99 5.22
C GLY T 241 -49.21 44.98 6.39
N VAL T 242 -49.37 46.12 7.08
CA VAL T 242 -50.18 46.08 8.30
C VAL T 242 -51.64 45.78 8.00
N PHE T 243 -52.15 46.21 6.86
CA PHE T 243 -53.52 45.90 6.45
C PHE T 243 -53.59 44.68 5.56
N SER T 244 -52.56 43.84 5.58
CA SER T 244 -52.46 42.64 4.76
C SER T 244 -53.38 41.51 5.25
N GLY T 245 -54.15 41.74 6.31
CA GLY T 245 -55.01 40.72 6.85
C GLY T 245 -54.31 39.63 7.63
N LYS T 246 -53.00 39.75 7.85
CA LYS T 246 -52.19 38.68 8.43
C LYS T 246 -51.41 39.24 9.60
N LYS T 247 -51.54 38.57 10.75
CA LYS T 247 -50.92 39.07 11.98
C LYS T 247 -49.40 39.15 11.86
N GLU T 248 -48.78 38.19 11.16
CA GLU T 248 -47.33 38.20 11.01
C GLU T 248 -46.85 39.45 10.29
N ASP T 249 -47.62 39.95 9.32
CA ASP T 249 -47.25 41.18 8.64
C ASP T 249 -47.45 42.41 9.54
N PHE T 250 -48.55 42.46 10.28
CA PHE T 250 -48.77 43.54 11.23
C PHE T 250 -47.70 43.57 12.32
N GLN T 251 -47.42 42.42 12.92
CA GLN T 251 -46.37 42.36 13.95
C GLN T 251 -45.00 42.71 13.38
N ALA T 252 -44.71 42.29 12.16
CA ALA T 252 -43.46 42.68 11.51
C ALA T 252 -43.31 44.19 11.37
N TRP T 253 -44.42 44.91 11.15
CA TRP T 253 -44.36 46.37 11.20
C TRP T 253 -44.14 46.89 12.62
N VAL T 254 -44.90 46.38 13.58
CA VAL T 254 -44.72 46.79 14.97
C VAL T 254 -43.28 46.59 15.42
N ASP T 255 -42.67 45.46 15.04
CA ASP T 255 -41.27 45.22 15.36
C ASP T 255 -40.33 46.22 14.71
N SER T 256 -40.78 46.97 13.71
CA SER T 256 -39.97 48.03 13.12
C SER T 256 -40.26 49.42 13.66
N VAL T 257 -41.43 49.63 14.27
CA VAL T 257 -41.74 50.93 14.87
C VAL T 257 -40.74 51.25 15.98
N SER T 258 -40.30 50.23 16.73
CA SER T 258 -39.34 50.45 17.79
C SER T 258 -38.02 51.03 17.30
N ALA T 259 -37.61 50.69 16.07
CA ALA T 259 -36.38 51.27 15.52
C ALA T 259 -36.56 52.69 15.03
N SER T 260 -37.71 53.03 14.43
CA SER T 260 -37.89 54.28 13.71
C SER T 260 -39.25 54.90 14.04
N PRO T 261 -39.42 55.35 15.28
CA PRO T 261 -40.71 55.92 15.68
C PRO T 261 -40.92 57.33 15.15
N ASP T 262 -42.19 57.73 15.10
CA ASP T 262 -42.59 59.08 14.73
C ASP T 262 -43.52 59.66 15.78
N PHE T 263 -43.71 60.97 15.72
CA PHE T 263 -44.77 61.67 16.44
C PHE T 263 -46.15 61.23 15.99
N VAL T 264 -46.87 60.52 16.87
CA VAL T 264 -48.11 59.83 16.52
C VAL T 264 -49.27 60.28 17.39
N ASP T 265 -48.99 60.77 18.60
CA ASP T 265 -50.08 61.12 19.50
C ASP T 265 -49.59 62.15 20.53
N PHE T 266 -50.56 62.80 21.17
CA PHE T 266 -50.29 63.71 22.28
C PHE T 266 -50.34 63.00 23.62
N VAL T 267 -49.62 63.57 24.58
CA VAL T 267 -49.82 63.26 26.00
C VAL T 267 -51.06 63.97 26.51
N PRO T 268 -52.07 63.25 27.02
CA PRO T 268 -53.38 63.88 27.24
C PRO T 268 -53.36 65.06 28.18
N THR T 269 -52.43 65.10 29.14
CA THR T 269 -52.46 66.11 30.19
C THR T 269 -51.92 67.46 29.73
N ILE T 270 -50.94 67.49 28.83
CA ILE T 270 -50.18 68.70 28.56
C ILE T 270 -49.80 68.74 27.09
N PRO T 271 -50.74 68.59 26.16
CA PRO T 271 -50.37 68.35 24.76
C PRO T 271 -49.60 69.51 24.13
N MET T 272 -50.06 70.75 24.32
CA MET T 272 -49.36 71.90 23.77
C MET T 272 -49.68 73.14 24.59
N GLN T 273 -48.79 74.13 24.48
CA GLN T 273 -48.87 75.37 25.24
C GLN T 273 -49.03 76.54 24.27
N GLU T 274 -49.78 77.55 24.71
CA GLU T 274 -49.99 78.74 23.88
C GLU T 274 -48.69 79.53 23.69
N ILE T 275 -48.55 80.10 22.49
CA ILE T 275 -47.31 80.74 22.08
C ILE T 275 -47.00 81.98 22.90
N TRP T 276 -48.02 82.73 23.32
CA TRP T 276 -47.83 83.89 24.20
C TRP T 276 -47.45 83.53 25.62
N THR T 277 -47.33 82.24 25.95
CA THR T 277 -46.62 81.87 27.16
C THR T 277 -45.16 82.31 27.13
N LEU T 278 -44.57 82.39 25.94
CA LEU T 278 -43.15 82.71 25.78
C LEU T 278 -42.84 84.20 25.64
N CYS T 279 -43.82 85.06 25.38
CA CYS T 279 -43.51 86.48 25.22
C CYS T 279 -43.25 87.12 26.58
N SER T 280 -42.31 88.05 26.60
CA SER T 280 -41.81 88.61 27.86
C SER T 280 -42.76 89.61 28.51
N SER T 281 -43.61 90.27 27.73
CA SER T 281 -44.49 91.30 28.27
C SER T 281 -45.92 90.80 28.38
N GLU T 282 -46.50 90.97 29.57
CA GLU T 282 -47.90 90.61 29.78
C GLU T 282 -48.83 91.44 28.89
N ALA T 283 -48.46 92.69 28.62
CA ALA T 283 -49.23 93.50 27.68
C ALA T 283 -49.15 92.97 26.26
N GLN T 284 -48.02 92.37 25.87
CA GLN T 284 -47.95 91.67 24.60
C GLN T 284 -48.79 90.40 24.63
N ALA T 285 -48.71 89.64 25.73
CA ALA T 285 -49.51 88.42 25.85
C ALA T 285 -51.00 88.72 25.77
N GLU T 286 -51.45 89.79 26.43
CA GLU T 286 -52.84 90.20 26.36
C GLU T 286 -53.28 90.49 24.93
N ALA T 287 -52.47 91.24 24.18
CA ALA T 287 -52.81 91.52 22.79
C ALA T 287 -52.83 90.25 21.94
N MET T 288 -51.82 89.39 22.10
CA MET T 288 -51.81 88.15 21.32
C MET T 288 -52.96 87.22 21.70
N ARG T 289 -53.17 86.98 22.99
CA ARG T 289 -54.29 86.15 23.42
C ARG T 289 -55.62 86.74 22.98
N LYS T 290 -55.80 88.04 23.14
CA LYS T 290 -57.03 88.69 22.67
C LYS T 290 -57.23 88.51 21.17
N HIS T 291 -56.17 88.70 20.38
CA HIS T 291 -56.30 88.46 18.94
C HIS T 291 -56.58 86.99 18.64
N TYR T 292 -55.93 86.06 19.35
CA TYR T 292 -56.07 84.65 19.03
C TYR T 292 -57.53 84.21 19.07
N ASP T 293 -58.26 84.59 20.12
CA ASP T 293 -59.61 84.09 20.34
C ASP T 293 -60.69 85.05 19.87
N ASP T 294 -60.38 86.33 19.72
CA ASP T 294 -61.33 87.27 19.15
C ASP T 294 -61.37 87.20 17.62
N VAL T 295 -60.27 86.83 16.97
CA VAL T 295 -60.18 86.95 15.52
C VAL T 295 -59.71 85.65 14.89
N TRP T 296 -58.49 85.23 15.24
CA TRP T 296 -57.81 84.21 14.44
C TRP T 296 -58.44 82.84 14.60
N ALA T 297 -58.61 82.38 15.83
CA ALA T 297 -59.24 81.07 16.05
C ALA T 297 -60.68 81.01 15.57
N PRO T 298 -61.52 82.03 15.75
CA PRO T 298 -62.83 82.04 15.06
C PRO T 298 -62.73 81.87 13.56
N ALA T 299 -61.95 82.71 12.88
CA ALA T 299 -61.81 82.62 11.43
C ALA T 299 -61.28 81.27 10.99
N GLN T 300 -60.26 80.75 11.68
CA GLN T 300 -59.74 79.44 11.33
C GLN T 300 -60.78 78.34 11.53
N SER T 301 -61.54 78.40 12.63
CA SER T 301 -62.58 77.41 12.85
C SER T 301 -63.67 77.48 11.77
N GLU T 302 -64.06 78.69 11.41
CA GLU T 302 -65.09 78.86 10.37
C GLU T 302 -64.61 78.38 9.01
N LYS T 303 -63.35 78.65 8.68
CA LYS T 303 -62.79 78.23 7.41
C LYS T 303 -62.63 76.72 7.31
N TYR T 304 -63.00 75.97 8.34
CA TYR T 304 -62.98 74.50 8.29
C TYR T 304 -64.38 73.92 8.48
N ARG T 305 -65.40 74.78 8.42
CA ARG T 305 -66.78 74.33 8.51
C ARG T 305 -67.25 73.86 7.14
N VAL T 306 -67.91 72.71 7.09
CA VAL T 306 -68.22 72.03 5.84
C VAL T 306 -69.72 72.11 5.58
N LYS T 307 -70.08 72.62 4.41
CA LYS T 307 -71.46 72.60 3.95
C LYS T 307 -71.87 71.20 3.52
N ALA T 308 -73.16 70.93 3.55
CA ALA T 308 -73.69 69.77 2.87
C ALA T 308 -74.13 70.12 1.45
N ASN T 309 -74.15 69.12 0.58
CA ASN T 309 -74.78 69.24 -0.72
C ASN T 309 -76.27 69.51 -0.56
N TYR T 310 -76.86 70.17 -1.56
CA TYR T 310 -78.26 70.53 -1.52
C TYR T 310 -78.92 70.30 -2.88
N ILE T 311 -80.23 70.10 -2.85
CA ILE T 311 -81.01 69.93 -4.07
C ILE T 311 -81.24 71.29 -4.71
N ASP T 312 -80.93 71.39 -6.00
CA ASP T 312 -81.19 72.59 -6.77
C ASP T 312 -82.19 72.41 -7.91
N GLN T 313 -82.48 71.19 -8.34
CA GLN T 313 -83.41 70.99 -9.43
C GLN T 313 -84.06 69.61 -9.31
N LEU T 314 -85.36 69.55 -9.62
CA LEU T 314 -86.13 68.32 -9.64
C LEU T 314 -86.76 68.11 -11.01
N VAL T 315 -86.87 66.85 -11.41
CA VAL T 315 -87.58 66.46 -12.63
C VAL T 315 -88.30 65.14 -12.38
N VAL T 316 -89.31 64.88 -13.20
CA VAL T 316 -90.06 63.63 -13.17
C VAL T 316 -89.91 62.95 -14.53
N ILE T 317 -89.75 61.63 -14.52
CA ILE T 317 -89.61 60.84 -15.73
C ILE T 317 -90.66 59.73 -15.71
N THR T 318 -91.21 59.44 -16.88
CA THR T 318 -92.33 58.52 -17.04
C THR T 318 -92.05 57.56 -18.17
N GLY T 319 -92.50 56.33 -18.02
CA GLY T 319 -92.34 55.34 -19.06
C GLY T 319 -92.91 54.00 -18.67
N GLY T 320 -92.73 53.04 -19.57
CA GLY T 320 -93.37 51.74 -19.55
C GLY T 320 -92.68 50.63 -18.81
N SER T 321 -91.58 50.89 -18.11
CA SER T 321 -90.88 49.82 -17.40
C SER T 321 -90.18 50.37 -16.18
N SER T 322 -89.86 49.44 -15.27
CA SER T 322 -89.23 49.81 -14.00
C SER T 322 -87.87 50.46 -14.22
N THR T 323 -87.21 50.18 -15.34
CA THR T 323 -85.81 50.49 -15.52
C THR T 323 -85.59 51.78 -16.33
N ILE T 324 -86.66 52.55 -16.57
CA ILE T 324 -86.49 53.86 -17.17
C ILE T 324 -85.57 54.70 -16.28
N GLU T 325 -84.92 55.68 -16.90
CA GLU T 325 -83.68 56.23 -16.35
C GLU T 325 -83.62 57.73 -16.62
N PRO T 326 -83.15 58.52 -15.65
CA PRO T 326 -83.25 59.98 -15.76
C PRO T 326 -82.32 60.54 -16.82
N PRO T 327 -82.46 61.82 -17.16
CA PRO T 327 -81.39 62.52 -17.86
C PRO T 327 -80.09 62.49 -17.06
N VAL T 328 -78.98 62.45 -17.79
CA VAL T 328 -77.70 62.05 -17.20
C VAL T 328 -77.33 62.91 -16.01
N GLY T 329 -77.74 64.18 -16.01
CA GLY T 329 -77.41 65.07 -14.90
C GLY T 329 -78.10 64.74 -13.60
N TYR T 330 -79.18 63.97 -13.64
CA TYR T 330 -80.01 63.71 -12.47
C TYR T 330 -79.81 62.29 -11.96
N SER T 331 -80.24 62.05 -10.73
CA SER T 331 -80.31 60.73 -10.14
C SER T 331 -81.73 60.45 -9.65
N LYS T 332 -82.09 59.18 -9.61
CA LYS T 332 -83.48 58.76 -9.51
C LYS T 332 -83.82 58.30 -8.09
N ILE T 333 -84.96 58.77 -7.60
CA ILE T 333 -85.60 58.19 -6.43
C ILE T 333 -86.36 56.94 -6.89
N GLU T 334 -85.91 55.78 -6.43
CA GLU T 334 -86.32 54.47 -6.97
C GLU T 334 -87.74 54.07 -6.58
N TYR T 335 -88.61 54.91 -6.02
CA TYR T 335 -89.97 54.49 -5.65
C TYR T 335 -90.96 55.03 -6.66
N ASP T 336 -91.73 54.13 -7.27
CA ASP T 336 -92.63 54.50 -8.36
C ASP T 336 -93.81 55.30 -7.80
N LEU T 337 -94.02 56.51 -8.33
CA LEU T 337 -95.15 57.35 -7.96
C LEU T 337 -96.49 56.84 -8.49
N ASN T 338 -96.53 55.67 -9.12
CA ASN T 338 -97.77 54.94 -9.34
C ASN T 338 -97.69 53.51 -8.81
N ALA T 339 -96.83 53.26 -7.81
CA ALA T 339 -96.68 51.92 -7.26
C ALA T 339 -98.03 51.37 -6.83
N GLY T 340 -98.41 50.25 -7.44
CA GLY T 340 -99.69 49.64 -7.22
C GLY T 340 -100.86 50.31 -7.91
N ALA T 341 -100.66 51.47 -8.52
CA ALA T 341 -101.72 52.20 -9.20
C ALA T 341 -101.80 51.87 -10.68
N GLY T 342 -100.91 51.01 -11.18
CA GLY T 342 -100.87 50.71 -12.60
C GLY T 342 -100.47 51.92 -13.43
N GLY T 343 -100.80 51.84 -14.72
CA GLY T 343 -100.47 52.90 -15.66
C GLY T 343 -98.99 52.92 -16.03
N ASP T 344 -98.50 54.14 -16.26
CA ASP T 344 -97.06 54.34 -16.44
C ASP T 344 -96.31 54.24 -15.13
N PHE T 345 -95.09 53.73 -15.20
CA PHE T 345 -94.11 53.96 -14.15
C PHE T 345 -93.71 55.43 -14.12
N ILE T 346 -93.65 56.01 -12.92
CA ILE T 346 -93.29 57.40 -12.73
C ILE T 346 -92.25 57.49 -11.62
N TYR T 347 -91.17 58.22 -11.86
CA TYR T 347 -90.12 58.42 -10.87
C TYR T 347 -89.78 59.89 -10.74
N LEU T 348 -89.47 60.31 -9.51
CA LEU T 348 -89.00 61.66 -9.22
C LEU T 348 -87.48 61.66 -9.18
N CYS T 349 -86.87 62.64 -9.82
CA CYS T 349 -85.42 62.71 -9.97
C CYS T 349 -84.93 64.09 -9.56
N TYR T 350 -83.69 64.16 -9.09
CA TYR T 350 -83.16 65.38 -8.50
C TYR T 350 -81.71 65.58 -8.95
N HIS T 351 -81.28 66.85 -8.87
CA HIS T 351 -79.87 67.23 -8.95
C HIS T 351 -79.45 67.78 -7.59
N GLU T 352 -78.31 67.30 -7.08
CA GLU T 352 -77.72 67.82 -5.86
C GLU T 352 -76.47 68.64 -6.21
N GLN T 353 -76.46 69.89 -5.77
CA GLN T 353 -75.46 70.87 -6.16
C GLN T 353 -74.37 70.97 -5.09
N THR T 354 -73.12 70.98 -5.52
CA THR T 354 -72.02 71.30 -4.61
C THR T 354 -72.01 72.80 -4.34
N TRP T 355 -71.95 73.15 -3.06
CA TRP T 355 -71.88 74.56 -2.67
C TRP T 355 -70.54 75.18 -3.08
N GLN T 356 -70.61 76.42 -3.54
CA GLN T 356 -69.45 77.18 -3.97
C GLN T 356 -69.50 78.57 -3.35
N ALA T 357 -68.37 79.03 -2.83
CA ALA T 357 -68.36 80.27 -2.06
C ALA T 357 -68.66 81.48 -2.94
N ASP T 358 -68.17 81.50 -4.18
CA ASP T 358 -68.30 82.66 -5.04
C ASP T 358 -69.51 82.61 -5.96
N ARG T 359 -70.17 81.46 -6.09
CA ARG T 359 -71.35 81.37 -6.95
C ARG T 359 -72.28 80.27 -6.47
N PRO T 360 -72.85 80.40 -5.27
CA PRO T 360 -73.93 79.50 -4.87
C PRO T 360 -75.14 79.67 -5.77
N LYS T 361 -75.73 78.55 -6.17
CA LYS T 361 -76.97 78.57 -6.91
C LYS T 361 -78.14 78.81 -5.96
N ASP T 362 -79.35 78.81 -6.49
CA ASP T 362 -80.53 78.52 -5.69
C ASP T 362 -80.51 77.06 -5.23
N ALA T 363 -80.99 76.84 -4.01
CA ALA T 363 -81.51 75.55 -3.60
C ALA T 363 -83.02 75.49 -3.82
N VAL T 364 -83.55 74.28 -3.91
CA VAL T 364 -84.96 74.06 -3.62
C VAL T 364 -85.20 74.29 -2.15
N THR T 365 -86.25 75.03 -1.82
CA THR T 365 -86.58 75.34 -0.43
C THR T 365 -87.99 74.99 -0.02
N ASP T 366 -88.92 74.76 -0.94
CA ASP T 366 -90.23 74.24 -0.59
C ASP T 366 -90.79 73.41 -1.74
N ILE T 367 -91.67 72.49 -1.40
CA ILE T 367 -92.34 71.65 -2.39
C ILE T 367 -93.81 71.57 -2.03
N ARG T 368 -94.67 71.56 -3.05
CA ARG T 368 -96.11 71.46 -2.86
C ARG T 368 -96.69 70.59 -3.96
N ILE T 369 -97.86 70.02 -3.69
CA ILE T 369 -98.67 69.32 -4.68
C ILE T 369 -99.99 70.05 -4.85
N ILE T 370 -100.33 70.34 -6.10
CA ILE T 370 -101.42 71.27 -6.42
C ILE T 370 -102.62 70.59 -7.06
N PHE T 371 -102.48 69.33 -7.49
CA PHE T 371 -103.57 68.53 -8.05
C PHE T 371 -104.23 69.24 -9.25
N ASN T 372 -105.53 68.96 -9.43
CA ASN T 372 -106.19 68.99 -10.73
C ASN T 372 -106.03 70.33 -11.47
N LYS T 373 -106.57 71.41 -10.89
CA LYS T 373 -106.69 72.68 -11.61
C LYS T 373 -106.23 73.89 -10.81
N GLU T 374 -105.83 73.72 -9.56
CA GLU T 374 -105.45 74.88 -8.76
C GLU T 374 -104.25 75.57 -9.42
N PRO T 375 -104.24 76.90 -9.46
CA PRO T 375 -103.10 77.61 -10.05
C PRO T 375 -101.83 77.37 -9.27
N THR T 376 -100.71 77.47 -9.99
CA THR T 376 -99.42 77.29 -9.36
C THR T 376 -99.19 78.38 -8.32
N PRO T 377 -98.80 78.04 -7.09
CA PRO T 377 -98.64 79.05 -6.05
C PRO T 377 -97.58 80.08 -6.41
N PRO T 378 -97.67 81.28 -5.85
CA PRO T 378 -96.85 82.40 -6.32
C PRO T 378 -95.36 82.13 -6.25
N GLY T 379 -94.71 82.15 -7.41
CA GLY T 379 -93.29 81.93 -7.54
C GLY T 379 -92.82 80.49 -7.53
N TYR T 380 -93.73 79.52 -7.44
CA TYR T 380 -93.34 78.13 -7.58
C TYR T 380 -93.22 77.76 -9.05
N THR T 381 -92.29 76.86 -9.34
CA THR T 381 -92.28 76.13 -10.59
C THR T 381 -93.20 74.91 -10.51
N LYS T 382 -93.61 74.43 -11.68
CA LYS T 382 -94.45 73.24 -11.78
C LYS T 382 -93.84 72.28 -12.80
N LEU T 383 -93.81 71.00 -12.43
CA LEU T 383 -93.44 69.95 -13.37
C LEU T 383 -94.64 69.56 -14.24
N PRO T 384 -94.46 69.45 -15.56
CA PRO T 384 -95.62 69.24 -16.45
C PRO T 384 -96.18 67.83 -16.43
N GLN T 385 -95.43 66.84 -16.00
CA GLN T 385 -95.92 65.47 -15.98
C GLN T 385 -97.01 65.30 -14.94
N ASP T 386 -98.10 64.65 -15.35
CA ASP T 386 -99.11 64.17 -14.41
C ASP T 386 -98.58 62.97 -13.64
N LEU T 387 -98.56 63.07 -12.32
CA LEU T 387 -98.06 62.01 -11.45
C LEU T 387 -99.09 60.91 -11.23
N ASN T 388 -100.18 60.90 -11.99
CA ASN T 388 -101.01 59.72 -12.17
C ASN T 388 -101.15 59.33 -13.64
N LYS T 389 -100.23 59.79 -14.49
CA LYS T 389 -100.28 59.44 -15.90
C LYS T 389 -100.43 57.94 -16.09
N GLY T 390 -101.46 57.55 -16.84
CA GLY T 390 -101.85 56.17 -17.03
C GLY T 390 -102.56 55.53 -15.85
N ALA T 391 -102.46 56.10 -14.66
CA ALA T 391 -103.08 55.50 -13.47
C ALA T 391 -104.52 55.91 -13.31
N GLY T 392 -105.00 56.89 -14.08
CA GLY T 392 -106.33 57.43 -13.89
C GLY T 392 -106.37 58.42 -12.74
N GLY T 393 -107.41 58.32 -11.92
CA GLY T 393 -107.53 59.19 -10.77
C GLY T 393 -107.64 60.65 -11.16
N ASP T 394 -107.28 61.51 -10.20
CA ASP T 394 -107.17 62.93 -10.44
C ASP T 394 -105.79 63.26 -11.02
N ASP T 395 -105.72 64.39 -11.74
CA ASP T 395 -104.44 64.85 -12.27
C ASP T 395 -103.59 65.42 -11.14
N VAL T 396 -102.38 64.88 -10.98
CA VAL T 396 -101.48 65.23 -9.89
C VAL T 396 -100.26 65.93 -10.48
N PHE T 397 -99.92 67.10 -9.94
CA PHE T 397 -98.72 67.82 -10.33
C PHE T 397 -97.96 68.28 -9.09
N LEU T 398 -96.64 68.17 -9.14
CA LEU T 398 -95.76 68.60 -8.07
C LEU T 398 -95.11 69.93 -8.41
N CYS T 399 -95.11 70.84 -7.44
CA CYS T 399 -94.54 72.18 -7.58
C CYS T 399 -93.47 72.38 -6.52
N TYR T 400 -92.47 73.18 -6.84
CA TYR T 400 -91.41 73.48 -5.88
C TYR T 400 -90.91 74.91 -6.06
N LYS T 401 -90.44 75.49 -4.96
CA LYS T 401 -89.92 76.84 -4.90
C LYS T 401 -88.41 76.80 -4.71
N THR T 402 -87.71 77.67 -5.42
CA THR T 402 -86.26 77.78 -5.30
C THR T 402 -85.87 79.18 -4.83
N GLU T 403 -84.83 79.24 -4.02
CA GLU T 403 -84.37 80.47 -3.39
C GLU T 403 -82.86 80.39 -3.22
N ALA T 404 -82.24 81.57 -3.12
CA ALA T 404 -80.79 81.63 -2.96
C ALA T 404 -80.36 80.84 -1.75
N TYR T 405 -79.20 80.20 -1.86
CA TYR T 405 -78.78 79.20 -0.88
C TYR T 405 -78.72 79.79 0.53
N ASN T 406 -79.24 79.04 1.49
CA ASN T 406 -78.98 79.30 2.90
C ASN T 406 -78.98 77.96 3.62
N THR T 407 -77.98 77.74 4.47
CA THR T 407 -77.90 76.47 5.20
C THR T 407 -79.13 76.21 6.06
N ASP T 408 -79.83 77.27 6.47
CA ASP T 408 -81.02 77.11 7.29
C ASP T 408 -82.19 76.49 6.52
N THR T 409 -82.16 76.52 5.19
CA THR T 409 -83.35 76.19 4.41
C THR T 409 -83.08 75.43 3.13
N ALA T 410 -81.86 75.40 2.61
CA ALA T 410 -81.56 74.56 1.45
C ALA T 410 -81.84 73.10 1.76
N ILE T 411 -82.77 72.51 1.01
CA ILE T 411 -83.13 71.12 1.20
C ILE T 411 -81.97 70.24 0.76
N ASN T 412 -81.51 69.38 1.66
CA ASN T 412 -80.38 68.51 1.35
C ASN T 412 -80.80 67.20 0.70
N LYS T 413 -81.92 66.60 1.12
CA LYS T 413 -82.36 65.36 0.52
C LYS T 413 -83.88 65.34 0.42
N VAL T 414 -84.37 64.54 -0.53
CA VAL T 414 -85.78 64.22 -0.67
C VAL T 414 -85.92 62.72 -0.88
N THR T 415 -87.08 62.19 -0.49
CA THR T 415 -87.43 60.81 -0.79
C THR T 415 -88.94 60.69 -0.92
N VAL T 416 -89.38 59.61 -1.56
CA VAL T 416 -90.80 59.28 -1.71
C VAL T 416 -91.08 57.99 -0.96
N ILE T 417 -92.12 58.03 -0.11
CA ILE T 417 -92.50 56.93 0.77
C ILE T 417 -93.96 56.60 0.51
N GLY T 418 -94.30 55.32 0.59
CA GLY T 418 -95.66 54.91 0.31
C GLY T 418 -96.02 53.59 0.95
N GLY T 419 -97.32 53.39 1.12
CA GLY T 419 -97.81 52.20 1.78
C GLY T 419 -99.32 52.20 1.80
N ASN T 420 -99.89 51.21 2.50
CA ASN T 420 -101.34 51.09 2.54
C ASN T 420 -102.00 52.11 3.47
N ASN T 421 -101.31 52.54 4.52
CA ASN T 421 -101.88 53.49 5.46
C ASN T 421 -101.77 54.91 4.89
N ALA T 422 -102.79 55.73 5.13
CA ALA T 422 -102.67 57.14 4.83
C ALA T 422 -101.74 57.86 5.81
N ASP T 423 -101.84 57.56 7.10
CA ASP T 423 -100.94 58.07 8.12
C ASP T 423 -99.62 57.32 8.15
N ILE T 424 -98.81 57.44 7.10
CA ILE T 424 -97.53 56.73 7.06
C ILE T 424 -96.43 57.65 7.60
N ASN T 425 -95.39 57.03 8.17
CA ASN T 425 -94.32 57.75 8.84
C ASN T 425 -93.16 58.00 7.88
N ALA T 426 -92.71 59.24 7.82
CA ALA T 426 -91.48 59.60 7.14
C ALA T 426 -90.26 59.15 7.95
N PRO T 427 -89.11 59.01 7.29
CA PRO T 427 -87.86 58.76 8.03
C PRO T 427 -87.57 59.89 9.00
N TYR T 428 -86.80 59.56 10.04
CA TYR T 428 -86.53 60.51 11.10
C TYR T 428 -85.90 61.78 10.56
N GLY T 429 -86.46 62.92 10.97
CA GLY T 429 -85.98 64.22 10.54
C GLY T 429 -86.49 64.67 9.18
N TYR T 430 -87.09 63.78 8.39
CA TYR T 430 -87.76 64.21 7.18
C TYR T 430 -89.12 64.79 7.48
N LEU T 431 -89.54 65.73 6.66
CA LEU T 431 -90.90 66.26 6.64
C LEU T 431 -91.57 65.85 5.34
N LYS T 432 -92.74 65.20 5.44
CA LYS T 432 -93.50 64.84 4.25
C LYS T 432 -94.47 65.95 3.89
N VAL T 433 -94.65 66.14 2.58
CA VAL T 433 -95.62 67.10 2.07
C VAL T 433 -97.04 66.56 2.18
N PRO T 434 -98.04 67.41 2.38
CA PRO T 434 -99.43 66.95 2.32
C PRO T 434 -99.86 66.60 0.90
N GLY T 435 -100.85 65.71 0.83
CA GLY T 435 -101.39 65.27 -0.45
C GLY T 435 -100.80 63.99 -0.98
N ASP T 436 -101.63 63.16 -1.61
CA ASP T 436 -101.25 61.83 -2.05
C ASP T 436 -100.96 61.85 -3.54
N LEU T 437 -99.78 61.37 -3.92
CA LEU T 437 -99.40 61.27 -5.33
C LEU T 437 -100.14 60.16 -6.06
N ASN T 438 -101.05 59.45 -5.40
CA ASN T 438 -102.04 58.61 -6.07
C ASN T 438 -103.47 58.99 -5.72
N ARG T 439 -103.71 60.24 -5.31
CA ARG T 439 -105.05 60.67 -4.96
C ARG T 439 -106.03 60.29 -6.07
N GLY T 440 -107.10 59.60 -5.68
CA GLY T 440 -108.11 59.12 -6.60
C GLY T 440 -107.72 57.90 -7.40
N ALA T 441 -106.44 57.57 -7.47
CA ALA T 441 -106.02 56.34 -8.13
C ALA T 441 -106.07 55.19 -7.13
N GLY T 442 -105.88 53.97 -7.63
CA GLY T 442 -105.69 52.83 -6.76
C GLY T 442 -104.34 52.80 -6.08
N GLY T 443 -103.96 51.63 -5.57
CA GLY T 443 -102.66 51.38 -5.01
C GLY T 443 -102.36 52.08 -3.70
N ASN T 444 -101.06 52.24 -3.45
CA ASN T 444 -100.56 52.82 -2.22
C ASN T 444 -100.86 54.32 -2.12
N PHE T 445 -100.93 54.81 -0.89
CA PHE T 445 -100.66 56.22 -0.63
C PHE T 445 -99.17 56.51 -0.81
N ILE T 446 -98.86 57.65 -1.41
CA ILE T 446 -97.48 58.03 -1.71
C ILE T 446 -97.28 59.51 -1.38
N TYR T 447 -96.18 59.81 -0.69
CA TYR T 447 -95.89 61.17 -0.23
C TYR T 447 -94.43 61.49 -0.47
N ALA T 448 -94.15 62.75 -0.78
CA ALA T 448 -92.78 63.24 -0.87
C ALA T 448 -92.26 63.75 0.47
N CYS T 449 -91.13 63.20 0.90
CA CYS T 449 -90.46 63.60 2.14
C CYS T 449 -89.23 64.46 1.84
N THR T 450 -89.03 65.49 2.65
CA THR T 450 -87.96 66.46 2.46
C THR T 450 -87.12 66.50 3.73
N PHE T 451 -85.81 66.68 3.56
CA PHE T 451 -84.86 66.73 4.67
C PHE T 451 -83.95 67.93 4.53
N VAL T 452 -83.80 68.67 5.63
CA VAL T 452 -82.88 69.82 5.69
C VAL T 452 -81.92 69.57 6.85
N GLY T 453 -80.63 69.67 6.57
CA GLY T 453 -79.61 69.46 7.58
C GLY T 453 -79.44 70.60 8.55
N LYS T 454 -79.69 71.83 8.09
CA LYS T 454 -79.37 73.03 8.86
C LYS T 454 -77.88 73.05 9.18
N THR U 1 -21.13 65.96 4.48
CA THR U 1 -22.24 65.49 3.59
C THR U 1 -23.52 66.23 3.92
N VAL U 2 -24.08 66.91 2.93
CA VAL U 2 -25.30 67.69 3.10
C VAL U 2 -26.51 66.80 2.91
N LEU U 3 -27.55 67.06 3.69
CA LEU U 3 -28.78 66.30 3.56
C LEU U 3 -29.45 66.58 2.22
N PRO U 4 -29.92 65.57 1.51
CA PRO U 4 -30.67 65.82 0.27
C PRO U 4 -31.87 66.72 0.53
N GLY U 5 -31.99 67.77 -0.29
CA GLY U 5 -33.07 68.73 -0.18
C GLY U 5 -32.62 70.10 0.25
N VAL U 6 -31.43 70.21 0.85
CA VAL U 6 -30.87 71.52 1.19
C VAL U 6 -30.65 72.34 -0.08
N GLU U 7 -30.41 71.70 -1.22
CA GLU U 7 -30.33 72.42 -2.48
C GLU U 7 -31.69 72.95 -2.93
N ALA U 8 -32.79 72.42 -2.42
CA ALA U 8 -34.13 72.72 -2.93
C ALA U 8 -34.93 73.63 -2.03
N ILE U 9 -34.67 73.63 -0.72
CA ILE U 9 -35.27 74.65 0.14
C ILE U 9 -34.72 76.01 -0.26
N GLY U 10 -35.51 77.05 -0.01
CA GLY U 10 -35.13 78.40 -0.37
C GLY U 10 -35.11 78.71 -1.85
N LEU U 11 -35.32 77.71 -2.70
CA LEU U 11 -35.40 77.92 -4.14
C LEU U 11 -36.53 78.88 -4.49
N GLY U 12 -36.21 79.89 -5.31
CA GLY U 12 -37.22 80.84 -5.74
C GLY U 12 -38.20 80.17 -6.68
N TYR U 13 -39.49 80.34 -6.44
CA TYR U 13 -40.53 79.47 -6.98
C TYR U 13 -41.61 80.29 -7.66
N ASN U 14 -42.16 79.77 -8.76
CA ASN U 14 -43.33 80.36 -9.38
C ASN U 14 -44.54 79.45 -9.16
N PRO U 15 -45.49 79.85 -8.29
CA PRO U 15 -46.65 79.00 -8.03
C PRO U 15 -47.40 78.49 -9.25
N PHE U 16 -47.62 79.37 -10.23
CA PHE U 16 -48.38 79.04 -11.43
C PHE U 16 -47.75 77.98 -12.30
N ILE U 17 -46.42 77.95 -12.42
CA ILE U 17 -45.81 77.01 -13.37
C ILE U 17 -46.15 75.57 -13.02
N SER U 18 -46.02 75.18 -11.76
CA SER U 18 -46.32 73.79 -11.43
C SER U 18 -46.53 73.60 -9.95
N TYR U 19 -46.97 72.39 -9.60
CA TYR U 19 -47.17 71.98 -8.21
C TYR U 19 -46.03 71.08 -7.76
N ALA U 20 -45.37 71.45 -6.66
CA ALA U 20 -44.49 70.53 -5.94
C ALA U 20 -43.41 69.95 -6.86
N SER U 21 -42.96 70.75 -7.81
CA SER U 21 -41.87 70.38 -8.70
C SER U 21 -40.82 71.47 -8.69
N VAL U 22 -39.55 71.05 -8.77
CA VAL U 22 -38.45 72.00 -8.78
C VAL U 22 -38.31 72.72 -10.12
N ASN U 23 -38.87 72.16 -11.18
CA ASN U 23 -38.89 72.83 -12.48
C ASN U 23 -39.65 74.16 -12.41
N SER U 24 -40.49 74.34 -11.40
CA SER U 24 -41.23 75.58 -11.22
C SER U 24 -40.42 76.67 -10.51
N GLY U 25 -39.20 76.41 -10.06
CA GLY U 25 -38.37 77.42 -9.43
C GLY U 25 -37.11 77.73 -10.24
N ALA U 26 -36.76 79.02 -10.25
CA ALA U 26 -35.60 79.53 -10.97
C ALA U 26 -34.45 79.93 -10.03
N VAL U 27 -33.50 79.02 -9.83
CA VAL U 27 -32.24 79.26 -9.11
C VAL U 27 -32.44 79.47 -7.60
N GLN U 28 -31.39 79.19 -6.82
CA GLN U 28 -31.42 79.20 -5.37
C GLN U 28 -30.99 80.59 -4.88
N LEU U 29 -31.86 81.23 -4.10
CA LEU U 29 -31.55 82.54 -3.53
C LEU U 29 -30.57 82.52 -2.36
N PHE U 30 -30.49 81.45 -1.57
CA PHE U 30 -29.67 81.45 -0.37
C PHE U 30 -28.40 80.63 -0.51
N ASP U 31 -27.32 81.13 0.11
CA ASP U 31 -26.01 80.51 0.06
C ASP U 31 -25.88 79.62 1.29
N TRP U 32 -25.81 78.31 1.09
CA TRP U 32 -25.68 77.38 2.21
C TRP U 32 -24.37 76.62 2.23
N ALA U 33 -23.43 76.90 1.33
CA ALA U 33 -22.11 76.30 1.46
C ALA U 33 -21.31 77.01 2.55
N THR U 34 -21.37 78.35 2.56
CA THR U 34 -20.67 79.14 3.57
C THR U 34 -21.31 79.00 4.94
N ALA U 35 -22.63 78.91 5.01
CA ALA U 35 -23.34 78.97 6.28
C ALA U 35 -22.92 77.85 7.22
N LYS U 36 -22.99 78.17 8.51
CA LYS U 36 -22.73 77.21 9.58
C LYS U 36 -23.68 76.02 9.49
N LYS U 37 -23.12 74.81 9.59
CA LYS U 37 -23.88 73.58 9.48
C LYS U 37 -24.33 73.06 10.85
N ARG U 38 -25.37 72.22 10.80
CA ARG U 38 -25.83 71.42 11.93
C ARG U 38 -26.00 69.99 11.47
N GLU U 39 -25.64 69.04 12.33
CA GLU U 39 -25.87 67.63 12.02
C GLU U 39 -27.35 67.29 12.21
N VAL U 40 -27.87 66.45 11.33
CA VAL U 40 -29.28 66.05 11.37
C VAL U 40 -29.48 65.04 12.49
N PRO U 41 -30.36 65.31 13.46
CA PRO U 41 -30.45 64.41 14.63
C PRO U 41 -30.73 62.96 14.26
N PHE U 42 -31.66 62.72 13.34
CA PHE U 42 -32.08 61.38 12.98
C PHE U 42 -31.21 60.75 11.88
N LYS U 43 -30.32 61.51 11.24
CA LYS U 43 -29.45 60.99 10.17
C LYS U 43 -28.03 61.50 10.42
N ALA U 44 -27.41 60.96 11.47
CA ALA U 44 -26.01 61.23 11.76
C ALA U 44 -25.14 60.90 10.55
N GLY U 45 -24.21 61.81 10.25
CA GLY U 45 -23.47 61.79 9.01
C GLY U 45 -24.02 62.68 7.91
N TYR U 46 -25.17 63.30 8.11
CA TYR U 46 -25.69 64.30 7.19
C TYR U 46 -25.87 65.61 7.93
N PHE U 47 -25.64 66.72 7.22
CA PHE U 47 -25.64 68.03 7.83
C PHE U 47 -26.56 68.97 7.07
N VAL U 48 -27.05 69.98 7.77
CA VAL U 48 -27.87 71.04 7.18
C VAL U 48 -27.40 72.37 7.73
N PRO U 49 -27.66 73.46 7.00
CA PRO U 49 -27.45 74.78 7.60
C PRO U 49 -28.30 74.94 8.85
N GLU U 50 -27.73 75.60 9.87
CA GLU U 50 -28.38 75.61 11.18
C GLU U 50 -29.71 76.35 11.14
N ILE U 51 -29.94 77.18 10.13
CA ILE U 51 -31.18 77.95 10.07
C ILE U 51 -32.38 77.04 9.82
N VAL U 52 -32.20 76.01 9.00
CA VAL U 52 -33.34 75.18 8.61
C VAL U 52 -33.68 74.19 9.71
N ASP U 53 -34.97 73.94 9.87
CA ASP U 53 -35.51 72.92 10.76
C ASP U 53 -35.94 71.73 9.93
N VAL U 54 -35.33 70.58 10.17
CA VAL U 54 -35.66 69.35 9.44
C VAL U 54 -36.37 68.40 10.39
N GLN U 55 -37.58 68.01 10.02
CA GLN U 55 -38.37 67.02 10.75
C GLN U 55 -38.46 65.75 9.91
N GLN U 56 -38.17 64.61 10.52
CA GLN U 56 -38.58 63.35 9.91
C GLN U 56 -40.09 63.24 9.93
N ASN U 57 -40.67 62.77 8.84
CA ASN U 57 -42.11 62.56 8.77
C ASN U 57 -42.42 61.38 7.84
N ASP U 58 -41.72 60.27 8.01
CA ASP U 58 -41.88 59.12 7.14
C ASP U 58 -43.33 58.62 7.14
N SER U 59 -44.04 58.86 6.04
CA SER U 59 -45.47 58.64 5.98
C SER U 59 -45.92 58.69 4.52
N ALA U 60 -46.26 57.52 3.99
CA ALA U 60 -46.98 57.41 2.72
C ALA U 60 -48.35 58.06 2.85
N THR U 61 -48.68 58.95 1.92
CA THR U 61 -49.75 59.91 2.09
C THR U 61 -50.42 60.16 0.75
N TYR U 62 -51.67 60.62 0.80
CA TYR U 62 -52.47 60.89 -0.39
C TYR U 62 -52.79 62.37 -0.49
N THR U 63 -52.67 62.92 -1.69
CA THR U 63 -53.28 64.20 -2.05
C THR U 63 -54.12 63.96 -3.30
N ASN U 64 -55.42 64.21 -3.20
CA ASN U 64 -56.33 63.98 -4.32
C ASN U 64 -57.09 65.27 -4.65
N VAL U 65 -57.19 65.57 -5.94
CA VAL U 65 -57.83 66.77 -6.45
C VAL U 65 -58.83 66.33 -7.50
N SER U 66 -60.03 66.92 -7.48
CA SER U 66 -61.05 66.50 -8.42
C SER U 66 -61.98 67.67 -8.71
N GLY U 67 -62.67 67.58 -9.84
CA GLY U 67 -63.68 68.56 -10.19
C GLY U 67 -64.55 68.12 -11.36
N ASN U 68 -65.84 68.44 -11.30
CA ASN U 68 -66.75 68.07 -12.38
C ASN U 68 -66.42 68.86 -13.65
N THR U 69 -65.64 69.92 -13.53
CA THR U 69 -65.24 70.75 -14.66
C THR U 69 -63.88 71.36 -14.35
N ILE U 70 -63.19 71.77 -15.42
CA ILE U 70 -61.82 72.22 -15.27
C ILE U 70 -61.75 73.43 -14.33
N SER U 71 -62.68 74.37 -14.48
CA SER U 71 -62.65 75.56 -13.64
C SER U 71 -62.88 75.18 -12.18
N GLU U 72 -63.56 74.06 -11.93
CA GLU U 72 -63.64 73.53 -10.58
C GLU U 72 -62.35 72.83 -10.17
N TYR U 73 -61.81 71.99 -11.05
CA TYR U 73 -60.54 71.32 -10.77
C TYR U 73 -59.42 72.32 -10.54
N GLN U 74 -59.39 73.39 -11.33
CA GLN U 74 -58.39 74.44 -11.13
C GLN U 74 -58.52 75.10 -9.76
N ARG U 75 -59.72 75.17 -9.20
CA ARG U 75 -59.87 75.75 -7.87
C ARG U 75 -59.59 74.75 -6.76
N SER U 76 -60.02 73.50 -6.91
CA SER U 76 -59.65 72.48 -5.94
C SER U 76 -58.15 72.19 -5.96
N LEU U 77 -57.50 72.37 -7.11
CA LEU U 77 -56.05 72.34 -7.16
C LEU U 77 -55.44 73.53 -6.44
N ALA U 78 -55.87 74.74 -6.78
CA ALA U 78 -55.30 75.95 -6.19
C ALA U 78 -55.43 75.95 -4.67
N THR U 79 -56.58 75.49 -4.16
CA THR U 79 -56.82 75.44 -2.72
C THR U 79 -56.19 74.24 -2.03
N SER U 80 -55.47 73.38 -2.77
CA SER U 80 -54.79 72.26 -2.13
C SER U 80 -53.56 72.70 -1.35
N VAL U 81 -53.20 73.97 -1.40
CA VAL U 81 -52.06 74.52 -0.68
C VAL U 81 -52.49 75.81 -0.01
N ALA U 82 -51.98 76.05 1.20
CA ALA U 82 -52.29 77.28 1.92
C ALA U 82 -51.56 78.44 1.25
N ILE U 83 -52.27 79.15 0.38
CA ILE U 83 -51.68 80.24 -0.39
C ILE U 83 -52.77 81.28 -0.62
N GLU U 84 -52.36 82.53 -0.74
CA GLU U 84 -53.29 83.64 -0.74
C GLU U 84 -53.88 83.90 -2.14
N GLY U 85 -55.16 84.23 -2.16
CA GLY U 85 -55.85 84.66 -3.37
C GLY U 85 -56.45 83.55 -4.19
N ARG U 86 -57.32 83.97 -5.11
CA ARG U 86 -58.12 83.08 -5.95
C ARG U 86 -57.41 82.70 -7.24
N TYR U 87 -56.14 83.02 -7.38
CA TYR U 87 -55.44 82.78 -8.64
C TYR U 87 -55.32 81.30 -8.94
N ASN U 88 -55.19 81.00 -10.24
CA ASN U 88 -55.06 79.63 -10.75
C ASN U 88 -53.66 79.08 -10.51
N PHE U 89 -53.28 79.00 -9.24
CA PHE U 89 -51.96 78.47 -8.89
C PHE U 89 -51.81 77.03 -9.38
N PHE U 90 -50.56 76.66 -9.63
CA PHE U 90 -50.23 75.31 -10.11
C PHE U 90 -50.86 74.95 -11.46
N SER U 91 -51.57 75.88 -12.09
CA SER U 91 -52.43 75.52 -13.21
C SER U 91 -51.63 75.19 -14.47
N GLY U 92 -50.34 75.55 -14.51
CA GLY U 92 -49.46 75.09 -15.58
C GLY U 92 -49.30 73.59 -15.67
N SER U 93 -49.55 72.87 -14.58
CA SER U 93 -49.51 71.41 -14.62
C SER U 93 -50.58 70.82 -15.54
N LEU U 94 -51.65 71.56 -15.81
CA LEU U 94 -52.68 71.10 -16.74
C LEU U 94 -52.08 70.71 -18.08
N SER U 95 -51.20 71.55 -18.63
CA SER U 95 -50.62 71.29 -19.94
C SER U 95 -49.89 69.96 -20.03
N THR U 96 -49.56 69.32 -18.91
CA THR U 96 -48.87 68.05 -18.93
C THR U 96 -49.62 66.92 -18.23
N ASP U 97 -50.57 67.23 -17.37
CA ASP U 97 -51.41 66.19 -16.78
C ASP U 97 -52.44 65.66 -17.77
N PHE U 98 -53.02 66.52 -18.59
CA PHE U 98 -54.18 66.18 -19.39
C PHE U 98 -53.93 66.52 -20.86
N ASP U 99 -54.57 65.75 -21.74
CA ASP U 99 -54.54 66.05 -23.17
C ASP U 99 -55.30 67.34 -23.46
N SER U 100 -54.71 68.17 -24.33
CA SER U 100 -55.19 69.54 -24.48
C SER U 100 -56.63 69.56 -24.97
N ASN U 101 -56.98 68.69 -25.92
CA ASN U 101 -58.37 68.57 -26.34
C ASN U 101 -59.27 68.20 -25.16
N SER U 102 -58.77 67.39 -24.24
CA SER U 102 -59.60 66.89 -23.15
C SER U 102 -59.83 67.94 -22.08
N LEU U 103 -58.93 68.91 -21.94
CA LEU U 103 -59.23 70.11 -21.18
C LEU U 103 -60.33 70.93 -21.84
N ARG U 104 -60.28 71.06 -23.16
CA ARG U 104 -61.28 71.82 -23.89
C ARG U 104 -62.61 71.08 -23.99
N ASN U 105 -62.61 69.76 -23.91
CA ASN U 105 -63.82 68.96 -24.01
C ASN U 105 -64.66 69.10 -22.74
N ALA U 106 -65.81 69.78 -22.85
CA ALA U 106 -66.71 69.98 -21.73
C ALA U 106 -67.40 68.72 -21.22
N GLU U 107 -67.31 67.59 -21.92
CA GLU U 107 -67.84 66.33 -21.38
C GLU U 107 -66.92 65.68 -20.35
N ASN U 108 -65.74 66.24 -20.09
CA ASN U 108 -64.80 65.59 -19.19
C ASN U 108 -64.91 66.17 -17.77
N GLU U 109 -64.67 65.28 -16.80
CA GLU U 109 -64.36 65.65 -15.42
C GLU U 109 -63.03 65.03 -15.01
N PHE U 110 -62.34 65.71 -14.09
CA PHE U 110 -60.90 65.56 -13.92
C PHE U 110 -60.58 65.13 -12.49
N THR U 111 -59.66 64.19 -12.35
CA THR U 111 -59.18 63.72 -11.06
C THR U 111 -57.68 63.53 -11.13
N ARG U 112 -56.97 63.98 -10.09
CA ARG U 112 -55.55 63.72 -9.93
C ARG U 112 -55.30 63.04 -8.58
N ILE U 113 -54.76 61.82 -8.63
CA ILE U 113 -54.51 61.00 -7.45
C ILE U 113 -52.99 60.92 -7.25
N GLN U 114 -52.50 61.53 -6.17
CA GLN U 114 -51.08 61.55 -5.84
C GLN U 114 -50.84 60.82 -4.53
N GLN U 115 -50.05 59.75 -4.57
CA GLN U 115 -49.51 59.12 -3.36
C GLN U 115 -48.08 59.64 -3.12
N SER U 116 -47.95 60.59 -2.18
CA SER U 116 -46.64 61.02 -1.72
C SER U 116 -46.01 59.99 -0.80
N ILE U 117 -44.76 59.61 -1.10
CA ILE U 117 -43.98 58.77 -0.19
C ILE U 117 -43.01 59.64 0.59
N ASN U 118 -43.50 60.27 1.66
CA ASN U 118 -42.69 61.20 2.44
C ASN U 118 -41.56 60.49 3.17
N LEU U 119 -40.41 61.17 3.29
CA LEU U 119 -39.31 60.72 4.14
C LEU U 119 -38.98 61.74 5.22
N TRP U 120 -38.67 62.98 4.84
CA TRP U 120 -38.36 64.05 5.79
C TRP U 120 -38.83 65.35 5.16
N SER U 121 -38.89 66.40 5.97
CA SER U 121 -39.29 67.70 5.48
C SER U 121 -38.42 68.79 6.09
N LEU U 122 -37.99 69.73 5.25
CA LEU U 122 -37.12 70.82 5.63
C LEU U 122 -37.96 72.10 5.74
N ARG U 123 -37.75 72.85 6.80
CA ARG U 123 -38.51 74.05 7.09
C ARG U 123 -37.54 75.21 7.27
N LEU U 124 -37.97 76.40 6.87
CA LEU U 124 -37.12 77.59 6.90
C LEU U 124 -37.91 78.75 7.52
N PRO U 125 -37.46 79.30 8.65
CA PRO U 125 -38.26 80.30 9.35
C PRO U 125 -38.18 81.68 8.71
N SER U 126 -39.26 82.44 8.89
CA SER U 126 -39.40 83.79 8.34
C SER U 126 -38.61 84.84 9.11
N VAL U 127 -37.48 84.46 9.72
CA VAL U 127 -36.74 85.40 10.54
C VAL U 127 -36.04 86.44 9.65
N LYS U 128 -35.85 87.62 10.22
CA LYS U 128 -35.24 88.75 9.52
C LYS U 128 -33.81 88.50 9.06
N SER U 129 -33.10 87.57 9.70
CA SER U 129 -31.73 87.27 9.28
C SER U 129 -31.65 86.49 7.97
N LEU U 130 -32.76 86.09 7.36
CA LEU U 130 -32.70 85.42 6.07
C LEU U 130 -31.93 86.26 5.05
N ARG U 131 -32.19 87.57 5.02
CA ARG U 131 -31.48 88.47 4.13
C ARG U 131 -29.96 88.29 4.21
N GLU U 132 -29.44 88.00 5.39
CA GLU U 132 -28.00 87.84 5.54
C GLU U 132 -27.48 86.59 4.84
N LEU U 133 -28.31 85.57 4.68
CA LEU U 133 -27.92 84.34 3.99
C LEU U 133 -28.10 84.37 2.47
N MET U 134 -28.76 85.37 1.90
CA MET U 134 -28.86 85.41 0.45
C MET U 134 -27.48 85.47 -0.19
N LEU U 135 -27.36 84.84 -1.36
CA LEU U 135 -26.17 85.01 -2.18
C LEU U 135 -25.99 86.49 -2.55
N PRO U 136 -24.75 87.00 -2.56
CA PRO U 136 -24.57 88.44 -2.75
C PRO U 136 -25.14 89.00 -4.04
N HIS U 137 -25.00 88.28 -5.15
CA HIS U 137 -25.55 88.77 -6.41
C HIS U 137 -27.07 88.74 -6.42
N MET U 138 -27.67 87.74 -5.77
CA MET U 138 -29.12 87.71 -5.64
C MET U 138 -29.62 88.88 -4.79
N ARG U 139 -28.97 89.12 -3.64
CA ARG U 139 -29.31 90.27 -2.82
C ARG U 139 -29.08 91.58 -3.58
N GLN U 140 -27.94 91.70 -4.27
CA GLN U 140 -27.68 92.90 -5.04
C GLN U 140 -28.73 93.13 -6.12
N GLN U 141 -29.13 92.07 -6.82
CA GLN U 141 -30.16 92.21 -7.85
C GLN U 141 -31.49 92.67 -7.27
N LEU U 142 -31.89 92.06 -6.14
CA LEU U 142 -33.13 92.47 -5.48
C LEU U 142 -33.03 93.90 -4.94
N ASP U 143 -31.86 94.28 -4.42
CA ASP U 143 -31.71 95.62 -3.85
C ASP U 143 -31.72 96.71 -4.93
N GLU U 144 -31.23 96.41 -6.12
CA GLU U 144 -31.22 97.38 -7.21
C GLU U 144 -32.44 97.31 -8.11
N LEU U 145 -33.41 96.46 -7.81
CA LEU U 145 -34.61 96.35 -8.63
C LEU U 145 -35.33 97.69 -8.71
N ASN U 146 -35.48 98.21 -9.93
CA ASN U 146 -36.14 99.49 -10.17
C ASN U 146 -37.66 99.31 -10.11
N VAL U 147 -38.18 99.32 -8.88
CA VAL U 147 -39.62 99.15 -8.67
C VAL U 147 -40.45 100.31 -9.20
N ASN U 148 -39.82 101.37 -9.68
CA ASN U 148 -40.50 102.43 -10.41
C ASN U 148 -40.94 102.01 -11.81
N ASP U 149 -40.45 100.88 -12.33
CA ASP U 149 -40.92 100.36 -13.60
C ASP U 149 -41.67 99.05 -13.39
N PRO U 150 -42.97 99.00 -13.68
CA PRO U 150 -43.69 97.73 -13.57
C PRO U 150 -43.07 96.59 -14.37
N LYS U 151 -42.50 96.90 -15.55
CA LYS U 151 -41.92 95.85 -16.37
C LYS U 151 -40.71 95.22 -15.70
N ALA U 152 -39.94 96.00 -14.95
CA ALA U 152 -38.82 95.46 -14.21
C ALA U 152 -39.28 94.49 -13.12
N ILE U 153 -40.30 94.89 -12.36
CA ILE U 153 -40.84 93.99 -11.34
C ILE U 153 -41.42 92.74 -12.00
N SER U 154 -42.21 92.93 -13.06
CA SER U 154 -42.81 91.80 -13.76
C SER U 154 -41.73 90.86 -14.29
N ARG U 155 -40.67 91.41 -14.88
CA ARG U 155 -39.55 90.57 -15.31
C ARG U 155 -38.87 89.90 -14.13
N TYR U 156 -38.74 90.60 -13.00
CA TYR U 156 -38.16 89.96 -11.82
C TYR U 156 -38.98 88.78 -11.34
N PHE U 157 -40.30 88.97 -11.19
CA PHE U 157 -41.15 87.85 -10.81
C PHE U 157 -41.10 86.73 -11.84
N ASP U 158 -41.10 87.07 -13.13
CA ASP U 158 -40.93 86.06 -14.18
C ASP U 158 -39.58 85.37 -14.10
N ARG U 159 -38.50 86.15 -14.01
CA ARG U 159 -37.16 85.58 -14.12
C ARG U 159 -36.71 84.90 -12.83
N VAL U 160 -37.11 85.44 -11.67
CA VAL U 160 -36.63 84.94 -10.39
C VAL U 160 -37.69 84.18 -9.61
N GLY U 161 -38.97 84.32 -9.98
CA GLY U 161 -40.06 83.80 -9.18
C GLY U 161 -40.62 84.84 -8.24
N SER U 162 -41.90 84.65 -7.88
CA SER U 162 -42.58 85.55 -6.95
C SER U 162 -42.46 85.12 -5.50
N HIS U 163 -42.15 83.85 -5.25
CA HIS U 163 -42.06 83.31 -3.90
C HIS U 163 -40.75 82.54 -3.79
N PHE U 164 -40.45 82.09 -2.58
CA PHE U 164 -39.38 81.12 -2.39
C PHE U 164 -39.83 80.05 -1.41
N LEU U 165 -39.30 78.85 -1.61
CA LEU U 165 -39.73 77.68 -0.84
C LEU U 165 -39.27 77.79 0.62
N THR U 166 -40.23 77.63 1.54
CA THR U 166 -39.93 77.54 2.95
C THR U 166 -40.36 76.22 3.58
N GLY U 167 -41.17 75.42 2.90
CA GLY U 167 -41.52 74.11 3.39
C GLY U 167 -41.32 73.08 2.29
N ILE U 168 -40.53 72.05 2.57
CA ILE U 168 -40.20 71.02 1.60
C ILE U 168 -40.43 69.67 2.23
N VAL U 169 -41.07 68.76 1.49
CA VAL U 169 -41.12 67.35 1.85
C VAL U 169 -40.27 66.62 0.82
N MET U 170 -39.32 65.82 1.28
CA MET U 170 -38.48 65.05 0.37
C MET U 170 -38.89 63.59 0.38
N GLY U 171 -39.16 63.04 -0.79
CA GLY U 171 -39.48 61.63 -0.89
C GLY U 171 -39.67 61.18 -2.32
N GLY U 172 -40.79 60.50 -2.54
CA GLY U 172 -41.20 60.08 -3.86
C GLY U 172 -42.67 60.43 -4.05
N ARG U 173 -43.11 60.38 -5.31
CA ARG U 173 -44.55 60.36 -5.54
C ARG U 173 -44.85 59.60 -6.83
N ALA U 174 -45.96 58.88 -6.83
CA ALA U 174 -46.58 58.37 -8.04
C ALA U 174 -47.92 59.08 -8.23
N ILE U 175 -48.20 59.51 -9.45
CA ILE U 175 -49.41 60.26 -9.75
C ILE U 175 -50.13 59.52 -10.86
N LEU U 176 -51.46 59.43 -10.74
CA LEU U 176 -52.35 59.13 -11.86
C LEU U 176 -53.28 60.32 -12.05
N ALA U 177 -53.26 60.90 -13.24
CA ALA U 177 -54.19 61.94 -13.63
C ALA U 177 -55.10 61.40 -14.72
N SER U 178 -56.39 61.71 -14.62
CA SER U 178 -57.38 61.15 -15.53
C SER U 178 -58.45 62.18 -15.83
N SER U 179 -58.92 62.18 -17.07
CA SER U 179 -60.11 62.93 -17.48
C SER U 179 -61.13 61.94 -18.01
N THR U 180 -62.36 62.06 -17.54
CA THR U 180 -63.36 61.01 -17.67
C THR U 180 -64.64 61.61 -18.25
N ASN U 181 -65.24 60.90 -19.20
CA ASN U 181 -66.48 61.37 -19.83
C ASN U 181 -67.60 61.27 -18.81
N LYS U 182 -67.95 62.40 -18.21
CA LYS U 182 -68.90 62.43 -17.11
C LYS U 182 -70.33 62.13 -17.54
N LEU U 183 -70.60 62.12 -18.85
CA LEU U 183 -71.91 61.73 -19.35
C LEU U 183 -72.12 60.23 -19.44
N ARG U 184 -71.05 59.43 -19.41
CA ARG U 184 -71.15 58.03 -19.78
C ARG U 184 -70.54 57.06 -18.77
N VAL U 185 -69.62 57.49 -17.91
CA VAL U 185 -69.13 56.65 -16.83
C VAL U 185 -70.25 56.35 -15.84
N LYS U 186 -70.21 55.16 -15.25
CA LYS U 186 -71.16 54.78 -14.21
C LYS U 186 -71.12 55.75 -13.03
N ARG U 187 -72.29 56.09 -12.53
CA ARG U 187 -72.47 57.03 -11.42
C ARG U 187 -72.70 56.33 -10.09
N ASP U 188 -72.43 55.02 -9.99
CA ASP U 188 -72.60 54.32 -8.73
C ASP U 188 -71.73 54.93 -7.62
N TYR U 189 -70.54 55.41 -7.96
CA TYR U 189 -69.65 56.04 -7.00
C TYR U 189 -69.12 57.34 -7.58
N SER U 190 -68.66 58.22 -6.70
CA SER U 190 -67.96 59.41 -7.15
C SER U 190 -66.67 59.02 -7.87
N VAL U 191 -66.30 59.83 -8.86
CA VAL U 191 -65.19 59.45 -9.73
C VAL U 191 -63.87 59.48 -8.98
N SER U 192 -63.75 60.32 -7.95
CA SER U 192 -62.59 60.27 -7.08
C SER U 192 -62.47 58.93 -6.36
N VAL U 193 -63.58 58.28 -6.05
CA VAL U 193 -63.52 56.97 -5.40
C VAL U 193 -63.01 55.91 -6.36
N VAL U 194 -63.58 55.86 -7.56
CA VAL U 194 -63.12 54.89 -8.56
C VAL U 194 -61.79 55.29 -9.19
N ALA U 195 -61.48 56.58 -9.22
CA ALA U 195 -60.11 57.00 -9.55
C ALA U 195 -59.10 56.46 -8.56
N LYS U 196 -59.32 56.70 -7.27
CA LYS U 196 -58.43 56.18 -6.24
C LYS U 196 -58.40 54.65 -6.26
N ALA U 197 -59.56 54.02 -6.37
CA ALA U 197 -59.63 52.57 -6.39
C ALA U 197 -58.90 51.98 -7.59
N SER U 198 -58.99 52.63 -8.75
CA SER U 198 -58.26 52.16 -9.92
C SER U 198 -56.77 52.45 -9.82
N TYR U 199 -56.39 53.60 -9.25
CA TYR U 199 -54.99 53.82 -8.90
C TYR U 199 -54.45 52.73 -7.98
N GLU U 200 -55.20 52.40 -6.92
CA GLU U 200 -54.82 51.29 -6.07
C GLU U 200 -54.77 49.98 -6.84
N GLY U 201 -55.68 49.78 -7.78
CA GLY U 201 -55.63 48.60 -8.62
C GLY U 201 -54.37 48.53 -9.47
N LEU U 202 -54.02 49.64 -10.11
CA LEU U 202 -52.82 49.68 -10.95
C LEU U 202 -51.55 49.46 -10.13
N THR U 203 -51.52 49.97 -8.89
CA THR U 203 -50.37 49.76 -8.02
C THR U 203 -50.46 48.49 -7.20
N GLY U 204 -51.57 47.76 -7.26
CA GLY U 204 -51.75 46.55 -6.49
C GLY U 204 -52.16 46.75 -5.06
N GLN U 205 -52.39 47.99 -4.64
CA GLN U 205 -52.80 48.28 -3.26
C GLN U 205 -54.26 47.94 -2.98
N LEU U 206 -55.06 47.71 -4.02
CA LEU U 206 -56.47 47.40 -3.84
C LEU U 206 -56.63 45.99 -3.28
N SER U 207 -57.38 45.87 -2.20
CA SER U 207 -57.59 44.58 -1.57
C SER U 207 -58.57 43.70 -2.35
N ALA U 208 -58.56 42.42 -1.98
CA ALA U 208 -59.46 41.42 -2.54
C ALA U 208 -60.94 41.82 -2.49
N GLU U 209 -61.40 42.28 -1.32
CA GLU U 209 -62.79 42.74 -1.23
C GLU U 209 -63.01 44.06 -1.96
N ALA U 210 -62.04 44.98 -1.92
CA ALA U 210 -62.23 46.23 -2.65
C ALA U 210 -62.16 46.00 -4.15
N LYS U 211 -61.26 45.11 -4.56
CA LYS U 211 -61.14 44.69 -5.95
C LYS U 211 -62.44 44.16 -6.52
N ALA U 212 -63.15 43.29 -5.78
CA ALA U 212 -64.51 42.94 -6.15
C ALA U 212 -65.46 44.13 -6.17
N LYS U 213 -65.50 44.91 -5.09
CA LYS U 213 -66.49 45.98 -5.02
C LYS U 213 -66.29 47.05 -6.08
N TYR U 214 -65.07 47.59 -6.17
CA TYR U 214 -64.71 48.55 -7.20
C TYR U 214 -64.49 47.92 -8.58
N GLY U 215 -64.11 46.66 -8.64
CA GLY U 215 -63.63 46.08 -9.88
C GLY U 215 -64.55 46.26 -11.08
N GLU U 216 -65.86 46.08 -10.89
CA GLU U 216 -66.78 46.38 -11.98
C GLU U 216 -66.92 47.89 -12.24
N SER U 217 -66.80 48.73 -11.21
CA SER U 217 -66.89 50.17 -11.43
C SER U 217 -65.64 50.76 -12.10
N ILE U 218 -64.46 50.20 -11.82
CA ILE U 218 -63.21 50.74 -12.37
C ILE U 218 -63.04 50.44 -13.85
N SER U 219 -63.58 49.34 -14.35
CA SER U 219 -63.55 49.09 -15.80
C SER U 219 -64.31 50.16 -16.58
N SER U 220 -65.49 50.54 -16.12
CA SER U 220 -66.20 51.65 -16.76
C SER U 220 -65.39 52.94 -16.70
N PHE U 221 -64.83 53.25 -15.53
CA PHE U 221 -63.92 54.38 -15.40
C PHE U 221 -62.71 54.25 -16.32
N THR U 222 -62.15 53.04 -16.43
CA THR U 222 -60.94 52.84 -17.21
C THR U 222 -61.17 53.13 -18.70
N GLN U 223 -62.21 52.53 -19.28
CA GLN U 223 -62.44 52.69 -20.71
C GLN U 223 -62.88 54.10 -21.09
N TYR U 224 -63.63 54.77 -20.23
CA TYR U 224 -64.12 56.11 -20.51
C TYR U 224 -63.20 57.23 -20.03
N SER U 225 -61.94 56.95 -19.73
CA SER U 225 -61.06 57.99 -19.24
C SER U 225 -59.64 57.77 -19.78
N ASN U 226 -58.90 58.88 -19.86
CA ASN U 226 -57.52 58.91 -20.35
C ASN U 226 -56.59 59.11 -19.15
N THR U 227 -56.11 58.01 -18.58
CA THR U 227 -55.27 58.06 -17.39
C THR U 227 -53.82 58.34 -17.79
N HIS U 228 -53.37 59.57 -17.55
CA HIS U 228 -51.95 59.86 -17.54
C HIS U 228 -51.31 59.34 -16.25
N GLN U 229 -50.12 58.77 -16.38
CA GLN U 229 -49.37 58.22 -15.26
C GLN U 229 -47.96 58.80 -15.24
N GLU U 230 -47.51 59.18 -14.05
CA GLU U 230 -46.12 59.60 -13.87
C GLU U 230 -45.66 59.24 -12.47
N VAL U 231 -44.35 59.22 -12.29
CA VAL U 231 -43.72 58.85 -11.04
C VAL U 231 -42.44 59.65 -10.87
N ARG U 232 -42.09 59.95 -9.63
CA ARG U 232 -41.02 60.87 -9.32
C ARG U 232 -40.31 60.44 -8.04
N GLY U 233 -39.02 60.73 -7.96
CA GLY U 233 -38.18 60.15 -6.94
C GLY U 233 -37.95 58.66 -7.08
N GLY U 234 -36.98 58.15 -6.32
CA GLY U 234 -36.61 56.76 -6.40
C GLY U 234 -35.79 56.44 -7.65
N ASP U 235 -35.46 55.15 -7.77
CA ASP U 235 -34.65 54.68 -8.88
C ASP U 235 -35.47 54.68 -10.16
N GLY U 236 -35.06 55.49 -11.13
CA GLY U 236 -35.75 55.56 -12.41
C GLY U 236 -35.76 54.24 -13.16
N ALA U 237 -34.84 53.33 -12.86
CA ALA U 237 -34.90 51.99 -13.43
C ALA U 237 -35.97 51.12 -12.78
N LYS U 238 -36.50 51.52 -11.63
CA LYS U 238 -37.60 50.81 -10.99
C LYS U 238 -38.89 51.64 -10.98
N ALA U 239 -38.82 52.89 -11.42
CA ALA U 239 -39.98 53.77 -11.34
C ALA U 239 -41.12 53.27 -12.22
N HIS U 240 -40.80 52.75 -13.40
CA HIS U 240 -41.82 52.26 -14.32
C HIS U 240 -42.53 51.01 -13.81
N GLY U 241 -41.94 50.29 -12.86
CA GLY U 241 -42.58 49.15 -12.25
C GLY U 241 -43.72 49.47 -11.30
N VAL U 242 -43.86 50.72 -10.86
CA VAL U 242 -44.85 51.02 -9.83
C VAL U 242 -46.27 50.77 -10.34
N PHE U 243 -46.53 51.02 -11.62
CA PHE U 243 -47.83 50.74 -12.21
C PHE U 243 -47.90 49.38 -12.87
N SER U 244 -47.00 48.47 -12.50
CA SER U 244 -46.92 47.13 -13.05
C SER U 244 -48.02 46.21 -12.55
N GLY U 245 -48.93 46.72 -11.70
CA GLY U 245 -50.00 45.90 -11.16
C GLY U 245 -49.57 44.94 -10.08
N LYS U 246 -48.31 44.98 -9.64
CA LYS U 246 -47.75 43.99 -8.74
C LYS U 246 -47.11 44.70 -7.56
N LYS U 247 -47.52 44.30 -6.34
CA LYS U 247 -47.05 44.97 -5.14
C LYS U 247 -45.53 44.89 -4.99
N GLU U 248 -44.94 43.76 -5.36
CA GLU U 248 -43.49 43.61 -5.24
C GLU U 248 -42.74 44.65 -6.07
N ASP U 249 -43.27 45.01 -7.24
CA ASP U 249 -42.64 46.05 -8.05
C ASP U 249 -42.84 47.43 -7.45
N PHE U 250 -44.04 47.72 -6.96
CA PHE U 250 -44.27 49.00 -6.27
C PHE U 250 -43.42 49.15 -5.03
N GLN U 251 -43.37 48.12 -4.18
CA GLN U 251 -42.54 48.18 -2.98
C GLN U 251 -41.05 48.29 -3.33
N ALA U 252 -40.62 47.60 -4.38
CA ALA U 252 -39.24 47.75 -4.84
C ALA U 252 -38.89 49.18 -5.23
N TRP U 253 -39.84 49.94 -5.78
CA TRP U 253 -39.61 51.37 -5.99
C TRP U 253 -39.57 52.15 -4.68
N VAL U 254 -40.54 51.89 -3.80
CA VAL U 254 -40.55 52.56 -2.50
C VAL U 254 -39.24 52.34 -1.76
N ASP U 255 -38.73 51.10 -1.79
CA ASP U 255 -37.43 50.81 -1.19
C ASP U 255 -36.27 51.58 -1.82
N SER U 256 -36.46 52.16 -3.00
CA SER U 256 -35.43 52.99 -3.61
C SER U 256 -35.65 54.49 -3.39
N VAL U 257 -36.87 54.92 -3.08
CA VAL U 257 -37.11 56.33 -2.78
C VAL U 257 -36.28 56.78 -1.59
N SER U 258 -36.10 55.91 -0.60
CA SER U 258 -35.31 56.24 0.57
C SER U 258 -33.87 56.59 0.23
N ALA U 259 -33.30 55.98 -0.81
CA ALA U 259 -31.94 56.32 -1.21
C ALA U 259 -31.86 57.64 -1.99
N SER U 260 -32.85 57.94 -2.84
CA SER U 260 -32.75 59.03 -3.80
C SER U 260 -34.05 59.82 -3.84
N PRO U 261 -34.38 60.52 -2.77
CA PRO U 261 -35.63 61.26 -2.73
C PRO U 261 -35.57 62.56 -3.53
N ASP U 262 -36.76 63.05 -3.88
CA ASP U 262 -36.93 64.32 -4.58
C ASP U 262 -37.95 65.18 -3.84
N PHE U 263 -37.95 66.47 -4.19
CA PHE U 263 -39.03 67.38 -3.81
C PHE U 263 -40.37 66.99 -4.42
N VAL U 264 -41.30 66.53 -3.58
CA VAL U 264 -42.53 65.90 -4.03
C VAL U 264 -43.76 66.62 -3.49
N ASP U 265 -43.63 67.31 -2.36
CA ASP U 265 -44.80 67.93 -1.75
C ASP U 265 -44.37 69.10 -0.86
N PHE U 266 -45.35 69.94 -0.53
CA PHE U 266 -45.17 71.04 0.40
C PHE U 266 -45.52 70.61 1.82
N VAL U 267 -44.91 71.30 2.79
CA VAL U 267 -45.37 71.30 4.18
C VAL U 267 -46.59 72.21 4.31
N PRO U 268 -47.75 71.69 4.74
CA PRO U 268 -49.00 72.46 4.58
C PRO U 268 -48.99 73.81 5.29
N THR U 269 -48.23 73.95 6.38
CA THR U 269 -48.32 75.15 7.20
C THR U 269 -47.56 76.33 6.61
N ILE U 270 -46.44 76.09 5.93
CA ILE U 270 -45.51 77.16 5.58
C ILE U 270 -44.87 76.86 4.23
N PRO U 271 -45.67 76.61 3.19
CA PRO U 271 -45.09 76.07 1.95
C PRO U 271 -44.09 77.00 1.27
N MET U 272 -44.43 78.28 1.14
CA MET U 272 -43.52 79.24 0.53
C MET U 272 -43.80 80.64 1.04
N GLN U 273 -42.80 81.51 0.91
CA GLN U 273 -42.86 82.88 1.41
C GLN U 273 -42.70 83.85 0.23
N GLU U 274 -43.39 84.98 0.32
CA GLU U 274 -43.30 85.99 -0.73
C GLU U 274 -41.91 86.61 -0.82
N ILE U 275 -41.51 86.91 -2.05
CA ILE U 275 -40.14 87.34 -2.33
C ILE U 275 -39.82 88.70 -1.69
N TRP U 276 -40.80 89.61 -1.63
CA TRP U 276 -40.62 90.90 -0.96
C TRP U 276 -40.53 90.79 0.55
N THR U 277 -40.63 89.61 1.13
CA THR U 277 -40.18 89.42 2.51
C THR U 277 -38.69 89.70 2.66
N LEU U 278 -37.91 89.50 1.60
CA LEU U 278 -36.46 89.66 1.67
C LEU U 278 -35.95 91.05 1.32
N CYS U 279 -36.75 91.92 0.72
CA CYS U 279 -36.25 93.25 0.38
C CYS U 279 -36.16 94.13 1.62
N SER U 280 -35.11 94.96 1.65
CA SER U 280 -34.77 95.71 2.86
C SER U 280 -35.68 96.90 3.11
N SER U 281 -36.30 97.47 2.08
CA SER U 281 -37.13 98.66 2.24
C SER U 281 -38.61 98.31 2.17
N GLU U 282 -39.36 98.78 3.19
CA GLU U 282 -40.81 98.58 3.18
C GLU U 282 -41.47 99.29 2.00
N ALA U 283 -40.91 100.42 1.58
CA ALA U 283 -41.40 101.09 0.38
C ALA U 283 -41.15 100.28 -0.87
N GLN U 284 -40.05 99.53 -0.92
CA GLN U 284 -39.86 98.57 -2.01
C GLN U 284 -40.85 97.42 -1.91
N ALA U 285 -41.04 96.89 -0.70
CA ALA U 285 -41.99 95.78 -0.51
C ALA U 285 -43.39 96.19 -0.92
N GLU U 286 -43.82 97.41 -0.56
CA GLU U 286 -45.11 97.91 -0.98
C GLU U 286 -45.26 97.95 -2.49
N ALA U 287 -44.25 98.47 -3.19
CA ALA U 287 -44.32 98.49 -4.64
C ALA U 287 -44.35 97.08 -5.24
N MET U 288 -43.50 96.18 -4.74
CA MET U 288 -43.51 94.81 -5.25
C MET U 288 -44.81 94.09 -4.94
N ARG U 289 -45.26 94.13 -3.70
CA ARG U 289 -46.53 93.51 -3.33
C ARG U 289 -47.69 94.10 -4.13
N LYS U 290 -47.74 95.42 -4.24
CA LYS U 290 -48.78 96.07 -5.04
C LYS U 290 -48.74 95.61 -6.49
N HIS U 291 -47.56 95.54 -7.10
CA HIS U 291 -47.46 95.02 -8.46
C HIS U 291 -47.86 93.55 -8.54
N TYR U 292 -47.46 92.75 -7.56
CA TYR U 292 -47.72 91.31 -7.63
C TYR U 292 -49.21 91.01 -7.79
N ASP U 293 -50.05 91.66 -6.99
CA ASP U 293 -51.46 91.34 -6.92
C ASP U 293 -52.34 92.27 -7.76
N ASP U 294 -51.84 93.46 -8.08
CA ASP U 294 -52.56 94.35 -9.00
C ASP U 294 -52.36 93.97 -10.46
N VAL U 295 -51.22 93.38 -10.81
CA VAL U 295 -50.87 93.19 -12.21
C VAL U 295 -50.46 91.76 -12.49
N TRP U 296 -49.38 91.31 -11.86
CA TRP U 296 -48.71 90.11 -12.32
C TRP U 296 -49.52 88.85 -12.02
N ALA U 297 -49.94 88.67 -10.78
CA ALA U 297 -50.75 87.50 -10.45
C ALA U 297 -52.10 87.46 -11.18
N PRO U 298 -52.82 88.56 -11.35
CA PRO U 298 -53.98 88.55 -12.26
C PRO U 298 -53.65 88.07 -13.67
N ALA U 299 -52.68 88.69 -14.32
CA ALA U 299 -52.31 88.30 -15.68
C ALA U 299 -51.88 86.84 -15.76
N GLN U 300 -51.05 86.39 -14.81
CA GLN U 300 -50.65 84.98 -14.80
C GLN U 300 -51.84 84.05 -14.60
N SER U 301 -52.76 84.39 -13.69
CA SER U 301 -53.94 83.55 -13.51
C SER U 301 -54.80 83.51 -14.76
N GLU U 302 -54.99 84.66 -15.42
CA GLU U 302 -55.80 84.69 -16.63
C GLU U 302 -55.16 83.92 -17.76
N LYS U 303 -53.83 84.01 -17.89
CA LYS U 303 -53.13 83.28 -18.94
C LYS U 303 -53.14 81.78 -18.74
N TYR U 304 -53.76 81.28 -17.67
CA TYR U 304 -53.92 79.85 -17.44
C TYR U 304 -55.38 79.45 -17.42
N ARG U 305 -56.27 80.36 -17.83
CA ARG U 305 -57.69 80.05 -17.93
C ARG U 305 -57.98 79.36 -19.25
N VAL U 306 -58.74 78.27 -19.20
CA VAL U 306 -58.93 77.39 -20.35
C VAL U 306 -60.34 77.55 -20.89
N LYS U 307 -60.44 77.83 -22.18
CA LYS U 307 -61.71 77.85 -22.89
C LYS U 307 -62.21 76.43 -23.12
N ALA U 308 -63.51 76.29 -23.29
CA ALA U 308 -64.06 75.05 -23.83
C ALA U 308 -64.21 75.16 -25.35
N ASN U 309 -64.20 74.00 -26.00
CA ASN U 309 -64.58 73.92 -27.40
C ASN U 309 -66.04 74.34 -27.58
N TYR U 310 -66.36 74.84 -28.77
CA TYR U 310 -67.70 75.32 -29.07
C TYR U 310 -68.14 74.88 -30.46
N ILE U 311 -69.46 74.80 -30.64
CA ILE U 311 -70.03 74.45 -31.93
C ILE U 311 -69.98 75.67 -32.85
N ASP U 312 -69.45 75.48 -34.05
CA ASP U 312 -69.43 76.53 -35.06
C ASP U 312 -70.25 76.21 -36.31
N GLN U 313 -70.60 74.95 -36.56
CA GLN U 313 -71.36 74.61 -37.75
C GLN U 313 -72.18 73.36 -37.51
N LEU U 314 -73.41 73.35 -38.04
CA LEU U 314 -74.31 72.21 -37.98
C LEU U 314 -74.71 71.79 -39.38
N VAL U 315 -74.92 70.48 -39.56
CA VAL U 315 -75.44 69.92 -40.79
C VAL U 315 -76.34 68.73 -40.45
N VAL U 316 -77.24 68.42 -41.38
CA VAL U 316 -78.12 67.26 -41.27
C VAL U 316 -77.83 66.31 -42.43
N ILE U 317 -77.84 65.01 -42.14
CA ILE U 317 -77.60 63.98 -43.14
C ILE U 317 -78.75 62.99 -43.11
N THR U 318 -79.14 62.52 -44.31
CA THR U 318 -80.32 61.69 -44.50
C THR U 318 -79.96 60.50 -45.36
N GLY U 319 -80.59 59.36 -45.07
CA GLY U 319 -80.38 58.18 -45.88
C GLY U 319 -81.17 57.00 -45.36
N GLY U 320 -80.95 55.86 -46.02
CA GLY U 320 -81.75 54.66 -45.88
C GLY U 320 -81.33 53.67 -44.82
N SER U 321 -80.33 53.97 -43.99
CA SER U 321 -79.90 53.00 -42.99
C SER U 321 -79.36 53.72 -41.77
N SER U 322 -79.31 52.98 -40.66
CA SER U 322 -78.85 53.54 -39.39
C SER U 322 -77.41 54.02 -39.46
N THR U 323 -76.62 53.45 -40.37
CA THR U 323 -75.17 53.60 -40.34
C THR U 323 -74.67 54.66 -41.30
N ILE U 324 -75.57 55.47 -41.88
CA ILE U 324 -75.16 56.61 -42.68
C ILE U 324 -74.30 57.53 -41.80
N GLU U 325 -73.43 58.31 -42.45
CA GLU U 325 -72.25 58.85 -41.79
C GLU U 325 -71.96 60.25 -42.30
N PRO U 326 -71.56 61.18 -41.42
CA PRO U 326 -71.47 62.58 -41.83
C PRO U 326 -70.31 62.83 -42.76
N PRO U 327 -70.25 64.03 -43.35
CA PRO U 327 -68.99 64.47 -43.96
C PRO U 327 -67.87 64.49 -42.93
N VAL U 328 -66.65 64.21 -43.43
CA VAL U 328 -65.55 63.82 -42.55
C VAL U 328 -65.28 64.88 -41.48
N GLY U 329 -65.52 66.16 -41.80
CA GLY U 329 -65.28 67.21 -40.83
C GLY U 329 -66.23 67.22 -39.64
N TYR U 330 -67.37 66.55 -39.74
CA TYR U 330 -68.41 66.60 -38.71
C TYR U 330 -68.46 65.30 -37.93
N SER U 331 -69.13 65.36 -36.77
CA SER U 331 -69.45 64.19 -35.98
C SER U 331 -70.95 64.15 -35.72
N LYS U 332 -71.47 62.94 -35.52
CA LYS U 332 -72.90 62.68 -35.61
C LYS U 332 -73.52 62.55 -34.22
N ILE U 333 -74.67 63.20 -34.05
CA ILE U 333 -75.57 62.92 -32.92
C ILE U 333 -76.38 61.68 -33.28
N GLU U 334 -76.15 60.60 -32.55
CA GLU U 334 -76.62 59.26 -32.90
C GLU U 334 -78.13 59.06 -32.73
N TYR U 335 -78.97 60.06 -32.50
CA TYR U 335 -80.42 59.85 -32.33
C TYR U 335 -81.15 60.26 -33.59
N ASP U 336 -81.91 59.33 -34.16
CA ASP U 336 -82.56 59.56 -35.44
C ASP U 336 -83.71 60.55 -35.27
N LEU U 337 -83.67 61.64 -36.04
CA LEU U 337 -84.74 62.63 -36.07
C LEU U 337 -86.02 62.14 -36.72
N ASN U 338 -86.10 60.87 -37.12
CA ASN U 338 -87.36 60.22 -37.44
C ASN U 338 -87.56 58.93 -36.65
N ALA U 339 -86.91 58.81 -35.49
CA ALA U 339 -87.01 57.61 -34.68
C ALA U 339 -88.47 57.27 -34.41
N GLY U 340 -88.88 56.09 -34.88
CA GLY U 340 -90.26 55.65 -34.78
C GLY U 340 -91.20 56.26 -35.80
N ALA U 341 -90.75 57.26 -36.56
CA ALA U 341 -91.59 57.92 -37.55
C ALA U 341 -91.45 57.32 -38.94
N GLY U 342 -90.61 56.29 -39.10
CA GLY U 342 -90.37 55.71 -40.39
C GLY U 342 -89.69 56.70 -41.35
N GLY U 343 -89.80 56.38 -42.63
CA GLY U 343 -89.20 57.19 -43.67
C GLY U 343 -87.69 57.02 -43.75
N ASP U 344 -87.00 58.11 -44.11
CA ASP U 344 -85.56 58.15 -44.05
C ASP U 344 -85.05 58.25 -42.62
N PHE U 345 -83.91 57.63 -42.37
CA PHE U 345 -83.10 57.98 -41.20
C PHE U 345 -82.53 59.39 -41.37
N ILE U 346 -82.61 60.19 -40.31
CA ILE U 346 -82.11 61.56 -40.32
C ILE U 346 -81.28 61.77 -39.07
N TYR U 347 -80.09 62.35 -39.23
CA TYR U 347 -79.20 62.64 -38.11
C TYR U 347 -78.70 64.09 -38.19
N LEU U 348 -78.56 64.71 -37.03
CA LEU U 348 -77.99 66.03 -36.90
C LEU U 348 -76.51 65.91 -36.57
N CYS U 349 -75.68 66.69 -37.27
CA CYS U 349 -74.23 66.60 -37.13
C CYS U 349 -73.66 68.00 -36.91
N TYR U 350 -72.52 68.04 -36.23
CA TYR U 350 -71.93 69.31 -35.79
C TYR U 350 -70.42 69.30 -35.98
N HIS U 351 -69.86 70.49 -36.06
CA HIS U 351 -68.44 70.74 -35.94
C HIS U 351 -68.17 71.51 -34.65
N GLU U 352 -67.21 71.04 -33.85
CA GLU U 352 -66.76 71.76 -32.66
C GLU U 352 -65.40 72.36 -32.91
N GLN U 353 -65.30 73.68 -32.70
CA GLN U 353 -64.13 74.46 -33.07
C GLN U 353 -63.25 74.68 -31.85
N THR U 354 -61.94 74.50 -32.03
CA THR U 354 -60.98 74.90 -31.02
C THR U 354 -60.83 76.42 -31.02
N TRP U 355 -60.95 77.02 -29.83
CA TRP U 355 -60.76 78.46 -29.71
C TRP U 355 -59.32 78.86 -29.97
N GLN U 356 -59.15 79.99 -30.65
CA GLN U 356 -57.85 80.55 -30.98
C GLN U 356 -57.85 82.03 -30.65
N ALA U 357 -56.76 82.48 -30.02
CA ALA U 357 -56.73 83.85 -29.50
C ALA U 357 -56.73 84.88 -30.62
N ASP U 358 -56.05 84.60 -31.73
CA ASP U 358 -55.89 85.57 -32.80
C ASP U 358 -56.93 85.44 -33.91
N ARG U 359 -57.69 84.35 -33.95
CA ARG U 359 -58.71 84.19 -34.98
C ARG U 359 -59.83 83.29 -34.49
N PRO U 360 -60.57 83.72 -33.46
CA PRO U 360 -61.81 83.01 -33.11
C PRO U 360 -62.82 83.11 -34.24
N LYS U 361 -63.46 81.98 -34.54
CA LYS U 361 -64.55 81.96 -35.49
C LYS U 361 -65.82 82.50 -34.83
N ASP U 362 -66.92 82.49 -35.58
CA ASP U 362 -68.24 82.47 -34.98
C ASP U 362 -68.49 81.14 -34.26
N ALA U 363 -69.18 81.21 -33.13
CA ALA U 363 -69.92 80.08 -32.61
C ALA U 363 -71.37 80.11 -33.09
N VAL U 364 -72.01 78.94 -33.06
CA VAL U 364 -73.46 78.91 -33.01
C VAL U 364 -73.92 79.46 -31.66
N THR U 365 -74.92 80.34 -31.69
CA THR U 365 -75.43 80.94 -30.46
C THR U 365 -76.93 80.81 -30.26
N ASP U 366 -77.70 80.48 -31.29
CA ASP U 366 -79.11 80.17 -31.11
C ASP U 366 -79.56 79.17 -32.17
N ILE U 367 -80.60 78.42 -31.84
CA ILE U 367 -81.19 77.45 -32.76
C ILE U 367 -82.70 77.58 -32.67
N ARG U 368 -83.37 77.44 -33.81
CA ARG U 368 -84.82 77.51 -33.89
C ARG U 368 -85.30 76.49 -34.90
N ILE U 369 -86.57 76.09 -34.75
CA ILE U 369 -87.27 75.27 -35.73
C ILE U 369 -88.45 76.06 -36.28
N ILE U 370 -88.55 76.12 -37.61
CA ILE U 370 -89.43 77.07 -38.29
C ILE U 370 -90.59 76.37 -39.00
N PHE U 371 -90.53 75.05 -39.16
CA PHE U 371 -91.61 74.25 -39.77
C PHE U 371 -91.96 74.76 -41.18
N ASN U 372 -93.23 74.55 -41.55
CA ASN U 372 -93.66 74.39 -42.93
C ASN U 372 -93.23 75.52 -43.85
N LYS U 373 -93.71 76.74 -43.61
CA LYS U 373 -93.56 77.85 -44.55
C LYS U 373 -93.09 79.15 -43.91
N GLU U 374 -92.93 79.20 -42.60
CA GLU U 374 -92.55 80.45 -41.97
C GLU U 374 -91.19 80.90 -42.51
N PRO U 375 -91.01 82.19 -42.79
CA PRO U 375 -89.71 82.66 -43.28
C PRO U 375 -88.61 82.48 -42.24
N THR U 376 -87.39 82.32 -42.73
CA THR U 376 -86.25 82.16 -41.85
C THR U 376 -86.08 83.42 -41.01
N PRO U 377 -85.94 83.30 -39.69
CA PRO U 377 -85.84 84.48 -38.82
C PRO U 377 -84.62 85.32 -39.17
N PRO U 378 -84.65 86.61 -38.87
CA PRO U 378 -83.63 87.55 -39.37
C PRO U 378 -82.22 87.16 -38.97
N GLY U 379 -81.38 86.89 -39.98
CA GLY U 379 -79.99 86.53 -39.79
C GLY U 379 -79.72 85.09 -39.42
N TYR U 380 -80.74 84.24 -39.32
CA TYR U 380 -80.51 82.82 -39.14
C TYR U 380 -80.19 82.15 -40.47
N THR U 381 -79.34 81.13 -40.40
CA THR U 381 -79.20 80.16 -41.49
C THR U 381 -80.26 79.08 -41.36
N LYS U 382 -80.53 78.40 -42.48
CA LYS U 382 -81.48 77.30 -42.51
C LYS U 382 -80.83 76.10 -43.20
N LEU U 383 -81.02 74.92 -42.61
CA LEU U 383 -80.63 73.68 -43.26
C LEU U 383 -81.70 73.23 -44.25
N PRO U 384 -81.31 72.83 -45.47
CA PRO U 384 -82.32 72.57 -46.51
C PRO U 384 -83.06 71.24 -46.34
N GLN U 385 -82.51 70.28 -45.60
CA GLN U 385 -83.15 68.99 -45.42
C GLN U 385 -84.43 69.13 -44.59
N ASP U 386 -85.50 68.51 -45.07
CA ASP U 386 -86.70 68.33 -44.26
C ASP U 386 -86.46 67.25 -43.21
N LEU U 387 -86.65 67.63 -41.94
CA LEU U 387 -86.43 66.73 -40.83
C LEU U 387 -87.61 65.78 -40.59
N ASN U 388 -88.56 65.71 -41.54
CA ASN U 388 -89.49 64.60 -41.66
C ASN U 388 -89.42 63.93 -43.02
N LYS U 389 -88.33 64.13 -43.76
CA LYS U 389 -88.18 63.50 -45.06
C LYS U 389 -88.48 62.02 -45.00
N GLY U 390 -89.41 61.59 -45.85
CA GLY U 390 -89.91 60.23 -45.85
C GLY U 390 -90.89 59.90 -44.74
N ALA U 391 -90.92 60.69 -43.66
CA ALA U 391 -91.79 60.40 -42.53
C ALA U 391 -93.19 60.96 -42.71
N GLY U 392 -93.41 61.80 -43.73
CA GLY U 392 -94.67 62.48 -43.90
C GLY U 392 -94.78 63.68 -42.98
N GLY U 393 -95.95 63.84 -42.36
CA GLY U 393 -96.16 64.92 -41.43
C GLY U 393 -96.02 66.29 -42.10
N ASP U 394 -95.74 67.28 -41.27
CA ASP U 394 -95.39 68.62 -41.74
C ASP U 394 -93.92 68.70 -42.10
N ASP U 395 -93.60 69.65 -42.97
CA ASP U 395 -92.19 69.89 -43.33
C ASP U 395 -91.48 70.60 -42.19
N VAL U 396 -90.40 70.00 -41.71
CA VAL U 396 -89.65 70.48 -40.55
C VAL U 396 -88.28 70.93 -41.01
N PHE U 397 -87.89 72.15 -40.64
CA PHE U 397 -86.56 72.68 -40.93
C PHE U 397 -85.97 73.31 -39.67
N LEU U 398 -84.69 73.07 -39.45
CA LEU U 398 -83.95 73.63 -38.32
C LEU U 398 -83.10 74.80 -38.78
N CYS U 399 -83.14 75.89 -38.01
CA CYS U 399 -82.41 77.12 -38.28
C CYS U 399 -81.51 77.44 -37.09
N TYR U 400 -80.38 78.07 -37.36
CA TYR U 400 -79.48 78.46 -36.28
C TYR U 400 -78.77 79.77 -36.63
N LYS U 401 -78.44 80.51 -35.59
CA LYS U 401 -77.77 81.81 -35.68
C LYS U 401 -76.33 81.67 -35.21
N THR U 402 -75.41 82.32 -35.91
CA THR U 402 -74.00 82.32 -35.55
C THR U 402 -73.53 83.75 -35.28
N GLU U 403 -72.65 83.88 -34.30
CA GLU U 403 -72.15 85.16 -33.83
C GLU U 403 -70.71 85.00 -33.37
N ALA U 404 -69.97 86.11 -33.38
CA ALA U 404 -68.58 86.08 -32.96
C ALA U 404 -68.46 85.51 -31.56
N TYR U 405 -67.38 84.75 -31.33
CA TYR U 405 -67.26 83.96 -30.12
C TYR U 405 -67.36 84.80 -28.87
N ASN U 406 -68.12 84.31 -27.90
CA ASN U 406 -68.08 84.82 -26.54
C ASN U 406 -68.37 83.66 -25.60
N THR U 407 -67.56 83.53 -24.54
CA THR U 407 -67.75 82.43 -23.60
C THR U 407 -69.13 82.47 -22.96
N ASP U 408 -69.76 83.64 -22.88
CA ASP U 408 -71.07 83.75 -22.29
C ASP U 408 -72.16 83.09 -23.13
N THR U 409 -71.91 82.85 -24.41
CA THR U 409 -72.99 82.47 -25.33
C THR U 409 -72.60 81.45 -26.38
N ALA U 410 -71.32 81.21 -26.65
CA ALA U 410 -70.94 80.14 -27.56
C ALA U 410 -71.43 78.79 -27.05
N ILE U 411 -72.30 78.16 -27.83
CA ILE U 411 -72.85 76.86 -27.47
C ILE U 411 -71.75 75.82 -27.51
N ASN U 412 -71.55 75.11 -26.40
CA ASN U 412 -70.50 74.11 -26.32
C ASN U 412 -70.96 72.73 -26.80
N LYS U 413 -72.20 72.33 -26.49
CA LYS U 413 -72.68 71.04 -26.92
C LYS U 413 -74.16 71.13 -27.31
N VAL U 414 -74.57 70.19 -28.16
CA VAL U 414 -75.97 69.99 -28.51
C VAL U 414 -76.25 68.49 -28.46
N THR U 415 -77.51 68.15 -28.21
CA THR U 415 -77.97 66.77 -28.32
C THR U 415 -79.45 66.77 -28.70
N VAL U 416 -79.90 65.62 -29.21
CA VAL U 416 -81.29 65.40 -29.55
C VAL U 416 -81.86 64.31 -28.65
N ILE U 417 -83.01 64.61 -28.03
CA ILE U 417 -83.67 63.75 -27.06
C ILE U 417 -85.09 63.50 -27.51
N GLY U 418 -85.60 62.30 -27.27
CA GLY U 418 -86.93 61.96 -27.72
C GLY U 418 -87.54 60.83 -26.94
N GLY U 419 -88.87 60.78 -26.98
CA GLY U 419 -89.60 59.79 -26.22
C GLY U 419 -91.09 59.93 -26.48
N ASN U 420 -91.88 59.16 -25.74
CA ASN U 420 -93.32 59.18 -25.94
C ASN U 420 -94.00 60.42 -25.35
N ASN U 421 -93.45 60.99 -24.29
CA ASN U 421 -94.05 62.16 -23.67
C ASN U 421 -93.67 63.41 -24.45
N ALA U 422 -94.62 64.35 -24.57
CA ALA U 422 -94.28 65.67 -25.09
C ALA U 422 -93.44 66.47 -24.10
N ASP U 423 -93.80 66.44 -22.82
CA ASP U 423 -93.01 67.08 -21.76
C ASP U 423 -91.82 66.23 -21.34
N ILE U 424 -90.84 66.07 -22.22
CA ILE U 424 -89.67 65.26 -21.90
C ILE U 424 -88.57 66.16 -21.33
N ASN U 425 -87.73 65.58 -20.47
CA ASN U 425 -86.70 66.33 -19.76
C ASN U 425 -85.37 66.27 -20.52
N ALA U 426 -84.78 67.45 -20.72
CA ALA U 426 -83.42 67.54 -21.19
C ALA U 426 -82.41 67.17 -20.11
N PRO U 427 -81.19 66.80 -20.50
CA PRO U 427 -80.13 66.60 -19.52
C PRO U 427 -79.86 67.86 -18.72
N TYR U 428 -79.32 67.68 -17.52
CA TYR U 428 -79.13 68.81 -16.61
C TYR U 428 -78.26 69.88 -17.24
N GLY U 429 -78.74 71.12 -17.16
CA GLY U 429 -78.04 72.26 -17.74
C GLY U 429 -78.26 72.47 -19.21
N TYR U 430 -78.82 71.50 -19.93
CA TYR U 430 -79.22 71.73 -21.31
C TYR U 430 -80.53 72.48 -21.37
N LEU U 431 -80.69 73.27 -22.43
CA LEU U 431 -81.95 73.89 -22.79
C LEU U 431 -82.44 73.29 -24.10
N LYS U 432 -83.67 72.78 -24.10
CA LYS U 432 -84.27 72.25 -25.32
C LYS U 432 -85.02 73.34 -26.06
N VAL U 433 -84.95 73.29 -27.39
CA VAL U 433 -85.71 74.20 -28.25
C VAL U 433 -87.17 73.82 -28.30
N PRO U 434 -88.08 74.78 -28.45
CA PRO U 434 -89.48 74.44 -28.70
C PRO U 434 -89.71 73.85 -30.07
N GLY U 435 -90.78 73.05 -30.18
CA GLY U 435 -91.15 72.41 -31.43
C GLY U 435 -90.63 71.00 -31.58
N ASP U 436 -91.44 70.15 -32.21
CA ASP U 436 -91.16 68.72 -32.31
C ASP U 436 -90.62 68.41 -33.70
N LEU U 437 -89.46 67.77 -33.76
CA LEU U 437 -88.86 67.34 -35.03
C LEU U 437 -89.60 66.18 -35.68
N ASN U 438 -90.70 65.70 -35.08
CA ASN U 438 -91.65 64.83 -35.76
C ASN U 438 -93.06 65.40 -35.76
N ARG U 439 -93.21 66.72 -35.63
CA ARG U 439 -94.53 67.33 -35.63
C ARG U 439 -95.35 66.83 -36.82
N GLY U 440 -96.54 66.32 -36.52
CA GLY U 440 -97.43 65.76 -37.51
C GLY U 440 -97.07 64.37 -37.99
N ALA U 441 -95.84 63.92 -37.75
CA ALA U 441 -95.47 62.55 -38.07
C ALA U 441 -95.84 61.63 -36.91
N GLY U 442 -95.71 60.33 -37.14
CA GLY U 442 -95.81 59.38 -36.05
C GLY U 442 -94.60 59.36 -35.14
N GLY U 443 -94.47 58.30 -34.36
CA GLY U 443 -93.30 58.04 -33.54
C GLY U 443 -93.15 58.97 -32.33
N ASN U 444 -91.91 59.07 -31.89
CA ASN U 444 -91.56 59.83 -30.70
C ASN U 444 -91.67 61.34 -30.95
N PHE U 445 -91.89 62.08 -29.86
CA PHE U 445 -91.50 63.48 -29.81
C PHE U 445 -89.99 63.59 -29.76
N ILE U 446 -89.44 64.57 -30.49
CA ILE U 446 -87.99 64.75 -30.58
C ILE U 446 -87.67 66.24 -30.50
N TYR U 447 -86.67 66.59 -29.69
CA TYR U 447 -86.30 67.98 -29.43
C TYR U 447 -84.79 68.11 -29.44
N ALA U 448 -84.31 69.26 -29.93
CA ALA U 448 -82.90 69.60 -29.84
C ALA U 448 -82.56 70.32 -28.55
N CYS U 449 -81.59 69.78 -27.81
CA CYS U 449 -81.09 70.35 -26.57
C CYS U 449 -79.73 71.02 -26.79
N THR U 450 -79.55 72.18 -26.15
CA THR U 450 -78.35 72.99 -26.31
C THR U 450 -77.74 73.21 -24.93
N PHE U 451 -76.41 73.24 -24.89
CA PHE U 451 -75.66 73.43 -23.65
C PHE U 451 -74.59 74.49 -23.82
N VAL U 452 -74.54 75.43 -22.88
CA VAL U 452 -73.51 76.48 -22.85
C VAL U 452 -72.80 76.39 -21.50
N GLY U 453 -71.48 76.32 -21.55
CA GLY U 453 -70.68 76.22 -20.34
C GLY U 453 -70.53 77.52 -19.58
N LYS U 454 -70.55 78.64 -20.31
CA LYS U 454 -70.23 79.94 -19.71
C LYS U 454 -68.82 79.90 -19.13
N THR V 1 -13.37 67.08 -11.69
CA THR V 1 -14.37 66.54 -12.66
C THR V 1 -15.60 67.44 -12.72
N VAL V 2 -15.88 67.96 -13.91
CA VAL V 2 -17.01 68.87 -14.11
C VAL V 2 -18.27 68.06 -14.36
N LEU V 3 -19.39 68.56 -13.86
CA LEU V 3 -20.67 67.90 -14.07
C LEU V 3 -21.06 67.96 -15.55
N PRO V 4 -21.52 66.86 -16.13
CA PRO V 4 -22.02 66.93 -17.51
C PRO V 4 -23.12 67.98 -17.65
N GLY V 5 -22.98 68.83 -18.66
CA GLY V 5 -23.94 69.88 -18.94
C GLY V 5 -23.40 71.28 -18.68
N VAL V 6 -22.33 71.40 -17.89
CA VAL V 6 -21.67 72.69 -17.71
C VAL V 6 -21.14 73.23 -19.04
N GLU V 7 -20.80 72.35 -19.97
CA GLU V 7 -20.43 72.79 -21.32
C GLU V 7 -21.61 73.35 -22.09
N ALA V 8 -22.84 73.01 -21.71
CA ALA V 8 -24.02 73.32 -22.51
C ALA V 8 -24.85 74.47 -21.96
N ILE V 9 -24.83 74.70 -20.65
CA ILE V 9 -25.42 75.92 -20.11
C ILE V 9 -24.66 77.12 -20.65
N GLY V 10 -25.34 78.26 -20.74
CA GLY V 10 -24.75 79.47 -21.26
C GLY V 10 -24.44 79.47 -22.74
N LEU V 11 -24.63 78.34 -23.42
CA LEU V 11 -24.44 78.27 -24.87
C LEU V 11 -25.36 79.23 -25.60
N GLY V 12 -24.79 80.02 -26.50
CA GLY V 12 -25.59 80.94 -27.28
C GLY V 12 -26.47 80.18 -28.26
N TYR V 13 -27.75 80.53 -28.30
CA TYR V 13 -28.79 79.65 -28.85
C TYR V 13 -29.63 80.42 -29.86
N ASN V 14 -30.04 79.72 -30.93
CA ASN V 14 -31.02 80.27 -31.86
C ASN V 14 -32.35 79.55 -31.70
N PRO V 15 -33.37 80.18 -31.12
CA PRO V 15 -34.67 79.51 -30.93
C PRO V 15 -35.25 78.84 -32.17
N PHE V 16 -35.19 79.52 -33.30
CA PHE V 16 -35.78 79.03 -34.54
C PHE V 16 -35.14 77.75 -35.08
N ILE V 17 -33.82 77.59 -34.93
CA ILE V 17 -33.19 76.43 -35.56
C ILE V 17 -33.75 75.11 -35.03
N SER V 18 -33.88 74.99 -33.71
CA SER V 18 -34.40 73.71 -33.21
C SER V 18 -34.86 73.84 -31.77
N TYR V 19 -35.51 72.78 -31.29
CA TYR V 19 -35.99 72.67 -29.93
C TYR V 19 -35.06 71.78 -29.11
N ALA V 20 -34.55 72.31 -28.00
CA ALA V 20 -33.93 71.48 -26.97
C ALA V 20 -32.78 70.64 -27.54
N SER V 21 -32.09 71.19 -28.52
CA SER V 21 -30.91 70.55 -29.12
C SER V 21 -29.75 71.53 -29.11
N VAL V 22 -28.55 70.99 -28.86
CA VAL V 22 -27.35 71.82 -28.84
C VAL V 22 -26.91 72.24 -30.23
N ASN V 23 -27.35 71.52 -31.26
CA ASN V 23 -27.07 71.93 -32.64
C ASN V 23 -27.66 73.30 -32.96
N SER V 24 -28.64 73.76 -32.18
CA SER V 24 -29.23 75.07 -32.36
C SER V 24 -28.43 76.21 -31.73
N GLY V 25 -27.35 75.92 -31.03
CA GLY V 25 -26.50 76.97 -30.44
C GLY V 25 -25.11 77.00 -31.04
N ALA V 26 -24.60 78.21 -31.22
CA ALA V 26 -23.28 78.48 -31.78
C ALA V 26 -22.28 78.97 -30.74
N VAL V 27 -21.49 78.03 -30.19
CA VAL V 27 -20.35 78.30 -29.30
C VAL V 27 -20.77 78.82 -27.93
N GLN V 28 -19.91 78.61 -26.94
CA GLN V 28 -20.18 78.92 -25.54
C GLN V 28 -19.67 80.33 -25.23
N LEU V 29 -20.57 81.19 -24.76
CA LEU V 29 -20.20 82.57 -24.40
C LEU V 29 -19.45 82.70 -23.07
N PHE V 30 -19.63 81.80 -22.11
CA PHE V 30 -19.03 81.96 -20.79
C PHE V 30 -17.86 81.03 -20.54
N ASP V 31 -16.86 81.54 -19.83
CA ASP V 31 -15.64 80.82 -19.51
C ASP V 31 -15.81 80.18 -18.14
N TRP V 32 -15.88 78.86 -18.08
CA TRP V 32 -16.05 78.17 -16.81
C TRP V 32 -14.86 77.32 -16.40
N ALA V 33 -13.76 77.33 -17.15
CA ALA V 33 -12.56 76.66 -16.66
C ALA V 33 -11.89 77.50 -15.58
N THR V 34 -11.78 78.80 -15.83
CA THR V 34 -11.17 79.71 -14.88
C THR V 34 -12.04 79.92 -13.64
N ALA V 35 -13.36 79.95 -13.82
CA ALA V 35 -14.25 80.34 -12.72
C ALA V 35 -14.13 79.39 -11.53
N LYS V 36 -14.39 79.96 -10.36
CA LYS V 36 -14.43 79.22 -9.11
C LYS V 36 -15.49 78.13 -9.16
N LYS V 37 -15.10 76.92 -8.74
CA LYS V 37 -15.97 75.76 -8.76
C LYS V 37 -16.71 75.57 -7.43
N ARG V 38 -17.82 74.83 -7.51
CA ARG V 38 -18.56 74.32 -6.37
C ARG V 38 -18.82 72.84 -6.59
N GLU V 39 -18.73 72.06 -5.52
CA GLU V 39 -19.08 70.65 -5.61
C GLU V 39 -20.60 70.48 -5.64
N VAL V 40 -21.06 69.52 -6.44
CA VAL V 40 -22.49 69.26 -6.59
C VAL V 40 -23.00 68.51 -5.36
N PRO V 41 -23.99 69.05 -4.63
CA PRO V 41 -24.39 68.42 -3.36
C PRO V 41 -24.78 66.96 -3.51
N PHE V 42 -25.56 66.62 -4.52
CA PHE V 42 -26.07 65.27 -4.71
C PHE V 42 -25.12 64.36 -5.49
N LYS V 43 -24.04 64.90 -6.08
CA LYS V 43 -23.08 64.11 -6.86
C LYS V 43 -21.66 64.53 -6.44
N ALA V 44 -21.31 64.15 -5.22
CA ALA V 44 -19.94 64.36 -4.73
C ALA V 44 -18.94 63.72 -5.66
N GLY V 45 -17.86 64.46 -5.93
CA GLY V 45 -16.93 64.14 -7.00
C GLY V 45 -17.18 64.82 -8.33
N TYR V 46 -18.26 65.56 -8.46
CA TYR V 46 -18.50 66.41 -9.63
C TYR V 46 -18.64 67.85 -9.19
N PHE V 47 -18.16 68.76 -10.03
CA PHE V 47 -18.10 70.18 -9.68
C PHE V 47 -18.76 71.02 -10.76
N VAL V 48 -19.23 72.19 -10.34
CA VAL V 48 -19.82 73.17 -11.26
C VAL V 48 -19.27 74.54 -10.90
N PRO V 49 -19.27 75.48 -11.85
CA PRO V 49 -19.01 76.87 -11.46
C PRO V 49 -20.03 77.34 -10.45
N GLU V 50 -19.56 78.14 -9.48
CA GLU V 50 -20.42 78.48 -8.34
C GLU V 50 -21.63 79.31 -8.76
N ILE V 51 -21.57 79.93 -9.94
CA ILE V 51 -22.68 80.78 -10.37
C ILE V 51 -23.92 79.95 -10.66
N VAL V 52 -23.74 78.75 -11.24
CA VAL V 52 -24.89 77.97 -11.68
C VAL V 52 -25.53 77.25 -10.50
N ASP V 53 -26.85 77.16 -10.55
CA ASP V 53 -27.65 76.39 -9.59
C ASP V 53 -28.08 75.10 -10.26
N VAL V 54 -27.66 73.96 -9.70
CA VAL V 54 -28.01 72.65 -10.24
C VAL V 54 -28.98 71.98 -9.28
N GLN V 55 -30.14 71.63 -9.81
CA GLN V 55 -31.16 70.88 -9.07
C GLN V 55 -31.26 69.48 -9.66
N GLN V 56 -31.23 68.46 -8.81
CA GLN V 56 -31.67 67.15 -9.25
C GLN V 56 -33.18 67.17 -9.50
N ASN V 57 -33.61 66.54 -10.58
CA ASN V 57 -35.04 66.45 -10.88
C ASN V 57 -35.33 65.15 -11.62
N ASP V 58 -34.80 64.03 -11.11
CA ASP V 58 -34.96 62.75 -11.77
C ASP V 58 -36.43 62.39 -11.96
N SER V 59 -36.92 62.47 -13.19
CA SER V 59 -38.34 62.36 -13.49
C SER V 59 -38.51 62.16 -14.99
N ALA V 60 -38.90 60.94 -15.36
CA ALA V 60 -39.41 60.64 -16.69
C ALA V 60 -40.71 61.41 -16.94
N THR V 61 -40.75 62.13 -18.06
CA THR V 61 -41.71 63.20 -18.27
C THR V 61 -42.11 63.23 -19.74
N TYR V 62 -43.28 63.80 -20.01
CA TYR V 62 -43.84 63.88 -21.35
C TYR V 62 -43.95 65.34 -21.78
N THR V 63 -43.56 65.62 -23.03
CA THR V 63 -43.95 66.85 -23.71
C THR V 63 -44.59 66.43 -25.03
N ASN V 64 -45.85 66.81 -25.23
CA ASN V 64 -46.59 66.46 -26.44
C ASN V 64 -47.10 67.70 -27.13
N VAL V 65 -46.95 67.74 -28.45
CA VAL V 65 -47.35 68.87 -29.28
C VAL V 65 -48.20 68.32 -30.41
N SER V 66 -49.30 68.99 -30.73
CA SER V 66 -50.21 68.49 -31.74
C SER V 66 -50.92 69.66 -32.41
N GLY V 67 -51.42 69.40 -33.61
CA GLY V 67 -52.23 70.37 -34.32
C GLY V 67 -52.93 69.79 -35.53
N ASN V 68 -54.17 70.23 -35.77
CA ASN V 68 -54.92 69.73 -36.93
C ASN V 68 -54.29 70.20 -38.23
N THR V 69 -53.41 71.21 -38.16
CA THR V 69 -52.74 71.76 -39.32
C THR V 69 -51.38 72.28 -38.89
N ILE V 70 -50.48 72.42 -39.86
CA ILE V 70 -49.10 72.77 -39.53
C ILE V 70 -49.05 74.12 -38.84
N SER V 71 -49.81 75.09 -39.33
CA SER V 71 -49.79 76.42 -38.73
C SER V 71 -50.30 76.37 -37.29
N GLU V 72 -51.14 75.38 -36.98
CA GLU V 72 -51.52 75.13 -35.59
C GLU V 72 -50.40 74.43 -34.83
N TYR V 73 -49.84 73.38 -35.42
CA TYR V 73 -48.72 72.67 -34.80
C TYR V 73 -47.54 73.61 -34.54
N GLN V 74 -47.25 74.50 -35.50
CA GLN V 74 -46.18 75.46 -35.30
C GLN V 74 -46.44 76.40 -34.12
N ARG V 75 -47.71 76.68 -33.82
CA ARG V 75 -48.01 77.54 -32.67
C ARG V 75 -48.04 76.75 -31.36
N SER V 76 -48.60 75.54 -31.37
CA SER V 76 -48.52 74.70 -30.17
C SER V 76 -47.09 74.29 -29.86
N LEU V 77 -46.24 74.18 -30.88
CA LEU V 77 -44.81 74.00 -30.64
C LEU V 77 -44.18 75.26 -30.05
N ALA V 78 -44.40 76.41 -30.69
CA ALA V 78 -43.80 77.66 -30.23
C ALA V 78 -44.19 77.98 -28.79
N THR V 79 -45.44 77.74 -28.43
CA THR V 79 -45.93 77.99 -27.08
C THR V 79 -45.57 76.90 -26.07
N SER V 80 -44.86 75.85 -26.49
CA SER V 80 -44.43 74.83 -25.55
C SER V 80 -43.31 75.31 -24.64
N VAL V 81 -42.79 76.51 -24.85
CA VAL V 81 -41.73 77.09 -24.04
C VAL V 81 -42.10 78.52 -23.71
N ALA V 82 -41.77 78.95 -22.49
CA ALA V 82 -42.05 80.33 -22.08
C ALA V 82 -41.08 81.25 -22.80
N ILE V 83 -41.55 81.84 -23.90
CA ILE V 83 -40.71 82.69 -24.74
C ILE V 83 -41.61 83.76 -25.35
N GLU V 84 -41.04 84.92 -25.62
CA GLU V 84 -41.82 86.09 -25.99
C GLU V 84 -42.11 86.11 -27.50
N GLY V 85 -43.33 86.53 -27.83
CA GLY V 85 -43.74 86.78 -29.19
C GLY V 85 -44.33 85.57 -29.90
N ARG V 86 -44.98 85.87 -31.03
CA ARG V 86 -45.73 84.91 -31.83
C ARG V 86 -44.87 84.22 -32.88
N TYR V 87 -43.55 84.39 -32.82
CA TYR V 87 -42.68 83.85 -33.86
C TYR V 87 -42.70 82.32 -33.86
N ASN V 88 -42.40 81.76 -35.03
CA ASN V 88 -42.35 80.32 -35.26
C ASN V 88 -41.08 79.71 -34.66
N PHE V 89 -40.94 79.85 -33.34
CA PHE V 89 -39.77 79.29 -32.68
C PHE V 89 -39.71 77.78 -32.84
N PHE V 90 -38.50 77.24 -32.79
CA PHE V 90 -38.26 75.81 -32.96
C PHE V 90 -38.69 75.25 -34.29
N SER V 91 -39.17 76.09 -35.21
CA SER V 91 -39.85 75.57 -36.38
C SER V 91 -38.91 74.93 -37.38
N GLY V 92 -37.60 75.17 -37.26
CA GLY V 92 -36.62 74.43 -38.03
C GLY V 92 -36.63 72.93 -37.81
N SER V 93 -37.14 72.47 -36.68
CA SER V 93 -37.27 71.04 -36.46
C SER V 93 -38.24 70.37 -37.44
N LEU V 94 -39.15 71.13 -38.03
CA LEU V 94 -40.05 70.58 -39.04
C LEU V 94 -39.30 69.88 -40.15
N SER V 95 -38.24 70.51 -40.66
CA SER V 95 -37.48 69.95 -41.78
C SER V 95 -36.91 68.57 -41.48
N THR V 96 -36.85 68.14 -40.22
CA THR V 96 -36.33 66.83 -39.88
C THR V 96 -37.31 65.94 -39.14
N ASP V 97 -38.36 66.50 -38.54
CA ASP V 97 -39.40 65.67 -37.94
C ASP V 97 -40.32 65.04 -38.99
N PHE V 98 -40.64 65.77 -40.05
CA PHE V 98 -41.68 65.38 -40.98
C PHE V 98 -41.15 65.40 -42.41
N ASP V 99 -41.72 64.52 -43.24
CA ASP V 99 -41.42 64.53 -44.67
C ASP V 99 -41.94 65.79 -45.33
N SER V 100 -41.13 66.38 -46.21
CA SER V 100 -41.41 67.72 -46.69
C SER V 100 -42.73 67.78 -47.44
N ASN V 101 -43.02 66.76 -48.26
CA ASN V 101 -44.32 66.67 -48.91
C ASN V 101 -45.44 66.64 -47.88
N SER V 102 -45.21 65.99 -46.74
CA SER V 102 -46.26 65.79 -45.75
C SER V 102 -46.55 67.05 -44.95
N LEU V 103 -45.56 67.94 -44.83
CA LEU V 103 -45.84 69.29 -44.37
C LEU V 103 -46.70 70.05 -45.37
N ARG V 104 -46.42 69.90 -46.66
CA ARG V 104 -47.18 70.60 -47.69
C ARG V 104 -48.56 69.97 -47.90
N ASN V 105 -48.73 68.69 -47.57
CA ASN V 105 -50.00 68.00 -47.76
C ASN V 105 -51.02 68.47 -46.71
N ALA V 106 -52.04 69.20 -47.16
CA ALA V 106 -53.09 69.70 -46.28
C ALA V 106 -54.01 68.64 -45.70
N GLU V 107 -53.94 67.38 -46.15
CA GLU V 107 -54.69 66.32 -45.50
C GLU V 107 -54.04 65.81 -44.21
N ASN V 108 -52.86 66.30 -43.84
CA ASN V 108 -52.17 65.77 -42.67
C ASN V 108 -52.46 66.62 -41.44
N GLU V 109 -52.49 65.94 -40.28
CA GLU V 109 -52.37 66.54 -38.97
C GLU V 109 -51.21 65.91 -38.21
N PHE V 110 -50.61 66.68 -37.32
CA PHE V 110 -49.25 66.45 -36.85
C PHE V 110 -49.22 66.31 -35.34
N THR V 111 -48.47 65.32 -34.86
CA THR V 111 -48.26 65.09 -33.43
C THR V 111 -46.80 64.76 -33.18
N ARG V 112 -46.23 65.34 -32.13
CA ARG V 112 -44.90 65.00 -31.65
C ARG V 112 -44.97 64.58 -30.19
N ILE V 113 -44.59 63.34 -29.91
CA ILE V 113 -44.63 62.75 -28.57
C ILE V 113 -43.20 62.58 -28.08
N GLN V 114 -42.82 63.36 -27.06
CA GLN V 114 -41.48 63.31 -26.48
C GLN V 114 -41.56 62.85 -25.03
N GLN V 115 -40.91 61.72 -24.72
CA GLN V 115 -40.65 61.31 -23.34
C GLN V 115 -39.24 61.74 -22.93
N SER V 116 -39.16 62.84 -22.18
CA SER V 116 -37.90 63.24 -21.57
C SER V 116 -37.55 62.36 -20.38
N ILE V 117 -36.34 61.82 -20.36
CA ILE V 117 -35.82 61.12 -19.18
C ILE V 117 -34.90 62.04 -18.40
N ASN V 118 -35.48 62.91 -17.58
CA ASN V 118 -34.71 63.91 -16.84
C ASN V 118 -33.81 63.25 -15.80
N LEU V 119 -32.63 63.84 -15.60
CA LEU V 119 -31.75 63.49 -14.48
C LEU V 119 -31.48 64.67 -13.56
N TRP V 120 -30.96 65.77 -14.09
CA TRP V 120 -30.69 66.98 -13.32
C TRP V 120 -30.88 68.16 -14.24
N SER V 121 -30.95 69.36 -13.66
CA SER V 121 -31.10 70.57 -14.44
C SER V 121 -30.22 71.67 -13.90
N LEU V 122 -29.54 72.38 -14.80
CA LEU V 122 -28.63 73.45 -14.46
C LEU V 122 -29.30 74.78 -14.76
N ARG V 123 -29.19 75.72 -13.82
CA ARG V 123 -29.83 77.01 -13.91
C ARG V 123 -28.77 78.10 -13.77
N LEU V 124 -28.98 79.22 -14.45
CA LEU V 124 -28.02 80.32 -14.47
C LEU V 124 -28.74 81.62 -14.23
N PRO V 125 -28.42 82.36 -13.16
CA PRO V 125 -29.20 83.54 -12.82
C PRO V 125 -28.85 84.75 -13.67
N SER V 126 -29.84 85.63 -13.83
CA SER V 126 -29.73 86.85 -14.64
C SER V 126 -28.95 87.96 -13.94
N VAL V 127 -28.00 87.61 -13.07
CA VAL V 127 -27.29 88.63 -12.32
C VAL V 127 -26.34 89.40 -13.22
N LYS V 128 -26.10 90.66 -12.86
CA LYS V 128 -25.25 91.56 -13.63
C LYS V 128 -23.80 91.10 -13.75
N SER V 129 -23.33 90.25 -12.83
CA SER V 129 -21.96 89.76 -12.92
C SER V 129 -21.75 88.73 -14.04
N LEU V 130 -22.79 88.31 -14.75
CA LEU V 130 -22.59 87.40 -15.87
C LEU V 130 -21.56 87.94 -16.86
N ARG V 131 -21.66 89.24 -17.16
CA ARG V 131 -20.69 89.88 -18.06
C ARG V 131 -19.25 89.59 -17.68
N GLU V 132 -18.97 89.49 -16.38
CA GLU V 132 -17.60 89.24 -15.94
C GLU V 132 -17.14 87.83 -16.29
N LEU V 133 -18.05 86.88 -16.42
CA LEU V 133 -17.70 85.52 -16.78
C LEU V 133 -17.61 85.25 -18.28
N MET V 134 -18.05 86.16 -19.14
CA MET V 134 -17.89 85.92 -20.58
C MET V 134 -16.42 85.73 -20.93
N LEU V 135 -16.19 84.88 -21.93
CA LEU V 135 -14.87 84.78 -22.53
C LEU V 135 -14.45 86.13 -23.11
N PRO V 136 -13.18 86.51 -22.99
CA PRO V 136 -12.79 87.87 -23.40
C PRO V 136 -13.06 88.20 -24.85
N HIS V 137 -12.82 87.26 -25.77
CA HIS V 137 -13.09 87.54 -27.18
C HIS V 137 -14.58 87.64 -27.47
N MET V 138 -15.40 86.85 -26.77
CA MET V 138 -16.85 86.97 -26.91
C MET V 138 -17.34 88.32 -26.40
N ARG V 139 -16.86 88.73 -25.22
CA ARG V 139 -17.19 90.05 -24.70
C ARG V 139 -16.69 91.15 -25.62
N GLN V 140 -15.44 91.03 -26.10
CA GLN V 140 -14.90 92.03 -27.01
C GLN V 140 -15.73 92.14 -28.29
N GLN V 141 -16.13 90.99 -28.85
CA GLN V 141 -16.94 91.00 -30.06
C GLN V 141 -18.29 91.68 -29.82
N LEU V 142 -18.94 91.35 -28.71
CA LEU V 142 -20.21 91.99 -28.38
C LEU V 142 -20.04 93.48 -28.10
N ASP V 143 -18.95 93.86 -27.45
CA ASP V 143 -18.72 95.26 -27.12
C ASP V 143 -18.41 96.11 -28.34
N GLU V 144 -17.77 95.54 -29.36
CA GLU V 144 -17.45 96.26 -30.58
C GLU V 144 -18.51 96.13 -31.67
N LEU V 145 -19.62 95.44 -31.40
CA LEU V 145 -20.66 95.27 -32.40
C LEU V 145 -21.19 96.63 -32.85
N ASN V 146 -21.07 96.90 -34.16
CA ASN V 146 -21.52 98.17 -34.75
C ASN V 146 -23.03 98.13 -34.95
N VAL V 147 -23.76 98.44 -33.86
CA VAL V 147 -25.21 98.43 -33.89
C VAL V 147 -25.80 99.54 -34.77
N ASN V 148 -24.96 100.42 -35.30
CA ASN V 148 -25.39 101.36 -36.33
C ASN V 148 -25.64 100.71 -37.69
N ASP V 149 -25.21 99.46 -37.89
CA ASP V 149 -25.51 98.74 -39.12
C ASP V 149 -26.43 97.57 -38.82
N PRO V 150 -27.68 97.57 -39.33
CA PRO V 150 -28.55 96.41 -39.13
C PRO V 150 -27.95 95.09 -39.58
N LYS V 151 -27.17 95.11 -40.67
CA LYS V 151 -26.58 93.87 -41.16
C LYS V 151 -25.59 93.28 -40.17
N ALA V 152 -24.86 94.14 -39.44
CA ALA V 152 -23.95 93.64 -38.41
C ALA V 152 -24.70 92.96 -37.27
N ILE V 153 -25.78 93.59 -36.79
CA ILE V 153 -26.59 92.96 -35.75
C ILE V 153 -27.20 91.67 -36.28
N SER V 154 -27.78 91.71 -37.49
CA SER V 154 -28.38 90.52 -38.07
C SER V 154 -27.36 89.40 -38.21
N ARG V 155 -26.15 89.72 -38.68
CA ARG V 155 -25.08 88.74 -38.73
C ARG V 155 -24.69 88.24 -37.34
N TYR V 156 -24.67 89.14 -36.35
CA TYR V 156 -24.38 88.71 -34.99
C TYR V 156 -25.41 87.73 -34.47
N PHE V 157 -26.70 88.06 -34.60
CA PHE V 157 -27.73 87.11 -34.19
C PHE V 157 -27.64 85.81 -34.97
N ASP V 158 -27.38 85.88 -36.27
CA ASP V 158 -27.17 84.68 -37.07
C ASP V 158 -25.94 83.89 -36.62
N ARG V 159 -24.81 84.58 -36.47
CA ARG V 159 -23.56 83.89 -36.22
C ARG V 159 -23.41 83.45 -34.78
N VAL V 160 -23.92 84.23 -33.82
CA VAL V 160 -23.74 83.97 -32.41
C VAL V 160 -24.99 83.47 -31.72
N GLY V 161 -26.16 83.64 -32.33
CA GLY V 161 -27.44 83.40 -31.68
C GLY V 161 -28.02 84.66 -31.06
N SER V 162 -29.34 84.64 -30.93
CA SER V 162 -30.06 85.76 -30.33
C SER V 162 -30.22 85.63 -28.82
N HIS V 163 -30.13 84.42 -28.28
CA HIS V 163 -30.34 84.14 -26.87
C HIS V 163 -29.17 83.30 -26.38
N PHE V 164 -29.12 83.08 -25.06
CA PHE V 164 -28.23 82.08 -24.50
C PHE V 164 -28.97 81.27 -23.45
N LEU V 165 -28.56 80.01 -23.33
CA LEU V 165 -29.24 79.07 -22.45
C LEU V 165 -29.03 79.43 -20.98
N THR V 166 -30.14 79.54 -20.24
CA THR V 166 -30.10 79.72 -18.79
C THR V 166 -30.79 78.59 -18.03
N GLY V 167 -31.56 77.74 -18.70
CA GLY V 167 -32.15 76.59 -18.06
C GLY V 167 -31.90 75.35 -18.90
N ILE V 168 -31.29 74.34 -18.29
CA ILE V 168 -30.93 73.10 -18.97
C ILE V 168 -31.43 71.93 -18.16
N VAL V 169 -32.04 70.95 -18.83
CA VAL V 169 -32.32 69.65 -18.24
C VAL V 169 -31.41 68.65 -18.94
N MET V 170 -30.64 67.88 -18.17
CA MET V 170 -29.77 66.88 -18.75
C MET V 170 -30.36 65.49 -18.55
N GLY V 171 -30.48 64.74 -19.63
CA GLY V 171 -30.95 63.37 -19.53
C GLY V 171 -30.95 62.66 -20.86
N GLY V 172 -32.10 62.06 -21.17
CA GLY V 172 -32.33 61.42 -22.44
C GLY V 172 -33.69 61.84 -22.97
N ARG V 173 -33.92 61.58 -24.25
CA ARG V 173 -35.28 61.64 -24.75
C ARG V 173 -35.45 60.67 -25.90
N ALA V 174 -36.63 60.06 -25.98
CA ALA V 174 -37.11 59.37 -27.17
C ALA V 174 -38.29 60.15 -27.72
N ILE V 175 -38.30 60.35 -29.04
CA ILE V 175 -39.35 61.11 -29.70
C ILE V 175 -39.96 60.24 -30.78
N LEU V 176 -41.29 60.29 -30.89
CA LEU V 176 -42.01 59.86 -32.07
C LEU V 176 -42.75 61.05 -32.66
N ALA V 177 -42.44 61.38 -33.91
CA ALA V 177 -43.17 62.40 -34.65
C ALA V 177 -43.95 61.73 -35.78
N SER V 178 -45.18 62.16 -35.98
CA SER V 178 -46.06 61.52 -36.94
C SER V 178 -46.94 62.57 -37.62
N SER V 179 -47.19 62.36 -38.90
CA SER V 179 -48.19 63.11 -39.65
C SER V 179 -49.22 62.12 -40.18
N THR V 180 -50.50 62.44 -39.98
CA THR V 180 -51.58 61.47 -40.11
C THR V 180 -52.65 62.05 -41.02
N ASN V 181 -53.17 61.22 -41.91
CA ASN V 181 -54.22 61.66 -42.83
C ASN V 181 -55.50 61.87 -42.05
N LYS V 182 -55.81 63.13 -41.74
CA LYS V 182 -56.92 63.46 -40.86
C LYS V 182 -58.28 63.20 -41.50
N LEU V 183 -58.33 62.94 -42.81
CA LEU V 183 -59.58 62.59 -43.46
C LEU V 183 -59.95 61.13 -43.32
N ARG V 184 -59.00 60.25 -42.95
CA ARG V 184 -59.21 58.82 -43.07
C ARG V 184 -58.90 58.02 -41.80
N VAL V 185 -58.09 58.54 -40.88
CA VAL V 185 -57.90 57.89 -39.59
C VAL V 185 -59.19 57.90 -38.78
N LYS V 186 -59.40 56.84 -38.00
CA LYS V 186 -60.54 56.78 -37.10
C LYS V 186 -60.58 57.95 -36.14
N ARG V 187 -61.78 58.49 -35.93
CA ARG V 187 -62.02 59.64 -35.07
C ARG V 187 -62.56 59.24 -33.69
N ASP V 188 -62.47 57.96 -33.31
CA ASP V 188 -62.93 57.55 -31.99
C ASP V 188 -62.19 58.29 -30.88
N TYR V 189 -60.91 58.58 -31.06
CA TYR V 189 -60.12 59.32 -30.09
C TYR V 189 -59.34 60.42 -30.79
N SER V 190 -58.95 61.42 -30.01
CA SER V 190 -58.03 62.43 -30.53
C SER V 190 -56.71 61.80 -30.90
N VAL V 191 -56.07 62.36 -31.94
CA VAL V 191 -54.89 61.71 -32.51
C VAL V 191 -53.72 61.78 -31.53
N SER V 192 -53.68 62.79 -30.67
CA SER V 192 -52.68 62.82 -29.60
C SER V 192 -52.85 61.64 -28.64
N VAL V 193 -54.08 61.17 -28.44
CA VAL V 193 -54.29 60.03 -27.55
C VAL V 193 -53.76 58.74 -28.19
N VAL V 194 -54.11 58.50 -29.45
CA VAL V 194 -53.61 57.31 -30.15
C VAL V 194 -52.16 57.47 -30.58
N ALA V 195 -51.69 58.70 -30.79
CA ALA V 195 -50.25 58.91 -30.93
C ALA V 195 -49.49 58.50 -29.68
N LYS V 196 -49.90 59.02 -28.51
CA LYS V 196 -49.25 58.63 -27.26
C LYS V 196 -49.41 57.13 -27.00
N ALA V 197 -50.61 56.60 -27.21
CA ALA V 197 -50.84 55.18 -26.98
C ALA V 197 -50.00 54.30 -27.90
N SER V 198 -49.82 54.72 -29.15
CA SER V 198 -48.95 53.96 -30.06
C SER V 198 -47.49 54.13 -29.74
N TYR V 199 -47.08 55.33 -29.31
CA TYR V 199 -45.73 55.50 -28.76
C TYR V 199 -45.49 54.57 -27.57
N GLU V 200 -46.44 54.53 -26.64
CA GLU V 200 -46.35 53.58 -25.52
C GLU V 200 -46.33 52.14 -26.02
N GLY V 201 -47.09 51.84 -27.08
CA GLY V 201 -47.04 50.51 -27.66
C GLY V 201 -45.67 50.17 -28.22
N LEU V 202 -45.08 51.10 -28.99
CA LEU V 202 -43.77 50.85 -29.57
C LEU V 202 -42.70 50.69 -28.50
N THR V 203 -42.81 51.43 -27.40
CA THR V 203 -41.86 51.31 -26.30
C THR V 203 -42.24 50.24 -25.29
N GLY V 204 -43.41 49.62 -25.43
CA GLY V 204 -43.85 48.60 -24.51
C GLY V 204 -44.47 49.13 -23.23
N GLN V 205 -44.63 50.44 -23.09
CA GLN V 205 -45.21 51.04 -21.90
C GLN V 205 -46.73 50.89 -21.84
N LEU V 206 -47.37 50.52 -22.95
CA LEU V 206 -48.82 50.38 -22.99
C LEU V 206 -49.23 49.13 -22.22
N SER V 207 -50.17 49.30 -21.29
CA SER V 207 -50.64 48.18 -20.48
C SER V 207 -51.58 47.25 -21.26
N ALA V 208 -51.78 46.07 -20.68
CA ALA V 208 -52.69 45.06 -21.21
C ALA V 208 -54.09 45.59 -21.50
N GLU V 209 -54.69 46.32 -20.55
CA GLU V 209 -56.00 46.91 -20.80
C GLU V 209 -55.94 48.07 -21.79
N ALA V 210 -54.89 48.88 -21.75
CA ALA V 210 -54.80 49.98 -22.70
C ALA V 210 -54.50 49.44 -24.09
N LYS V 211 -53.66 48.42 -24.16
CA LYS V 211 -53.36 47.72 -25.41
C LYS V 211 -54.61 47.20 -26.11
N ALA V 212 -55.52 46.56 -25.37
CA ALA V 212 -56.83 46.26 -25.92
C ALA V 212 -57.62 47.50 -26.32
N LYS V 213 -57.75 48.48 -25.44
CA LYS V 213 -58.60 49.63 -25.74
C LYS V 213 -58.09 50.44 -26.93
N TYR V 214 -56.81 50.84 -26.88
CA TYR V 214 -56.17 51.54 -27.98
C TYR V 214 -55.80 50.64 -29.17
N GLY V 215 -55.57 49.35 -28.92
CA GLY V 215 -54.96 48.50 -29.93
C GLY V 215 -55.64 48.51 -31.28
N GLU V 216 -56.98 48.49 -31.31
CA GLU V 216 -57.66 48.66 -32.59
C GLU V 216 -57.56 50.07 -33.15
N SER V 217 -57.52 51.09 -32.29
CA SER V 217 -57.39 52.46 -32.77
C SER V 217 -55.99 52.79 -33.29
N ILE V 218 -54.95 52.19 -32.71
CA ILE V 218 -53.58 52.51 -33.09
C ILE V 218 -53.19 51.90 -34.44
N SER V 219 -53.77 50.77 -34.83
CA SER V 219 -53.53 50.25 -36.16
C SER V 219 -54.02 51.19 -37.26
N SER V 220 -55.21 51.76 -37.10
CA SER V 220 -55.65 52.78 -38.06
C SER V 220 -54.71 53.97 -38.08
N PHE V 221 -54.32 54.46 -36.90
CA PHE V 221 -53.31 55.51 -36.81
C PHE V 221 -51.99 55.09 -37.45
N THR V 222 -51.57 53.84 -37.23
CA THR V 222 -50.28 53.40 -37.73
C THR V 222 -50.22 53.39 -39.25
N GLN V 223 -51.21 52.79 -39.90
CA GLN V 223 -51.18 52.67 -41.35
C GLN V 223 -51.38 54.00 -42.06
N TYR V 224 -52.17 54.90 -41.49
CA TYR V 224 -52.44 56.19 -42.11
C TYR V 224 -51.50 57.30 -41.66
N SER V 225 -50.34 56.97 -41.09
CA SER V 225 -49.43 58.02 -40.64
C SER V 225 -47.99 57.58 -40.85
N ASN V 226 -47.11 58.57 -40.99
CA ASN V 226 -45.67 58.38 -41.21
C ASN V 226 -44.93 58.74 -39.91
N THR V 227 -44.70 57.74 -39.07
CA THR V 227 -44.07 57.96 -37.77
C THR V 227 -42.57 58.02 -37.94
N HIS V 228 -42.00 59.23 -37.85
CA HIS V 228 -40.58 59.39 -37.62
C HIS V 228 -40.24 59.07 -36.17
N GLN V 229 -39.12 58.39 -35.96
CA GLN V 229 -38.63 58.02 -34.64
C GLN V 229 -37.19 58.46 -34.46
N GLU V 230 -36.90 59.04 -33.30
CA GLU V 230 -35.52 59.37 -32.95
C GLU V 230 -35.35 59.26 -31.44
N VAL V 231 -34.10 59.16 -31.01
CA VAL V 231 -33.74 58.99 -29.61
C VAL V 231 -32.41 59.69 -29.36
N ARG V 232 -32.26 60.21 -28.15
CA ARG V 232 -31.14 61.09 -27.82
C ARG V 232 -30.71 60.85 -26.38
N GLY V 233 -29.43 61.04 -26.11
CA GLY V 233 -28.84 60.61 -24.85
C GLY V 233 -28.78 59.10 -24.68
N GLY V 234 -28.04 58.68 -23.67
CA GLY V 234 -27.81 57.26 -23.42
C GLY V 234 -26.85 56.63 -24.41
N ASP V 235 -26.65 55.32 -24.23
CA ASP V 235 -25.73 54.57 -25.07
C ASP V 235 -26.33 54.38 -26.46
N GLY V 236 -25.66 54.95 -27.47
CA GLY V 236 -26.11 54.81 -28.84
C GLY V 236 -26.16 53.37 -29.33
N ALA V 237 -25.41 52.47 -28.70
CA ALA V 237 -25.54 51.05 -29.01
C ALA V 237 -26.80 50.43 -28.44
N LYS V 238 -27.47 51.09 -27.50
CA LYS V 238 -28.74 50.63 -26.97
C LYS V 238 -29.89 51.55 -27.34
N ALA V 239 -29.60 52.68 -27.99
CA ALA V 239 -30.65 53.65 -28.29
C ALA V 239 -31.68 53.08 -29.25
N HIS V 240 -31.23 52.31 -30.24
CA HIS V 240 -32.13 51.74 -31.23
C HIS V 240 -33.07 50.69 -30.65
N GLY V 241 -32.73 50.12 -29.48
CA GLY V 241 -33.60 49.18 -28.80
C GLY V 241 -34.84 49.78 -28.16
N VAL V 242 -34.90 51.10 -28.00
CA VAL V 242 -36.00 51.69 -27.24
C VAL V 242 -37.33 51.48 -27.95
N PHE V 243 -37.34 51.48 -29.28
CA PHE V 243 -38.55 51.21 -30.05
C PHE V 243 -38.67 49.75 -30.45
N SER V 244 -37.96 48.86 -29.75
CA SER V 244 -37.95 47.43 -30.03
C SER V 244 -39.24 46.73 -29.58
N GLY V 245 -40.20 47.47 -29.04
CA GLY V 245 -41.43 46.87 -28.56
C GLY V 245 -41.31 46.12 -27.26
N LYS V 246 -40.16 46.15 -26.61
CA LYS V 246 -39.87 45.31 -25.45
C LYS V 246 -39.37 46.18 -24.32
N LYS V 247 -40.01 46.07 -23.16
CA LYS V 247 -39.68 46.93 -22.02
C LYS V 247 -38.23 46.75 -21.58
N GLU V 248 -37.72 45.52 -21.63
CA GLU V 248 -36.34 45.28 -21.20
C GLU V 248 -35.34 46.05 -22.05
N ASP V 249 -35.62 46.21 -23.34
CA ASP V 249 -34.75 47.00 -24.20
C ASP V 249 -34.87 48.50 -23.91
N PHE V 250 -36.09 48.99 -23.71
CA PHE V 250 -36.28 50.39 -23.34
C PHE V 250 -35.63 50.71 -22.00
N GLN V 251 -35.85 49.87 -20.98
CA GLN V 251 -35.23 50.10 -19.68
C GLN V 251 -33.71 50.01 -19.76
N ALA V 252 -33.19 49.09 -20.57
CA ALA V 252 -31.74 49.01 -20.78
C ALA V 252 -31.16 50.30 -21.35
N TRP V 253 -31.91 51.02 -22.19
CA TRP V 253 -31.48 52.35 -22.61
C TRP V 253 -31.56 53.36 -21.48
N VAL V 254 -32.69 53.39 -20.77
CA VAL V 254 -32.84 54.30 -19.63
C VAL V 254 -31.71 54.11 -18.63
N ASP V 255 -31.34 52.85 -18.35
CA ASP V 255 -30.22 52.59 -17.46
C ASP V 255 -28.89 53.10 -17.99
N SER V 256 -28.80 53.44 -19.28
CA SER V 256 -27.59 54.05 -19.82
C SER V 256 -27.65 55.57 -19.93
N VAL V 257 -28.84 56.16 -19.93
CA VAL V 257 -28.96 57.61 -19.95
C VAL V 257 -28.29 58.23 -18.72
N SER V 258 -28.39 57.55 -17.58
CA SER V 258 -27.78 58.05 -16.35
C SER V 258 -26.27 58.19 -16.48
N ALA V 259 -25.61 57.34 -17.27
CA ALA V 259 -24.18 57.48 -17.46
C ALA V 259 -23.80 58.60 -18.43
N SER V 260 -24.59 58.80 -19.49
CA SER V 260 -24.19 59.67 -20.60
C SER V 260 -25.36 60.54 -21.03
N PRO V 261 -25.78 61.48 -20.18
CA PRO V 261 -26.93 62.32 -20.52
C PRO V 261 -26.58 63.41 -21.52
N ASP V 262 -27.62 63.93 -22.17
CA ASP V 262 -27.52 65.04 -23.10
C ASP V 262 -28.53 66.11 -22.74
N PHE V 263 -28.32 67.30 -23.30
CA PHE V 263 -29.32 68.36 -23.31
C PHE V 263 -30.58 67.97 -24.08
N VAL V 264 -31.69 67.78 -23.37
CA VAL V 264 -32.89 67.18 -23.91
C VAL V 264 -34.10 68.09 -23.75
N ASP V 265 -34.08 68.98 -22.76
CA ASP V 265 -35.25 69.82 -22.51
C ASP V 265 -34.84 71.09 -21.78
N PHE V 266 -35.74 72.07 -21.80
CA PHE V 266 -35.58 73.31 -21.06
C PHE V 266 -36.23 73.21 -19.68
N VAL V 267 -35.70 74.02 -18.75
CA VAL V 267 -36.40 74.35 -17.50
C VAL V 267 -37.50 75.36 -17.78
N PRO V 268 -38.77 75.04 -17.48
CA PRO V 268 -39.87 75.88 -18.01
C PRO V 268 -39.81 77.33 -17.57
N THR V 269 -39.24 77.63 -16.41
CA THR V 269 -39.32 78.97 -15.85
C THR V 269 -38.32 79.93 -16.48
N ILE V 270 -37.15 79.46 -16.90
CA ILE V 270 -36.05 80.35 -17.25
C ILE V 270 -35.23 79.73 -18.37
N PRO V 271 -35.86 79.35 -19.49
CA PRO V 271 -35.16 78.52 -20.48
C PRO V 271 -33.96 79.21 -21.11
N MET V 272 -34.10 80.47 -21.53
CA MET V 272 -33.00 81.20 -22.13
C MET V 272 -33.19 82.69 -21.94
N GLN V 273 -32.08 83.42 -22.02
CA GLN V 273 -32.05 84.87 -21.82
C GLN V 273 -31.59 85.56 -23.10
N GLU V 274 -32.14 86.75 -23.35
CA GLU V 274 -31.76 87.51 -24.52
C GLU V 274 -30.31 87.97 -24.46
N ILE V 275 -29.66 87.99 -25.63
CA ILE V 275 -28.23 88.24 -25.73
C ILE V 275 -27.86 89.65 -25.30
N TRP V 276 -28.72 90.63 -25.58
CA TRP V 276 -28.49 92.02 -25.14
C TRP V 276 -28.67 92.21 -23.64
N THR V 277 -29.01 91.18 -22.88
CA THR V 277 -28.83 91.24 -21.44
C THR V 277 -27.35 91.42 -21.06
N LEU V 278 -26.44 90.94 -21.90
CA LEU V 278 -25.01 90.97 -21.59
C LEU V 278 -24.28 92.22 -22.09
N CYS V 279 -24.87 93.03 -22.97
CA CYS V 279 -24.16 94.20 -23.46
C CYS V 279 -24.15 95.30 -22.40
N SER V 280 -23.05 96.03 -22.33
CA SER V 280 -22.82 96.97 -21.23
C SER V 280 -23.61 98.26 -21.37
N SER V 281 -23.98 98.66 -22.59
CA SER V 281 -24.67 99.93 -22.80
C SER V 281 -26.15 99.71 -23.08
N GLU V 282 -27.00 100.42 -22.34
CA GLU V 282 -28.43 100.36 -22.57
C GLU V 282 -28.80 100.88 -23.95
N ALA V 283 -28.04 101.84 -24.48
CA ALA V 283 -28.24 102.31 -25.84
C ALA V 283 -27.89 101.22 -26.86
N GLN V 284 -26.90 100.39 -26.56
CA GLN V 284 -26.64 99.22 -27.40
C GLN V 284 -27.76 98.21 -27.28
N ALA V 285 -28.22 97.94 -26.05
CA ALA V 285 -29.31 97.00 -25.85
C ALA V 285 -30.57 97.43 -26.59
N GLU V 286 -30.89 98.73 -26.54
CA GLU V 286 -32.04 99.26 -27.27
C GLU V 286 -31.92 99.00 -28.77
N ALA V 287 -30.76 99.27 -29.35
CA ALA V 287 -30.57 99.01 -30.78
C ALA V 287 -30.67 97.51 -31.09
N MET V 288 -30.04 96.66 -30.29
CA MET V 288 -30.12 95.23 -30.54
C MET V 288 -31.54 94.70 -30.35
N ARG V 289 -32.18 95.02 -29.24
CA ARG V 289 -33.56 94.60 -29.02
C ARG V 289 -34.50 95.12 -30.11
N LYS V 290 -34.35 96.40 -30.47
CA LYS V 290 -35.16 96.95 -31.55
C LYS V 290 -34.94 96.22 -32.87
N HIS V 291 -33.68 95.92 -33.21
CA HIS V 291 -33.43 95.13 -34.40
C HIS V 291 -33.99 93.72 -34.30
N TYR V 292 -33.86 93.09 -33.13
CA TYR V 292 -34.27 91.70 -32.98
C TYR V 292 -35.74 91.51 -33.36
N ASP V 293 -36.61 92.37 -32.87
CA ASP V 293 -38.05 92.19 -33.02
C ASP V 293 -38.64 93.01 -34.16
N ASP V 294 -37.96 94.07 -34.60
CA ASP V 294 -38.41 94.81 -35.77
C ASP V 294 -38.01 94.14 -37.08
N VAL V 295 -36.91 93.39 -37.09
CA VAL V 295 -36.36 92.89 -38.35
C VAL V 295 -36.08 91.40 -38.28
N TRP V 296 -35.18 91.00 -37.38
CA TRP V 296 -34.59 89.66 -37.48
C TRP V 296 -35.59 88.58 -37.12
N ALA V 297 -36.24 88.68 -35.96
CA ALA V 297 -37.23 87.68 -35.59
C ALA V 297 -38.43 87.61 -36.53
N PRO V 298 -38.97 88.72 -37.04
CA PRO V 298 -39.95 88.61 -38.13
C PRO V 298 -39.46 87.84 -39.34
N ALA V 299 -38.31 88.23 -39.90
CA ALA V 299 -37.78 87.54 -41.07
C ALA V 299 -37.52 86.06 -40.79
N GLN V 300 -36.93 85.75 -39.64
CA GLN V 300 -36.70 84.34 -39.31
C GLN V 300 -38.01 83.58 -39.17
N SER V 301 -39.03 84.17 -38.53
CA SER V 301 -40.32 83.49 -38.41
C SER V 301 -40.95 83.27 -39.77
N GLU V 302 -40.89 84.28 -40.66
CA GLU V 302 -41.47 84.14 -41.99
C GLU V 302 -40.75 83.10 -42.82
N LYS V 303 -39.42 83.04 -42.71
CA LYS V 303 -38.63 82.07 -43.46
C LYS V 303 -38.87 80.63 -42.99
N TYR V 304 -39.72 80.42 -41.99
CA TYR V 304 -40.08 79.08 -41.53
C TYR V 304 -41.57 78.82 -41.71
N ARG V 305 -42.26 79.71 -42.44
CA ARG V 305 -43.67 79.51 -42.75
C ARG V 305 -43.81 78.60 -43.95
N VAL V 306 -44.70 77.62 -43.86
CA VAL V 306 -44.80 76.53 -44.83
C VAL V 306 -46.06 76.70 -45.66
N LYS V 307 -45.92 76.73 -46.97
CA LYS V 307 -47.04 76.72 -47.90
C LYS V 307 -47.66 75.33 -47.95
N ALA V 308 -48.93 75.27 -48.34
CA ALA V 308 -49.52 74.01 -48.74
C ALA V 308 -49.40 73.81 -50.25
N ASN V 309 -49.42 72.55 -50.67
CA ASN V 309 -49.57 72.22 -52.08
C ASN V 309 -50.90 72.73 -52.60
N TYR V 310 -50.97 73.00 -53.90
CA TYR V 310 -52.17 73.52 -54.53
C TYR V 310 -52.42 72.86 -55.87
N ILE V 311 -53.69 72.85 -56.28
CA ILE V 311 -54.08 72.31 -57.57
C ILE V 311 -53.73 73.31 -58.66
N ASP V 312 -53.02 72.83 -59.69
CA ASP V 312 -52.71 73.65 -60.85
C ASP V 312 -53.33 73.16 -62.16
N GLN V 313 -53.79 71.92 -62.24
CA GLN V 313 -54.37 71.41 -63.47
C GLN V 313 -55.37 70.30 -63.16
N LEU V 314 -56.49 70.30 -63.90
CA LEU V 314 -57.51 69.27 -63.80
C LEU V 314 -57.73 68.62 -65.15
N VAL V 315 -58.06 67.33 -65.12
CA VAL V 315 -58.44 66.57 -66.32
C VAL V 315 -59.52 65.57 -65.94
N VAL V 316 -60.28 65.15 -66.96
CA VAL V 316 -61.30 64.12 -66.79
C VAL V 316 -60.95 62.94 -67.69
N ILE V 317 -61.16 61.72 -67.17
CA ILE V 317 -60.87 60.50 -67.91
C ILE V 317 -62.13 59.64 -67.93
N THR V 318 -62.36 58.98 -69.06
CA THR V 318 -63.58 58.23 -69.31
C THR V 318 -63.24 56.86 -69.86
N GLY V 319 -64.04 55.87 -69.50
CA GLY V 319 -63.84 54.53 -70.02
C GLY V 319 -64.85 53.56 -69.45
N GLY V 320 -64.66 52.30 -69.84
CA GLY V 320 -65.61 51.22 -69.63
C GLY V 320 -65.49 50.43 -68.35
N SER V 321 -64.63 50.80 -67.42
CA SER V 321 -64.49 50.03 -66.20
C SER V 321 -64.07 50.92 -65.04
N SER V 322 -64.30 50.41 -63.83
CA SER V 322 -64.00 51.17 -62.62
C SER V 322 -62.52 51.50 -62.51
N THR V 323 -61.66 50.69 -63.13
CA THR V 323 -60.23 50.73 -62.85
C THR V 323 -59.45 51.53 -63.89
N ILE V 324 -60.15 52.27 -64.76
CA ILE V 324 -59.46 53.19 -65.65
C ILE V 324 -58.66 54.19 -64.82
N GLU V 325 -57.60 54.74 -65.42
CA GLU V 325 -56.49 55.30 -64.66
C GLU V 325 -55.96 56.53 -65.36
N PRO V 326 -55.61 57.58 -64.61
CA PRO V 326 -55.27 58.86 -65.23
C PRO V 326 -53.94 58.82 -65.96
N PRO V 327 -53.64 59.86 -66.74
CA PRO V 327 -52.26 60.06 -67.17
C PRO V 327 -51.32 60.20 -65.98
N VAL V 328 -50.09 59.72 -66.16
CA VAL V 328 -49.21 59.42 -65.04
C VAL V 328 -48.99 60.64 -64.15
N GLY V 329 -49.02 61.84 -64.73
CA GLY V 329 -48.82 63.05 -63.94
C GLY V 329 -49.94 63.37 -62.97
N TYR V 330 -51.13 62.80 -63.17
CA TYR V 330 -52.30 63.15 -62.38
C TYR V 330 -52.65 62.04 -61.40
N SER V 331 -53.49 62.39 -60.42
CA SER V 331 -54.08 61.44 -59.50
C SER V 331 -55.60 61.58 -59.53
N LYS V 332 -56.28 60.49 -59.21
CA LYS V 332 -57.70 60.33 -59.51
C LYS V 332 -58.55 60.54 -58.28
N ILE V 333 -59.63 61.32 -58.43
CA ILE V 333 -60.73 61.34 -57.48
C ILE V 333 -61.61 60.13 -57.74
N GLU V 334 -61.64 59.20 -56.80
CA GLU V 334 -62.21 57.86 -56.98
C GLU V 334 -63.74 57.84 -57.06
N TYR V 335 -64.48 58.93 -57.19
CA TYR V 335 -65.94 58.89 -57.24
C TYR V 335 -66.39 59.10 -58.68
N ASP V 336 -67.16 58.15 -59.20
CA ASP V 336 -67.56 58.16 -60.60
C ASP V 336 -68.59 59.26 -60.84
N LEU V 337 -68.29 60.17 -61.77
CA LEU V 337 -69.21 61.23 -62.17
C LEU V 337 -70.42 60.72 -62.96
N ASN V 338 -70.58 59.41 -63.13
CA ASN V 338 -71.84 58.82 -63.56
C ASN V 338 -72.32 57.75 -62.59
N ALA V 339 -71.90 57.81 -61.33
CA ALA V 339 -72.28 56.81 -60.34
C ALA V 339 -73.79 56.65 -60.30
N GLY V 340 -74.26 55.44 -60.62
CA GLY V 340 -75.67 55.15 -60.71
C GLY V 340 -76.35 55.63 -61.97
N ALA V 341 -75.67 56.41 -62.80
CA ALA V 341 -76.24 56.92 -64.04
C ALA V 341 -75.94 56.04 -65.24
N GLY V 342 -75.22 54.95 -65.05
CA GLY V 342 -74.83 54.10 -66.15
C GLY V 342 -73.90 54.80 -67.12
N GLY V 343 -73.82 54.24 -68.33
CA GLY V 343 -72.95 54.78 -69.36
C GLY V 343 -71.49 54.46 -69.13
N ASP V 344 -70.63 55.39 -69.54
CA ASP V 344 -69.22 55.32 -69.22
C ASP V 344 -68.96 55.66 -67.76
N PHE V 345 -67.95 55.01 -67.18
CA PHE V 345 -67.31 55.52 -65.99
C PHE V 345 -66.56 56.80 -66.30
N ILE V 346 -66.72 57.80 -65.44
CA ILE V 346 -66.06 59.10 -65.59
C ILE V 346 -65.43 59.48 -64.26
N TYR V 347 -64.17 59.91 -64.30
CA TYR V 347 -63.45 60.35 -63.11
C TYR V 347 -62.77 61.69 -63.36
N LEU V 348 -62.76 62.52 -62.32
CA LEU V 348 -62.05 63.80 -62.33
C LEU V 348 -60.67 63.61 -61.71
N CYS V 349 -59.66 64.16 -62.37
CA CYS V 349 -58.27 63.97 -61.95
C CYS V 349 -57.58 65.32 -61.88
N TYR V 350 -56.57 65.42 -61.02
CA TYR V 350 -55.92 66.68 -60.72
C TYR V 350 -54.41 66.50 -60.62
N HIS V 351 -53.70 67.61 -60.79
CA HIS V 351 -52.29 67.75 -60.46
C HIS V 351 -52.16 68.73 -59.31
N GLU V 352 -51.41 68.36 -58.28
CA GLU V 352 -51.09 69.25 -57.17
C GLU V 352 -49.63 69.67 -57.26
N GLN V 353 -49.40 70.99 -57.29
CA GLN V 353 -48.12 71.59 -57.57
C GLN V 353 -47.42 71.97 -56.26
N THR V 354 -46.14 71.63 -56.16
CA THR V 354 -45.32 72.15 -55.07
C THR V 354 -45.00 73.61 -55.32
N TRP V 355 -45.23 74.44 -54.30
CA TRP V 355 -44.89 75.86 -54.42
C TRP V 355 -43.39 76.08 -54.46
N GLN V 356 -42.97 77.02 -55.30
CA GLN V 356 -41.57 77.39 -55.48
C GLN V 356 -41.44 78.90 -55.42
N ALA V 357 -40.44 79.38 -54.70
CA ALA V 357 -40.33 80.81 -54.44
C ALA V 357 -40.02 81.59 -55.71
N ASP V 358 -39.19 81.04 -56.59
CA ASP V 358 -38.74 81.75 -57.77
C ASP V 358 -39.58 81.50 -59.02
N ARG V 359 -40.45 80.49 -59.00
CA ARG V 359 -41.29 80.21 -60.15
C ARG V 359 -42.59 79.54 -59.73
N PRO V 360 -43.43 80.23 -58.95
CA PRO V 360 -44.78 79.71 -58.73
C PRO V 360 -45.58 79.67 -60.02
N LYS V 361 -46.29 78.56 -60.22
CA LYS V 361 -47.21 78.45 -61.34
C LYS V 361 -48.49 79.20 -61.04
N ASP V 362 -49.44 79.16 -61.97
CA ASP V 362 -50.83 79.36 -61.63
C ASP V 362 -51.35 78.24 -60.75
N ALA V 363 -52.21 78.59 -59.80
CA ALA V 363 -53.17 77.65 -59.23
C ALA V 363 -54.49 77.71 -59.97
N VAL V 364 -55.28 76.65 -59.84
CA VAL V 364 -56.71 76.74 -60.07
C VAL V 364 -57.31 77.59 -58.95
N THR V 365 -58.18 78.54 -59.32
CA THR V 365 -58.81 79.41 -58.35
C THR V 365 -60.33 79.46 -58.42
N ASP V 366 -60.95 78.99 -59.50
CA ASP V 366 -62.40 78.84 -59.52
C ASP V 366 -62.78 77.70 -60.44
N ILE V 367 -63.95 77.11 -60.18
CA ILE V 367 -64.48 76.04 -61.02
C ILE V 367 -65.97 76.31 -61.24
N ARG V 368 -66.44 76.02 -62.44
CA ARG V 368 -67.84 76.19 -62.80
C ARG V 368 -68.27 75.03 -63.68
N ILE V 369 -69.59 74.78 -63.71
CA ILE V 369 -70.20 73.85 -64.63
C ILE V 369 -71.17 74.61 -65.53
N ILE V 370 -71.03 74.41 -66.84
CA ILE V 370 -71.68 75.27 -67.83
C ILE V 370 -72.76 74.55 -68.61
N PHE V 371 -72.85 73.22 -68.52
CA PHE V 371 -73.90 72.42 -69.16
C PHE V 371 -73.94 72.65 -70.67
N ASN V 372 -75.15 72.50 -71.23
CA ASN V 372 -75.35 72.09 -72.62
C ASN V 372 -74.63 72.98 -73.64
N LYS V 373 -75.00 74.26 -73.71
CA LYS V 373 -74.56 75.14 -74.79
C LYS V 373 -74.05 76.50 -74.32
N GLU V 374 -74.12 76.79 -73.04
CA GLU V 374 -73.69 78.11 -72.58
C GLU V 374 -72.22 78.32 -72.92
N PRO V 375 -71.84 79.51 -73.40
CA PRO V 375 -70.42 79.75 -73.72
C PRO V 375 -69.55 79.69 -72.47
N THR V 376 -68.29 79.33 -72.69
CA THR V 376 -67.34 79.26 -71.59
C THR V 376 -67.16 80.64 -70.97
N PRO V 377 -67.27 80.77 -69.66
CA PRO V 377 -67.16 82.09 -69.03
C PRO V 377 -65.81 82.72 -69.28
N PRO V 378 -65.73 84.06 -69.22
CA PRO V 378 -64.54 84.77 -69.69
C PRO V 378 -63.27 84.36 -68.97
N GLY V 379 -62.32 83.82 -69.74
CA GLY V 379 -61.04 83.38 -69.22
C GLY V 379 -61.01 82.02 -68.57
N TYR V 380 -62.12 81.30 -68.51
CA TYR V 380 -62.10 79.93 -68.02
C TYR V 380 -61.65 78.98 -69.13
N THR V 381 -60.95 77.93 -68.72
CA THR V 381 -60.75 76.77 -69.56
C THR V 381 -61.94 75.82 -69.43
N LYS V 382 -62.10 74.95 -70.44
CA LYS V 382 -63.15 73.96 -70.46
C LYS V 382 -62.55 72.60 -70.78
N LEU V 383 -62.98 71.58 -70.03
CA LEU V 383 -62.64 70.20 -70.35
C LEU V 383 -63.57 69.66 -71.43
N PRO V 384 -63.04 68.99 -72.47
CA PRO V 384 -63.89 68.61 -73.61
C PRO V 384 -64.79 67.41 -73.34
N GLN V 385 -64.49 66.58 -72.35
CA GLN V 385 -65.32 65.42 -72.07
C GLN V 385 -66.68 65.83 -71.53
N ASP V 386 -67.74 65.22 -72.09
CA ASP V 386 -69.07 65.30 -71.50
C ASP V 386 -69.14 64.46 -70.24
N LEU V 387 -69.48 65.09 -69.12
CA LEU V 387 -69.58 64.41 -67.84
C LEU V 387 -70.88 63.64 -67.66
N ASN V 388 -71.66 63.46 -68.74
CA ASN V 388 -72.69 62.43 -68.82
C ASN V 388 -72.47 61.50 -70.01
N LYS V 389 -71.25 61.45 -70.54
CA LYS V 389 -70.95 60.57 -71.66
C LYS V 389 -71.44 59.16 -71.38
N GLY V 390 -72.26 58.64 -72.31
CA GLY V 390 -72.93 57.37 -72.16
C GLY V 390 -74.10 57.36 -71.20
N ALA V 391 -74.22 58.35 -70.32
CA ALA V 391 -75.30 58.36 -69.34
C ALA V 391 -76.57 59.00 -69.88
N GLY V 392 -76.51 59.62 -71.05
CA GLY V 392 -77.63 60.38 -71.58
C GLY V 392 -77.76 61.74 -70.93
N GLY V 393 -78.98 62.12 -70.58
CA GLY V 393 -79.20 63.39 -69.93
C GLY V 393 -78.80 64.57 -70.80
N ASP V 394 -78.53 65.68 -70.11
CA ASP V 394 -77.96 66.85 -70.75
C ASP V 394 -76.44 66.74 -70.83
N ASP V 395 -75.85 67.45 -71.78
CA ASP V 395 -74.40 67.49 -71.91
C ASP V 395 -73.80 68.36 -70.80
N VAL V 396 -72.90 67.77 -70.02
CA VAL V 396 -72.30 68.42 -68.86
C VAL V 396 -70.83 68.64 -69.12
N PHE V 397 -70.36 69.87 -68.92
CA PHE V 397 -68.96 70.21 -69.04
C PHE V 397 -68.52 71.03 -67.83
N LEU V 398 -67.32 70.73 -67.34
CA LEU V 398 -66.72 71.43 -66.21
C LEU V 398 -65.67 72.42 -66.70
N CYS V 399 -65.72 73.64 -66.17
CA CYS V 399 -64.79 74.71 -66.51
C CYS V 399 -64.08 75.18 -65.25
N TYR V 400 -62.84 75.65 -65.42
CA TYR V 400 -62.09 76.17 -64.28
C TYR V 400 -61.19 77.31 -64.72
N LYS V 401 -60.95 78.22 -63.78
CA LYS V 401 -60.12 79.40 -63.98
C LYS V 401 -58.81 79.24 -63.23
N THR V 402 -57.72 79.65 -63.85
CA THR V 402 -56.39 79.61 -63.24
C THR V 402 -55.81 81.01 -63.15
N GLU V 403 -55.08 81.26 -62.06
CA GLU V 403 -54.53 82.57 -61.75
C GLU V 403 -53.21 82.37 -61.02
N ALA V 404 -52.36 83.39 -61.08
CA ALA V 404 -51.06 83.32 -60.41
C ALA V 404 -51.25 83.04 -58.92
N TYR V 405 -50.33 82.26 -58.37
CA TYR V 405 -50.50 81.70 -57.04
C TYR V 405 -50.71 82.79 -55.99
N ASN V 406 -51.68 82.57 -55.11
CA ASN V 406 -51.81 83.34 -53.88
C ASN V 406 -52.38 82.42 -52.82
N THR V 407 -51.79 82.44 -51.62
CA THR V 407 -52.27 81.58 -50.55
C THR V 407 -53.72 81.85 -50.19
N ASP V 408 -54.21 83.07 -50.45
CA ASP V 408 -55.58 83.41 -50.15
C ASP V 408 -56.59 82.70 -51.05
N THR V 409 -56.15 82.17 -52.20
CA THR V 409 -57.09 81.72 -53.21
C THR V 409 -56.66 80.47 -53.97
N ALA V 410 -55.40 80.07 -53.94
CA ALA V 410 -55.00 78.81 -54.56
C ALA V 410 -55.73 77.65 -53.91
N ILE V 411 -56.53 76.95 -54.72
CA ILE V 411 -57.29 75.80 -54.23
C ILE V 411 -56.32 74.68 -53.88
N ASN V 412 -56.41 74.20 -52.64
CA ASN V 412 -55.52 73.14 -52.18
C ASN V 412 -56.06 71.74 -52.47
N LYS V 413 -57.36 71.53 -52.34
CA LYS V 413 -57.93 70.22 -52.62
C LYS V 413 -59.29 70.35 -53.28
N VAL V 414 -59.67 69.30 -54.02
CA VAL V 414 -61.00 69.16 -54.57
C VAL V 414 -61.47 67.73 -54.31
N THR V 415 -62.79 67.56 -54.25
CA THR V 415 -63.38 66.23 -54.18
C THR V 415 -64.76 66.27 -54.82
N VAL V 416 -65.26 65.09 -55.19
CA VAL V 416 -66.59 64.93 -55.74
C VAL V 416 -67.44 64.10 -54.78
N ILE V 417 -68.63 64.63 -54.46
CA ILE V 417 -69.53 64.03 -53.49
C ILE V 417 -70.88 63.82 -54.15
N GLY V 418 -71.56 62.74 -53.78
CA GLY V 418 -72.84 62.44 -54.42
C GLY V 418 -73.71 61.55 -53.56
N GLY V 419 -75.00 61.60 -53.84
CA GLY V 419 -75.97 60.85 -53.07
C GLY V 419 -77.36 61.07 -53.63
N ASN V 420 -78.35 60.54 -52.91
CA ASN V 420 -79.73 60.64 -53.39
C ASN V 420 -80.33 62.02 -53.17
N ASN V 421 -79.91 62.74 -52.15
CA ASN V 421 -80.45 64.06 -51.87
C ASN V 421 -79.80 65.10 -52.78
N ALA V 422 -80.59 66.07 -53.24
CA ALA V 422 -80.01 67.22 -53.93
C ALA V 422 -79.26 68.13 -52.97
N ASP V 423 -79.82 68.39 -51.79
CA ASP V 423 -79.17 69.16 -50.73
C ASP V 423 -78.17 68.31 -49.96
N ILE V 424 -77.08 67.88 -50.59
CA ILE V 424 -76.08 67.07 -49.91
C ILE V 424 -75.00 67.96 -49.32
N ASN V 425 -74.39 67.50 -48.23
CA ASN V 425 -73.42 68.28 -47.49
C ASN V 425 -71.99 67.96 -47.95
N ALA V 426 -71.23 69.02 -48.25
CA ALA V 426 -69.81 68.89 -48.47
C ALA V 426 -69.06 68.66 -47.17
N PRO V 427 -67.85 68.10 -47.24
CA PRO V 427 -67.00 68.02 -46.06
C PRO V 427 -66.71 69.39 -45.47
N TYR V 428 -66.41 69.41 -44.18
CA TYR V 428 -66.24 70.67 -43.47
C TYR V 428 -65.15 71.51 -44.12
N GLY V 429 -65.47 72.79 -44.35
CA GLY V 429 -64.56 73.72 -44.97
C GLY V 429 -64.50 73.65 -46.49
N TYR V 430 -65.04 72.61 -47.10
CA TYR V 430 -65.17 72.58 -48.55
C TYR V 430 -66.36 73.43 -49.00
N LEU V 431 -66.24 74.00 -50.19
CA LEU V 431 -67.34 74.64 -50.88
C LEU V 431 -67.67 73.83 -52.13
N LYS V 432 -68.94 73.45 -52.28
CA LYS V 432 -69.38 72.73 -53.47
C LYS V 432 -69.86 73.71 -54.52
N VAL V 433 -69.57 73.39 -55.78
CA VAL V 433 -70.05 74.17 -56.92
C VAL V 433 -71.53 73.91 -57.18
N PRO V 434 -72.27 74.90 -57.67
CA PRO V 434 -73.65 74.64 -58.10
C PRO V 434 -73.71 73.80 -59.37
N GLY V 435 -74.84 73.09 -59.52
CA GLY V 435 -75.07 72.26 -60.68
C GLY V 435 -74.70 70.80 -60.48
N ASP V 436 -75.50 69.92 -61.08
CA ASP V 436 -75.38 68.48 -60.87
C ASP V 436 -74.66 67.86 -62.06
N LEU V 437 -73.59 67.11 -61.77
CA LEU V 437 -72.85 66.39 -62.80
C LEU V 437 -73.60 65.19 -63.37
N ASN V 438 -74.83 64.95 -62.91
CA ASN V 438 -75.75 64.04 -63.58
C ASN V 438 -77.07 64.72 -63.95
N ARG V 439 -77.06 66.04 -64.10
CA ARG V 439 -78.29 66.75 -64.45
C ARG V 439 -78.96 66.09 -65.66
N GLY V 440 -80.23 65.76 -65.49
CA GLY V 440 -81.00 65.09 -66.53
C GLY V 440 -80.73 63.61 -66.66
N ALA V 441 -79.63 63.11 -66.13
CA ALA V 441 -79.38 61.67 -66.13
C ALA V 441 -80.05 61.05 -64.90
N GLY V 442 -80.04 59.72 -64.85
CA GLY V 442 -80.44 59.02 -63.65
C GLY V 442 -79.41 59.07 -62.55
N GLY V 443 -79.54 58.18 -61.58
CA GLY V 443 -78.57 58.00 -60.51
C GLY V 443 -78.52 59.14 -59.50
N ASN V 444 -77.35 59.21 -58.84
CA ASN V 444 -77.12 60.17 -57.78
C ASN V 444 -77.01 61.60 -58.30
N PHE V 445 -77.32 62.56 -57.43
CA PHE V 445 -76.77 63.90 -57.56
C PHE V 445 -75.29 63.89 -57.25
N ILE V 446 -74.51 64.64 -58.02
CA ILE V 446 -73.05 64.68 -57.88
C ILE V 446 -72.57 66.12 -58.01
N TYR V 447 -71.69 66.54 -57.11
CA TYR V 447 -71.21 67.92 -57.04
C TYR V 447 -69.70 67.91 -56.79
N ALA V 448 -69.02 68.89 -57.37
CA ALA V 448 -67.60 69.11 -57.09
C ALA V 448 -67.40 70.05 -55.91
N CYS V 449 -66.64 69.58 -54.91
CA CYS V 449 -66.29 70.35 -53.73
C CYS V 449 -64.84 70.84 -53.81
N THR V 450 -64.64 72.08 -53.37
CA THR V 450 -63.34 72.74 -53.44
C THR V 450 -62.94 73.18 -52.04
N PHE V 451 -61.64 73.10 -51.75
CA PHE V 451 -61.09 73.46 -50.45
C PHE V 451 -59.89 74.37 -50.61
N VAL V 452 -59.88 75.47 -49.86
CA VAL V 452 -58.76 76.42 -49.82
C VAL V 452 -58.29 76.54 -48.38
N GLY V 453 -57.00 76.34 -48.16
CA GLY V 453 -56.43 76.42 -46.83
C GLY V 453 -56.26 77.83 -46.31
N LYS V 454 -56.02 78.78 -47.21
CA LYS V 454 -55.65 80.13 -46.81
C LYS V 454 -54.37 80.10 -45.98
MG MG W . -52.43 53.92 -87.88
MG MG X . -30.00 39.49 -104.51
MG MG Y . -7.01 20.06 -113.71
MG MG Z . 14.60 -2.69 -114.70
MG MG AA . 33.15 -26.99 -107.46
MG MG BA . 47.16 -50.90 -92.54
MG MG CA . 55.43 -72.40 -71.16
MG MG DA . 57.32 -89.81 -45.03
MG MG EA . 52.67 -101.69 -16.30
MG MG FA . 41.84 -107.07 12.71
MG MG GA . 25.73 -105.55 39.69
MG MG HA . 5.67 -97.23 62.39
MG MG IA . -16.77 -82.77 79.02
MG MG JA . -39.71 -63.41 88.22
MG MG KA . -61.37 -40.62 89.22
MG MG LA . -79.94 -16.29 81.96
MG MG MA . -93.91 7.56 67.07
MG MG NA . -102.19 29.10 45.68
MG MG OA . -104.09 46.50 19.57
MG MG PA . -99.44 58.37 -9.14
MG MG QA . -88.61 63.77 -38.19
MG MG RA . -72.50 62.24 -65.16
#